data_7ZDP
#
_entry.id   7ZDP
#
_cell.length_a   1.00
_cell.length_b   1.00
_cell.length_c   1.00
_cell.angle_alpha   90.00
_cell.angle_beta   90.00
_cell.angle_gamma   90.00
#
_symmetry.space_group_name_H-M   'P 1'
#
loop_
_entity.id
_entity.type
_entity.pdbx_description
1 polymer 'Complex I-49kD'
2 polymer 'NADH-ubiquinone oxidoreductase chain 3'
3 polymer 'NADH-ubiquinone oxidoreductase chain 1'
4 polymer 'NADH-ubiquinone oxidoreductase chain 6'
5 polymer 'NADH-ubiquinone oxidoreductase chain 4L'
6 polymer 'NADH-ubiquinone oxidoreductase chain 5'
7 polymer 'NADH-ubiquinone oxidoreductase chain 4'
8 polymer 'NADH-ubiquinone oxidoreductase chain 2'
9 polymer 'Complex I-B14.7'
10 polymer 'Complex I-SGDH'
11 polymer 'Acyl carrier protein'
12 polymer 'NADH dehydrogenase [ubiquinone] 1 alpha subcomplex subunit 8'
13 polymer 'Complex I-PDSW'
14 polymer 'NADH dehydrogenase [ubiquinone] 1 alpha subcomplex subunit 10, mitochondrial'
15 polymer 'NADH dehydrogenase [ubiquinone] iron-sulfur protein 5'
16 polymer 'Complex I-B9'
17 polymer 'Complex I-B12'
18 polymer 'NADH dehydrogenase [ubiquinone] 1 subunit C2'
19 polymer 'NADH:ubiquinone oxidoreductase subunit B4'
20 polymer 'NADH dehydrogenase [ubiquinone] 1 alpha subcomplex subunit 13'
21 polymer 'Mitochondrial complex I, B17 subunit'
22 polymer 'Complex I-B18'
23 polymer 'Complex I-B22'
24 polymer 'Complex I-AGGG'
25 polymer 'NADH dehydrogenase [ubiquinone] 1 beta subcomplex subunit 8, mitochondrial'
26 polymer 'Complex I-ESSS'
27 polymer 'Complex I-KFYI'
28 polymer 'Complex I-MNLL'
29 polymer 'Complex I-MWFE'
30 polymer 'NADH dehydrogenase [ubiquinone] flavoprotein 1, mitochondrial'
31 polymer 'NADH dehydrogenase [ubiquinone] flavoprotein 2, mitochondrial'
32 polymer 'NADH-ubiquinone oxidoreductase 75 kDa subunit, mitochondrial'
33 polymer 'Complex I-30kD'
34 polymer 'Complex I-20kD'
35 polymer 'Complex I-23kD'
36 polymer 'Complex I-9kD'
37 polymer 'NADH dehydrogenase [ubiquinone] iron-sulfur protein 6, mitochondrial'
38 polymer 'NADH dehydrogenase [ubiquinone] iron-sulfur protein 4, mitochondrial'
39 polymer 'NADH:ubiquinone oxidoreductase subunit A9'
40 polymer 'NADH dehydrogenase [ubiquinone] 1 alpha subcomplex subunit 2'
41 polymer 'Complex I subunit B13'
42 polymer 'Complex I-B14'
43 polymer 'Mitochondrial complex I, B14.5a subunit'
44 polymer 'NADH dehydrogenase [ubiquinone] 1 alpha subcomplex subunit 12'
45 non-polymer 'S-[2-({N-[(2S)-2-hydroxy-3,3-dimethyl-4-(phosphonooxy)butanoyl]-beta-alanyl}amino)ethyl] tetradecanethioate'
46 non-polymer 'ADENOSINE MONOPHOSPHATE'
47 non-polymer 'MYRISTIC ACID'
48 non-polymer 'IRON/SULFUR CLUSTER'
49 non-polymer 'FLAVIN MONONUCLEOTIDE'
50 non-polymer '1,4-DIHYDRONICOTINAMIDE ADENINE DINUCLEOTIDE'
51 non-polymer 'FE2/S2 (INORGANIC) CLUSTER'
52 non-polymer 'POTASSIUM ION'
53 non-polymer 'ZINC ION'
54 non-polymer 'NADPH DIHYDRO-NICOTINAMIDE-ADENINE-DINUCLEOTIDE PHOSPHATE'
#
loop_
_entity_poly.entity_id
_entity_poly.type
_entity_poly.pdbx_seq_one_letter_code
_entity_poly.pdbx_strand_id
1 'polypeptide(L)'
;MAALRALRRLRGAAAQVLRPGAGARLPIQPSRGARQWQPDVEWAEQYGGAVMYPTKETAHWKPPPWNDVDPPKDTLVSNL
TLNFGPQHPAAHGVLRLVMELSGEMVRKCDPHIGLLH(2MR)GTEKLIEYKTYLQALPYFDRLDYVSMMCNEQAYSLAVE
KLLNIQPPPRAQWIRVLFGEITRLLNHIMAVTTHALDIGAMTPFFWMFEEREKMFEFYERVSGARMHAAYVRPGGVHQDL
PLGLMDDIYEFSKNFSLRIDELEEMLTNNRIWRNRTVDIGVVTAEDALNYGFSGVMLRGSGIQWDLRKTQPYDVYDQVEF
DVPIGSRGDCYDRYLCRVEEMRQSIRIISQCLNKMPPGEIKVDDAKVSPPKRAEMKTSMESLIHHFKLYTEGYQVPPGAT
YTAIEAPKGEFGVYLVSDGSSRPYRCKIKAPGFAHLAGLDKMSKGHMLADVVAIIGTQDIVFGEVDR
;
4
2 'polypeptide(L)'
;MNLMITLLTNFTLATLLVTIAFWLPQLNVYSEKTSPYECGFDPMGSARLPFSMKFFLVAITFLLFDLEIALLLPLPWASQ
TTNLNTMLTMALLLIFLLAVSLAYEWTQKGLEWTE
;
A
3 'polypeptide(L)'
;MFMINVLTLIIPILLAVAFLTLVERKVLGYMQFRKGPNVVGPYGLLQPIADAIKLFIKEPLRPATSSISMFILAPILALT
LALTMWIPLPMPYPLINMNLGVLFMLAMSSLAVYSILWSGWASNSKYALIGALRAVAQTISYEVTLAIILLSVLLMNGSF
TLSTLIITQEQVWLIFPAWPLAMMWFISTLAETNRAPFDLTEGESELVSGFNVEYAAGPFALFFMAEYANIIMMNIFTTT
LFLGAFHNPYMPELYTINFTIKSLLLSITFLWIRASYPRFRYDQLMHLLWKNFLPLTLALCMWHVSLPILLSSIPPQT
;
H
4 'polypeptide(L)'
;MMTYIVFILSIIFVMGFVGFSSKPSPIYGGLGLIVSGGVGCGIVLNFGGSFLGLMVFLIYLGGMMVVFGYTTAMATEQYP
EVWVSNKVVLGTFITGLLMEFLMVYYVLKDKEVEIVFKFNGMGDWVIYDTGDSGFFSEEAMGIAALYSYGTWLVIVTGWS
LLIGVVVIMEITRGN
;
J
5 'polypeptide(L)'
;(FME)SLVYMNIMMAFTVSLTGLLMYRSHLMSSLLCLEGMMLSLFILATLMILNSHFTLASMMPIILLVFAACEAALGLS
LLVMVSNTYGTDYVQNLNLLQC
;
K
6 'polypeptide(L)'
;(FME)NLFSSLTLVTLILLTMPIAAINFNTHKFTNYPLYVKTTISCAFITSMIPTMMFIHTGQEMIISNWHWLTIQTLKL
SLSFKMDFFSMMFVPVALFVTWSIMEFSMWYMHSDPNINQFFKYLLLFLITMLILVTANNLFQLFIGWEGVGIMSFLLIG
WWYGRTDANTAALQAILYNRIGDIGFILAMAWFLINLNTWDLQQIFMLNPNDSNLPLMGLILAATGKSAQFGLHPWLPSA
MEGPTPVSALLHSSTMVVAGIFLLIRFYPLTENNKFGQSIMLCLGAMTTLFTAMCALTQNDIKKIIAFSTSSQLGLMMVT
IGINQPHLAFLHICTHAFFKAMLFMCSGSIIHSLNDEQDIRKMGGLFKAMPFTTTALIIGSLALTGMPFLTGFYSKDLII
ESANTSYTNAWALLMTLVATSFTAIYSTRIIFFALLGQPRFPTLININENNPFLINSIKRLLIGSLFAGFIISNNIPPMT
IPQMTMPHYLKMTALTVTILGFILALEISNTTHYLKFNYPSNTFKFSNLLGYYPTIMHRLTPYMNLTMSQKSASSLLDLI
WLETILPKTISLAQMKMSTTITSQKGLIKLYFLSFLITILISTTLLNFHE
;
L
7 'polypeptide(L)'
;(FME)LKYIIPTMMLMPLTWLSKNSMIWINTTLHSLLISLTSLLLLNQFGDNSLNFSLTFFSDSLSTPLLILTMWLLPLM
LMASQHHLSKENLARKKLFISMLILLQLFLIMTFTATELIFFYIMFEATLVPTLIIITRWGNQTERLNAGLYFLFYTLAG
SLPLLVALIYIQNTMGSLNFLILQYWVQPMPNSWSNTFMWLACMMAFMVKMPLYGLHLWLPKAHVEAPIAGSMVLAAILL
KLGGYGMMRITLLLNPITDFMAYPFIMLSLWGMIMTSSICLRQTDLKSLIAYSSVSHMALVIVAILIQTPWSYMGATALM
IAHGLTSSMLFCLANSNYERVHSRTMILARGLQTLLPLMAAWWLLASLTNLALPPSINLIGELFVVMSTFSWSNITIILM
GLNMVITALYSLYMLITTQRGKHTHHINNILPSFTRENALMSLHMLPLLLLSLNPKIILGPLY
;
M
8 'polypeptide(L)'
;MNPIILIIILMTVMLGTIIVMISTHWLLIWIGFEMNMLAIIPIMMKKHNPRATEASTKYFLTQSTASMLLMMAIIINLMF
SGQWTVMKLFNPMASMLMTMALAMKLGMAPFHFWVPEVTQGIPLSSGLILLTWQKLAPMSVLYQILPSINLDLILTLSIL
SITIGGWGGLNQTQLRKIMAYSSIAHMGWMTAVLLYNPTMTLLNLIIYIIMTSTMFTLFMANSTTTTLSLSHTWNKAPIM
TILVLITLLSMGGLPPLSGFMPKWMIIQEMTKNDSIILPTLMAITALLNLYFYMRLTYSTALTMFPSTNNMKMKWQFPTT
KRMTLLPTMTVLSTMLLPLTPILSILE
;
N
9 'polypeptide(L)'
;(AYA)KTLLHQYWDIPEGTECHRKTYAATSIGGASGLVVSAYSVALKTPTSFLEGVARTGRYTFTAAAIGAIFGLTSCIS
AQVREKPDDPLNYLIGGCAGGLTLGARTRSYGIGAAACAYMGLTAALVKMGQLEGWKVFAEPKV
;
V
10 'polypeptide(L)'
;GKRLFIIKPSGFYDKRFLKLLRFYILLTGIPVVIGITLINVFIGEAELAEIPEGYVPEHWEYFKHPISRWIARTFFDAPE
KNYERTMAILQIESEKAELRLKELEVRRLMRAKGDGPWFQYPTIDKALIDHSPKATPDN
;
W
11 'polypeptide(L)'
;VEVKDFYTTNYQTAVSFSPLGPMPSMALMAVSLSGANVPKSGGRPEESRVPVLTQRKVPGRVTPLCRQYSDAPPLTLEGI
KDRVLYVLKLYDKIDPEKLSVNSHFMKDLGLDSLDQVEIIMAMEDEFGFEIPDIDAEKLMCPQEIVDYIADKKDVYE
;
X,j
12 'polypeptide(L)'
;PGIVELPSLEDLKVQEVKVSSSVLKAAAHHYGAQCDKPNKEFMLCRWEEKDPRRCLEEGKLVNQCALEFFRQIKRHCAEP
FTEYWTCIDYSGLQLFRRCRKEQAQFDKCVLDKLGWVRPDLGELSKVTKVKTDRPLPENPYHSRARPEPNPEVEGDLKPA
RHGSRLFFWTM
;
Y
13 'polypeptide(L)'
;SWDKDVYPEPPRRTPAPSPQTSLPNPITYLTKAFDLLVDRPVTLVREFIERQHAKNKYYYYHREFRRVPDITECHEKDVL
CMFEAEMQWKRDYKVDQEIVNIIQERLKACQQREGESHRQNCAKELQQFTQVVKAYQDRYHDLGAHYSARKCLAKQKQRM
LAERKATKEAA
;
Z
14 'polypeptide(L)'
;LQYGPLAYILGEKTTKKMTENSKLITVDGNICSGK(SEP)KLAKEVAEKLGLKHFPEAGIHYADSTTGDGKPLPVRFSGN
CSLEKFYDDPKSNDGNSYRLQAWLYASRLLQYADALEHLLSTGQGVVLERSIYSDFVFLEAMYRQGFIRKQCVDHYNQVK
KVTVCEYLPPHVVIYVDVPVSEVQSRIQKKGNPHEMKITSAYLQDIENVYKGTFLPEMSEKCEVLQYSAWEAEDAEKVVE
DIQYLKYDKGPWLDQDDRKLHNLRMLVQDKLEVLNYTSIPVFLPEVTIGAHQSDRVFQEFTELPGRKYRAGYNEDVGDKW
IWLK
;
k
15 'polypeptide(L)'
;PFFDVQKKLGVDLDHWMTIQSAEQPHRIPARCHAFEKEWIECAHGIGSIRAEKECKIEFEDFRECLLRQKTMKRLNAIKR
QRDKLIKEGKYTPPPHHSGQEDLRP
;
l
16 'polypeptide(L)' VAAFLKNVWAKEPVLVASFAIAGLAVILPTLSPYTKYSLMINRATPYNYPVPLRDDGNMPDVPSHPQDPQGPSLEWLKRL m
17 'polypeptide(L)' SKMELPDYKQWKIEGTPLETVQEKLAARGLRDPWGRNEAWRYMGGFANNVSFVGALLKGFKWGFAAFVVAVGAEYYLES n
18 'polypeptide(L)'
;MMTGRQARAPLQFLPDEARSLPPPKLTDPRLAYIGFLGYCSGLIDNAIRRRPVLSAGLHRQFLYITSFVFVGYYLLKRQD
YMYAVRDHDMFSYIKSHPEDFPEKDKKTYREVFEEFHPVR
;
o
19 'polypeptide(L)'
;SFPKYEPSRLASLPTTLDPAEYDISSETRKAQAERLAIRSRLKREYQLQYNDPSRRGVVEDPALIRWTCARSANVYPNFR
PNTKTSLLGALFGIGPLIFWYYVFKTDRDRKEKLIQEGKLDRTFNISY
;
p
20 'polypeptide(L)'
;MAASKVKQDMPPVGGYGPIDYKRNLPRRGLSGYSMFAVGIGALLFGYWSMMRWNRERRRLQIEDFEARIALMPLLQAEKD
RRVLQMLRENLEEEATIMKDVPGWKVGESVFHTTRWVTPMMGELYGLRTGEEILSSTYGFIWYT
;
q
21 'polypeptide(L)'
;MSGYTPDEKLRLQQLRELRRRWLKDQELSPREPVLPPRRVSPVERFWNKFLQDGALWKNVIYKTYRHSIFAFTHVLIPVW
IIHYYLKYHVTTKPYTIVEKKPRIFPGDTILETGEVIPPMKEFPDQHH
;
r
22 'polypeptide(L)'
;GAHLARRYLGDASVEPEPLRMPTFPPDYGFPERKEREMVATQQEMNDAQLVLQQRDYCAHYLIRFLKCKRDSFPNFLACK
HEQHDWDYCEHLDYVKRMKEFERERRLLQRKKRREQREADMA
;
s
23 'polypeptide(L)'
;AFLPSAAYLTHQQKVLQLYKRALRHLESRCVHRDKYRYFACLLRARFDEHKNEKDMVKATQLLREAEKEFWHGQHPQPYI
FPESPGGTSYERYECYKVPEWCLDDWHPSEKAMYPDYFAKREQWKKLRRESWEREVKQLQEETPVGGPRTEALPPARKQG
DLPPLWWHIVTRPRERP
;
t
24 'polypeptide(L)' AHIEPRYRQFPQLTRSQVIQAEFFSATMWFWILWRFWHDSDAVLGHFPYPDPSQWTDEELGIPPD u
25 'polypeptide(L)'
;ITKDMLPGPYPKTPEERAAAAKKYNMRVEDYEPYPDDGMGYGDYPKLPDRSQQERDPWYDWDHPDLRLNWGEPMHWDLDM
YIRNRVDTSPTPVNWNLMCKHLFGFVAFMLFMFWVGETYPTYQPVGPKQYPYNNLYLERGGDPNKEPEPVVHYEI
;
v
26 'polypeptide(L)'
;TLRWQEDPEPEDENLYEKNPDSHGYDKDPAVDVWNMRVVFFFGFSIVLVLGSTFVAYLPDYRMQEWARREAERLVKYREA
HGLPLMESNCFDPSKIQLPED
;
w
27 'polypeptide(L)' KFYIQEPPHGSPNWLKVGLTLGTSAFLWIYLIKQHNEDVLEYKRRNGLE x
28 'polypeptide(L)' RDHWIHVLVPVGFVFGYYLDRKNDEKLAAFRNKSLLYKRELKPQEEVTWK y
29 'polypeptide(L)' MWFEVLPGIAVMGVCLFIPGMATARIHRFSNGGREKRVAHYSYQWYLMERDRRVSGVNRYYVSKGLENID z
30 'polypeptide(L)'
;KTSFGSLKDEDRIFTNLYGRHDWRLKGAQSRGDWYKTKEILLKGPDWILGEVKTSGLRGRGGAGFPTGLKWSFMNKPSDG
RPKYLVVNADEGEPGTCKDREIIRHDPHKLVEGCLVGGRAMGARAAYIYIRGEFYNEASNLQVAIREAYEAGLIGKNACG
SGYDFDVFVVRGAGAYICGEETALIESIEGKQGKPRLKPPFPADVGVFGCPTTVANVETVAVSPTICRRGGAWFASFGRE
RNSGTKLFNISGHVNNPCTVEEEMSVPLKELIEKHAGGVTGGWDNLLAVIPGGSSTPLIPKSVCETVLMDFDALIQAQTG
LGTAAVIVMDRSTDIVKAIARLIEFYKHESCGQCTPCREGVDWMNKVMARFVRGDARPAEIDSLWEISKQIEGHTICALG
DGAAWPVQGLIRHFRPELEERMQRFAQQHQ
;
1
31 'polypeptide(L)'
;ALFVHRDTPKNNPETPFDFTPENYKRIEAIVKNYPEGHKAAAVLPVLDLAQRQNGWLPISAMNKVAEILQVPPMRVYEVA
TFYTMYNRKPVGKYHIQVCTTTPCMLRNSDSILEAIQKKLGIKVGETTPDKLFTLIEVECLGACVNAPMVQINDNYYEDL
TPKDIEEIIDELKAGKIPKPGPRSGRFSCEPAGGLTSLTEPPKGPGFGVQAGL
;
2
32 'polypeptide(L)'
;SNLIEVFVDGQSVMVEPGTTVLQACEKVGMQIPRFCYHERLSVAGNCRMCLVEIEKAPKVVAACAMPVMKGWNILTNSEK
TKKAREGVMEFLLANHPLDCPICDQGGECDLQDQSMMFGSDRSRFLEGKRAVEDKNIGPLVKTIMTRCIQCTRCIRFASE
IAGVDDLGTTGRGNDMQVGTYIEKMFMSELSGNIIDICPVGALTSKPYAFTARPWETRKTESIDVMDAVGSNIVVSTRTG
EVMRILPRMHEDINEEWISDKTRFAYDGLKRQRLTEPMVRNEKGLLTHTTWEDALSRVAGMLQSCQGNDVAAIAGGLVDA
EALIALKDLLNRVDSDTLCTEEVFPTAGAGTDLRSNYLLNTTIAGVEEADVVLLVGTNPRFEAPLFNARIRKSWLHNDLK
VALIGSPVDLTYRYDHLGDSPKILQDIASGSHPFSQVLQEAKKPMVVLGSSALQRNDGAAILAAVSNIAQKIRTSSGVTG
DWKVMNILHRIASQVAALDLGYKPGVEAIRKNPPKMLFLLGADGGCVTRQDLPKDCFIVYQGHHGDVGAPIADVILPGAA
YTEKSATYVNTEGRAQQTKVAVMPPGLAREDWKIIRALSEIAGMTLPYDTLDQVRNRLEEVSPNLVRYDDVEGANYFQQA
SELSKLVNQQLLADPLVPPQLTIKDFYMTDSISRASQTMAKCVKAVTE
;
3
33 'polypeptide(L)'
;TRPTVRPRNDVAHKQLSAFGEYVAEILPKYVQQVQVSCFSELEICIHPDGVIPVLTFLRDHSNAQFKSLADLTAVDIPTR
QNRFEIVYNLLSLRFNSRIRVKTYTDELTPVESSVSVYKAANWYEREIWDMFGVFFANHPDLRRILTDYGFEGHPFRKDF
PLSGYVELRYDDEVKRVVAEPVELAQEFRKFDLNSPWEAFPAYRQPPE
;
5
34 'polypeptide(L)'
;SRGEYVVAKLDDLINWARRSSLWPMTFGLACCAVEMMHMAAPRYDMDRFGVVFRASPRQSDVMIVAGTLTNKMAPALRKV
YDQMPEPRYVVSMGSCANGGGYYHYSYSVVRGCDRIVPVDIYVPGCPPTAEALLYGILQLQKKIKREKRLRIWYRR
;
6
35 'polypeptide(L)'
;TYKYVNLREPSMDMKSVTDRAAQTLLWTELIRGLGMTLSYLFREPATINYPFEKGPLSPRFRGEHALRRYPSGEERCIAC
KLCEAVCPAQAITIEAEPRADGSRRTTRYDIDMTKCIYCGFCQEACPVDAIVEGPNFEFSTETHEELLYNKEKLLNNGDK
WEAEIAANIQADYLYR
;
9
36 'polypeptide(L)' PFDNTTYKNLQHHDYSTYTFLDLNLDLSKFRMPQPSSGRESPRH a
37 'polypeptide(L)'
;GVRTSPTGEKVTHTGQVYDDEDYRRVRFVGRQKEVNENFAIDLIAEQPVSQVGSRVISCDGGGGALGHPRVYINLDKETK
TGTCGYCGLQFRQQH
;
b
38 'polypeptide(L)'
;TQLITVDEKLDITTLTGVPEEHIKTRKARIFVPARNNMQSGVNNTKKWKMEFDTRERWENPLMGWASTADPLSNLVLTFS
TKEDAIAFAEKNGWSYDVEERKVPKPKSKSYGANFSWNKRTRVSTK
;
c
39 'polypeptide(L)'
;MAAAVHLRVVRVLPMSRSSVPALAASVFHSPPQRQLHHAVIPHGKGGRSSVSGIVATVFGATGFLGRYLVNHLGRMGSQV
IVPYRCEPYDTMHLRPMGDLGQIIFMDWNGRDKDSIRRAVEHSNVVINLVGREWETKNFDFEDVFVKIPQAIAQVSKEAG
VEKFIHISHLNADIKSSSKYLRNKAVGEKEVRETFPEATIIKPADIFGREDRFLNYFANIRWFGGVPLISLGKKTVKQPV
YIVDVTKGIINAIKDPDARGKTFAFVGPNRYLLFDLVQYVFAVAHRPFLPYPMPHFAYRWIGRLFEISPFEPWTTRDKVE
RIHTTDRTLPHLPGLEDLGVQATPLELKAIEVLRRHRTYRWLSSEIEDVQPAKTVPASGP
;
d
40 'polypeptide(L)'
;LGLREIRIHLCQRSPGSQGVRDFIEKRYVELKKANPDLPILIRECSDVQPKLWARYAFGQEKNVSLNNFSADQVTRALEN
VLSSKA
;
e
41 'polypeptide(L)'
;LLKKTTGLVGLAVCETPHERLKILYTKILDVLGHIPKNAAYRKYTEQITNEKLSIVKAEPDVKKLEEQLQGGQIEEVILQ
AENELSLARKMIQWKPWEPLVEEPPASQWKWPI
;
f
42 'polypeptide(L)'
;TSVKPIFSRDMNEAKRRVRELYRAWYREVPNTVHLFQLDISVKQGRDKVREMFKKNAHVTDPRVVDLLVIKGKMELEETI
NVWKQRTHVMRFFHETEAPRPKDFLSKFYVGHDP
;
g
43 'polypeptide(L)'
;KM(AYA)SATRLIQGLRNWASGRDLQAKLQLRYQEISKRTQPPPKLPVGPSHRLSNNYYCARDGRREAMPPSIVMSSQKV
LVAGKPAESSAVAASEKKAVSPAPPIKRWELSQDEPYL
;
h
44 'polypeptide(L)'
;MELLQVLKRGLQQVSGHGGLRGYLRVLFRANDVRVGTLVGEDKYGNKYYEDNKQFFGRHRWVIYTTEMNGKNTFWDVDGS
MVPPEWHRWLHCMTDDPPTVKPPTARKFIWTNHKFNLSGTPQQYVPYSTTRKKIQEWVPPSTPYK
;
i
#
# COMPACT_ATOMS: atom_id res chain seq x y z
N ALA A 34 -15.71 52.30 7.17
CA ALA A 34 -14.80 53.42 7.40
C ALA A 34 -13.48 53.21 6.66
N ARG A 35 -12.67 52.27 7.15
CA ARG A 35 -11.39 51.97 6.54
C ARG A 35 -11.59 51.19 5.24
N GLN A 36 -10.50 51.07 4.49
CA GLN A 36 -10.54 50.38 3.19
C GLN A 36 -10.79 48.89 3.39
N TRP A 37 -11.67 48.33 2.56
CA TRP A 37 -12.01 46.92 2.66
C TRP A 37 -10.91 46.07 2.03
N GLN A 38 -10.65 44.92 2.64
CA GLN A 38 -9.72 43.93 2.11
C GLN A 38 -10.41 42.58 2.03
N PRO A 39 -9.97 41.71 1.11
CA PRO A 39 -10.61 40.38 0.98
C PRO A 39 -10.54 39.56 2.25
N ASP A 40 -11.64 38.90 2.57
CA ASP A 40 -11.77 38.04 3.72
C ASP A 40 -11.58 36.58 3.31
N VAL A 41 -11.94 35.66 4.20
CA VAL A 41 -11.75 34.22 3.98
C VAL A 41 -12.55 33.71 2.78
N GLU A 42 -13.70 34.32 2.48
CA GLU A 42 -14.54 33.85 1.38
C GLU A 42 -13.84 34.03 0.03
N TRP A 43 -13.19 35.17 -0.18
CA TRP A 43 -12.48 35.40 -1.43
C TRP A 43 -11.31 34.43 -1.60
N ALA A 44 -10.58 34.18 -0.52
CA ALA A 44 -9.44 33.27 -0.56
C ALA A 44 -9.89 31.84 -0.83
N GLU A 45 -10.98 31.39 -0.19
CA GLU A 45 -11.48 30.05 -0.45
C GLU A 45 -12.13 29.95 -1.83
N GLN A 46 -12.57 31.07 -2.41
CA GLN A 46 -12.94 31.07 -3.81
C GLN A 46 -11.71 30.86 -4.70
N TYR A 47 -10.60 31.50 -4.36
CA TYR A 47 -9.37 31.35 -5.13
C TYR A 47 -8.48 30.22 -4.64
N GLY A 48 -8.91 29.45 -3.64
CA GLY A 48 -8.07 28.43 -3.05
C GLY A 48 -8.31 27.03 -3.58
N GLY A 49 -9.35 26.84 -4.39
CA GLY A 49 -9.64 25.53 -4.91
C GLY A 49 -8.68 25.11 -6.01
N ALA A 50 -8.66 23.80 -6.28
CA ALA A 50 -7.81 23.28 -7.34
C ALA A 50 -8.32 23.67 -8.72
N VAL A 51 -9.64 23.84 -8.86
CA VAL A 51 -10.25 24.35 -10.07
C VAL A 51 -11.10 25.56 -9.70
N MET A 52 -10.94 26.64 -10.45
CA MET A 52 -11.53 27.92 -10.13
C MET A 52 -12.87 28.15 -10.81
N TYR A 53 -13.24 27.29 -11.76
CA TYR A 53 -14.58 27.27 -12.36
C TYR A 53 -15.08 25.83 -12.26
N PRO A 54 -15.52 25.41 -11.08
CA PRO A 54 -15.83 23.99 -10.87
C PRO A 54 -17.10 23.56 -11.59
N THR A 55 -17.02 22.41 -12.25
CA THR A 55 -18.16 21.77 -12.89
C THR A 55 -18.37 20.40 -12.26
N LYS A 56 -19.31 19.62 -12.84
CA LYS A 56 -19.58 18.28 -12.33
C LYS A 56 -18.42 17.34 -12.60
N GLU A 57 -17.78 17.46 -13.77
CA GLU A 57 -16.72 16.53 -14.15
C GLU A 57 -15.47 16.73 -13.32
N THR A 58 -15.13 17.98 -13.00
CA THR A 58 -13.91 18.31 -12.28
C THR A 58 -14.15 18.58 -10.80
N ALA A 59 -15.25 18.06 -10.26
CA ALA A 59 -15.62 18.30 -8.87
C ALA A 59 -14.82 17.47 -7.88
N HIS A 60 -14.00 16.54 -8.34
CA HIS A 60 -13.24 15.66 -7.46
C HIS A 60 -11.74 15.90 -7.53
N TRP A 61 -11.30 17.04 -8.06
CA TRP A 61 -9.88 17.32 -8.19
C TRP A 61 -9.39 17.97 -6.90
N LYS A 62 -8.66 17.21 -6.09
CA LYS A 62 -8.13 17.72 -4.84
C LYS A 62 -6.99 18.71 -5.12
N PRO A 63 -6.73 19.64 -4.19
CA PRO A 63 -5.54 20.49 -4.34
C PRO A 63 -4.29 19.67 -4.18
N PRO A 64 -3.22 20.02 -4.90
CA PRO A 64 -1.97 19.26 -4.82
C PRO A 64 -1.30 19.44 -3.47
N PRO A 65 -0.45 18.50 -3.06
CA PRO A 65 0.31 18.69 -1.82
C PRO A 65 1.25 19.88 -1.90
N TRP A 66 1.46 20.52 -0.75
CA TRP A 66 2.21 21.78 -0.72
C TRP A 66 3.68 21.58 -1.01
N ASN A 67 4.25 20.44 -0.63
CA ASN A 67 5.63 20.13 -0.95
C ASN A 67 5.78 19.44 -2.29
N ASP A 68 4.67 19.18 -2.99
CA ASP A 68 4.64 18.49 -4.29
C ASP A 68 5.34 17.14 -4.23
N VAL A 69 5.15 16.42 -3.12
CA VAL A 69 5.71 15.10 -2.92
C VAL A 69 4.57 14.11 -2.78
N ASP A 70 4.54 13.11 -3.65
CA ASP A 70 3.54 12.06 -3.55
C ASP A 70 3.79 11.20 -2.32
N PRO A 71 2.74 10.81 -1.59
CA PRO A 71 2.93 9.81 -0.54
C PRO A 71 3.32 8.47 -1.14
N PRO A 72 4.08 7.65 -0.41
CA PRO A 72 4.60 6.41 -0.99
C PRO A 72 3.58 5.28 -1.10
N LYS A 73 2.30 5.59 -0.91
CA LYS A 73 1.18 4.65 -1.04
C LYS A 73 1.31 3.44 -0.12
N SER A 78 9.02 -5.15 0.22
CA SER A 78 9.37 -6.08 1.27
C SER A 78 10.62 -6.88 0.91
N ASN A 79 10.62 -8.16 1.28
CA ASN A 79 11.76 -9.04 1.03
C ASN A 79 11.26 -10.39 0.54
N LEU A 80 12.14 -11.08 -0.18
CA LEU A 80 11.78 -12.38 -0.74
C LEU A 80 11.82 -13.46 0.33
N THR A 81 10.89 -14.41 0.22
CA THR A 81 10.84 -15.59 1.08
C THR A 81 10.85 -16.83 0.20
N LEU A 82 11.74 -17.76 0.50
CA LEU A 82 11.90 -18.97 -0.28
C LEU A 82 11.54 -20.19 0.55
N ASN A 83 10.90 -21.16 -0.11
CA ASN A 83 10.54 -22.44 0.50
C ASN A 83 11.27 -23.53 -0.28
N PHE A 84 12.51 -23.80 0.13
CA PHE A 84 13.30 -24.83 -0.53
C PHE A 84 12.74 -26.20 -0.21
N GLY A 85 12.44 -26.98 -1.25
CA GLY A 85 11.90 -28.30 -1.10
C GLY A 85 12.94 -29.30 -0.62
N PRO A 86 12.48 -30.43 -0.08
CA PRO A 86 13.40 -31.48 0.35
C PRO A 86 13.84 -32.39 -0.79
N GLN A 87 13.62 -31.97 -2.03
CA GLN A 87 13.98 -32.75 -3.21
C GLN A 87 15.49 -32.93 -3.33
N GLY A 93 22.34 -36.02 2.99
CA GLY A 93 21.21 -35.68 3.83
C GLY A 93 20.13 -34.92 3.09
N VAL A 94 19.01 -34.68 3.76
CA VAL A 94 17.88 -33.96 3.18
C VAL A 94 17.49 -32.84 4.13
N LEU A 95 17.25 -31.65 3.58
CA LEU A 95 16.95 -30.47 4.37
C LEU A 95 15.89 -29.62 3.69
N ARG A 96 14.95 -29.12 4.49
CA ARG A 96 13.95 -28.16 4.03
C ARG A 96 14.29 -26.81 4.65
N LEU A 97 14.66 -25.86 3.81
CA LEU A 97 15.09 -24.54 4.25
C LEU A 97 14.00 -23.51 3.94
N VAL A 98 13.61 -22.75 4.95
CA VAL A 98 12.78 -21.56 4.76
C VAL A 98 13.74 -20.37 4.70
N MET A 99 13.89 -19.80 3.50
CA MET A 99 14.98 -18.89 3.21
C MET A 99 14.42 -17.50 2.94
N GLU A 100 14.99 -16.49 3.60
CA GLU A 100 14.60 -15.10 3.42
C GLU A 100 15.70 -14.36 2.69
N LEU A 101 15.35 -13.72 1.59
CA LEU A 101 16.33 -13.09 0.71
C LEU A 101 15.95 -11.65 0.41
N SER A 102 16.97 -10.84 0.15
CA SER A 102 16.86 -9.44 -0.27
C SER A 102 17.61 -9.24 -1.58
N GLY A 103 17.35 -10.12 -2.54
CA GLY A 103 18.20 -10.22 -3.70
C GLY A 103 19.01 -11.49 -3.64
N GLU A 104 20.30 -11.37 -3.29
CA GLU A 104 21.15 -12.52 -3.11
C GLU A 104 21.54 -12.77 -1.66
N MET A 105 21.27 -11.84 -0.75
CA MET A 105 21.79 -11.89 0.60
C MET A 105 20.72 -12.29 1.61
N VAL A 106 21.18 -12.62 2.83
CA VAL A 106 20.41 -13.34 3.83
C VAL A 106 20.36 -12.53 5.11
N ARG A 107 19.18 -12.45 5.73
CA ARG A 107 19.06 -12.02 7.12
C ARG A 107 18.45 -13.08 8.02
N LYS A 108 17.58 -13.95 7.50
CA LYS A 108 16.97 -15.00 8.29
C LYS A 108 17.03 -16.31 7.52
N CYS A 109 17.59 -17.34 8.13
CA CYS A 109 17.65 -18.68 7.56
C CYS A 109 17.14 -19.67 8.62
N ASP A 110 15.93 -20.18 8.42
CA ASP A 110 15.31 -21.05 9.41
C ASP A 110 15.24 -22.48 8.88
N PRO A 111 16.13 -23.37 9.33
CA PRO A 111 16.08 -24.75 8.85
C PRO A 111 14.94 -25.53 9.50
N HIS A 112 14.39 -26.46 8.74
CA HIS A 112 13.34 -27.35 9.22
C HIS A 112 13.87 -28.78 9.24
N ILE A 113 13.83 -29.41 10.41
CA ILE A 113 14.34 -30.76 10.58
C ILE A 113 13.18 -31.66 10.97
N GLY A 114 13.48 -32.94 11.20
CA GLY A 114 12.45 -33.92 11.45
C GLY A 114 12.09 -34.77 10.26
N LEU A 115 12.79 -34.59 9.12
CA LEU A 115 12.55 -35.42 7.95
C LEU A 115 13.07 -36.84 8.13
N LEU A 116 13.94 -37.06 9.11
CA LEU A 116 14.47 -38.38 9.42
C LEU A 116 14.24 -38.71 10.90
N HIS A 117 13.09 -38.34 11.43
CA HIS A 117 12.80 -38.63 12.83
C HIS A 117 12.28 -40.04 12.99
N GLY A 119 12.65 -41.67 16.07
CA GLY A 119 12.38 -41.83 17.49
C GLY A 119 13.23 -42.93 18.09
N THR A 120 14.55 -42.77 17.97
CA THR A 120 15.48 -43.78 18.46
C THR A 120 15.46 -43.84 19.99
N GLU A 121 15.45 -42.69 20.65
CA GLU A 121 15.59 -42.65 22.10
C GLU A 121 14.33 -43.08 22.84
N LYS A 122 13.21 -43.30 22.14
CA LYS A 122 12.07 -43.93 22.78
C LYS A 122 12.12 -45.45 22.65
N LEU A 123 12.57 -45.95 21.50
CA LEU A 123 12.67 -47.39 21.28
C LEU A 123 13.71 -48.05 22.17
N ILE A 124 14.67 -47.28 22.69
CA ILE A 124 15.65 -47.83 23.62
C ILE A 124 14.98 -48.25 24.93
N GLU A 125 13.93 -47.53 25.34
CA GLU A 125 13.25 -47.81 26.60
C GLU A 125 12.57 -49.17 26.61
N TYR A 126 12.21 -49.72 25.45
CA TYR A 126 11.53 -50.99 25.37
C TYR A 126 12.45 -52.13 24.97
N LYS A 127 13.77 -51.91 24.99
CA LYS A 127 14.74 -52.94 24.67
C LYS A 127 15.83 -52.95 25.73
N THR A 128 16.56 -54.05 25.82
CA THR A 128 17.59 -54.21 26.82
C THR A 128 18.83 -53.39 26.44
N TYR A 129 19.85 -53.45 27.30
CA TYR A 129 21.05 -52.66 27.07
C TYR A 129 21.86 -53.20 25.89
N LEU A 130 21.97 -54.52 25.77
CA LEU A 130 22.68 -55.11 24.64
C LEU A 130 21.88 -54.94 23.35
N GLN A 131 20.55 -54.97 23.44
CA GLN A 131 19.72 -54.80 22.25
C GLN A 131 19.76 -53.36 21.73
N ALA A 132 20.03 -52.39 22.61
CA ALA A 132 20.07 -51.00 22.20
C ALA A 132 21.43 -50.60 21.64
N LEU A 133 22.41 -51.50 21.65
CA LEU A 133 23.72 -51.18 21.09
C LEU A 133 23.70 -50.93 19.58
N PRO A 134 23.03 -51.73 18.72
CA PRO A 134 23.03 -51.38 17.28
C PRO A 134 22.30 -50.09 16.95
N TYR A 135 21.52 -49.52 17.87
CA TYR A 135 20.87 -48.24 17.61
C TYR A 135 21.89 -47.11 17.48
N PHE A 136 22.98 -47.17 18.25
CA PHE A 136 23.98 -46.11 18.19
C PHE A 136 24.84 -46.17 16.93
N ASP A 137 24.84 -47.30 16.23
CA ASP A 137 25.51 -47.38 14.94
C ASP A 137 24.83 -46.48 13.92
N ARG A 138 23.49 -46.43 13.95
CA ARG A 138 22.72 -45.79 12.90
C ARG A 138 22.38 -44.34 13.19
N LEU A 139 22.89 -43.78 14.30
CA LEU A 139 22.68 -42.36 14.57
C LEU A 139 23.58 -41.50 13.68
N ASP A 140 24.89 -41.72 13.78
CA ASP A 140 25.87 -41.03 12.95
C ASP A 140 26.51 -42.09 12.07
N TYR A 141 26.04 -42.22 10.83
CA TYR A 141 26.47 -43.29 9.95
C TYR A 141 27.76 -42.97 9.19
N VAL A 142 28.55 -42.02 9.67
CA VAL A 142 29.90 -41.80 9.13
C VAL A 142 30.88 -41.82 10.29
N SER A 143 30.35 -41.90 11.50
CA SER A 143 31.15 -42.10 12.71
C SER A 143 30.62 -43.30 13.46
N MET A 144 30.44 -44.42 12.73
CA MET A 144 29.68 -45.56 13.23
C MET A 144 30.35 -46.19 14.45
N MET A 145 31.67 -46.29 14.46
CA MET A 145 32.37 -46.97 15.54
C MET A 145 32.73 -46.04 16.69
N CYS A 146 32.50 -44.74 16.54
CA CYS A 146 32.76 -43.80 17.61
C CYS A 146 31.59 -43.62 18.55
N ASN A 147 30.36 -43.82 18.07
CA ASN A 147 29.18 -43.66 18.91
C ASN A 147 29.05 -44.79 19.92
N GLU A 148 29.43 -46.02 19.54
CA GLU A 148 29.39 -47.13 20.48
C GLU A 148 30.37 -46.96 21.62
N GLN A 149 31.50 -46.30 21.37
CA GLN A 149 32.45 -45.98 22.43
C GLN A 149 31.85 -45.03 23.45
N ALA A 150 30.93 -44.16 23.02
CA ALA A 150 30.25 -43.29 23.97
C ALA A 150 29.17 -44.05 24.74
N TYR A 151 28.50 -44.99 24.09
CA TYR A 151 27.47 -45.75 24.77
C TYR A 151 28.07 -46.78 25.72
N SER A 152 29.14 -47.45 25.30
CA SER A 152 29.76 -48.45 26.16
C SER A 152 30.45 -47.81 27.37
N LEU A 153 30.92 -46.57 27.22
CA LEU A 153 31.48 -45.86 28.36
C LEU A 153 30.39 -45.48 29.36
N ALA A 154 29.16 -45.29 28.88
CA ALA A 154 28.06 -44.94 29.79
C ALA A 154 27.61 -46.15 30.60
N VAL A 155 27.55 -47.33 29.97
CA VAL A 155 27.12 -48.54 30.67
C VAL A 155 28.18 -48.98 31.66
N GLU A 156 29.46 -48.90 31.26
CA GLU A 156 30.54 -49.33 32.15
C GLU A 156 30.70 -48.40 33.35
N LYS A 157 30.35 -47.12 33.19
CA LYS A 157 30.38 -46.22 34.33
C LYS A 157 29.29 -46.58 35.34
N LEU A 158 28.11 -46.96 34.86
CA LEU A 158 27.05 -47.39 35.77
C LEU A 158 27.36 -48.74 36.39
N LEU A 159 27.92 -49.66 35.60
CA LEU A 159 28.20 -51.01 36.07
C LEU A 159 29.43 -51.10 36.96
N ASN A 160 30.20 -50.01 37.08
CA ASN A 160 31.40 -49.93 37.92
C ASN A 160 32.44 -50.98 37.53
N ILE A 161 32.56 -51.24 36.24
CA ILE A 161 33.56 -52.16 35.70
C ILE A 161 34.41 -51.41 34.70
N GLN A 162 35.54 -52.02 34.33
CA GLN A 162 36.42 -51.45 33.34
C GLN A 162 36.80 -52.51 32.30
N PRO A 163 37.03 -52.11 31.06
CA PRO A 163 37.45 -53.07 30.03
C PRO A 163 38.88 -53.53 30.27
N PRO A 164 39.26 -54.68 29.71
CA PRO A 164 40.65 -55.14 29.82
C PRO A 164 41.58 -54.25 29.02
N PRO A 165 42.88 -54.26 29.34
CA PRO A 165 43.83 -53.35 28.65
C PRO A 165 43.93 -53.56 27.15
N ARG A 166 43.75 -54.78 26.66
CA ARG A 166 43.78 -54.99 25.21
C ARG A 166 42.55 -54.38 24.54
N ALA A 167 41.40 -54.43 25.22
CA ALA A 167 40.19 -53.86 24.65
C ALA A 167 40.24 -52.34 24.58
N GLN A 168 40.94 -51.70 25.52
CA GLN A 168 41.05 -50.25 25.51
C GLN A 168 41.84 -49.75 24.31
N TRP A 169 42.90 -50.46 23.92
CA TRP A 169 43.69 -50.03 22.79
C TRP A 169 43.00 -50.29 21.46
N ILE A 170 42.14 -51.31 21.41
CA ILE A 170 41.40 -51.60 20.18
C ILE A 170 40.36 -50.52 19.92
N ARG A 171 39.67 -50.07 20.97
CA ARG A 171 38.65 -49.04 20.82
C ARG A 171 39.25 -47.70 20.39
N VAL A 172 40.46 -47.39 20.87
CA VAL A 172 41.13 -46.18 20.44
C VAL A 172 41.62 -46.33 19.00
N LEU A 173 42.16 -47.49 18.65
CA LEU A 173 42.65 -47.72 17.29
C LEU A 173 41.52 -47.68 16.28
N PHE A 174 40.42 -48.36 16.56
CA PHE A 174 39.28 -48.33 15.65
C PHE A 174 38.44 -47.07 15.83
N GLY A 175 38.56 -46.38 16.96
CA GLY A 175 38.00 -45.05 17.06
C GLY A 175 38.74 -44.04 16.20
N GLU A 176 40.06 -44.15 16.16
CA GLU A 176 40.86 -43.21 15.37
C GLU A 176 40.79 -43.51 13.88
N ILE A 177 40.57 -44.77 13.49
CA ILE A 177 40.35 -45.07 12.09
C ILE A 177 39.00 -44.52 11.63
N THR A 178 38.06 -44.31 12.56
CA THR A 178 36.77 -43.75 12.20
C THR A 178 36.87 -42.24 12.02
N ARG A 179 37.88 -41.62 12.61
CA ARG A 179 38.14 -40.20 12.32
C ARG A 179 38.62 -40.03 10.89
N LEU A 180 39.38 -40.99 10.37
CA LEU A 180 39.69 -41.00 8.94
C LEU A 180 38.45 -41.32 8.10
N LEU A 181 37.53 -42.12 8.64
CA LEU A 181 36.26 -42.34 7.96
C LEU A 181 35.47 -41.05 7.84
N ASN A 182 35.31 -40.33 8.95
CA ASN A 182 34.39 -39.20 9.00
C ASN A 182 34.94 -37.97 8.30
N HIS A 183 36.22 -37.65 8.51
CA HIS A 183 36.78 -36.42 7.97
C HIS A 183 36.93 -36.46 6.46
N ILE A 184 37.02 -37.66 5.87
CA ILE A 184 36.96 -37.78 4.42
C ILE A 184 35.57 -37.38 3.91
N MET A 185 34.52 -37.83 4.61
CA MET A 185 33.16 -37.36 4.31
C MET A 185 33.00 -35.87 4.57
N ALA A 186 33.79 -35.31 5.48
CA ALA A 186 33.66 -33.89 5.81
C ALA A 186 34.18 -33.02 4.68
N VAL A 187 35.44 -33.18 4.31
CA VAL A 187 36.07 -32.28 3.34
C VAL A 187 35.56 -32.53 1.93
N THR A 188 35.47 -33.79 1.52
CA THR A 188 35.21 -34.10 0.11
C THR A 188 33.78 -33.77 -0.29
N THR A 189 32.81 -34.04 0.58
CA THR A 189 31.44 -33.64 0.28
C THR A 189 31.27 -32.14 0.37
N HIS A 190 32.06 -31.49 1.21
CA HIS A 190 32.12 -30.02 1.20
C HIS A 190 32.71 -29.52 -0.11
N ALA A 191 33.68 -30.25 -0.68
CA ALA A 191 34.19 -29.90 -1.99
C ALA A 191 33.19 -30.29 -3.09
N LEU A 192 32.40 -31.33 -2.86
CA LEU A 192 31.38 -31.71 -3.82
C LEU A 192 30.25 -30.69 -3.88
N ASP A 193 29.87 -30.14 -2.71
CA ASP A 193 28.83 -29.10 -2.68
C ASP A 193 29.33 -27.81 -3.32
N ILE A 194 30.59 -27.45 -3.09
CA ILE A 194 31.15 -26.26 -3.72
C ILE A 194 31.30 -26.46 -5.22
N GLY A 195 31.80 -27.61 -5.64
CA GLY A 195 31.87 -27.90 -7.06
C GLY A 195 33.06 -28.71 -7.53
N ALA A 196 34.12 -28.81 -6.74
CA ALA A 196 35.30 -29.58 -7.11
C ALA A 196 35.02 -31.05 -6.84
N MET A 197 34.65 -31.79 -7.87
CA MET A 197 34.30 -33.20 -7.73
C MET A 197 35.50 -34.12 -7.85
N THR A 198 36.67 -33.58 -8.19
CA THR A 198 37.83 -34.42 -8.48
C THR A 198 38.37 -35.21 -7.29
N PRO A 199 38.63 -34.63 -6.11
CA PRO A 199 39.14 -35.47 -5.02
C PRO A 199 38.08 -36.27 -4.28
N PHE A 200 36.81 -36.14 -4.69
CA PHE A 200 35.75 -36.93 -4.08
C PHE A 200 35.92 -38.42 -4.38
N PHE A 201 36.31 -38.75 -5.60
CA PHE A 201 36.53 -40.14 -5.97
C PHE A 201 37.92 -40.64 -5.60
N TRP A 202 38.86 -39.72 -5.32
CA TRP A 202 40.21 -40.14 -4.98
C TRP A 202 40.26 -40.77 -3.59
N MET A 203 39.60 -40.16 -2.62
CA MET A 203 39.61 -40.65 -1.25
C MET A 203 38.62 -41.79 -1.03
N PHE A 204 37.69 -42.02 -1.97
CA PHE A 204 36.70 -43.08 -1.75
C PHE A 204 37.30 -44.46 -1.93
N GLU A 205 38.36 -44.59 -2.75
CA GLU A 205 39.09 -45.85 -2.79
C GLU A 205 39.80 -46.11 -1.48
N GLU A 206 40.33 -45.06 -0.85
CA GLU A 206 40.91 -45.21 0.48
C GLU A 206 39.83 -45.55 1.51
N ARG A 207 38.67 -44.88 1.44
CA ARG A 207 37.56 -45.20 2.34
C ARG A 207 36.99 -46.59 2.08
N GLU A 208 37.15 -47.11 0.87
CA GLU A 208 36.78 -48.50 0.61
C GLU A 208 37.80 -49.45 1.21
N LYS A 209 39.06 -49.02 1.34
CA LYS A 209 40.09 -49.89 1.90
C LYS A 209 39.91 -50.07 3.40
N MET A 210 39.49 -49.01 4.12
CA MET A 210 39.22 -49.15 5.54
C MET A 210 37.82 -49.70 5.82
N PHE A 211 36.99 -49.87 4.80
CA PHE A 211 35.77 -50.64 4.97
C PHE A 211 36.06 -52.13 5.07
N GLU A 212 37.16 -52.58 4.46
CA GLU A 212 37.53 -53.98 4.59
C GLU A 212 38.01 -54.30 6.00
N PHE A 213 38.65 -53.34 6.67
CA PHE A 213 39.05 -53.55 8.05
C PHE A 213 37.85 -53.71 8.97
N TYR A 214 36.76 -52.96 8.73
CA TYR A 214 35.55 -53.13 9.52
C TYR A 214 34.92 -54.50 9.27
N GLU A 215 34.97 -54.98 8.03
CA GLU A 215 34.36 -56.25 7.70
C GLU A 215 35.17 -57.44 8.23
N ARG A 216 36.49 -57.29 8.37
CA ARG A 216 37.32 -58.42 8.78
C ARG A 216 37.22 -58.74 10.26
N VAL A 217 37.09 -57.73 11.12
CA VAL A 217 37.14 -58.00 12.56
C VAL A 217 35.75 -58.26 13.14
N SER A 218 34.71 -57.70 12.54
CA SER A 218 33.37 -57.81 13.09
C SER A 218 32.38 -58.48 12.15
N GLY A 219 32.51 -58.28 10.85
CA GLY A 219 31.66 -58.95 9.87
C GLY A 219 30.76 -58.04 9.07
N ALA A 220 30.70 -56.75 9.39
CA ALA A 220 29.87 -55.81 8.64
C ALA A 220 30.71 -54.61 8.23
N ARG A 221 30.37 -54.06 7.07
CA ARG A 221 31.14 -52.94 6.53
C ARG A 221 30.83 -51.63 7.26
N MET A 222 29.56 -51.40 7.61
CA MET A 222 29.16 -50.15 8.23
C MET A 222 28.70 -50.33 9.67
N HIS A 223 27.68 -51.14 9.91
CA HIS A 223 27.11 -51.29 11.25
C HIS A 223 27.71 -52.53 11.88
N ALA A 224 28.88 -52.34 12.51
CA ALA A 224 29.67 -53.45 13.01
C ALA A 224 29.05 -54.09 14.24
N ALA A 225 28.47 -53.27 15.13
CA ALA A 225 28.05 -53.69 16.48
C ALA A 225 29.20 -54.36 17.22
N TYR A 226 30.39 -53.78 17.10
CA TYR A 226 31.61 -54.36 17.63
C TYR A 226 31.92 -53.96 19.06
N VAL A 227 31.94 -52.66 19.35
CA VAL A 227 32.22 -52.19 20.70
C VAL A 227 31.00 -52.45 21.56
N ARG A 228 31.20 -53.19 22.66
CA ARG A 228 30.14 -53.60 23.56
C ARG A 228 30.53 -53.22 24.98
N PRO A 229 29.54 -53.05 25.87
CA PRO A 229 29.87 -52.75 27.27
C PRO A 229 30.64 -53.88 27.95
N GLY A 230 31.89 -53.60 28.31
CA GLY A 230 32.75 -54.61 28.89
C GLY A 230 33.93 -55.02 28.03
N GLY A 231 34.14 -54.37 26.89
CA GLY A 231 35.22 -54.75 25.99
C GLY A 231 34.81 -54.71 24.55
N VAL A 232 35.16 -55.74 23.79
CA VAL A 232 34.74 -55.87 22.40
C VAL A 232 34.20 -57.28 22.18
N HIS A 233 33.44 -57.45 21.11
CA HIS A 233 32.74 -58.71 20.89
C HIS A 233 33.71 -59.82 20.46
N GLN A 234 34.64 -59.50 19.57
CA GLN A 234 35.53 -60.50 19.01
C GLN A 234 36.93 -59.93 18.93
N ASP A 235 37.92 -60.81 18.85
CA ASP A 235 39.29 -60.34 18.71
C ASP A 235 39.60 -60.05 17.24
N LEU A 236 40.71 -59.34 17.03
CA LEU A 236 41.18 -59.09 15.69
C LEU A 236 41.64 -60.40 15.05
N PRO A 237 41.37 -60.60 13.76
CA PRO A 237 41.88 -61.80 13.08
C PRO A 237 43.39 -61.75 12.93
N LEU A 238 43.98 -62.92 12.77
CA LEU A 238 45.43 -63.03 12.67
C LEU A 238 45.92 -62.36 11.38
N GLY A 239 46.93 -61.51 11.52
CA GLY A 239 47.46 -60.78 10.39
C GLY A 239 46.68 -59.54 10.00
N LEU A 240 45.73 -59.10 10.84
CA LEU A 240 44.99 -57.88 10.53
C LEU A 240 45.87 -56.65 10.69
N MET A 241 46.61 -56.57 11.80
CA MET A 241 47.43 -55.39 12.07
C MET A 241 48.61 -55.28 11.13
N ASP A 242 49.01 -56.38 10.47
CA ASP A 242 49.97 -56.27 9.39
C ASP A 242 49.35 -55.54 8.19
N ASP A 243 48.08 -55.81 7.91
CA ASP A 243 47.41 -55.13 6.81
C ASP A 243 47.09 -53.68 7.13
N ILE A 244 46.97 -53.34 8.41
CA ILE A 244 46.75 -51.94 8.78
C ILE A 244 48.01 -51.13 8.57
N TYR A 245 49.18 -51.68 8.91
CA TYR A 245 50.43 -50.94 8.78
C TYR A 245 50.78 -50.67 7.33
N GLU A 246 50.59 -51.66 6.45
CA GLU A 246 50.91 -51.46 5.04
C GLU A 246 49.96 -50.47 4.37
N PHE A 247 48.74 -50.35 4.88
CA PHE A 247 47.84 -49.31 4.39
C PHE A 247 48.19 -47.95 4.97
N SER A 248 48.50 -47.90 6.27
CA SER A 248 48.76 -46.63 6.93
C SER A 248 50.08 -46.01 6.51
N LYS A 249 51.01 -46.81 6.00
CA LYS A 249 52.26 -46.26 5.50
C LYS A 249 52.04 -45.42 4.25
N ASN A 250 51.12 -45.83 3.38
CA ASN A 250 50.86 -45.16 2.12
C ASN A 250 49.75 -44.12 2.20
N PHE A 251 49.12 -43.95 3.37
CA PHE A 251 48.00 -43.02 3.47
C PHE A 251 48.45 -41.57 3.65
N SER A 252 49.72 -41.35 4.02
CA SER A 252 50.20 -39.98 4.20
C SER A 252 50.30 -39.23 2.88
N LEU A 253 50.48 -39.95 1.77
CA LEU A 253 50.53 -39.30 0.47
C LEU A 253 49.15 -38.80 0.05
N ARG A 254 48.09 -39.51 0.42
CA ARG A 254 46.74 -39.14 -0.01
C ARG A 254 46.27 -37.86 0.64
N ILE A 255 46.65 -37.61 1.90
CA ILE A 255 46.32 -36.33 2.53
C ILE A 255 47.06 -35.19 1.86
N ASP A 256 48.34 -35.41 1.53
CA ASP A 256 49.08 -34.43 0.75
C ASP A 256 48.57 -34.35 -0.69
N GLU A 257 48.02 -35.46 -1.20
CA GLU A 257 47.34 -35.42 -2.50
C GLU A 257 46.10 -34.54 -2.44
N LEU A 258 45.32 -34.66 -1.36
CA LEU A 258 44.10 -33.88 -1.23
C LEU A 258 44.40 -32.42 -0.93
N GLU A 259 45.45 -32.17 -0.14
CA GLU A 259 45.79 -30.80 0.25
C GLU A 259 46.31 -29.99 -0.93
N GLU A 260 46.92 -30.65 -1.92
CA GLU A 260 47.54 -29.93 -3.04
C GLU A 260 46.50 -29.20 -3.89
N MET A 261 45.35 -29.83 -4.14
CA MET A 261 44.35 -29.25 -5.01
C MET A 261 43.35 -28.36 -4.29
N LEU A 262 43.48 -28.18 -2.98
CA LEU A 262 42.48 -27.38 -2.29
C LEU A 262 43.06 -26.25 -1.45
N THR A 263 44.20 -26.47 -0.79
CA THR A 263 44.73 -25.47 0.13
C THR A 263 45.30 -24.28 -0.62
N ASN A 264 46.10 -24.52 -1.64
CA ASN A 264 46.73 -23.45 -2.40
C ASN A 264 45.89 -23.00 -3.59
N ASN A 265 44.72 -23.58 -3.79
CA ASN A 265 43.84 -23.16 -4.87
C ASN A 265 43.21 -21.82 -4.52
N ARG A 266 43.28 -20.86 -5.44
CA ARG A 266 42.69 -19.55 -5.21
C ARG A 266 41.16 -19.57 -5.31
N ILE A 267 40.61 -20.52 -6.06
CA ILE A 267 39.15 -20.62 -6.18
C ILE A 267 38.55 -21.20 -4.92
N TRP A 268 39.20 -22.21 -4.33
CA TRP A 268 38.76 -22.73 -3.05
C TRP A 268 38.88 -21.68 -1.95
N ARG A 269 39.93 -20.87 -1.98
CA ARG A 269 40.14 -19.86 -0.95
C ARG A 269 39.07 -18.78 -1.00
N ASN A 270 38.71 -18.32 -2.20
CA ASN A 270 37.77 -17.20 -2.33
C ASN A 270 36.35 -17.56 -1.89
N ARG A 271 36.03 -18.84 -1.80
CA ARG A 271 34.74 -19.30 -1.30
C ARG A 271 34.75 -19.60 0.19
N THR A 272 35.88 -19.40 0.87
CA THR A 272 36.08 -20.04 2.17
C THR A 272 36.67 -19.10 3.23
N VAL A 273 37.44 -18.09 2.81
CA VAL A 273 38.27 -17.36 3.77
C VAL A 273 37.48 -16.35 4.60
N ASP A 274 36.31 -15.93 4.15
CA ASP A 274 35.57 -14.90 4.90
C ASP A 274 34.10 -15.25 5.11
N ILE A 275 33.69 -16.48 4.86
CA ILE A 275 32.31 -16.93 5.10
C ILE A 275 32.32 -17.94 6.24
N GLY A 276 31.51 -17.70 7.25
CA GLY A 276 31.46 -18.57 8.41
C GLY A 276 32.41 -18.20 9.52
N VAL A 277 32.30 -16.97 10.03
CA VAL A 277 33.18 -16.46 11.07
C VAL A 277 32.40 -16.33 12.37
N VAL A 278 32.91 -16.94 13.43
CA VAL A 278 32.35 -16.83 14.77
C VAL A 278 33.37 -16.19 15.70
N THR A 279 32.90 -15.74 16.85
CA THR A 279 33.77 -15.28 17.92
C THR A 279 33.84 -16.34 19.01
N ALA A 280 34.79 -16.14 19.93
CA ALA A 280 35.03 -17.15 20.96
C ALA A 280 33.92 -17.19 21.99
N GLU A 281 33.37 -16.03 22.36
CA GLU A 281 32.36 -16.00 23.42
C GLU A 281 31.02 -16.56 22.93
N ASP A 282 30.60 -16.18 21.73
CA ASP A 282 29.31 -16.65 21.23
C ASP A 282 29.36 -18.11 20.78
N ALA A 283 30.55 -18.64 20.50
CA ALA A 283 30.65 -20.07 20.21
C ALA A 283 30.41 -20.89 21.47
N LEU A 284 30.91 -20.44 22.62
CA LEU A 284 30.67 -21.14 23.87
C LEU A 284 29.20 -21.05 24.29
N ASN A 285 28.58 -19.88 24.07
CA ASN A 285 27.19 -19.70 24.46
C ASN A 285 26.22 -20.45 23.54
N TYR A 286 26.66 -20.83 22.35
CA TYR A 286 25.81 -21.55 21.40
C TYR A 286 25.92 -23.06 21.55
N GLY A 287 26.61 -23.55 22.57
CA GLY A 287 26.74 -24.98 22.76
C GLY A 287 27.64 -25.66 21.76
N PHE A 288 28.53 -24.91 21.12
CA PHE A 288 29.40 -25.47 20.11
C PHE A 288 30.50 -26.32 20.75
N SER A 289 31.03 -27.25 19.95
CA SER A 289 32.11 -28.12 20.40
C SER A 289 32.87 -28.63 19.18
N GLY A 290 34.01 -29.23 19.44
CA GLY A 290 34.78 -29.85 18.36
C GLY A 290 35.55 -28.81 17.58
N VAL A 291 35.41 -28.84 16.26
CA VAL A 291 36.13 -27.93 15.39
C VAL A 291 35.62 -26.49 15.52
N MET A 292 34.39 -26.32 16.02
CA MET A 292 33.85 -24.98 16.22
C MET A 292 34.64 -24.21 17.25
N LEU A 293 34.91 -24.82 18.41
CA LEU A 293 35.70 -24.16 19.44
C LEU A 293 37.18 -24.12 19.06
N ARG A 294 37.68 -25.17 18.40
CA ARG A 294 39.08 -25.19 18.01
C ARG A 294 39.34 -24.23 16.86
N GLY A 295 38.38 -24.11 15.93
CA GLY A 295 38.55 -23.18 14.82
C GLY A 295 38.58 -21.72 15.24
N SER A 296 37.81 -21.38 16.27
CA SER A 296 37.75 -20.01 16.77
C SER A 296 38.90 -19.67 17.71
N GLY A 297 39.81 -20.61 17.97
CA GLY A 297 40.97 -20.35 18.79
C GLY A 297 40.85 -20.77 20.24
N ILE A 298 39.70 -21.30 20.66
CA ILE A 298 39.54 -21.78 22.02
C ILE A 298 40.22 -23.15 22.14
N GLN A 299 41.08 -23.30 23.13
CA GLN A 299 41.83 -24.53 23.34
C GLN A 299 40.95 -25.48 24.15
N TRP A 300 40.25 -26.38 23.46
CA TRP A 300 39.38 -27.33 24.13
C TRP A 300 39.32 -28.61 23.32
N ASP A 301 39.81 -29.70 23.90
CA ASP A 301 39.70 -31.03 23.30
C ASP A 301 39.46 -32.02 24.42
N LEU A 302 38.45 -32.87 24.25
CA LEU A 302 38.08 -33.80 25.31
C LEU A 302 39.13 -34.89 25.51
N ARG A 303 39.89 -35.20 24.46
CA ARG A 303 40.92 -36.24 24.57
C ARG A 303 42.13 -35.78 25.37
N LYS A 304 42.28 -34.49 25.62
CA LYS A 304 43.40 -33.96 26.39
C LYS A 304 43.03 -33.50 27.78
N THR A 305 41.81 -33.02 28.00
CA THR A 305 41.38 -32.47 29.28
C THR A 305 40.68 -33.50 30.16
N GLN A 306 39.74 -34.25 29.60
CA GLN A 306 39.02 -35.29 30.32
C GLN A 306 39.17 -36.58 29.54
N PRO A 307 40.32 -37.25 29.66
CA PRO A 307 40.61 -38.39 28.79
C PRO A 307 39.79 -39.61 29.14
N TYR A 308 39.70 -40.51 28.16
CA TYR A 308 39.07 -41.80 28.34
C TYR A 308 40.10 -42.85 27.93
N ASP A 309 39.63 -44.09 27.70
CA ASP A 309 40.28 -45.34 28.08
C ASP A 309 41.81 -45.39 28.04
N VAL A 310 42.43 -45.08 26.91
CA VAL A 310 43.89 -45.10 26.88
C VAL A 310 44.41 -43.85 26.17
N TYR A 311 43.53 -42.89 25.93
CA TYR A 311 43.93 -41.63 25.30
C TYR A 311 44.88 -40.80 26.16
N ASP A 312 44.98 -41.12 27.46
CA ASP A 312 45.94 -40.42 28.31
C ASP A 312 47.37 -40.78 27.95
N GLN A 313 47.61 -42.04 27.57
CA GLN A 313 48.97 -42.49 27.32
C GLN A 313 49.52 -41.99 25.99
N VAL A 314 48.67 -41.88 24.97
CA VAL A 314 49.15 -41.51 23.64
C VAL A 314 49.52 -40.02 23.60
N GLU A 315 50.31 -39.66 22.58
CA GLU A 315 50.78 -38.29 22.41
C GLU A 315 50.40 -37.80 21.03
N PHE A 316 49.73 -36.64 20.97
CA PHE A 316 49.35 -36.03 19.71
C PHE A 316 49.15 -34.54 19.94
N ASP A 317 48.81 -33.83 18.86
CA ASP A 317 48.64 -32.39 18.90
C ASP A 317 47.22 -32.02 18.53
N VAL A 318 46.76 -30.88 19.07
CA VAL A 318 45.40 -30.40 18.84
C VAL A 318 45.48 -29.13 18.01
N PRO A 319 45.19 -29.18 16.71
CA PRO A 319 45.30 -27.97 15.88
C PRO A 319 44.14 -27.01 16.14
N ILE A 320 44.49 -25.76 16.42
CA ILE A 320 43.49 -24.72 16.67
C ILE A 320 43.65 -23.63 15.62
N GLY A 321 42.56 -22.90 15.37
CA GLY A 321 42.52 -21.91 14.31
C GLY A 321 43.07 -20.57 14.73
N SER A 322 42.95 -19.61 13.80
CA SER A 322 43.48 -18.27 14.03
C SER A 322 42.42 -17.20 13.80
N ARG A 323 41.53 -17.42 12.83
CA ARG A 323 40.52 -16.44 12.47
C ARG A 323 39.08 -16.91 12.65
N GLY A 324 38.86 -18.21 12.84
CA GLY A 324 37.51 -18.70 13.04
C GLY A 324 36.66 -18.74 11.81
N ASP A 325 37.27 -18.68 10.63
CA ASP A 325 36.53 -18.74 9.38
C ASP A 325 36.35 -20.19 8.96
N CYS A 326 35.84 -20.41 7.75
CA CYS A 326 35.71 -21.77 7.23
C CYS A 326 37.06 -22.34 6.82
N TYR A 327 38.00 -21.47 6.45
CA TYR A 327 39.32 -21.94 6.01
C TYR A 327 40.12 -22.50 7.17
N ASP A 328 39.96 -21.91 8.36
CA ASP A 328 40.58 -22.49 9.55
C ASP A 328 39.94 -23.82 9.89
N ARG A 329 38.63 -23.94 9.70
CA ARG A 329 37.94 -25.19 9.99
C ARG A 329 38.22 -26.26 8.95
N TYR A 330 38.59 -25.87 7.73
CA TYR A 330 39.02 -26.87 6.75
C TYR A 330 40.42 -27.38 7.07
N LEU A 331 41.32 -26.48 7.48
CA LEU A 331 42.69 -26.88 7.81
C LEU A 331 42.75 -27.68 9.10
N CYS A 332 41.87 -27.40 10.06
CA CYS A 332 41.82 -28.18 11.28
C CYS A 332 41.36 -29.61 11.01
N ARG A 333 40.51 -29.80 10.00
CA ARG A 333 40.04 -31.14 9.66
C ARG A 333 41.12 -31.93 8.94
N VAL A 334 41.90 -31.26 8.08
CA VAL A 334 42.99 -31.93 7.38
C VAL A 334 44.11 -32.28 8.34
N GLU A 335 44.43 -31.38 9.27
CA GLU A 335 45.48 -31.65 10.25
C GLU A 335 45.07 -32.76 11.21
N GLU A 336 43.77 -32.91 11.47
CA GLU A 336 43.32 -34.01 12.32
C GLU A 336 43.45 -35.36 11.63
N MET A 337 43.53 -35.38 10.30
CA MET A 337 43.91 -36.61 9.60
C MET A 337 45.35 -37.00 9.92
N ARG A 338 46.23 -36.00 9.99
CA ARG A 338 47.64 -36.27 10.29
C ARG A 338 47.82 -36.77 11.72
N GLN A 339 47.06 -36.21 12.67
CA GLN A 339 47.17 -36.66 14.05
C GLN A 339 46.56 -38.04 14.25
N SER A 340 45.58 -38.41 13.41
CA SER A 340 45.03 -39.75 13.49
C SER A 340 46.04 -40.80 13.03
N ILE A 341 46.86 -40.45 12.03
CA ILE A 341 47.92 -41.35 11.60
C ILE A 341 48.98 -41.49 12.69
N ARG A 342 49.24 -40.40 13.42
CA ARG A 342 50.21 -40.44 14.50
C ARG A 342 49.76 -41.36 15.64
N ILE A 343 48.46 -41.35 15.95
CA ILE A 343 47.94 -42.23 16.99
C ILE A 343 47.95 -43.68 16.52
N ILE A 344 47.59 -43.91 15.25
CA ILE A 344 47.52 -45.27 14.71
C ILE A 344 48.90 -45.92 14.69
N SER A 345 49.93 -45.13 14.37
CA SER A 345 51.30 -45.65 14.43
C SER A 345 51.71 -45.99 15.85
N GLN A 346 51.24 -45.22 16.83
CA GLN A 346 51.56 -45.52 18.23
C GLN A 346 50.80 -46.74 18.72
N CYS A 347 49.55 -46.92 18.27
CA CYS A 347 48.73 -48.01 18.79
C CYS A 347 49.18 -49.36 18.21
N LEU A 348 49.70 -49.37 16.98
CA LEU A 348 50.13 -50.64 16.38
C LEU A 348 51.36 -51.20 17.05
N ASN A 349 52.20 -50.36 17.64
CA ASN A 349 53.42 -50.80 18.29
C ASN A 349 53.26 -50.99 19.79
N LYS A 350 52.10 -50.67 20.36
CA LYS A 350 51.87 -50.77 21.79
C LYS A 350 50.53 -51.44 22.08
N MET A 351 50.28 -52.57 21.42
CA MET A 351 49.08 -53.36 21.69
C MET A 351 49.42 -54.41 22.75
N PRO A 352 48.87 -54.31 23.95
CA PRO A 352 49.27 -55.23 25.03
C PRO A 352 48.51 -56.54 24.93
N PRO A 353 49.07 -57.63 25.46
CA PRO A 353 48.35 -58.91 25.45
C PRO A 353 47.28 -58.96 26.53
N GLY A 354 46.35 -59.88 26.36
CA GLY A 354 45.33 -60.12 27.34
C GLY A 354 44.01 -60.46 26.68
N GLU A 355 42.95 -60.41 27.48
CA GLU A 355 41.60 -60.75 27.04
C GLU A 355 40.95 -59.54 26.36
N ILE A 356 39.96 -59.82 25.51
CA ILE A 356 39.22 -58.76 24.84
C ILE A 356 37.97 -58.33 25.62
N LYS A 357 37.52 -59.13 26.58
CA LYS A 357 36.34 -58.82 27.37
C LYS A 357 36.69 -58.79 28.85
N VAL A 358 35.86 -58.10 29.62
CA VAL A 358 36.01 -58.14 31.07
C VAL A 358 35.67 -59.54 31.56
N ASP A 359 36.46 -60.04 32.51
CA ASP A 359 36.32 -61.42 32.94
C ASP A 359 35.13 -61.64 33.87
N ASP A 360 34.43 -60.58 34.24
CA ASP A 360 33.17 -60.71 34.97
C ASP A 360 32.14 -61.30 34.02
N ALA A 361 31.91 -62.61 34.13
CA ALA A 361 31.03 -63.30 33.19
C ALA A 361 29.56 -62.98 33.40
N LYS A 362 29.19 -62.32 34.50
CA LYS A 362 27.82 -61.88 34.68
C LYS A 362 27.48 -60.66 33.83
N VAL A 363 28.49 -59.97 33.30
CA VAL A 363 28.28 -58.83 32.40
C VAL A 363 28.62 -59.20 30.96
N SER A 364 29.87 -59.57 30.70
CA SER A 364 30.22 -60.03 29.37
C SER A 364 29.93 -61.53 29.24
N PRO A 365 29.38 -61.96 28.11
CA PRO A 365 29.06 -63.38 27.95
C PRO A 365 30.32 -64.22 27.87
N PRO A 366 30.28 -65.46 28.36
CA PRO A 366 31.46 -66.32 28.30
C PRO A 366 31.67 -66.87 26.89
N LYS A 367 32.80 -67.55 26.73
CA LYS A 367 33.17 -68.10 25.43
C LYS A 367 32.30 -69.30 25.07
N ARG A 368 32.32 -69.63 23.78
CA ARG A 368 31.51 -70.75 23.29
C ARG A 368 32.10 -72.10 23.67
N ALA A 369 33.43 -72.17 23.86
CA ALA A 369 34.04 -73.43 24.26
C ALA A 369 33.77 -73.75 25.72
N GLU A 370 33.65 -72.73 26.57
CA GLU A 370 33.41 -72.95 27.99
C GLU A 370 31.93 -72.98 28.35
N MET A 371 31.05 -72.53 27.46
CA MET A 371 29.62 -72.63 27.71
C MET A 371 29.06 -74.02 27.43
N LYS A 372 29.82 -74.86 26.73
CA LYS A 372 29.39 -76.22 26.43
C LYS A 372 30.05 -77.25 27.32
N THR A 373 30.79 -76.81 28.33
CA THR A 373 31.46 -77.71 29.26
C THR A 373 31.10 -77.40 30.71
N SER A 374 30.96 -76.14 31.07
CA SER A 374 30.69 -75.73 32.44
C SER A 374 29.22 -75.39 32.61
N MET A 375 28.70 -75.69 33.81
CA MET A 375 27.30 -75.40 34.10
C MET A 375 27.07 -73.91 34.29
N GLU A 376 27.95 -73.24 35.03
CA GLU A 376 27.77 -71.82 35.33
C GLU A 376 27.87 -70.96 34.07
N SER A 377 28.70 -71.37 33.11
CA SER A 377 28.81 -70.59 31.88
C SER A 377 27.55 -70.71 31.02
N LEU A 378 26.88 -71.86 31.05
CA LEU A 378 25.65 -72.01 30.29
C LEU A 378 24.50 -71.23 30.92
N ILE A 379 24.47 -71.14 32.25
CA ILE A 379 23.44 -70.36 32.93
C ILE A 379 23.62 -68.88 32.63
N HIS A 380 24.86 -68.39 32.70
CA HIS A 380 25.11 -66.97 32.47
C HIS A 380 24.93 -66.60 30.99
N HIS A 381 25.17 -67.53 30.08
CA HIS A 381 24.87 -67.29 28.68
C HIS A 381 23.37 -67.23 28.43
N PHE A 382 22.59 -68.00 29.21
CA PHE A 382 21.15 -68.01 29.04
C PHE A 382 20.52 -66.68 29.46
N LYS A 383 20.91 -66.18 30.64
CA LYS A 383 20.28 -64.97 31.16
C LYS A 383 20.75 -63.71 30.45
N LEU A 384 22.00 -63.66 30.00
CA LEU A 384 22.52 -62.45 29.38
C LEU A 384 21.90 -62.22 28.00
N TYR A 385 21.62 -63.29 27.26
CA TYR A 385 21.08 -63.17 25.92
C TYR A 385 19.56 -63.21 25.88
N THR A 386 18.89 -63.38 27.01
CA THR A 386 17.44 -63.30 27.07
C THR A 386 16.97 -62.18 27.97
N GLU A 387 17.45 -62.12 29.21
CA GLU A 387 17.03 -61.08 30.14
C GLU A 387 17.93 -59.85 30.06
N GLY A 388 19.24 -60.05 30.12
CA GLY A 388 20.16 -58.94 30.14
C GLY A 388 20.65 -58.65 31.55
N TYR A 389 21.84 -58.06 31.65
CA TYR A 389 22.43 -57.76 32.94
C TYR A 389 21.72 -56.61 33.62
N GLN A 390 21.66 -56.67 34.94
CA GLN A 390 20.97 -55.66 35.74
C GLN A 390 21.89 -54.47 35.97
N VAL A 391 21.56 -53.35 35.36
CA VAL A 391 22.32 -52.11 35.57
C VAL A 391 21.80 -51.42 36.82
N PRO A 392 22.67 -51.03 37.75
CA PRO A 392 22.20 -50.37 38.97
C PRO A 392 21.58 -49.02 38.67
N PRO A 393 20.60 -48.59 39.46
CA PRO A 393 20.03 -47.26 39.28
C PRO A 393 21.04 -46.14 39.46
N GLY A 394 20.87 -45.09 38.67
CA GLY A 394 21.77 -43.96 38.68
C GLY A 394 21.85 -43.29 37.33
N ALA A 395 21.89 -41.96 37.30
CA ALA A 395 21.90 -41.20 36.06
C ALA A 395 23.30 -40.64 35.83
N THR A 396 23.82 -40.83 34.62
CA THR A 396 25.16 -40.36 34.27
C THR A 396 25.11 -39.68 32.90
N TYR A 397 26.09 -38.81 32.67
CA TYR A 397 26.26 -38.13 31.39
C TYR A 397 27.72 -38.27 30.99
N THR A 398 28.00 -39.22 30.11
CA THR A 398 29.34 -39.50 29.63
C THR A 398 29.48 -38.99 28.21
N ALA A 399 30.45 -38.11 27.98
CA ALA A 399 30.66 -37.48 26.69
C ALA A 399 32.05 -37.80 26.17
N ILE A 400 32.15 -38.13 24.88
CA ILE A 400 33.40 -38.40 24.22
C ILE A 400 33.63 -37.36 23.15
N GLU A 401 34.81 -37.40 22.54
CA GLU A 401 35.17 -36.48 21.46
C GLU A 401 34.90 -37.20 20.14
N ALA A 402 33.68 -37.05 19.64
CA ALA A 402 33.34 -37.49 18.30
C ALA A 402 34.05 -36.59 17.28
N PRO A 403 34.24 -37.07 16.05
CA PRO A 403 34.85 -36.20 15.02
C PRO A 403 34.03 -34.97 14.69
N LYS A 404 32.72 -34.97 14.97
CA LYS A 404 31.92 -33.78 14.77
C LYS A 404 31.99 -32.83 15.97
N GLY A 405 32.16 -33.36 17.17
CA GLY A 405 32.17 -32.54 18.36
C GLY A 405 31.96 -33.40 19.60
N GLU A 406 31.28 -32.82 20.59
CA GLU A 406 31.00 -33.53 21.84
C GLU A 406 29.77 -34.40 21.65
N PHE A 407 29.94 -35.71 21.80
CA PHE A 407 28.84 -36.67 21.73
C PHE A 407 28.65 -37.26 23.12
N GLY A 408 27.53 -36.93 23.75
CA GLY A 408 27.25 -37.38 25.10
C GLY A 408 25.94 -38.15 25.14
N VAL A 409 25.86 -39.11 26.06
CA VAL A 409 24.67 -39.91 26.27
C VAL A 409 24.25 -39.74 27.73
N TYR A 410 23.00 -39.33 27.94
CA TYR A 410 22.43 -39.21 29.28
C TYR A 410 21.59 -40.46 29.52
N LEU A 411 22.13 -41.40 30.29
CA LEU A 411 21.50 -42.69 30.52
C LEU A 411 20.94 -42.74 31.93
N VAL A 412 19.69 -43.17 32.06
CA VAL A 412 19.01 -43.32 33.34
C VAL A 412 18.57 -44.76 33.48
N SER A 413 18.96 -45.40 34.57
CA SER A 413 18.64 -46.80 34.84
C SER A 413 17.66 -46.91 35.99
N ASP A 414 16.65 -47.75 35.80
CA ASP A 414 15.62 -47.96 36.81
C ASP A 414 15.87 -49.20 37.67
N GLY A 415 16.98 -49.90 37.46
CA GLY A 415 17.31 -51.09 38.20
C GLY A 415 17.05 -52.39 37.46
N SER A 416 16.25 -52.36 36.40
CA SER A 416 16.00 -53.55 35.60
C SER A 416 17.07 -53.64 34.52
N SER A 417 16.89 -54.56 33.56
CA SER A 417 17.82 -54.74 32.47
C SER A 417 17.50 -53.89 31.26
N ARG A 418 16.72 -52.83 31.43
CA ARG A 418 16.36 -51.93 30.35
C ARG A 418 16.55 -50.48 30.79
N PRO A 419 16.99 -49.60 29.89
CA PRO A 419 17.18 -48.20 30.28
C PRO A 419 15.85 -47.47 30.41
N TYR A 420 15.76 -46.64 31.45
CA TYR A 420 14.57 -45.81 31.64
C TYR A 420 14.55 -44.65 30.66
N ARG A 421 15.69 -43.99 30.44
CA ARG A 421 15.77 -42.83 29.56
C ARG A 421 17.18 -42.75 29.02
N CYS A 422 17.31 -42.62 27.70
CA CYS A 422 18.62 -42.60 27.03
C CYS A 422 18.61 -41.45 26.02
N LYS A 423 19.02 -40.27 26.47
CA LYS A 423 19.10 -39.12 25.57
C LYS A 423 20.38 -39.17 24.75
N ILE A 424 20.25 -38.95 23.45
CA ILE A 424 21.38 -38.87 22.54
C ILE A 424 21.64 -37.40 22.25
N LYS A 425 22.81 -36.91 22.66
CA LYS A 425 23.22 -35.55 22.34
C LYS A 425 24.00 -35.54 21.04
N ALA A 426 23.55 -34.75 20.10
CA ALA A 426 24.22 -34.70 18.82
C ALA A 426 25.13 -33.50 18.74
N PRO A 427 26.38 -33.67 18.31
CA PRO A 427 27.23 -32.50 18.04
C PRO A 427 26.68 -31.62 16.94
N GLY A 428 26.01 -32.20 15.95
CA GLY A 428 25.41 -31.44 14.87
C GLY A 428 24.08 -30.79 15.19
N PHE A 429 23.45 -31.16 16.30
CA PHE A 429 22.18 -30.54 16.67
C PHE A 429 22.36 -29.10 17.13
N ALA A 430 23.37 -28.85 17.98
CA ALA A 430 23.65 -27.49 18.40
C ALA A 430 24.34 -26.70 17.29
N HIS A 431 25.06 -27.39 16.40
CA HIS A 431 25.73 -26.70 15.31
C HIS A 431 24.74 -26.15 14.29
N LEU A 432 23.65 -26.87 14.03
CA LEU A 432 22.60 -26.36 13.16
C LEU A 432 21.76 -25.30 13.83
N ALA A 433 21.78 -25.21 15.16
CA ALA A 433 21.00 -24.21 15.87
C ALA A 433 21.55 -22.81 15.66
N GLY A 434 22.84 -22.68 15.39
CA GLY A 434 23.46 -21.41 15.12
C GLY A 434 23.47 -21.00 13.66
N LEU A 435 22.78 -21.77 12.79
CA LEU A 435 22.82 -21.52 11.35
C LEU A 435 22.19 -20.18 10.98
N ASP A 436 21.20 -19.74 11.74
CA ASP A 436 20.61 -18.42 11.52
C ASP A 436 21.63 -17.32 11.74
N LYS A 437 22.43 -17.43 12.80
CA LYS A 437 23.51 -16.47 13.02
C LYS A 437 24.70 -16.74 12.11
N MET A 438 24.85 -17.98 11.64
CA MET A 438 26.00 -18.35 10.83
C MET A 438 26.00 -17.65 9.49
N SER A 439 24.82 -17.52 8.87
CA SER A 439 24.69 -17.00 7.50
C SER A 439 24.05 -15.62 7.45
N LYS A 440 24.30 -14.80 8.46
CA LYS A 440 23.77 -13.43 8.45
C LYS A 440 24.70 -12.54 7.65
N GLY A 441 24.16 -11.93 6.59
CA GLY A 441 24.93 -11.06 5.73
C GLY A 441 25.67 -11.73 4.61
N HIS A 442 25.50 -13.04 4.43
CA HIS A 442 26.17 -13.77 3.37
C HIS A 442 25.22 -13.98 2.19
N MET A 443 25.75 -14.55 1.11
CA MET A 443 25.02 -14.73 -0.13
C MET A 443 24.32 -16.10 -0.10
N LEU A 444 23.25 -16.23 -0.88
CA LEU A 444 22.45 -17.45 -0.94
C LEU A 444 23.24 -18.68 -1.39
N ALA A 445 24.34 -18.49 -2.10
CA ALA A 445 25.18 -19.61 -2.52
C ALA A 445 26.22 -20.00 -1.47
N ASP A 446 26.29 -19.27 -0.36
CA ASP A 446 27.24 -19.59 0.71
C ASP A 446 26.70 -20.58 1.72
N VAL A 447 25.38 -20.84 1.72
CA VAL A 447 24.82 -21.78 2.67
C VAL A 447 25.18 -23.22 2.31
N VAL A 448 25.52 -23.49 1.05
CA VAL A 448 26.02 -24.81 0.68
C VAL A 448 27.44 -25.03 1.17
N ALA A 449 28.13 -23.98 1.61
CA ALA A 449 29.44 -24.10 2.26
C ALA A 449 29.35 -23.95 3.77
N ILE A 450 28.40 -23.15 4.27
CA ILE A 450 28.21 -23.03 5.71
C ILE A 450 27.64 -24.33 6.28
N ILE A 451 26.75 -24.98 5.54
CA ILE A 451 26.36 -26.34 5.89
C ILE A 451 27.55 -27.29 5.77
N GLY A 452 28.42 -27.05 4.79
CA GLY A 452 29.55 -27.94 4.57
C GLY A 452 30.57 -27.92 5.70
N THR A 453 30.89 -26.74 6.25
CA THR A 453 31.94 -26.64 7.24
C THR A 453 31.55 -27.22 8.59
N GLN A 454 30.26 -27.38 8.86
CA GLN A 454 29.80 -28.10 10.03
C GLN A 454 29.46 -29.53 9.61
N ASP A 455 30.01 -30.50 10.33
CA ASP A 455 29.74 -31.89 9.95
C ASP A 455 28.31 -32.24 10.34
N ILE A 456 27.37 -31.91 9.46
CA ILE A 456 25.96 -32.08 9.72
C ILE A 456 25.49 -33.33 9.00
N VAL A 457 25.10 -34.33 9.76
CA VAL A 457 24.54 -35.57 9.24
C VAL A 457 23.13 -35.71 9.80
N PHE A 458 22.15 -35.85 8.92
CA PHE A 458 20.75 -35.75 9.30
C PHE A 458 20.21 -37.01 9.97
N GLY A 459 21.07 -37.97 10.31
CA GLY A 459 20.67 -39.09 11.12
C GLY A 459 20.61 -38.71 12.59
N GLU A 460 21.72 -38.22 13.13
CA GLU A 460 21.78 -37.85 14.53
C GLU A 460 21.13 -36.50 14.82
N VAL A 461 20.90 -35.67 13.80
CA VAL A 461 20.19 -34.41 14.03
C VAL A 461 18.72 -34.68 14.34
N ASP A 462 18.09 -35.57 13.57
CA ASP A 462 16.67 -35.87 13.73
C ASP A 462 16.39 -37.07 14.62
N ARG A 463 17.42 -37.81 15.03
CA ARG A 463 17.31 -39.01 15.88
C ARG A 463 16.34 -40.06 15.33
N MET B 1 21.59 -17.68 -52.63
CA MET B 1 20.43 -18.53 -52.38
C MET B 1 20.87 -19.82 -51.71
N ASN B 2 22.14 -20.18 -51.87
CA ASN B 2 22.68 -21.37 -51.21
C ASN B 2 22.70 -21.19 -49.69
N LEU B 3 22.99 -19.98 -49.22
CA LEU B 3 22.95 -19.69 -47.79
C LEU B 3 21.54 -19.86 -47.23
N MET B 4 20.53 -19.36 -47.96
CA MET B 4 19.16 -19.54 -47.53
C MET B 4 18.72 -20.98 -47.65
N ILE B 5 19.27 -21.73 -48.61
CA ILE B 5 19.00 -23.16 -48.72
C ILE B 5 19.53 -23.89 -47.48
N THR B 6 20.74 -23.55 -47.06
CA THR B 6 21.31 -24.13 -45.84
C THR B 6 20.49 -23.77 -44.61
N LEU B 7 20.05 -22.51 -44.53
CA LEU B 7 19.24 -22.08 -43.39
C LEU B 7 17.90 -22.81 -43.34
N LEU B 8 17.25 -22.97 -44.49
CA LEU B 8 15.98 -23.68 -44.54
C LEU B 8 16.15 -25.16 -44.20
N THR B 9 17.21 -25.79 -44.72
CA THR B 9 17.47 -27.19 -44.40
C THR B 9 17.74 -27.37 -42.92
N ASN B 10 18.50 -26.47 -42.32
CA ASN B 10 18.84 -26.57 -40.91
C ASN B 10 17.61 -26.34 -40.04
N PHE B 11 16.79 -25.35 -40.39
CA PHE B 11 15.57 -25.07 -39.63
C PHE B 11 14.57 -26.21 -39.76
N THR B 12 14.48 -26.84 -40.93
CA THR B 12 13.57 -27.96 -41.08
C THR B 12 14.07 -29.19 -40.36
N LEU B 13 15.40 -29.39 -40.27
CA LEU B 13 15.92 -30.49 -39.47
C LEU B 13 15.64 -30.26 -37.99
N ALA B 14 15.75 -29.01 -37.53
CA ALA B 14 15.39 -28.69 -36.15
C ALA B 14 13.89 -28.91 -35.91
N THR B 15 13.06 -28.57 -36.89
CA THR B 15 11.63 -28.83 -36.80
C THR B 15 11.33 -30.32 -36.72
N LEU B 16 12.05 -31.13 -37.52
CA LEU B 16 11.90 -32.58 -37.47
C LEU B 16 12.31 -33.13 -36.10
N LEU B 17 13.41 -32.61 -35.54
CA LEU B 17 13.86 -33.06 -34.23
C LEU B 17 12.85 -32.71 -33.14
N VAL B 18 12.29 -31.49 -33.18
CA VAL B 18 11.32 -31.14 -32.15
C VAL B 18 10.00 -31.85 -32.36
N THR B 19 9.68 -32.22 -33.61
CA THR B 19 8.46 -32.99 -33.86
C THR B 19 8.61 -34.42 -33.34
N ILE B 20 9.80 -35.00 -33.51
CA ILE B 20 10.07 -36.32 -32.93
C ILE B 20 10.04 -36.24 -31.41
N ALA B 21 10.59 -35.17 -30.82
CA ALA B 21 10.62 -35.06 -29.37
C ALA B 21 9.27 -34.66 -28.78
N PHE B 22 8.33 -34.17 -29.57
CA PHE B 22 7.07 -33.67 -29.05
C PHE B 22 5.86 -34.54 -29.39
N TRP B 23 5.82 -35.17 -30.57
CA TRP B 23 4.65 -35.91 -31.00
C TRP B 23 4.86 -37.42 -31.16
N LEU B 24 6.09 -37.86 -31.39
CA LEU B 24 6.35 -39.30 -31.47
C LEU B 24 6.09 -40.05 -30.16
N PRO B 25 6.49 -39.59 -28.96
CA PRO B 25 6.12 -40.34 -27.74
C PRO B 25 4.64 -40.25 -27.37
N GLN B 26 3.82 -39.51 -28.11
CA GLN B 26 2.40 -39.46 -27.84
C GLN B 26 1.67 -40.74 -28.24
N LEU B 27 2.34 -41.64 -28.98
CA LEU B 27 1.75 -42.94 -29.28
C LEU B 27 1.57 -43.78 -28.04
N ASN B 28 2.45 -43.62 -27.05
CA ASN B 28 2.38 -44.39 -25.83
C ASN B 28 1.18 -43.96 -24.98
N VAL B 29 0.74 -44.88 -24.13
CA VAL B 29 -0.50 -44.70 -23.36
C VAL B 29 -0.21 -44.69 -21.87
N TYR B 30 0.93 -44.10 -21.47
CA TYR B 30 1.46 -44.19 -20.12
C TYR B 30 0.51 -43.71 -19.02
N SER B 31 0.23 -42.41 -18.97
CA SER B 31 -0.56 -41.84 -17.88
C SER B 31 -0.93 -40.41 -18.22
N GLU B 32 -1.86 -39.86 -17.43
CA GLU B 32 -2.17 -38.43 -17.43
C GLU B 32 -1.74 -37.85 -16.10
N LYS B 33 -0.92 -36.81 -16.14
CA LYS B 33 -0.33 -36.23 -14.93
C LYS B 33 -1.20 -35.06 -14.47
N THR B 34 -2.00 -35.30 -13.42
CA THR B 34 -2.79 -34.22 -12.83
C THR B 34 -1.89 -33.21 -12.13
N SER B 35 -0.95 -33.70 -11.30
CA SER B 35 0.07 -32.93 -10.60
C SER B 35 -0.51 -31.77 -9.78
N PRO B 36 -1.19 -32.04 -8.66
CA PRO B 36 -1.75 -30.95 -7.86
C PRO B 36 -0.70 -30.33 -6.92
N ASP B 42 8.66 -25.26 -6.37
CA ASP B 42 9.37 -23.98 -6.44
C ASP B 42 9.30 -23.26 -5.10
N PRO B 43 10.39 -22.55 -4.74
CA PRO B 43 10.39 -21.77 -3.50
C PRO B 43 9.40 -20.62 -3.47
N MET B 44 8.94 -20.16 -4.64
CA MET B 44 8.04 -19.00 -4.73
C MET B 44 6.65 -19.43 -4.32
N GLY B 45 6.27 -19.11 -3.08
CA GLY B 45 4.94 -19.45 -2.61
C GLY B 45 3.83 -18.62 -3.22
N SER B 46 3.72 -17.36 -2.81
CA SER B 46 2.73 -16.46 -3.39
C SER B 46 3.24 -15.03 -3.59
N ALA B 47 4.51 -14.75 -3.32
CA ALA B 47 5.00 -13.38 -3.39
C ALA B 47 5.28 -12.96 -4.83
N ARG B 48 5.21 -11.66 -5.07
CA ARG B 48 5.55 -11.11 -6.37
C ARG B 48 7.04 -11.18 -6.61
N LEU B 49 7.42 -11.18 -7.89
CA LEU B 49 8.83 -11.26 -8.26
C LEU B 49 9.54 -9.97 -7.89
N PRO B 50 10.58 -10.02 -7.06
CA PRO B 50 11.27 -8.78 -6.68
C PRO B 50 12.05 -8.20 -7.85
N PHE B 51 12.12 -6.87 -7.87
CA PHE B 51 12.77 -6.14 -8.95
C PHE B 51 14.21 -5.84 -8.51
N SER B 52 15.10 -6.80 -8.71
CA SER B 52 16.51 -6.65 -8.39
C SER B 52 17.13 -5.67 -9.39
N MET B 53 17.34 -4.43 -8.94
CA MET B 53 17.69 -3.33 -9.83
C MET B 53 19.07 -3.48 -10.45
N LYS B 54 19.97 -4.22 -9.78
CA LYS B 54 21.34 -4.37 -10.26
C LYS B 54 21.39 -5.12 -11.59
N PHE B 55 20.48 -6.07 -11.78
CA PHE B 55 20.44 -6.81 -13.04
C PHE B 55 20.04 -5.91 -14.20
N PHE B 56 19.04 -5.05 -13.99
CA PHE B 56 18.65 -4.09 -15.02
C PHE B 56 19.77 -3.09 -15.30
N LEU B 57 20.45 -2.64 -14.24
CA LEU B 57 21.56 -1.71 -14.38
C LEU B 57 22.71 -2.32 -15.19
N VAL B 58 23.06 -3.57 -14.91
CA VAL B 58 24.16 -4.18 -15.66
C VAL B 58 23.72 -4.52 -17.07
N ALA B 59 22.41 -4.76 -17.29
CA ALA B 59 21.92 -4.98 -18.65
C ALA B 59 22.02 -3.73 -19.50
N ILE B 60 21.61 -2.57 -18.96
CA ILE B 60 21.72 -1.36 -19.76
C ILE B 60 23.17 -0.90 -19.88
N THR B 61 24.02 -1.24 -18.91
CA THR B 61 25.45 -0.99 -19.05
C THR B 61 26.03 -1.83 -20.19
N PHE B 62 25.61 -3.10 -20.28
CA PHE B 62 25.96 -3.95 -21.43
C PHE B 62 25.49 -3.32 -22.73
N LEU B 63 24.28 -2.77 -22.74
CA LEU B 63 23.73 -2.16 -23.95
C LEU B 63 24.59 -0.97 -24.40
N LEU B 64 24.93 -0.08 -23.47
CA LEU B 64 25.74 1.08 -23.84
C LEU B 64 27.14 0.68 -24.29
N PHE B 65 27.75 -0.29 -23.61
CA PHE B 65 29.08 -0.74 -24.00
C PHE B 65 29.06 -1.42 -25.36
N ASP B 66 28.01 -2.20 -25.66
CA ASP B 66 27.90 -2.84 -26.96
C ASP B 66 27.66 -1.82 -28.06
N LEU B 67 26.89 -0.77 -27.78
CA LEU B 67 26.67 0.29 -28.75
C LEU B 67 27.99 0.98 -29.12
N GLU B 68 28.77 1.35 -28.12
CA GLU B 68 30.01 2.01 -28.51
C GLU B 68 31.10 1.03 -28.93
N ILE B 69 30.90 -0.28 -28.68
CA ILE B 69 31.72 -1.28 -29.33
C ILE B 69 31.43 -1.32 -30.83
N ALA B 70 30.15 -1.22 -31.20
CA ALA B 70 29.78 -1.08 -32.61
C ALA B 70 30.36 0.18 -33.21
N LEU B 71 30.45 1.25 -32.41
CA LEU B 71 31.20 2.43 -32.84
C LEU B 71 32.68 2.10 -33.07
N LEU B 72 33.27 1.33 -32.16
CA LEU B 72 34.69 0.99 -32.20
C LEU B 72 35.05 0.01 -33.32
N LEU B 73 34.04 -0.66 -33.89
CA LEU B 73 34.27 -1.78 -34.82
C LEU B 73 35.16 -1.52 -36.03
N PRO B 74 34.96 -0.47 -36.87
CA PRO B 74 35.51 -0.54 -38.23
C PRO B 74 37.01 -0.25 -38.39
N LEU B 75 37.77 -0.35 -37.30
CA LEU B 75 39.21 -0.18 -37.38
C LEU B 75 39.96 -1.08 -38.36
N PRO B 76 39.68 -2.40 -38.49
CA PRO B 76 40.42 -3.18 -39.50
C PRO B 76 40.23 -2.71 -40.93
N TRP B 77 39.04 -2.22 -41.28
CA TRP B 77 38.84 -1.62 -42.58
C TRP B 77 39.46 -0.23 -42.66
N ALA B 78 39.44 0.52 -41.55
CA ALA B 78 39.95 1.88 -41.57
C ALA B 78 41.47 1.96 -41.58
N SER B 79 42.16 0.88 -41.23
CA SER B 79 43.61 0.92 -41.09
C SER B 79 44.36 1.19 -42.39
N GLN B 80 43.71 1.11 -43.53
CA GLN B 80 44.33 1.40 -44.82
C GLN B 80 44.13 2.85 -45.26
N THR B 81 43.58 3.70 -44.40
CA THR B 81 43.31 5.07 -44.79
C THR B 81 44.60 5.89 -44.88
N THR B 82 44.53 7.00 -45.61
CA THR B 82 45.71 7.83 -45.82
C THR B 82 46.08 8.61 -44.56
N ASN B 83 45.09 9.20 -43.89
CA ASN B 83 45.34 10.03 -42.71
C ASN B 83 45.40 9.13 -41.49
N LEU B 84 46.58 8.58 -41.22
CA LEU B 84 46.74 7.64 -40.12
C LEU B 84 46.79 8.35 -38.77
N ASN B 85 47.29 9.58 -38.71
CA ASN B 85 47.40 10.30 -37.44
C ASN B 85 46.03 10.61 -36.86
N THR B 86 45.10 11.06 -37.71
CA THR B 86 43.73 11.34 -37.26
C THR B 86 43.04 10.06 -36.79
N MET B 87 43.26 8.95 -37.51
CA MET B 87 42.73 7.66 -37.07
C MET B 87 43.28 7.25 -35.72
N LEU B 88 44.59 7.40 -35.52
CA LEU B 88 45.21 7.00 -34.27
C LEU B 88 44.68 7.83 -33.11
N THR B 89 44.56 9.14 -33.31
CA THR B 89 44.00 10.02 -32.30
C THR B 89 42.56 9.65 -31.98
N MET B 90 41.76 9.37 -33.01
CA MET B 90 40.35 9.04 -32.81
C MET B 90 40.19 7.72 -32.07
N ALA B 91 40.97 6.69 -32.45
CA ALA B 91 40.85 5.39 -31.80
C ALA B 91 41.32 5.43 -30.36
N LEU B 92 42.46 6.09 -30.10
CA LEU B 92 42.95 6.21 -28.73
C LEU B 92 41.97 7.00 -27.86
N LEU B 93 41.39 8.07 -28.41
CA LEU B 93 40.44 8.86 -27.64
C LEU B 93 39.14 8.10 -27.40
N LEU B 94 38.72 7.26 -28.34
CA LEU B 94 37.50 6.47 -28.14
C LEU B 94 37.71 5.39 -27.07
N ILE B 95 38.86 4.71 -27.10
CA ILE B 95 39.13 3.72 -26.07
C ILE B 95 39.33 4.41 -24.72
N PHE B 96 39.88 5.63 -24.72
CA PHE B 96 39.97 6.41 -23.49
C PHE B 96 38.57 6.78 -22.99
N LEU B 97 37.63 7.06 -23.89
CA LEU B 97 36.26 7.31 -23.47
C LEU B 97 35.63 6.06 -22.86
N LEU B 98 35.94 4.88 -23.40
CA LEU B 98 35.48 3.64 -22.79
C LEU B 98 36.07 3.47 -21.39
N ALA B 99 37.35 3.79 -21.23
CA ALA B 99 37.99 3.70 -19.92
C ALA B 99 37.37 4.70 -18.94
N VAL B 100 37.04 5.90 -19.40
CA VAL B 100 36.45 6.91 -18.53
C VAL B 100 35.05 6.51 -18.11
N SER B 101 34.25 5.96 -19.04
CA SER B 101 32.91 5.49 -18.68
C SER B 101 32.98 4.31 -17.71
N LEU B 102 33.96 3.42 -17.90
CA LEU B 102 34.15 2.32 -16.95
C LEU B 102 34.55 2.84 -15.58
N ALA B 103 35.40 3.87 -15.54
CA ALA B 103 35.81 4.45 -14.26
C ALA B 103 34.64 5.11 -13.55
N TYR B 104 33.78 5.82 -14.30
CA TYR B 104 32.60 6.42 -13.69
C TYR B 104 31.64 5.34 -13.17
N GLU B 105 31.43 4.28 -13.95
CA GLU B 105 30.56 3.20 -13.51
C GLU B 105 31.16 2.48 -12.30
N TRP B 106 32.48 2.51 -12.16
CA TRP B 106 33.13 2.02 -10.95
C TRP B 106 32.85 2.93 -9.76
N THR B 107 32.99 4.24 -9.94
CA THR B 107 33.00 5.16 -8.80
C THR B 107 31.63 5.33 -8.17
N GLN B 108 30.60 5.54 -8.98
CA GLN B 108 29.26 5.83 -8.46
C GLN B 108 28.48 4.58 -8.08
N LYS B 109 29.11 3.72 -7.26
CA LYS B 109 28.49 2.57 -6.60
C LYS B 109 27.86 1.58 -7.59
N GLY B 110 28.31 1.57 -8.84
CA GLY B 110 27.76 0.64 -9.81
C GLY B 110 28.20 -0.79 -9.57
N LEU B 111 29.49 -0.98 -9.32
CA LEU B 111 30.06 -2.32 -9.18
C LEU B 111 30.12 -2.75 -7.72
N GLU B 112 28.99 -2.64 -7.02
CA GLU B 112 28.86 -3.10 -5.65
C GLU B 112 27.53 -3.82 -5.49
N TRP B 113 27.58 -4.91 -4.71
CA TRP B 113 26.52 -5.88 -4.39
C TRP B 113 26.21 -6.79 -5.57
N THR B 114 26.71 -6.43 -6.77
CA THR B 114 26.94 -7.33 -7.90
C THR B 114 28.25 -6.81 -8.49
N GLU B 115 29.37 -7.34 -7.99
CA GLU B 115 30.67 -6.79 -8.37
C GLU B 115 31.06 -7.20 -9.78
N MET C 1 24.60 -30.48 -55.87
CA MET C 1 25.70 -31.08 -55.12
C MET C 1 25.96 -30.31 -53.84
N PHE C 2 25.26 -29.19 -53.68
CA PHE C 2 25.42 -28.36 -52.49
C PHE C 2 24.73 -28.96 -51.27
N MET C 3 23.55 -29.54 -51.46
CA MET C 3 22.82 -30.13 -50.34
C MET C 3 23.52 -31.35 -49.77
N ILE C 4 24.28 -32.08 -50.60
CA ILE C 4 25.11 -33.16 -50.09
C ILE C 4 26.16 -32.61 -49.14
N ASN C 5 26.78 -31.48 -49.50
CA ASN C 5 27.76 -30.84 -48.62
C ASN C 5 27.11 -30.36 -47.33
N VAL C 6 25.89 -29.83 -47.42
CA VAL C 6 25.17 -29.38 -46.23
C VAL C 6 24.90 -30.56 -45.30
N LEU C 7 24.45 -31.69 -45.85
CA LEU C 7 24.18 -32.87 -45.04
C LEU C 7 25.45 -33.43 -44.40
N THR C 8 26.54 -33.48 -45.17
CA THR C 8 27.82 -33.95 -44.63
C THR C 8 28.45 -32.97 -43.68
N LEU C 9 27.96 -31.74 -43.61
CA LEU C 9 28.37 -30.86 -42.52
C LEU C 9 27.49 -31.04 -41.28
N ILE C 10 26.18 -31.24 -41.46
CA ILE C 10 25.28 -31.20 -40.30
C ILE C 10 25.11 -32.54 -39.58
N ILE C 11 25.32 -33.66 -40.26
CA ILE C 11 25.18 -34.96 -39.58
C ILE C 11 26.43 -35.30 -38.74
N PRO C 12 27.66 -35.11 -39.22
CA PRO C 12 28.82 -35.29 -38.32
C PRO C 12 28.85 -34.33 -37.15
N ILE C 13 28.14 -33.19 -37.21
CA ILE C 13 28.04 -32.32 -36.03
C ILE C 13 27.30 -33.05 -34.90
N LEU C 14 26.18 -33.68 -35.24
CA LEU C 14 25.41 -34.44 -34.24
C LEU C 14 26.20 -35.64 -33.74
N LEU C 15 26.89 -36.33 -34.65
CA LEU C 15 27.74 -37.43 -34.20
C LEU C 15 28.87 -36.94 -33.30
N ALA C 16 29.44 -35.78 -33.62
CA ALA C 16 30.53 -35.23 -32.84
C ALA C 16 30.09 -34.79 -31.45
N VAL C 17 28.87 -34.28 -31.32
CA VAL C 17 28.43 -33.88 -29.98
C VAL C 17 27.98 -35.10 -29.15
N ALA C 18 27.42 -36.13 -29.79
CA ALA C 18 27.17 -37.37 -29.06
C ALA C 18 28.47 -37.99 -28.56
N PHE C 19 29.51 -37.98 -29.40
CA PHE C 19 30.79 -38.49 -28.96
C PHE C 19 31.52 -37.51 -28.04
N LEU C 20 31.14 -36.23 -28.04
CA LEU C 20 31.55 -35.32 -26.95
C LEU C 20 31.02 -35.82 -25.61
N THR C 21 29.73 -36.18 -25.57
CA THR C 21 29.17 -36.69 -24.32
C THR C 21 29.86 -37.97 -23.89
N LEU C 22 30.09 -38.89 -24.83
CA LEU C 22 30.72 -40.17 -24.50
C LEU C 22 32.18 -40.00 -24.06
N VAL C 23 32.95 -39.22 -24.82
CA VAL C 23 34.36 -39.01 -24.51
C VAL C 23 34.52 -38.24 -23.21
N GLU C 24 33.66 -37.24 -22.98
CA GLU C 24 33.68 -36.51 -21.72
C GLU C 24 33.36 -37.42 -20.56
N ARG C 25 32.41 -38.36 -20.75
CA ARG C 25 32.08 -39.29 -19.68
C ARG C 25 33.27 -40.18 -19.33
N LYS C 26 33.93 -40.78 -20.33
CA LYS C 26 35.04 -41.67 -19.93
C LYS C 26 36.27 -40.88 -19.51
N VAL C 27 36.44 -39.65 -19.98
CA VAL C 27 37.59 -38.85 -19.54
C VAL C 27 37.40 -38.39 -18.10
N LEU C 28 36.20 -37.91 -17.74
CA LEU C 28 35.92 -37.59 -16.35
C LEU C 28 35.98 -38.83 -15.47
N GLY C 29 35.64 -40.00 -16.01
CA GLY C 29 35.85 -41.22 -15.25
C GLY C 29 37.31 -41.51 -15.01
N TYR C 30 38.13 -41.42 -16.06
CA TYR C 30 39.53 -41.79 -15.93
C TYR C 30 40.34 -40.71 -15.22
N MET C 31 39.86 -39.47 -15.26
CA MET C 31 40.52 -38.40 -14.52
C MET C 31 40.39 -38.61 -13.02
N GLN C 32 39.33 -39.28 -12.58
CA GLN C 32 39.00 -39.44 -11.17
C GLN C 32 39.11 -40.89 -10.72
N PHE C 33 40.09 -41.63 -11.26
CA PHE C 33 40.52 -42.96 -10.85
C PHE C 33 39.51 -44.07 -11.17
N ARG C 34 38.33 -43.73 -11.69
CA ARG C 34 37.33 -44.73 -12.04
C ARG C 34 37.37 -44.99 -13.54
N LYS C 35 36.39 -45.75 -14.03
CA LYS C 35 36.32 -46.12 -15.44
C LYS C 35 35.01 -45.64 -16.05
N GLY C 36 35.02 -45.40 -17.35
CA GLY C 36 33.85 -44.98 -18.07
C GLY C 36 33.07 -46.17 -18.59
N PRO C 37 32.08 -45.90 -19.45
CA PRO C 37 31.23 -46.97 -19.98
C PRO C 37 32.01 -47.92 -20.88
N ASN C 38 32.02 -49.21 -20.52
CA ASN C 38 32.67 -50.22 -21.35
C ASN C 38 31.89 -51.53 -21.40
N VAL C 39 30.61 -51.54 -21.03
CA VAL C 39 29.83 -52.76 -20.94
C VAL C 39 28.97 -52.98 -22.19
N VAL C 40 28.44 -51.89 -22.75
CA VAL C 40 27.48 -52.00 -23.85
C VAL C 40 28.12 -52.60 -25.09
N GLY C 41 29.33 -52.15 -25.43
CA GLY C 41 30.03 -52.68 -26.58
C GLY C 41 31.53 -52.65 -26.38
N PRO C 42 32.28 -52.73 -27.48
CA PRO C 42 33.74 -52.62 -27.37
C PRO C 42 34.17 -51.21 -27.02
N TYR C 43 34.72 -51.05 -25.81
CA TYR C 43 35.17 -49.77 -25.26
C TYR C 43 34.07 -48.71 -25.24
N GLY C 44 32.82 -49.16 -25.02
CA GLY C 44 31.69 -48.25 -24.93
C GLY C 44 31.34 -47.52 -26.20
N LEU C 45 31.44 -48.19 -27.35
CA LEU C 45 31.18 -47.51 -28.63
C LEU C 45 29.71 -47.25 -28.85
N LEU C 46 28.82 -48.10 -28.31
CA LEU C 46 27.39 -48.02 -28.57
C LEU C 46 26.63 -47.28 -27.49
N GLN C 47 27.33 -46.63 -26.55
CA GLN C 47 26.66 -45.86 -25.51
C GLN C 47 25.88 -44.63 -26.02
N PRO C 48 26.40 -43.78 -26.92
CA PRO C 48 25.57 -42.65 -27.38
C PRO C 48 24.32 -43.06 -28.14
N ILE C 49 24.35 -44.21 -28.82
CA ILE C 49 23.15 -44.72 -29.49
C ILE C 49 22.08 -45.04 -28.46
N ALA C 50 22.49 -45.69 -27.36
CA ALA C 50 21.56 -45.98 -26.27
C ALA C 50 21.05 -44.69 -25.63
N ASP C 51 21.92 -43.69 -25.48
CA ASP C 51 21.50 -42.39 -24.95
C ASP C 51 20.45 -41.74 -25.82
N ALA C 52 20.66 -41.73 -27.14
CA ALA C 52 19.74 -41.09 -28.06
C ALA C 52 18.39 -41.81 -28.10
N ILE C 53 18.42 -43.14 -28.19
CA ILE C 53 17.15 -43.88 -28.27
C ILE C 53 16.41 -43.83 -26.93
N LYS C 54 17.14 -43.76 -25.80
CA LYS C 54 16.47 -43.56 -24.52
C LYS C 54 15.80 -42.18 -24.45
N LEU C 55 16.53 -41.13 -24.86
CA LEU C 55 15.98 -39.79 -24.78
C LEU C 55 14.95 -39.49 -25.86
N PHE C 56 14.76 -40.39 -26.82
CA PHE C 56 13.77 -40.18 -27.87
C PHE C 56 12.50 -41.03 -27.72
N ILE C 57 12.34 -41.72 -26.58
CA ILE C 57 11.10 -42.46 -26.30
C ILE C 57 10.53 -42.17 -24.92
N LYS C 58 11.16 -41.31 -24.13
CA LYS C 58 10.69 -41.04 -22.78
C LYS C 58 9.47 -40.12 -22.80
N GLU C 59 8.80 -40.05 -21.64
CA GLU C 59 7.67 -39.16 -21.41
C GLU C 59 8.16 -37.75 -21.10
N PRO C 60 7.41 -36.72 -21.49
CA PRO C 60 7.76 -35.35 -21.08
C PRO C 60 7.44 -35.09 -19.62
N LEU C 61 7.85 -33.91 -19.16
CA LEU C 61 7.64 -33.49 -17.78
C LEU C 61 6.27 -32.85 -17.56
N ARG C 62 5.55 -32.51 -18.63
CA ARG C 62 4.25 -31.85 -18.62
C ARG C 62 4.22 -30.56 -17.80
N PRO C 63 4.84 -29.48 -18.27
CA PRO C 63 4.78 -28.21 -17.54
C PRO C 63 3.53 -27.40 -17.87
N ALA C 64 3.14 -26.55 -16.92
CA ALA C 64 2.03 -25.63 -17.13
C ALA C 64 2.55 -24.49 -18.01
N THR C 65 2.47 -24.70 -19.33
CA THR C 65 3.06 -23.77 -20.27
C THR C 65 2.23 -22.49 -20.37
N SER C 66 2.84 -21.36 -20.01
CA SER C 66 2.19 -20.07 -20.21
C SER C 66 2.07 -19.76 -21.69
N SER C 67 3.11 -20.04 -22.47
CA SER C 67 3.13 -19.80 -23.91
C SER C 67 3.60 -21.08 -24.59
N ILE C 68 2.68 -21.75 -25.29
CA ILE C 68 3.02 -22.99 -25.97
C ILE C 68 3.93 -22.71 -27.18
N SER C 69 3.63 -21.64 -27.91
CA SER C 69 4.42 -21.31 -29.10
C SER C 69 5.86 -20.96 -28.76
N MET C 70 6.06 -20.20 -27.67
CA MET C 70 7.41 -19.88 -27.23
C MET C 70 8.15 -21.12 -26.74
N PHE C 71 7.44 -22.01 -26.03
CA PHE C 71 8.02 -23.25 -25.56
C PHE C 71 8.45 -24.15 -26.72
N ILE C 72 7.69 -24.15 -27.80
CA ILE C 72 8.10 -24.88 -29.00
C ILE C 72 9.28 -24.18 -29.67
N LEU C 73 9.25 -22.84 -29.72
CA LEU C 73 10.22 -22.10 -30.53
C LEU C 73 11.60 -22.07 -29.90
N ALA C 74 11.70 -22.17 -28.58
CA ALA C 74 13.01 -22.05 -27.92
C ALA C 74 14.01 -23.15 -28.31
N PRO C 75 13.68 -24.46 -28.28
CA PRO C 75 14.72 -25.44 -28.69
C PRO C 75 14.99 -25.45 -30.17
N ILE C 76 14.01 -25.11 -31.01
CA ILE C 76 14.26 -24.99 -32.45
C ILE C 76 15.26 -23.89 -32.72
N LEU C 77 15.09 -22.74 -32.07
CA LEU C 77 16.01 -21.63 -32.22
C LEU C 77 17.39 -21.98 -31.67
N ALA C 78 17.44 -22.70 -30.54
CA ALA C 78 18.73 -23.09 -29.97
C ALA C 78 19.49 -24.03 -30.89
N LEU C 79 18.82 -25.05 -31.43
CA LEU C 79 19.49 -25.98 -32.34
C LEU C 79 19.87 -25.29 -33.65
N THR C 80 19.04 -24.37 -34.13
CA THR C 80 19.37 -23.63 -35.35
C THR C 80 20.62 -22.78 -35.15
N LEU C 81 20.67 -22.04 -34.04
CA LEU C 81 21.83 -21.19 -33.76
C LEU C 81 23.08 -22.00 -33.45
N ALA C 82 22.95 -23.25 -33.01
CA ALA C 82 24.14 -24.06 -32.81
C ALA C 82 24.60 -24.76 -34.09
N LEU C 83 23.65 -25.11 -34.96
CA LEU C 83 23.95 -25.94 -36.13
C LEU C 83 24.26 -25.15 -37.39
N THR C 84 23.52 -24.09 -37.68
CA THR C 84 23.77 -23.33 -38.90
C THR C 84 24.99 -22.41 -38.79
N MET C 85 25.56 -22.28 -37.60
CA MET C 85 26.63 -21.34 -37.33
C MET C 85 28.01 -21.89 -37.70
N TRP C 86 28.10 -23.19 -37.98
CA TRP C 86 29.36 -23.83 -38.35
C TRP C 86 29.80 -23.55 -39.78
N ILE C 87 29.04 -22.77 -40.56
CA ILE C 87 29.31 -22.65 -41.99
C ILE C 87 30.67 -22.01 -42.34
N PRO C 88 31.06 -20.85 -41.82
CA PRO C 88 32.18 -20.14 -42.43
C PRO C 88 33.55 -20.59 -41.97
N LEU C 89 33.66 -21.74 -41.31
CA LEU C 89 34.93 -22.23 -40.82
C LEU C 89 35.78 -22.73 -41.99
N PRO C 90 37.00 -22.24 -42.16
CA PRO C 90 37.85 -22.59 -43.29
C PRO C 90 38.70 -23.85 -43.13
N MET C 91 38.11 -25.00 -43.41
CA MET C 91 38.74 -26.29 -43.18
C MET C 91 38.72 -27.16 -44.43
N PRO C 92 39.61 -26.87 -45.41
CA PRO C 92 40.48 -25.71 -45.56
C PRO C 92 39.76 -24.60 -46.31
N TYR C 93 38.59 -24.94 -46.85
CA TYR C 93 37.70 -24.01 -47.50
C TYR C 93 36.34 -24.06 -46.79
N PRO C 94 35.72 -22.92 -46.54
CA PRO C 94 34.41 -22.94 -45.87
C PRO C 94 33.32 -23.45 -46.80
N LEU C 95 32.21 -23.88 -46.19
CA LEU C 95 31.04 -24.26 -46.97
C LEU C 95 30.47 -23.04 -47.68
N ILE C 96 30.27 -21.95 -46.95
CA ILE C 96 29.89 -20.66 -47.51
C ILE C 96 30.95 -19.65 -47.09
N ASN C 97 31.56 -18.98 -48.07
CA ASN C 97 32.66 -18.07 -47.83
C ASN C 97 32.13 -16.64 -47.75
N MET C 98 32.24 -16.04 -46.57
CA MET C 98 31.81 -14.67 -46.36
C MET C 98 33.02 -13.77 -46.14
N ASN C 99 32.91 -12.52 -46.59
CA ASN C 99 33.90 -11.52 -46.26
C ASN C 99 33.82 -11.10 -44.79
N LEU C 100 32.67 -11.31 -44.16
CA LEU C 100 32.42 -10.94 -42.77
C LEU C 100 31.91 -12.14 -41.98
N GLY C 101 32.60 -13.28 -42.14
CA GLY C 101 32.17 -14.49 -41.46
C GLY C 101 32.34 -14.42 -39.95
N VAL C 102 33.43 -13.80 -39.49
CA VAL C 102 33.66 -13.66 -38.05
C VAL C 102 32.61 -12.77 -37.43
N LEU C 103 32.23 -11.69 -38.12
CA LEU C 103 31.13 -10.85 -37.67
C LEU C 103 29.81 -11.60 -37.66
N PHE C 104 29.62 -12.51 -38.62
CA PHE C 104 28.42 -13.33 -38.68
C PHE C 104 28.31 -14.24 -37.45
N MET C 105 29.40 -14.95 -37.15
CA MET C 105 29.42 -15.82 -35.97
C MET C 105 29.27 -15.01 -34.69
N LEU C 106 29.91 -13.83 -34.62
CA LEU C 106 29.82 -13.00 -33.44
C LEU C 106 28.39 -12.49 -33.21
N ALA C 107 27.71 -12.08 -34.28
CA ALA C 107 26.34 -11.60 -34.14
C ALA C 107 25.40 -12.70 -33.69
N MET C 108 25.52 -13.90 -34.27
CA MET C 108 24.61 -14.95 -33.84
C MET C 108 24.97 -15.50 -32.46
N SER C 109 26.25 -15.48 -32.08
CA SER C 109 26.62 -15.84 -30.73
C SER C 109 26.14 -14.80 -29.72
N SER C 110 26.07 -13.53 -30.12
CA SER C 110 25.53 -12.51 -29.26
C SER C 110 24.01 -12.68 -29.08
N LEU C 111 23.33 -13.11 -30.13
CA LEU C 111 21.87 -13.28 -30.04
C LEU C 111 21.46 -14.66 -29.57
N ALA C 112 22.41 -15.57 -29.31
CA ALA C 112 22.09 -16.92 -28.85
C ALA C 112 21.38 -16.95 -27.50
N VAL C 113 21.41 -15.86 -26.73
CA VAL C 113 20.75 -15.83 -25.42
C VAL C 113 19.23 -15.81 -25.50
N TYR C 114 18.66 -15.68 -26.70
CA TYR C 114 17.22 -15.68 -26.84
C TYR C 114 16.60 -17.02 -26.47
N SER C 115 17.34 -18.12 -26.71
CA SER C 115 16.85 -19.43 -26.28
C SER C 115 16.74 -19.51 -24.77
N ILE C 116 17.75 -18.99 -24.06
CA ILE C 116 17.73 -18.97 -22.60
C ILE C 116 16.60 -18.07 -22.09
N LEU C 117 16.40 -16.92 -22.74
CA LEU C 117 15.34 -16.01 -22.33
C LEU C 117 13.97 -16.64 -22.53
N TRP C 118 13.76 -17.32 -23.67
CA TRP C 118 12.47 -17.95 -23.91
C TRP C 118 12.25 -19.17 -23.04
N SER C 119 13.33 -19.87 -22.68
CA SER C 119 13.22 -20.98 -21.73
C SER C 119 12.83 -20.47 -20.34
N GLY C 120 13.39 -19.33 -19.94
CA GLY C 120 12.96 -18.72 -18.68
C GLY C 120 11.54 -18.23 -18.72
N TRP C 121 11.11 -17.70 -19.87
CA TRP C 121 9.75 -17.18 -19.98
C TRP C 121 8.71 -18.29 -20.08
N ALA C 122 9.07 -19.44 -20.63
CA ALA C 122 8.11 -20.52 -20.80
C ALA C 122 7.76 -21.19 -19.48
N SER C 123 8.68 -21.17 -18.52
CA SER C 123 8.44 -21.77 -17.22
C SER C 123 7.80 -20.75 -16.29
N ASN C 124 6.69 -21.13 -15.66
CA ASN C 124 5.96 -20.23 -14.80
C ASN C 124 6.63 -20.01 -13.45
N SER C 125 7.60 -20.85 -13.08
CA SER C 125 8.32 -20.67 -11.83
C SER C 125 9.21 -19.44 -11.89
N LYS C 126 9.10 -18.59 -10.87
CA LYS C 126 9.84 -17.33 -10.87
C LYS C 126 11.32 -17.52 -10.57
N TYR C 127 11.67 -18.58 -9.82
CA TYR C 127 13.09 -18.84 -9.56
C TYR C 127 13.82 -19.25 -10.82
N ALA C 128 13.15 -20.00 -11.70
CA ALA C 128 13.72 -20.31 -13.01
C ALA C 128 13.92 -19.03 -13.83
N LEU C 129 12.98 -18.09 -13.72
CA LEU C 129 13.15 -16.80 -14.40
C LEU C 129 14.33 -16.03 -13.84
N ILE C 130 14.54 -16.07 -12.52
CA ILE C 130 15.68 -15.39 -11.90
C ILE C 130 16.99 -16.02 -12.38
N GLY C 131 17.05 -17.35 -12.41
CA GLY C 131 18.24 -18.02 -12.91
C GLY C 131 18.51 -17.72 -14.37
N ALA C 132 17.45 -17.65 -15.18
CA ALA C 132 17.59 -17.28 -16.59
C ALA C 132 18.11 -15.86 -16.74
N LEU C 133 17.62 -14.93 -15.93
CA LEU C 133 18.10 -13.55 -15.98
C LEU C 133 19.58 -13.47 -15.59
N ARG C 134 19.98 -14.22 -14.55
CA ARG C 134 21.39 -14.23 -14.15
C ARG C 134 22.28 -14.80 -15.26
N ALA C 135 21.84 -15.89 -15.88
CA ALA C 135 22.60 -16.48 -16.98
C ALA C 135 22.69 -15.54 -18.16
N VAL C 136 21.60 -14.83 -18.47
CA VAL C 136 21.60 -13.89 -19.58
C VAL C 136 22.54 -12.73 -19.31
N ALA C 137 22.55 -12.21 -18.08
CA ALA C 137 23.45 -11.11 -17.73
C ALA C 137 24.91 -11.53 -17.83
N GLN C 138 25.23 -12.73 -17.33
CA GLN C 138 26.59 -13.26 -17.45
C GLN C 138 26.98 -13.41 -18.91
N THR C 139 26.07 -13.96 -19.74
CA THR C 139 26.39 -14.20 -21.14
C THR C 139 26.57 -12.91 -21.92
N ILE C 140 25.75 -11.89 -21.66
CA ILE C 140 25.87 -10.65 -22.42
C ILE C 140 27.13 -9.89 -22.03
N SER C 141 27.49 -9.89 -20.73
CA SER C 141 28.76 -9.28 -20.34
C SER C 141 29.95 -10.03 -20.95
N TYR C 142 29.84 -11.36 -21.03
CA TYR C 142 31.01 -12.10 -21.45
C TYR C 142 31.11 -12.04 -22.97
N GLU C 143 29.98 -11.81 -23.64
CA GLU C 143 29.96 -11.45 -25.05
C GLU C 143 30.59 -10.09 -25.31
N VAL C 144 30.41 -9.13 -24.39
CA VAL C 144 31.13 -7.86 -24.51
C VAL C 144 32.64 -8.08 -24.52
N THR C 145 33.14 -8.86 -23.55
CA THR C 145 34.60 -9.04 -23.53
C THR C 145 35.07 -9.89 -24.71
N LEU C 146 34.25 -10.82 -25.20
CA LEU C 146 34.56 -11.56 -26.42
C LEU C 146 34.62 -10.62 -27.62
N ALA C 147 33.70 -9.66 -27.70
CA ALA C 147 33.68 -8.71 -28.80
C ALA C 147 34.94 -7.87 -28.82
N ILE C 148 35.38 -7.39 -27.65
CA ILE C 148 36.60 -6.59 -27.61
C ILE C 148 37.82 -7.44 -28.02
N ILE C 149 37.91 -8.67 -27.50
CA ILE C 149 39.07 -9.53 -27.81
C ILE C 149 39.12 -9.86 -29.29
N LEU C 150 37.97 -10.21 -29.88
CA LEU C 150 37.92 -10.52 -31.30
C LEU C 150 38.18 -9.28 -32.16
N LEU C 151 37.74 -8.11 -31.70
CA LEU C 151 38.03 -6.87 -32.40
C LEU C 151 39.53 -6.64 -32.47
N SER C 152 40.23 -6.87 -31.35
CA SER C 152 41.69 -6.76 -31.35
C SER C 152 42.33 -7.79 -32.28
N VAL C 153 41.80 -9.02 -32.30
CA VAL C 153 42.41 -10.08 -33.09
C VAL C 153 42.31 -9.79 -34.58
N LEU C 154 41.12 -9.44 -35.07
CA LEU C 154 41.04 -9.11 -36.50
C LEU C 154 41.52 -7.70 -36.86
N LEU C 155 41.75 -6.80 -35.91
CA LEU C 155 42.52 -5.64 -36.31
C LEU C 155 44.00 -5.95 -36.40
N MET C 156 44.48 -6.95 -35.67
CA MET C 156 45.80 -7.51 -35.96
C MET C 156 45.81 -8.18 -37.33
N ASN C 157 44.75 -8.91 -37.66
CA ASN C 157 44.67 -9.55 -38.98
C ASN C 157 44.42 -8.54 -40.07
N GLY C 158 43.56 -7.55 -39.82
CA GLY C 158 43.29 -6.48 -40.76
C GLY C 158 42.12 -6.72 -41.70
N SER C 159 41.68 -7.97 -41.84
CA SER C 159 40.54 -8.29 -42.71
C SER C 159 39.60 -9.21 -41.96
N PHE C 160 38.30 -9.03 -42.22
CA PHE C 160 37.28 -9.80 -41.52
C PHE C 160 37.09 -11.21 -42.10
N THR C 161 37.68 -11.51 -43.26
CA THR C 161 37.48 -12.80 -43.88
C THR C 161 38.24 -13.89 -43.12
N LEU C 162 37.56 -15.00 -42.85
CA LEU C 162 38.16 -16.07 -42.07
C LEU C 162 39.18 -16.88 -42.87
N SER C 163 39.02 -16.94 -44.19
CA SER C 163 39.93 -17.74 -45.00
C SER C 163 41.31 -17.08 -45.13
N THR C 164 41.38 -15.74 -45.07
CA THR C 164 42.66 -15.06 -45.12
C THR C 164 43.42 -15.17 -43.81
N LEU C 165 42.74 -15.56 -42.73
CA LEU C 165 43.41 -15.70 -41.44
C LEU C 165 44.38 -16.88 -41.44
N ILE C 166 44.10 -17.91 -42.24
CA ILE C 166 45.05 -19.00 -42.42
C ILE C 166 46.32 -18.50 -43.10
N ILE C 167 46.17 -17.63 -44.10
CA ILE C 167 47.31 -17.03 -44.78
C ILE C 167 48.08 -16.13 -43.82
N THR C 168 47.37 -15.44 -42.92
CA THR C 168 48.03 -14.61 -41.92
C THR C 168 48.88 -15.45 -40.98
N GLN C 169 48.37 -16.58 -40.53
CA GLN C 169 49.13 -17.49 -39.66
C GLN C 169 49.85 -18.54 -40.52
N GLU C 170 50.91 -18.08 -41.18
CA GLU C 170 51.76 -18.96 -41.98
C GLU C 170 53.18 -19.04 -41.45
N GLN C 171 53.81 -17.90 -41.18
CA GLN C 171 55.17 -17.91 -40.63
C GLN C 171 55.15 -18.34 -39.17
N VAL C 172 54.46 -17.58 -38.32
CA VAL C 172 54.35 -17.88 -36.90
C VAL C 172 52.89 -17.86 -36.50
N TRP C 173 52.58 -18.52 -35.39
CA TRP C 173 51.23 -18.55 -34.85
C TRP C 173 50.88 -17.22 -34.21
N LEU C 174 49.57 -16.93 -34.17
CA LEU C 174 49.09 -15.72 -33.55
C LEU C 174 49.23 -15.74 -32.03
N ILE C 175 49.43 -16.92 -31.44
CA ILE C 175 49.53 -17.02 -29.99
C ILE C 175 50.87 -16.45 -29.50
N PHE C 176 51.89 -16.43 -30.37
CA PHE C 176 53.19 -15.90 -29.94
C PHE C 176 53.19 -14.39 -29.71
N PRO C 177 52.68 -13.53 -30.61
CA PRO C 177 52.64 -12.11 -30.27
C PRO C 177 51.32 -11.64 -29.65
N ALA C 178 50.41 -12.55 -29.35
CA ALA C 178 49.16 -12.20 -28.69
C ALA C 178 48.86 -13.19 -27.57
N TRP C 179 49.90 -13.60 -26.84
CA TRP C 179 49.70 -14.49 -25.71
C TRP C 179 48.81 -13.91 -24.58
N PRO C 180 48.86 -12.63 -24.18
CA PRO C 180 47.90 -12.22 -23.14
C PRO C 180 46.47 -12.22 -23.64
N LEU C 181 46.25 -11.77 -24.89
CA LEU C 181 44.97 -11.95 -25.53
C LEU C 181 44.59 -13.42 -25.63
N ALA C 182 45.60 -14.29 -25.80
CA ALA C 182 45.32 -15.72 -25.82
C ALA C 182 44.79 -16.20 -24.46
N MET C 183 45.40 -15.76 -23.35
CA MET C 183 44.90 -16.19 -22.05
C MET C 183 43.50 -15.64 -21.77
N MET C 184 43.24 -14.39 -22.11
CA MET C 184 41.87 -13.88 -21.92
C MET C 184 40.87 -14.59 -22.82
N TRP C 185 41.29 -14.98 -24.04
CA TRP C 185 40.39 -15.74 -24.89
C TRP C 185 40.17 -17.16 -24.36
N PHE C 186 41.19 -17.76 -23.73
CA PHE C 186 41.01 -19.08 -23.12
C PHE C 186 40.07 -19.02 -21.92
N ILE C 187 40.16 -17.97 -21.09
CA ILE C 187 39.15 -17.86 -20.03
C ILE C 187 37.77 -17.59 -20.63
N SER C 188 37.70 -16.82 -21.72
CA SER C 188 36.42 -16.53 -22.33
C SER C 188 35.79 -17.75 -22.99
N THR C 189 36.59 -18.63 -23.60
CA THR C 189 36.01 -19.85 -24.14
C THR C 189 35.69 -20.85 -23.05
N LEU C 190 36.42 -20.82 -21.93
CA LEU C 190 36.03 -21.62 -20.79
C LEU C 190 34.71 -21.15 -20.19
N ALA C 191 34.45 -19.85 -20.27
CA ALA C 191 33.39 -19.24 -19.49
C ALA C 191 32.11 -18.94 -20.26
N GLU C 192 32.19 -18.74 -21.58
CA GLU C 192 31.04 -18.33 -22.36
C GLU C 192 30.08 -19.49 -22.61
N THR C 193 30.54 -20.72 -22.42
CA THR C 193 29.75 -21.90 -22.75
C THR C 193 28.95 -22.42 -21.56
N ASN C 194 28.83 -21.62 -20.50
CA ASN C 194 28.16 -21.98 -19.25
C ASN C 194 28.78 -23.25 -18.66
N ARG C 195 30.07 -23.15 -18.35
CA ARG C 195 30.88 -24.30 -17.98
C ARG C 195 31.55 -24.05 -16.64
N ALA C 196 31.86 -25.14 -15.95
CA ALA C 196 32.65 -25.07 -14.72
C ALA C 196 34.05 -24.55 -15.04
N PRO C 197 34.68 -23.82 -14.12
CA PRO C 197 34.33 -23.47 -12.73
C PRO C 197 33.42 -22.25 -12.57
N PHE C 198 32.73 -21.88 -13.64
CA PHE C 198 31.77 -20.78 -13.63
C PHE C 198 30.37 -21.25 -13.98
N ASP C 199 30.07 -22.52 -13.73
CA ASP C 199 28.78 -23.10 -14.10
C ASP C 199 27.77 -22.78 -13.00
N LEU C 200 27.02 -21.70 -13.18
CA LEU C 200 25.94 -21.34 -12.28
C LEU C 200 24.59 -21.89 -12.72
N THR C 201 24.57 -22.65 -13.80
CA THR C 201 23.32 -23.24 -14.30
C THR C 201 22.99 -24.56 -13.62
N GLU C 202 23.82 -25.02 -12.69
CA GLU C 202 23.56 -26.24 -11.93
C GLU C 202 23.52 -25.98 -10.42
N GLY C 203 24.41 -25.14 -9.91
CA GLY C 203 24.41 -24.84 -8.48
C GLY C 203 23.30 -23.91 -8.08
N GLU C 204 23.11 -23.80 -6.77
CA GLU C 204 22.08 -22.95 -6.20
C GLU C 204 22.64 -21.59 -5.81
N SER C 209 19.71 -24.41 -9.65
CA SER C 209 18.49 -24.41 -10.45
C SER C 209 18.77 -23.99 -11.88
N GLY C 210 18.49 -24.90 -12.82
CA GLY C 210 18.73 -24.61 -14.22
C GLY C 210 17.71 -23.67 -14.83
N PHE C 211 18.02 -23.19 -16.02
CA PHE C 211 17.16 -22.29 -16.76
C PHE C 211 16.13 -23.03 -17.61
N ASN C 212 16.11 -24.36 -17.55
CA ASN C 212 15.17 -25.19 -18.30
C ASN C 212 14.64 -26.31 -17.40
N VAL C 213 14.26 -25.95 -16.17
CA VAL C 213 13.90 -26.97 -15.19
C VAL C 213 12.57 -27.63 -15.53
N GLU C 214 11.58 -26.85 -15.98
CA GLU C 214 10.28 -27.39 -16.32
C GLU C 214 10.21 -27.88 -17.75
N TYR C 215 11.27 -27.71 -18.54
CA TYR C 215 11.28 -28.19 -19.91
C TYR C 215 11.34 -29.71 -19.95
N ALA C 216 10.84 -30.28 -21.05
CA ALA C 216 10.79 -31.73 -21.19
C ALA C 216 12.18 -32.28 -21.49
N ALA C 217 12.30 -33.61 -21.42
CA ALA C 217 13.59 -34.27 -21.61
C ALA C 217 14.07 -34.17 -23.06
N GLY C 218 13.15 -34.13 -24.02
CA GLY C 218 13.49 -33.91 -25.40
C GLY C 218 14.09 -32.54 -25.68
N PRO C 219 13.38 -31.47 -25.27
CA PRO C 219 13.99 -30.14 -25.31
C PRO C 219 15.25 -30.01 -24.46
N PHE C 220 15.35 -30.71 -23.34
CA PHE C 220 16.60 -30.67 -22.56
C PHE C 220 17.75 -31.30 -23.34
N ALA C 221 17.49 -32.43 -24.01
CA ALA C 221 18.50 -33.05 -24.86
C ALA C 221 18.88 -32.14 -26.01
N LEU C 222 17.89 -31.46 -26.59
CA LEU C 222 18.17 -30.51 -27.68
C LEU C 222 19.04 -29.36 -27.19
N PHE C 223 18.75 -28.83 -25.99
CA PHE C 223 19.56 -27.78 -25.40
C PHE C 223 20.98 -28.25 -25.14
N PHE C 224 21.15 -29.48 -24.65
CA PHE C 224 22.48 -29.99 -24.36
C PHE C 224 23.29 -30.21 -25.63
N MET C 225 22.65 -30.74 -26.69
CA MET C 225 23.34 -30.89 -27.97
C MET C 225 23.71 -29.54 -28.56
N ALA C 226 22.83 -28.53 -28.39
CA ALA C 226 23.14 -27.19 -28.87
C ALA C 226 24.32 -26.58 -28.12
N GLU C 227 24.35 -26.74 -26.80
CA GLU C 227 25.45 -26.21 -26.01
C GLU C 227 26.77 -26.89 -26.36
N TYR C 228 26.73 -28.21 -26.57
CA TYR C 228 27.95 -28.92 -26.93
C TYR C 228 28.40 -28.60 -28.35
N ALA C 229 27.45 -28.33 -29.25
CA ALA C 229 27.81 -27.85 -30.58
C ALA C 229 28.49 -26.49 -30.52
N ASN C 230 27.99 -25.59 -29.66
CA ASN C 230 28.66 -24.32 -29.46
C ASN C 230 30.06 -24.50 -28.87
N ILE C 231 30.20 -25.48 -27.97
CA ILE C 231 31.50 -25.78 -27.35
C ILE C 231 32.51 -26.21 -28.43
N ILE C 232 32.11 -27.16 -29.27
CA ILE C 232 33.01 -27.63 -30.33
C ILE C 232 33.28 -26.52 -31.35
N MET C 233 32.26 -25.69 -31.64
CA MET C 233 32.43 -24.59 -32.58
C MET C 233 33.49 -23.62 -32.10
N MET C 234 33.38 -23.18 -30.85
CA MET C 234 34.32 -22.16 -30.37
C MET C 234 35.69 -22.77 -30.04
N ASN C 235 35.74 -24.07 -29.72
CA ASN C 235 37.02 -24.75 -29.62
C ASN C 235 37.74 -24.80 -30.96
N ILE C 236 37.00 -25.15 -32.02
CA ILE C 236 37.57 -25.18 -33.37
C ILE C 236 37.93 -23.78 -33.83
N PHE C 237 37.14 -22.78 -33.43
CA PHE C 237 37.43 -21.38 -33.75
C PHE C 237 38.73 -20.92 -33.10
N THR C 238 38.94 -21.29 -31.83
CA THR C 238 40.20 -21.00 -31.16
C THR C 238 41.36 -21.72 -31.83
N THR C 239 41.14 -22.98 -32.22
CA THR C 239 42.16 -23.76 -32.92
C THR C 239 42.55 -23.10 -34.24
N THR C 240 41.56 -22.64 -35.00
CA THR C 240 41.83 -22.04 -36.31
C THR C 240 42.48 -20.67 -36.17
N LEU C 241 42.01 -19.85 -35.24
CA LEU C 241 42.39 -18.45 -35.21
C LEU C 241 43.59 -18.16 -34.31
N PHE C 242 43.90 -19.01 -33.33
CA PHE C 242 45.11 -18.82 -32.54
C PHE C 242 46.19 -19.84 -32.83
N LEU C 243 45.85 -20.97 -33.46
CA LEU C 243 46.81 -22.05 -33.70
C LEU C 243 46.70 -22.52 -35.14
N GLY C 244 46.71 -21.58 -36.07
CA GLY C 244 46.57 -21.89 -37.49
C GLY C 244 47.65 -22.78 -38.05
N ALA C 245 47.25 -23.89 -38.66
CA ALA C 245 48.19 -24.89 -39.13
C ALA C 245 48.61 -24.61 -40.57
N PHE C 246 49.66 -25.31 -41.00
CA PHE C 246 50.16 -25.18 -42.36
C PHE C 246 49.17 -25.76 -43.35
N HIS C 247 48.88 -25.00 -44.40
CA HIS C 247 47.89 -25.38 -45.41
C HIS C 247 48.52 -25.31 -46.78
N ASN C 248 48.72 -26.46 -47.40
CA ASN C 248 49.16 -26.50 -48.79
C ASN C 248 47.96 -26.30 -49.71
N PRO C 249 48.06 -25.45 -50.73
CA PRO C 249 46.93 -25.29 -51.66
C PRO C 249 46.69 -26.48 -52.55
N TYR C 250 47.66 -27.38 -52.69
CA TYR C 250 47.49 -28.60 -53.45
C TYR C 250 47.28 -29.83 -52.58
N MET C 251 47.60 -29.75 -51.29
CA MET C 251 47.60 -30.90 -50.39
C MET C 251 46.87 -30.46 -49.13
N PRO C 252 45.54 -30.52 -49.13
CA PRO C 252 44.76 -29.88 -48.04
C PRO C 252 44.55 -30.76 -46.81
N GLU C 253 44.59 -32.08 -47.00
CA GLU C 253 44.27 -32.99 -45.92
C GLU C 253 45.30 -32.98 -44.80
N LEU C 254 46.53 -32.52 -45.06
CA LEU C 254 47.46 -32.32 -43.95
C LEU C 254 46.98 -31.21 -43.03
N TYR C 255 46.45 -30.12 -43.61
CA TYR C 255 45.88 -29.06 -42.78
C TYR C 255 44.64 -29.54 -42.05
N THR C 256 43.81 -30.35 -42.71
CA THR C 256 42.62 -30.88 -42.06
C THR C 256 42.97 -31.77 -40.87
N ILE C 257 43.95 -32.65 -41.07
CA ILE C 257 44.43 -33.52 -39.99
C ILE C 257 45.05 -32.70 -38.87
N ASN C 258 45.82 -31.66 -39.22
CA ASN C 258 46.54 -30.89 -38.22
C ASN C 258 45.58 -30.08 -37.35
N PHE C 259 44.60 -29.40 -37.96
CA PHE C 259 43.69 -28.64 -37.11
C PHE C 259 42.70 -29.55 -36.41
N THR C 260 42.42 -30.75 -36.94
CA THR C 260 41.65 -31.74 -36.19
C THR C 260 42.41 -32.17 -34.93
N ILE C 261 43.74 -32.34 -35.05
CA ILE C 261 44.56 -32.72 -33.90
C ILE C 261 44.53 -31.61 -32.85
N LYS C 262 44.73 -30.36 -33.27
CA LYS C 262 44.67 -29.26 -32.30
C LYS C 262 43.28 -29.11 -31.69
N SER C 263 42.23 -29.31 -32.47
CA SER C 263 40.88 -29.27 -31.92
C SER C 263 40.66 -30.36 -30.88
N LEU C 264 41.17 -31.56 -31.13
CA LEU C 264 40.99 -32.66 -30.19
C LEU C 264 41.75 -32.42 -28.89
N LEU C 265 43.02 -31.98 -28.97
CA LEU C 265 43.72 -31.64 -27.72
C LEU C 265 43.15 -30.41 -27.01
N LEU C 266 42.57 -29.45 -27.74
CA LEU C 266 41.91 -28.34 -27.04
C LEU C 266 40.62 -28.78 -26.36
N SER C 267 39.87 -29.71 -26.97
CA SER C 267 38.70 -30.26 -26.29
C SER C 267 39.10 -31.09 -25.07
N ILE C 268 40.23 -31.81 -25.18
CA ILE C 268 40.76 -32.55 -24.04
C ILE C 268 41.17 -31.59 -22.93
N THR C 269 41.73 -30.43 -23.30
CA THR C 269 42.07 -29.40 -22.32
C THR C 269 40.82 -28.82 -21.67
N PHE C 270 39.73 -28.69 -22.44
CA PHE C 270 38.44 -28.28 -21.86
C PHE C 270 37.97 -29.27 -20.80
N LEU C 271 37.98 -30.56 -21.14
CA LEU C 271 37.57 -31.58 -20.18
C LEU C 271 38.52 -31.67 -19.00
N TRP C 272 39.80 -31.33 -19.22
CA TRP C 272 40.78 -31.25 -18.14
C TRP C 272 40.44 -30.15 -17.16
N ILE C 273 40.20 -28.94 -17.69
CA ILE C 273 39.98 -27.77 -16.84
C ILE C 273 38.66 -27.90 -16.08
N ARG C 274 37.63 -28.47 -16.73
CA ARG C 274 36.34 -28.65 -16.06
C ARG C 274 36.40 -29.64 -14.91
N ALA C 275 37.47 -30.44 -14.80
CA ALA C 275 37.59 -31.46 -13.76
C ALA C 275 38.69 -31.12 -12.75
N SER C 276 39.02 -29.84 -12.58
CA SER C 276 40.08 -29.48 -11.65
C SER C 276 39.79 -28.27 -10.78
N TYR C 277 38.64 -27.60 -10.95
CA TYR C 277 38.42 -26.35 -10.24
C TYR C 277 37.02 -26.30 -9.66
N PRO C 278 36.88 -25.85 -8.42
CA PRO C 278 35.54 -25.70 -7.82
C PRO C 278 34.79 -24.52 -8.42
N ARG C 279 33.47 -24.54 -8.26
CA ARG C 279 32.62 -23.52 -8.85
C ARG C 279 32.81 -22.18 -8.15
N PHE C 280 32.65 -21.11 -8.93
CA PHE C 280 32.73 -19.74 -8.42
C PHE C 280 31.35 -19.30 -7.92
N ARG C 281 31.24 -18.02 -7.58
CA ARG C 281 29.96 -17.39 -7.27
C ARG C 281 29.63 -16.37 -8.36
N TYR C 282 28.37 -15.92 -8.35
CA TYR C 282 27.90 -14.98 -9.37
C TYR C 282 28.64 -13.65 -9.27
N ASP C 283 28.67 -13.07 -8.06
CA ASP C 283 29.42 -11.84 -7.85
C ASP C 283 30.92 -12.03 -8.07
N GLN C 284 31.42 -13.26 -7.90
CA GLN C 284 32.84 -13.51 -8.10
C GLN C 284 33.25 -13.35 -9.56
N LEU C 285 32.52 -13.97 -10.49
CA LEU C 285 32.90 -13.79 -11.89
C LEU C 285 32.43 -12.46 -12.46
N MET C 286 31.37 -11.86 -11.88
CA MET C 286 31.06 -10.47 -12.23
C MET C 286 32.20 -9.55 -11.84
N HIS C 287 32.81 -9.78 -10.68
CA HIS C 287 34.01 -9.06 -10.28
C HIS C 287 35.19 -9.41 -11.17
N LEU C 288 35.25 -10.64 -11.66
CA LEU C 288 36.34 -11.07 -12.54
C LEU C 288 36.33 -10.28 -13.84
N LEU C 289 35.16 -10.10 -14.46
CA LEU C 289 35.16 -9.27 -15.66
C LEU C 289 35.17 -7.77 -15.30
N TRP C 290 34.16 -7.30 -14.58
CA TRP C 290 33.87 -5.88 -14.49
C TRP C 290 34.93 -5.10 -13.72
N LYS C 291 35.85 -5.77 -13.04
CA LYS C 291 36.93 -5.10 -12.35
C LYS C 291 38.32 -5.65 -12.65
N ASN C 292 38.43 -6.77 -13.36
CA ASN C 292 39.74 -7.32 -13.65
C ASN C 292 39.97 -7.65 -15.13
N PHE C 293 38.95 -8.09 -15.85
CA PHE C 293 39.16 -8.42 -17.25
C PHE C 293 39.05 -7.20 -18.16
N LEU C 294 38.07 -6.34 -17.90
CA LEU C 294 37.78 -5.24 -18.81
C LEU C 294 38.91 -4.21 -18.93
N PRO C 295 39.55 -3.70 -17.86
CA PRO C 295 40.63 -2.73 -18.09
C PRO C 295 41.86 -3.32 -18.78
N LEU C 296 42.23 -4.55 -18.44
CA LEU C 296 43.35 -5.20 -19.12
C LEU C 296 43.02 -5.45 -20.59
N THR C 297 41.77 -5.82 -20.88
CA THR C 297 41.36 -6.04 -22.27
C THR C 297 41.37 -4.73 -23.05
N LEU C 298 40.93 -3.63 -22.42
CA LEU C 298 40.97 -2.33 -23.07
C LEU C 298 42.40 -1.88 -23.33
N ALA C 299 43.30 -2.11 -22.37
CA ALA C 299 44.70 -1.76 -22.55
C ALA C 299 45.33 -2.58 -23.67
N LEU C 300 44.99 -3.86 -23.76
CA LEU C 300 45.48 -4.71 -24.84
C LEU C 300 44.96 -4.23 -26.19
N CYS C 301 43.70 -3.80 -26.24
CA CYS C 301 43.14 -3.28 -27.48
C CYS C 301 43.84 -1.99 -27.89
N MET C 302 44.12 -1.10 -26.92
CA MET C 302 44.86 0.12 -27.20
C MET C 302 46.25 -0.18 -27.74
N TRP C 303 46.96 -1.10 -27.09
CA TRP C 303 48.31 -1.45 -27.52
C TRP C 303 48.32 -2.08 -28.90
N HIS C 304 47.38 -2.97 -29.17
CA HIS C 304 47.37 -3.66 -30.46
C HIS C 304 46.82 -2.80 -31.59
N VAL C 305 46.08 -1.74 -31.28
CA VAL C 305 45.70 -0.78 -32.31
C VAL C 305 46.76 0.31 -32.51
N SER C 306 47.66 0.49 -31.54
CA SER C 306 48.75 1.44 -31.72
C SER C 306 50.01 0.80 -32.29
N LEU C 307 50.14 -0.53 -32.20
CA LEU C 307 51.39 -1.17 -32.58
C LEU C 307 51.66 -1.19 -34.10
N PRO C 308 50.75 -1.67 -34.97
CA PRO C 308 51.14 -1.78 -36.40
C PRO C 308 51.42 -0.47 -37.09
N ILE C 309 50.88 0.65 -36.59
CA ILE C 309 51.22 1.95 -37.16
C ILE C 309 52.65 2.32 -36.82
N LEU C 310 53.09 2.07 -35.58
CA LEU C 310 54.45 2.40 -35.18
C LEU C 310 55.47 1.39 -35.67
N LEU C 311 55.04 0.20 -36.09
CA LEU C 311 55.94 -0.84 -36.54
C LEU C 311 56.01 -0.95 -38.06
N SER C 312 55.27 -0.11 -38.78
CA SER C 312 55.10 -0.20 -40.24
C SER C 312 54.63 -1.59 -40.65
N SER C 313 53.69 -2.14 -39.86
CA SER C 313 53.21 -3.50 -40.03
C SER C 313 51.69 -3.54 -40.15
N ILE C 314 51.09 -2.53 -40.77
CA ILE C 314 49.65 -2.53 -40.99
C ILE C 314 49.32 -3.59 -42.02
N PRO C 315 48.51 -4.58 -41.67
CA PRO C 315 48.26 -5.71 -42.58
C PRO C 315 47.39 -5.29 -43.75
N PRO C 316 47.46 -6.00 -44.87
CA PRO C 316 46.66 -5.62 -46.03
C PRO C 316 45.17 -5.90 -45.83
N GLN C 317 44.34 -5.00 -46.36
CA GLN C 317 42.91 -5.23 -46.39
C GLN C 317 42.56 -6.42 -47.27
N THR C 318 43.20 -6.51 -48.43
CA THR C 318 42.95 -7.60 -49.36
C THR C 318 44.05 -8.66 -49.28
N MET D 1 8.64 -14.72 -59.88
CA MET D 1 8.34 -14.68 -58.45
C MET D 1 9.62 -14.43 -57.65
N MET D 2 10.70 -15.08 -58.06
CA MET D 2 11.97 -14.97 -57.35
C MET D 2 12.53 -13.55 -57.43
N THR D 3 12.44 -12.93 -58.61
CA THR D 3 13.10 -11.65 -58.86
C THR D 3 12.54 -10.52 -58.00
N TYR D 4 11.34 -10.67 -57.44
CA TYR D 4 10.76 -9.70 -56.53
C TYR D 4 11.03 -10.04 -55.07
N ILE D 5 12.14 -10.76 -54.79
CA ILE D 5 12.35 -11.38 -53.47
C ILE D 5 12.36 -10.32 -52.36
N VAL D 6 13.09 -9.23 -52.58
CA VAL D 6 13.15 -8.13 -51.62
C VAL D 6 11.76 -7.58 -51.38
N PHE D 7 11.02 -7.34 -52.48
CA PHE D 7 9.63 -6.88 -52.36
C PHE D 7 8.80 -7.88 -51.58
N ILE D 8 8.99 -9.18 -51.85
CA ILE D 8 8.28 -10.20 -51.10
C ILE D 8 8.64 -10.11 -49.63
N LEU D 9 9.94 -9.98 -49.34
CA LEU D 9 10.38 -9.80 -47.97
C LEU D 9 9.83 -8.51 -47.39
N SER D 10 9.74 -7.46 -48.23
CA SER D 10 9.17 -6.21 -47.79
C SER D 10 7.72 -6.39 -47.36
N ILE D 11 6.97 -7.21 -48.10
CA ILE D 11 5.60 -7.53 -47.72
C ILE D 11 5.60 -8.22 -46.37
N ILE D 12 6.50 -9.20 -46.19
CA ILE D 12 6.64 -9.88 -44.92
C ILE D 12 7.04 -8.89 -43.84
N PHE D 13 7.89 -7.93 -44.22
CA PHE D 13 8.29 -6.88 -43.28
C PHE D 13 7.08 -6.11 -42.77
N VAL D 14 6.18 -5.73 -43.67
CA VAL D 14 4.95 -5.07 -43.26
C VAL D 14 4.13 -6.00 -42.37
N MET D 15 4.07 -7.27 -42.76
CA MET D 15 3.41 -8.29 -41.94
C MET D 15 4.02 -8.36 -40.56
N GLY D 16 5.36 -8.29 -40.48
CA GLY D 16 6.01 -8.34 -39.20
C GLY D 16 5.61 -7.18 -38.31
N PHE D 17 5.42 -6.00 -38.91
CA PHE D 17 5.00 -4.85 -38.12
C PHE D 17 3.57 -5.05 -37.62
N VAL D 18 2.70 -5.65 -38.45
CA VAL D 18 1.36 -5.97 -38.00
C VAL D 18 1.42 -6.97 -36.86
N GLY D 19 2.44 -7.84 -36.88
CA GLY D 19 2.64 -8.82 -35.82
C GLY D 19 2.86 -8.21 -34.45
N PHE D 20 3.22 -6.92 -34.39
CA PHE D 20 3.22 -6.22 -33.11
C PHE D 20 2.45 -4.91 -33.17
N SER D 21 1.69 -4.66 -34.23
CA SER D 21 0.96 -3.40 -34.32
C SER D 21 -0.20 -3.34 -33.34
N SER D 22 -0.91 -4.46 -33.15
CA SER D 22 -2.05 -4.46 -32.25
C SER D 22 -1.62 -4.45 -30.79
N LYS D 23 -0.39 -4.89 -30.47
CA LYS D 23 0.20 -4.95 -29.14
C LYS D 23 -0.67 -5.68 -28.12
N PRO D 24 -0.82 -7.01 -28.23
CA PRO D 24 -1.62 -7.72 -27.22
C PRO D 24 -0.86 -7.91 -25.91
N SER D 25 0.45 -8.14 -26.01
CA SER D 25 1.32 -8.36 -24.87
C SER D 25 2.73 -8.00 -25.30
N PRO D 26 3.55 -7.43 -24.41
CA PRO D 26 4.89 -6.99 -24.84
C PRO D 26 5.81 -8.11 -25.29
N ILE D 27 5.68 -9.32 -24.73
CA ILE D 27 6.59 -10.41 -25.10
C ILE D 27 6.30 -10.89 -26.52
N TYR D 28 5.02 -11.07 -26.86
CA TYR D 28 4.66 -11.48 -28.21
C TYR D 28 4.96 -10.37 -29.22
N GLY D 29 4.78 -9.12 -28.80
CA GLY D 29 5.18 -8.00 -29.65
C GLY D 29 6.68 -7.97 -29.90
N GLY D 30 7.47 -8.27 -28.87
CA GLY D 30 8.91 -8.36 -29.05
C GLY D 30 9.31 -9.48 -29.98
N LEU D 31 8.63 -10.64 -29.88
CA LEU D 31 8.91 -11.74 -30.80
C LEU D 31 8.56 -11.37 -32.23
N GLY D 32 7.40 -10.74 -32.44
CA GLY D 32 7.02 -10.34 -33.78
C GLY D 32 7.96 -9.30 -34.38
N LEU D 33 8.41 -8.36 -33.56
CA LEU D 33 9.34 -7.36 -34.07
C LEU D 33 10.75 -7.93 -34.22
N ILE D 34 11.10 -9.00 -33.49
CA ILE D 34 12.33 -9.74 -33.77
C ILE D 34 12.27 -10.35 -35.16
N VAL D 35 11.13 -10.98 -35.49
CA VAL D 35 10.96 -11.55 -36.82
C VAL D 35 10.99 -10.47 -37.90
N SER D 36 10.37 -9.32 -37.62
CA SER D 36 10.40 -8.21 -38.56
C SER D 36 11.79 -7.64 -38.74
N GLY D 37 12.59 -7.58 -37.67
CA GLY D 37 13.97 -7.15 -37.79
C GLY D 37 14.79 -8.11 -38.63
N GLY D 38 14.53 -9.41 -38.47
CA GLY D 38 15.22 -10.40 -39.30
C GLY D 38 14.91 -10.25 -40.77
N VAL D 39 13.62 -10.08 -41.12
CA VAL D 39 13.29 -9.97 -42.53
C VAL D 39 13.73 -8.61 -43.10
N GLY D 40 13.71 -7.55 -42.29
CA GLY D 40 14.24 -6.28 -42.75
C GLY D 40 15.75 -6.32 -42.99
N CYS D 41 16.46 -7.06 -42.14
CA CYS D 41 17.88 -7.25 -42.38
C CYS D 41 18.12 -8.09 -43.64
N GLY D 42 17.25 -9.06 -43.91
CA GLY D 42 17.33 -9.77 -45.16
C GLY D 42 17.12 -8.86 -46.36
N ILE D 43 16.20 -7.90 -46.23
CA ILE D 43 16.00 -6.87 -47.24
C ILE D 43 17.28 -6.07 -47.47
N VAL D 44 17.93 -5.67 -46.38
CA VAL D 44 19.19 -4.92 -46.48
C VAL D 44 20.28 -5.77 -47.13
N LEU D 45 20.38 -7.04 -46.72
CA LEU D 45 21.43 -7.93 -47.21
C LEU D 45 21.28 -8.23 -48.69
N ASN D 46 20.04 -8.29 -49.19
CA ASN D 46 19.86 -8.56 -50.61
C ASN D 46 20.25 -7.39 -51.52
N PHE D 47 20.52 -6.22 -50.96
CA PHE D 47 21.00 -5.08 -51.74
C PHE D 47 22.52 -4.98 -51.77
N GLY D 48 23.23 -5.93 -51.18
CA GLY D 48 24.68 -5.91 -51.15
C GLY D 48 25.29 -5.30 -49.91
N GLY D 49 24.47 -4.85 -48.95
CA GLY D 49 24.96 -4.28 -47.72
C GLY D 49 25.17 -5.29 -46.60
N SER D 50 26.24 -6.08 -46.70
CA SER D 50 26.51 -7.08 -45.67
C SER D 50 26.84 -6.45 -44.34
N PHE D 51 27.63 -5.37 -44.35
CA PHE D 51 28.06 -4.75 -43.10
C PHE D 51 26.90 -4.12 -42.34
N LEU D 52 26.00 -3.43 -43.05
CA LEU D 52 24.85 -2.84 -42.39
C LEU D 52 23.87 -3.90 -41.89
N GLY D 53 23.73 -4.99 -42.64
CA GLY D 53 22.89 -6.09 -42.18
C GLY D 53 23.43 -6.75 -40.93
N LEU D 54 24.74 -6.95 -40.86
CA LEU D 54 25.29 -7.53 -39.64
C LEU D 54 25.37 -6.51 -38.50
N MET D 55 25.36 -5.22 -38.81
CA MET D 55 25.10 -4.22 -37.78
C MET D 55 23.71 -4.39 -37.21
N VAL D 56 22.73 -4.67 -38.06
CA VAL D 56 21.37 -4.89 -37.60
C VAL D 56 21.28 -6.14 -36.73
N PHE D 57 21.90 -7.24 -37.18
CA PHE D 57 21.90 -8.49 -36.40
C PHE D 57 22.63 -8.33 -35.07
N LEU D 58 23.81 -7.73 -35.09
CA LEU D 58 24.69 -7.76 -33.92
C LEU D 58 24.20 -6.82 -32.83
N ILE D 59 23.69 -5.65 -33.21
CA ILE D 59 23.39 -4.58 -32.27
C ILE D 59 21.91 -4.43 -32.03
N TYR D 60 21.12 -4.29 -33.09
CA TYR D 60 19.68 -4.05 -32.92
C TYR D 60 18.98 -5.28 -32.37
N LEU D 61 19.29 -6.46 -32.90
CA LEU D 61 18.59 -7.67 -32.50
C LEU D 61 19.29 -8.37 -31.32
N GLY D 62 20.57 -8.68 -31.48
CA GLY D 62 21.29 -9.45 -30.49
C GLY D 62 21.89 -8.69 -29.33
N GLY D 63 21.79 -7.37 -29.31
CA GLY D 63 22.44 -6.62 -28.24
C GLY D 63 21.57 -5.57 -27.57
N MET D 64 20.41 -5.29 -28.14
CA MET D 64 19.56 -4.24 -27.59
C MET D 64 18.14 -4.70 -27.34
N MET D 65 17.56 -5.47 -28.25
CA MET D 65 16.25 -6.07 -27.99
C MET D 65 16.37 -7.23 -27.01
N VAL D 66 17.57 -7.77 -26.83
CA VAL D 66 17.85 -8.64 -25.70
C VAL D 66 17.65 -7.88 -24.39
N VAL D 67 18.15 -6.64 -24.32
CA VAL D 67 17.92 -5.80 -23.15
C VAL D 67 16.44 -5.46 -23.01
N PHE D 68 15.74 -5.27 -24.12
CA PHE D 68 14.29 -5.04 -24.05
C PHE D 68 13.56 -6.23 -23.45
N GLY D 69 13.93 -7.44 -23.88
CA GLY D 69 13.34 -8.63 -23.28
C GLY D 69 13.72 -8.79 -21.82
N TYR D 70 14.95 -8.41 -21.47
CA TYR D 70 15.40 -8.46 -20.08
C TYR D 70 14.58 -7.52 -19.20
N THR D 71 14.29 -6.32 -19.71
CA THR D 71 13.49 -5.36 -18.94
C THR D 71 12.05 -5.81 -18.85
N THR D 72 11.45 -6.28 -19.96
CA THR D 72 10.06 -6.71 -19.92
C THR D 72 9.88 -8.03 -19.18
N ALA D 73 10.96 -8.76 -18.89
CA ALA D 73 10.87 -9.91 -18.00
C ALA D 73 10.71 -9.50 -16.54
N MET D 74 11.08 -8.27 -16.20
CA MET D 74 10.94 -7.76 -14.83
C MET D 74 9.52 -7.32 -14.51
N ALA D 75 8.64 -7.30 -15.51
CA ALA D 75 7.23 -6.96 -15.32
C ALA D 75 6.43 -7.92 -16.18
N THR D 76 5.15 -7.59 -16.40
CA THR D 76 4.22 -8.36 -17.23
C THR D 76 4.10 -9.81 -16.75
N GLU D 77 3.52 -9.93 -15.55
CA GLU D 77 3.44 -11.21 -14.86
C GLU D 77 2.64 -12.24 -15.68
N GLN D 78 3.13 -13.48 -15.66
CA GLN D 78 2.55 -14.54 -16.48
C GLN D 78 1.17 -14.94 -15.97
N TYR D 79 0.43 -15.60 -16.85
CA TYR D 79 -0.94 -16.03 -16.55
C TYR D 79 -0.95 -17.41 -15.89
N ASN D 86 -6.60 -9.86 -27.91
CA ASN D 86 -7.92 -9.43 -27.48
C ASN D 86 -8.87 -9.29 -28.67
N LYS D 87 -10.11 -8.88 -28.40
CA LYS D 87 -11.11 -8.75 -29.46
C LYS D 87 -10.77 -7.60 -30.40
N VAL D 88 -10.48 -6.42 -29.85
CA VAL D 88 -10.16 -5.27 -30.69
C VAL D 88 -8.75 -5.41 -31.26
N VAL D 89 -7.87 -6.15 -30.56
CA VAL D 89 -6.58 -6.55 -31.12
C VAL D 89 -6.78 -7.35 -32.41
N LEU D 90 -7.68 -8.34 -32.36
CA LEU D 90 -7.93 -9.16 -33.53
C LEU D 90 -8.65 -8.37 -34.63
N GLY D 91 -9.54 -7.45 -34.24
CA GLY D 91 -10.20 -6.61 -35.22
C GLY D 91 -9.22 -5.71 -35.97
N THR D 92 -8.29 -5.09 -35.24
CA THR D 92 -7.24 -4.32 -35.89
C THR D 92 -6.32 -5.20 -36.71
N PHE D 93 -6.13 -6.45 -36.29
CA PHE D 93 -5.32 -7.39 -37.09
C PHE D 93 -5.97 -7.68 -38.44
N ILE D 94 -7.28 -7.95 -38.44
CA ILE D 94 -7.98 -8.17 -39.72
C ILE D 94 -8.04 -6.88 -40.54
N THR D 95 -8.16 -5.72 -39.89
CA THR D 95 -8.16 -4.45 -40.63
C THR D 95 -6.81 -4.23 -41.33
N GLY D 96 -5.71 -4.48 -40.62
CA GLY D 96 -4.40 -4.37 -41.23
C GLY D 96 -4.17 -5.41 -42.31
N LEU D 97 -4.70 -6.63 -42.10
CA LEU D 97 -4.61 -7.68 -43.12
C LEU D 97 -5.35 -7.28 -44.39
N LEU D 98 -6.55 -6.72 -44.24
CA LEU D 98 -7.33 -6.31 -45.40
C LEU D 98 -6.67 -5.15 -46.13
N MET D 99 -6.13 -4.17 -45.39
CA MET D 99 -5.43 -3.06 -46.04
C MET D 99 -4.17 -3.54 -46.75
N GLU D 100 -3.41 -4.44 -46.11
CA GLU D 100 -2.19 -4.98 -46.71
C GLU D 100 -2.49 -5.76 -47.97
N PHE D 101 -3.49 -6.65 -47.93
CA PHE D 101 -3.81 -7.43 -49.11
C PHE D 101 -4.43 -6.58 -50.21
N LEU D 102 -5.23 -5.57 -49.84
CA LEU D 102 -5.80 -4.66 -50.84
C LEU D 102 -4.71 -3.89 -51.58
N MET D 103 -3.72 -3.39 -50.84
CA MET D 103 -2.58 -2.73 -51.51
C MET D 103 -1.75 -3.73 -52.30
N VAL D 104 -1.71 -4.99 -51.87
CA VAL D 104 -1.01 -6.03 -52.62
C VAL D 104 -1.67 -6.25 -53.97
N TYR D 105 -3.01 -6.37 -54.00
CA TYR D 105 -3.67 -6.52 -55.30
C TYR D 105 -3.59 -5.25 -56.12
N TYR D 106 -3.56 -4.08 -55.47
CA TYR D 106 -3.40 -2.81 -56.19
C TYR D 106 -2.07 -2.77 -56.92
N VAL D 107 -0.98 -3.10 -56.22
CA VAL D 107 0.35 -3.06 -56.84
C VAL D 107 0.63 -4.28 -57.71
N LEU D 108 -0.18 -5.34 -57.62
CA LEU D 108 0.01 -6.50 -58.48
C LEU D 108 -0.88 -6.46 -59.72
N LYS D 109 -1.93 -5.65 -59.73
CA LYS D 109 -2.79 -5.51 -60.89
C LYS D 109 -2.54 -4.20 -61.63
N ASP D 110 -2.64 -3.07 -60.93
CA ASP D 110 -2.44 -1.77 -61.59
C ASP D 110 -0.97 -1.45 -61.82
N LYS D 111 -0.07 -2.01 -60.99
CA LYS D 111 1.36 -1.71 -60.96
C LYS D 111 1.64 -0.23 -60.71
N GLU D 112 0.69 0.48 -60.11
CA GLU D 112 0.76 1.91 -59.85
C GLU D 112 -0.35 2.28 -58.88
N VAL D 113 -0.03 3.19 -57.96
CA VAL D 113 -0.98 3.60 -56.93
C VAL D 113 -0.64 5.03 -56.50
N GLU D 114 -1.63 5.70 -55.91
CA GLU D 114 -1.44 7.01 -55.32
C GLU D 114 -1.95 6.98 -53.89
N ILE D 115 -1.06 7.21 -52.94
CA ILE D 115 -1.41 7.44 -51.54
C ILE D 115 -0.96 8.81 -51.07
N VAL D 116 0.32 9.12 -51.26
CA VAL D 116 0.85 10.48 -51.15
C VAL D 116 1.46 10.95 -52.47
N PHE D 117 2.29 10.10 -53.08
CA PHE D 117 2.93 10.37 -54.36
C PHE D 117 2.52 9.28 -55.35
N LYS D 118 3.14 9.31 -56.53
CA LYS D 118 2.94 8.26 -57.52
C LYS D 118 3.89 7.11 -57.21
N PHE D 119 3.34 5.91 -57.03
CA PHE D 119 4.15 4.74 -56.67
C PHE D 119 3.96 3.67 -57.73
N ASN D 120 5.06 3.04 -58.13
CA ASN D 120 5.04 2.01 -59.16
C ASN D 120 5.11 0.63 -58.52
N GLY D 121 4.50 -0.35 -59.21
CA GLY D 121 4.42 -1.70 -58.69
C GLY D 121 5.35 -2.68 -59.37
N MET D 122 6.14 -2.19 -60.33
CA MET D 122 7.05 -3.04 -61.08
C MET D 122 8.18 -3.47 -60.16
N GLY D 123 8.77 -4.63 -60.45
CA GLY D 123 9.82 -5.18 -59.61
C GLY D 123 11.06 -4.29 -59.59
N ASP D 124 11.76 -4.32 -58.46
CA ASP D 124 12.85 -3.40 -58.17
C ASP D 124 14.19 -3.79 -58.80
N TRP D 125 14.22 -4.78 -59.69
CA TRP D 125 15.49 -5.26 -60.26
C TRP D 125 15.98 -4.41 -61.42
N VAL D 126 15.46 -3.19 -61.58
CA VAL D 126 15.84 -2.32 -62.68
C VAL D 126 16.72 -1.15 -62.26
N ILE D 127 16.88 -0.92 -60.95
CA ILE D 127 17.61 0.25 -60.46
C ILE D 127 19.00 -0.09 -59.95
N TYR D 128 19.43 -1.34 -60.06
CA TYR D 128 20.75 -1.73 -59.61
C TYR D 128 21.82 -1.26 -60.60
N ASP D 129 23.07 -1.52 -60.26
CA ASP D 129 24.21 -1.01 -61.02
C ASP D 129 25.04 -2.18 -61.56
N THR D 130 25.44 -2.05 -62.82
CA THR D 130 26.32 -3.03 -63.46
C THR D 130 27.79 -2.67 -63.34
N GLY D 131 28.11 -1.57 -62.65
CA GLY D 131 29.49 -1.17 -62.49
C GLY D 131 30.21 -1.93 -61.40
N ASP D 132 31.53 -1.76 -61.36
CA ASP D 132 32.39 -2.43 -60.42
C ASP D 132 33.12 -1.41 -59.56
N SER D 133 33.16 -1.67 -58.25
CA SER D 133 33.90 -0.82 -57.33
C SER D 133 35.39 -1.14 -57.30
N GLY D 134 35.80 -2.26 -57.89
CA GLY D 134 37.21 -2.63 -57.93
C GLY D 134 37.52 -3.71 -56.88
N PHE D 135 38.59 -3.49 -56.12
CA PHE D 135 39.08 -4.44 -55.13
C PHE D 135 38.58 -4.15 -53.72
N PHE D 136 37.44 -3.47 -53.60
CA PHE D 136 36.91 -3.16 -52.28
C PHE D 136 35.40 -3.01 -52.36
N SER D 137 34.73 -3.39 -51.28
CA SER D 137 33.32 -3.08 -51.15
C SER D 137 33.13 -1.60 -50.88
N GLU D 138 32.12 -1.00 -51.52
CA GLU D 138 31.90 0.44 -51.38
C GLU D 138 31.48 0.80 -49.95
N GLU D 139 30.54 0.04 -49.37
CA GLU D 139 30.07 0.35 -48.04
C GLU D 139 31.10 0.02 -46.97
N ALA D 140 32.01 -0.93 -47.24
CA ALA D 140 33.04 -1.28 -46.26
C ALA D 140 33.96 -0.10 -45.99
N MET D 141 34.53 0.47 -47.04
CA MET D 141 35.36 1.65 -46.81
C MET D 141 34.55 2.91 -46.62
N GLY D 142 33.26 2.89 -46.97
CA GLY D 142 32.38 3.96 -46.53
C GLY D 142 32.28 4.03 -45.02
N ILE D 143 32.10 2.88 -44.36
CA ILE D 143 32.15 2.82 -42.91
C ILE D 143 33.56 3.14 -42.41
N ALA D 144 34.58 2.65 -43.11
CA ALA D 144 35.96 2.87 -42.70
C ALA D 144 36.39 4.33 -42.75
N ALA D 145 35.73 5.15 -43.57
CA ALA D 145 36.04 6.58 -43.65
C ALA D 145 35.62 7.36 -42.41
N LEU D 146 34.98 6.71 -41.44
CA LEU D 146 34.56 7.39 -40.22
C LEU D 146 35.75 7.89 -39.40
N TYR D 147 36.82 7.08 -39.32
CA TYR D 147 37.96 7.43 -38.49
C TYR D 147 38.92 8.39 -39.15
N SER D 148 38.75 8.68 -40.45
CA SER D 148 39.62 9.61 -41.16
C SER D 148 38.96 10.96 -41.42
N TYR D 149 37.65 10.98 -41.65
CA TYR D 149 36.91 12.20 -41.93
C TYR D 149 35.97 12.62 -40.81
N GLY D 150 35.24 11.66 -40.23
CA GLY D 150 34.24 11.98 -39.21
C GLY D 150 34.83 12.27 -37.85
N THR D 151 35.47 13.42 -37.70
CA THR D 151 36.03 13.81 -36.41
C THR D 151 34.94 14.32 -35.47
N TRP D 152 34.20 15.33 -35.91
CA TRP D 152 33.18 15.96 -35.06
C TRP D 152 32.06 14.99 -34.73
N LEU D 153 31.68 14.15 -35.67
CA LEU D 153 30.62 13.17 -35.44
C LEU D 153 31.03 12.14 -34.39
N VAL D 154 32.28 11.67 -34.45
CA VAL D 154 32.77 10.73 -33.44
C VAL D 154 32.87 11.42 -32.08
N ILE D 155 33.29 12.69 -32.07
CA ILE D 155 33.38 13.45 -30.82
C ILE D 155 32.02 13.57 -30.16
N VAL D 156 31.00 13.97 -30.92
CA VAL D 156 29.67 14.13 -30.33
C VAL D 156 29.05 12.78 -29.99
N THR D 157 29.42 11.71 -30.72
CA THR D 157 28.86 10.39 -30.41
C THR D 157 29.42 9.87 -29.09
N GLY D 158 30.73 9.98 -28.91
CA GLY D 158 31.34 9.58 -27.65
C GLY D 158 30.86 10.43 -26.49
N TRP D 159 30.72 11.75 -26.70
CA TRP D 159 30.21 12.62 -25.65
C TRP D 159 28.78 12.27 -25.26
N SER D 160 27.93 11.99 -26.26
CA SER D 160 26.54 11.65 -25.98
C SER D 160 26.43 10.31 -25.27
N LEU D 161 27.26 9.34 -25.63
CA LEU D 161 27.19 8.03 -24.98
C LEU D 161 27.72 8.10 -23.55
N LEU D 162 28.78 8.89 -23.33
CA LEU D 162 29.26 9.12 -21.96
C LEU D 162 28.21 9.84 -21.13
N ILE D 163 27.53 10.82 -21.72
CA ILE D 163 26.47 11.53 -21.03
C ILE D 163 25.28 10.61 -20.73
N GLY D 164 25.00 9.66 -21.63
CA GLY D 164 23.98 8.66 -21.35
C GLY D 164 24.37 7.76 -20.18
N VAL D 165 25.66 7.43 -20.08
CA VAL D 165 26.15 6.70 -18.91
C VAL D 165 25.95 7.52 -17.64
N VAL D 166 26.22 8.84 -17.71
CA VAL D 166 25.96 9.73 -16.59
C VAL D 166 24.49 9.74 -16.23
N VAL D 167 23.61 9.76 -17.23
CA VAL D 167 22.18 9.78 -17.03
C VAL D 167 21.71 8.50 -16.34
N ILE D 168 22.22 7.36 -16.79
CA ILE D 168 21.89 6.07 -16.19
C ILE D 168 22.36 6.02 -14.74
N MET D 169 23.55 6.53 -14.46
CA MET D 169 24.06 6.53 -13.10
C MET D 169 23.25 7.48 -12.19
N GLU D 170 22.75 8.58 -12.75
CA GLU D 170 22.11 9.59 -11.92
C GLU D 170 20.62 9.34 -11.71
N ILE D 171 19.84 9.27 -12.80
CA ILE D 171 18.39 9.27 -12.67
C ILE D 171 17.82 7.96 -12.14
N THR D 172 18.61 6.89 -12.12
CA THR D 172 18.18 5.63 -11.54
C THR D 172 18.77 5.40 -10.15
N ARG D 173 19.48 6.38 -9.60
CA ARG D 173 19.98 6.26 -8.23
C ARG D 173 18.83 6.34 -7.24
N GLY D 174 17.81 7.16 -7.53
CA GLY D 174 16.66 7.28 -6.68
C GLY D 174 16.78 8.30 -5.56
N ASN D 175 17.95 8.92 -5.39
CA ASN D 175 18.15 9.89 -4.32
C ASN D 175 18.70 11.20 -4.86
N SER E 2 10.59 2.98 -56.15
CA SER E 2 10.48 1.53 -56.05
C SER E 2 9.38 1.13 -55.08
N LEU E 3 8.89 -0.11 -55.23
CA LEU E 3 7.77 -0.56 -54.41
C LEU E 3 8.19 -0.85 -52.97
N VAL E 4 9.44 -1.26 -52.76
CA VAL E 4 9.92 -1.52 -51.41
C VAL E 4 9.96 -0.23 -50.59
N TYR E 5 10.17 0.91 -51.25
CA TYR E 5 10.12 2.20 -50.57
C TYR E 5 8.73 2.45 -50.00
N MET E 6 7.69 2.26 -50.83
CA MET E 6 6.32 2.44 -50.39
C MET E 6 5.92 1.41 -49.33
N ASN E 7 6.46 0.20 -49.41
CA ASN E 7 6.24 -0.78 -48.35
C ASN E 7 6.81 -0.32 -47.03
N ILE E 8 7.98 0.33 -47.07
CA ILE E 8 8.58 0.86 -45.84
C ILE E 8 7.74 2.03 -45.30
N MET E 9 7.20 2.88 -46.20
CA MET E 9 6.31 3.94 -45.73
C MET E 9 5.06 3.37 -45.06
N MET E 10 4.47 2.33 -45.66
CA MET E 10 3.28 1.74 -45.09
C MET E 10 3.59 1.07 -43.75
N ALA E 11 4.77 0.47 -43.64
CA ALA E 11 5.22 -0.07 -42.36
C ALA E 11 5.39 1.01 -41.32
N PHE E 12 5.95 2.16 -41.70
CA PHE E 12 6.12 3.26 -40.75
C PHE E 12 4.77 3.83 -40.32
N THR E 13 3.82 3.92 -41.24
CA THR E 13 2.48 4.37 -40.84
C THR E 13 1.78 3.34 -39.96
N VAL E 14 2.06 2.04 -40.16
CA VAL E 14 1.53 1.01 -39.28
C VAL E 14 2.10 1.18 -37.87
N SER E 15 3.41 1.43 -37.77
CA SER E 15 4.02 1.68 -36.47
C SER E 15 3.50 2.97 -35.84
N LEU E 16 3.17 3.97 -36.66
CA LEU E 16 2.61 5.20 -36.14
C LEU E 16 1.21 4.99 -35.58
N THR E 17 0.36 4.28 -36.33
CA THR E 17 -0.99 4.00 -35.84
C THR E 17 -1.00 2.98 -34.70
N GLY E 18 0.09 2.25 -34.50
CA GLY E 18 0.20 1.41 -33.33
C GLY E 18 0.76 2.13 -32.11
N LEU E 19 1.58 3.17 -32.35
CA LEU E 19 2.20 3.89 -31.24
C LEU E 19 1.24 4.84 -30.54
N LEU E 20 0.19 5.29 -31.24
CA LEU E 20 -0.63 6.35 -30.65
C LEU E 20 -1.84 5.80 -29.89
N MET E 21 -2.57 4.87 -30.49
CA MET E 21 -3.80 4.36 -29.89
C MET E 21 -3.57 3.03 -29.15
N TYR E 22 -2.68 3.10 -28.16
CA TYR E 22 -2.39 1.92 -27.35
C TYR E 22 -3.44 1.73 -26.27
N ARG E 23 -3.47 0.52 -25.71
CA ARG E 23 -4.29 0.20 -24.54
C ARG E 23 -3.48 -0.37 -23.39
N SER E 24 -2.28 -0.87 -23.66
CA SER E 24 -1.44 -1.55 -22.70
C SER E 24 -0.47 -0.55 -22.06
N HIS E 25 0.53 -1.09 -21.37
CA HIS E 25 1.49 -0.29 -20.63
C HIS E 25 2.56 0.27 -21.57
N LEU E 26 3.60 0.87 -20.98
CA LEU E 26 4.58 1.64 -21.74
C LEU E 26 5.48 0.77 -22.61
N MET E 27 5.54 -0.54 -22.33
CA MET E 27 6.37 -1.43 -23.13
C MET E 27 5.87 -1.52 -24.57
N SER E 28 4.55 -1.44 -24.77
CA SER E 28 4.01 -1.41 -26.12
C SER E 28 4.42 -0.14 -26.86
N SER E 29 4.42 0.99 -26.15
CA SER E 29 4.86 2.25 -26.75
C SER E 29 6.34 2.19 -27.13
N LEU E 30 7.17 1.61 -26.27
CA LEU E 30 8.59 1.49 -26.61
C LEU E 30 8.81 0.48 -27.74
N LEU E 31 7.99 -0.57 -27.82
CA LEU E 31 8.10 -1.50 -28.94
C LEU E 31 7.73 -0.83 -30.26
N CYS E 32 6.68 -0.01 -30.26
CA CYS E 32 6.34 0.73 -31.47
C CYS E 32 7.40 1.79 -31.81
N LEU E 33 8.05 2.35 -30.78
CA LEU E 33 9.20 3.22 -31.00
C LEU E 33 10.32 2.46 -31.70
N GLU E 34 10.55 1.21 -31.29
CA GLU E 34 11.56 0.39 -31.98
C GLU E 34 11.11 0.01 -33.38
N GLY E 35 9.81 -0.08 -33.62
CA GLY E 35 9.33 -0.24 -34.98
C GLY E 35 9.68 0.95 -35.85
N MET E 36 9.50 2.16 -35.31
CA MET E 36 9.91 3.37 -36.01
C MET E 36 11.42 3.38 -36.27
N MET E 37 12.20 3.00 -35.24
CA MET E 37 13.64 2.78 -35.36
C MET E 37 13.99 1.90 -36.55
N LEU E 38 13.40 0.71 -36.61
CA LEU E 38 13.75 -0.27 -37.64
C LEU E 38 13.34 0.22 -39.02
N SER E 39 12.15 0.82 -39.13
CA SER E 39 11.69 1.31 -40.43
C SER E 39 12.59 2.41 -40.96
N LEU E 40 12.97 3.36 -40.09
CA LEU E 40 13.86 4.43 -40.51
C LEU E 40 15.24 3.91 -40.88
N PHE E 41 15.75 2.93 -40.12
CA PHE E 41 17.05 2.33 -40.43
C PHE E 41 17.04 1.66 -41.80
N ILE E 42 16.02 0.84 -42.07
CA ILE E 42 15.96 0.12 -43.34
C ILE E 42 15.79 1.08 -44.50
N LEU E 43 14.96 2.13 -44.32
CA LEU E 43 14.76 3.10 -45.40
C LEU E 43 16.04 3.88 -45.70
N ALA E 44 16.75 4.33 -44.65
CA ALA E 44 17.99 5.06 -44.86
C ALA E 44 19.05 4.18 -45.51
N THR E 45 19.15 2.91 -45.08
CA THR E 45 20.15 2.02 -45.64
C THR E 45 19.85 1.72 -47.11
N LEU E 46 18.57 1.50 -47.45
CA LEU E 46 18.19 1.27 -48.84
C LEU E 46 18.49 2.49 -49.72
N MET E 47 18.20 3.69 -49.20
CA MET E 47 18.46 4.91 -49.97
C MET E 47 19.95 5.10 -50.20
N ILE E 48 20.76 4.89 -49.16
CA ILE E 48 22.20 5.11 -49.29
C ILE E 48 22.83 4.06 -50.20
N LEU E 49 22.36 2.81 -50.11
CA LEU E 49 22.90 1.74 -50.92
C LEU E 49 22.39 1.74 -52.36
N ASN E 50 21.29 2.43 -52.64
CA ASN E 50 20.77 2.48 -54.01
C ASN E 50 21.39 3.59 -54.83
N SER E 51 21.68 4.75 -54.22
CA SER E 51 22.19 5.91 -54.93
C SER E 51 23.71 6.00 -54.88
N HIS E 52 24.38 5.02 -54.30
CA HIS E 52 25.85 4.92 -54.25
C HIS E 52 26.51 6.11 -53.55
N PHE E 53 25.81 6.71 -52.59
CA PHE E 53 26.42 7.73 -51.74
C PHE E 53 27.29 7.01 -50.72
N THR E 54 28.61 7.01 -50.96
CA THR E 54 29.51 6.19 -50.17
C THR E 54 29.69 6.73 -48.76
N LEU E 55 29.85 8.06 -48.62
CA LEU E 55 30.10 8.66 -47.32
C LEU E 55 28.92 8.50 -46.38
N ALA E 56 27.69 8.66 -46.90
CA ALA E 56 26.49 8.62 -46.07
C ALA E 56 26.16 7.23 -45.53
N SER E 57 27.04 6.25 -45.70
CA SER E 57 26.99 5.05 -44.88
C SER E 57 27.24 5.35 -43.40
N MET E 58 27.80 6.52 -43.08
CA MET E 58 27.77 6.99 -41.70
C MET E 58 26.35 7.27 -41.21
N MET E 59 25.40 7.54 -42.10
CA MET E 59 24.03 7.84 -41.66
C MET E 59 23.33 6.70 -40.93
N PRO E 60 23.22 5.45 -41.47
CA PRO E 60 22.37 4.44 -40.78
C PRO E 60 22.83 4.07 -39.38
N ILE E 61 24.11 3.73 -39.22
CA ILE E 61 24.63 3.24 -37.94
C ILE E 61 24.43 4.30 -36.86
N ILE E 62 24.81 5.55 -37.16
CA ILE E 62 24.60 6.66 -36.24
C ILE E 62 23.12 6.84 -35.95
N LEU E 63 22.28 6.70 -36.97
CA LEU E 63 20.83 6.84 -36.81
C LEU E 63 20.28 5.82 -35.80
N LEU E 64 20.99 4.72 -35.60
CA LEU E 64 20.63 3.85 -34.50
C LEU E 64 21.17 4.38 -33.17
N VAL E 65 22.51 4.55 -33.09
CA VAL E 65 23.23 4.50 -31.81
C VAL E 65 22.69 5.54 -30.84
N PHE E 66 22.57 6.78 -31.30
CA PHE E 66 22.09 7.90 -30.52
C PHE E 66 20.72 7.60 -29.91
N ALA E 67 19.73 7.33 -30.77
CA ALA E 67 18.40 7.06 -30.26
C ALA E 67 18.37 5.74 -29.49
N ALA E 68 19.30 4.84 -29.79
CA ALA E 68 19.41 3.61 -29.02
C ALA E 68 19.70 3.92 -27.56
N CYS E 69 20.64 4.85 -27.32
CA CYS E 69 20.87 5.32 -25.95
C CYS E 69 19.62 5.96 -25.39
N GLU E 70 18.92 6.74 -26.23
CA GLU E 70 17.65 7.34 -25.83
C GLU E 70 16.65 6.25 -25.47
N ALA E 71 16.63 5.17 -26.25
CA ALA E 71 15.75 4.05 -25.94
C ALA E 71 16.07 3.46 -24.58
N ALA E 72 17.37 3.36 -24.26
CA ALA E 72 17.78 2.88 -22.94
C ALA E 72 17.24 3.77 -21.85
N LEU E 73 17.23 5.08 -22.09
CA LEU E 73 16.66 6.04 -21.14
C LEU E 73 15.21 5.70 -20.85
N GLY E 74 14.45 5.38 -21.90
CA GLY E 74 13.05 5.03 -21.73
C GLY E 74 12.87 3.82 -20.83
N LEU E 75 13.77 2.84 -20.96
CA LEU E 75 13.70 1.65 -20.12
C LEU E 75 13.83 2.03 -18.65
N SER E 76 14.75 2.93 -18.34
CA SER E 76 14.93 3.38 -16.97
C SER E 76 13.66 4.05 -16.45
N LEU E 77 12.99 4.81 -17.31
CA LEU E 77 11.75 5.47 -16.92
C LEU E 77 10.71 4.44 -16.52
N LEU E 78 10.62 3.34 -17.28
CA LEU E 78 9.66 2.29 -16.96
C LEU E 78 10.00 1.67 -15.61
N VAL E 79 11.30 1.49 -15.33
CA VAL E 79 11.73 0.93 -14.06
C VAL E 79 11.28 1.83 -12.92
N MET E 80 11.33 3.15 -13.14
CA MET E 80 10.83 4.09 -12.13
C MET E 80 9.36 3.86 -11.83
N VAL E 81 8.56 3.63 -12.87
CA VAL E 81 7.16 3.31 -12.65
C VAL E 81 7.04 1.96 -11.97
N SER E 82 7.90 1.01 -12.36
CA SER E 82 7.92 -0.29 -11.69
C SER E 82 8.44 -0.20 -10.26
N ASN E 83 9.05 0.92 -9.88
CA ASN E 83 9.44 1.12 -8.50
C ASN E 83 8.45 2.00 -7.74
N THR E 84 7.37 2.43 -8.38
CA THR E 84 6.43 3.34 -7.72
C THR E 84 5.03 2.76 -7.62
N TYR E 85 4.48 2.24 -8.72
CA TYR E 85 3.10 1.76 -8.73
C TYR E 85 2.99 0.26 -8.85
N GLY E 86 4.10 -0.46 -8.97
CA GLY E 86 4.06 -1.91 -9.10
C GLY E 86 3.92 -2.35 -10.54
N THR E 87 2.97 -1.77 -11.26
CA THR E 87 2.77 -2.03 -12.67
C THR E 87 2.93 -0.74 -13.46
N ASP E 88 3.41 -0.87 -14.69
CA ASP E 88 3.77 0.26 -15.53
C ASP E 88 2.62 0.71 -16.42
N TYR E 89 1.38 0.50 -16.00
CA TYR E 89 0.22 0.79 -16.82
C TYR E 89 0.07 2.29 -17.07
N VAL E 90 -0.51 2.63 -18.23
CA VAL E 90 -0.72 4.03 -18.57
C VAL E 90 -1.95 4.60 -17.88
N GLN E 91 -2.87 3.76 -17.40
CA GLN E 91 -4.03 4.26 -16.68
C GLN E 91 -3.67 4.75 -15.27
N ASN E 92 -2.49 4.39 -14.77
CA ASN E 92 -2.00 4.92 -13.51
C ASN E 92 -1.34 6.29 -13.67
N LEU E 93 -1.24 6.78 -14.90
CA LEU E 93 -0.61 8.07 -15.19
C LEU E 93 -1.66 9.19 -15.23
N ASN E 94 -2.39 9.32 -14.13
CA ASN E 94 -3.46 10.31 -14.00
C ASN E 94 -3.30 11.09 -12.70
N LEU E 95 -2.06 11.35 -12.31
CA LEU E 95 -1.77 12.09 -11.09
C LEU E 95 -1.44 13.56 -11.36
N LEU E 96 -1.04 13.91 -12.57
CA LEU E 96 -0.65 15.27 -12.90
C LEU E 96 -1.79 16.12 -13.44
N GLN E 97 -2.97 15.53 -13.63
CA GLN E 97 -4.08 16.28 -14.23
C GLN E 97 -4.63 17.32 -13.27
N CYS E 98 -4.71 17.00 -11.98
CA CYS E 98 -5.28 17.90 -10.99
C CYS E 98 -4.23 18.87 -10.46
N ASN F 2 -24.38 113.03 -24.29
CA ASN F 2 -23.46 112.99 -23.16
C ASN F 2 -24.17 112.72 -21.83
N LEU F 3 -25.30 113.39 -21.61
CA LEU F 3 -26.03 113.20 -20.37
C LEU F 3 -26.77 111.87 -20.35
N PHE F 4 -27.38 111.49 -21.47
CA PHE F 4 -28.27 110.33 -21.51
C PHE F 4 -27.52 109.03 -21.25
N SER F 5 -26.47 108.78 -22.04
CA SER F 5 -25.75 107.51 -21.94
C SER F 5 -25.06 107.37 -20.59
N SER F 6 -24.42 108.45 -20.13
CA SER F 6 -23.76 108.43 -18.83
C SER F 6 -24.77 108.18 -17.71
N LEU F 7 -25.93 108.84 -17.77
CA LEU F 7 -26.90 108.68 -16.68
C LEU F 7 -27.51 107.28 -16.66
N THR F 8 -27.78 106.69 -17.84
CA THR F 8 -28.30 105.33 -17.86
C THR F 8 -27.25 104.32 -17.36
N LEU F 9 -26.00 104.48 -17.79
CA LEU F 9 -24.97 103.54 -17.37
C LEU F 9 -24.66 103.69 -15.88
N VAL F 10 -24.71 104.90 -15.33
CA VAL F 10 -24.50 105.02 -13.89
C VAL F 10 -25.74 104.62 -13.11
N THR F 11 -26.94 104.63 -13.72
CA THR F 11 -28.08 104.00 -13.07
C THR F 11 -27.84 102.51 -12.89
N LEU F 12 -27.35 101.85 -13.95
CA LEU F 12 -27.03 100.42 -13.86
C LEU F 12 -25.91 100.16 -12.85
N ILE F 13 -24.86 100.99 -12.88
CA ILE F 13 -23.71 100.77 -11.99
C ILE F 13 -24.08 101.07 -10.53
N LEU F 14 -24.88 102.11 -10.31
CA LEU F 14 -25.40 102.40 -8.98
C LEU F 14 -26.25 101.26 -8.45
N LEU F 15 -27.06 100.64 -9.31
CA LEU F 15 -27.84 99.50 -8.84
C LEU F 15 -27.00 98.26 -8.62
N THR F 16 -25.88 98.09 -9.33
CA THR F 16 -25.09 96.88 -9.16
C THR F 16 -23.98 96.98 -8.11
N MET F 17 -23.63 98.18 -7.66
CA MET F 17 -22.55 98.29 -6.67
C MET F 17 -22.81 97.77 -5.24
N PRO F 18 -24.04 97.76 -4.67
CA PRO F 18 -24.18 97.17 -3.34
C PRO F 18 -23.91 95.68 -3.27
N ILE F 19 -24.01 94.96 -4.40
CA ILE F 19 -23.63 93.54 -4.42
C ILE F 19 -22.15 93.39 -4.11
N ALA F 20 -21.31 94.18 -4.77
CA ALA F 20 -19.88 94.18 -4.46
C ALA F 20 -19.61 94.71 -3.06
N ALA F 21 -20.41 95.68 -2.61
CA ALA F 21 -20.23 96.23 -1.26
C ALA F 21 -20.48 95.19 -0.19
N ILE F 22 -21.51 94.35 -0.38
CA ILE F 22 -21.80 93.33 0.62
C ILE F 22 -20.90 92.11 0.43
N ASN F 23 -20.38 91.88 -0.79
CA ASN F 23 -19.46 90.78 -0.99
C ASN F 23 -18.04 91.11 -0.53
N PHE F 24 -17.73 92.39 -0.31
CA PHE F 24 -16.45 92.79 0.25
C PHE F 24 -16.60 93.31 1.68
N ASN F 25 -17.47 92.67 2.46
CA ASN F 25 -17.78 93.08 3.82
C ASN F 25 -17.09 92.18 4.82
N THR F 26 -16.57 92.77 5.89
CA THR F 26 -15.93 92.05 6.99
C THR F 26 -16.71 92.14 8.29
N HIS F 27 -17.24 93.31 8.62
CA HIS F 27 -17.97 93.53 9.86
C HIS F 27 -19.46 93.36 9.61
N LYS F 28 -20.28 93.72 10.61
CA LYS F 28 -21.73 93.68 10.50
C LYS F 28 -22.25 95.05 10.08
N PHE F 29 -23.09 95.07 9.06
CA PHE F 29 -23.58 96.32 8.51
C PHE F 29 -24.55 97.01 9.47
N THR F 30 -24.57 98.35 9.40
CA THR F 30 -25.50 99.17 10.17
C THR F 30 -26.61 99.61 9.23
N ASN F 31 -27.75 98.92 9.30
CA ASN F 31 -28.93 99.14 8.46
C ASN F 31 -28.58 99.03 6.98
N TYR F 32 -28.14 97.83 6.61
CA TYR F 32 -27.95 97.50 5.18
C TYR F 32 -29.21 97.64 4.34
N PRO F 33 -30.42 97.22 4.77
CA PRO F 33 -31.61 97.53 3.97
C PRO F 33 -31.86 99.02 3.77
N LEU F 34 -31.53 99.86 4.76
CA LEU F 34 -31.64 101.31 4.56
C LEU F 34 -30.70 101.80 3.47
N TYR F 35 -29.47 101.26 3.44
CA TYR F 35 -28.51 101.61 2.41
C TYR F 35 -28.99 101.17 1.04
N VAL F 36 -29.52 99.96 0.93
CA VAL F 36 -29.99 99.51 -0.38
C VAL F 36 -31.27 100.25 -0.79
N LYS F 37 -32.08 100.70 0.16
CA LYS F 37 -33.25 101.50 -0.17
C LYS F 37 -32.87 102.87 -0.69
N THR F 38 -31.86 103.49 -0.06
CA THR F 38 -31.35 104.76 -0.57
C THR F 38 -30.74 104.60 -1.96
N THR F 39 -30.04 103.48 -2.18
CA THR F 39 -29.49 103.19 -3.51
C THR F 39 -30.59 103.04 -4.55
N ILE F 40 -31.68 102.34 -4.20
CA ILE F 40 -32.80 102.15 -5.12
C ILE F 40 -33.45 103.49 -5.46
N SER F 41 -33.67 104.34 -4.45
CA SER F 41 -34.29 105.64 -4.70
C SER F 41 -33.41 106.54 -5.55
N CYS F 42 -32.10 106.56 -5.29
CA CYS F 42 -31.20 107.36 -6.09
C CYS F 42 -31.14 106.87 -7.53
N ALA F 43 -31.17 105.55 -7.72
CA ALA F 43 -31.24 105.00 -9.07
C ALA F 43 -32.56 105.33 -9.75
N PHE F 44 -33.65 105.41 -8.98
CA PHE F 44 -34.93 105.81 -9.53
C PHE F 44 -34.88 107.24 -10.07
N ILE F 45 -34.26 108.15 -9.32
CA ILE F 45 -34.11 109.53 -9.80
C ILE F 45 -33.20 109.57 -11.03
N THR F 46 -32.07 108.86 -10.97
CA THR F 46 -31.09 108.86 -12.05
C THR F 46 -31.61 108.20 -13.32
N SER F 47 -32.64 107.34 -13.20
CA SER F 47 -33.29 106.80 -14.38
C SER F 47 -34.51 107.60 -14.80
N MET F 48 -35.11 108.37 -13.88
CA MET F 48 -36.26 109.19 -14.24
C MET F 48 -35.84 110.41 -15.04
N ILE F 49 -34.63 110.92 -14.81
CA ILE F 49 -34.17 112.10 -15.58
C ILE F 49 -34.06 111.84 -17.09
N PRO F 50 -33.40 110.77 -17.58
CA PRO F 50 -33.41 110.56 -19.04
C PRO F 50 -34.79 110.18 -19.58
N THR F 51 -35.65 109.60 -18.75
CA THR F 51 -37.04 109.41 -19.16
C THR F 51 -37.72 110.74 -19.42
N MET F 52 -37.46 111.73 -18.56
CA MET F 52 -38.00 113.08 -18.76
C MET F 52 -37.44 113.71 -20.03
N MET F 53 -36.15 113.51 -20.30
CA MET F 53 -35.59 114.09 -21.53
C MET F 53 -36.10 113.37 -22.78
N PHE F 54 -36.45 112.08 -22.67
CA PHE F 54 -37.05 111.39 -23.80
C PHE F 54 -38.46 111.88 -24.05
N ILE F 55 -39.21 112.14 -22.97
CA ILE F 55 -40.55 112.73 -23.11
C ILE F 55 -40.46 114.10 -23.76
N HIS F 56 -39.43 114.88 -23.38
CA HIS F 56 -39.25 116.21 -23.97
C HIS F 56 -38.90 116.12 -25.45
N THR F 57 -37.96 115.25 -25.82
CA THR F 57 -37.41 115.25 -27.18
C THR F 57 -37.88 114.06 -28.01
N GLY F 58 -37.74 112.85 -27.50
CA GLY F 58 -38.01 111.67 -28.32
C GLY F 58 -36.74 111.01 -28.80
N GLN F 59 -35.76 110.88 -27.90
CA GLN F 59 -34.43 110.40 -28.25
C GLN F 59 -34.25 108.96 -27.78
N GLU F 60 -33.91 108.08 -28.72
CA GLU F 60 -33.65 106.67 -28.45
C GLU F 60 -32.29 106.31 -29.02
N MET F 61 -31.61 105.33 -28.41
CA MET F 61 -30.27 104.98 -28.88
C MET F 61 -29.94 103.55 -28.50
N ILE F 62 -28.79 103.10 -29.02
CA ILE F 62 -28.25 101.77 -28.76
C ILE F 62 -26.75 101.92 -28.51
N ILE F 63 -26.27 101.35 -27.41
CA ILE F 63 -24.86 101.43 -27.03
C ILE F 63 -24.30 100.02 -26.95
N SER F 64 -23.33 99.72 -27.83
CA SER F 64 -22.59 98.46 -27.78
C SER F 64 -21.24 98.78 -27.17
N ASN F 65 -21.17 98.74 -25.84
CA ASN F 65 -20.07 99.35 -25.10
C ASN F 65 -18.95 98.38 -24.75
N TRP F 66 -19.04 97.10 -25.12
CA TRP F 66 -18.00 96.14 -24.81
C TRP F 66 -18.00 95.04 -25.87
N HIS F 67 -16.96 95.02 -26.69
CA HIS F 67 -16.78 93.98 -27.70
C HIS F 67 -16.38 92.69 -27.00
N TRP F 68 -17.35 91.78 -26.84
CA TRP F 68 -17.12 90.56 -26.08
C TRP F 68 -16.65 89.41 -26.95
N LEU F 69 -17.44 89.04 -27.96
CA LEU F 69 -17.11 87.90 -28.80
C LEU F 69 -17.28 88.27 -30.27
N THR F 70 -16.41 87.71 -31.10
CA THR F 70 -16.41 87.91 -32.54
C THR F 70 -16.47 86.57 -33.24
N ILE F 71 -17.44 85.76 -32.84
CA ILE F 71 -17.39 84.33 -33.12
C ILE F 71 -17.88 84.07 -34.55
N GLN F 72 -16.98 83.51 -35.38
CA GLN F 72 -17.17 83.37 -36.83
C GLN F 72 -17.57 84.68 -37.48
N THR F 73 -18.77 84.73 -38.06
CA THR F 73 -19.30 85.93 -38.67
C THR F 73 -20.31 86.65 -37.79
N LEU F 74 -20.55 86.15 -36.58
CA LEU F 74 -21.46 86.76 -35.62
C LEU F 74 -20.66 87.57 -34.60
N LYS F 75 -21.22 88.71 -34.20
CA LYS F 75 -20.57 89.59 -33.23
C LYS F 75 -21.50 89.79 -32.04
N LEU F 76 -21.02 89.43 -30.86
CA LEU F 76 -21.78 89.56 -29.63
C LEU F 76 -21.11 90.61 -28.74
N SER F 77 -21.87 91.61 -28.33
CA SER F 77 -21.33 92.72 -27.56
C SER F 77 -22.33 93.08 -26.46
N LEU F 78 -21.79 93.67 -25.39
CA LEU F 78 -22.62 94.16 -24.30
C LEU F 78 -23.35 95.41 -24.79
N SER F 79 -24.60 95.24 -25.19
CA SER F 79 -25.38 96.28 -25.84
C SER F 79 -26.63 96.59 -25.04
N PHE F 80 -26.85 97.88 -24.79
CA PHE F 80 -28.05 98.38 -24.12
C PHE F 80 -28.86 99.19 -25.12
N LYS F 81 -30.14 98.87 -25.24
CA LYS F 81 -31.05 99.55 -26.17
C LYS F 81 -32.03 100.39 -25.36
N MET F 82 -31.88 101.70 -25.43
CA MET F 82 -32.79 102.63 -24.76
C MET F 82 -33.81 103.10 -25.79
N ASP F 83 -35.00 102.51 -25.72
CA ASP F 83 -36.13 102.89 -26.56
C ASP F 83 -37.31 103.18 -25.65
N PHE F 84 -38.51 103.32 -26.25
CA PHE F 84 -39.70 103.76 -25.50
C PHE F 84 -40.07 102.79 -24.39
N PHE F 85 -39.99 101.47 -24.68
CA PHE F 85 -40.42 100.46 -23.70
C PHE F 85 -39.54 100.48 -22.46
N SER F 86 -38.21 100.45 -22.65
CA SER F 86 -37.30 100.51 -21.51
C SER F 86 -37.42 101.85 -20.79
N MET F 87 -37.58 102.93 -21.55
CA MET F 87 -37.64 104.27 -20.98
C MET F 87 -38.82 104.42 -20.04
N MET F 88 -39.96 103.89 -20.41
CA MET F 88 -41.16 104.06 -19.60
C MET F 88 -41.45 102.83 -18.74
N PHE F 89 -40.60 101.81 -18.76
CA PHE F 89 -40.72 100.68 -17.85
C PHE F 89 -39.75 100.72 -16.67
N VAL F 90 -38.53 101.21 -16.88
CA VAL F 90 -37.52 101.16 -15.81
C VAL F 90 -37.89 101.99 -14.58
N PRO F 91 -38.31 103.27 -14.70
CA PRO F 91 -38.67 104.01 -13.48
C PRO F 91 -39.87 103.44 -12.73
N VAL F 92 -40.85 102.87 -13.43
CA VAL F 92 -42.01 102.28 -12.76
C VAL F 92 -41.58 101.08 -11.91
N ALA F 93 -40.76 100.20 -12.49
CA ALA F 93 -40.25 99.06 -11.75
C ALA F 93 -39.37 99.48 -10.59
N LEU F 94 -38.58 100.54 -10.79
CA LEU F 94 -37.72 101.02 -9.70
C LEU F 94 -38.52 101.63 -8.56
N PHE F 95 -39.61 102.33 -8.88
CA PHE F 95 -40.47 102.89 -7.83
C PHE F 95 -41.19 101.79 -7.05
N VAL F 96 -41.71 100.79 -7.77
CA VAL F 96 -42.35 99.65 -7.10
C VAL F 96 -41.34 98.91 -6.23
N THR F 97 -40.11 98.75 -6.72
CA THR F 97 -39.09 98.06 -5.95
C THR F 97 -38.62 98.90 -4.77
N TRP F 98 -38.73 100.24 -4.85
CA TRP F 98 -38.46 101.10 -3.71
C TRP F 98 -39.50 100.91 -2.61
N SER F 99 -40.78 100.86 -3.01
CA SER F 99 -41.83 100.51 -2.05
C SER F 99 -41.62 99.12 -1.47
N ILE F 100 -41.07 98.20 -2.28
CA ILE F 100 -40.79 96.85 -1.80
C ILE F 100 -39.64 96.86 -0.80
N MET F 101 -38.61 97.68 -1.03
CA MET F 101 -37.59 97.93 -0.02
C MET F 101 -38.19 98.36 1.31
N GLU F 102 -39.07 99.36 1.28
CA GLU F 102 -39.60 99.88 2.55
C GLU F 102 -40.48 98.83 3.24
N PHE F 103 -41.35 98.14 2.49
CA PHE F 103 -42.24 97.16 3.09
C PHE F 103 -41.47 95.94 3.58
N SER F 104 -40.40 95.53 2.89
CA SER F 104 -39.61 94.41 3.35
C SER F 104 -38.76 94.79 4.55
N MET F 105 -38.34 96.06 4.63
CA MET F 105 -37.63 96.52 5.82
C MET F 105 -38.54 96.48 7.04
N TRP F 106 -39.81 96.86 6.87
CA TRP F 106 -40.74 96.73 7.99
C TRP F 106 -41.08 95.27 8.30
N TYR F 107 -41.27 94.46 7.26
CA TYR F 107 -41.94 93.17 7.41
C TYR F 107 -41.00 92.11 7.98
N MET F 108 -39.81 91.97 7.42
CA MET F 108 -38.89 90.89 7.79
C MET F 108 -37.90 91.29 8.86
N HIS F 109 -38.28 92.19 9.77
CA HIS F 109 -37.36 92.62 10.83
C HIS F 109 -37.09 91.52 11.85
N SER F 110 -37.97 90.54 11.96
CA SER F 110 -37.75 89.41 12.87
C SER F 110 -36.86 88.33 12.28
N ASP F 111 -36.53 88.41 10.99
CA ASP F 111 -35.70 87.39 10.35
C ASP F 111 -34.23 87.77 10.47
N PRO F 112 -33.38 86.91 11.03
CA PRO F 112 -31.97 87.29 11.22
C PRO F 112 -31.16 87.33 9.93
N ASN F 113 -31.65 86.75 8.84
CA ASN F 113 -30.93 86.69 7.57
C ASN F 113 -31.49 87.67 6.55
N ILE F 114 -31.85 88.86 7.01
CA ILE F 114 -32.52 89.83 6.13
C ILE F 114 -31.53 90.43 5.13
N ASN F 115 -30.24 90.45 5.47
CA ASN F 115 -29.23 91.01 4.56
C ASN F 115 -29.11 90.16 3.30
N GLN F 116 -29.08 88.84 3.46
CA GLN F 116 -29.04 87.95 2.31
C GLN F 116 -30.32 88.06 1.48
N PHE F 117 -31.46 88.28 2.14
CA PHE F 117 -32.72 88.48 1.44
C PHE F 117 -32.70 89.72 0.57
N PHE F 118 -32.21 90.84 1.13
CA PHE F 118 -32.15 92.07 0.36
C PHE F 118 -31.11 91.99 -0.75
N LYS F 119 -30.00 91.29 -0.51
CA LYS F 119 -29.01 91.05 -1.56
C LYS F 119 -29.62 90.25 -2.71
N TYR F 120 -30.38 89.20 -2.37
CA TYR F 120 -31.04 88.38 -3.39
C TYR F 120 -32.03 89.20 -4.21
N LEU F 121 -32.82 90.03 -3.54
CA LEU F 121 -33.84 90.79 -4.26
C LEU F 121 -33.21 91.89 -5.12
N LEU F 122 -32.14 92.54 -4.62
CA LEU F 122 -31.45 93.54 -5.42
C LEU F 122 -30.79 92.93 -6.64
N LEU F 123 -30.16 91.77 -6.48
CA LEU F 123 -29.55 91.13 -7.65
C LEU F 123 -30.60 90.58 -8.60
N PHE F 124 -31.80 90.24 -8.09
CA PHE F 124 -32.93 89.96 -8.98
C PHE F 124 -33.28 91.17 -9.81
N LEU F 125 -33.31 92.36 -9.19
CA LEU F 125 -33.60 93.58 -9.95
C LEU F 125 -32.49 93.85 -10.97
N ILE F 126 -31.25 93.49 -10.64
CA ILE F 126 -30.16 93.58 -11.61
C ILE F 126 -30.43 92.70 -12.82
N THR F 127 -30.84 91.46 -12.57
CA THR F 127 -31.14 90.53 -13.67
C THR F 127 -32.30 91.02 -14.51
N MET F 128 -33.33 91.59 -13.88
CA MET F 128 -34.45 92.10 -14.66
C MET F 128 -34.10 93.36 -15.45
N LEU F 129 -33.24 94.23 -14.90
CA LEU F 129 -32.75 95.36 -15.69
C LEU F 129 -31.92 94.89 -16.88
N ILE F 130 -31.19 93.79 -16.71
CA ILE F 130 -30.52 93.17 -17.85
C ILE F 130 -31.54 92.67 -18.86
N LEU F 131 -32.65 92.11 -18.37
CA LEU F 131 -33.69 91.57 -19.26
C LEU F 131 -34.35 92.67 -20.08
N VAL F 132 -34.77 93.77 -19.45
CA VAL F 132 -35.61 94.73 -20.14
C VAL F 132 -34.83 95.68 -21.04
N THR F 133 -33.54 95.90 -20.78
CA THR F 133 -32.71 96.76 -21.59
C THR F 133 -31.83 95.98 -22.55
N ALA F 134 -32.12 94.69 -22.76
CA ALA F 134 -31.30 93.86 -23.63
C ALA F 134 -31.51 94.23 -25.08
N ASN F 135 -30.42 94.41 -25.82
CA ASN F 135 -30.50 94.68 -27.26
C ASN F 135 -30.40 93.39 -28.05
N ASN F 136 -29.28 92.67 -27.92
CA ASN F 136 -29.16 91.38 -28.56
C ASN F 136 -29.90 90.32 -27.75
N LEU F 137 -30.20 89.20 -28.40
CA LEU F 137 -31.04 88.18 -27.80
C LEU F 137 -30.33 87.40 -26.70
N PHE F 138 -28.99 87.33 -26.73
CA PHE F 138 -28.25 86.62 -25.71
C PHE F 138 -28.36 87.29 -24.35
N GLN F 139 -28.38 88.63 -24.33
CA GLN F 139 -28.57 89.35 -23.07
C GLN F 139 -29.96 89.13 -22.51
N LEU F 140 -30.96 89.04 -23.39
CA LEU F 140 -32.32 88.73 -22.96
C LEU F 140 -32.39 87.31 -22.40
N PHE F 141 -31.64 86.38 -23.00
CA PHE F 141 -31.53 85.02 -22.45
C PHE F 141 -30.89 85.04 -21.07
N ILE F 142 -29.85 85.86 -20.89
CA ILE F 142 -29.17 85.98 -19.60
C ILE F 142 -30.15 86.49 -18.54
N GLY F 143 -30.90 87.54 -18.87
CA GLY F 143 -31.88 88.06 -17.93
C GLY F 143 -32.99 87.08 -17.62
N TRP F 144 -33.44 86.35 -18.65
CA TRP F 144 -34.48 85.34 -18.48
C TRP F 144 -34.07 84.26 -17.49
N GLU F 145 -32.88 83.69 -17.70
CA GLU F 145 -32.43 82.63 -16.80
C GLU F 145 -32.08 83.17 -15.42
N GLY F 146 -31.58 84.42 -15.34
CA GLY F 146 -31.31 85.00 -14.04
C GLY F 146 -32.56 85.20 -13.21
N VAL F 147 -33.62 85.74 -13.82
CA VAL F 147 -34.84 85.96 -13.05
C VAL F 147 -35.52 84.63 -12.75
N GLY F 148 -35.40 83.63 -13.62
CA GLY F 148 -35.95 82.32 -13.29
C GLY F 148 -35.25 81.66 -12.11
N ILE F 149 -33.92 81.68 -12.13
CA ILE F 149 -33.14 81.06 -11.05
C ILE F 149 -33.38 81.78 -9.73
N MET F 150 -33.40 83.11 -9.76
CA MET F 150 -33.58 83.83 -8.51
C MET F 150 -35.02 83.82 -8.04
N SER F 151 -35.99 83.64 -8.95
CA SER F 151 -37.35 83.34 -8.53
C SER F 151 -37.40 82.01 -7.80
N PHE F 152 -36.65 81.01 -8.30
CA PHE F 152 -36.55 79.73 -7.59
C PHE F 152 -35.97 79.91 -6.20
N LEU F 153 -34.91 80.70 -6.09
CA LEU F 153 -34.28 80.95 -4.79
C LEU F 153 -35.23 81.67 -3.82
N LEU F 154 -35.92 82.70 -4.30
CA LEU F 154 -36.78 83.48 -3.42
C LEU F 154 -38.05 82.74 -3.05
N ILE F 155 -38.55 81.86 -3.92
CA ILE F 155 -39.64 80.98 -3.51
C ILE F 155 -39.13 79.98 -2.47
N GLY F 156 -37.96 79.40 -2.69
CA GLY F 156 -37.36 78.51 -1.72
C GLY F 156 -36.52 79.23 -0.68
N TRP F 157 -36.93 80.45 -0.33
CA TRP F 157 -36.30 81.18 0.76
C TRP F 157 -36.38 80.41 2.08
N TRP F 158 -37.55 79.85 2.38
CA TRP F 158 -37.72 79.01 3.56
C TRP F 158 -37.52 77.56 3.13
N TYR F 159 -36.28 77.08 3.24
CA TYR F 159 -35.94 75.77 2.72
C TYR F 159 -36.47 74.63 3.56
N GLY F 160 -36.77 74.87 4.84
CA GLY F 160 -37.27 73.80 5.69
C GLY F 160 -38.70 73.40 5.37
N ARG F 161 -39.47 74.29 4.76
CA ARG F 161 -40.83 73.98 4.34
C ARG F 161 -40.78 73.31 2.98
N THR F 162 -41.08 72.01 2.92
CA THR F 162 -40.96 71.24 1.69
C THR F 162 -41.97 71.67 0.63
N ASP F 163 -43.10 72.26 1.04
CA ASP F 163 -44.08 72.76 0.08
C ASP F 163 -43.49 73.87 -0.77
N ALA F 164 -42.70 74.77 -0.16
CA ALA F 164 -42.04 75.82 -0.90
C ALA F 164 -41.03 75.25 -1.90
N ASN F 165 -40.33 74.19 -1.50
CA ASN F 165 -39.39 73.53 -2.42
C ASN F 165 -40.13 72.92 -3.60
N THR F 166 -41.28 72.30 -3.36
CA THR F 166 -42.08 71.74 -4.44
C THR F 166 -42.57 72.82 -5.38
N ALA F 167 -43.02 73.96 -4.83
CA ALA F 167 -43.48 75.07 -5.67
C ALA F 167 -42.34 75.65 -6.49
N ALA F 168 -41.15 75.77 -5.90
CA ALA F 168 -39.99 76.28 -6.63
C ALA F 168 -39.58 75.35 -7.76
N LEU F 169 -39.62 74.03 -7.51
CA LEU F 169 -39.29 73.07 -8.56
C LEU F 169 -40.32 73.10 -9.68
N GLN F 170 -41.60 73.27 -9.34
CA GLN F 170 -42.64 73.38 -10.36
C GLN F 170 -42.46 74.64 -11.21
N ALA F 171 -42.13 75.76 -10.56
CA ALA F 171 -41.86 77.00 -11.29
C ALA F 171 -40.66 76.85 -12.21
N ILE F 172 -39.62 76.15 -11.75
CA ILE F 172 -38.44 75.91 -12.57
C ILE F 172 -38.79 75.07 -13.79
N LEU F 173 -39.62 74.04 -13.62
CA LEU F 173 -40.03 73.20 -14.74
C LEU F 173 -40.80 74.00 -15.78
N TYR F 174 -41.74 74.84 -15.34
CA TYR F 174 -42.52 75.61 -16.30
C TYR F 174 -41.65 76.67 -16.99
N ASN F 175 -40.73 77.28 -16.26
CA ASN F 175 -39.79 78.23 -16.88
C ASN F 175 -38.87 77.53 -17.87
N ARG F 176 -38.54 76.26 -17.64
CA ARG F 176 -37.73 75.53 -18.62
C ARG F 176 -38.52 75.21 -19.88
N ILE F 177 -39.83 74.99 -19.76
CA ILE F 177 -40.65 74.83 -20.96
C ILE F 177 -40.71 76.15 -21.75
N GLY F 178 -40.85 77.27 -21.03
CA GLY F 178 -40.72 78.57 -21.69
C GLY F 178 -39.36 78.75 -22.35
N ASP F 179 -38.31 78.24 -21.72
CA ASP F 179 -36.98 78.29 -22.30
C ASP F 179 -36.86 77.39 -23.53
N ILE F 180 -37.62 76.30 -23.57
CA ILE F 180 -37.68 75.46 -24.77
C ILE F 180 -38.16 76.29 -25.95
N GLY F 181 -39.27 77.00 -25.74
CA GLY F 181 -39.80 77.86 -26.80
C GLY F 181 -38.85 78.98 -27.20
N PHE F 182 -38.21 79.60 -26.20
CA PHE F 182 -37.29 80.70 -26.46
C PHE F 182 -36.05 80.23 -27.22
N ILE F 183 -35.52 79.06 -26.86
CA ILE F 183 -34.36 78.52 -27.53
C ILE F 183 -34.69 78.14 -28.98
N LEU F 184 -35.90 77.62 -29.22
CA LEU F 184 -36.33 77.36 -30.59
C LEU F 184 -36.39 78.63 -31.42
N ALA F 185 -36.93 79.72 -30.84
CA ALA F 185 -36.97 80.99 -31.56
C ALA F 185 -35.56 81.53 -31.82
N MET F 186 -34.67 81.41 -30.83
CA MET F 186 -33.27 81.81 -30.98
C MET F 186 -32.60 81.06 -32.12
N ALA F 187 -32.81 79.74 -32.17
CA ALA F 187 -32.18 78.91 -33.20
C ALA F 187 -32.69 79.26 -34.59
N TRP F 188 -34.00 79.46 -34.74
CA TRP F 188 -34.51 79.81 -36.06
C TRP F 188 -34.00 81.17 -36.51
N PHE F 189 -33.95 82.15 -35.59
CA PHE F 189 -33.46 83.47 -35.97
C PHE F 189 -31.99 83.43 -36.37
N LEU F 190 -31.16 82.69 -35.63
CA LEU F 190 -29.74 82.60 -35.98
C LEU F 190 -29.54 81.87 -37.29
N ILE F 191 -30.31 80.82 -37.55
CA ILE F 191 -30.11 80.03 -38.77
C ILE F 191 -30.57 80.82 -39.99
N ASN F 192 -31.77 81.38 -39.95
CA ASN F 192 -32.34 81.99 -41.14
C ASN F 192 -32.07 83.48 -41.27
N LEU F 193 -31.40 84.11 -40.31
CA LEU F 193 -31.11 85.53 -40.41
C LEU F 193 -29.67 85.91 -40.10
N ASN F 194 -28.89 84.99 -39.50
CA ASN F 194 -27.48 85.23 -39.13
C ASN F 194 -27.32 86.44 -38.21
N THR F 195 -28.20 86.55 -37.22
CA THR F 195 -28.10 87.64 -36.26
C THR F 195 -28.79 87.25 -34.97
N TRP F 196 -28.39 87.92 -33.90
CA TRP F 196 -29.08 87.86 -32.61
C TRP F 196 -29.54 89.25 -32.17
N ASP F 197 -29.34 90.27 -32.99
CA ASP F 197 -29.74 91.63 -32.65
C ASP F 197 -31.16 91.90 -33.15
N LEU F 198 -31.84 92.82 -32.48
CA LEU F 198 -33.20 93.17 -32.87
C LEU F 198 -33.22 94.03 -34.14
N GLN F 199 -32.14 94.79 -34.37
CA GLN F 199 -32.12 95.72 -35.50
C GLN F 199 -32.13 94.98 -36.83
N GLN F 200 -31.29 93.96 -36.97
CA GLN F 200 -31.26 93.20 -38.20
C GLN F 200 -32.53 92.36 -38.38
N ILE F 201 -33.10 91.87 -37.29
CA ILE F 201 -34.36 91.13 -37.36
C ILE F 201 -35.49 92.04 -37.86
N PHE F 202 -35.55 93.26 -37.34
CA PHE F 202 -36.56 94.21 -37.81
C PHE F 202 -36.32 94.64 -39.24
N MET F 203 -35.05 94.77 -39.65
CA MET F 203 -34.74 95.24 -40.98
C MET F 203 -35.02 94.17 -42.03
N LEU F 204 -34.74 92.90 -41.71
CA LEU F 204 -34.86 91.83 -42.71
C LEU F 204 -36.32 91.53 -43.03
N ASN F 205 -37.17 91.44 -42.00
CA ASN F 205 -38.61 91.17 -42.10
C ASN F 205 -38.91 89.90 -42.89
N PRO F 206 -38.66 88.71 -42.32
CA PRO F 206 -38.90 87.47 -43.07
C PRO F 206 -40.38 87.25 -43.35
N ASN F 207 -40.64 86.52 -44.42
CA ASN F 207 -42.02 86.26 -44.86
C ASN F 207 -42.64 85.08 -44.12
N ASP F 208 -42.02 83.91 -44.20
CA ASP F 208 -42.52 82.71 -43.51
C ASP F 208 -42.00 82.74 -42.08
N SER F 209 -42.62 83.59 -41.27
CA SER F 209 -42.21 83.82 -39.88
C SER F 209 -43.14 83.14 -38.89
N ASN F 210 -43.62 81.93 -39.22
CA ASN F 210 -44.55 81.24 -38.33
C ASN F 210 -43.82 80.53 -37.20
N LEU F 211 -42.75 79.81 -37.51
CA LEU F 211 -42.04 79.03 -36.50
C LEU F 211 -41.40 79.86 -35.39
N PRO F 212 -40.67 80.97 -35.65
CA PRO F 212 -40.21 81.79 -34.52
C PRO F 212 -41.34 82.42 -33.72
N LEU F 213 -42.46 82.74 -34.39
CA LEU F 213 -43.62 83.26 -33.66
C LEU F 213 -44.19 82.22 -32.72
N MET F 214 -44.28 80.96 -33.15
CA MET F 214 -44.73 79.91 -32.25
C MET F 214 -43.73 79.67 -31.12
N GLY F 215 -42.44 79.80 -31.41
CA GLY F 215 -41.45 79.68 -30.35
C GLY F 215 -41.57 80.77 -29.29
N LEU F 216 -41.76 82.02 -29.73
CA LEU F 216 -41.95 83.11 -28.79
C LEU F 216 -43.29 83.00 -28.06
N ILE F 217 -44.31 82.45 -28.71
CA ILE F 217 -45.59 82.21 -28.06
C ILE F 217 -45.43 81.17 -26.95
N LEU F 218 -44.67 80.10 -27.22
CA LEU F 218 -44.40 79.09 -26.21
C LEU F 218 -43.60 79.69 -25.05
N ALA F 219 -42.63 80.55 -25.35
CA ALA F 219 -41.85 81.20 -24.30
C ALA F 219 -42.72 82.10 -23.43
N ALA F 220 -43.61 82.87 -24.05
CA ALA F 220 -44.51 83.73 -23.29
C ALA F 220 -45.53 82.93 -22.49
N THR F 221 -45.96 81.78 -23.02
CA THR F 221 -46.83 80.89 -22.25
C THR F 221 -46.09 80.35 -21.04
N GLY F 222 -44.81 80.01 -21.20
CA GLY F 222 -44.03 79.52 -20.08
C GLY F 222 -43.81 80.55 -18.99
N LYS F 223 -43.46 81.78 -19.39
CA LYS F 223 -43.08 82.77 -18.38
C LYS F 223 -44.26 83.55 -17.82
N SER F 224 -45.20 83.98 -18.67
CA SER F 224 -46.29 84.84 -18.24
C SER F 224 -47.46 84.09 -17.63
N ALA F 225 -47.31 82.78 -17.39
CA ALA F 225 -48.31 81.93 -16.74
C ALA F 225 -49.64 81.94 -17.49
N GLN F 226 -49.56 81.66 -18.79
CA GLN F 226 -50.76 81.50 -19.59
C GLN F 226 -51.31 80.08 -19.41
N PHE F 227 -52.42 79.79 -20.09
CA PHE F 227 -53.09 78.50 -19.91
C PHE F 227 -52.23 77.35 -20.43
N GLY F 228 -52.29 76.22 -19.73
CA GLY F 228 -51.47 75.08 -20.04
C GLY F 228 -50.26 75.02 -19.12
N LEU F 229 -49.66 76.19 -18.87
CA LEU F 229 -48.51 76.32 -17.98
C LEU F 229 -48.77 77.39 -16.92
N HIS F 230 -50.02 77.53 -16.49
CA HIS F 230 -50.42 78.52 -15.49
C HIS F 230 -50.13 78.20 -14.01
N PRO F 231 -50.27 76.97 -13.50
CA PRO F 231 -50.49 76.83 -12.05
C PRO F 231 -49.28 77.11 -11.18
N TRP F 232 -48.09 77.35 -11.75
CA TRP F 232 -46.94 77.68 -10.92
C TRP F 232 -47.09 79.06 -10.28
N LEU F 233 -47.73 80.00 -10.98
CA LEU F 233 -47.97 81.32 -10.39
C LEU F 233 -48.89 81.28 -9.18
N PRO F 234 -50.03 80.57 -9.16
CA PRO F 234 -50.76 80.43 -7.89
C PRO F 234 -50.13 79.44 -6.91
N SER F 235 -49.32 78.49 -7.39
CA SER F 235 -48.69 77.54 -6.47
C SER F 235 -47.47 78.13 -5.77
N ALA F 236 -46.89 79.20 -6.30
CA ALA F 236 -45.73 79.84 -5.70
C ALA F 236 -46.09 80.85 -4.61
N MET F 237 -47.27 80.71 -4.01
CA MET F 237 -47.76 81.68 -3.05
C MET F 237 -47.24 81.43 -1.63
N GLU F 238 -46.42 80.40 -1.45
CA GLU F 238 -45.94 80.00 -0.13
C GLU F 238 -44.63 80.66 0.24
N GLY F 239 -44.10 81.54 -0.61
CA GLY F 239 -42.94 82.33 -0.28
C GLY F 239 -43.31 83.55 0.54
N PRO F 240 -42.33 84.40 0.84
CA PRO F 240 -42.64 85.63 1.58
C PRO F 240 -43.49 86.58 0.75
N THR F 241 -44.24 87.42 1.45
CA THR F 241 -45.19 88.32 0.81
C THR F 241 -44.55 89.49 0.05
N PRO F 242 -43.43 90.09 0.49
CA PRO F 242 -42.74 91.03 -0.42
C PRO F 242 -42.27 90.40 -1.72
N VAL F 243 -41.85 89.13 -1.68
CA VAL F 243 -41.48 88.43 -2.91
C VAL F 243 -42.68 88.29 -3.83
N SER F 244 -43.84 87.97 -3.27
CA SER F 244 -45.06 87.87 -4.07
C SER F 244 -45.49 89.22 -4.61
N ALA F 245 -45.30 90.28 -3.81
CA ALA F 245 -45.71 91.60 -4.23
C ALA F 245 -44.84 92.14 -5.36
N LEU F 246 -43.53 91.88 -5.30
CA LEU F 246 -42.64 92.41 -6.32
C LEU F 246 -42.55 91.50 -7.53
N LEU F 247 -42.14 90.24 -7.32
CA LEU F 247 -41.85 89.34 -8.43
C LEU F 247 -43.13 88.84 -9.09
N HIS F 248 -43.96 88.11 -8.35
CA HIS F 248 -45.06 87.36 -8.92
C HIS F 248 -46.31 88.20 -9.17
N SER F 249 -46.21 89.52 -9.13
CA SER F 249 -47.38 90.34 -9.39
C SER F 249 -47.15 91.42 -10.43
N SER F 250 -46.00 92.06 -10.41
CA SER F 250 -45.83 93.26 -11.21
C SER F 250 -44.64 93.23 -12.16
N THR F 251 -43.51 92.65 -11.73
CA THR F 251 -42.28 92.76 -12.50
C THR F 251 -41.97 91.50 -13.29
N MET F 252 -41.86 90.34 -12.62
CA MET F 252 -41.39 89.13 -13.28
C MET F 252 -42.40 88.57 -14.28
N VAL F 253 -43.68 88.53 -13.91
CA VAL F 253 -44.66 87.77 -14.67
C VAL F 253 -45.02 88.40 -16.01
N VAL F 254 -44.57 89.62 -16.28
CA VAL F 254 -44.84 90.28 -17.55
C VAL F 254 -43.64 90.19 -18.49
N ALA F 255 -42.71 89.26 -18.25
CA ALA F 255 -41.50 89.20 -19.06
C ALA F 255 -41.79 88.68 -20.46
N GLY F 256 -42.61 87.63 -20.58
CA GLY F 256 -42.98 87.14 -21.90
C GLY F 256 -43.85 88.13 -22.65
N ILE F 257 -44.74 88.81 -21.94
CA ILE F 257 -45.55 89.86 -22.55
C ILE F 257 -44.67 91.01 -23.03
N PHE F 258 -43.65 91.36 -22.24
CA PHE F 258 -42.69 92.38 -22.66
C PHE F 258 -41.89 91.93 -23.88
N LEU F 259 -41.52 90.65 -23.93
CA LEU F 259 -40.80 90.12 -25.08
C LEU F 259 -41.64 90.19 -26.35
N LEU F 260 -42.91 89.82 -26.25
CA LEU F 260 -43.78 89.90 -27.41
C LEU F 260 -44.16 91.34 -27.75
N ILE F 261 -44.12 92.25 -26.77
CA ILE F 261 -44.24 93.67 -27.06
C ILE F 261 -43.05 94.14 -27.89
N ARG F 262 -41.85 93.67 -27.52
CA ARG F 262 -40.63 94.05 -28.25
C ARG F 262 -40.65 93.57 -29.69
N PHE F 263 -41.36 92.47 -29.97
CA PHE F 263 -41.37 91.86 -31.29
C PHE F 263 -42.63 92.24 -32.09
N TYR F 264 -43.13 93.45 -31.92
CA TYR F 264 -44.30 93.89 -32.69
C TYR F 264 -44.11 94.03 -34.21
N PRO F 265 -42.94 94.41 -34.77
CA PRO F 265 -42.84 94.48 -36.23
C PRO F 265 -42.90 93.12 -36.92
N LEU F 266 -42.67 92.02 -36.20
CA LEU F 266 -42.76 90.70 -36.81
C LEU F 266 -44.16 90.14 -36.76
N THR F 267 -44.91 90.43 -35.68
CA THR F 267 -46.29 89.99 -35.58
C THR F 267 -47.28 91.01 -36.13
N GLU F 268 -46.80 92.15 -36.63
CA GLU F 268 -47.70 93.10 -37.28
C GLU F 268 -48.05 92.72 -38.71
N ASN F 269 -47.41 91.69 -39.27
CA ASN F 269 -47.67 91.25 -40.64
C ASN F 269 -47.95 89.75 -40.68
N ASN F 270 -48.71 89.25 -39.70
CA ASN F 270 -49.02 87.83 -39.64
C ASN F 270 -50.32 87.64 -38.86
N LYS F 271 -51.35 87.15 -39.54
CA LYS F 271 -52.65 86.97 -38.90
C LYS F 271 -52.68 85.74 -37.99
N PHE F 272 -51.94 84.69 -38.34
CA PHE F 272 -52.00 83.43 -37.62
C PHE F 272 -51.50 83.56 -36.20
N GLY F 273 -50.35 84.22 -36.02
CA GLY F 273 -49.82 84.42 -34.67
C GLY F 273 -50.71 85.31 -33.83
N GLN F 274 -51.30 86.34 -34.43
CA GLN F 274 -52.22 87.22 -33.72
C GLN F 274 -53.45 86.45 -33.23
N SER F 275 -54.02 85.61 -34.10
CA SER F 275 -55.17 84.80 -33.71
C SER F 275 -54.80 83.80 -32.61
N ILE F 276 -53.61 83.20 -32.71
CA ILE F 276 -53.18 82.22 -31.71
C ILE F 276 -53.00 82.90 -30.35
N MET F 277 -52.35 84.07 -30.33
CA MET F 277 -52.15 84.79 -29.07
C MET F 277 -53.49 85.25 -28.49
N LEU F 278 -54.42 85.68 -29.35
CA LEU F 278 -55.73 86.13 -28.88
C LEU F 278 -56.51 84.98 -28.23
N CYS F 279 -56.55 83.82 -28.90
CA CYS F 279 -57.26 82.68 -28.35
C CYS F 279 -56.62 82.19 -27.05
N LEU F 280 -55.29 82.14 -27.01
CA LEU F 280 -54.59 81.71 -25.81
C LEU F 280 -54.82 82.67 -24.65
N GLY F 281 -54.81 83.97 -24.92
CA GLY F 281 -55.07 84.95 -23.88
C GLY F 281 -56.49 84.88 -23.34
N ALA F 282 -57.47 84.69 -24.23
CA ALA F 282 -58.85 84.58 -23.78
C ALA F 282 -59.06 83.32 -22.93
N MET F 283 -58.48 82.21 -23.38
CA MET F 283 -58.48 80.97 -22.58
C MET F 283 -57.89 81.20 -21.20
N THR F 284 -56.72 81.86 -21.15
CA THR F 284 -56.03 82.08 -19.88
C THR F 284 -56.85 82.95 -18.94
N THR F 285 -57.36 84.08 -19.44
CA THR F 285 -58.05 85.01 -18.55
C THR F 285 -59.39 84.43 -18.07
N LEU F 286 -60.12 83.71 -18.93
CA LEU F 286 -61.39 83.15 -18.48
C LEU F 286 -61.17 82.01 -17.50
N PHE F 287 -60.21 81.11 -17.78
CA PHE F 287 -59.95 79.99 -16.89
C PHE F 287 -59.43 80.47 -15.54
N THR F 288 -58.53 81.45 -15.53
CA THR F 288 -58.00 81.94 -14.26
C THR F 288 -59.04 82.73 -13.48
N ALA F 289 -59.93 83.47 -14.15
CA ALA F 289 -61.00 84.15 -13.44
C ALA F 289 -61.99 83.15 -12.84
N MET F 290 -62.31 82.08 -13.58
CA MET F 290 -63.20 81.05 -13.07
C MET F 290 -62.57 80.32 -11.89
N CYS F 291 -61.25 80.14 -11.91
CA CYS F 291 -60.57 79.57 -10.75
C CYS F 291 -60.56 80.53 -9.58
N ALA F 292 -60.45 81.83 -9.85
CA ALA F 292 -60.45 82.85 -8.80
C ALA F 292 -61.83 83.17 -8.26
N LEU F 293 -62.89 82.61 -8.85
CA LEU F 293 -64.25 82.93 -8.42
C LEU F 293 -64.52 82.50 -6.99
N THR F 294 -64.10 81.29 -6.61
CA THR F 294 -64.52 80.68 -5.34
C THR F 294 -63.33 80.18 -4.53
N GLN F 295 -62.33 81.03 -4.34
CA GLN F 295 -61.18 80.68 -3.53
C GLN F 295 -61.26 81.32 -2.15
N ASN F 296 -60.41 80.84 -1.24
CA ASN F 296 -60.45 81.24 0.16
C ASN F 296 -59.16 81.89 0.66
N ASP F 297 -58.02 81.63 0.05
CA ASP F 297 -56.79 82.29 0.44
C ASP F 297 -56.65 83.61 -0.32
N ILE F 298 -56.28 84.68 0.40
CA ILE F 298 -56.27 86.00 -0.21
C ILE F 298 -55.13 86.13 -1.22
N LYS F 299 -53.93 85.65 -0.86
CA LYS F 299 -52.79 85.75 -1.76
C LYS F 299 -52.98 84.89 -3.01
N LYS F 300 -53.62 83.73 -2.85
CA LYS F 300 -53.99 82.91 -3.99
C LYS F 300 -54.96 83.65 -4.91
N ILE F 301 -55.90 84.39 -4.31
CA ILE F 301 -56.87 85.15 -5.09
C ILE F 301 -56.18 86.25 -5.90
N ILE F 302 -55.25 86.97 -5.27
CA ILE F 302 -54.57 88.04 -6.00
C ILE F 302 -53.61 87.47 -7.06
N ALA F 303 -53.02 86.30 -6.81
CA ALA F 303 -52.20 85.65 -7.83
C ALA F 303 -53.03 85.24 -9.03
N PHE F 304 -54.21 84.66 -8.79
CA PHE F 304 -55.10 84.34 -9.91
C PHE F 304 -55.57 85.60 -10.62
N SER F 305 -55.73 86.70 -9.87
CA SER F 305 -56.10 87.97 -10.47
C SER F 305 -55.02 88.50 -11.40
N THR F 306 -53.75 88.43 -10.99
CA THR F 306 -52.70 88.93 -11.86
C THR F 306 -52.46 87.99 -13.03
N SER F 307 -52.75 86.69 -12.88
CA SER F 307 -52.73 85.81 -14.04
C SER F 307 -53.84 86.15 -15.03
N SER F 308 -55.02 86.51 -14.52
CA SER F 308 -56.12 86.93 -15.40
C SER F 308 -55.77 88.24 -16.11
N GLN F 309 -55.12 89.17 -15.42
CA GLN F 309 -54.68 90.40 -16.07
C GLN F 309 -53.61 90.12 -17.13
N LEU F 310 -52.74 89.14 -16.86
CA LEU F 310 -51.77 88.71 -17.88
C LEU F 310 -52.47 88.14 -19.10
N GLY F 311 -53.55 87.37 -18.89
CA GLY F 311 -54.32 86.86 -20.02
C GLY F 311 -55.01 87.96 -20.81
N LEU F 312 -55.53 88.97 -20.10
CA LEU F 312 -56.13 90.13 -20.78
C LEU F 312 -55.09 90.90 -21.59
N MET F 313 -53.88 91.02 -21.06
CA MET F 313 -52.79 91.66 -21.79
C MET F 313 -52.39 90.84 -23.01
N MET F 314 -52.44 89.51 -22.89
CA MET F 314 -52.23 88.64 -24.03
C MET F 314 -53.30 88.88 -25.10
N VAL F 315 -54.55 89.08 -24.66
CA VAL F 315 -55.64 89.37 -25.58
C VAL F 315 -55.41 90.67 -26.33
N THR F 316 -55.03 91.73 -25.59
CA THR F 316 -54.82 93.02 -26.24
C THR F 316 -53.53 93.06 -27.05
N ILE F 317 -52.61 92.13 -26.81
CA ILE F 317 -51.51 91.91 -27.76
C ILE F 317 -52.04 91.28 -29.04
N GLY F 318 -52.95 90.32 -28.92
CA GLY F 318 -53.42 89.57 -30.07
C GLY F 318 -54.28 90.36 -31.05
N ILE F 319 -54.65 91.59 -30.74
CA ILE F 319 -55.46 92.40 -31.64
C ILE F 319 -54.63 93.54 -32.22
N ASN F 320 -53.30 93.33 -32.27
CA ASN F 320 -52.34 94.26 -32.87
C ASN F 320 -52.38 95.65 -32.22
N GLN F 321 -52.38 95.66 -30.88
CA GLN F 321 -52.29 96.88 -30.10
C GLN F 321 -51.24 96.69 -29.01
N PRO F 322 -49.95 96.72 -29.36
CA PRO F 322 -48.91 96.35 -28.39
C PRO F 322 -48.62 97.44 -27.35
N HIS F 323 -48.66 98.71 -27.77
CA HIS F 323 -48.38 99.79 -26.84
C HIS F 323 -49.51 99.98 -25.84
N LEU F 324 -50.73 99.55 -26.20
CA LEU F 324 -51.79 99.46 -25.20
C LEU F 324 -51.44 98.43 -24.13
N ALA F 325 -50.84 97.31 -24.52
CA ALA F 325 -50.40 96.32 -23.55
C ALA F 325 -49.27 96.85 -22.67
N PHE F 326 -48.35 97.62 -23.26
CA PHE F 326 -47.29 98.23 -22.46
C PHE F 326 -47.84 99.24 -21.46
N LEU F 327 -48.82 100.05 -21.90
CA LEU F 327 -49.50 100.97 -20.99
C LEU F 327 -50.24 100.20 -19.90
N HIS F 328 -50.80 99.04 -20.25
CA HIS F 328 -51.47 98.22 -19.24
C HIS F 328 -50.48 97.64 -18.24
N ILE F 329 -49.25 97.32 -18.68
CA ILE F 329 -48.20 96.93 -17.73
C ILE F 329 -47.92 98.06 -16.76
N CYS F 330 -47.70 99.26 -17.31
CA CYS F 330 -47.30 100.40 -16.49
C CYS F 330 -48.40 100.85 -15.55
N THR F 331 -49.66 100.58 -15.89
CA THR F 331 -50.77 100.87 -14.99
C THR F 331 -51.06 99.73 -14.02
N HIS F 332 -50.78 98.50 -14.42
CA HIS F 332 -51.13 97.32 -13.64
C HIS F 332 -50.19 97.12 -12.46
N ALA F 333 -48.91 97.45 -12.66
CA ALA F 333 -47.89 97.18 -11.65
C ALA F 333 -48.19 97.90 -10.33
N PHE F 334 -48.63 99.16 -10.41
CA PHE F 334 -48.82 99.99 -9.23
C PHE F 334 -49.89 99.42 -8.30
N PHE F 335 -51.10 99.23 -8.82
CA PHE F 335 -52.15 98.76 -7.92
C PHE F 335 -52.04 97.28 -7.60
N LYS F 336 -51.37 96.47 -8.42
CA LYS F 336 -51.17 95.09 -7.97
C LYS F 336 -50.16 95.02 -6.84
N ALA F 337 -49.10 95.83 -6.90
CA ALA F 337 -48.19 95.93 -5.76
C ALA F 337 -48.89 96.47 -4.53
N MET F 338 -49.79 97.45 -4.73
CA MET F 338 -50.58 97.98 -3.61
C MET F 338 -51.44 96.90 -2.96
N LEU F 339 -52.16 96.12 -3.77
CA LEU F 339 -53.07 95.10 -3.24
C LEU F 339 -52.31 94.02 -2.50
N PHE F 340 -51.21 93.52 -3.09
CA PHE F 340 -50.43 92.48 -2.42
C PHE F 340 -49.76 93.01 -1.15
N MET F 341 -49.34 94.27 -1.18
CA MET F 341 -48.58 94.82 -0.06
C MET F 341 -49.50 95.15 1.12
N CYS F 342 -50.70 95.66 0.84
CA CYS F 342 -51.69 95.85 1.90
C CYS F 342 -52.18 94.50 2.43
N SER F 343 -52.30 93.49 1.56
CA SER F 343 -52.65 92.16 2.01
C SER F 343 -51.59 91.60 2.95
N GLY F 344 -50.31 91.82 2.63
CA GLY F 344 -49.25 91.38 3.52
C GLY F 344 -49.25 92.12 4.86
N SER F 345 -49.59 93.41 4.83
CA SER F 345 -49.75 94.16 6.07
C SER F 345 -50.85 93.57 6.94
N ILE F 346 -51.99 93.22 6.32
CA ILE F 346 -53.08 92.60 7.07
C ILE F 346 -52.67 91.23 7.61
N ILE F 347 -51.94 90.46 6.80
CA ILE F 347 -51.51 89.12 7.21
C ILE F 347 -50.58 89.18 8.41
N HIS F 348 -49.61 90.11 8.38
CA HIS F 348 -48.73 90.27 9.53
C HIS F 348 -49.48 90.81 10.74
N SER F 349 -50.51 91.63 10.51
CA SER F 349 -51.25 92.19 11.63
C SER F 349 -52.17 91.19 12.33
N LEU F 350 -52.42 90.02 11.75
CA LEU F 350 -53.35 89.06 12.31
C LEU F 350 -52.71 87.69 12.55
N ASN F 351 -51.41 87.68 12.90
CA ASN F 351 -50.67 86.48 13.30
C ASN F 351 -50.67 85.40 12.21
N ASP F 352 -50.44 85.84 10.98
CA ASP F 352 -50.24 84.97 9.81
C ASP F 352 -51.43 84.04 9.56
N GLU F 353 -52.63 84.58 9.73
CA GLU F 353 -53.86 83.85 9.40
C GLU F 353 -54.30 84.30 8.00
N GLN F 354 -54.09 83.43 7.01
CA GLN F 354 -54.21 83.83 5.62
C GLN F 354 -55.58 83.56 5.00
N ASP F 355 -56.38 82.68 5.58
CA ASP F 355 -57.69 82.37 5.03
C ASP F 355 -58.65 83.53 5.27
N ILE F 356 -59.47 83.84 4.26
CA ILE F 356 -60.42 84.95 4.38
C ILE F 356 -61.68 84.56 5.13
N ARG F 357 -61.81 83.30 5.54
CA ARG F 357 -62.96 82.86 6.32
C ARG F 357 -62.77 83.09 7.81
N LYS F 358 -61.62 83.61 8.23
CA LYS F 358 -61.38 83.94 9.63
C LYS F 358 -61.10 85.44 9.74
N MET F 359 -61.90 86.25 9.05
CA MET F 359 -61.65 87.67 8.90
C MET F 359 -62.90 88.50 9.15
N GLY F 360 -62.85 89.77 8.79
CA GLY F 360 -63.99 90.66 8.93
C GLY F 360 -63.79 91.68 10.04
N GLY F 361 -64.55 92.77 9.96
CA GLY F 361 -64.45 93.82 10.95
C GLY F 361 -63.21 94.69 10.83
N LEU F 362 -62.50 94.62 9.70
CA LEU F 362 -61.29 95.39 9.50
C LEU F 362 -61.55 96.68 8.74
N PHE F 363 -62.81 97.07 8.56
CA PHE F 363 -63.12 98.33 7.88
C PHE F 363 -62.67 99.54 8.69
N LYS F 364 -62.81 99.47 10.01
CA LYS F 364 -62.46 100.57 10.88
C LYS F 364 -61.22 100.32 11.72
N ALA F 365 -60.83 99.06 11.90
CA ALA F 365 -59.60 98.77 12.64
C ALA F 365 -58.37 99.12 11.81
N MET F 366 -58.46 99.00 10.49
CA MET F 366 -57.36 99.33 9.57
C MET F 366 -57.88 100.36 8.57
N PRO F 367 -57.94 101.64 8.96
CA PRO F 367 -58.51 102.66 8.06
C PRO F 367 -57.68 102.90 6.81
N PHE F 368 -56.37 103.12 6.98
CA PHE F 368 -55.51 103.36 5.83
C PHE F 368 -55.41 102.13 4.95
N THR F 369 -55.34 100.94 5.55
CA THR F 369 -55.28 99.71 4.76
C THR F 369 -56.58 99.46 4.01
N THR F 370 -57.72 99.78 4.64
CA THR F 370 -59.00 99.66 3.94
C THR F 370 -59.10 100.65 2.78
N THR F 371 -58.63 101.88 2.98
CA THR F 371 -58.62 102.85 1.90
C THR F 371 -57.74 102.40 0.74
N ALA F 372 -56.55 101.88 1.06
CA ALA F 372 -55.65 101.37 0.03
C ALA F 372 -56.26 100.19 -0.71
N LEU F 373 -56.89 99.26 0.01
CA LEU F 373 -57.49 98.09 -0.62
C LEU F 373 -58.68 98.47 -1.48
N ILE F 374 -59.49 99.43 -1.03
CA ILE F 374 -60.64 99.89 -1.81
C ILE F 374 -60.18 100.58 -3.09
N ILE F 375 -59.15 101.44 -2.99
CA ILE F 375 -58.64 102.12 -4.17
C ILE F 375 -58.00 101.13 -5.14
N GLY F 376 -57.27 100.14 -4.61
CA GLY F 376 -56.69 99.13 -5.47
C GLY F 376 -57.73 98.27 -6.17
N SER F 377 -58.79 97.89 -5.47
CA SER F 377 -59.87 97.13 -6.08
C SER F 377 -60.60 97.95 -7.13
N LEU F 378 -60.81 99.23 -6.88
CA LEU F 378 -61.45 100.10 -7.86
C LEU F 378 -60.60 100.27 -9.10
N ALA F 379 -59.28 100.41 -8.92
CA ALA F 379 -58.39 100.47 -10.07
C ALA F 379 -58.35 99.15 -10.82
N LEU F 380 -58.50 98.04 -10.11
CA LEU F 380 -58.57 96.73 -10.76
C LEU F 380 -59.83 96.59 -11.61
N THR F 381 -60.97 97.07 -11.09
CA THR F 381 -62.23 96.90 -11.79
C THR F 381 -62.31 97.75 -13.05
N GLY F 382 -61.72 98.95 -13.04
CA GLY F 382 -61.88 99.87 -14.15
C GLY F 382 -62.74 101.05 -13.78
N MET F 383 -62.60 101.53 -12.54
CA MET F 383 -63.34 102.69 -12.07
C MET F 383 -62.85 103.89 -12.87
N PRO F 384 -63.75 104.71 -13.45
CA PRO F 384 -63.30 105.79 -14.35
C PRO F 384 -62.40 106.81 -13.68
N PHE F 385 -61.45 107.32 -14.48
CA PHE F 385 -60.45 108.33 -14.13
C PHE F 385 -59.49 107.84 -13.05
N LEU F 386 -59.39 106.53 -12.85
CA LEU F 386 -58.31 105.94 -12.07
C LEU F 386 -57.20 105.52 -13.03
N THR F 387 -56.23 104.74 -12.54
CA THR F 387 -55.14 104.33 -13.40
C THR F 387 -55.58 103.26 -14.40
N GLY F 388 -56.35 102.26 -13.94
CA GLY F 388 -56.76 101.18 -14.82
C GLY F 388 -57.67 101.62 -15.94
N PHE F 389 -58.54 102.61 -15.66
CA PHE F 389 -59.38 103.19 -16.70
C PHE F 389 -58.56 103.80 -17.82
N TYR F 390 -57.34 104.26 -17.53
CA TYR F 390 -56.55 104.84 -18.60
C TYR F 390 -55.89 103.78 -19.47
N SER F 391 -55.93 102.51 -19.08
CA SER F 391 -55.50 101.44 -19.98
C SER F 391 -56.61 100.44 -20.26
N LYS F 392 -57.17 99.82 -19.21
CA LYS F 392 -58.00 98.62 -19.37
C LYS F 392 -59.25 98.91 -20.18
N ASP F 393 -60.00 99.94 -19.78
CA ASP F 393 -61.21 100.35 -20.50
C ASP F 393 -60.89 100.66 -21.96
N LEU F 394 -59.71 101.25 -22.21
CA LEU F 394 -59.33 101.61 -23.57
C LEU F 394 -59.19 100.36 -24.45
N ILE F 395 -58.63 99.28 -23.90
CA ILE F 395 -58.48 98.09 -24.72
C ILE F 395 -59.85 97.47 -25.01
N ILE F 396 -60.83 97.70 -24.13
CA ILE F 396 -62.19 97.28 -24.41
C ILE F 396 -62.73 98.02 -25.62
N GLU F 397 -62.42 99.32 -25.73
CA GLU F 397 -62.79 100.09 -26.90
C GLU F 397 -62.09 99.61 -28.16
N SER F 398 -60.97 98.89 -28.02
CA SER F 398 -60.34 98.28 -29.17
C SER F 398 -60.68 96.80 -29.32
N ALA F 399 -61.38 96.21 -28.36
CA ALA F 399 -61.69 94.79 -28.43
C ALA F 399 -63.00 94.50 -29.14
N ASN F 400 -63.80 95.52 -29.43
CA ASN F 400 -65.08 95.34 -30.12
C ASN F 400 -65.07 95.84 -31.56
N THR F 401 -64.45 96.97 -31.82
CA THR F 401 -64.40 97.55 -33.17
C THR F 401 -63.12 97.13 -33.88
N SER F 402 -62.99 95.82 -34.08
CA SER F 402 -61.82 95.25 -34.76
C SER F 402 -62.22 93.92 -35.38
N TYR F 403 -61.46 93.52 -36.39
CA TYR F 403 -61.67 92.24 -37.06
C TYR F 403 -61.06 91.17 -36.18
N THR F 404 -61.84 90.70 -35.20
CA THR F 404 -61.34 89.84 -34.13
C THR F 404 -62.22 88.61 -34.00
N ASN F 405 -61.80 87.70 -33.13
CA ASN F 405 -62.60 86.52 -32.82
C ASN F 405 -63.72 86.89 -31.85
N ALA F 406 -64.90 86.32 -32.09
CA ALA F 406 -66.08 86.67 -31.28
C ALA F 406 -66.01 86.04 -29.90
N TRP F 407 -65.66 84.76 -29.83
CA TRP F 407 -65.63 84.06 -28.55
C TRP F 407 -64.55 84.62 -27.63
N ALA F 408 -63.43 85.06 -28.20
CA ALA F 408 -62.37 85.66 -27.39
C ALA F 408 -62.86 86.94 -26.70
N LEU F 409 -63.55 87.80 -27.45
CA LEU F 409 -64.13 89.01 -26.85
C LEU F 409 -65.20 88.66 -25.83
N LEU F 410 -66.00 87.63 -26.11
CA LEU F 410 -67.05 87.22 -25.18
C LEU F 410 -66.47 86.80 -23.83
N MET F 411 -65.49 85.89 -23.84
CA MET F 411 -64.89 85.50 -22.57
C MET F 411 -64.00 86.59 -21.98
N THR F 412 -63.51 87.54 -22.78
CA THR F 412 -62.84 88.70 -22.21
C THR F 412 -63.79 89.52 -21.35
N LEU F 413 -65.01 89.76 -21.87
CA LEU F 413 -66.00 90.50 -21.09
C LEU F 413 -66.46 89.72 -19.87
N VAL F 414 -66.64 88.40 -20.02
CA VAL F 414 -67.03 87.57 -18.87
C VAL F 414 -65.92 87.56 -17.82
N ALA F 415 -64.66 87.56 -18.26
CA ALA F 415 -63.54 87.65 -17.34
C ALA F 415 -63.50 88.98 -16.62
N THR F 416 -63.86 90.07 -17.31
CA THR F 416 -63.94 91.38 -16.67
C THR F 416 -65.02 91.38 -15.57
N SER F 417 -66.18 90.78 -15.88
CA SER F 417 -67.22 90.63 -14.86
C SER F 417 -66.74 89.81 -13.69
N PHE F 418 -65.98 88.75 -13.96
CA PHE F 418 -65.48 87.89 -12.89
C PHE F 418 -64.44 88.61 -12.03
N THR F 419 -63.62 89.46 -12.66
CA THR F 419 -62.66 90.27 -11.90
C THR F 419 -63.39 91.20 -10.94
N ALA F 420 -64.45 91.86 -11.43
CA ALA F 420 -65.26 92.71 -10.57
C ALA F 420 -65.88 91.90 -9.42
N ILE F 421 -66.36 90.68 -9.75
CA ILE F 421 -67.02 89.83 -8.76
C ILE F 421 -66.06 89.45 -7.64
N TYR F 422 -64.86 88.97 -7.99
CA TYR F 422 -63.97 88.54 -6.92
C TYR F 422 -63.34 89.71 -6.19
N SER F 423 -63.20 90.88 -6.83
CA SER F 423 -62.72 92.05 -6.11
C SER F 423 -63.70 92.47 -5.03
N THR F 424 -64.99 92.57 -5.37
CA THR F 424 -65.94 92.92 -4.32
C THR F 424 -66.20 91.76 -3.37
N ARG F 425 -65.93 90.52 -3.77
CA ARG F 425 -65.97 89.40 -2.84
C ARG F 425 -64.89 89.52 -1.77
N ILE F 426 -63.67 89.86 -2.19
CA ILE F 426 -62.58 90.09 -1.24
C ILE F 426 -62.91 91.28 -0.33
N ILE F 427 -63.49 92.33 -0.91
CA ILE F 427 -63.91 93.48 -0.11
C ILE F 427 -64.96 93.09 0.92
N PHE F 428 -65.94 92.28 0.51
CA PHE F 428 -67.04 91.90 1.39
C PHE F 428 -66.57 90.97 2.51
N PHE F 429 -65.62 90.09 2.21
CA PHE F 429 -65.22 89.11 3.22
C PHE F 429 -64.13 89.65 4.15
N ALA F 430 -63.13 90.34 3.62
CA ALA F 430 -62.00 90.75 4.45
C ALA F 430 -62.28 92.05 5.19
N LEU F 431 -62.86 93.04 4.53
CA LEU F 431 -63.05 94.35 5.13
C LEU F 431 -64.38 94.46 5.87
N LEU F 432 -65.48 94.13 5.21
CA LEU F 432 -66.81 94.29 5.77
C LEU F 432 -67.13 93.13 6.71
N GLY F 433 -68.40 93.04 7.11
CA GLY F 433 -68.82 91.95 7.97
C GLY F 433 -68.41 92.14 9.41
N GLN F 434 -68.28 91.01 10.11
CA GLN F 434 -68.03 90.93 11.54
C GLN F 434 -66.72 90.21 11.80
N PRO F 435 -66.05 90.50 12.92
CA PRO F 435 -64.75 89.86 13.19
C PRO F 435 -64.85 88.36 13.40
N ARG F 436 -63.80 87.66 12.95
CA ARG F 436 -63.71 86.21 13.11
C ARG F 436 -62.36 85.75 13.61
N PHE F 437 -61.40 86.66 13.78
CA PHE F 437 -60.07 86.29 14.26
C PHE F 437 -60.13 85.87 15.72
N PRO F 438 -59.10 85.15 16.20
CA PRO F 438 -59.05 84.79 17.62
C PRO F 438 -59.05 86.01 18.54
N THR F 439 -59.40 85.76 19.81
CA THR F 439 -59.78 86.82 20.73
C THR F 439 -58.63 87.73 21.12
N LEU F 440 -57.38 87.34 20.86
CA LEU F 440 -56.24 88.21 21.14
C LEU F 440 -56.07 89.17 19.96
N ILE F 441 -56.49 90.41 20.14
CA ILE F 441 -56.42 91.41 19.08
C ILE F 441 -55.04 92.05 19.11
N ASN F 442 -54.32 91.95 18.00
CA ASN F 442 -53.02 92.56 17.84
C ASN F 442 -52.98 93.42 16.59
N ILE F 443 -54.05 94.17 16.35
CA ILE F 443 -54.16 95.02 15.16
C ILE F 443 -53.34 96.28 15.39
N ASN F 444 -52.32 96.49 14.54
CA ASN F 444 -51.47 97.66 14.64
C ASN F 444 -50.81 97.90 13.29
N GLU F 445 -50.83 99.16 12.84
CA GLU F 445 -50.15 99.52 11.60
C GLU F 445 -49.43 100.85 11.72
N ASN F 446 -49.24 101.38 12.93
CA ASN F 446 -48.60 102.68 13.13
C ASN F 446 -47.08 102.52 13.08
N ASN F 447 -46.58 102.27 11.88
CA ASN F 447 -45.16 102.18 11.61
C ASN F 447 -44.85 103.12 10.46
N PRO F 448 -43.84 104.00 10.60
CA PRO F 448 -43.57 104.99 9.55
C PRO F 448 -43.21 104.39 8.20
N PHE F 449 -42.49 103.27 8.18
CA PHE F 449 -42.08 102.64 6.93
C PHE F 449 -43.29 102.18 6.13
N LEU F 450 -44.18 101.43 6.77
CA LEU F 450 -45.36 100.90 6.08
C LEU F 450 -46.29 102.02 5.64
N ILE F 451 -46.53 103.00 6.51
CA ILE F 451 -47.44 104.10 6.19
C ILE F 451 -46.89 104.92 5.01
N ASN F 452 -45.60 105.27 5.06
CA ASN F 452 -44.99 106.04 3.97
C ASN F 452 -44.97 105.26 2.67
N SER F 453 -44.67 103.96 2.73
CA SER F 453 -44.61 103.14 1.53
C SER F 453 -45.98 102.98 0.87
N ILE F 454 -47.01 102.67 1.66
CA ILE F 454 -48.35 102.52 1.08
C ILE F 454 -48.88 103.88 0.63
N LYS F 455 -48.48 104.98 1.29
CA LYS F 455 -48.85 106.31 0.83
C LYS F 455 -48.23 106.61 -0.54
N ARG F 456 -46.96 106.26 -0.73
CA ARG F 456 -46.32 106.46 -2.03
C ARG F 456 -46.99 105.64 -3.11
N LEU F 457 -47.31 104.37 -2.81
CA LEU F 457 -48.02 103.56 -3.80
C LEU F 457 -49.43 104.06 -4.05
N LEU F 458 -50.06 104.68 -3.06
CA LEU F 458 -51.40 105.24 -3.24
C LEU F 458 -51.38 106.45 -4.15
N ILE F 459 -50.40 107.34 -3.96
CA ILE F 459 -50.24 108.49 -4.84
C ILE F 459 -49.90 108.02 -6.26
N GLY F 460 -49.06 106.97 -6.36
CA GLY F 460 -48.75 106.41 -7.66
C GLY F 460 -49.98 105.87 -8.37
N SER F 461 -50.80 105.07 -7.68
CA SER F 461 -52.01 104.55 -8.28
C SER F 461 -53.03 105.64 -8.59
N LEU F 462 -52.99 106.76 -7.86
CA LEU F 462 -53.90 107.85 -8.15
C LEU F 462 -53.50 108.59 -9.43
N PHE F 463 -52.22 108.91 -9.60
CA PHE F 463 -51.83 109.86 -10.64
C PHE F 463 -50.92 109.34 -11.74
N ALA F 464 -50.23 108.21 -11.53
CA ALA F 464 -49.30 107.72 -12.53
C ALA F 464 -50.00 107.26 -13.79
N GLY F 465 -51.21 106.71 -13.67
CA GLY F 465 -51.97 106.33 -14.85
C GLY F 465 -52.30 107.52 -15.73
N PHE F 466 -52.73 108.61 -15.12
CA PHE F 466 -52.98 109.86 -15.85
C PHE F 466 -51.70 110.40 -16.48
N ILE F 467 -50.60 110.38 -15.72
CA ILE F 467 -49.34 110.93 -16.21
C ILE F 467 -48.83 110.15 -17.42
N ILE F 468 -48.85 108.82 -17.33
CA ILE F 468 -48.35 107.99 -18.43
C ILE F 468 -49.30 108.07 -19.63
N SER F 469 -50.61 108.08 -19.38
CA SER F 469 -51.55 108.11 -20.50
C SER F 469 -51.55 109.46 -21.21
N ASN F 470 -51.14 110.53 -20.53
CA ASN F 470 -51.06 111.83 -21.17
C ASN F 470 -49.65 112.25 -21.58
N ASN F 471 -48.63 111.45 -21.26
CA ASN F 471 -47.26 111.84 -21.58
C ASN F 471 -46.62 111.02 -22.68
N ILE F 472 -47.10 109.82 -22.97
CA ILE F 472 -46.50 108.97 -23.99
C ILE F 472 -46.78 109.57 -25.37
N PRO F 473 -45.87 109.42 -26.33
CA PRO F 473 -46.17 109.88 -27.69
C PRO F 473 -47.25 109.02 -28.32
N PRO F 474 -48.07 109.60 -29.20
CA PRO F 474 -49.11 108.80 -29.86
C PRO F 474 -48.53 107.84 -30.88
N MET F 475 -48.56 106.55 -30.56
CA MET F 475 -47.92 105.53 -31.39
C MET F 475 -48.85 104.99 -32.46
N THR F 476 -50.14 104.82 -32.15
CA THR F 476 -51.09 104.31 -33.12
C THR F 476 -52.30 105.24 -33.22
N ILE F 477 -53.33 104.81 -33.95
CA ILE F 477 -54.53 105.61 -34.17
C ILE F 477 -55.62 105.07 -33.23
N PRO F 478 -56.04 105.82 -32.22
CA PRO F 478 -57.13 105.37 -31.37
C PRO F 478 -58.46 105.41 -32.09
N GLN F 479 -59.38 104.55 -31.65
CA GLN F 479 -60.71 104.46 -32.23
C GLN F 479 -61.62 105.49 -31.57
N MET F 480 -62.30 106.30 -32.39
CA MET F 480 -63.14 107.37 -31.88
C MET F 480 -64.61 107.21 -32.26
N THR F 481 -64.91 107.03 -33.55
CA THR F 481 -66.29 106.94 -34.01
C THR F 481 -66.76 105.51 -33.81
N MET F 482 -67.64 105.32 -32.81
CA MET F 482 -68.09 103.99 -32.41
C MET F 482 -69.32 104.13 -31.54
N PRO F 483 -70.30 103.22 -31.64
CA PRO F 483 -71.65 103.50 -31.12
C PRO F 483 -71.70 103.50 -29.60
N HIS F 484 -72.88 103.87 -29.11
CA HIS F 484 -73.06 104.10 -27.67
C HIS F 484 -73.16 102.80 -26.88
N TYR F 485 -73.80 101.76 -27.44
CA TYR F 485 -73.95 100.52 -26.70
C TYR F 485 -72.62 99.81 -26.53
N LEU F 486 -71.69 100.01 -27.46
CA LEU F 486 -70.34 99.48 -27.30
C LEU F 486 -69.49 100.34 -26.38
N LYS F 487 -69.89 101.59 -26.15
CA LYS F 487 -69.08 102.50 -25.34
C LYS F 487 -69.19 102.19 -23.85
N MET F 488 -70.38 101.84 -23.39
CA MET F 488 -70.63 101.55 -21.99
C MET F 488 -70.49 100.07 -21.65
N THR F 489 -69.84 99.29 -22.53
CA THR F 489 -69.77 97.84 -22.35
C THR F 489 -68.97 97.47 -21.10
N ALA F 490 -67.78 98.06 -20.93
CA ALA F 490 -66.95 97.74 -19.78
C ALA F 490 -67.61 98.17 -18.47
N LEU F 491 -68.20 99.37 -18.45
CA LEU F 491 -68.86 99.85 -17.24
C LEU F 491 -70.11 99.02 -16.92
N THR F 492 -70.89 98.65 -17.93
CA THR F 492 -72.08 97.84 -17.69
C THR F 492 -71.71 96.45 -17.21
N VAL F 493 -70.65 95.86 -17.78
CA VAL F 493 -70.19 94.54 -17.33
C VAL F 493 -69.70 94.61 -15.89
N THR F 494 -68.95 95.66 -15.55
CA THR F 494 -68.45 95.82 -14.18
C THR F 494 -69.60 96.02 -13.19
N ILE F 495 -70.59 96.85 -13.55
CA ILE F 495 -71.71 97.11 -12.65
C ILE F 495 -72.58 95.86 -12.49
N LEU F 496 -72.80 95.12 -13.58
CA LEU F 496 -73.57 93.87 -13.49
C LEU F 496 -72.84 92.85 -12.64
N GLY F 497 -71.52 92.74 -12.79
CA GLY F 497 -70.76 91.85 -11.93
C GLY F 497 -70.83 92.24 -10.47
N PHE F 498 -70.74 93.55 -10.18
CA PHE F 498 -70.85 94.03 -8.82
C PHE F 498 -72.22 93.71 -8.22
N ILE F 499 -73.28 93.90 -9.00
CA ILE F 499 -74.63 93.64 -8.52
C ILE F 499 -74.84 92.15 -8.26
N LEU F 500 -74.40 91.30 -9.20
CA LEU F 500 -74.55 89.85 -9.03
C LEU F 500 -73.74 89.34 -7.87
N ALA F 501 -72.52 89.87 -7.67
CA ALA F 501 -71.69 89.41 -6.56
C ALA F 501 -72.25 89.89 -5.22
N LEU F 502 -72.82 91.09 -5.18
CA LEU F 502 -73.49 91.55 -3.98
C LEU F 502 -74.69 90.66 -3.65
N GLU F 503 -75.45 90.26 -4.67
CA GLU F 503 -76.59 89.39 -4.45
C GLU F 503 -76.17 88.01 -3.95
N ILE F 504 -75.11 87.43 -4.53
CA ILE F 504 -74.70 86.11 -4.08
C ILE F 504 -74.07 86.16 -2.69
N SER F 505 -73.38 87.25 -2.35
CA SER F 505 -72.86 87.40 -0.99
C SER F 505 -74.01 87.58 0.00
N ASN F 506 -75.06 88.31 -0.38
CA ASN F 506 -76.21 88.47 0.49
C ASN F 506 -76.94 87.15 0.71
N THR F 507 -77.07 86.34 -0.35
CA THR F 507 -77.69 85.02 -0.19
C THR F 507 -76.80 84.08 0.62
N THR F 508 -75.48 84.27 0.56
CA THR F 508 -74.59 83.54 1.46
C THR F 508 -74.82 83.97 2.90
N HIS F 509 -75.16 85.24 3.12
CA HIS F 509 -75.37 85.74 4.47
C HIS F 509 -76.64 85.21 5.14
N TYR F 510 -77.56 84.58 4.41
CA TYR F 510 -78.77 84.07 5.03
C TYR F 510 -78.52 82.75 5.75
N LEU F 511 -79.54 82.28 6.45
CA LEU F 511 -79.46 81.05 7.25
C LEU F 511 -79.99 79.89 6.41
N LYS F 512 -79.14 79.39 5.53
CA LYS F 512 -79.46 78.25 4.69
C LYS F 512 -78.21 77.39 4.53
N PHE F 513 -78.43 76.13 4.16
CA PHE F 513 -77.34 75.20 3.85
C PHE F 513 -77.62 74.55 2.51
N ASN F 514 -76.60 74.51 1.64
CA ASN F 514 -76.72 73.91 0.33
C ASN F 514 -75.51 73.00 0.10
N TYR F 515 -75.78 71.78 -0.37
CA TYR F 515 -74.70 70.88 -0.74
C TYR F 515 -73.99 71.40 -1.98
N PRO F 516 -72.67 71.19 -2.09
CA PRO F 516 -71.92 71.81 -3.19
C PRO F 516 -72.24 71.18 -4.53
N SER F 517 -72.40 72.03 -5.54
CA SER F 517 -72.63 71.58 -6.90
C SER F 517 -71.30 71.23 -7.56
N ASN F 518 -71.39 70.64 -8.76
CA ASN F 518 -70.19 70.28 -9.50
C ASN F 518 -69.44 71.53 -9.99
N THR F 519 -70.17 72.62 -10.25
CA THR F 519 -69.54 73.86 -10.66
C THR F 519 -68.65 74.43 -9.55
N PHE F 520 -69.11 74.35 -8.30
CA PHE F 520 -68.30 74.82 -7.19
C PHE F 520 -67.07 73.96 -6.99
N LYS F 521 -67.19 72.65 -7.18
CA LYS F 521 -66.03 71.77 -7.09
C LYS F 521 -65.05 72.01 -8.24
N PHE F 522 -65.56 72.38 -9.42
CA PHE F 522 -64.68 72.74 -10.52
C PHE F 522 -63.94 74.04 -10.24
N SER F 523 -64.64 75.05 -9.74
CA SER F 523 -64.04 76.36 -9.50
C SER F 523 -63.24 76.43 -8.21
N ASN F 524 -63.33 75.42 -7.34
CA ASN F 524 -62.57 75.41 -6.11
C ASN F 524 -61.33 74.55 -6.17
N LEU F 525 -61.30 73.55 -7.04
CA LEU F 525 -60.14 72.69 -7.22
C LEU F 525 -59.25 73.15 -8.36
N LEU F 526 -59.27 74.45 -8.67
CA LEU F 526 -58.43 75.07 -9.70
C LEU F 526 -58.64 74.42 -11.07
N GLY F 527 -59.91 74.35 -11.48
CA GLY F 527 -60.28 73.80 -12.77
C GLY F 527 -59.90 72.37 -12.98
N TYR F 528 -59.64 71.62 -11.90
CA TYR F 528 -59.10 70.27 -11.90
C TYR F 528 -57.75 70.16 -12.62
N TYR F 529 -57.05 71.28 -12.83
CA TYR F 529 -55.81 71.14 -13.59
C TYR F 529 -54.61 70.70 -12.72
N PRO F 530 -54.32 71.31 -11.56
CA PRO F 530 -53.20 70.79 -10.76
C PRO F 530 -53.50 69.50 -10.04
N THR F 531 -54.77 69.15 -9.88
CA THR F 531 -55.12 67.91 -9.18
C THR F 531 -54.86 66.67 -10.03
N ILE F 532 -54.89 66.80 -11.36
CA ILE F 532 -54.75 65.65 -12.23
C ILE F 532 -53.31 65.55 -12.75
N MET F 533 -52.88 66.57 -13.50
CA MET F 533 -51.67 66.46 -14.29
C MET F 533 -50.43 66.29 -13.43
N HIS F 534 -50.35 67.04 -12.32
CA HIS F 534 -49.20 66.92 -11.43
C HIS F 534 -49.19 65.61 -10.65
N ARG F 535 -50.29 64.84 -10.68
CA ARG F 535 -50.26 63.48 -10.18
C ARG F 535 -50.08 62.45 -11.28
N LEU F 536 -50.14 62.86 -12.55
CA LEU F 536 -50.05 61.93 -13.67
C LEU F 536 -48.82 62.16 -14.54
N THR F 537 -48.53 63.42 -14.89
CA THR F 537 -47.35 63.71 -15.70
C THR F 537 -46.02 63.35 -15.03
N PRO F 538 -45.77 63.62 -13.74
CA PRO F 538 -44.51 63.09 -13.16
C PRO F 538 -44.50 61.58 -13.03
N TYR F 539 -45.60 61.00 -12.56
CA TYR F 539 -45.65 59.55 -12.28
C TYR F 539 -45.39 58.74 -13.54
N MET F 540 -46.10 59.06 -14.63
CA MET F 540 -45.86 58.41 -15.91
C MET F 540 -44.45 58.63 -16.42
N ASN F 541 -43.80 59.73 -16.02
CA ASN F 541 -42.38 59.87 -16.29
C ASN F 541 -41.56 58.94 -15.42
N LEU F 542 -41.83 58.95 -14.11
CA LEU F 542 -40.86 58.41 -13.15
C LEU F 542 -40.80 56.88 -13.20
N THR F 543 -41.94 56.23 -13.45
CA THR F 543 -41.92 54.78 -13.68
C THR F 543 -41.12 54.46 -14.93
N MET F 544 -41.25 55.29 -15.97
CA MET F 544 -40.39 55.16 -17.14
C MET F 544 -38.92 55.34 -16.76
N SER F 545 -38.65 56.18 -15.76
CA SER F 545 -37.29 56.36 -15.27
C SER F 545 -36.79 55.17 -14.46
N GLN F 546 -37.67 54.26 -14.05
CA GLN F 546 -37.22 53.12 -13.24
C GLN F 546 -37.45 51.78 -13.93
N LYS F 547 -38.67 51.50 -14.37
CA LYS F 547 -38.99 50.21 -14.95
C LYS F 547 -38.70 50.14 -16.45
N SER F 548 -38.19 51.21 -17.06
CA SER F 548 -37.98 51.22 -18.50
C SER F 548 -36.59 51.71 -18.86
N ALA F 549 -35.96 52.50 -17.99
CA ALA F 549 -34.67 53.10 -18.28
C ALA F 549 -33.57 52.69 -17.33
N SER F 550 -33.86 52.50 -16.05
CA SER F 550 -32.84 52.18 -15.05
C SER F 550 -32.73 50.68 -14.81
N SER F 551 -33.82 50.04 -14.39
CA SER F 551 -33.76 48.63 -14.04
C SER F 551 -33.83 47.73 -15.27
N LEU F 552 -34.70 48.05 -16.23
CA LEU F 552 -34.93 47.14 -17.35
C LEU F 552 -33.79 47.17 -18.35
N LEU F 553 -33.26 48.35 -18.66
CA LEU F 553 -32.28 48.49 -19.75
C LEU F 553 -30.87 48.69 -19.22
N ASP F 554 -30.65 49.70 -18.39
CA ASP F 554 -29.30 50.09 -18.03
C ASP F 554 -28.69 49.24 -16.91
N LEU F 555 -29.45 48.31 -16.34
CA LEU F 555 -28.93 47.41 -15.33
C LEU F 555 -29.05 45.94 -15.69
N ILE F 556 -29.88 45.59 -16.66
CA ILE F 556 -30.08 44.17 -16.99
C ILE F 556 -29.73 43.88 -18.44
N TRP F 557 -30.45 44.51 -19.38
CA TRP F 557 -30.32 44.11 -20.78
C TRP F 557 -29.00 44.58 -21.38
N LEU F 558 -28.62 45.83 -21.12
CA LEU F 558 -27.33 46.33 -21.59
C LEU F 558 -26.18 45.61 -20.93
N GLU F 559 -26.36 45.16 -19.69
CA GLU F 559 -25.39 44.27 -19.05
C GLU F 559 -25.41 42.88 -19.67
N THR F 560 -26.51 42.48 -20.30
CA THR F 560 -26.62 41.13 -20.84
C THR F 560 -26.06 41.01 -22.25
N ILE F 561 -26.20 42.04 -23.09
CA ILE F 561 -25.89 41.87 -24.52
C ILE F 561 -24.38 41.75 -24.75
N LEU F 562 -23.63 42.81 -24.45
CA LEU F 562 -22.20 42.78 -24.75
C LEU F 562 -21.36 42.00 -23.75
N PRO F 563 -21.28 42.36 -22.43
CA PRO F 563 -20.26 41.73 -21.59
C PRO F 563 -20.59 40.36 -21.03
N LYS F 564 -21.84 40.12 -20.64
CA LYS F 564 -22.15 38.91 -19.88
C LYS F 564 -22.28 37.69 -20.77
N THR F 565 -22.83 37.85 -21.98
CA THR F 565 -22.85 36.73 -22.92
C THR F 565 -21.44 36.32 -23.32
N ILE F 566 -20.57 37.31 -23.54
CA ILE F 566 -19.17 37.04 -23.86
C ILE F 566 -18.49 36.30 -22.71
N SER F 567 -18.69 36.78 -21.48
CA SER F 567 -18.07 36.16 -20.32
C SER F 567 -18.60 34.74 -20.09
N LEU F 568 -19.90 34.54 -20.29
CA LEU F 568 -20.48 33.20 -20.13
C LEU F 568 -19.93 32.22 -21.16
N ALA F 569 -19.83 32.66 -22.43
CA ALA F 569 -19.26 31.79 -23.46
C ALA F 569 -17.80 31.48 -23.17
N GLN F 570 -17.04 32.50 -22.71
CA GLN F 570 -15.64 32.30 -22.37
C GLN F 570 -15.47 31.27 -21.26
N MET F 571 -16.20 31.43 -20.15
CA MET F 571 -16.05 30.50 -19.04
C MET F 571 -16.57 29.11 -19.38
N LYS F 572 -17.64 29.02 -20.18
CA LYS F 572 -18.17 27.71 -20.54
C LYS F 572 -17.21 26.93 -21.42
N MET F 573 -16.68 27.56 -22.48
CA MET F 573 -15.78 26.81 -23.33
C MET F 573 -14.41 26.63 -22.69
N SER F 574 -14.04 27.49 -21.73
CA SER F 574 -12.83 27.25 -20.95
C SER F 574 -12.99 26.03 -20.05
N THR F 575 -14.18 25.86 -19.47
CA THR F 575 -14.43 24.65 -18.67
C THR F 575 -14.46 23.41 -19.55
N THR F 576 -14.94 23.53 -20.79
CA THR F 576 -14.88 22.37 -21.68
C THR F 576 -13.45 22.05 -22.11
N ILE F 577 -12.60 23.06 -22.26
CA ILE F 577 -11.23 22.82 -22.72
C ILE F 577 -10.41 22.14 -21.63
N THR F 578 -10.51 22.61 -20.39
CA THR F 578 -9.65 22.15 -19.30
C THR F 578 -10.26 21.03 -18.49
N SER F 579 -11.08 20.18 -19.10
CA SER F 579 -11.71 19.05 -18.43
C SER F 579 -11.13 17.72 -18.90
N GLN F 580 -9.81 17.68 -19.10
CA GLN F 580 -9.14 16.46 -19.52
C GLN F 580 -8.95 15.52 -18.33
N LYS F 581 -8.82 14.23 -18.63
CA LYS F 581 -8.59 13.24 -17.59
C LYS F 581 -7.11 12.92 -17.38
N GLY F 582 -6.21 13.60 -18.07
CA GLY F 582 -4.79 13.37 -17.90
C GLY F 582 -4.26 12.11 -18.53
N LEU F 583 -5.08 11.40 -19.30
CA LEU F 583 -4.63 10.16 -19.92
C LEU F 583 -3.84 10.46 -21.19
N ILE F 584 -2.65 9.88 -21.28
CA ILE F 584 -1.78 10.12 -22.43
C ILE F 584 -2.30 9.40 -23.67
N LYS F 585 -3.03 8.30 -23.49
CA LYS F 585 -3.60 7.56 -24.61
C LYS F 585 -4.62 8.39 -25.38
N LEU F 586 -5.46 9.14 -24.66
CA LEU F 586 -6.42 10.03 -25.31
C LEU F 586 -5.72 11.15 -26.08
N TYR F 587 -4.64 11.69 -25.52
CA TYR F 587 -3.87 12.72 -26.20
C TYR F 587 -3.26 12.19 -27.49
N PHE F 588 -2.72 10.98 -27.46
CA PHE F 588 -2.10 10.44 -28.67
C PHE F 588 -3.15 10.01 -29.69
N LEU F 589 -4.33 9.59 -29.24
CA LEU F 589 -5.43 9.33 -30.17
C LEU F 589 -5.90 10.63 -30.84
N SER F 590 -5.95 11.73 -30.09
CA SER F 590 -6.25 13.02 -30.68
C SER F 590 -5.17 13.45 -31.65
N PHE F 591 -3.91 13.10 -31.36
CA PHE F 591 -2.82 13.37 -32.30
C PHE F 591 -3.04 12.60 -33.61
N LEU F 592 -3.45 11.34 -33.50
CA LEU F 592 -3.74 10.55 -34.70
C LEU F 592 -4.89 11.15 -35.51
N ILE F 593 -5.95 11.59 -34.82
CA ILE F 593 -7.09 12.19 -35.52
C ILE F 593 -6.68 13.50 -36.19
N THR F 594 -5.85 14.30 -35.51
CA THR F 594 -5.35 15.55 -36.10
C THR F 594 -4.50 15.29 -37.34
N ILE F 595 -3.62 14.28 -37.27
CA ILE F 595 -2.76 13.94 -38.41
C ILE F 595 -3.59 13.45 -39.58
N LEU F 596 -4.59 12.60 -39.31
CA LEU F 596 -5.46 12.09 -40.37
C LEU F 596 -6.27 13.20 -41.02
N ILE F 597 -6.79 14.14 -40.20
CA ILE F 597 -7.56 15.26 -40.71
C ILE F 597 -6.69 16.17 -41.57
N SER F 598 -5.46 16.45 -41.11
CA SER F 598 -4.54 17.30 -41.86
C SER F 598 -4.13 16.64 -43.17
N THR F 599 -3.93 15.33 -43.17
CA THR F 599 -3.49 14.66 -44.39
C THR F 599 -4.61 14.53 -45.41
N THR F 600 -5.84 14.26 -44.95
CA THR F 600 -6.94 14.02 -45.87
C THR F 600 -7.97 15.14 -45.91
N LEU F 601 -8.53 15.52 -44.75
CA LEU F 601 -9.69 16.40 -44.76
C LEU F 601 -9.33 17.86 -45.02
N LEU F 602 -8.09 18.25 -44.80
CA LEU F 602 -7.61 19.59 -45.13
C LEU F 602 -6.63 19.64 -46.29
N ASN F 603 -5.85 18.57 -46.49
CA ASN F 603 -4.82 18.47 -47.52
C ASN F 603 -3.78 19.59 -47.38
N PHE F 604 -3.07 19.53 -46.26
CA PHE F 604 -2.06 20.54 -45.93
C PHE F 604 -0.73 20.30 -46.65
N HIS F 605 -0.60 19.22 -47.41
CA HIS F 605 0.66 18.85 -48.05
C HIS F 605 0.58 18.92 -49.57
N GLU F 606 -0.04 19.96 -50.10
CA GLU F 606 -0.13 20.13 -51.55
C GLU F 606 0.61 21.39 -52.00
N LEU G 2 9.10 70.10 -24.27
CA LEU G 2 10.15 69.57 -23.41
C LEU G 2 10.42 70.57 -22.29
N LYS G 3 9.69 71.68 -22.30
CA LYS G 3 9.73 72.61 -21.19
C LYS G 3 8.71 72.29 -20.11
N TYR G 4 7.85 71.30 -20.33
CA TYR G 4 6.88 70.86 -19.34
C TYR G 4 7.07 69.41 -18.90
N ILE G 5 7.58 68.55 -19.78
CA ILE G 5 7.83 67.16 -19.43
C ILE G 5 8.96 67.04 -18.40
N ILE G 6 10.06 67.78 -18.64
CA ILE G 6 11.18 67.75 -17.70
C ILE G 6 10.82 68.29 -16.31
N PRO G 7 10.02 69.36 -16.15
CA PRO G 7 9.55 69.69 -14.80
C PRO G 7 8.76 68.59 -14.10
N THR G 8 7.97 67.80 -14.82
CA THR G 8 7.29 66.69 -14.16
C THR G 8 8.25 65.56 -13.81
N MET G 9 9.22 65.28 -14.71
CA MET G 9 10.23 64.27 -14.42
C MET G 9 11.16 64.71 -13.29
N MET G 10 11.20 66.02 -13.01
CA MET G 10 11.92 66.50 -11.84
C MET G 10 11.01 66.57 -10.61
N LEU G 11 9.69 66.67 -10.80
CA LEU G 11 8.74 66.53 -9.71
C LEU G 11 8.73 65.11 -9.16
N MET G 12 9.08 64.13 -9.99
CA MET G 12 9.09 62.74 -9.51
C MET G 12 10.09 62.51 -8.37
N PRO G 13 11.37 62.90 -8.46
CA PRO G 13 12.23 62.80 -7.27
C PRO G 13 11.88 63.80 -6.20
N LEU G 14 11.17 64.88 -6.55
CA LEU G 14 10.76 65.86 -5.55
C LEU G 14 9.78 65.25 -4.56
N THR G 15 8.93 64.34 -5.02
CA THR G 15 8.11 63.58 -4.09
C THR G 15 8.74 62.27 -3.65
N TRP G 16 9.85 61.85 -4.26
CA TRP G 16 10.59 60.71 -3.70
C TRP G 16 11.73 61.10 -2.77
N LEU G 17 11.96 62.39 -2.50
CA LEU G 17 13.04 62.80 -1.61
C LEU G 17 12.60 63.65 -0.43
N SER G 18 11.34 64.03 -0.34
CA SER G 18 10.89 64.89 0.75
C SER G 18 10.68 64.07 2.03
N LYS G 19 10.52 64.79 3.14
CA LYS G 19 10.24 64.14 4.42
C LYS G 19 8.80 63.63 4.46
N ASN G 20 8.47 62.93 5.55
CA ASN G 20 7.14 62.37 5.68
C ASN G 20 6.06 63.42 5.95
N SER G 21 6.45 64.63 6.34
CA SER G 21 5.50 65.70 6.63
C SER G 21 5.54 66.83 5.62
N MET G 22 6.45 66.79 4.64
CA MET G 22 6.61 67.88 3.70
C MET G 22 6.40 67.46 2.24
N ILE G 23 5.82 66.29 1.99
CA ILE G 23 5.57 65.87 0.62
C ILE G 23 4.45 66.71 0.00
N TRP G 24 3.35 66.90 0.74
CA TRP G 24 2.17 67.57 0.19
C TRP G 24 2.45 69.03 -0.14
N ILE G 25 3.15 69.73 0.75
CA ILE G 25 3.38 71.17 0.56
C ILE G 25 4.32 71.41 -0.61
N ASN G 26 5.41 70.65 -0.69
CA ASN G 26 6.36 70.81 -1.78
C ASN G 26 5.73 70.43 -3.12
N THR G 27 4.98 69.33 -3.16
CA THR G 27 4.33 68.92 -4.40
C THR G 27 3.28 69.94 -4.84
N THR G 28 2.51 70.47 -3.90
CA THR G 28 1.50 71.48 -4.22
C THR G 28 2.14 72.76 -4.73
N LEU G 29 3.21 73.23 -4.07
CA LEU G 29 3.89 74.45 -4.50
C LEU G 29 4.46 74.29 -5.91
N HIS G 30 5.15 73.18 -6.17
CA HIS G 30 5.80 73.05 -7.46
C HIS G 30 4.80 72.75 -8.57
N SER G 31 3.73 72.02 -8.28
CA SER G 31 2.71 71.79 -9.28
C SER G 31 1.94 73.07 -9.60
N LEU G 32 1.71 73.93 -8.60
CA LEU G 32 1.10 75.23 -8.88
C LEU G 32 2.03 76.13 -9.68
N LEU G 33 3.35 76.04 -9.43
CA LEU G 33 4.30 76.79 -10.25
C LEU G 33 4.29 76.30 -11.69
N ILE G 34 4.19 74.99 -11.90
CA ILE G 34 4.11 74.45 -13.26
C ILE G 34 2.79 74.88 -13.92
N SER G 35 1.71 74.93 -13.14
CA SER G 35 0.44 75.42 -13.68
C SER G 35 0.53 76.89 -14.06
N LEU G 36 1.30 77.69 -13.30
CA LEU G 36 1.54 79.07 -13.68
C LEU G 36 2.32 79.16 -14.98
N THR G 37 3.37 78.34 -15.12
CA THR G 37 4.15 78.35 -16.35
C THR G 37 3.41 77.73 -17.54
N SER G 38 2.31 77.03 -17.30
CA SER G 38 1.55 76.38 -18.35
C SER G 38 0.87 77.35 -19.31
N LEU G 39 0.78 78.64 -18.96
CA LEU G 39 0.05 79.60 -19.78
C LEU G 39 0.80 80.03 -21.03
N LEU G 40 2.05 79.62 -21.20
CA LEU G 40 2.84 80.01 -22.37
C LEU G 40 2.37 79.32 -23.66
N LEU G 41 1.50 78.33 -23.57
CA LEU G 41 0.97 77.66 -24.74
C LEU G 41 -0.10 78.47 -25.46
N LEU G 42 -0.53 79.60 -24.90
CA LEU G 42 -1.59 80.42 -25.48
C LEU G 42 -1.12 81.27 -26.65
N ASN G 43 0.16 81.20 -27.02
CA ASN G 43 0.67 81.92 -28.19
C ASN G 43 0.21 81.18 -29.44
N GLN G 44 -1.06 81.35 -29.77
CA GLN G 44 -1.68 80.66 -30.89
C GLN G 44 -1.99 81.64 -32.01
N PHE G 45 -2.45 81.07 -33.13
CA PHE G 45 -2.86 81.85 -34.29
C PHE G 45 -4.20 81.33 -34.78
N GLY G 46 -4.91 82.19 -35.52
CA GLY G 46 -6.19 81.80 -36.07
C GLY G 46 -6.10 80.91 -37.29
N ASP G 47 -4.89 80.67 -37.78
CA ASP G 47 -4.68 79.93 -39.00
C ASP G 47 -3.54 78.92 -38.95
N ASN G 48 -2.71 78.93 -37.92
CA ASN G 48 -1.59 78.01 -37.82
C ASN G 48 -1.50 77.44 -36.41
N SER G 49 -0.91 76.26 -36.30
CA SER G 49 -0.70 75.61 -35.02
C SER G 49 0.72 75.88 -34.52
N LEU G 50 0.86 75.95 -33.20
CA LEU G 50 2.14 76.20 -32.57
C LEU G 50 2.92 74.90 -32.52
N ASN G 51 3.89 74.75 -33.42
CA ASN G 51 4.71 73.55 -33.50
C ASN G 51 6.08 73.81 -32.89
N PHE G 52 6.52 72.91 -32.01
CA PHE G 52 7.80 73.01 -31.34
C PHE G 52 8.87 72.14 -31.98
N SER G 53 8.53 70.91 -32.33
CA SER G 53 9.47 69.97 -32.94
C SER G 53 8.68 68.95 -33.75
N LEU G 54 9.36 67.88 -34.17
CA LEU G 54 8.73 66.85 -34.98
C LEU G 54 7.73 66.00 -34.21
N THR G 55 7.78 66.02 -32.88
CA THR G 55 6.96 65.14 -32.07
C THR G 55 5.88 65.86 -31.27
N PHE G 56 6.02 67.17 -31.05
CA PHE G 56 5.08 67.90 -30.21
C PHE G 56 4.56 69.14 -30.93
N PHE G 57 3.24 69.31 -30.90
CA PHE G 57 2.59 70.50 -31.43
C PHE G 57 1.31 70.74 -30.64
N SER G 58 0.81 71.96 -30.69
CA SER G 58 -0.36 72.33 -29.90
C SER G 58 -1.11 73.45 -30.62
N ASP G 59 -2.31 73.15 -31.11
CA ASP G 59 -3.18 74.15 -31.69
C ASP G 59 -4.09 74.71 -30.59
N SER G 60 -5.14 75.43 -30.99
CA SER G 60 -6.05 76.03 -30.04
C SER G 60 -7.07 75.04 -29.46
N LEU G 61 -6.95 73.75 -29.79
CA LEU G 61 -7.82 72.71 -29.25
C LEU G 61 -7.20 72.00 -28.06
N SER G 62 -5.96 71.53 -28.20
CA SER G 62 -5.30 70.80 -27.12
C SER G 62 -4.82 71.71 -25.99
N THR G 63 -4.63 73.00 -26.28
CA THR G 63 -4.12 73.93 -25.26
C THR G 63 -5.06 74.10 -24.06
N PRO G 64 -6.38 74.33 -24.20
CA PRO G 64 -7.23 74.37 -23.00
C PRO G 64 -7.25 73.06 -22.23
N LEU G 65 -7.18 71.93 -22.93
CA LEU G 65 -7.16 70.63 -22.25
C LEU G 65 -5.88 70.46 -21.45
N LEU G 66 -4.74 70.90 -21.99
CA LEU G 66 -3.49 70.85 -21.25
C LEU G 66 -3.55 71.73 -20.01
N ILE G 67 -4.06 72.96 -20.17
CA ILE G 67 -4.16 73.88 -19.04
C ILE G 67 -5.07 73.30 -17.97
N LEU G 68 -6.18 72.70 -18.37
CA LEU G 68 -7.09 72.06 -17.43
C LEU G 68 -6.44 70.88 -16.72
N THR G 69 -5.63 70.08 -17.43
CA THR G 69 -4.98 68.93 -16.82
C THR G 69 -3.98 69.33 -15.74
N MET G 70 -3.03 70.21 -16.09
CA MET G 70 -2.03 70.59 -15.10
C MET G 70 -2.48 71.73 -14.20
N TRP G 71 -3.73 72.17 -14.33
CA TRP G 71 -4.39 72.89 -13.25
C TRP G 71 -5.16 71.95 -12.33
N LEU G 72 -5.64 70.83 -12.85
CA LEU G 72 -6.41 69.89 -12.05
C LEU G 72 -5.52 69.05 -11.13
N LEU G 73 -4.28 68.78 -11.53
CA LEU G 73 -3.41 67.97 -10.68
C LEU G 73 -3.13 68.58 -9.31
N PRO G 74 -2.82 69.87 -9.13
CA PRO G 74 -2.72 70.40 -7.76
C PRO G 74 -4.02 70.30 -6.98
N LEU G 75 -5.15 70.49 -7.66
CA LEU G 75 -6.45 70.30 -7.02
C LEU G 75 -6.63 68.85 -6.58
N MET G 76 -6.11 67.92 -7.37
CA MET G 76 -6.16 66.50 -7.02
C MET G 76 -5.36 66.22 -5.76
N LEU G 77 -4.16 66.82 -5.68
CA LEU G 77 -3.32 66.64 -4.49
C LEU G 77 -3.96 67.25 -3.25
N MET G 78 -4.66 68.37 -3.39
CA MET G 78 -5.43 68.89 -2.26
C MET G 78 -6.59 67.98 -1.88
N ALA G 79 -7.29 67.44 -2.87
CA ALA G 79 -8.51 66.69 -2.57
C ALA G 79 -8.20 65.32 -1.98
N SER G 80 -7.04 64.76 -2.28
CA SER G 80 -6.72 63.40 -1.85
C SER G 80 -5.67 63.34 -0.74
N GLN G 81 -5.48 64.43 0.01
CA GLN G 81 -4.46 64.45 1.05
C GLN G 81 -5.03 64.31 2.46
N HIS G 82 -6.32 64.03 2.61
CA HIS G 82 -6.90 63.84 3.94
C HIS G 82 -7.30 62.39 4.22
N HIS G 83 -7.98 61.75 3.27
CA HIS G 83 -8.37 60.35 3.46
C HIS G 83 -7.21 59.38 3.33
N LEU G 84 -6.03 59.87 2.93
CA LEU G 84 -4.81 59.07 2.92
C LEU G 84 -3.86 59.46 4.04
N SER G 85 -4.35 60.15 5.07
CA SER G 85 -3.50 60.55 6.19
C SER G 85 -3.14 59.36 7.09
N LYS G 86 -3.90 58.27 7.02
CA LYS G 86 -3.63 57.08 7.80
C LYS G 86 -2.75 56.08 7.06
N GLU G 87 -2.42 56.35 5.81
CA GLU G 87 -1.68 55.39 5.00
C GLU G 87 -0.20 55.42 5.33
N ASN G 88 0.51 54.39 4.86
CA ASN G 88 1.95 54.31 5.01
C ASN G 88 2.63 55.39 4.17
N LEU G 89 3.84 55.77 4.61
CA LEU G 89 4.61 56.77 3.89
C LEU G 89 4.98 56.30 2.48
N ALA G 90 5.36 55.03 2.36
CA ALA G 90 5.69 54.48 1.05
C ALA G 90 4.47 54.46 0.13
N ARG G 91 3.30 54.09 0.67
CA ARG G 91 2.10 54.05 -0.15
C ARG G 91 1.61 55.47 -0.49
N LYS G 92 1.79 56.42 0.42
CA LYS G 92 1.47 57.82 0.12
C LYS G 92 2.34 58.37 -0.99
N LYS G 93 3.65 58.10 -0.91
CA LYS G 93 4.57 58.53 -1.96
C LYS G 93 4.29 57.81 -3.28
N LEU G 94 3.85 56.55 -3.21
CA LEU G 94 3.46 55.84 -4.43
C LEU G 94 2.20 56.45 -5.05
N PHE G 95 1.26 56.88 -4.22
CA PHE G 95 0.05 57.55 -4.73
C PHE G 95 0.41 58.85 -5.44
N ILE G 96 1.28 59.65 -4.82
CA ILE G 96 1.72 60.90 -5.46
C ILE G 96 2.49 60.60 -6.73
N SER G 97 3.27 59.51 -6.72
CA SER G 97 4.02 59.11 -7.91
C SER G 97 3.09 58.71 -9.06
N MET G 98 2.02 57.96 -8.75
CA MET G 98 1.06 57.61 -9.79
C MET G 98 0.35 58.84 -10.33
N LEU G 99 0.00 59.80 -9.45
CA LEU G 99 -0.64 61.02 -9.94
C LEU G 99 0.30 61.83 -10.83
N ILE G 100 1.57 61.94 -10.45
CA ILE G 100 2.54 62.69 -11.25
C ILE G 100 2.78 62.00 -12.58
N LEU G 101 2.88 60.66 -12.57
CA LEU G 101 3.06 59.91 -13.80
C LEU G 101 1.83 60.04 -14.71
N LEU G 102 0.64 60.08 -14.12
CA LEU G 102 -0.58 60.27 -14.91
C LEU G 102 -0.61 61.65 -15.54
N GLN G 103 -0.20 62.68 -14.81
CA GLN G 103 -0.15 64.02 -15.39
C GLN G 103 0.87 64.10 -16.53
N LEU G 104 2.03 63.47 -16.33
CA LEU G 104 3.04 63.44 -17.39
C LEU G 104 2.52 62.70 -18.62
N PHE G 105 1.81 61.59 -18.40
CA PHE G 105 1.23 60.83 -19.50
C PHE G 105 0.19 61.64 -20.26
N LEU G 106 -0.64 62.39 -19.53
CA LEU G 106 -1.68 63.19 -20.18
C LEU G 106 -1.08 64.34 -20.98
N ILE G 107 -0.09 65.05 -20.41
CA ILE G 107 0.51 66.16 -21.14
C ILE G 107 1.38 65.68 -22.30
N MET G 108 1.86 64.44 -22.26
CA MET G 108 2.52 63.89 -23.44
C MET G 108 1.51 63.42 -24.48
N THR G 109 0.32 62.98 -24.04
CA THR G 109 -0.69 62.50 -24.98
C THR G 109 -1.37 63.63 -25.73
N PHE G 110 -1.63 64.75 -25.05
CA PHE G 110 -2.40 65.82 -25.67
C PHE G 110 -1.62 66.59 -26.74
N THR G 111 -0.29 66.48 -26.76
CA THR G 111 0.53 67.19 -27.73
C THR G 111 1.19 66.26 -28.74
N ALA G 112 0.63 65.06 -28.95
CA ALA G 112 1.23 64.10 -29.85
C ALA G 112 1.03 64.55 -31.30
N THR G 113 2.15 64.74 -32.01
CA THR G 113 2.09 65.21 -33.39
C THR G 113 1.52 64.14 -34.32
N GLU G 114 2.01 62.91 -34.20
CA GLU G 114 1.55 61.81 -35.03
C GLU G 114 0.58 60.92 -34.26
N LEU G 115 -0.31 60.26 -35.01
CA LEU G 115 -1.45 59.61 -34.41
C LEU G 115 -1.07 58.30 -33.70
N ILE G 116 -0.02 57.63 -34.16
CA ILE G 116 0.40 56.39 -33.50
C ILE G 116 0.97 56.69 -32.12
N PHE G 117 1.72 57.78 -31.98
CA PHE G 117 2.20 58.22 -30.67
C PHE G 117 1.04 58.56 -29.76
N PHE G 118 0.02 59.22 -30.31
CA PHE G 118 -1.19 59.51 -29.54
C PHE G 118 -1.87 58.23 -29.09
N TYR G 119 -1.92 57.22 -29.96
CA TYR G 119 -2.58 55.97 -29.59
C TYR G 119 -1.84 55.25 -28.48
N ILE G 120 -0.52 55.14 -28.60
CA ILE G 120 0.22 54.37 -27.60
C ILE G 120 0.20 55.11 -26.26
N MET G 121 0.25 56.45 -26.30
CA MET G 121 0.18 57.21 -25.06
C MET G 121 -1.23 57.13 -24.47
N PHE G 122 -2.23 57.08 -25.34
CA PHE G 122 -3.63 56.98 -24.96
C PHE G 122 -3.92 55.66 -24.26
N GLU G 123 -3.33 54.57 -24.74
CA GLU G 123 -3.44 53.31 -24.02
C GLU G 123 -2.54 53.27 -22.79
N ALA G 124 -1.43 54.02 -22.80
CA ALA G 124 -0.55 54.07 -21.65
C ALA G 124 -1.17 54.83 -20.48
N THR G 125 -2.17 55.67 -20.75
CA THR G 125 -2.90 56.33 -19.67
C THR G 125 -3.73 55.36 -18.81
N LEU G 126 -3.89 54.12 -19.24
CA LEU G 126 -4.68 53.13 -18.50
C LEU G 126 -4.07 52.80 -17.14
N VAL G 127 -2.73 52.66 -17.10
CA VAL G 127 -2.09 51.99 -15.97
C VAL G 127 -2.26 52.70 -14.63
N PRO G 128 -1.98 54.01 -14.48
CA PRO G 128 -2.13 54.60 -13.14
C PRO G 128 -3.58 54.73 -12.69
N THR G 129 -4.51 54.98 -13.61
CA THR G 129 -5.92 55.04 -13.23
C THR G 129 -6.42 53.68 -12.75
N LEU G 130 -6.05 52.61 -13.45
CA LEU G 130 -6.42 51.26 -13.03
C LEU G 130 -5.80 50.92 -11.67
N ILE G 131 -4.53 51.28 -11.48
CA ILE G 131 -3.86 51.00 -10.22
C ILE G 131 -4.54 51.75 -9.06
N ILE G 132 -4.87 53.03 -9.28
CA ILE G 132 -5.53 53.83 -8.25
C ILE G 132 -6.90 53.25 -7.93
N ILE G 133 -7.68 52.89 -8.95
CA ILE G 133 -9.03 52.37 -8.76
C ILE G 133 -8.99 51.05 -7.99
N THR G 134 -8.10 50.14 -8.40
CA THR G 134 -8.08 48.81 -7.79
C THR G 134 -7.29 48.76 -6.48
N ARG G 135 -6.57 49.82 -6.12
CA ARG G 135 -5.82 49.82 -4.87
C ARG G 135 -6.45 50.69 -3.81
N TRP G 136 -6.71 51.97 -4.10
CA TRP G 136 -7.16 52.91 -3.09
C TRP G 136 -8.68 53.11 -3.10
N GLY G 137 -9.42 52.29 -3.84
CA GLY G 137 -10.86 52.36 -3.79
C GLY G 137 -11.40 51.86 -2.46
N ASN G 138 -12.61 52.31 -2.13
CA ASN G 138 -13.19 52.05 -0.83
C ASN G 138 -14.11 50.83 -0.80
N GLN G 139 -14.97 50.67 -1.79
CA GLN G 139 -15.98 49.62 -1.74
C GLN G 139 -15.38 48.26 -2.09
N THR G 140 -16.21 47.22 -1.92
CA THR G 140 -15.74 45.84 -2.08
C THR G 140 -15.51 45.49 -3.55
N GLU G 141 -16.45 45.85 -4.41
CA GLU G 141 -16.48 45.35 -5.79
C GLU G 141 -15.72 46.25 -6.76
N ARG G 142 -14.69 46.95 -6.29
CA ARG G 142 -13.91 47.84 -7.16
C ARG G 142 -13.12 47.08 -8.21
N LEU G 143 -12.82 45.80 -7.97
CA LEU G 143 -12.11 44.99 -8.95
C LEU G 143 -12.94 44.80 -10.22
N ASN G 144 -14.25 44.61 -10.06
CA ASN G 144 -15.13 44.49 -11.22
C ASN G 144 -15.14 45.77 -12.04
N ALA G 145 -15.18 46.93 -11.37
CA ALA G 145 -15.16 48.21 -12.08
C ALA G 145 -13.83 48.42 -12.82
N GLY G 146 -12.71 48.07 -12.17
CA GLY G 146 -11.42 48.21 -12.82
C GLY G 146 -11.28 47.30 -14.02
N LEU G 147 -11.73 46.05 -13.90
CA LEU G 147 -11.69 45.11 -15.02
C LEU G 147 -12.57 45.58 -16.17
N TYR G 148 -13.78 46.08 -15.84
CA TYR G 148 -14.67 46.58 -16.88
C TYR G 148 -14.07 47.77 -17.61
N PHE G 149 -13.47 48.71 -16.87
CA PHE G 149 -12.86 49.88 -17.49
C PHE G 149 -11.70 49.48 -18.40
N LEU G 150 -10.79 48.64 -17.89
CA LEU G 150 -9.63 48.22 -18.67
C LEU G 150 -10.04 47.45 -19.92
N PHE G 151 -11.01 46.55 -19.80
CA PHE G 151 -11.39 45.75 -20.95
C PHE G 151 -12.21 46.52 -21.97
N TYR G 152 -13.07 47.43 -21.53
CA TYR G 152 -13.77 48.29 -22.47
C TYR G 152 -12.79 49.13 -23.27
N THR G 153 -11.81 49.73 -22.57
CA THR G 153 -10.81 50.55 -23.26
C THR G 153 -9.98 49.72 -24.24
N LEU G 154 -9.51 48.54 -23.82
CA LEU G 154 -8.63 47.75 -24.69
C LEU G 154 -9.39 47.17 -25.88
N ALA G 155 -10.60 46.66 -25.65
CA ALA G 155 -11.40 46.11 -26.74
C ALA G 155 -11.84 47.20 -27.72
N GLY G 156 -12.00 48.44 -27.24
CA GLY G 156 -12.19 49.54 -28.17
C GLY G 156 -10.93 49.87 -28.95
N SER G 157 -9.78 49.91 -28.27
CA SER G 157 -8.59 50.52 -28.82
C SER G 157 -7.73 49.60 -29.68
N LEU G 158 -7.93 48.28 -29.60
CA LEU G 158 -7.10 47.43 -30.46
C LEU G 158 -7.51 47.46 -31.94
N PRO G 159 -8.81 47.47 -32.31
CA PRO G 159 -9.13 47.76 -33.72
C PRO G 159 -8.68 49.14 -34.16
N LEU G 160 -8.63 50.11 -33.24
CA LEU G 160 -8.05 51.41 -33.56
C LEU G 160 -6.58 51.29 -33.93
N LEU G 161 -5.84 50.43 -33.22
CA LEU G 161 -4.45 50.17 -33.56
C LEU G 161 -4.32 49.55 -34.95
N VAL G 162 -5.18 48.55 -35.23
CA VAL G 162 -5.11 47.88 -36.53
C VAL G 162 -5.42 48.85 -37.66
N ALA G 163 -6.44 49.70 -37.47
CA ALA G 163 -6.79 50.68 -38.49
C ALA G 163 -5.69 51.73 -38.67
N LEU G 164 -5.07 52.17 -37.58
CA LEU G 164 -3.99 53.16 -37.69
C LEU G 164 -2.78 52.61 -38.42
N ILE G 165 -2.38 51.37 -38.11
CA ILE G 165 -1.26 50.77 -38.81
C ILE G 165 -1.60 50.52 -40.27
N TYR G 166 -2.85 50.15 -40.56
CA TYR G 166 -3.28 49.99 -41.95
C TYR G 166 -3.23 51.31 -42.72
N ILE G 167 -3.66 52.41 -42.08
CA ILE G 167 -3.62 53.71 -42.72
C ILE G 167 -2.18 54.14 -42.98
N GLN G 168 -1.30 53.92 -42.01
CA GLN G 168 0.11 54.27 -42.17
C GLN G 168 0.78 53.46 -43.27
N ASN G 169 0.46 52.17 -43.35
CA ASN G 169 1.03 51.35 -44.42
C ASN G 169 0.44 51.68 -45.78
N THR G 170 -0.81 52.16 -45.80
CA THR G 170 -1.45 52.49 -47.07
C THR G 170 -0.92 53.80 -47.64
N MET G 171 -1.03 54.89 -46.88
CA MET G 171 -0.71 56.20 -47.45
C MET G 171 0.74 56.60 -47.22
N GLY G 172 1.25 56.42 -46.00
CA GLY G 172 2.67 56.65 -45.79
C GLY G 172 3.08 57.29 -44.48
N SER G 173 2.16 57.97 -43.80
CA SER G 173 2.52 58.68 -42.57
C SER G 173 1.29 58.80 -41.68
N LEU G 174 1.54 59.19 -40.43
CA LEU G 174 0.47 59.46 -39.48
C LEU G 174 0.60 60.82 -38.79
N ASN G 175 1.45 61.71 -39.31
CA ASN G 175 1.50 63.07 -38.80
C ASN G 175 0.18 63.76 -39.08
N PHE G 176 -0.26 64.58 -38.12
CA PHE G 176 -1.53 65.27 -38.28
C PHE G 176 -1.43 66.40 -39.30
N LEU G 177 -0.29 67.07 -39.39
CA LEU G 177 -0.12 68.11 -40.39
C LEU G 177 -0.05 67.51 -41.79
N ILE G 178 0.71 66.42 -41.94
CA ILE G 178 0.80 65.73 -43.23
C ILE G 178 -0.56 65.18 -43.63
N LEU G 179 -1.28 64.57 -42.69
CA LEU G 179 -2.61 64.06 -42.98
C LEU G 179 -3.60 65.19 -43.28
N GLN G 180 -3.36 66.38 -42.71
CA GLN G 180 -4.13 67.55 -43.11
C GLN G 180 -3.83 67.95 -44.54
N TYR G 181 -2.60 67.73 -45.00
CA TYR G 181 -2.23 68.07 -46.37
C TYR G 181 -2.21 66.89 -47.33
N TRP G 182 -2.32 65.65 -46.83
CA TRP G 182 -2.36 64.48 -47.70
C TRP G 182 -3.65 63.68 -47.51
N VAL G 183 -4.75 64.36 -47.20
CA VAL G 183 -6.01 63.66 -46.94
C VAL G 183 -6.58 63.15 -48.25
N GLN G 184 -7.25 62.00 -48.18
CA GLN G 184 -7.91 61.39 -49.33
C GLN G 184 -9.34 61.03 -48.97
N PRO G 185 -10.28 61.22 -49.89
CA PRO G 185 -11.67 60.84 -49.60
C PRO G 185 -11.84 59.33 -49.54
N MET G 186 -12.73 58.90 -48.65
CA MET G 186 -13.04 57.48 -48.48
C MET G 186 -14.39 57.19 -49.11
N PRO G 187 -14.47 56.32 -50.12
CA PRO G 187 -15.76 56.04 -50.76
C PRO G 187 -16.65 55.18 -49.87
N ASN G 188 -17.90 55.04 -50.31
CA ASN G 188 -18.92 54.30 -49.56
C ASN G 188 -18.81 52.80 -49.88
N SER G 189 -17.83 52.17 -49.25
CA SER G 189 -17.58 50.74 -49.39
C SER G 189 -17.58 50.09 -48.01
N TRP G 190 -17.77 48.76 -48.00
CA TRP G 190 -17.83 48.04 -46.74
C TRP G 190 -16.47 47.97 -46.06
N SER G 191 -15.38 47.99 -46.84
CA SER G 191 -14.06 48.13 -46.25
C SER G 191 -13.92 49.46 -45.52
N ASN G 192 -14.43 50.53 -46.13
CA ASN G 192 -14.42 51.83 -45.46
C ASN G 192 -15.43 51.87 -44.31
N THR G 193 -16.50 51.08 -44.39
CA THR G 193 -17.42 50.92 -43.26
C THR G 193 -16.68 50.37 -42.04
N PHE G 194 -15.95 49.27 -42.22
CA PHE G 194 -15.24 48.68 -41.09
C PHE G 194 -14.04 49.54 -40.68
N MET G 195 -13.46 50.29 -41.62
CA MET G 195 -12.41 51.24 -41.26
C MET G 195 -12.94 52.35 -40.36
N TRP G 196 -14.13 52.89 -40.69
CA TRP G 196 -14.76 53.90 -39.86
C TRP G 196 -15.11 53.34 -38.49
N LEU G 197 -15.63 52.11 -38.45
CA LEU G 197 -15.96 51.49 -37.17
C LEU G 197 -14.72 51.28 -36.31
N ALA G 198 -13.63 50.79 -36.91
CA ALA G 198 -12.41 50.56 -36.15
C ALA G 198 -11.79 51.87 -35.68
N CYS G 199 -11.89 52.93 -36.49
CA CYS G 199 -11.35 54.22 -36.08
C CYS G 199 -12.22 54.94 -35.07
N MET G 200 -13.50 54.58 -34.96
CA MET G 200 -14.39 55.32 -34.07
C MET G 200 -14.68 54.62 -32.75
N MET G 201 -14.76 53.29 -32.72
CA MET G 201 -15.35 52.60 -31.57
C MET G 201 -14.55 52.77 -30.29
N ALA G 202 -13.23 52.98 -30.39
CA ALA G 202 -12.41 53.25 -29.20
C ALA G 202 -12.86 54.54 -28.53
N PHE G 203 -13.02 55.61 -29.32
CA PHE G 203 -13.43 56.89 -28.77
C PHE G 203 -14.89 56.87 -28.32
N MET G 204 -15.76 56.13 -29.03
CA MET G 204 -17.12 55.97 -28.52
C MET G 204 -17.15 55.19 -27.21
N VAL G 205 -16.17 54.30 -27.00
CA VAL G 205 -16.08 53.59 -25.72
C VAL G 205 -15.62 54.55 -24.62
N LYS G 206 -14.61 55.36 -24.90
CA LYS G 206 -14.08 56.20 -23.82
C LYS G 206 -14.84 57.51 -23.64
N MET G 207 -15.77 57.86 -24.52
CA MET G 207 -16.53 59.10 -24.33
C MET G 207 -17.36 59.10 -23.05
N PRO G 208 -18.22 58.10 -22.76
CA PRO G 208 -18.68 56.88 -23.44
C PRO G 208 -19.97 57.07 -24.23
N LEU G 209 -20.12 56.30 -25.30
CA LEU G 209 -21.37 56.28 -26.03
C LEU G 209 -22.44 55.58 -25.20
N TYR G 210 -23.68 56.01 -25.35
CA TYR G 210 -24.79 55.32 -24.69
C TYR G 210 -24.92 53.90 -25.24
N GLY G 211 -25.08 52.95 -24.33
CA GLY G 211 -25.03 51.55 -24.70
C GLY G 211 -23.72 50.92 -24.29
N LEU G 212 -22.63 51.67 -24.46
CA LEU G 212 -21.31 51.26 -24.00
C LEU G 212 -20.82 52.12 -22.84
N HIS G 213 -21.74 52.74 -22.10
CA HIS G 213 -21.40 53.63 -21.01
C HIS G 213 -21.37 52.91 -19.66
N LEU G 214 -21.55 51.60 -19.65
CA LEU G 214 -21.74 50.86 -18.40
C LEU G 214 -20.49 50.84 -17.52
N TRP G 215 -19.32 51.17 -18.07
CA TRP G 215 -18.13 51.26 -17.25
C TRP G 215 -18.08 52.54 -16.42
N LEU G 216 -18.94 53.52 -16.71
CA LEU G 216 -18.95 54.75 -15.93
C LEU G 216 -19.69 54.68 -14.59
N PRO G 217 -20.92 54.14 -14.48
CA PRO G 217 -21.59 54.18 -13.17
C PRO G 217 -20.95 53.31 -12.10
N LYS G 218 -19.99 52.45 -12.43
CA LYS G 218 -19.23 51.70 -11.45
C LYS G 218 -17.90 52.38 -11.12
N ALA G 219 -17.08 52.63 -12.14
CA ALA G 219 -15.73 53.16 -11.94
C ALA G 219 -15.73 54.59 -11.43
N HIS G 220 -16.84 55.33 -11.57
CA HIS G 220 -16.93 56.65 -10.98
C HIS G 220 -17.37 56.63 -9.52
N VAL G 221 -17.81 55.48 -9.01
CA VAL G 221 -18.39 55.44 -7.68
C VAL G 221 -17.38 54.89 -6.67
N GLU G 222 -16.88 53.69 -6.94
CA GLU G 222 -16.02 53.01 -5.97
C GLU G 222 -14.58 53.53 -6.00
N ALA G 223 -14.21 54.33 -6.98
CA ALA G 223 -12.89 54.92 -7.04
C ALA G 223 -12.75 56.03 -5.99
N PRO G 224 -11.51 56.35 -5.59
CA PRO G 224 -11.33 57.53 -4.71
C PRO G 224 -11.55 58.85 -5.45
N ILE G 225 -11.34 59.96 -4.75
CA ILE G 225 -11.70 61.26 -5.31
C ILE G 225 -10.78 61.64 -6.47
N ALA G 226 -9.48 61.34 -6.37
CA ALA G 226 -8.55 61.67 -7.44
C ALA G 226 -8.81 60.82 -8.68
N GLY G 227 -9.06 59.53 -8.49
CA GLY G 227 -9.42 58.67 -9.62
C GLY G 227 -10.73 59.06 -10.25
N SER G 228 -11.70 59.48 -9.43
CA SER G 228 -12.98 59.95 -9.96
C SER G 228 -12.79 61.21 -10.79
N MET G 229 -11.95 62.13 -10.33
CA MET G 229 -11.72 63.36 -11.07
C MET G 229 -10.97 63.08 -12.37
N VAL G 230 -9.98 62.20 -12.36
CA VAL G 230 -9.24 61.92 -13.58
C VAL G 230 -10.07 61.07 -14.55
N LEU G 231 -11.08 60.36 -14.06
CA LEU G 231 -11.98 59.66 -14.97
C LEU G 231 -13.04 60.59 -15.54
N ALA G 232 -13.50 61.56 -14.76
CA ALA G 232 -14.60 62.41 -15.18
C ALA G 232 -14.17 63.61 -16.01
N ALA G 233 -13.01 64.19 -15.73
CA ALA G 233 -12.67 65.49 -16.28
C ALA G 233 -11.56 65.47 -17.32
N ILE G 234 -10.89 64.34 -17.56
CA ILE G 234 -9.79 64.32 -18.51
C ILE G 234 -9.99 63.27 -19.60
N LEU G 235 -10.18 62.00 -19.19
CA LEU G 235 -10.09 60.88 -20.12
C LEU G 235 -11.22 60.88 -21.15
N LEU G 236 -12.42 61.29 -20.75
CA LEU G 236 -13.50 61.47 -21.71
C LEU G 236 -13.14 62.53 -22.74
N LYS G 237 -12.51 63.61 -22.28
CA LYS G 237 -12.04 64.64 -23.22
C LYS G 237 -10.85 64.15 -24.02
N LEU G 238 -10.07 63.20 -23.49
CA LEU G 238 -9.03 62.55 -24.29
C LEU G 238 -9.63 61.79 -25.46
N GLY G 239 -10.70 61.03 -25.19
CA GLY G 239 -11.40 60.35 -26.27
C GLY G 239 -12.02 61.32 -27.26
N GLY G 240 -12.55 62.43 -26.75
CA GLY G 240 -13.12 63.44 -27.63
C GLY G 240 -12.09 64.11 -28.52
N TYR G 241 -10.92 64.42 -27.97
CA TYR G 241 -9.82 64.97 -28.76
C TYR G 241 -9.37 63.97 -29.82
N GLY G 242 -9.28 62.69 -29.45
CA GLY G 242 -8.92 61.69 -30.43
C GLY G 242 -9.95 61.56 -31.54
N MET G 243 -11.23 61.62 -31.21
CA MET G 243 -12.28 61.57 -32.22
C MET G 243 -12.25 62.80 -33.12
N MET G 244 -11.98 63.97 -32.55
CA MET G 244 -11.84 65.19 -33.33
C MET G 244 -10.68 65.10 -34.31
N ARG G 245 -9.55 64.52 -33.88
CA ARG G 245 -8.42 64.33 -34.78
C ARG G 245 -8.75 63.32 -35.87
N ILE G 246 -9.43 62.22 -35.51
CA ILE G 246 -9.62 61.12 -36.44
C ILE G 246 -10.66 61.48 -37.51
N THR G 247 -11.72 62.20 -37.14
CA THR G 247 -12.84 62.42 -38.05
C THR G 247 -12.49 63.26 -39.28
N LEU G 248 -11.34 63.92 -39.28
CA LEU G 248 -10.85 64.56 -40.50
C LEU G 248 -10.54 63.53 -41.58
N LEU G 249 -10.10 62.34 -41.18
CA LEU G 249 -9.60 61.33 -42.10
C LEU G 249 -10.71 60.48 -42.71
N LEU G 250 -11.96 60.67 -42.31
CA LEU G 250 -13.05 59.76 -42.65
C LEU G 250 -14.20 60.51 -43.30
N ASN G 251 -13.88 61.34 -44.29
CA ASN G 251 -14.89 62.00 -45.10
C ASN G 251 -14.91 61.38 -46.50
N PRO G 252 -16.08 61.36 -47.17
CA PRO G 252 -17.41 61.81 -46.77
C PRO G 252 -18.32 60.68 -46.33
N ILE G 253 -17.74 59.57 -45.85
CA ILE G 253 -18.55 58.41 -45.47
C ILE G 253 -19.39 58.73 -44.25
N THR G 254 -18.86 59.53 -43.31
CA THR G 254 -19.53 59.83 -42.05
C THR G 254 -20.89 60.51 -42.28
N ASP G 255 -21.01 61.28 -43.36
CA ASP G 255 -22.26 61.95 -43.68
C ASP G 255 -23.42 60.99 -43.91
N PHE G 256 -23.15 59.74 -44.28
CA PHE G 256 -24.18 58.73 -44.30
C PHE G 256 -23.91 57.60 -43.31
N MET G 257 -22.82 57.69 -42.53
CA MET G 257 -22.46 56.65 -41.57
C MET G 257 -22.91 56.96 -40.16
N ALA G 258 -22.83 58.22 -39.74
CA ALA G 258 -23.09 58.58 -38.35
C ALA G 258 -24.57 58.72 -38.03
N TYR G 259 -25.46 58.23 -38.89
CA TYR G 259 -26.89 58.29 -38.60
C TYR G 259 -27.31 57.50 -37.36
N PRO G 260 -26.89 56.21 -37.14
CA PRO G 260 -27.32 55.54 -35.90
C PRO G 260 -26.64 56.09 -34.66
N PHE G 261 -25.31 56.27 -34.73
CA PHE G 261 -24.52 56.59 -33.54
C PHE G 261 -24.97 57.92 -32.93
N ILE G 262 -25.14 58.95 -33.76
CA ILE G 262 -25.69 60.23 -33.32
C ILE G 262 -27.01 60.01 -32.62
N MET G 263 -27.88 59.24 -33.26
CA MET G 263 -29.20 59.06 -32.69
C MET G 263 -29.16 58.09 -31.53
N LEU G 264 -28.13 57.24 -31.47
CA LEU G 264 -27.89 56.43 -30.28
C LEU G 264 -27.57 57.30 -29.08
N SER G 265 -27.06 58.50 -29.31
CA SER G 265 -26.99 59.52 -28.27
C SER G 265 -28.28 60.33 -28.19
N LEU G 266 -28.90 60.64 -29.34
CA LEU G 266 -29.98 61.62 -29.39
C LEU G 266 -31.23 61.16 -28.65
N TRP G 267 -31.37 59.87 -28.41
CA TRP G 267 -32.36 59.35 -27.47
C TRP G 267 -31.75 59.01 -26.13
N GLY G 268 -30.51 58.50 -26.11
CA GLY G 268 -29.94 57.97 -24.89
C GLY G 268 -29.77 59.03 -23.82
N MET G 269 -29.28 60.21 -24.20
CA MET G 269 -29.10 61.31 -23.26
C MET G 269 -30.42 61.77 -22.66
N ILE G 270 -31.55 61.40 -23.26
CA ILE G 270 -32.82 61.58 -22.59
C ILE G 270 -32.93 60.62 -21.41
N MET G 271 -32.92 59.32 -21.68
CA MET G 271 -33.34 58.36 -20.66
C MET G 271 -32.31 58.22 -19.56
N THR G 272 -31.01 58.34 -19.89
CA THR G 272 -29.99 58.37 -18.85
C THR G 272 -30.19 59.55 -17.93
N SER G 273 -30.60 60.70 -18.48
CA SER G 273 -30.97 61.84 -17.64
C SER G 273 -32.14 61.48 -16.75
N SER G 274 -33.10 60.72 -17.30
CA SER G 274 -34.22 60.24 -16.49
C SER G 274 -33.76 59.32 -15.38
N ILE G 275 -32.64 58.62 -15.58
CA ILE G 275 -32.08 57.79 -14.52
C ILE G 275 -31.65 58.65 -13.34
N CYS G 276 -31.15 59.87 -13.62
CA CYS G 276 -30.82 60.80 -12.56
C CYS G 276 -32.06 61.26 -11.78
N LEU G 277 -33.25 61.09 -12.35
CA LEU G 277 -34.47 61.38 -11.62
C LEU G 277 -34.76 60.34 -10.55
N ARG G 278 -34.18 59.14 -10.67
CA ARG G 278 -34.51 58.03 -9.77
C ARG G 278 -33.23 57.35 -9.28
N GLN G 279 -32.27 58.14 -8.81
CA GLN G 279 -31.00 57.61 -8.32
C GLN G 279 -30.88 57.84 -6.82
N THR G 280 -30.50 56.79 -6.09
CA THR G 280 -30.28 56.89 -4.66
C THR G 280 -28.83 57.17 -4.30
N ASP G 281 -27.92 57.14 -5.27
CA ASP G 281 -26.50 57.35 -5.03
C ASP G 281 -26.12 58.64 -5.75
N LEU G 282 -25.52 59.58 -4.99
CA LEU G 282 -25.20 60.89 -5.54
C LEU G 282 -24.10 60.82 -6.59
N LYS G 283 -23.08 59.99 -6.34
CA LYS G 283 -21.97 59.87 -7.29
C LYS G 283 -22.43 59.26 -8.60
N SER G 284 -23.38 58.32 -8.55
CA SER G 284 -23.96 57.78 -9.78
C SER G 284 -24.74 58.85 -10.53
N LEU G 285 -25.40 59.75 -9.80
CA LEU G 285 -26.09 60.87 -10.43
C LEU G 285 -25.12 61.79 -11.17
N ILE G 286 -23.98 62.08 -10.54
CA ILE G 286 -22.96 62.91 -11.18
C ILE G 286 -22.40 62.20 -12.41
N ALA G 287 -22.17 60.88 -12.30
CA ALA G 287 -21.66 60.12 -13.44
C ALA G 287 -22.64 60.11 -14.61
N TYR G 288 -23.93 59.98 -14.32
CA TYR G 288 -24.92 59.99 -15.41
C TYR G 288 -25.08 61.38 -16.01
N SER G 289 -24.90 62.44 -15.21
CA SER G 289 -24.83 63.78 -15.77
C SER G 289 -23.65 63.91 -16.73
N SER G 290 -22.51 63.34 -16.36
CA SER G 290 -21.36 63.31 -17.26
C SER G 290 -21.66 62.53 -18.52
N VAL G 291 -22.42 61.43 -18.40
CA VAL G 291 -22.83 60.64 -19.56
C VAL G 291 -23.66 61.50 -20.52
N SER G 292 -24.62 62.26 -19.97
CA SER G 292 -25.46 63.11 -20.82
C SER G 292 -24.64 64.19 -21.53
N HIS G 293 -23.71 64.83 -20.80
CA HIS G 293 -22.89 65.87 -21.42
C HIS G 293 -21.98 65.30 -22.50
N MET G 294 -21.44 64.10 -22.27
CA MET G 294 -20.59 63.48 -23.28
C MET G 294 -21.40 62.99 -24.48
N ALA G 295 -22.67 62.64 -24.28
CA ALA G 295 -23.53 62.32 -25.42
C ALA G 295 -23.79 63.55 -26.27
N LEU G 296 -23.98 64.72 -25.63
CA LEU G 296 -24.08 65.97 -26.37
C LEU G 296 -22.81 66.25 -27.16
N VAL G 297 -21.65 66.00 -26.53
CA VAL G 297 -20.36 66.14 -27.21
C VAL G 297 -20.26 65.19 -28.41
N ILE G 298 -20.77 63.96 -28.26
CA ILE G 298 -20.76 62.98 -29.36
C ILE G 298 -21.56 63.51 -30.54
N VAL G 299 -22.76 64.03 -30.27
CA VAL G 299 -23.60 64.56 -31.35
C VAL G 299 -22.91 65.73 -32.04
N ALA G 300 -22.33 66.65 -31.25
CA ALA G 300 -21.67 67.82 -31.81
C ALA G 300 -20.48 67.44 -32.69
N ILE G 301 -19.64 66.52 -32.22
CA ILE G 301 -18.47 66.14 -33.01
C ILE G 301 -18.89 65.37 -34.25
N LEU G 302 -19.90 64.50 -34.14
CA LEU G 302 -20.25 63.63 -35.25
C LEU G 302 -20.99 64.36 -36.35
N ILE G 303 -21.72 65.45 -36.05
CA ILE G 303 -22.34 66.19 -37.15
C ILE G 303 -21.34 67.04 -37.93
N GLN G 304 -20.13 67.21 -37.40
CA GLN G 304 -18.99 67.93 -37.99
C GLN G 304 -19.38 69.24 -38.67
N THR G 305 -19.96 70.13 -37.88
CA THR G 305 -20.15 71.52 -38.26
C THR G 305 -19.28 72.40 -37.36
N PRO G 306 -18.87 73.59 -37.82
CA PRO G 306 -17.95 74.41 -37.00
C PRO G 306 -18.52 74.84 -35.66
N TRP G 307 -19.74 75.38 -35.64
CA TRP G 307 -20.37 75.79 -34.38
C TRP G 307 -20.54 74.62 -33.43
N SER G 308 -20.76 73.42 -33.97
CA SER G 308 -20.78 72.21 -33.15
C SER G 308 -19.42 71.95 -32.51
N TYR G 309 -18.34 72.19 -33.25
CA TYR G 309 -17.00 72.00 -32.69
C TYR G 309 -16.73 72.97 -31.55
N MET G 310 -17.10 74.24 -31.74
CA MET G 310 -16.91 75.24 -30.70
C MET G 310 -17.73 74.91 -29.46
N GLY G 311 -19.00 74.53 -29.65
CA GLY G 311 -19.82 74.11 -28.54
C GLY G 311 -19.28 72.87 -27.86
N ALA G 312 -18.71 71.95 -28.63
CA ALA G 312 -18.16 70.72 -28.06
C ALA G 312 -16.98 71.02 -27.14
N THR G 313 -16.04 71.84 -27.59
CA THR G 313 -14.87 72.10 -26.73
C THR G 313 -15.24 72.96 -25.53
N ALA G 314 -16.15 73.93 -25.71
CA ALA G 314 -16.57 74.75 -24.57
C ALA G 314 -17.31 73.92 -23.53
N LEU G 315 -18.20 73.04 -23.97
CA LEU G 315 -18.92 72.18 -23.04
C LEU G 315 -17.98 71.15 -22.41
N MET G 316 -16.95 70.73 -23.15
CA MET G 316 -15.94 69.83 -22.59
C MET G 316 -15.25 70.47 -21.39
N ILE G 317 -14.74 71.69 -21.57
CA ILE G 317 -14.00 72.34 -20.47
C ILE G 317 -14.93 72.64 -19.30
N ALA G 318 -16.11 73.20 -19.59
CA ALA G 318 -17.04 73.58 -18.53
C ALA G 318 -17.54 72.35 -17.78
N HIS G 319 -17.88 71.28 -18.49
CA HIS G 319 -18.38 70.08 -17.85
C HIS G 319 -17.28 69.37 -17.06
N GLY G 320 -16.03 69.41 -17.54
CA GLY G 320 -14.93 68.86 -16.77
C GLY G 320 -14.75 69.56 -15.44
N LEU G 321 -14.74 70.89 -15.46
CA LEU G 321 -14.60 71.64 -14.21
C LEU G 321 -15.79 71.42 -13.28
N THR G 322 -17.01 71.43 -13.84
CA THR G 322 -18.20 71.27 -13.02
C THR G 322 -18.30 69.87 -12.42
N SER G 323 -17.95 68.85 -13.21
CA SER G 323 -18.00 67.48 -12.71
C SER G 323 -16.93 67.24 -11.66
N SER G 324 -15.75 67.84 -11.82
CA SER G 324 -14.72 67.74 -10.79
C SER G 324 -15.19 68.39 -9.49
N MET G 325 -15.83 69.56 -9.59
CA MET G 325 -16.34 70.22 -8.39
C MET G 325 -17.44 69.41 -7.73
N LEU G 326 -18.34 68.81 -8.53
CA LEU G 326 -19.42 68.00 -7.97
C LEU G 326 -18.89 66.73 -7.32
N PHE G 327 -17.86 66.11 -7.90
CA PHE G 327 -17.24 64.94 -7.29
C PHE G 327 -16.55 65.30 -5.98
N CYS G 328 -15.92 66.49 -5.93
CA CYS G 328 -15.33 66.94 -4.66
C CYS G 328 -16.41 67.17 -3.61
N LEU G 329 -17.55 67.73 -4.02
CA LEU G 329 -18.66 67.94 -3.07
C LEU G 329 -19.19 66.62 -2.54
N ALA G 330 -19.36 65.63 -3.44
CA ALA G 330 -19.80 64.31 -3.02
C ALA G 330 -18.80 63.66 -2.07
N ASN G 331 -17.50 63.82 -2.35
CA ASN G 331 -16.47 63.25 -1.49
C ASN G 331 -16.48 63.90 -0.11
N SER G 332 -16.66 65.23 -0.06
CA SER G 332 -16.71 65.91 1.24
C SER G 332 -17.91 65.48 2.06
N ASN G 333 -19.09 65.39 1.43
CA ASN G 333 -20.27 64.94 2.15
C ASN G 333 -20.14 63.49 2.59
N TYR G 334 -19.55 62.64 1.75
CA TYR G 334 -19.32 61.25 2.13
C TYR G 334 -18.33 61.13 3.28
N GLU G 335 -17.31 62.00 3.30
CA GLU G 335 -16.38 62.01 4.42
C GLU G 335 -17.08 62.43 5.71
N ARG G 336 -18.01 63.38 5.61
CA ARG G 336 -18.68 63.85 6.81
C ARG G 336 -19.70 62.85 7.36
N VAL G 337 -20.45 62.19 6.47
CA VAL G 337 -21.56 61.34 6.92
C VAL G 337 -21.29 59.85 6.78
N HIS G 338 -20.17 59.45 6.18
CA HIS G 338 -19.74 58.04 6.04
C HIS G 338 -20.76 57.19 5.29
N SER G 339 -21.49 57.79 4.35
CA SER G 339 -22.43 57.04 3.53
C SER G 339 -22.67 57.81 2.24
N ARG G 340 -22.83 57.07 1.15
CA ARG G 340 -23.10 57.66 -0.15
C ARG G 340 -24.59 57.76 -0.45
N THR G 341 -25.45 57.43 0.51
CA THR G 341 -26.88 57.54 0.31
C THR G 341 -27.30 59.01 0.28
N MET G 342 -28.03 59.40 -0.76
CA MET G 342 -28.42 60.79 -0.90
C MET G 342 -29.53 61.16 0.08
N ILE G 343 -30.44 60.23 0.36
CA ILE G 343 -31.59 60.51 1.21
C ILE G 343 -31.24 60.58 2.69
N LEU G 344 -30.01 60.20 3.06
CA LEU G 344 -29.64 60.15 4.46
C LEU G 344 -29.37 61.54 5.03
N ALA G 345 -28.39 62.25 4.47
CA ALA G 345 -28.01 63.56 4.97
C ALA G 345 -28.95 64.60 4.37
N ARG G 346 -29.73 65.26 5.22
CA ARG G 346 -30.69 66.27 4.78
C ARG G 346 -30.52 67.52 5.63
N GLY G 347 -30.96 68.64 5.06
CA GLY G 347 -30.92 69.92 5.75
C GLY G 347 -29.53 70.43 6.07
N LEU G 348 -28.59 70.27 5.14
CA LEU G 348 -27.22 70.68 5.40
C LEU G 348 -27.02 72.19 5.32
N GLN G 349 -28.00 72.95 4.83
CA GLN G 349 -27.87 74.39 4.80
C GLN G 349 -27.93 74.99 6.20
N THR G 350 -28.74 74.42 7.08
CA THR G 350 -28.83 74.94 8.46
C THR G 350 -27.56 74.69 9.25
N LEU G 351 -26.73 73.73 8.85
CA LEU G 351 -25.47 73.44 9.52
C LEU G 351 -24.26 73.97 8.76
N LEU G 352 -24.30 73.93 7.43
CA LEU G 352 -23.16 74.32 6.58
C LEU G 352 -23.62 75.37 5.58
N PRO G 353 -23.53 76.66 5.92
CA PRO G 353 -24.00 77.68 4.99
C PRO G 353 -23.07 77.89 3.80
N LEU G 354 -21.76 77.92 4.01
CA LEU G 354 -20.82 78.12 2.92
C LEU G 354 -20.82 76.93 1.96
N MET G 355 -20.91 75.72 2.51
CA MET G 355 -21.02 74.54 1.66
C MET G 355 -22.33 74.53 0.89
N ALA G 356 -23.40 75.07 1.48
CA ALA G 356 -24.65 75.21 0.74
C ALA G 356 -24.51 76.21 -0.40
N ALA G 357 -23.76 77.30 -0.18
CA ALA G 357 -23.51 78.26 -1.25
C ALA G 357 -22.70 77.62 -2.38
N TRP G 358 -21.70 76.82 -2.04
CA TRP G 358 -20.92 76.12 -3.06
C TRP G 358 -21.78 75.10 -3.81
N TRP G 359 -22.68 74.41 -3.09
CA TRP G 359 -23.62 73.50 -3.72
C TRP G 359 -24.53 74.23 -4.71
N LEU G 360 -25.02 75.40 -4.31
CA LEU G 360 -25.88 76.19 -5.18
C LEU G 360 -25.13 76.65 -6.43
N LEU G 361 -23.88 77.11 -6.27
CA LEU G 361 -23.11 77.55 -7.42
C LEU G 361 -22.79 76.39 -8.36
N ALA G 362 -22.44 75.23 -7.82
CA ALA G 362 -22.14 74.07 -8.65
C ALA G 362 -23.37 73.58 -9.40
N SER G 363 -24.53 73.55 -8.71
CA SER G 363 -25.76 73.13 -9.37
C SER G 363 -26.19 74.12 -10.43
N LEU G 364 -25.99 75.42 -10.19
CA LEU G 364 -26.33 76.43 -11.20
C LEU G 364 -25.43 76.32 -12.41
N THR G 365 -24.14 76.08 -12.20
CA THR G 365 -23.24 75.88 -13.34
C THR G 365 -23.49 74.56 -14.05
N ASN G 366 -24.11 73.59 -13.37
CA ASN G 366 -24.44 72.32 -14.03
C ASN G 366 -25.64 72.43 -14.95
N LEU G 367 -26.61 73.29 -14.63
CA LEU G 367 -27.81 73.44 -15.44
C LEU G 367 -27.66 74.48 -16.53
N ALA G 368 -26.43 74.87 -16.87
CA ALA G 368 -26.09 75.81 -17.93
C ALA G 368 -26.76 77.17 -17.71
N LEU G 369 -26.36 77.82 -16.63
CA LEU G 369 -26.83 79.17 -16.35
C LEU G 369 -25.96 80.17 -17.10
N PRO G 370 -26.54 81.03 -17.94
CA PRO G 370 -25.73 82.01 -18.65
C PRO G 370 -25.23 83.08 -17.69
N PRO G 371 -24.09 83.73 -17.99
CA PRO G 371 -23.23 83.52 -19.16
C PRO G 371 -22.04 82.60 -18.90
N SER G 372 -22.26 81.47 -18.24
CA SER G 372 -21.18 80.54 -18.00
C SER G 372 -20.80 79.80 -19.28
N ILE G 373 -19.68 79.09 -19.21
CA ILE G 373 -19.13 78.41 -20.38
C ILE G 373 -20.04 77.26 -20.82
N ASN G 374 -20.68 76.58 -19.86
CA ASN G 374 -21.54 75.45 -20.19
C ASN G 374 -22.73 75.87 -21.03
N LEU G 375 -23.33 77.02 -20.71
CA LEU G 375 -24.43 77.53 -21.51
C LEU G 375 -23.95 77.90 -22.91
N ILE G 376 -22.75 78.48 -23.03
CA ILE G 376 -22.22 78.85 -24.34
C ILE G 376 -22.01 77.61 -25.20
N GLY G 377 -21.40 76.57 -24.62
CA GLY G 377 -21.16 75.36 -25.38
C GLY G 377 -22.43 74.64 -25.77
N GLU G 378 -23.36 74.51 -24.82
CA GLU G 378 -24.59 73.77 -25.12
C GLU G 378 -25.46 74.55 -26.09
N LEU G 379 -25.44 75.88 -25.99
CA LEU G 379 -26.19 76.72 -26.92
C LEU G 379 -25.62 76.62 -28.32
N PHE G 380 -24.29 76.63 -28.46
CA PHE G 380 -23.69 76.47 -29.78
C PHE G 380 -24.01 75.09 -30.37
N VAL G 381 -24.03 74.06 -29.54
CA VAL G 381 -24.39 72.72 -29.99
C VAL G 381 -25.85 72.70 -30.46
N VAL G 382 -26.74 73.38 -29.75
CA VAL G 382 -28.15 73.41 -30.13
C VAL G 382 -28.35 74.17 -31.43
N MET G 383 -27.66 75.30 -31.61
CA MET G 383 -27.69 76.00 -32.90
C MET G 383 -27.20 75.13 -34.05
N SER G 384 -26.09 74.43 -33.85
CA SER G 384 -25.54 73.60 -34.91
C SER G 384 -26.48 72.43 -35.25
N THR G 385 -27.05 71.78 -34.24
CA THR G 385 -27.94 70.66 -34.50
C THR G 385 -29.26 71.12 -35.08
N PHE G 386 -29.72 72.34 -34.75
CA PHE G 386 -30.91 72.87 -35.40
C PHE G 386 -30.61 73.23 -36.84
N SER G 387 -29.38 73.63 -37.15
CA SER G 387 -28.97 73.76 -38.54
C SER G 387 -28.96 72.41 -39.24
N TRP G 388 -28.62 71.34 -38.52
CA TRP G 388 -28.63 70.01 -39.11
C TRP G 388 -30.05 69.55 -39.45
N SER G 389 -30.97 69.67 -38.50
CA SER G 389 -32.36 69.30 -38.73
C SER G 389 -33.23 70.07 -37.75
N ASN G 390 -34.53 70.10 -38.03
CA ASN G 390 -35.44 70.91 -37.21
C ASN G 390 -35.87 70.18 -35.94
N ILE G 391 -36.51 69.02 -36.10
CA ILE G 391 -37.22 68.32 -35.02
C ILE G 391 -36.31 67.96 -33.85
N THR G 392 -35.00 67.90 -34.08
CA THR G 392 -34.05 67.58 -33.02
C THR G 392 -34.04 68.61 -31.89
N ILE G 393 -34.60 69.81 -32.12
CA ILE G 393 -34.71 70.78 -31.04
C ILE G 393 -35.53 70.20 -29.89
N ILE G 394 -36.57 69.42 -30.23
CA ILE G 394 -37.36 68.72 -29.21
C ILE G 394 -36.47 67.79 -28.41
N LEU G 395 -35.63 67.01 -29.11
CA LEU G 395 -34.74 66.08 -28.45
C LEU G 395 -33.67 66.79 -27.63
N MET G 396 -33.44 68.08 -27.86
CA MET G 396 -32.62 68.83 -26.92
C MET G 396 -33.48 69.53 -25.88
N GLY G 397 -34.64 70.06 -26.30
CA GLY G 397 -35.40 70.93 -25.45
C GLY G 397 -35.93 70.23 -24.20
N LEU G 398 -36.44 69.01 -24.38
CA LEU G 398 -36.90 68.22 -23.24
C LEU G 398 -35.76 67.92 -22.28
N ASN G 399 -34.53 67.76 -22.81
CA ASN G 399 -33.36 67.59 -21.95
C ASN G 399 -33.15 68.84 -21.09
N MET G 400 -33.42 70.02 -21.68
CA MET G 400 -33.37 71.29 -20.95
C MET G 400 -34.26 71.28 -19.72
N VAL G 401 -35.34 70.50 -19.75
CA VAL G 401 -36.12 70.31 -18.53
C VAL G 401 -35.40 69.37 -17.58
N ILE G 402 -35.09 68.16 -18.06
CA ILE G 402 -34.77 67.05 -17.18
C ILE G 402 -33.48 67.29 -16.42
N THR G 403 -32.51 67.94 -17.07
CA THR G 403 -31.27 68.32 -16.39
C THR G 403 -31.56 69.15 -15.16
N ALA G 404 -32.35 70.22 -15.32
CA ALA G 404 -32.77 71.01 -14.16
C ALA G 404 -33.54 70.14 -13.19
N LEU G 405 -34.42 69.28 -13.72
CA LEU G 405 -35.26 68.43 -12.88
C LEU G 405 -34.46 67.43 -12.06
N TYR G 406 -33.20 67.20 -12.38
CA TYR G 406 -32.42 66.47 -11.39
C TYR G 406 -31.46 67.35 -10.61
N SER G 407 -30.89 68.38 -11.25
CA SER G 407 -29.77 69.08 -10.63
C SER G 407 -30.22 69.86 -9.41
N LEU G 408 -31.28 70.66 -9.58
CA LEU G 408 -31.88 71.32 -8.43
C LEU G 408 -32.47 70.29 -7.46
N TYR G 409 -32.92 69.15 -7.97
CA TYR G 409 -33.32 68.06 -7.08
C TYR G 409 -32.14 67.60 -6.22
N MET G 410 -30.97 67.46 -6.84
CA MET G 410 -29.76 67.18 -6.08
C MET G 410 -29.44 68.31 -5.12
N LEU G 411 -29.82 69.54 -5.49
CA LEU G 411 -29.66 70.66 -4.58
C LEU G 411 -30.67 70.62 -3.44
N ILE G 412 -31.85 70.05 -3.67
CA ILE G 412 -32.91 70.15 -2.65
C ILE G 412 -32.68 69.13 -1.54
N THR G 413 -32.61 67.85 -1.90
CA THR G 413 -32.64 66.77 -0.91
C THR G 413 -31.43 66.81 0.01
N THR G 414 -30.26 67.19 -0.52
CA THR G 414 -29.08 67.27 0.30
C THR G 414 -28.98 68.56 1.11
N GLN G 415 -29.81 69.57 0.80
CA GLN G 415 -29.63 70.86 1.48
C GLN G 415 -30.89 71.38 2.15
N ARG G 416 -32.05 71.12 1.57
CA ARG G 416 -33.29 71.77 1.98
C ARG G 416 -34.23 70.76 2.62
N GLY G 417 -34.79 71.14 3.77
CA GLY G 417 -35.65 70.30 4.56
C GLY G 417 -35.20 70.24 6.00
N LYS G 418 -35.96 69.50 6.80
CA LYS G 418 -35.60 69.29 8.19
C LYS G 418 -34.37 68.39 8.28
N HIS G 419 -33.40 68.79 9.10
CA HIS G 419 -32.15 68.06 9.19
C HIS G 419 -32.35 66.73 9.92
N THR G 420 -31.44 65.80 9.65
CA THR G 420 -31.51 64.47 10.25
C THR G 420 -31.17 64.55 11.74
N HIS G 421 -31.86 63.75 12.54
CA HIS G 421 -31.72 63.84 13.99
C HIS G 421 -30.49 63.10 14.49
N HIS G 422 -30.30 61.86 14.06
CA HIS G 422 -29.25 61.04 14.63
C HIS G 422 -27.86 61.37 14.09
N ILE G 423 -27.75 62.21 13.06
CA ILE G 423 -26.46 62.62 12.53
C ILE G 423 -26.01 63.85 13.30
N ASN G 424 -24.96 63.70 14.11
CA ASN G 424 -24.46 64.81 14.92
C ASN G 424 -22.94 64.89 14.87
N ASN G 425 -22.35 64.49 13.75
CA ASN G 425 -20.90 64.61 13.56
C ASN G 425 -20.57 65.54 12.39
N ILE G 426 -21.48 66.44 12.03
CA ILE G 426 -21.26 67.38 10.94
C ILE G 426 -20.34 68.47 11.48
N LEU G 427 -19.04 68.34 11.17
CA LEU G 427 -18.07 69.34 11.58
C LEU G 427 -18.22 70.59 10.73
N PRO G 428 -17.70 71.73 11.20
CA PRO G 428 -17.65 72.93 10.34
C PRO G 428 -16.74 72.73 9.15
N SER G 429 -16.86 73.64 8.19
CA SER G 429 -16.18 73.50 6.91
C SER G 429 -14.67 73.64 7.07
N PHE G 430 -13.93 72.64 6.57
CA PHE G 430 -12.48 72.72 6.55
C PHE G 430 -12.02 73.78 5.56
N THR G 431 -10.92 74.45 5.90
CA THR G 431 -10.35 75.45 5.01
C THR G 431 -9.81 74.80 3.73
N ARG G 432 -9.35 73.55 3.82
CA ARG G 432 -8.87 72.83 2.64
C ARG G 432 -9.99 72.62 1.63
N GLU G 433 -11.17 72.21 2.11
CA GLU G 433 -12.30 71.98 1.22
C GLU G 433 -12.75 73.28 0.55
N ASN G 434 -12.86 74.36 1.34
CA ASN G 434 -13.29 75.64 0.78
C ASN G 434 -12.28 76.17 -0.23
N ALA G 435 -10.98 76.01 0.06
CA ALA G 435 -9.94 76.41 -0.88
C ALA G 435 -10.04 75.61 -2.18
N LEU G 436 -10.26 74.30 -2.06
CA LEU G 436 -10.36 73.45 -3.24
C LEU G 436 -11.56 73.83 -4.10
N MET G 437 -12.71 74.10 -3.47
CA MET G 437 -13.90 74.42 -4.24
C MET G 437 -13.82 75.83 -4.85
N SER G 438 -13.19 76.77 -4.16
CA SER G 438 -12.96 78.08 -4.77
C SER G 438 -12.00 77.98 -5.95
N LEU G 439 -10.96 77.15 -5.82
CA LEU G 439 -10.05 76.92 -6.94
C LEU G 439 -10.73 76.19 -8.09
N HIS G 440 -11.79 75.42 -7.80
CA HIS G 440 -12.57 74.83 -8.88
C HIS G 440 -13.47 75.86 -9.55
N MET G 441 -14.08 76.75 -8.76
CA MET G 441 -15.17 77.58 -9.25
C MET G 441 -14.69 78.91 -9.87
N LEU G 442 -13.78 79.61 -9.20
CA LEU G 442 -13.35 80.93 -9.67
C LEU G 442 -12.73 80.95 -11.07
N PRO G 443 -11.91 79.97 -11.51
CA PRO G 443 -11.50 79.98 -12.92
C PRO G 443 -12.65 79.90 -13.92
N LEU G 444 -13.73 79.19 -13.59
CA LEU G 444 -14.88 79.14 -14.50
C LEU G 444 -15.55 80.51 -14.63
N LEU G 445 -15.76 81.18 -13.50
CA LEU G 445 -16.39 82.50 -13.54
C LEU G 445 -15.47 83.55 -14.15
N LEU G 446 -14.15 83.35 -14.06
CA LEU G 446 -13.22 84.25 -14.72
C LEU G 446 -13.15 84.00 -16.23
N LEU G 447 -13.22 82.74 -16.65
CA LEU G 447 -13.25 82.43 -18.07
C LEU G 447 -14.59 82.75 -18.71
N SER G 448 -15.63 82.98 -17.90
CA SER G 448 -16.89 83.48 -18.44
C SER G 448 -16.74 84.87 -19.04
N LEU G 449 -15.76 85.65 -18.56
CA LEU G 449 -15.52 86.97 -19.13
C LEU G 449 -14.85 86.87 -20.49
N ASN G 450 -13.89 85.96 -20.65
CA ASN G 450 -13.07 85.87 -21.86
C ASN G 450 -13.05 84.43 -22.35
N PRO G 451 -14.14 83.98 -23.00
CA PRO G 451 -14.19 82.59 -23.46
C PRO G 451 -13.50 82.34 -24.79
N LYS G 452 -12.97 83.38 -25.44
CA LYS G 452 -12.44 83.26 -26.80
C LYS G 452 -11.21 82.37 -26.89
N ILE G 453 -10.58 82.03 -25.77
CA ILE G 453 -9.44 81.11 -25.80
C ILE G 453 -9.84 79.65 -25.68
N ILE G 454 -11.10 79.34 -25.39
CA ILE G 454 -11.51 77.96 -25.22
C ILE G 454 -12.65 77.60 -26.17
N LEU G 455 -12.69 78.24 -27.33
CA LEU G 455 -13.75 78.01 -28.31
C LEU G 455 -13.31 77.19 -29.50
N GLY G 456 -12.14 76.55 -29.43
CA GLY G 456 -11.73 75.61 -30.44
C GLY G 456 -10.61 76.09 -31.33
N PRO G 457 -10.22 75.26 -32.30
CA PRO G 457 -9.09 75.60 -33.18
C PRO G 457 -9.46 76.50 -34.33
N LEU G 458 -10.75 76.66 -34.63
CA LEU G 458 -11.19 77.35 -35.84
C LEU G 458 -11.97 78.63 -35.53
N TYR G 459 -11.78 79.18 -34.33
CA TYR G 459 -12.33 80.49 -34.00
C TYR G 459 -11.43 81.58 -34.59
N MET H 1 22.72 15.23 -7.17
CA MET H 1 23.00 16.61 -7.52
C MET H 1 24.46 16.96 -7.26
N ASN H 2 25.36 16.14 -7.79
CA ASN H 2 26.78 16.45 -7.71
C ASN H 2 27.06 17.70 -8.54
N PRO H 3 27.72 18.72 -7.98
CA PRO H 3 27.94 19.96 -8.74
C PRO H 3 28.77 19.77 -10.01
N ILE H 4 29.74 18.86 -9.99
CA ILE H 4 30.48 18.53 -11.21
C ILE H 4 29.56 17.93 -12.25
N ILE H 5 28.69 17.00 -11.82
CA ILE H 5 27.77 16.33 -12.74
C ILE H 5 26.73 17.32 -13.27
N LEU H 6 26.25 18.22 -12.41
CA LEU H 6 25.29 19.23 -12.86
C LEU H 6 25.93 20.19 -13.85
N ILE H 7 27.19 20.58 -13.62
CA ILE H 7 27.90 21.46 -14.54
C ILE H 7 28.10 20.77 -15.89
N ILE H 8 28.50 19.49 -15.87
CA ILE H 8 28.70 18.73 -17.10
C ILE H 8 27.39 18.56 -17.86
N ILE H 9 26.30 18.31 -17.14
CA ILE H 9 24.99 18.15 -17.78
C ILE H 9 24.52 19.45 -18.41
N LEU H 10 24.71 20.58 -17.72
CA LEU H 10 24.34 21.87 -18.28
C LEU H 10 25.19 22.21 -19.50
N MET H 11 26.48 21.89 -19.45
CA MET H 11 27.34 22.09 -20.62
C MET H 11 26.92 21.20 -21.77
N THR H 12 26.43 19.98 -21.48
CA THR H 12 25.93 19.11 -22.54
C THR H 12 24.67 19.67 -23.18
N VAL H 13 23.77 20.24 -22.37
CA VAL H 13 22.57 20.88 -22.91
C VAL H 13 22.95 22.06 -23.80
N MET H 14 23.89 22.88 -23.33
CA MET H 14 24.34 24.02 -24.12
C MET H 14 25.01 23.57 -25.42
N LEU H 15 25.81 22.51 -25.36
CA LEU H 15 26.49 21.98 -26.53
C LEU H 15 25.48 21.43 -27.54
N GLY H 16 24.46 20.72 -27.06
CA GLY H 16 23.44 20.21 -27.97
C GLY H 16 22.67 21.30 -28.66
N THR H 17 22.26 22.33 -27.90
CA THR H 17 21.53 23.44 -28.51
C THR H 17 22.40 24.20 -29.51
N ILE H 18 23.67 24.44 -29.16
CA ILE H 18 24.55 25.14 -30.10
C ILE H 18 24.91 24.27 -31.30
N ILE H 19 24.85 22.95 -31.16
CA ILE H 19 25.04 22.07 -32.31
C ILE H 19 23.85 22.17 -33.25
N VAL H 20 22.64 22.31 -32.70
CA VAL H 20 21.48 22.62 -33.54
C VAL H 20 21.66 23.97 -34.22
N MET H 21 22.22 24.95 -33.50
CA MET H 21 22.34 26.30 -34.07
C MET H 21 23.35 26.36 -35.21
N ILE H 22 24.55 25.80 -35.03
CA ILE H 22 25.69 26.14 -35.89
C ILE H 22 25.96 25.10 -36.96
N SER H 23 25.18 24.04 -37.05
CA SER H 23 25.48 22.98 -38.00
C SER H 23 24.88 23.28 -39.37
N THR H 24 25.40 22.57 -40.39
CA THR H 24 24.92 22.68 -41.76
C THR H 24 24.41 21.36 -42.31
N HIS H 25 24.15 20.38 -41.45
CA HIS H 25 23.71 19.05 -41.86
C HIS H 25 22.55 18.61 -40.99
N TRP H 26 21.59 17.91 -41.60
CA TRP H 26 20.37 17.52 -40.89
C TRP H 26 20.67 16.53 -39.77
N LEU H 27 21.62 15.64 -40.01
CA LEU H 27 22.01 14.66 -39.00
C LEU H 27 22.56 15.34 -37.75
N LEU H 28 23.34 16.40 -37.90
CA LEU H 28 23.84 17.13 -36.74
C LEU H 28 22.74 17.88 -36.02
N ILE H 29 21.72 18.35 -36.75
CA ILE H 29 20.54 18.97 -36.12
C ILE H 29 19.85 17.96 -35.21
N TRP H 30 19.62 16.76 -35.73
CA TRP H 30 19.02 15.69 -34.93
C TRP H 30 19.94 15.27 -33.79
N ILE H 31 21.26 15.32 -34.00
CA ILE H 31 22.22 14.98 -32.96
C ILE H 31 22.10 15.94 -31.80
N GLY H 32 22.03 17.24 -32.10
CA GLY H 32 21.86 18.24 -31.06
C GLY H 32 20.54 18.10 -30.34
N PHE H 33 19.47 17.81 -31.08
CA PHE H 33 18.17 17.60 -30.43
C PHE H 33 18.19 16.41 -29.48
N GLU H 34 18.77 15.29 -29.92
CA GLU H 34 18.82 14.10 -29.09
C GLU H 34 19.69 14.30 -27.85
N MET H 35 20.86 14.91 -28.02
CA MET H 35 21.72 15.14 -26.85
C MET H 35 21.10 16.14 -25.90
N ASN H 36 20.37 17.13 -26.44
CA ASN H 36 19.69 18.11 -25.59
C ASN H 36 18.61 17.46 -24.74
N MET H 37 17.77 16.61 -25.35
CA MET H 37 16.72 15.98 -24.55
C MET H 37 17.29 14.95 -23.58
N LEU H 38 18.34 14.23 -24.01
CA LEU H 38 18.98 13.23 -23.15
C LEU H 38 19.61 13.88 -21.93
N ALA H 39 20.25 15.04 -22.10
CA ALA H 39 20.83 15.73 -20.97
C ALA H 39 19.83 16.59 -20.19
N ILE H 40 18.67 16.88 -20.76
CA ILE H 40 17.65 17.61 -20.01
C ILE H 40 16.75 16.68 -19.21
N ILE H 41 16.78 15.37 -19.48
CA ILE H 41 16.06 14.41 -18.64
C ILE H 41 16.47 14.46 -17.17
N PRO H 42 17.76 14.48 -16.79
CA PRO H 42 18.08 14.57 -15.35
C PRO H 42 17.70 15.88 -14.70
N ILE H 43 17.48 16.94 -15.46
CA ILE H 43 17.09 18.22 -14.87
C ILE H 43 15.69 18.13 -14.28
N MET H 44 14.80 17.39 -14.94
CA MET H 44 13.45 17.22 -14.44
C MET H 44 13.32 16.06 -13.45
N MET H 45 14.40 15.33 -13.18
CA MET H 45 14.46 14.39 -12.06
C MET H 45 15.39 14.88 -10.97
N LYS H 46 15.37 16.18 -10.69
CA LYS H 46 16.24 16.71 -9.65
C LYS H 46 15.73 16.36 -8.25
N LYS H 47 14.42 16.49 -8.03
CA LYS H 47 13.88 16.39 -6.68
C LYS H 47 13.55 14.96 -6.25
N HIS H 48 13.52 14.01 -7.18
CA HIS H 48 13.27 12.59 -6.92
C HIS H 48 11.93 12.36 -6.21
N ASN H 49 10.86 12.70 -6.92
CA ASN H 49 9.50 12.43 -6.51
C ASN H 49 8.72 11.87 -7.70
N PRO H 50 7.69 11.04 -7.47
CA PRO H 50 7.03 10.34 -8.58
C PRO H 50 6.36 11.24 -9.61
N ARG H 51 5.92 12.44 -9.22
CA ARG H 51 5.34 13.37 -10.19
C ARG H 51 6.37 13.80 -11.23
N ALA H 52 7.63 13.96 -10.80
CA ALA H 52 8.70 14.26 -11.74
C ALA H 52 8.93 13.11 -12.71
N THR H 53 8.83 11.88 -12.23
CA THR H 53 8.97 10.72 -13.11
C THR H 53 7.83 10.67 -14.13
N GLU H 54 6.61 10.99 -13.69
CA GLU H 54 5.48 11.06 -14.61
C GLU H 54 5.70 12.12 -15.69
N ALA H 55 6.11 13.32 -15.28
CA ALA H 55 6.33 14.41 -16.21
C ALA H 55 7.46 14.09 -17.19
N SER H 56 8.55 13.51 -16.70
CA SER H 56 9.66 13.16 -17.57
C SER H 56 9.30 12.04 -18.52
N THR H 57 8.46 11.09 -18.09
CA THR H 57 8.00 10.03 -18.99
C THR H 57 7.18 10.60 -20.14
N LYS H 58 6.23 11.48 -19.82
CA LYS H 58 5.42 12.11 -20.86
C LYS H 58 6.27 12.95 -21.80
N TYR H 59 7.22 13.71 -21.24
CA TYR H 59 8.11 14.54 -22.05
C TYR H 59 8.97 13.71 -22.98
N PHE H 60 9.53 12.60 -22.46
CA PHE H 60 10.37 11.74 -23.28
C PHE H 60 9.58 11.11 -24.41
N LEU H 61 8.36 10.64 -24.12
CA LEU H 61 7.53 10.02 -25.16
C LEU H 61 7.21 11.01 -26.27
N THR H 62 6.79 12.23 -25.90
CA THR H 62 6.45 13.22 -26.92
C THR H 62 7.67 13.64 -27.73
N GLN H 63 8.80 13.88 -27.08
CA GLN H 63 9.99 14.31 -27.79
C GLN H 63 10.54 13.22 -28.70
N SER H 64 10.45 11.95 -28.27
CA SER H 64 10.92 10.87 -29.11
C SER H 64 10.02 10.65 -30.32
N THR H 65 8.71 10.81 -30.14
CA THR H 65 7.80 10.74 -31.28
C THR H 65 8.09 11.86 -32.29
N ALA H 66 8.34 13.07 -31.77
CA ALA H 66 8.70 14.18 -32.64
C ALA H 66 10.00 13.94 -33.37
N SER H 67 10.98 13.32 -32.69
CA SER H 67 12.26 13.03 -33.33
C SER H 67 12.13 11.97 -34.42
N MET H 68 11.27 10.97 -34.19
CA MET H 68 11.03 9.97 -35.23
C MET H 68 10.34 10.59 -36.44
N LEU H 69 9.39 11.51 -36.20
CA LEU H 69 8.81 12.27 -37.30
C LEU H 69 9.87 13.11 -38.02
N LEU H 70 10.85 13.63 -37.26
CA LEU H 70 11.89 14.45 -37.84
C LEU H 70 12.77 13.65 -38.79
N MET H 71 13.16 12.42 -38.38
CA MET H 71 13.79 11.50 -39.34
C MET H 71 12.90 11.12 -40.52
N MET H 72 11.59 11.00 -40.32
CA MET H 72 10.74 10.71 -41.47
C MET H 72 10.83 11.83 -42.50
N ALA H 73 10.79 13.08 -42.02
CA ALA H 73 10.94 14.23 -42.91
C ALA H 73 12.32 14.27 -43.56
N ILE H 74 13.38 13.99 -42.79
CA ILE H 74 14.74 14.05 -43.34
C ILE H 74 14.94 12.98 -44.41
N ILE H 75 14.46 11.76 -44.16
CA ILE H 75 14.67 10.68 -45.13
C ILE H 75 13.84 10.93 -46.39
N ILE H 76 12.63 11.48 -46.24
CA ILE H 76 11.84 11.85 -47.41
C ILE H 76 12.53 12.95 -48.22
N ASN H 77 13.12 13.93 -47.52
CA ASN H 77 13.85 15.00 -48.19
C ASN H 77 15.09 14.45 -48.91
N LEU H 78 15.76 13.47 -48.31
CA LEU H 78 16.89 12.82 -48.97
C LEU H 78 16.45 12.07 -50.22
N MET H 79 15.30 11.40 -50.15
CA MET H 79 14.77 10.70 -51.31
C MET H 79 14.49 11.67 -52.46
N PHE H 80 13.86 12.79 -52.16
CA PHE H 80 13.43 13.71 -53.20
C PHE H 80 14.47 14.77 -53.55
N SER H 81 15.61 14.80 -52.85
CA SER H 81 16.61 15.83 -53.12
C SER H 81 18.02 15.26 -53.27
N GLY H 82 18.33 14.21 -52.51
CA GLY H 82 19.66 13.63 -52.60
C GLY H 82 20.77 14.45 -51.98
N GLN H 83 20.44 15.33 -51.04
CA GLN H 83 21.42 16.25 -50.48
C GLN H 83 20.93 16.63 -49.08
N TRP H 84 21.84 17.20 -48.28
CA TRP H 84 21.57 17.32 -46.84
C TRP H 84 21.77 18.74 -46.29
N THR H 85 21.77 19.77 -47.13
CA THR H 85 21.94 21.13 -46.61
C THR H 85 20.69 21.57 -45.87
N VAL H 86 20.87 22.19 -44.71
CA VAL H 86 19.73 22.70 -43.96
C VAL H 86 19.23 23.97 -44.64
N MET H 87 18.19 23.82 -45.46
CA MET H 87 17.60 24.89 -46.24
C MET H 87 16.19 24.45 -46.59
N LYS H 88 15.59 25.10 -47.61
CA LYS H 88 14.24 24.76 -48.02
C LYS H 88 14.15 23.31 -48.48
N LEU H 89 13.10 22.62 -48.03
CA LEU H 89 12.89 21.24 -48.38
C LEU H 89 12.38 21.12 -49.82
N PHE H 90 12.44 19.90 -50.34
CA PHE H 90 12.12 19.64 -51.75
C PHE H 90 10.93 18.71 -51.88
N ASN H 91 10.04 18.70 -50.88
CA ASN H 91 8.86 17.86 -50.92
C ASN H 91 7.78 18.40 -49.99
N PRO H 92 6.52 18.48 -50.44
CA PRO H 92 5.45 18.96 -49.55
C PRO H 92 5.20 18.07 -48.34
N MET H 93 5.33 16.75 -48.51
CA MET H 93 5.21 15.84 -47.37
C MET H 93 6.33 16.06 -46.36
N ALA H 94 7.54 16.35 -46.85
CA ALA H 94 8.66 16.64 -45.95
C ALA H 94 8.38 17.90 -45.13
N SER H 95 7.85 18.94 -45.78
CA SER H 95 7.52 20.18 -45.07
C SER H 95 6.40 19.96 -44.06
N MET H 96 5.38 19.20 -44.43
CA MET H 96 4.25 18.94 -43.54
C MET H 96 4.69 18.14 -42.31
N LEU H 97 5.46 17.07 -42.53
CA LEU H 97 5.93 16.24 -41.43
C LEU H 97 6.88 17.01 -40.53
N MET H 98 7.78 17.80 -41.12
CA MET H 98 8.68 18.62 -40.33
C MET H 98 7.93 19.67 -39.53
N THR H 99 6.88 20.25 -40.11
CA THR H 99 6.12 21.29 -39.43
C THR H 99 5.40 20.74 -38.20
N MET H 100 4.69 19.60 -38.34
CA MET H 100 4.09 19.09 -37.11
C MET H 100 5.09 18.37 -36.19
N ALA H 101 6.26 17.95 -36.68
CA ALA H 101 7.28 17.45 -35.78
C ALA H 101 7.81 18.56 -34.88
N LEU H 102 8.08 19.73 -35.46
CA LEU H 102 8.53 20.87 -34.66
C LEU H 102 7.39 21.42 -33.82
N ALA H 103 6.15 21.29 -34.27
CA ALA H 103 5.01 21.68 -33.43
C ALA H 103 4.88 20.76 -32.22
N MET H 104 5.12 19.46 -32.41
CA MET H 104 5.14 18.53 -31.28
C MET H 104 6.28 18.84 -30.33
N LYS H 105 7.44 19.19 -30.88
CA LYS H 105 8.59 19.53 -30.04
C LYS H 105 8.35 20.81 -29.24
N LEU H 106 7.68 21.78 -29.84
CA LEU H 106 7.52 23.09 -29.22
C LEU H 106 6.24 23.24 -28.42
N GLY H 107 5.42 22.19 -28.33
CA GLY H 107 4.16 22.29 -27.62
C GLY H 107 3.16 23.22 -28.26
N MET H 108 3.01 23.15 -29.58
CA MET H 108 2.01 23.94 -30.28
C MET H 108 0.72 23.14 -30.41
N ALA H 109 -0.39 23.77 -30.06
CA ALA H 109 -1.68 23.07 -30.08
C ALA H 109 -2.06 22.71 -31.50
N PRO H 110 -2.72 21.55 -31.72
CA PRO H 110 -3.24 20.60 -30.73
C PRO H 110 -2.23 19.57 -30.22
N PHE H 111 -0.94 19.76 -30.54
CA PHE H 111 0.12 18.92 -29.99
C PHE H 111 0.69 19.49 -28.69
N HIS H 112 -0.08 20.29 -27.97
CA HIS H 112 0.38 20.97 -26.77
C HIS H 112 0.09 20.18 -25.49
N PHE H 113 -0.51 18.99 -25.61
CA PHE H 113 -1.12 18.30 -24.47
C PHE H 113 -0.13 17.89 -23.40
N TRP H 114 1.17 17.91 -23.69
CA TRP H 114 2.17 17.60 -22.67
C TRP H 114 2.65 18.82 -21.91
N VAL H 115 2.53 20.01 -22.48
CA VAL H 115 3.11 21.23 -21.91
C VAL H 115 2.49 21.61 -20.56
N PRO H 116 1.15 21.68 -20.38
CA PRO H 116 0.65 22.05 -19.05
C PRO H 116 0.79 20.96 -18.00
N GLU H 117 1.05 19.72 -18.41
CA GLU H 117 1.22 18.65 -17.43
C GLU H 117 2.65 18.57 -16.93
N VAL H 118 3.61 18.52 -17.86
CA VAL H 118 5.01 18.31 -17.51
C VAL H 118 5.52 19.45 -16.64
N THR H 119 5.22 20.69 -17.04
CA THR H 119 5.63 21.86 -16.26
C THR H 119 4.96 21.89 -14.89
N GLN H 120 3.85 21.18 -14.71
CA GLN H 120 3.25 21.11 -13.39
C GLN H 120 4.03 20.20 -12.45
N GLY H 121 4.73 19.20 -12.99
CA GLY H 121 5.35 18.18 -12.17
C GLY H 121 6.84 18.27 -11.97
N ILE H 122 7.48 19.37 -12.35
CA ILE H 122 8.94 19.48 -12.31
C ILE H 122 9.28 20.69 -11.45
N PRO H 123 10.49 20.71 -10.87
CA PRO H 123 10.91 21.89 -10.10
C PRO H 123 11.01 23.13 -10.97
N LEU H 124 10.99 24.29 -10.29
CA LEU H 124 10.85 25.57 -10.97
C LEU H 124 12.07 25.91 -11.83
N SER H 125 13.27 25.48 -11.42
CA SER H 125 14.44 25.67 -12.28
C SER H 125 14.32 24.85 -13.56
N SER H 126 13.86 23.61 -13.45
CA SER H 126 13.64 22.77 -14.63
C SER H 126 12.50 23.32 -15.49
N GLY H 127 11.47 23.87 -14.86
CA GLY H 127 10.40 24.51 -15.60
C GLY H 127 10.88 25.74 -16.35
N LEU H 128 11.74 26.54 -15.72
CA LEU H 128 12.33 27.69 -16.39
C LEU H 128 13.20 27.25 -17.56
N ILE H 129 13.99 26.19 -17.38
CA ILE H 129 14.84 25.69 -18.46
C ILE H 129 13.98 25.21 -19.62
N LEU H 130 12.94 24.43 -19.33
CA LEU H 130 12.08 23.88 -20.38
C LEU H 130 11.31 24.96 -21.12
N LEU H 131 10.85 25.98 -20.40
CA LEU H 131 10.05 27.03 -21.04
C LEU H 131 10.90 28.16 -21.60
N THR H 132 12.21 28.17 -21.38
CA THR H 132 13.05 29.25 -21.88
C THR H 132 14.08 28.77 -22.89
N TRP H 133 14.91 27.78 -22.55
CA TRP H 133 16.02 27.40 -23.41
C TRP H 133 15.65 26.36 -24.44
N GLN H 134 14.64 25.52 -24.15
CA GLN H 134 14.25 24.47 -25.09
C GLN H 134 13.62 25.04 -26.35
N LYS H 135 12.97 26.21 -26.24
CA LYS H 135 12.29 26.81 -27.39
C LYS H 135 13.26 27.43 -28.40
N LEU H 136 14.54 27.55 -28.06
CA LEU H 136 15.48 28.28 -28.91
C LEU H 136 15.84 27.50 -30.16
N ALA H 137 16.15 26.20 -30.01
CA ALA H 137 16.64 25.42 -31.15
C ALA H 137 15.61 25.20 -32.25
N PRO H 138 14.37 24.74 -31.97
CA PRO H 138 13.43 24.57 -33.09
C PRO H 138 12.98 25.88 -33.71
N MET H 139 13.13 27.01 -33.02
CA MET H 139 12.96 28.30 -33.70
C MET H 139 14.03 28.50 -34.77
N SER H 140 15.27 28.11 -34.49
CA SER H 140 16.31 28.16 -35.51
C SER H 140 16.00 27.21 -36.66
N VAL H 141 15.52 26.01 -36.34
CA VAL H 141 15.18 25.03 -37.37
C VAL H 141 14.05 25.56 -38.26
N LEU H 142 13.02 26.17 -37.66
CA LEU H 142 11.93 26.72 -38.43
C LEU H 142 12.35 27.96 -39.21
N TYR H 143 13.32 28.73 -38.69
CA TYR H 143 13.81 29.88 -39.42
C TYR H 143 14.60 29.46 -40.66
N GLN H 144 15.35 28.37 -40.58
CA GLN H 144 16.15 27.96 -41.72
C GLN H 144 15.36 27.20 -42.79
N ILE H 145 14.08 26.90 -42.56
CA ILE H 145 13.28 26.16 -43.52
C ILE H 145 12.09 26.97 -44.02
N LEU H 146 12.08 28.28 -43.78
CA LEU H 146 10.92 29.11 -44.13
C LEU H 146 10.53 29.23 -45.62
N PRO H 147 11.40 29.04 -46.63
CA PRO H 147 10.87 29.04 -48.00
C PRO H 147 9.91 27.91 -48.31
N SER H 148 10.10 26.74 -47.71
CA SER H 148 9.28 25.57 -48.00
C SER H 148 8.14 25.37 -47.02
N ILE H 149 7.94 26.28 -46.08
CA ILE H 149 6.87 26.14 -45.09
C ILE H 149 5.54 26.41 -45.75
N ASN H 150 4.61 25.48 -45.61
CA ASN H 150 3.25 25.70 -46.11
C ASN H 150 2.53 26.74 -45.25
N LEU H 151 1.90 27.70 -45.90
CA LEU H 151 1.30 28.83 -45.19
C LEU H 151 0.08 28.39 -44.38
N ASP H 152 -0.76 27.55 -44.98
CA ASP H 152 -2.02 27.15 -44.34
C ASP H 152 -1.79 26.38 -43.05
N LEU H 153 -0.83 25.46 -43.06
CA LEU H 153 -0.59 24.61 -41.89
C LEU H 153 -0.03 25.41 -40.73
N ILE H 154 0.96 26.27 -40.99
CA ILE H 154 1.55 27.05 -39.90
C ILE H 154 0.57 28.10 -39.40
N LEU H 155 -0.29 28.63 -40.27
CA LEU H 155 -1.30 29.59 -39.80
C LEU H 155 -2.36 28.92 -38.95
N THR H 156 -2.82 27.72 -39.35
CA THR H 156 -3.79 26.98 -38.55
C THR H 156 -3.20 26.60 -37.20
N LEU H 157 -1.94 26.13 -37.19
CA LEU H 157 -1.28 25.80 -35.92
C LEU H 157 -1.12 27.02 -35.04
N SER H 158 -0.78 28.18 -35.63
CA SER H 158 -0.60 29.39 -34.85
C SER H 158 -1.91 29.84 -34.21
N ILE H 159 -2.99 29.92 -34.99
CA ILE H 159 -4.25 30.42 -34.43
C ILE H 159 -4.83 29.44 -33.41
N LEU H 160 -4.70 28.13 -33.68
CA LEU H 160 -5.16 27.13 -32.73
C LEU H 160 -4.37 27.19 -31.44
N SER H 161 -3.05 27.38 -31.54
CA SER H 161 -2.21 27.47 -30.35
C SER H 161 -2.54 28.70 -29.51
N ILE H 162 -2.73 29.85 -30.16
CA ILE H 162 -3.05 31.08 -29.43
C ILE H 162 -4.38 30.94 -28.71
N THR H 163 -5.41 30.50 -29.43
CA THR H 163 -6.75 30.38 -28.85
C THR H 163 -6.78 29.35 -27.73
N ILE H 164 -6.17 28.18 -27.96
CA ILE H 164 -6.19 27.12 -26.97
C ILE H 164 -5.38 27.50 -25.74
N GLY H 165 -4.23 28.17 -25.93
CA GLY H 165 -3.44 28.61 -24.79
C GLY H 165 -4.16 29.64 -23.94
N GLY H 166 -4.81 30.61 -24.59
CA GLY H 166 -5.58 31.60 -23.82
C GLY H 166 -6.74 30.97 -23.06
N TRP H 167 -7.50 30.11 -23.74
CA TRP H 167 -8.66 29.51 -23.10
C TRP H 167 -8.28 28.47 -22.05
N GLY H 168 -7.10 27.88 -22.14
CA GLY H 168 -6.64 26.94 -21.13
C GLY H 168 -6.02 27.64 -19.94
N GLY H 169 -5.37 28.77 -20.17
CA GLY H 169 -4.86 29.58 -19.07
C GLY H 169 -5.93 30.35 -18.35
N LEU H 170 -7.10 30.51 -18.96
CA LEU H 170 -8.21 31.21 -18.33
C LEU H 170 -8.76 30.50 -17.10
N ASN H 171 -8.46 29.22 -16.89
CA ASN H 171 -9.08 28.43 -15.83
C ASN H 171 -8.12 27.98 -14.73
N GLN H 172 -6.84 27.77 -15.04
CA GLN H 172 -5.93 27.19 -14.07
C GLN H 172 -5.59 28.19 -12.97
N THR H 173 -5.40 27.67 -11.76
CA THR H 173 -4.99 28.47 -10.62
C THR H 173 -3.55 28.22 -10.20
N GLN H 174 -2.96 27.10 -10.57
CA GLN H 174 -1.55 26.87 -10.32
C GLN H 174 -0.70 27.81 -11.18
N LEU H 175 0.43 28.21 -10.64
CA LEU H 175 1.30 29.15 -11.35
C LEU H 175 1.97 28.49 -12.55
N ARG H 176 2.34 27.21 -12.41
CA ARG H 176 3.08 26.55 -13.49
C ARG H 176 2.19 26.25 -14.68
N LYS H 177 0.92 25.88 -14.46
CA LYS H 177 0.02 25.65 -15.58
C LYS H 177 -0.34 26.95 -16.29
N ILE H 178 -0.49 28.05 -15.53
CA ILE H 178 -0.70 29.36 -16.12
C ILE H 178 0.51 29.75 -16.97
N MET H 179 1.72 29.50 -16.45
CA MET H 179 2.94 29.77 -17.20
C MET H 179 3.03 28.94 -18.46
N ALA H 180 2.61 27.67 -18.38
CA ALA H 180 2.65 26.79 -19.54
C ALA H 180 1.69 27.26 -20.63
N TYR H 181 0.46 27.62 -20.26
CA TYR H 181 -0.49 28.07 -21.25
C TYR H 181 -0.12 29.44 -21.82
N SER H 182 0.48 30.31 -20.98
CA SER H 182 1.01 31.57 -21.48
C SER H 182 2.13 31.36 -22.48
N SER H 183 3.00 30.38 -22.21
CA SER H 183 4.06 30.03 -23.15
C SER H 183 3.49 29.51 -24.46
N ILE H 184 2.42 28.72 -24.39
CA ILE H 184 1.77 28.21 -25.60
C ILE H 184 1.22 29.36 -26.43
N ALA H 185 0.53 30.30 -25.76
CA ALA H 185 -0.05 31.44 -26.47
C ALA H 185 1.04 32.32 -27.11
N HIS H 186 2.14 32.56 -26.37
CA HIS H 186 3.23 33.34 -26.94
C HIS H 186 3.91 32.61 -28.09
N MET H 187 4.01 31.28 -28.01
CA MET H 187 4.58 30.49 -29.11
C MET H 187 3.73 30.65 -30.37
N GLY H 188 2.41 30.56 -30.22
CA GLY H 188 1.54 30.76 -31.37
C GLY H 188 1.64 32.17 -31.92
N TRP H 189 1.73 33.16 -31.02
CA TRP H 189 1.85 34.56 -31.44
C TRP H 189 3.11 34.80 -32.27
N MET H 190 4.23 34.23 -31.86
CA MET H 190 5.46 34.48 -32.60
C MET H 190 5.74 33.45 -33.68
N THR H 191 4.91 32.43 -33.84
CA THR H 191 4.96 31.61 -35.04
C THR H 191 3.97 32.07 -36.09
N ALA H 192 2.99 32.90 -35.73
CA ALA H 192 2.10 33.46 -36.75
C ALA H 192 2.82 34.45 -37.66
N VAL H 193 3.89 35.07 -37.15
CA VAL H 193 4.55 36.14 -37.88
C VAL H 193 5.76 35.64 -38.67
N LEU H 194 6.11 34.36 -38.52
CA LEU H 194 7.38 33.83 -39.02
C LEU H 194 7.54 33.93 -40.55
N LEU H 195 6.48 33.61 -41.30
CA LEU H 195 6.59 33.57 -42.75
C LEU H 195 6.70 34.95 -43.38
N TYR H 196 6.32 36.00 -42.67
CA TYR H 196 6.34 37.35 -43.24
C TYR H 196 7.62 38.09 -42.91
N ASN H 197 8.04 38.09 -41.65
CA ASN H 197 9.30 38.72 -41.24
C ASN H 197 9.81 38.00 -40.01
N PRO H 198 10.86 37.17 -40.16
CA PRO H 198 11.37 36.41 -39.01
C PRO H 198 12.13 37.24 -37.99
N THR H 199 12.48 38.49 -38.32
CA THR H 199 13.08 39.38 -37.33
C THR H 199 12.11 39.66 -36.18
N MET H 200 10.83 39.81 -36.51
CA MET H 200 9.81 39.95 -35.47
C MET H 200 9.71 38.68 -34.63
N THR H 201 9.88 37.51 -35.25
CA THR H 201 9.88 36.26 -34.51
C THR H 201 11.04 36.18 -33.53
N LEU H 202 12.25 36.57 -33.98
CA LEU H 202 13.40 36.58 -33.09
C LEU H 202 13.26 37.59 -31.97
N LEU H 203 12.71 38.77 -32.27
CA LEU H 203 12.49 39.78 -31.24
C LEU H 203 11.48 39.31 -30.21
N ASN H 204 10.38 38.70 -30.65
CA ASN H 204 9.39 38.19 -29.71
C ASN H 204 9.95 37.03 -28.89
N LEU H 205 10.81 36.22 -29.51
CA LEU H 205 11.46 35.13 -28.77
C LEU H 205 12.36 35.65 -27.67
N ILE H 206 13.16 36.68 -27.98
CA ILE H 206 14.06 37.25 -26.98
C ILE H 206 13.26 37.92 -25.86
N ILE H 207 12.21 38.66 -26.22
CA ILE H 207 11.38 39.34 -25.23
C ILE H 207 10.67 38.32 -24.33
N TYR H 208 10.11 37.27 -24.92
CA TYR H 208 9.43 36.24 -24.16
C TYR H 208 10.39 35.47 -23.27
N ILE H 209 11.62 35.22 -23.75
CA ILE H 209 12.63 34.54 -22.95
C ILE H 209 12.99 35.37 -21.72
N ILE H 210 13.20 36.68 -21.93
CA ILE H 210 13.58 37.56 -20.82
C ILE H 210 12.44 37.67 -19.80
N MET H 211 11.21 37.83 -20.29
CA MET H 211 10.07 38.04 -19.41
C MET H 211 9.72 36.77 -18.64
N THR H 212 9.76 35.61 -19.31
CA THR H 212 9.55 34.34 -18.61
C THR H 212 10.67 34.05 -17.61
N SER H 213 11.90 34.44 -17.93
CA SER H 213 12.99 34.27 -16.97
C SER H 213 12.78 35.14 -15.74
N THR H 214 12.28 36.37 -15.93
CA THR H 214 11.98 37.23 -14.81
C THR H 214 10.88 36.63 -13.94
N MET H 215 9.83 36.12 -14.58
CA MET H 215 8.71 35.51 -13.86
C MET H 215 9.16 34.29 -13.05
N PHE H 216 9.92 33.39 -13.67
CA PHE H 216 10.39 32.21 -12.98
C PHE H 216 11.41 32.54 -11.89
N THR H 217 12.26 33.54 -12.12
CA THR H 217 13.21 33.97 -11.09
C THR H 217 12.47 34.52 -9.87
N LEU H 218 11.41 35.29 -10.09
CA LEU H 218 10.60 35.79 -9.00
C LEU H 218 9.89 34.65 -8.26
N PHE H 219 9.41 33.65 -8.99
CA PHE H 219 8.75 32.51 -8.35
C PHE H 219 9.72 31.67 -7.52
N MET H 220 10.94 31.47 -8.00
CA MET H 220 11.92 30.76 -7.15
C MET H 220 12.38 31.61 -5.99
N ALA H 221 12.44 32.94 -6.17
CA ALA H 221 12.89 33.80 -5.09
C ALA H 221 11.87 33.86 -3.97
N ASN H 222 10.58 33.94 -4.30
CA ASN H 222 9.54 33.97 -3.28
C ASN H 222 9.18 32.59 -2.74
N SER H 223 9.71 31.53 -3.35
CA SER H 223 9.40 30.13 -3.00
C SER H 223 7.90 29.85 -3.06
N THR H 224 7.24 30.44 -4.06
CA THR H 224 5.80 30.33 -4.22
C THR H 224 5.48 29.50 -5.45
N THR H 225 4.52 28.57 -5.31
CA THR H 225 4.14 27.70 -6.39
C THR H 225 2.67 27.82 -6.78
N THR H 226 1.80 28.30 -5.91
CA THR H 226 0.38 28.47 -6.19
C THR H 226 0.01 29.95 -6.07
N THR H 227 -1.28 30.23 -6.30
CA THR H 227 -1.77 31.59 -6.22
C THR H 227 -1.81 32.09 -4.79
N LEU H 228 -2.06 31.19 -3.83
CA LEU H 228 -2.30 31.62 -2.45
C LEU H 228 -1.00 32.05 -1.77
N SER H 229 0.09 31.32 -1.98
CA SER H 229 1.37 31.74 -1.39
C SER H 229 1.89 33.00 -2.06
N LEU H 230 1.66 33.14 -3.36
CA LEU H 230 2.00 34.37 -4.06
C LEU H 230 1.18 35.54 -3.55
N SER H 231 -0.05 35.29 -3.09
CA SER H 231 -0.80 36.31 -2.38
C SER H 231 -0.20 36.58 -1.01
N HIS H 232 0.26 35.53 -0.33
CA HIS H 232 0.77 35.66 1.03
C HIS H 232 2.12 36.38 1.10
N THR H 233 2.83 36.49 -0.04
CA THR H 233 4.17 37.05 -0.04
C THR H 233 4.23 38.54 0.32
N TRP H 234 3.10 39.25 0.39
CA TRP H 234 3.14 40.68 0.63
C TRP H 234 3.56 41.04 2.05
N ASN H 235 3.51 40.10 3.00
CA ASN H 235 4.06 40.36 4.32
C ASN H 235 5.59 40.34 4.32
N LYS H 236 6.20 39.60 3.40
CA LYS H 236 7.64 39.36 3.42
C LYS H 236 8.42 40.48 2.72
N ALA H 237 8.01 40.85 1.52
CA ALA H 237 8.71 41.87 0.74
C ALA H 237 7.72 42.53 -0.21
N PRO H 238 7.23 43.73 0.12
CA PRO H 238 6.30 44.43 -0.79
C PRO H 238 6.95 44.87 -2.10
N ILE H 239 8.26 45.08 -2.13
CA ILE H 239 8.93 45.46 -3.37
C ILE H 239 8.87 44.33 -4.38
N MET H 240 8.91 43.07 -3.92
CA MET H 240 8.71 41.95 -4.83
C MET H 240 7.30 41.90 -5.36
N THR H 241 6.31 42.31 -4.55
CA THR H 241 4.94 42.41 -5.04
C THR H 241 4.81 43.49 -6.11
N ILE H 242 5.48 44.63 -5.92
CA ILE H 242 5.48 45.67 -6.93
C ILE H 242 6.14 45.18 -8.22
N LEU H 243 7.24 44.44 -8.09
CA LEU H 243 7.94 43.92 -9.25
C LEU H 243 7.11 42.91 -10.02
N VAL H 244 6.45 41.97 -9.32
CA VAL H 244 5.63 41.00 -10.03
C VAL H 244 4.40 41.67 -10.63
N LEU H 245 3.89 42.72 -9.99
CA LEU H 245 2.77 43.47 -10.55
C LEU H 245 3.17 44.16 -11.86
N ILE H 246 4.33 44.82 -11.87
CA ILE H 246 4.71 45.55 -13.08
C ILE H 246 5.13 44.60 -14.20
N THR H 247 5.77 43.47 -13.88
CA THR H 247 6.11 42.57 -14.97
C THR H 247 4.92 41.73 -15.45
N LEU H 248 3.89 41.54 -14.62
CA LEU H 248 2.66 40.94 -15.12
C LEU H 248 1.84 41.95 -15.92
N LEU H 249 1.95 43.23 -15.59
CA LEU H 249 1.41 44.27 -16.47
C LEU H 249 2.10 44.26 -17.81
N SER H 250 3.43 44.08 -17.80
CA SER H 250 4.19 43.96 -19.04
C SER H 250 3.87 42.67 -19.77
N MET H 251 3.46 41.63 -19.05
CA MET H 251 3.26 40.32 -19.67
C MET H 251 2.04 40.30 -20.59
N GLY H 252 1.05 41.15 -20.32
CA GLY H 252 -0.14 41.22 -21.14
C GLY H 252 -0.08 42.19 -22.30
N GLY H 253 1.09 42.75 -22.59
CA GLY H 253 1.22 43.70 -23.68
C GLY H 253 0.53 45.03 -23.46
N LEU H 254 0.57 45.55 -22.23
CA LEU H 254 0.02 46.87 -21.97
C LEU H 254 1.13 47.92 -22.04
N PRO H 255 0.97 48.95 -22.86
CA PRO H 255 1.98 50.00 -22.91
C PRO H 255 1.98 50.83 -21.64
N PRO H 256 3.09 51.48 -21.29
CA PRO H 256 4.36 51.64 -22.00
C PRO H 256 5.42 50.63 -21.60
N LEU H 257 5.06 49.36 -21.53
CA LEU H 257 5.96 48.32 -21.07
C LEU H 257 6.53 47.56 -22.27
N SER H 258 7.48 46.66 -21.99
CA SER H 258 8.21 45.98 -23.05
C SER H 258 7.35 44.96 -23.79
N GLY H 259 6.36 44.39 -23.13
CA GLY H 259 5.54 43.36 -23.74
C GLY H 259 4.66 43.87 -24.86
N PHE H 260 4.45 45.18 -24.94
CA PHE H 260 3.75 45.79 -26.07
C PHE H 260 4.66 45.94 -27.29
N MET H 261 5.98 45.79 -27.12
CA MET H 261 6.90 45.91 -28.25
C MET H 261 6.70 44.87 -29.34
N PRO H 262 6.72 43.52 -29.06
CA PRO H 262 6.70 42.58 -30.18
C PRO H 262 5.36 42.52 -30.91
N LYS H 263 4.29 42.31 -30.14
CA LYS H 263 2.98 41.98 -30.73
C LYS H 263 2.47 43.11 -31.61
N TRP H 264 2.57 44.35 -31.13
CA TRP H 264 2.21 45.52 -31.93
C TRP H 264 3.01 45.55 -33.22
N MET H 265 4.32 45.34 -33.13
CA MET H 265 5.14 45.32 -34.34
C MET H 265 4.84 44.10 -35.19
N ILE H 266 4.36 43.01 -34.56
CA ILE H 266 3.86 41.88 -35.34
C ILE H 266 2.68 42.32 -36.19
N ILE H 267 1.78 43.11 -35.61
CA ILE H 267 0.68 43.71 -36.36
C ILE H 267 1.23 44.65 -37.44
N GLN H 268 2.38 45.28 -37.17
CA GLN H 268 3.02 46.14 -38.17
C GLN H 268 3.50 45.34 -39.37
N GLU H 269 3.64 44.03 -39.25
CA GLU H 269 3.95 43.16 -40.38
C GLU H 269 2.76 42.30 -40.80
N MET H 270 1.56 42.57 -40.27
CA MET H 270 0.36 41.92 -40.77
C MET H 270 -0.34 42.74 -41.84
N THR H 271 -0.41 44.06 -41.65
CA THR H 271 -1.08 44.92 -42.63
C THR H 271 -0.20 45.24 -43.83
N LYS H 272 1.11 44.99 -43.74
CA LYS H 272 1.96 45.13 -44.91
C LYS H 272 1.62 44.08 -45.97
N ASN H 273 1.31 42.86 -45.54
CA ASN H 273 0.97 41.77 -46.44
C ASN H 273 -0.54 41.61 -46.64
N ASP H 274 -1.30 42.67 -46.34
CA ASP H 274 -2.76 42.73 -46.53
C ASP H 274 -3.46 41.62 -45.74
N SER H 275 -3.33 41.69 -44.42
CA SER H 275 -4.05 40.81 -43.51
C SER H 275 -4.53 41.63 -42.33
N ILE H 276 -5.84 41.67 -42.13
CA ILE H 276 -6.46 42.57 -41.16
C ILE H 276 -7.22 41.81 -40.07
N ILE H 277 -7.95 40.75 -40.43
CA ILE H 277 -8.74 40.01 -39.45
C ILE H 277 -7.85 39.26 -38.48
N LEU H 278 -6.73 38.72 -38.98
CA LEU H 278 -5.82 37.92 -38.17
C LEU H 278 -5.22 38.65 -36.98
N PRO H 279 -4.61 39.86 -37.11
CA PRO H 279 -4.11 40.53 -35.91
C PRO H 279 -5.21 40.91 -34.94
N THR H 280 -6.41 41.19 -35.43
CA THR H 280 -7.54 41.46 -34.54
C THR H 280 -7.90 40.24 -33.70
N LEU H 281 -7.93 39.05 -34.33
CA LEU H 281 -8.27 37.83 -33.59
C LEU H 281 -7.19 37.50 -32.55
N MET H 282 -5.92 37.60 -32.93
CA MET H 282 -4.87 37.34 -31.96
C MET H 282 -4.79 38.43 -30.89
N ALA H 283 -5.23 39.65 -31.19
CA ALA H 283 -5.31 40.68 -30.18
C ALA H 283 -6.41 40.39 -29.16
N ILE H 284 -7.55 39.85 -29.63
CA ILE H 284 -8.62 39.47 -28.71
C ILE H 284 -8.16 38.33 -27.79
N THR H 285 -7.43 37.36 -28.35
CA THR H 285 -6.93 36.30 -27.49
C THR H 285 -5.84 36.81 -26.55
N ALA H 286 -5.06 37.80 -26.97
CA ALA H 286 -4.14 38.47 -26.04
C ALA H 286 -4.90 39.20 -24.95
N LEU H 287 -6.10 39.70 -25.24
CA LEU H 287 -6.94 40.27 -24.19
C LEU H 287 -7.38 39.20 -23.19
N LEU H 288 -7.66 37.99 -23.67
CA LEU H 288 -7.94 36.87 -22.75
C LEU H 288 -6.74 36.58 -21.84
N ASN H 289 -5.55 36.58 -22.45
CA ASN H 289 -4.31 36.43 -21.69
C ASN H 289 -4.20 37.51 -20.61
N LEU H 290 -4.49 38.76 -21.00
CA LEU H 290 -4.46 39.87 -20.06
C LEU H 290 -5.54 39.73 -18.99
N TYR H 291 -6.65 39.04 -19.29
CA TYR H 291 -7.66 38.83 -18.26
C TYR H 291 -7.14 37.95 -17.14
N PHE H 292 -6.56 36.80 -17.50
CA PHE H 292 -6.06 35.99 -16.37
C PHE H 292 -4.79 36.57 -15.76
N TYR H 293 -4.03 37.39 -16.51
CA TYR H 293 -2.95 38.15 -15.90
C TYR H 293 -3.48 39.14 -14.87
N MET H 294 -4.56 39.86 -15.21
CA MET H 294 -5.18 40.81 -14.29
C MET H 294 -5.73 40.10 -13.06
N ARG H 295 -6.25 38.89 -13.25
CA ARG H 295 -6.67 38.08 -12.12
C ARG H 295 -5.48 37.76 -11.20
N LEU H 296 -4.33 37.43 -11.79
CA LEU H 296 -3.14 37.14 -10.99
C LEU H 296 -2.67 38.37 -10.22
N THR H 297 -2.67 39.54 -10.85
CA THR H 297 -2.25 40.75 -10.11
C THR H 297 -3.29 41.19 -9.08
N TYR H 298 -4.57 40.91 -9.32
CA TYR H 298 -5.58 41.18 -8.32
C TYR H 298 -5.36 40.29 -7.10
N SER H 299 -5.00 39.02 -7.33
CA SER H 299 -4.70 38.15 -6.21
C SER H 299 -3.39 38.52 -5.53
N THR H 300 -2.45 39.13 -6.25
CA THR H 300 -1.10 39.29 -5.72
C THR H 300 -0.88 40.60 -4.96
N ALA H 301 -1.03 41.73 -5.65
CA ALA H 301 -0.54 42.99 -5.10
C ALA H 301 -1.61 44.07 -4.97
N LEU H 302 -2.58 44.12 -5.89
CA LEU H 302 -3.59 45.16 -5.86
C LEU H 302 -4.61 44.99 -4.74
N THR H 303 -4.60 43.85 -4.06
CA THR H 303 -5.37 43.62 -2.85
C THR H 303 -4.41 43.28 -1.72
N MET H 304 -4.97 42.92 -0.55
CA MET H 304 -4.18 42.55 0.62
C MET H 304 -4.83 41.31 1.22
N PHE H 305 -4.36 40.14 0.79
CA PHE H 305 -4.94 38.88 1.23
C PHE H 305 -4.60 38.62 2.70
N PRO H 306 -5.49 37.95 3.44
CA PRO H 306 -5.21 37.64 4.84
C PRO H 306 -4.09 36.63 4.97
N SER H 307 -3.20 36.87 5.92
CA SER H 307 -2.02 36.06 6.12
C SER H 307 -2.20 35.17 7.36
N THR H 308 -1.16 34.42 7.69
CA THR H 308 -1.13 33.56 8.86
C THR H 308 -0.31 34.23 9.96
N ASN H 309 -0.04 33.48 11.03
CA ASN H 309 0.66 34.01 12.19
C ASN H 309 2.18 33.89 12.08
N ASN H 310 2.68 32.92 11.31
CA ASN H 310 4.10 32.60 11.32
C ASN H 310 4.95 33.58 10.51
N MET H 311 4.31 34.48 9.74
CA MET H 311 5.01 35.52 8.98
C MET H 311 6.00 36.30 9.83
N LYS H 312 5.73 36.43 11.13
CA LYS H 312 6.59 37.18 12.03
C LYS H 312 8.01 36.60 12.07
N MET H 313 8.13 35.27 12.13
CA MET H 313 9.48 34.69 12.06
C MET H 313 10.10 34.97 10.70
N LYS H 314 9.29 34.92 9.64
CA LYS H 314 9.79 35.27 8.32
C LYS H 314 10.11 36.75 8.19
N TRP H 315 9.67 37.58 9.13
CA TRP H 315 10.11 38.97 9.13
C TRP H 315 11.46 39.16 9.81
N GLN H 316 11.99 38.14 10.47
CA GLN H 316 13.27 38.21 11.14
C GLN H 316 14.41 37.63 10.33
N PHE H 317 14.14 37.22 9.09
CA PHE H 317 15.18 36.64 8.24
C PHE H 317 15.11 37.20 6.83
N PRO H 318 16.19 37.80 6.34
CA PRO H 318 16.20 38.29 4.96
C PRO H 318 16.28 37.14 3.97
N THR H 319 15.98 37.46 2.71
CA THR H 319 16.00 36.47 1.64
C THR H 319 17.44 36.08 1.34
N THR H 320 17.79 34.83 1.68
CA THR H 320 19.16 34.34 1.51
C THR H 320 19.40 33.65 0.18
N LYS H 321 18.40 33.59 -0.69
CA LYS H 321 18.55 32.90 -1.96
C LYS H 321 19.43 33.70 -2.92
N ARG H 322 20.01 32.98 -3.88
CA ARG H 322 20.87 33.60 -4.90
C ARG H 322 19.97 34.22 -5.98
N MET H 323 19.46 35.41 -5.67
CA MET H 323 18.58 36.13 -6.58
C MET H 323 19.42 36.70 -7.71
N THR H 324 19.66 35.86 -8.72
CA THR H 324 20.61 36.16 -9.78
C THR H 324 19.90 36.79 -10.97
N LEU H 325 20.43 37.92 -11.44
CA LEU H 325 19.97 38.66 -12.62
C LEU H 325 18.51 39.11 -12.51
N LEU H 326 17.95 39.15 -11.30
CA LEU H 326 16.59 39.65 -11.13
C LEU H 326 16.45 41.14 -11.47
N PRO H 327 17.31 42.06 -10.98
CA PRO H 327 17.07 43.48 -11.32
C PRO H 327 17.30 43.82 -12.78
N THR H 328 18.34 43.26 -13.40
CA THR H 328 18.61 43.55 -14.81
C THR H 328 17.50 43.03 -15.71
N MET H 329 17.04 41.80 -15.46
CA MET H 329 15.98 41.24 -16.28
C MET H 329 14.63 41.86 -15.95
N THR H 330 14.47 42.43 -14.75
CA THR H 330 13.24 43.16 -14.44
C THR H 330 13.21 44.51 -15.16
N VAL H 331 14.35 45.20 -15.20
CA VAL H 331 14.41 46.48 -15.90
C VAL H 331 14.28 46.28 -17.40
N LEU H 332 14.95 45.25 -17.95
CA LEU H 332 14.88 44.97 -19.37
C LEU H 332 13.52 44.47 -19.83
N SER H 333 12.63 44.09 -18.91
CA SER H 333 11.30 43.62 -19.25
C SER H 333 10.23 44.68 -19.04
N THR H 334 10.58 45.87 -18.57
CA THR H 334 9.60 46.92 -18.34
C THR H 334 9.86 48.20 -19.10
N MET H 335 11.11 48.66 -19.14
CA MET H 335 11.44 49.97 -19.70
C MET H 335 12.29 49.88 -20.95
N LEU H 336 12.01 48.91 -21.82
CA LEU H 336 12.75 48.75 -23.06
C LEU H 336 12.01 49.32 -24.26
N LEU H 337 10.83 49.92 -24.06
CA LEU H 337 10.03 50.42 -25.18
C LEU H 337 10.68 51.56 -25.97
N PRO H 338 11.23 52.63 -25.37
CA PRO H 338 11.86 53.67 -26.20
C PRO H 338 13.10 53.21 -26.96
N LEU H 339 13.63 52.03 -26.66
CA LEU H 339 14.66 51.38 -27.46
C LEU H 339 14.07 50.27 -28.31
N THR H 340 12.91 50.51 -28.92
CA THR H 340 12.32 49.54 -29.85
C THR H 340 13.20 49.21 -31.06
N PRO H 341 13.78 50.16 -31.81
CA PRO H 341 14.52 49.76 -33.04
C PRO H 341 15.79 48.95 -32.82
N ILE H 342 16.13 48.60 -31.57
CA ILE H 342 17.22 47.68 -31.27
C ILE H 342 17.02 46.31 -31.93
N LEU H 343 15.78 45.98 -32.34
CA LEU H 343 15.51 44.77 -33.11
C LEU H 343 16.29 44.71 -34.41
N SER H 344 16.76 45.86 -34.91
CA SER H 344 17.62 45.88 -36.08
C SER H 344 18.90 45.06 -35.91
N ILE H 345 19.37 44.88 -34.67
CA ILE H 345 20.55 44.03 -34.45
C ILE H 345 20.25 42.56 -34.67
N LEU H 346 18.98 42.18 -34.79
CA LEU H 346 18.59 40.79 -34.97
C LEU H 346 18.42 40.41 -36.43
N GLU H 347 18.74 41.30 -37.35
CA GLU H 347 18.62 41.01 -38.78
C GLU H 347 19.74 40.08 -39.25
N LYS I 2 -11.38 21.52 -48.88
CA LYS I 2 -11.11 22.83 -49.46
C LYS I 2 -11.92 23.02 -50.73
N THR I 3 -11.95 21.97 -51.57
CA THR I 3 -12.71 22.01 -52.80
C THR I 3 -14.21 22.02 -52.57
N LEU I 4 -14.67 21.54 -51.40
CA LEU I 4 -16.08 21.64 -51.06
C LEU I 4 -16.49 23.10 -50.88
N LEU I 5 -15.61 23.92 -50.30
CA LEU I 5 -15.87 25.36 -50.20
C LEU I 5 -15.95 25.99 -51.58
N HIS I 6 -15.07 25.57 -52.50
CA HIS I 6 -15.12 26.08 -53.86
C HIS I 6 -16.42 25.69 -54.56
N GLN I 7 -16.86 24.44 -54.37
CA GLN I 7 -18.12 23.99 -54.97
C GLN I 7 -19.31 24.71 -54.35
N TYR I 8 -19.24 25.05 -53.07
CA TYR I 8 -20.26 25.88 -52.45
C TYR I 8 -20.28 27.28 -53.06
N TRP I 9 -19.09 27.84 -53.32
CA TRP I 9 -18.99 29.17 -53.90
C TRP I 9 -19.05 29.18 -55.42
N ASP I 10 -19.00 28.02 -56.07
CA ASP I 10 -19.13 27.99 -57.53
C ASP I 10 -20.57 28.24 -57.95
N ILE I 11 -21.54 27.83 -57.14
CA ILE I 11 -22.94 28.10 -57.45
C ILE I 11 -23.25 29.56 -57.14
N PRO I 12 -23.80 30.31 -58.08
CA PRO I 12 -24.15 31.72 -57.81
C PRO I 12 -25.26 31.83 -56.78
N GLU I 13 -25.23 32.94 -56.05
CA GLU I 13 -26.19 33.16 -54.97
C GLU I 13 -27.58 33.45 -55.53
N GLY I 14 -28.58 32.82 -54.92
CA GLY I 14 -29.97 33.04 -55.30
C GLY I 14 -30.34 32.59 -56.69
N THR I 15 -29.70 31.53 -57.20
CA THR I 15 -30.01 31.00 -58.52
C THR I 15 -30.56 29.59 -58.46
N GLU I 16 -29.87 28.66 -57.80
CA GLU I 16 -30.33 27.28 -57.67
C GLU I 16 -30.23 26.89 -56.21
N CYS I 17 -31.35 26.54 -55.60
CA CYS I 17 -31.38 26.26 -54.17
C CYS I 17 -30.82 24.89 -53.81
N HIS I 18 -31.00 23.91 -54.69
CA HIS I 18 -30.73 22.52 -54.35
C HIS I 18 -29.24 22.28 -54.11
N ARG I 19 -28.39 22.66 -55.07
CA ARG I 19 -26.97 22.35 -54.96
C ARG I 19 -26.30 23.16 -53.85
N LYS I 20 -26.74 24.39 -53.64
CA LYS I 20 -26.27 25.17 -52.49
C LYS I 20 -26.67 24.49 -51.19
N THR I 21 -27.88 23.92 -51.14
CA THR I 21 -28.35 23.23 -49.95
C THR I 21 -27.51 21.98 -49.66
N TYR I 22 -27.23 21.16 -50.69
CA TYR I 22 -26.41 19.98 -50.42
C TYR I 22 -24.96 20.33 -50.10
N ALA I 23 -24.42 21.39 -50.73
CA ALA I 23 -23.06 21.80 -50.41
C ALA I 23 -22.94 22.29 -48.97
N ALA I 24 -23.91 23.09 -48.51
CA ALA I 24 -23.90 23.55 -47.13
C ALA I 24 -24.14 22.40 -46.16
N THR I 25 -24.99 21.44 -46.55
CA THR I 25 -25.22 20.27 -45.71
C THR I 25 -23.96 19.42 -45.58
N SER I 26 -23.21 19.26 -46.67
CA SER I 26 -21.97 18.49 -46.60
C SER I 26 -20.91 19.21 -45.78
N ILE I 27 -20.86 20.54 -45.87
CA ILE I 27 -19.94 21.33 -45.05
C ILE I 27 -20.27 21.16 -43.58
N GLY I 28 -21.56 21.26 -43.24
CA GLY I 28 -21.98 21.05 -41.87
C GLY I 28 -21.72 19.64 -41.37
N GLY I 29 -21.93 18.64 -42.22
CA GLY I 29 -21.64 17.27 -41.84
C GLY I 29 -20.16 17.03 -41.59
N ALA I 30 -19.30 17.61 -42.42
CA ALA I 30 -17.86 17.48 -42.21
C ALA I 30 -17.43 18.17 -40.92
N SER I 31 -17.95 19.38 -40.65
CA SER I 31 -17.60 20.08 -39.41
C SER I 31 -18.08 19.32 -38.19
N GLY I 32 -19.30 18.79 -38.24
CA GLY I 32 -19.81 17.99 -37.13
C GLY I 32 -19.03 16.71 -36.93
N LEU I 33 -18.56 16.09 -38.02
CA LEU I 33 -17.74 14.89 -37.91
C LEU I 33 -16.40 15.19 -37.25
N VAL I 34 -15.77 16.31 -37.60
CA VAL I 34 -14.51 16.71 -36.95
C VAL I 34 -14.73 16.98 -35.46
N VAL I 35 -15.80 17.71 -35.14
CA VAL I 35 -16.09 18.04 -33.74
C VAL I 35 -16.38 16.78 -32.93
N SER I 36 -17.18 15.86 -33.50
CA SER I 36 -17.51 14.62 -32.82
C SER I 36 -16.29 13.72 -32.65
N ALA I 37 -15.41 13.66 -33.66
CA ALA I 37 -14.19 12.87 -33.55
C ALA I 37 -13.27 13.40 -32.46
N TYR I 38 -13.13 14.73 -32.39
CA TYR I 38 -12.31 15.32 -31.33
C TYR I 38 -12.94 15.10 -29.96
N SER I 39 -14.27 15.15 -29.88
CA SER I 39 -14.94 14.92 -28.61
C SER I 39 -14.78 13.48 -28.14
N VAL I 40 -14.86 12.51 -29.07
CA VAL I 40 -14.66 11.12 -28.70
C VAL I 40 -13.22 10.86 -28.31
N ALA I 41 -12.26 11.45 -29.04
CA ALA I 41 -10.84 11.27 -28.71
C ALA I 41 -10.49 11.88 -27.36
N LEU I 42 -11.02 13.06 -27.06
CA LEU I 42 -10.67 13.74 -25.82
C LEU I 42 -11.51 13.26 -24.65
N LYS I 43 -12.83 13.28 -24.78
CA LYS I 43 -13.73 12.76 -23.76
C LYS I 43 -14.03 11.30 -24.07
N THR I 44 -13.66 10.41 -23.16
CA THR I 44 -13.82 8.98 -23.38
C THR I 44 -15.29 8.61 -23.35
N PRO I 45 -15.83 7.97 -24.39
CA PRO I 45 -17.23 7.55 -24.37
C PRO I 45 -17.45 6.41 -23.38
N THR I 46 -18.68 6.32 -22.88
CA THR I 46 -19.03 5.25 -21.95
C THR I 46 -19.00 3.89 -22.65
N SER I 47 -19.49 3.82 -23.88
CA SER I 47 -19.46 2.59 -24.65
C SER I 47 -19.46 2.96 -26.13
N PHE I 48 -19.53 1.94 -26.99
CA PHE I 48 -19.59 2.17 -28.42
C PHE I 48 -20.91 2.80 -28.82
N LEU I 49 -22.02 2.34 -28.22
CA LEU I 49 -23.33 2.82 -28.60
C LEU I 49 -23.55 4.28 -28.20
N GLU I 50 -23.14 4.65 -26.98
CA GLU I 50 -23.28 6.04 -26.56
C GLU I 50 -22.32 6.93 -27.34
N GLY I 51 -21.14 6.42 -27.68
CA GLY I 51 -20.21 7.21 -28.48
C GLY I 51 -20.75 7.50 -29.88
N VAL I 52 -21.30 6.48 -30.54
CA VAL I 52 -21.88 6.74 -31.86
C VAL I 52 -23.18 7.52 -31.75
N ALA I 53 -23.87 7.46 -30.61
CA ALA I 53 -25.03 8.32 -30.41
C ALA I 53 -24.62 9.79 -30.32
N ARG I 54 -23.55 10.09 -29.57
CA ARG I 54 -23.05 11.45 -29.50
C ARG I 54 -22.52 11.92 -30.85
N THR I 55 -21.83 11.03 -31.58
CA THR I 55 -21.33 11.38 -32.90
C THR I 55 -22.47 11.67 -33.87
N GLY I 56 -23.52 10.85 -33.86
CA GLY I 56 -24.67 11.09 -34.71
C GLY I 56 -25.43 12.34 -34.35
N ARG I 57 -25.53 12.62 -33.04
CA ARG I 57 -26.20 13.84 -32.59
C ARG I 57 -25.47 15.08 -33.08
N TYR I 58 -24.15 15.13 -32.87
CA TYR I 58 -23.36 16.28 -33.33
C TYR I 58 -23.39 16.41 -34.85
N THR I 59 -23.26 15.29 -35.56
CA THR I 59 -23.21 15.33 -37.03
C THR I 59 -24.53 15.76 -37.62
N PHE I 60 -25.64 15.22 -37.11
CA PHE I 60 -26.95 15.58 -37.63
C PHE I 60 -27.32 17.01 -37.27
N THR I 61 -26.92 17.46 -36.06
CA THR I 61 -27.17 18.84 -35.67
C THR I 61 -26.43 19.82 -36.57
N ALA I 62 -25.14 19.57 -36.81
CA ALA I 62 -24.37 20.49 -37.67
C ALA I 62 -24.82 20.41 -39.12
N ALA I 63 -25.21 19.23 -39.60
CA ALA I 63 -25.74 19.11 -40.96
C ALA I 63 -27.06 19.87 -41.10
N ALA I 64 -27.93 19.80 -40.09
CA ALA I 64 -29.16 20.57 -40.12
C ALA I 64 -28.88 22.06 -40.09
N ILE I 65 -27.87 22.48 -39.30
CA ILE I 65 -27.49 23.89 -39.26
C ILE I 65 -27.05 24.37 -40.64
N GLY I 66 -26.19 23.59 -41.29
CA GLY I 66 -25.72 23.95 -42.62
C GLY I 66 -26.83 24.01 -43.65
N ALA I 67 -27.70 22.98 -43.64
CA ALA I 67 -28.79 22.93 -44.62
C ALA I 67 -29.77 24.08 -44.43
N ILE I 68 -30.13 24.37 -43.17
CA ILE I 68 -31.06 25.46 -42.89
C ILE I 68 -30.45 26.80 -43.28
N PHE I 69 -29.17 27.02 -42.94
CA PHE I 69 -28.53 28.29 -43.26
C PHE I 69 -28.42 28.50 -44.77
N GLY I 70 -28.02 27.45 -45.51
CA GLY I 70 -27.93 27.58 -46.96
C GLY I 70 -29.28 27.79 -47.61
N LEU I 71 -30.29 27.01 -47.18
CA LEU I 71 -31.63 27.15 -47.74
C LEU I 71 -32.21 28.53 -47.48
N THR I 72 -32.04 29.04 -46.24
CA THR I 72 -32.60 30.34 -45.89
C THR I 72 -31.89 31.47 -46.63
N SER I 73 -30.55 31.38 -46.76
CA SER I 73 -29.81 32.38 -47.52
C SER I 73 -30.24 32.38 -48.98
N CYS I 74 -30.46 31.20 -49.56
CA CYS I 74 -30.86 31.15 -50.96
C CYS I 74 -32.28 31.66 -51.18
N ILE I 75 -33.22 31.34 -50.27
CA ILE I 75 -34.58 31.82 -50.51
C ILE I 75 -34.65 33.33 -50.26
N SER I 76 -33.87 33.85 -49.32
CA SER I 76 -33.84 35.30 -49.12
C SER I 76 -33.19 36.01 -50.30
N ALA I 77 -32.13 35.44 -50.87
CA ALA I 77 -31.52 36.04 -52.05
C ALA I 77 -32.44 35.97 -53.26
N GLN I 78 -33.26 34.92 -53.37
CA GLN I 78 -34.24 34.86 -54.44
C GLN I 78 -35.35 35.88 -54.24
N VAL I 79 -35.83 36.02 -52.99
CA VAL I 79 -36.96 36.90 -52.72
C VAL I 79 -36.56 38.36 -52.66
N ARG I 80 -35.26 38.67 -52.62
CA ARG I 80 -34.80 40.05 -52.70
C ARG I 80 -34.21 40.40 -54.06
N GLU I 81 -34.05 39.42 -54.95
CA GLU I 81 -33.45 39.58 -56.29
C GLU I 81 -32.10 40.30 -56.24
N LYS I 82 -31.31 40.02 -55.20
CA LYS I 82 -30.02 40.69 -54.99
C LYS I 82 -29.04 39.71 -54.40
N PRO I 83 -28.26 39.02 -55.24
CA PRO I 83 -27.20 38.14 -54.71
C PRO I 83 -26.12 38.87 -53.93
N ASP I 84 -25.81 40.11 -54.30
CA ASP I 84 -24.72 40.87 -53.67
C ASP I 84 -25.20 41.66 -52.45
N ASP I 85 -25.87 40.96 -51.54
CA ASP I 85 -26.39 41.58 -50.32
C ASP I 85 -26.05 40.73 -49.11
N PRO I 86 -25.49 41.30 -48.05
CA PRO I 86 -25.23 40.53 -46.83
C PRO I 86 -26.49 40.28 -46.00
N LEU I 87 -27.62 40.89 -46.36
CA LEU I 87 -28.86 40.66 -45.62
C LEU I 87 -29.33 39.22 -45.74
N ASN I 88 -29.13 38.62 -46.92
CA ASN I 88 -29.52 37.23 -47.11
C ASN I 88 -28.72 36.28 -46.22
N TYR I 89 -27.40 36.52 -46.12
CA TYR I 89 -26.58 35.72 -45.23
C TYR I 89 -26.88 36.01 -43.76
N LEU I 90 -27.28 37.25 -43.44
CA LEU I 90 -27.70 37.55 -42.07
C LEU I 90 -28.95 36.78 -41.69
N ILE I 91 -29.93 36.71 -42.60
CA ILE I 91 -31.15 35.96 -42.36
C ILE I 91 -30.86 34.47 -42.26
N GLY I 92 -29.98 33.96 -43.14
CA GLY I 92 -29.61 32.56 -43.07
C GLY I 92 -28.86 32.19 -41.79
N GLY I 93 -27.99 33.09 -41.34
CA GLY I 93 -27.31 32.88 -40.07
C GLY I 93 -28.25 32.90 -38.89
N CYS I 94 -29.25 33.78 -38.93
CA CYS I 94 -30.25 33.76 -37.86
C CYS I 94 -31.09 32.50 -37.89
N ALA I 95 -31.40 32.00 -39.08
CA ALA I 95 -32.13 30.74 -39.18
C ALA I 95 -31.31 29.58 -38.63
N GLY I 96 -30.01 29.57 -38.93
CA GLY I 96 -29.14 28.56 -38.35
C GLY I 96 -29.03 28.68 -36.84
N GLY I 97 -28.99 29.91 -36.33
CA GLY I 97 -28.98 30.10 -34.89
C GLY I 97 -30.26 29.65 -34.22
N LEU I 98 -31.41 29.91 -34.86
CA LEU I 98 -32.69 29.46 -34.34
C LEU I 98 -32.78 27.94 -34.34
N THR I 99 -32.28 27.30 -35.40
CA THR I 99 -32.27 25.84 -35.44
C THR I 99 -31.35 25.26 -34.38
N LEU I 100 -30.20 25.88 -34.15
CA LEU I 100 -29.29 25.41 -33.11
C LEU I 100 -29.90 25.59 -31.72
N GLY I 101 -30.59 26.70 -31.49
CA GLY I 101 -31.27 26.91 -30.23
C GLY I 101 -32.40 25.93 -30.01
N ALA I 102 -33.14 25.61 -31.07
CA ALA I 102 -34.19 24.61 -30.98
C ALA I 102 -33.63 23.22 -30.71
N ARG I 103 -32.47 22.90 -31.30
CA ARG I 103 -31.83 21.61 -31.05
C ARG I 103 -31.29 21.51 -29.63
N THR I 104 -30.74 22.61 -29.10
CA THR I 104 -30.15 22.62 -27.77
C THR I 104 -31.17 22.86 -26.66
N ARG I 105 -32.46 22.94 -27.00
CA ARG I 105 -33.56 23.18 -26.06
C ARG I 105 -33.36 24.48 -25.28
N SER I 106 -33.24 25.58 -26.03
CA SER I 106 -32.99 26.88 -25.43
C SER I 106 -33.51 27.96 -26.36
N TYR I 107 -33.68 29.16 -25.81
CA TYR I 107 -34.15 30.30 -26.58
C TYR I 107 -33.23 31.52 -26.48
N GLY I 108 -32.66 31.79 -25.30
CA GLY I 108 -31.65 32.83 -25.20
C GLY I 108 -30.38 32.45 -25.93
N ILE I 109 -29.98 31.18 -25.82
CA ILE I 109 -28.87 30.65 -26.62
C ILE I 109 -29.20 30.73 -28.10
N GLY I 110 -30.47 30.48 -28.45
CA GLY I 110 -30.88 30.60 -29.84
C GLY I 110 -30.80 32.02 -30.37
N ALA I 111 -31.18 33.01 -29.54
CA ALA I 111 -31.09 34.41 -29.97
C ALA I 111 -29.63 34.86 -30.08
N ALA I 112 -28.79 34.44 -29.13
CA ALA I 112 -27.37 34.77 -29.23
C ALA I 112 -26.73 34.11 -30.45
N ALA I 113 -27.15 32.89 -30.78
CA ALA I 113 -26.64 32.22 -31.95
C ALA I 113 -27.15 32.86 -33.23
N CYS I 114 -28.40 33.34 -33.24
CA CYS I 114 -28.91 34.19 -34.31
C CYS I 114 -28.01 35.39 -34.55
N ALA I 115 -27.73 36.15 -33.49
CA ALA I 115 -26.94 37.37 -33.63
C ALA I 115 -25.52 37.06 -34.12
N TYR I 116 -24.85 36.11 -33.48
CA TYR I 116 -23.45 35.85 -33.80
C TYR I 116 -23.28 35.14 -35.14
N MET I 117 -24.13 34.16 -35.45
CA MET I 117 -24.06 33.49 -36.74
C MET I 117 -24.46 34.42 -37.89
N GLY I 118 -25.44 35.31 -37.66
CA GLY I 118 -25.77 36.29 -38.69
C GLY I 118 -24.64 37.26 -38.95
N LEU I 119 -23.97 37.73 -37.88
CA LEU I 119 -22.82 38.61 -38.05
C LEU I 119 -21.66 37.88 -38.75
N THR I 120 -21.45 36.60 -38.41
CA THR I 120 -20.38 35.84 -39.04
C THR I 120 -20.66 35.58 -40.51
N ALA I 121 -21.90 35.26 -40.86
CA ALA I 121 -22.25 35.07 -42.27
C ALA I 121 -22.20 36.38 -43.05
N ALA I 122 -22.58 37.49 -42.40
CA ALA I 122 -22.42 38.80 -43.01
C ALA I 122 -20.97 39.11 -43.31
N LEU I 123 -20.08 38.81 -42.35
CA LEU I 123 -18.65 39.01 -42.59
C LEU I 123 -18.10 38.06 -43.65
N VAL I 124 -18.66 36.85 -43.76
CA VAL I 124 -18.27 35.94 -44.83
C VAL I 124 -18.65 36.53 -46.18
N LYS I 125 -19.84 37.10 -46.29
CA LYS I 125 -20.23 37.80 -47.51
C LYS I 125 -19.35 39.02 -47.77
N MET I 126 -18.95 39.71 -46.69
CA MET I 126 -18.07 40.87 -46.82
C MET I 126 -16.73 40.46 -47.44
N GLY I 127 -16.16 39.37 -46.93
CA GLY I 127 -14.91 38.86 -47.48
C GLY I 127 -15.05 38.33 -48.89
N GLN I 128 -16.21 37.74 -49.21
CA GLN I 128 -16.45 37.27 -50.57
C GLN I 128 -16.58 38.42 -51.55
N LEU I 129 -17.16 39.53 -51.13
CA LEU I 129 -17.37 40.65 -52.05
C LEU I 129 -16.11 41.50 -52.18
N GLU I 130 -15.54 41.97 -51.07
CA GLU I 130 -14.42 42.89 -51.09
C GLU I 130 -13.07 42.18 -51.15
N GLY I 131 -13.05 40.87 -51.23
CA GLY I 131 -11.80 40.13 -51.32
C GLY I 131 -10.92 40.19 -50.08
N TRP I 132 -11.52 40.07 -48.90
CA TRP I 132 -10.73 39.99 -47.68
C TRP I 132 -9.97 38.68 -47.65
N LYS I 133 -8.71 38.74 -47.21
CA LYS I 133 -7.84 37.56 -47.13
C LYS I 133 -7.33 37.45 -45.70
N VAL I 134 -7.87 36.50 -44.95
CA VAL I 134 -7.35 36.25 -43.61
C VAL I 134 -6.10 35.38 -43.68
N PHE I 135 -6.00 34.50 -44.68
CA PHE I 135 -4.82 33.67 -44.90
C PHE I 135 -4.04 34.27 -46.07
N ALA I 136 -3.37 35.39 -45.80
CA ALA I 136 -2.71 36.13 -46.85
C ALA I 136 -1.34 35.55 -47.15
N GLU I 137 -1.04 35.42 -48.45
CA GLU I 137 0.29 35.02 -48.88
C GLU I 137 1.29 36.12 -48.58
N PRO I 138 2.56 35.76 -48.30
CA PRO I 138 3.57 36.80 -48.07
C PRO I 138 3.86 37.62 -49.31
N LYS I 139 3.49 38.90 -49.28
CA LYS I 139 3.63 39.79 -50.42
C LYS I 139 4.89 40.66 -50.36
N VAL I 140 5.16 41.27 -49.21
CA VAL I 140 6.36 42.09 -49.05
C VAL I 140 7.31 41.44 -48.06
N GLY J 1 -37.66 92.93 27.24
CA GLY J 1 -36.37 92.36 26.90
C GLY J 1 -36.44 90.88 26.63
N LYS J 2 -36.01 90.08 27.62
CA LYS J 2 -36.02 88.62 27.57
C LYS J 2 -35.22 88.09 26.38
N ARG J 3 -33.92 88.40 26.39
CA ARG J 3 -33.05 87.97 25.32
C ARG J 3 -32.80 86.47 25.41
N LEU J 4 -32.96 85.77 24.29
CA LEU J 4 -32.75 84.34 24.21
C LEU J 4 -31.58 84.06 23.27
N PHE J 5 -30.75 83.09 23.64
CA PHE J 5 -29.56 82.77 22.86
C PHE J 5 -29.97 82.04 21.59
N ILE J 6 -29.73 82.66 20.44
CA ILE J 6 -30.07 82.05 19.16
C ILE J 6 -29.06 80.94 18.88
N ILE J 7 -29.52 79.69 18.90
CA ILE J 7 -28.64 78.57 18.63
C ILE J 7 -28.30 78.56 17.15
N LYS J 8 -27.01 78.61 16.85
CA LYS J 8 -26.53 78.72 15.48
C LYS J 8 -25.28 77.88 15.31
N PRO J 9 -24.99 77.44 14.09
CA PRO J 9 -23.69 76.79 13.84
C PRO J 9 -22.54 77.78 13.97
N SER J 10 -21.35 77.23 14.16
CA SER J 10 -20.16 78.03 14.38
C SER J 10 -19.81 78.81 13.11
N GLY J 11 -19.85 80.15 13.21
CA GLY J 11 -19.56 81.03 12.10
C GLY J 11 -18.17 81.60 12.06
N PHE J 12 -17.24 81.06 12.86
CA PHE J 12 -15.87 81.58 12.85
C PHE J 12 -15.09 81.09 11.63
N TYR J 13 -15.31 79.83 11.24
CA TYR J 13 -14.43 79.20 10.25
C TYR J 13 -14.67 79.75 8.85
N ASP J 14 -15.95 79.89 8.45
CA ASP J 14 -16.24 80.42 7.13
C ASP J 14 -15.87 81.90 7.02
N LYS J 15 -16.06 82.66 8.10
CA LYS J 15 -15.66 84.06 8.10
C LYS J 15 -14.14 84.20 8.00
N ARG J 16 -13.41 83.34 8.71
CA ARG J 16 -11.95 83.38 8.62
C ARG J 16 -11.46 82.98 7.22
N PHE J 17 -12.10 81.98 6.62
CA PHE J 17 -11.74 81.59 5.25
C PHE J 17 -12.00 82.73 4.27
N LEU J 18 -13.16 83.38 4.37
CA LEU J 18 -13.48 84.48 3.46
C LEU J 18 -12.55 85.67 3.67
N LYS J 19 -12.23 85.97 4.93
CA LYS J 19 -11.31 87.07 5.23
C LYS J 19 -9.93 86.81 4.65
N LEU J 20 -9.39 85.61 4.86
CA LEU J 20 -8.03 85.35 4.39
C LEU J 20 -8.01 85.20 2.87
N LEU J 21 -9.08 84.69 2.27
CA LEU J 21 -9.18 84.66 0.81
C LEU J 21 -9.19 86.06 0.22
N ARG J 22 -9.97 86.97 0.81
CA ARG J 22 -9.99 88.35 0.35
C ARG J 22 -8.64 89.02 0.54
N PHE J 23 -7.99 88.76 1.68
CA PHE J 23 -6.68 89.34 1.95
C PHE J 23 -5.63 88.87 0.95
N TYR J 24 -5.59 87.57 0.69
CA TYR J 24 -4.58 87.03 -0.22
C TYR J 24 -4.89 87.33 -1.68
N ILE J 25 -6.16 87.57 -2.04
CA ILE J 25 -6.46 88.07 -3.37
C ILE J 25 -6.00 89.52 -3.51
N LEU J 26 -6.34 90.36 -2.52
CA LEU J 26 -6.09 91.80 -2.65
C LEU J 26 -4.61 92.14 -2.53
N LEU J 27 -3.85 91.34 -1.76
CA LEU J 27 -2.43 91.64 -1.53
C LEU J 27 -1.62 91.62 -2.81
N THR J 28 -2.09 90.90 -3.83
CA THR J 28 -1.48 90.96 -5.16
C THR J 28 -2.35 91.68 -6.16
N GLY J 29 -3.67 91.78 -5.93
CA GLY J 29 -4.52 92.51 -6.85
C GLY J 29 -4.27 94.01 -6.85
N ILE J 30 -4.04 94.59 -5.67
CA ILE J 30 -3.77 96.02 -5.57
C ILE J 30 -2.46 96.41 -6.26
N PRO J 31 -1.31 95.75 -6.03
CA PRO J 31 -0.10 96.18 -6.77
C PRO J 31 -0.17 95.98 -8.27
N VAL J 32 -0.83 94.91 -8.75
CA VAL J 32 -0.88 94.71 -10.19
C VAL J 32 -1.82 95.73 -10.85
N VAL J 33 -2.89 96.13 -10.17
CA VAL J 33 -3.76 97.14 -10.77
C VAL J 33 -3.14 98.53 -10.66
N ILE J 34 -2.31 98.77 -9.63
CA ILE J 34 -1.56 100.02 -9.55
C ILE J 34 -0.53 100.09 -10.67
N GLY J 35 0.17 98.98 -10.93
CA GLY J 35 1.10 98.93 -12.04
C GLY J 35 0.41 99.09 -13.38
N ILE J 36 -0.77 98.50 -13.54
CA ILE J 36 -1.52 98.62 -14.78
C ILE J 36 -1.98 100.05 -15.03
N THR J 37 -2.50 100.72 -13.99
CA THR J 37 -2.96 102.10 -14.20
C THR J 37 -1.78 103.06 -14.33
N LEU J 38 -0.62 102.73 -13.75
CA LEU J 38 0.55 103.58 -13.97
C LEU J 38 1.14 103.37 -15.36
N ILE J 39 1.03 102.16 -15.90
CA ILE J 39 1.42 101.91 -17.29
C ILE J 39 0.49 102.66 -18.23
N ASN J 40 -0.82 102.62 -17.95
CA ASN J 40 -1.80 103.31 -18.80
C ASN J 40 -1.64 104.83 -18.74
N VAL J 41 -1.35 105.38 -17.56
CA VAL J 41 -1.30 106.83 -17.41
C VAL J 41 0.06 107.38 -17.82
N PHE J 42 1.14 106.83 -17.25
CA PHE J 42 2.46 107.39 -17.46
C PHE J 42 3.11 106.87 -18.75
N ILE J 43 3.26 105.56 -18.87
CA ILE J 43 3.88 104.99 -20.06
C ILE J 43 2.97 105.16 -21.28
N GLY J 44 1.69 104.84 -21.12
CA GLY J 44 0.69 105.12 -22.13
C GLY J 44 0.64 104.09 -23.24
N GLU J 45 -0.39 104.24 -24.07
CA GLU J 45 -0.63 103.33 -25.18
C GLU J 45 0.24 103.69 -26.38
N ALA J 46 0.16 102.87 -27.41
CA ALA J 46 0.91 103.10 -28.64
C ALA J 46 0.13 104.02 -29.57
N GLU J 47 0.72 104.28 -30.74
CA GLU J 47 0.07 105.06 -31.79
C GLU J 47 0.26 104.36 -33.12
N LEU J 48 -0.80 104.32 -33.92
CA LEU J 48 -0.73 103.68 -35.23
C LEU J 48 0.03 104.56 -36.21
N ALA J 49 0.95 103.94 -36.94
CA ALA J 49 1.70 104.64 -37.98
C ALA J 49 1.98 103.66 -39.11
N GLU J 50 2.12 104.20 -40.32
CA GLU J 50 2.44 103.38 -41.47
C GLU J 50 3.90 102.96 -41.43
N ILE J 51 4.19 101.83 -42.07
CA ILE J 51 5.53 101.26 -42.07
C ILE J 51 6.45 102.08 -42.97
N PRO J 52 7.56 102.60 -42.45
CA PRO J 52 8.51 103.31 -43.30
C PRO J 52 9.25 102.36 -44.23
N GLU J 53 9.76 102.93 -45.32
CA GLU J 53 10.53 102.14 -46.28
C GLU J 53 11.90 101.82 -45.68
N GLY J 54 12.29 100.56 -45.74
CA GLY J 54 13.58 100.13 -45.26
C GLY J 54 13.65 99.73 -43.80
N TYR J 55 12.51 99.64 -43.12
CA TYR J 55 12.46 99.23 -41.72
C TYR J 55 11.71 97.91 -41.61
N VAL J 56 12.30 96.96 -40.90
CA VAL J 56 11.68 95.69 -40.59
C VAL J 56 11.54 95.60 -39.07
N PRO J 57 10.38 95.89 -38.52
CA PRO J 57 10.22 95.89 -37.06
C PRO J 57 10.22 94.47 -36.50
N GLU J 58 10.50 94.39 -35.21
CA GLU J 58 10.37 93.14 -34.48
C GLU J 58 8.89 92.81 -34.30
N HIS J 59 8.63 91.57 -33.89
CA HIS J 59 7.26 91.09 -33.78
C HIS J 59 6.48 91.84 -32.70
N TRP J 60 7.10 92.11 -31.56
CA TRP J 60 6.43 92.81 -30.48
C TRP J 60 6.13 94.27 -30.81
N GLU J 61 6.69 94.82 -31.87
CA GLU J 61 6.32 96.15 -32.33
C GLU J 61 5.03 96.15 -33.11
N TYR J 62 4.44 94.99 -33.40
CA TYR J 62 3.16 94.92 -34.11
C TYR J 62 1.96 94.92 -33.17
N PHE J 63 2.15 95.29 -31.91
CA PHE J 63 1.09 95.28 -30.91
C PHE J 63 1.07 96.60 -30.16
N LYS J 64 -0.08 96.89 -29.54
CA LYS J 64 -0.38 98.23 -29.03
C LYS J 64 -0.05 98.40 -27.55
N HIS J 65 -0.62 97.57 -26.70
CA HIS J 65 -0.47 97.77 -25.25
C HIS J 65 0.94 97.42 -24.81
N PRO J 66 1.53 98.18 -23.88
CA PRO J 66 2.90 97.88 -23.42
C PRO J 66 3.03 96.53 -22.74
N ILE J 67 1.99 96.09 -22.02
CA ILE J 67 2.02 94.77 -21.41
C ILE J 67 2.02 93.69 -22.49
N SER J 68 1.21 93.88 -23.53
CA SER J 68 1.20 92.95 -24.65
C SER J 68 2.54 92.94 -25.38
N ARG J 69 3.15 94.11 -25.56
CA ARG J 69 4.47 94.20 -26.18
C ARG J 69 5.52 93.48 -25.34
N TRP J 70 5.46 93.65 -24.02
CA TRP J 70 6.39 92.97 -23.12
C TRP J 70 6.21 91.46 -23.18
N ILE J 71 4.96 90.99 -23.23
CA ILE J 71 4.69 89.56 -23.33
C ILE J 71 5.21 88.99 -24.64
N ALA J 72 4.98 89.72 -25.74
CA ALA J 72 5.44 89.24 -27.04
C ALA J 72 6.97 89.31 -27.16
N ARG J 73 7.61 90.22 -26.45
CA ARG J 73 9.07 90.33 -26.55
C ARG J 73 9.77 89.31 -25.66
N THR J 74 9.35 89.21 -24.40
CA THR J 74 10.08 88.37 -23.45
C THR J 74 9.85 86.88 -23.70
N PHE J 75 8.60 86.48 -23.89
CA PHE J 75 8.23 85.07 -23.89
C PHE J 75 7.96 84.51 -25.27
N PHE J 76 7.05 85.12 -26.03
CA PHE J 76 6.52 84.50 -27.23
C PHE J 76 7.49 84.61 -28.40
N ASP J 77 7.55 83.56 -29.20
CA ASP J 77 8.40 83.55 -30.37
C ASP J 77 7.74 84.31 -31.53
N ALA J 78 8.56 84.70 -32.49
CA ALA J 78 8.07 85.44 -33.64
C ALA J 78 7.24 84.52 -34.55
N PRO J 79 6.23 85.07 -35.23
CA PRO J 79 5.45 84.25 -36.17
C PRO J 79 6.27 83.70 -37.33
N GLU J 80 7.28 84.44 -37.80
CA GLU J 80 8.13 83.95 -38.89
C GLU J 80 8.97 82.76 -38.43
N LYS J 81 9.44 82.79 -37.19
CA LYS J 81 10.20 81.67 -36.64
C LYS J 81 9.37 80.40 -36.60
N ASN J 82 8.15 80.49 -36.07
CA ASN J 82 7.25 79.35 -36.03
C ASN J 82 6.88 78.89 -37.44
N TYR J 83 6.69 79.85 -38.36
CA TYR J 83 6.34 79.52 -39.73
C TYR J 83 7.43 78.70 -40.42
N GLU J 84 8.68 79.16 -40.32
CA GLU J 84 9.76 78.45 -40.99
C GLU J 84 10.12 77.15 -40.27
N ARG J 85 9.96 77.09 -38.94
CA ARG J 85 10.13 75.83 -38.22
C ARG J 85 9.09 74.81 -38.66
N THR J 86 7.84 75.25 -38.82
CA THR J 86 6.78 74.38 -39.32
C THR J 86 7.08 73.92 -40.74
N MET J 87 7.64 74.82 -41.57
CA MET J 87 8.01 74.46 -42.93
C MET J 87 9.07 73.37 -42.96
N ALA J 88 10.11 73.52 -42.12
CA ALA J 88 11.17 72.51 -42.07
C ALA J 88 10.64 71.18 -41.55
N ILE J 89 9.77 71.21 -40.53
CA ILE J 89 9.18 70.00 -39.98
C ILE J 89 8.35 69.28 -41.03
N LEU J 90 7.54 70.04 -41.77
CA LEU J 90 6.71 69.46 -42.83
C LEU J 90 7.55 68.85 -43.93
N GLN J 91 8.64 69.51 -44.33
CA GLN J 91 9.51 68.96 -45.36
C GLN J 91 10.16 67.66 -44.91
N ILE J 92 10.62 67.62 -43.64
CA ILE J 92 11.26 66.41 -43.12
C ILE J 92 10.27 65.25 -43.07
N GLU J 93 9.05 65.51 -42.59
CA GLU J 93 8.08 64.43 -42.49
C GLU J 93 7.58 63.97 -43.86
N SER J 94 7.48 64.90 -44.83
CA SER J 94 7.13 64.49 -46.19
C SER J 94 8.20 63.61 -46.81
N GLU J 95 9.48 63.96 -46.59
CA GLU J 95 10.56 63.11 -47.07
C GLU J 95 10.53 61.73 -46.42
N LYS J 96 10.24 61.67 -45.11
CA LYS J 96 10.16 60.39 -44.42
C LYS J 96 9.01 59.54 -44.97
N ALA J 97 7.86 60.17 -45.23
CA ALA J 97 6.72 59.42 -45.77
C ALA J 97 7.02 58.89 -47.17
N GLU J 98 7.65 59.71 -48.02
CA GLU J 98 8.00 59.26 -49.36
C GLU J 98 9.02 58.13 -49.30
N LEU J 99 10.00 58.20 -48.39
CA LEU J 99 10.97 57.13 -48.26
C LEU J 99 10.32 55.84 -47.76
N ARG J 100 9.34 55.95 -46.87
CA ARG J 100 8.65 54.76 -46.39
C ARG J 100 7.83 54.10 -47.49
N LEU J 101 7.15 54.91 -48.31
CA LEU J 101 6.40 54.37 -49.44
C LEU J 101 7.33 53.71 -50.45
N LYS J 102 8.49 54.32 -50.71
CA LYS J 102 9.48 53.72 -51.59
C LYS J 102 10.02 52.41 -51.02
N GLU J 103 10.19 52.34 -49.70
CA GLU J 103 10.64 51.12 -49.06
C GLU J 103 9.63 49.99 -49.25
N LEU J 104 8.33 50.30 -49.06
CA LEU J 104 7.30 49.29 -49.25
C LEU J 104 7.26 48.81 -50.71
N GLU J 105 7.32 49.75 -51.65
CA GLU J 105 7.29 49.37 -53.06
C GLU J 105 8.49 48.53 -53.45
N VAL J 106 9.69 48.92 -53.00
CA VAL J 106 10.90 48.19 -53.39
C VAL J 106 10.93 46.81 -52.73
N ARG J 107 10.41 46.70 -51.50
CA ARG J 107 10.34 45.39 -50.85
C ARG J 107 9.39 44.47 -51.58
N ARG J 108 8.22 44.98 -51.98
CA ARG J 108 7.28 44.16 -52.75
C ARG J 108 7.87 43.71 -54.08
N LEU J 109 8.45 44.65 -54.83
CA LEU J 109 8.97 44.33 -56.17
C LEU J 109 10.13 43.36 -56.12
N MET J 110 11.06 43.55 -55.19
CA MET J 110 12.25 42.71 -55.19
C MET J 110 12.08 41.44 -54.38
N ARG J 111 11.05 41.33 -53.54
CA ARG J 111 10.65 40.00 -53.08
C ARG J 111 9.96 39.23 -54.19
N ALA J 112 9.12 39.90 -54.99
CA ALA J 112 8.43 39.21 -56.07
C ALA J 112 9.39 38.74 -57.16
N LYS J 113 10.42 39.53 -57.45
CA LYS J 113 11.37 39.15 -58.49
C LYS J 113 12.53 38.31 -57.95
N GLY J 114 12.96 38.59 -56.72
CA GLY J 114 14.03 37.81 -56.09
C GLY J 114 15.40 37.96 -56.72
N ASP J 115 15.78 39.17 -57.10
CA ASP J 115 17.10 39.43 -57.68
C ASP J 115 17.77 40.62 -57.01
N GLY J 116 17.58 40.77 -55.70
CA GLY J 116 18.13 41.88 -54.98
C GLY J 116 19.01 41.44 -53.82
N PRO J 117 19.55 42.42 -53.08
CA PRO J 117 20.40 42.07 -51.93
C PRO J 117 19.65 41.44 -50.77
N TRP J 118 18.37 41.77 -50.59
CA TRP J 118 17.58 41.15 -49.53
C TRP J 118 16.80 39.97 -50.07
N PHE J 119 16.21 39.21 -49.14
CA PHE J 119 15.36 38.05 -49.44
C PHE J 119 16.09 37.01 -50.29
N GLN J 120 17.38 36.83 -50.01
CA GLN J 120 18.23 35.91 -50.76
C GLN J 120 18.41 34.65 -49.93
N TYR J 121 17.48 33.71 -50.08
CA TYR J 121 17.58 32.43 -49.39
C TYR J 121 18.78 31.65 -49.91
N PRO J 122 19.59 31.08 -49.03
CA PRO J 122 20.87 30.52 -49.46
C PRO J 122 20.71 29.19 -50.18
N THR J 123 21.58 28.99 -51.16
CA THR J 123 21.70 27.74 -51.90
C THR J 123 23.03 27.07 -51.53
N ILE J 124 23.32 25.97 -52.22
CA ILE J 124 24.52 25.19 -51.93
C ILE J 124 25.72 25.89 -52.57
N ASP J 125 26.77 26.10 -51.78
CA ASP J 125 28.00 26.68 -52.29
C ASP J 125 28.67 25.73 -53.27
N LYS J 126 29.22 26.30 -54.35
CA LYS J 126 29.83 25.50 -55.41
C LYS J 126 31.27 25.14 -55.13
N ALA J 127 31.85 25.60 -54.02
CA ALA J 127 33.24 25.31 -53.72
C ALA J 127 33.46 23.88 -53.22
N LEU J 128 32.39 23.19 -52.82
CA LEU J 128 32.50 21.86 -52.24
C LEU J 128 32.50 20.74 -53.29
N ILE J 129 32.36 21.07 -54.57
CA ILE J 129 32.34 20.06 -55.61
C ILE J 129 33.77 19.63 -55.92
N ASP J 130 33.98 18.32 -56.01
CA ASP J 130 35.29 17.78 -56.34
C ASP J 130 35.47 17.77 -57.86
N HIS J 131 36.52 18.43 -58.33
CA HIS J 131 36.79 18.52 -59.77
C HIS J 131 37.75 17.45 -60.25
N SER J 132 38.24 16.58 -59.37
CA SER J 132 39.19 15.56 -59.74
C SER J 132 38.49 14.46 -60.56
N PRO J 133 39.24 13.76 -61.43
CA PRO J 133 38.65 12.62 -62.14
C PRO J 133 38.31 11.49 -61.17
N LYS J 134 37.32 10.70 -61.55
CA LYS J 134 36.79 9.64 -60.71
C LYS J 134 37.24 8.28 -61.23
N ALA J 135 36.86 7.23 -60.50
CA ALA J 135 37.23 5.87 -60.89
C ALA J 135 36.49 5.44 -62.16
N THR J 136 35.22 5.79 -62.28
CA THR J 136 34.45 5.50 -63.48
C THR J 136 34.26 6.78 -64.27
N PRO J 137 34.70 6.83 -65.53
CA PRO J 137 34.66 8.09 -66.28
C PRO J 137 33.26 8.52 -66.72
N ASP J 138 32.25 7.65 -66.61
CA ASP J 138 30.90 7.97 -67.07
C ASP J 138 30.18 8.81 -66.02
N ASN J 139 30.61 10.06 -65.92
CA ASN J 139 30.03 11.00 -64.96
C ASN J 139 30.24 12.44 -65.42
N ASP K 71 -44.49 93.59 18.00
CA ASP K 71 -45.20 92.49 17.34
C ASP K 71 -44.94 91.17 18.04
N ALA K 72 -45.94 90.28 18.01
CA ALA K 72 -45.96 88.97 18.66
C ALA K 72 -45.58 89.06 20.14
N PRO K 73 -46.48 89.58 20.99
CA PRO K 73 -46.14 89.72 22.40
C PRO K 73 -46.03 88.36 23.08
N PRO K 74 -45.15 88.22 24.06
CA PRO K 74 -45.04 86.95 24.78
C PRO K 74 -46.21 86.73 25.71
N LEU K 75 -46.42 85.46 26.05
CA LEU K 75 -47.52 85.04 26.93
C LEU K 75 -46.95 84.38 28.17
N THR K 76 -47.58 84.63 29.31
CA THR K 76 -47.21 84.04 30.59
C THR K 76 -48.24 83.00 31.01
N LEU K 77 -47.79 82.06 31.85
CA LEU K 77 -48.62 80.93 32.26
C LEU K 77 -49.83 81.38 33.09
N GLU K 78 -49.68 82.44 33.88
CA GLU K 78 -50.81 83.01 34.59
C GLU K 78 -51.85 83.53 33.62
N GLY K 79 -51.41 84.23 32.57
CA GLY K 79 -52.31 84.66 31.52
C GLY K 79 -52.94 83.49 30.78
N ILE K 80 -52.20 82.39 30.64
CA ILE K 80 -52.73 81.20 29.97
C ILE K 80 -53.91 80.62 30.74
N LYS K 81 -53.73 80.41 32.05
CA LYS K 81 -54.86 79.88 32.82
C LYS K 81 -55.97 80.91 32.99
N ASP K 82 -55.65 82.20 33.01
CA ASP K 82 -56.69 83.22 33.03
C ASP K 82 -57.55 83.16 31.78
N ARG K 83 -56.92 83.02 30.61
CA ARG K 83 -57.67 82.95 29.35
C ARG K 83 -58.46 81.65 29.25
N VAL K 84 -57.87 80.53 29.71
CA VAL K 84 -58.58 79.25 29.65
C VAL K 84 -59.79 79.25 30.58
N LEU K 85 -59.64 79.78 31.79
CA LEU K 85 -60.78 79.89 32.69
C LEU K 85 -61.80 80.89 32.18
N TYR K 86 -61.36 81.92 31.46
CA TYR K 86 -62.28 82.86 30.82
C TYR K 86 -63.13 82.18 29.76
N VAL K 87 -62.51 81.35 28.92
CA VAL K 87 -63.26 80.65 27.87
C VAL K 87 -64.18 79.61 28.49
N LEU K 88 -63.71 78.92 29.54
CA LEU K 88 -64.55 77.93 30.21
C LEU K 88 -65.75 78.58 30.89
N LYS K 89 -65.55 79.75 31.49
CA LYS K 89 -66.58 80.37 32.31
C LYS K 89 -67.72 80.98 31.50
N LEU K 90 -67.57 81.08 30.18
CA LEU K 90 -68.66 81.53 29.31
C LEU K 90 -69.51 80.38 28.80
N TYR K 91 -69.16 79.14 29.12
CA TYR K 91 -69.92 77.99 28.65
C TYR K 91 -71.25 77.90 29.39
N ASP K 92 -72.31 77.58 28.64
CA ASP K 92 -73.66 77.53 29.19
C ASP K 92 -74.00 76.20 29.81
N LYS K 93 -73.23 75.14 29.53
CA LYS K 93 -73.42 73.85 30.18
C LYS K 93 -72.52 73.71 31.41
N ILE K 94 -71.97 74.81 31.90
CA ILE K 94 -71.07 74.84 33.04
C ILE K 94 -71.53 75.98 33.95
N ASP K 95 -71.11 75.92 35.21
CA ASP K 95 -71.46 77.01 36.09
C ASP K 95 -70.20 77.73 36.58
N PRO K 96 -70.26 79.05 36.82
CA PRO K 96 -69.06 79.78 37.24
C PRO K 96 -68.79 79.71 38.73
N GLU K 97 -69.44 78.80 39.44
CA GLU K 97 -69.27 78.70 40.89
C GLU K 97 -68.31 77.57 41.28
N LYS K 98 -68.60 76.34 40.86
CA LYS K 98 -67.77 75.19 41.20
C LYS K 98 -66.74 74.88 40.12
N LEU K 99 -66.57 75.77 39.14
CA LEU K 99 -65.52 75.62 38.16
C LEU K 99 -64.18 75.97 38.78
N SER K 100 -63.24 75.03 38.76
CA SER K 100 -61.92 75.22 39.35
C SER K 100 -60.88 74.68 38.38
N VAL K 101 -59.61 74.85 38.76
CA VAL K 101 -58.50 74.44 37.90
C VAL K 101 -58.12 72.98 38.06
N ASN K 102 -58.69 72.27 39.03
CA ASN K 102 -58.49 70.83 39.20
C ASN K 102 -59.83 70.10 39.21
N SER K 103 -60.68 70.41 38.23
CA SER K 103 -62.00 69.82 38.13
C SER K 103 -62.04 68.84 36.96
N HIS K 104 -62.32 67.57 37.25
CA HIS K 104 -62.53 66.59 36.20
C HIS K 104 -63.88 66.84 35.54
N PHE K 105 -63.91 66.72 34.20
CA PHE K 105 -65.07 67.21 33.46
C PHE K 105 -66.29 66.30 33.62
N MET K 106 -66.10 64.98 33.67
CA MET K 106 -67.24 64.09 33.89
C MET K 106 -67.37 63.62 35.32
N LYS K 107 -66.25 63.44 36.04
CA LYS K 107 -66.33 62.92 37.40
C LYS K 107 -66.75 64.00 38.39
N ASP K 108 -65.99 65.10 38.44
CA ASP K 108 -66.25 66.16 39.41
C ASP K 108 -67.13 67.27 38.85
N LEU K 109 -67.53 67.21 37.58
CA LEU K 109 -68.30 68.30 37.00
C LEU K 109 -69.55 67.78 36.30
N GLY K 110 -69.48 66.56 35.76
CA GLY K 110 -70.65 65.92 35.19
C GLY K 110 -71.03 66.38 33.79
N LEU K 111 -70.17 66.12 32.81
CA LEU K 111 -70.50 66.43 31.42
C LEU K 111 -70.38 65.20 30.54
N ASP K 112 -70.43 65.38 29.23
CA ASP K 112 -70.42 64.29 28.26
C ASP K 112 -69.11 64.27 27.47
N SER K 113 -68.89 63.17 26.77
CA SER K 113 -67.72 63.06 25.88
C SER K 113 -67.86 63.97 24.68
N LEU K 114 -69.09 64.12 24.17
CA LEU K 114 -69.36 65.09 23.11
C LEU K 114 -69.04 66.50 23.58
N ASP K 115 -69.41 66.81 24.82
CA ASP K 115 -69.02 68.07 25.43
C ASP K 115 -67.50 68.19 25.54
N GLN K 116 -66.80 67.08 25.79
CA GLN K 116 -65.34 67.12 25.90
C GLN K 116 -64.68 67.47 24.57
N VAL K 117 -65.07 66.78 23.49
CA VAL K 117 -64.46 67.06 22.20
C VAL K 117 -64.85 68.46 21.71
N GLU K 118 -66.08 68.90 22.01
CA GLU K 118 -66.49 70.23 21.60
C GLU K 118 -65.74 71.31 22.39
N ILE K 119 -65.44 71.06 23.66
CA ILE K 119 -64.63 71.98 24.46
C ILE K 119 -63.20 72.05 23.92
N ILE K 120 -62.65 70.89 23.53
CA ILE K 120 -61.32 70.87 22.94
C ILE K 120 -61.29 71.66 21.64
N MET K 121 -62.33 71.51 20.82
CA MET K 121 -62.46 72.31 19.60
C MET K 121 -62.61 73.79 19.93
N ALA K 122 -63.26 74.12 21.04
CA ALA K 122 -63.40 75.53 21.44
C ALA K 122 -62.05 76.15 21.77
N MET K 123 -61.20 75.45 22.53
CA MET K 123 -59.84 75.96 22.76
C MET K 123 -58.99 75.94 21.50
N GLU K 124 -59.24 75.00 20.58
CA GLU K 124 -58.50 75.00 19.31
C GLU K 124 -58.84 76.24 18.48
N ASP K 125 -60.11 76.65 18.49
CA ASP K 125 -60.48 77.91 17.85
C ASP K 125 -59.97 79.11 18.63
N GLU K 126 -59.90 79.02 19.96
CA GLU K 126 -59.48 80.15 20.77
C GLU K 126 -58.00 80.47 20.59
N PHE K 127 -57.14 79.46 20.67
CA PHE K 127 -55.71 79.70 20.61
C PHE K 127 -55.13 79.64 19.20
N GLY K 128 -55.94 79.32 18.20
CA GLY K 128 -55.52 79.46 16.81
C GLY K 128 -54.64 78.36 16.27
N PHE K 129 -54.60 77.19 16.90
CA PHE K 129 -53.84 76.07 16.37
C PHE K 129 -54.59 74.78 16.66
N GLU K 130 -54.25 73.74 15.90
CA GLU K 130 -54.97 72.48 15.95
C GLU K 130 -54.28 71.51 16.91
N ILE K 131 -55.05 70.98 17.86
CA ILE K 131 -54.60 69.93 18.77
C ILE K 131 -55.07 68.59 18.21
N PRO K 132 -54.18 67.62 18.00
CA PRO K 132 -54.61 66.34 17.42
C PRO K 132 -55.46 65.55 18.39
N ASP K 133 -56.26 64.64 17.82
CA ASP K 133 -57.24 63.88 18.60
C ASP K 133 -56.57 62.97 19.61
N ILE K 134 -55.41 62.40 19.24
CA ILE K 134 -54.66 61.52 20.14
C ILE K 134 -54.25 62.27 21.40
N ASP K 135 -53.86 63.53 21.25
CA ASP K 135 -53.61 64.37 22.42
C ASP K 135 -54.90 64.96 22.99
N ALA K 136 -55.94 65.10 22.15
CA ALA K 136 -57.16 65.75 22.61
C ALA K 136 -57.97 64.88 23.56
N GLU K 137 -57.84 63.56 23.44
CA GLU K 137 -58.60 62.67 24.31
C GLU K 137 -58.14 62.72 25.77
N LYS K 138 -56.93 63.21 26.02
CA LYS K 138 -56.36 63.17 27.37
C LYS K 138 -56.38 64.53 28.07
N LEU K 139 -56.72 65.62 27.37
CA LEU K 139 -56.85 66.91 28.03
C LEU K 139 -58.14 66.93 28.82
N MET K 140 -58.09 66.45 30.07
CA MET K 140 -59.28 66.07 30.80
C MET K 140 -59.59 67.00 31.97
N CYS K 141 -58.69 67.90 32.31
CA CYS K 141 -58.89 68.89 33.36
C CYS K 141 -58.33 70.21 32.87
N PRO K 142 -58.81 71.34 33.39
CA PRO K 142 -58.28 72.65 32.97
C PRO K 142 -56.78 72.82 33.21
N GLN K 143 -56.25 72.23 34.28
CA GLN K 143 -54.80 72.29 34.49
C GLN K 143 -54.05 71.48 33.43
N GLU K 144 -54.64 70.38 32.94
CA GLU K 144 -53.98 69.63 31.89
C GLU K 144 -54.03 70.36 30.56
N ILE K 145 -55.13 71.09 30.30
CA ILE K 145 -55.20 71.93 29.11
C ILE K 145 -54.15 73.04 29.19
N VAL K 146 -54.00 73.64 30.37
CA VAL K 146 -52.97 74.66 30.58
C VAL K 146 -51.58 74.06 30.40
N ASP K 147 -51.40 72.81 30.84
CA ASP K 147 -50.12 72.12 30.68
C ASP K 147 -49.80 71.89 29.19
N TYR K 148 -50.80 71.45 28.42
CA TYR K 148 -50.58 71.22 26.99
C TYR K 148 -50.29 72.52 26.25
N ILE K 149 -51.02 73.59 26.58
CA ILE K 149 -50.75 74.89 25.96
C ILE K 149 -49.37 75.39 26.36
N ALA K 150 -48.98 75.14 27.62
CA ALA K 150 -47.69 75.56 28.12
C ALA K 150 -46.54 74.85 27.41
N ASP K 151 -46.66 73.55 27.22
CA ASP K 151 -45.61 72.80 26.53
C ASP K 151 -45.62 73.06 25.02
N LYS K 152 -46.77 73.42 24.46
CA LYS K 152 -46.81 73.73 23.03
C LYS K 152 -46.19 75.10 22.75
N LYS K 153 -46.51 76.11 23.55
CA LYS K 153 -46.14 77.48 23.24
C LYS K 153 -44.86 77.95 23.93
N ASP K 154 -44.18 77.07 24.67
CA ASP K 154 -42.86 77.34 25.27
C ASP K 154 -42.91 78.54 26.22
N VAL K 155 -43.64 78.36 27.31
CA VAL K 155 -43.87 79.43 28.27
C VAL K 155 -42.71 79.43 29.27
N TYR K 156 -42.51 80.56 29.96
CA TYR K 156 -41.51 80.75 31.01
C TYR K 156 -40.10 80.54 30.44
N GLU K 157 -39.73 81.51 29.62
CA GLU K 157 -38.49 81.46 28.85
C GLU K 157 -37.39 82.27 29.53
N PRO L 1 12.08 14.70 -74.86
CA PRO L 1 13.36 15.37 -75.09
C PRO L 1 14.03 14.92 -76.40
N GLY L 2 15.35 15.09 -76.48
CA GLY L 2 16.06 14.73 -77.69
C GLY L 2 16.22 13.23 -77.85
N ILE L 3 16.41 12.81 -79.09
CA ILE L 3 16.62 11.41 -79.42
C ILE L 3 18.07 11.05 -79.09
N VAL L 4 18.26 10.00 -78.32
CA VAL L 4 19.60 9.55 -77.96
C VAL L 4 20.24 8.87 -79.16
N GLU L 5 21.45 9.30 -79.51
CA GLU L 5 22.14 8.79 -80.69
C GLU L 5 22.97 7.57 -80.32
N LEU L 6 22.82 6.50 -81.10
CA LEU L 6 23.50 5.24 -80.86
C LEU L 6 24.12 4.72 -82.15
N PRO L 7 25.40 4.35 -82.15
CA PRO L 7 25.97 3.68 -83.32
C PRO L 7 25.41 2.28 -83.48
N SER L 8 25.34 1.82 -84.72
CA SER L 8 24.77 0.51 -85.01
C SER L 8 25.80 -0.58 -84.73
N LEU L 9 25.41 -1.82 -85.00
CA LEU L 9 26.31 -2.96 -84.78
C LEU L 9 27.45 -3.00 -85.79
N GLU L 10 27.33 -2.29 -86.91
CA GLU L 10 28.39 -2.30 -87.91
C GLU L 10 29.64 -1.57 -87.43
N ASP L 11 29.49 -0.65 -86.47
CA ASP L 11 30.63 -0.02 -85.82
C ASP L 11 31.08 -0.78 -84.57
N LEU L 12 30.43 -1.90 -84.26
CA LEU L 12 30.73 -2.66 -83.05
C LEU L 12 31.24 -4.07 -83.34
N LYS L 13 31.40 -4.45 -84.61
CA LYS L 13 31.85 -5.79 -84.95
C LYS L 13 33.37 -5.82 -85.04
N VAL L 14 34.01 -6.55 -84.13
CA VAL L 14 35.45 -6.73 -84.12
C VAL L 14 35.74 -8.17 -83.70
N GLN L 15 37.01 -8.56 -83.81
CA GLN L 15 37.46 -9.80 -83.21
C GLN L 15 37.52 -9.64 -81.70
N GLU L 16 37.27 -10.74 -80.99
CA GLU L 16 37.19 -10.71 -79.54
C GLU L 16 38.37 -11.46 -78.94
N VAL L 17 38.79 -11.00 -77.77
CA VAL L 17 39.88 -11.65 -77.03
C VAL L 17 39.21 -12.71 -76.16
N LYS L 18 38.95 -13.87 -76.78
CA LYS L 18 38.25 -14.97 -76.13
C LYS L 18 39.25 -15.75 -75.29
N VAL L 19 39.58 -15.19 -74.13
CA VAL L 19 40.50 -15.78 -73.18
C VAL L 19 39.90 -15.73 -71.79
N SER L 20 40.40 -16.60 -70.92
CA SER L 20 39.90 -16.72 -69.55
C SER L 20 40.50 -15.64 -68.67
N SER L 21 40.15 -15.68 -67.38
CA SER L 21 40.68 -14.72 -66.42
C SER L 21 42.16 -14.94 -66.15
N SER L 22 42.56 -16.20 -65.94
CA SER L 22 43.95 -16.48 -65.60
C SER L 22 44.87 -16.30 -66.80
N VAL L 23 44.35 -16.46 -68.02
CA VAL L 23 45.14 -16.23 -69.22
C VAL L 23 45.55 -14.77 -69.31
N LEU L 24 44.61 -13.86 -69.04
CA LEU L 24 44.94 -12.43 -68.98
C LEU L 24 45.78 -12.10 -67.76
N LYS L 25 45.55 -12.79 -66.64
CA LYS L 25 46.25 -12.45 -65.40
C LYS L 25 47.72 -12.89 -65.45
N ALA L 26 48.03 -13.94 -66.21
CA ALA L 26 49.39 -14.46 -66.22
C ALA L 26 50.36 -13.51 -66.93
N ALA L 27 49.94 -12.94 -68.05
CA ALA L 27 50.78 -12.04 -68.83
C ALA L 27 50.36 -10.58 -68.69
N ALA L 28 49.73 -10.22 -67.57
CA ALA L 28 49.21 -8.86 -67.41
C ALA L 28 50.32 -7.83 -67.29
N HIS L 29 51.46 -8.21 -66.71
CA HIS L 29 52.56 -7.26 -66.56
C HIS L 29 53.20 -6.94 -67.90
N HIS L 30 53.44 -7.97 -68.72
CA HIS L 30 53.95 -7.73 -70.07
C HIS L 30 52.89 -7.07 -70.95
N TYR L 31 51.61 -7.32 -70.66
CA TYR L 31 50.53 -6.58 -71.30
C TYR L 31 50.65 -5.09 -71.01
N GLY L 32 50.85 -4.73 -69.75
CA GLY L 32 50.98 -3.33 -69.40
C GLY L 32 52.28 -2.70 -69.85
N ALA L 33 53.32 -3.51 -70.07
CA ALA L 33 54.59 -2.99 -70.51
C ALA L 33 54.70 -2.83 -72.02
N GLN L 34 54.05 -3.70 -72.79
CA GLN L 34 54.28 -3.75 -74.24
C GLN L 34 53.29 -2.91 -75.03
N CYS L 35 51.99 -3.02 -74.71
CA CYS L 35 50.93 -2.32 -75.44
C CYS L 35 50.41 -1.12 -74.67
N ASP L 36 51.31 -0.38 -74.02
CA ASP L 36 50.91 0.65 -73.07
C ASP L 36 50.37 1.91 -73.76
N LYS L 37 50.99 2.32 -74.87
CA LYS L 37 50.61 3.58 -75.51
C LYS L 37 49.18 3.58 -76.09
N PRO L 38 48.71 2.58 -76.84
CA PRO L 38 47.29 2.60 -77.24
C PRO L 38 46.32 2.54 -76.07
N ASN L 39 46.67 1.84 -74.99
CA ASN L 39 45.82 1.81 -73.80
C ASN L 39 45.72 3.19 -73.17
N LYS L 40 46.85 3.90 -73.08
CA LYS L 40 46.83 5.25 -72.53
C LYS L 40 46.04 6.20 -73.41
N GLU L 41 46.19 6.08 -74.74
CA GLU L 41 45.42 6.91 -75.66
C GLU L 41 43.92 6.67 -75.51
N PHE L 42 43.52 5.39 -75.45
CA PHE L 42 42.11 5.05 -75.34
C PHE L 42 41.50 5.52 -74.03
N MET L 43 42.20 5.32 -72.91
CA MET L 43 41.58 5.76 -71.66
C MET L 43 41.69 7.26 -71.43
N LEU L 44 42.67 7.95 -72.02
CA LEU L 44 42.62 9.41 -71.98
C LEU L 44 41.44 9.93 -72.78
N CYS L 45 41.17 9.32 -73.95
CA CYS L 45 39.98 9.68 -74.72
C CYS L 45 38.71 9.39 -73.93
N ARG L 46 38.67 8.25 -73.23
CA ARG L 46 37.49 7.90 -72.44
C ARG L 46 37.28 8.84 -71.27
N TRP L 47 38.37 9.23 -70.59
CA TRP L 47 38.25 10.08 -69.42
C TRP L 47 37.96 11.53 -69.78
N GLU L 48 38.41 12.00 -70.93
CA GLU L 48 38.14 13.40 -71.29
C GLU L 48 36.86 13.56 -72.09
N GLU L 49 36.51 12.59 -72.94
CA GLU L 49 35.26 12.69 -73.68
C GLU L 49 34.04 12.36 -72.83
N LYS L 50 34.20 11.42 -71.88
CA LYS L 50 33.11 10.93 -71.03
C LYS L 50 31.94 10.41 -71.86
N ASP L 51 32.24 9.74 -72.96
CA ASP L 51 31.24 9.23 -73.89
C ASP L 51 31.83 8.06 -74.66
N PRO L 52 31.25 6.86 -74.54
CA PRO L 52 31.74 5.72 -75.32
C PRO L 52 31.67 5.94 -76.82
N ARG L 53 30.61 6.60 -77.31
CA ARG L 53 30.36 6.76 -78.73
C ARG L 53 31.39 7.63 -79.43
N ARG L 54 32.22 8.37 -78.68
CA ARG L 54 33.29 9.16 -79.26
C ARG L 54 34.66 8.53 -79.05
N CYS L 55 34.73 7.30 -78.55
CA CYS L 55 36.01 6.65 -78.31
C CYS L 55 36.13 5.26 -78.92
N LEU L 56 35.08 4.77 -79.59
CA LEU L 56 34.97 3.35 -79.96
C LEU L 56 36.13 2.91 -80.85
N GLU L 57 36.41 3.70 -81.90
CA GLU L 57 37.49 3.37 -82.83
C GLU L 57 38.82 3.27 -82.10
N GLU L 58 39.05 4.14 -81.11
CA GLU L 58 40.27 4.09 -80.33
C GLU L 58 40.39 2.77 -79.59
N GLY L 59 39.28 2.30 -79.01
CA GLY L 59 39.27 0.99 -78.38
C GLY L 59 39.58 -0.12 -79.35
N LYS L 60 39.13 0.02 -80.61
CA LYS L 60 39.45 -0.96 -81.64
C LYS L 60 40.95 -1.07 -81.84
N LEU L 61 41.65 0.08 -81.76
CA LEU L 61 43.11 0.07 -81.86
C LEU L 61 43.71 -0.80 -80.76
N VAL L 62 43.20 -0.67 -79.53
CA VAL L 62 43.65 -1.51 -78.43
C VAL L 62 43.35 -2.97 -78.76
N ASN L 63 42.14 -3.23 -79.25
CA ASN L 63 41.74 -4.60 -79.59
C ASN L 63 42.51 -5.15 -80.77
N GLN L 64 43.25 -4.31 -81.50
CA GLN L 64 44.21 -4.86 -82.44
C GLN L 64 45.52 -5.19 -81.74
N CYS L 65 46.09 -4.22 -81.02
CA CYS L 65 47.46 -4.35 -80.53
C CYS L 65 47.56 -5.41 -79.46
N ALA L 66 46.50 -5.57 -78.65
CA ALA L 66 46.45 -6.64 -77.67
C ALA L 66 46.56 -8.01 -78.32
N LEU L 67 45.89 -8.19 -79.47
CA LEU L 67 46.04 -9.44 -80.22
C LEU L 67 47.48 -9.60 -80.69
N GLU L 68 48.11 -8.48 -81.10
CA GLU L 68 49.52 -8.51 -81.48
C GLU L 68 50.42 -8.88 -80.31
N PHE L 69 49.98 -8.67 -79.07
CA PHE L 69 50.69 -9.23 -77.94
C PHE L 69 50.62 -10.75 -77.96
N PHE L 70 49.40 -11.30 -78.04
CA PHE L 70 49.20 -12.72 -77.79
C PHE L 70 49.82 -13.58 -78.89
N ARG L 71 49.78 -13.10 -80.13
CA ARG L 71 50.46 -13.77 -81.22
C ARG L 71 51.96 -13.90 -80.94
N GLN L 72 52.57 -12.82 -80.43
CA GLN L 72 53.99 -12.89 -80.07
C GLN L 72 54.22 -13.85 -78.91
N ILE L 73 53.21 -14.05 -78.07
CA ILE L 73 53.30 -15.08 -77.05
C ILE L 73 53.16 -16.46 -77.68
N LYS L 74 52.29 -16.59 -78.68
CA LYS L 74 51.94 -17.92 -79.19
C LYS L 74 53.05 -18.51 -80.05
N ARG L 75 53.68 -17.70 -80.91
CA ARG L 75 54.62 -18.24 -81.87
C ARG L 75 55.98 -18.58 -81.27
N HIS L 76 56.32 -18.03 -80.11
CA HIS L 76 57.68 -18.16 -79.58
C HIS L 76 57.75 -18.97 -78.29
N CYS L 77 57.00 -18.58 -77.26
CA CYS L 77 57.13 -19.17 -75.92
C CYS L 77 55.76 -19.59 -75.40
N ALA L 78 55.02 -20.35 -76.22
CA ALA L 78 53.67 -20.74 -75.86
C ALA L 78 53.65 -21.72 -74.69
N GLU L 79 54.61 -22.64 -74.62
CA GLU L 79 54.61 -23.64 -73.56
C GLU L 79 54.87 -23.06 -72.16
N PRO L 80 55.85 -22.17 -71.93
CA PRO L 80 55.93 -21.55 -70.59
C PRO L 80 54.70 -20.74 -70.22
N PHE L 81 54.07 -20.09 -71.19
CA PHE L 81 52.82 -19.38 -70.92
C PHE L 81 51.71 -20.36 -70.53
N THR L 82 51.68 -21.53 -71.18
CA THR L 82 50.69 -22.54 -70.85
C THR L 82 50.87 -23.03 -69.42
N GLU L 83 52.12 -23.32 -69.05
CA GLU L 83 52.41 -23.76 -67.69
C GLU L 83 52.07 -22.68 -66.67
N TYR L 84 52.41 -21.43 -66.97
CA TYR L 84 52.14 -20.33 -66.04
C TYR L 84 50.66 -20.10 -65.85
N TRP L 85 49.88 -20.09 -66.94
CA TRP L 85 48.46 -19.79 -66.75
C TRP L 85 47.73 -20.97 -66.14
N THR L 86 48.16 -22.22 -66.40
CA THR L 86 47.47 -23.32 -65.72
C THR L 86 47.84 -23.38 -64.24
N CYS L 87 49.08 -23.01 -63.87
CA CYS L 87 49.44 -22.97 -62.46
C CYS L 87 48.71 -21.85 -61.73
N ILE L 88 48.55 -20.70 -62.39
CA ILE L 88 47.76 -19.61 -61.81
C ILE L 88 46.29 -20.02 -61.73
N ASP L 89 45.78 -20.68 -62.77
CA ASP L 89 44.37 -21.03 -62.87
C ASP L 89 43.95 -22.10 -61.87
N TYR L 90 44.89 -22.91 -61.36
CA TYR L 90 44.51 -23.87 -60.34
C TYR L 90 44.05 -23.19 -59.06
N SER L 91 44.68 -22.08 -58.68
CA SER L 91 44.29 -21.40 -57.46
C SER L 91 42.95 -20.70 -57.61
N GLY L 92 42.06 -20.90 -56.64
CA GLY L 92 40.77 -20.23 -56.67
C GLY L 92 40.89 -18.73 -56.46
N LEU L 93 41.78 -18.31 -55.56
CA LEU L 93 42.03 -16.90 -55.32
C LEU L 93 42.90 -16.26 -56.40
N GLN L 94 43.51 -17.08 -57.26
CA GLN L 94 44.44 -16.63 -58.31
C GLN L 94 45.60 -15.83 -57.71
N LEU L 95 46.19 -16.39 -56.66
CA LEU L 95 47.30 -15.74 -55.99
C LEU L 95 48.56 -15.79 -56.84
N PHE L 96 49.28 -14.67 -56.91
CA PHE L 96 50.53 -14.62 -57.64
C PHE L 96 51.68 -15.27 -56.88
N ARG L 97 51.55 -15.43 -55.56
CA ARG L 97 52.65 -15.88 -54.73
C ARG L 97 52.86 -17.39 -54.74
N ARG L 98 51.92 -18.16 -55.30
CA ARG L 98 52.00 -19.61 -55.25
C ARG L 98 52.60 -20.23 -56.49
N CYS L 99 53.00 -19.42 -57.47
CA CYS L 99 53.56 -19.91 -58.74
C CYS L 99 54.81 -19.12 -59.11
N ARG L 100 55.72 -18.97 -58.15
CA ARG L 100 56.91 -18.14 -58.38
C ARG L 100 57.91 -18.83 -59.30
N LYS L 101 58.03 -20.16 -59.24
CA LYS L 101 58.98 -20.87 -60.08
C LYS L 101 58.58 -20.80 -61.55
N GLU L 102 57.30 -20.99 -61.85
CA GLU L 102 56.84 -20.86 -63.23
C GLU L 102 56.90 -19.42 -63.70
N GLN L 103 56.69 -18.45 -62.80
CA GLN L 103 56.87 -17.05 -63.14
C GLN L 103 58.30 -16.75 -63.54
N ALA L 104 59.27 -17.27 -62.76
CA ALA L 104 60.68 -17.07 -63.09
C ALA L 104 61.05 -17.75 -64.40
N GLN L 105 60.52 -18.96 -64.64
CA GLN L 105 60.80 -19.68 -65.87
C GLN L 105 60.25 -18.93 -67.09
N PHE L 106 59.01 -18.42 -66.98
CA PHE L 106 58.42 -17.65 -68.07
C PHE L 106 59.17 -16.36 -68.31
N ASP L 107 59.58 -15.67 -67.23
CA ASP L 107 60.35 -14.43 -67.37
C ASP L 107 61.68 -14.67 -68.07
N LYS L 108 62.39 -15.74 -67.68
CA LYS L 108 63.66 -16.07 -68.31
C LYS L 108 63.48 -16.44 -69.77
N CYS L 109 62.45 -17.23 -70.09
CA CYS L 109 62.22 -17.63 -71.47
C CYS L 109 61.86 -16.43 -72.35
N VAL L 110 61.06 -15.51 -71.82
CA VAL L 110 60.71 -14.30 -72.57
C VAL L 110 61.93 -13.40 -72.74
N LEU L 111 62.74 -13.24 -71.69
CA LEU L 111 63.89 -12.36 -71.78
C LEU L 111 64.98 -12.89 -72.69
N ASP L 112 65.10 -14.21 -72.85
CA ASP L 112 66.06 -14.72 -73.83
C ASP L 112 65.49 -14.75 -75.24
N LYS L 113 64.22 -15.10 -75.41
CA LYS L 113 63.71 -15.25 -76.77
C LYS L 113 63.22 -13.94 -77.37
N LEU L 114 62.60 -13.07 -76.58
CA LEU L 114 62.10 -11.80 -77.07
C LEU L 114 62.56 -10.59 -76.27
N GLY L 115 62.73 -10.71 -74.96
CA GLY L 115 63.30 -9.63 -74.18
C GLY L 115 62.30 -8.59 -73.71
N TRP L 116 61.29 -9.01 -72.97
CA TRP L 116 60.36 -8.10 -72.30
C TRP L 116 60.64 -8.12 -70.81
N VAL L 117 60.80 -6.94 -70.23
CA VAL L 117 61.17 -6.82 -68.82
C VAL L 117 59.91 -6.75 -67.98
N ARG L 118 59.84 -7.59 -66.96
CA ARG L 118 58.75 -7.50 -65.98
C ARG L 118 58.90 -6.23 -65.17
N PRO L 119 57.89 -5.36 -65.11
CA PRO L 119 58.02 -4.11 -64.37
C PRO L 119 58.15 -4.31 -62.88
N ASP L 120 58.84 -3.38 -62.24
CA ASP L 120 59.04 -3.40 -60.79
C ASP L 120 57.78 -2.89 -60.08
N LEU L 121 57.77 -3.04 -58.76
CA LEU L 121 56.67 -2.53 -57.96
C LEU L 121 56.66 -1.01 -57.98
N GLY L 122 55.50 -0.43 -58.28
CA GLY L 122 55.35 1.00 -58.37
C GLY L 122 55.54 1.58 -59.75
N GLU L 123 56.03 0.80 -60.71
CA GLU L 123 56.21 1.31 -62.06
C GLU L 123 54.86 1.48 -62.77
N LEU L 124 53.99 0.48 -62.66
CA LEU L 124 52.67 0.55 -63.28
C LEU L 124 51.68 1.39 -62.49
N SER L 125 52.02 1.78 -61.27
CA SER L 125 51.12 2.56 -60.42
C SER L 125 51.33 4.06 -60.55
N LYS L 126 52.20 4.50 -61.45
CA LYS L 126 52.48 5.92 -61.63
C LYS L 126 51.71 6.48 -62.82
N VAL L 127 51.60 7.81 -62.85
CA VAL L 127 50.86 8.51 -63.89
C VAL L 127 51.81 8.89 -65.02
N THR L 128 51.38 8.63 -66.26
CA THR L 128 52.18 8.88 -67.45
C THR L 128 51.51 9.98 -68.28
N LYS L 129 52.18 10.35 -69.38
CA LYS L 129 51.69 11.38 -70.29
C LYS L 129 51.39 10.77 -71.65
N VAL L 130 50.43 11.36 -72.35
CA VAL L 130 49.99 10.88 -73.65
C VAL L 130 50.05 12.03 -74.65
N LYS L 131 50.61 11.75 -75.82
CA LYS L 131 50.56 12.68 -76.95
C LYS L 131 49.39 12.27 -77.83
N THR L 132 48.33 13.07 -77.83
CA THR L 132 47.10 12.74 -78.53
C THR L 132 46.78 13.83 -79.54
N ASP L 133 46.24 13.42 -80.69
CA ASP L 133 45.93 14.35 -81.78
C ASP L 133 44.49 14.83 -81.77
N ARG L 134 43.67 14.38 -80.81
CA ARG L 134 42.29 14.84 -80.78
C ARG L 134 42.20 16.22 -80.12
N PRO L 135 41.25 17.05 -80.53
CA PRO L 135 41.08 18.36 -79.88
C PRO L 135 40.43 18.22 -78.52
N LEU L 136 40.70 19.22 -77.69
CA LEU L 136 40.09 19.28 -76.36
C LEU L 136 38.63 19.70 -76.47
N PRO L 137 37.69 18.94 -75.90
CA PRO L 137 36.29 19.34 -75.94
C PRO L 137 36.02 20.48 -74.96
N GLU L 138 35.48 21.59 -75.47
CA GLU L 138 35.21 22.75 -74.63
C GLU L 138 33.98 22.55 -73.75
N ASN L 139 33.06 21.69 -74.16
CA ASN L 139 31.82 21.42 -73.40
C ASN L 139 31.68 19.91 -73.24
N PRO L 140 32.35 19.33 -72.24
CA PRO L 140 32.24 17.88 -72.05
C PRO L 140 30.92 17.46 -71.42
N TYR L 141 30.30 18.33 -70.63
CA TYR L 141 29.07 17.98 -69.91
C TYR L 141 27.81 18.33 -70.69
N HIS L 142 27.95 18.93 -71.88
CA HIS L 142 26.83 19.42 -72.69
C HIS L 142 25.95 20.37 -71.88
N SER L 143 26.59 21.41 -71.34
CA SER L 143 25.94 22.36 -70.45
C SER L 143 25.66 23.66 -71.19
N ARG L 144 24.51 24.25 -70.89
CA ARG L 144 24.14 25.53 -71.47
C ARG L 144 24.83 26.67 -70.73
N ALA L 145 24.44 27.90 -71.05
CA ALA L 145 25.00 29.06 -70.38
C ALA L 145 24.49 29.16 -68.95
N ARG L 146 25.39 29.48 -68.03
CA ARG L 146 25.01 29.67 -66.63
C ARG L 146 24.19 30.96 -66.49
N PRO L 147 23.30 31.01 -65.50
CA PRO L 147 22.53 32.24 -65.27
C PRO L 147 23.42 33.41 -64.85
N GLU L 148 22.98 34.60 -65.20
CA GLU L 148 23.72 35.80 -64.87
C GLU L 148 23.71 36.05 -63.36
N PRO L 149 24.86 36.30 -62.74
CA PRO L 149 24.87 36.57 -61.30
C PRO L 149 24.23 37.92 -60.99
N ASN L 150 23.66 38.01 -59.80
CA ASN L 150 23.06 39.26 -59.34
C ASN L 150 24.15 40.28 -59.04
N PRO L 151 23.88 41.56 -59.26
CA PRO L 151 24.89 42.60 -59.00
C PRO L 151 25.21 42.71 -57.52
N GLU L 152 26.44 43.13 -57.24
CA GLU L 152 26.94 43.26 -55.88
C GLU L 152 26.60 44.66 -55.36
N VAL L 153 27.07 44.97 -54.15
CA VAL L 153 26.87 46.28 -53.55
C VAL L 153 28.10 47.14 -53.83
N GLU L 154 27.88 48.42 -54.09
CA GLU L 154 28.97 49.35 -54.39
C GLU L 154 28.66 50.69 -53.73
N GLY L 155 29.72 51.47 -53.52
CA GLY L 155 29.58 52.80 -52.98
C GLY L 155 29.88 52.85 -51.49
N ASP L 156 30.12 54.06 -51.00
CA ASP L 156 30.39 54.29 -49.59
C ASP L 156 29.12 54.12 -48.78
N LEU L 157 29.28 53.59 -47.56
CA LEU L 157 28.15 53.38 -46.65
C LEU L 157 27.68 54.72 -46.13
N LYS L 158 26.64 55.27 -46.76
CA LYS L 158 26.11 56.56 -46.36
C LYS L 158 25.36 56.44 -45.03
N PRO L 159 25.28 57.53 -44.26
CA PRO L 159 24.53 57.50 -43.00
C PRO L 159 23.03 57.36 -43.25
N ALA L 160 22.31 57.06 -42.17
CA ALA L 160 20.88 56.83 -42.25
C ALA L 160 20.14 58.12 -42.59
N ARG L 161 19.13 58.00 -43.45
CA ARG L 161 18.34 59.14 -43.90
C ARG L 161 17.19 59.35 -42.93
N HIS L 162 17.26 60.44 -42.16
CA HIS L 162 16.22 60.86 -41.21
C HIS L 162 15.91 59.78 -40.17
N GLY L 163 16.95 59.11 -39.69
CA GLY L 163 16.78 58.18 -38.60
C GLY L 163 16.13 56.87 -38.98
N SER L 164 15.64 56.17 -37.95
CA SER L 164 15.07 54.84 -38.14
C SER L 164 13.69 54.87 -38.77
N ARG L 165 12.97 55.99 -38.67
CA ARG L 165 11.64 56.18 -39.26
C ARG L 165 10.63 55.15 -38.74
N LEU L 166 10.74 54.83 -37.45
CA LEU L 166 9.81 53.88 -36.82
C LEU L 166 8.72 54.64 -36.07
N PHE L 167 7.91 55.35 -36.86
CA PHE L 167 6.62 55.96 -36.53
C PHE L 167 6.70 57.18 -35.62
N PHE L 168 7.80 57.37 -34.88
CA PHE L 168 8.11 58.68 -34.31
C PHE L 168 9.59 58.94 -34.12
N TRP L 169 10.49 58.03 -34.51
CA TRP L 169 11.87 58.11 -34.08
C TRP L 169 12.73 58.81 -35.13
N THR L 170 13.48 59.81 -34.68
CA THR L 170 14.37 60.59 -35.53
C THR L 170 15.85 60.28 -35.26
N MET L 171 16.13 59.22 -34.51
CA MET L 171 17.50 58.89 -34.16
C MET L 171 17.71 57.38 -34.09
N SER M 1 -10.04 107.53 -33.39
CA SER M 1 -10.73 107.93 -34.61
C SER M 1 -10.85 106.76 -35.58
N TRP M 2 -11.71 106.91 -36.59
CA TRP M 2 -11.90 105.89 -37.61
C TRP M 2 -12.03 106.56 -38.96
N ASP M 3 -11.75 105.80 -40.01
CA ASP M 3 -11.88 106.32 -41.37
C ASP M 3 -13.35 106.51 -41.71
N LYS M 4 -13.68 107.66 -42.29
CA LYS M 4 -15.08 107.99 -42.55
C LYS M 4 -15.70 107.18 -43.67
N ASP M 5 -14.88 106.69 -44.61
CA ASP M 5 -15.45 105.97 -45.74
C ASP M 5 -15.86 104.56 -45.35
N VAL M 6 -15.10 103.90 -44.48
CA VAL M 6 -15.41 102.52 -44.15
C VAL M 6 -16.60 102.44 -43.19
N TYR M 7 -16.84 103.48 -42.40
CA TYR M 7 -18.01 103.56 -41.51
C TYR M 7 -18.70 104.89 -41.77
N PRO M 8 -19.49 104.98 -42.84
CA PRO M 8 -20.11 106.27 -43.19
C PRO M 8 -21.22 106.65 -42.24
N GLU M 9 -21.44 107.97 -42.12
CA GLU M 9 -22.52 108.52 -41.33
C GLU M 9 -23.08 109.75 -42.02
N PRO M 10 -24.39 109.80 -42.30
CA PRO M 10 -24.98 111.02 -42.84
C PRO M 10 -24.93 112.14 -41.82
N PRO M 11 -24.84 113.40 -42.27
CA PRO M 11 -24.71 114.50 -41.31
C PRO M 11 -25.99 114.75 -40.52
N ARG M 12 -25.82 115.07 -39.25
CA ARG M 12 -26.95 115.23 -38.35
C ARG M 12 -27.66 116.56 -38.60
N ARG M 13 -28.96 116.58 -38.28
CA ARG M 13 -29.80 117.77 -38.43
C ARG M 13 -30.64 117.92 -37.15
N THR M 14 -30.09 118.61 -36.17
CA THR M 14 -30.75 118.79 -34.88
C THR M 14 -31.59 120.07 -34.90
N PRO M 15 -32.88 119.99 -34.56
CA PRO M 15 -33.73 121.19 -34.62
C PRO M 15 -33.37 122.20 -33.54
N ALA M 16 -33.67 123.46 -33.83
CA ALA M 16 -33.61 124.47 -32.79
C ALA M 16 -34.80 124.31 -31.86
N PRO M 17 -34.58 124.38 -30.55
CA PRO M 17 -35.70 124.24 -29.60
C PRO M 17 -36.46 125.56 -29.48
N SER M 18 -37.69 125.57 -29.98
CA SER M 18 -38.51 126.77 -29.95
C SER M 18 -39.46 126.71 -28.77
N PRO M 19 -39.29 127.56 -27.76
CA PRO M 19 -40.18 127.50 -26.60
C PRO M 19 -41.51 128.16 -26.91
N GLN M 20 -42.59 127.52 -26.45
CA GLN M 20 -43.94 128.04 -26.60
C GLN M 20 -44.66 128.25 -25.27
N THR M 21 -44.17 127.66 -24.19
CA THR M 21 -44.76 127.83 -22.87
C THR M 21 -43.85 128.68 -21.99
N SER M 22 -44.42 129.16 -20.89
CA SER M 22 -43.66 129.97 -19.93
C SER M 22 -42.91 129.12 -18.92
N LEU M 23 -43.17 127.82 -18.85
CA LEU M 23 -42.49 126.95 -17.91
C LEU M 23 -41.08 126.63 -18.42
N PRO M 24 -40.03 126.92 -17.64
CA PRO M 24 -38.68 126.59 -18.10
C PRO M 24 -38.42 125.09 -18.03
N ASN M 25 -37.81 124.57 -19.09
CA ASN M 25 -37.50 123.15 -19.15
C ASN M 25 -36.31 122.84 -18.24
N PRO M 26 -36.43 121.87 -17.33
CA PRO M 26 -35.33 121.58 -16.42
C PRO M 26 -34.18 120.81 -17.07
N ILE M 27 -34.37 120.27 -18.28
CA ILE M 27 -33.33 119.49 -18.92
C ILE M 27 -32.16 120.38 -19.34
N THR M 28 -32.43 121.64 -19.72
CA THR M 28 -31.36 122.57 -20.06
C THR M 28 -30.50 122.89 -18.83
N TYR M 29 -31.14 123.12 -17.69
CA TYR M 29 -30.39 123.35 -16.46
C TYR M 29 -29.65 122.10 -16.01
N LEU M 30 -30.23 120.92 -16.25
CA LEU M 30 -29.53 119.67 -15.93
C LEU M 30 -28.28 119.51 -16.79
N THR M 31 -28.38 119.83 -18.08
CA THR M 31 -27.20 119.74 -18.95
C THR M 31 -26.15 120.78 -18.56
N LYS M 32 -26.57 121.98 -18.17
CA LYS M 32 -25.62 122.99 -17.72
C LYS M 32 -24.92 122.57 -16.43
N ALA M 33 -25.67 121.98 -15.50
CA ALA M 33 -25.05 121.50 -14.26
C ALA M 33 -24.12 120.32 -14.53
N PHE M 34 -24.48 119.46 -15.48
CA PHE M 34 -23.61 118.35 -15.86
C PHE M 34 -22.30 118.86 -16.48
N ASP M 35 -22.39 119.88 -17.33
CA ASP M 35 -21.19 120.43 -17.94
C ASP M 35 -20.35 121.20 -16.93
N LEU M 36 -20.98 121.82 -15.93
CA LEU M 36 -20.22 122.52 -14.90
C LEU M 36 -19.59 121.58 -13.90
N LEU M 37 -20.18 120.41 -13.67
CA LEU M 37 -19.70 119.50 -12.64
C LEU M 37 -18.87 118.34 -13.17
N VAL M 38 -19.20 117.82 -14.34
CA VAL M 38 -18.65 116.57 -14.83
C VAL M 38 -17.72 116.78 -16.03
N ASP M 39 -18.10 117.64 -16.96
CA ASP M 39 -17.34 117.79 -18.20
C ASP M 39 -15.97 118.43 -17.95
N ARG M 40 -15.91 119.47 -17.12
CA ARG M 40 -14.64 120.15 -16.87
C ARG M 40 -13.61 119.29 -16.15
N PRO M 41 -13.92 118.58 -15.04
CA PRO M 41 -12.85 117.78 -14.42
C PRO M 41 -12.41 116.59 -15.26
N VAL M 42 -13.34 115.95 -15.97
CA VAL M 42 -12.98 114.85 -16.86
C VAL M 42 -12.12 115.35 -18.01
N THR M 43 -12.45 116.53 -18.56
CA THR M 43 -11.63 117.12 -19.61
C THR M 43 -10.24 117.48 -19.10
N LEU M 44 -10.15 118.00 -17.87
CA LEU M 44 -8.84 118.31 -17.29
C LEU M 44 -8.01 117.05 -17.07
N VAL M 45 -8.63 115.98 -16.58
CA VAL M 45 -7.93 114.71 -16.38
C VAL M 45 -7.45 114.16 -17.72
N ARG M 46 -8.30 114.22 -18.74
CA ARG M 46 -7.91 113.72 -20.06
C ARG M 46 -6.79 114.56 -20.66
N GLU M 47 -6.80 115.87 -20.42
CA GLU M 47 -5.72 116.73 -20.90
C GLU M 47 -4.40 116.41 -20.20
N PHE M 48 -4.45 116.14 -18.89
CA PHE M 48 -3.24 115.75 -18.17
C PHE M 48 -2.71 114.41 -18.67
N ILE M 49 -3.60 113.44 -18.91
CA ILE M 49 -3.19 112.14 -19.43
C ILE M 49 -2.62 112.28 -20.85
N GLU M 50 -3.19 113.19 -21.65
CA GLU M 50 -2.67 113.43 -22.99
C GLU M 50 -1.30 114.08 -22.95
N ARG M 51 -1.06 114.97 -21.97
CA ARG M 51 0.27 115.53 -21.79
C ARG M 51 1.28 114.46 -21.42
N GLN M 52 0.89 113.56 -20.50
CA GLN M 52 1.77 112.46 -20.12
C GLN M 52 2.03 111.51 -21.28
N HIS M 53 1.04 111.33 -22.16
CA HIS M 53 1.26 110.54 -23.36
C HIS M 53 2.23 111.25 -24.31
N ALA M 54 2.05 112.55 -24.51
CA ALA M 54 2.88 113.30 -25.44
C ALA M 54 4.31 113.50 -24.93
N LYS M 55 4.55 113.28 -23.64
CA LYS M 55 5.92 113.26 -23.15
C LYS M 55 6.72 112.13 -23.77
N ASN M 56 6.12 110.94 -23.88
CA ASN M 56 6.82 109.74 -24.34
C ASN M 56 5.97 109.06 -25.41
N LYS M 57 6.36 109.21 -26.67
CA LYS M 57 5.63 108.66 -27.79
C LYS M 57 6.42 107.55 -28.47
N TYR M 58 5.73 106.46 -28.82
CA TYR M 58 6.32 105.36 -29.57
C TYR M 58 5.28 104.83 -30.53
N TYR M 59 5.74 104.13 -31.56
CA TYR M 59 4.90 103.72 -32.67
C TYR M 59 4.75 102.21 -32.73
N TYR M 60 3.60 101.77 -33.23
CA TYR M 60 3.36 100.37 -33.56
C TYR M 60 2.78 100.31 -34.97
N TYR M 61 3.09 99.23 -35.68
CA TYR M 61 2.79 99.13 -37.11
C TYR M 61 1.81 98.01 -37.39
N HIS M 62 1.19 98.08 -38.56
CA HIS M 62 0.24 97.09 -39.03
C HIS M 62 0.95 96.08 -39.92
N ARG M 63 0.82 94.80 -39.59
CA ARG M 63 1.52 93.76 -40.33
C ARG M 63 0.88 93.56 -41.71
N GLU M 64 1.72 93.27 -42.70
CA GLU M 64 1.26 93.05 -44.06
C GLU M 64 1.83 91.72 -44.56
N PHE M 65 1.18 91.19 -45.61
CA PHE M 65 1.57 89.94 -46.22
C PHE M 65 1.63 90.13 -47.73
N ARG M 66 2.70 89.64 -48.35
CA ARG M 66 2.80 89.67 -49.80
C ARG M 66 2.02 88.50 -50.40
N ARG M 67 2.01 88.45 -51.72
CA ARG M 67 1.19 87.48 -52.45
C ARG M 67 2.03 86.25 -52.82
N VAL M 68 1.47 85.07 -52.54
CA VAL M 68 2.07 83.79 -52.91
C VAL M 68 1.12 83.18 -53.94
N PRO M 69 1.62 82.38 -54.90
CA PRO M 69 0.72 81.61 -55.75
C PRO M 69 -0.19 80.71 -54.92
N ASP M 70 -1.47 80.68 -55.30
CA ASP M 70 -2.50 80.08 -54.48
C ASP M 70 -2.53 78.58 -54.70
N ILE M 71 -3.60 77.93 -54.19
CA ILE M 71 -3.66 76.47 -54.19
C ILE M 71 -3.83 75.90 -55.59
N THR M 72 -4.21 76.71 -56.58
CA THR M 72 -4.41 76.21 -57.93
C THR M 72 -3.12 76.14 -58.74
N GLU M 73 -2.02 76.71 -58.23
CA GLU M 73 -0.74 76.64 -58.89
C GLU M 73 0.26 75.85 -58.05
N CYS M 74 -0.21 74.75 -57.47
CA CYS M 74 0.59 73.91 -56.60
C CYS M 74 0.50 72.47 -57.06
N HIS M 75 1.64 71.77 -57.05
CA HIS M 75 1.64 70.35 -57.32
C HIS M 75 0.98 69.60 -56.17
N GLU M 76 0.26 68.52 -56.50
CA GLU M 76 -0.39 67.74 -55.46
C GLU M 76 0.64 66.95 -54.66
N LYS M 77 0.36 66.80 -53.37
CA LYS M 77 1.24 66.15 -52.39
C LYS M 77 2.61 66.81 -52.35
N ASP M 78 2.63 68.14 -52.55
CA ASP M 78 3.84 68.95 -52.44
C ASP M 78 3.57 69.98 -51.35
N VAL M 79 4.20 69.78 -50.19
CA VAL M 79 3.76 70.47 -48.99
C VAL M 79 4.34 71.87 -48.88
N LEU M 80 5.59 72.06 -49.31
CA LEU M 80 6.37 73.25 -48.96
C LEU M 80 5.87 74.54 -49.61
N CYS M 81 4.92 74.49 -50.55
CA CYS M 81 4.37 75.72 -51.12
C CYS M 81 2.85 75.73 -51.01
N MET M 82 2.25 74.54 -51.09
CA MET M 82 0.80 74.45 -50.92
C MET M 82 0.41 74.73 -49.47
N PHE M 83 1.32 74.49 -48.53
CA PHE M 83 1.11 74.94 -47.16
C PHE M 83 1.02 76.45 -47.08
N GLU M 84 1.87 77.16 -47.81
CA GLU M 84 1.79 78.62 -47.86
C GLU M 84 0.49 79.08 -48.50
N ALA M 85 0.06 78.37 -49.55
CA ALA M 85 -1.21 78.71 -50.20
C ALA M 85 -2.40 78.53 -49.26
N GLU M 86 -2.42 77.42 -48.51
CA GLU M 86 -3.46 77.19 -47.51
C GLU M 86 -3.41 78.24 -46.41
N MET M 87 -2.21 78.63 -46.02
CA MET M 87 -2.01 79.66 -45.00
C MET M 87 -2.61 80.99 -45.43
N GLN M 88 -2.32 81.39 -46.67
CA GLN M 88 -2.85 82.62 -47.22
C GLN M 88 -4.37 82.54 -47.40
N TRP M 89 -4.88 81.37 -47.77
CA TRP M 89 -6.33 81.20 -47.91
C TRP M 89 -7.04 81.35 -46.57
N LYS M 90 -6.45 80.81 -45.50
CA LYS M 90 -7.05 80.96 -44.18
C LYS M 90 -7.01 82.42 -43.71
N ARG M 91 -5.90 83.13 -44.02
CA ARG M 91 -5.84 84.55 -43.70
C ARG M 91 -6.91 85.33 -44.45
N ASP M 92 -7.11 85.01 -45.74
CA ASP M 92 -8.15 85.66 -46.53
C ASP M 92 -9.53 85.35 -45.99
N TYR M 93 -9.74 84.12 -45.50
CA TYR M 93 -11.00 83.75 -44.87
C TYR M 93 -11.27 84.61 -43.63
N LYS M 94 -10.26 84.82 -42.79
CA LYS M 94 -10.44 85.65 -41.61
C LYS M 94 -10.75 87.10 -41.97
N VAL M 95 -10.02 87.64 -42.95
CA VAL M 95 -10.25 89.02 -43.38
C VAL M 95 -11.64 89.17 -43.99
N ASP M 96 -12.10 88.14 -44.71
CA ASP M 96 -13.39 88.21 -45.36
C ASP M 96 -14.53 88.12 -44.34
N GLN M 97 -14.34 87.32 -43.30
CA GLN M 97 -15.28 87.31 -42.19
C GLN M 97 -15.37 88.67 -41.52
N GLU M 98 -14.23 89.34 -41.36
CA GLU M 98 -14.27 90.70 -40.81
C GLU M 98 -14.98 91.68 -41.75
N ILE M 99 -14.86 91.47 -43.06
CA ILE M 99 -15.58 92.31 -44.03
C ILE M 99 -17.09 92.13 -43.86
N VAL M 100 -17.53 90.88 -43.69
CA VAL M 100 -18.95 90.62 -43.47
C VAL M 100 -19.43 91.23 -42.17
N ASN M 101 -18.56 91.20 -41.14
CA ASN M 101 -18.88 91.88 -39.88
C ASN M 101 -19.05 93.39 -40.08
N ILE M 102 -18.20 93.98 -40.91
CA ILE M 102 -18.30 95.42 -41.21
C ILE M 102 -19.62 95.74 -41.89
N ILE M 103 -20.03 94.90 -42.85
CA ILE M 103 -21.29 95.15 -43.56
C ILE M 103 -22.48 94.98 -42.62
N GLN M 104 -22.43 93.99 -41.73
CA GLN M 104 -23.51 93.80 -40.76
C GLN M 104 -23.61 94.99 -39.82
N GLU M 105 -22.47 95.51 -39.37
CA GLU M 105 -22.47 96.71 -38.52
C GLU M 105 -23.05 97.91 -39.25
N ARG M 106 -22.73 98.05 -40.54
CA ARG M 106 -23.30 99.14 -41.34
C ARG M 106 -24.82 99.03 -41.44
N LEU M 107 -25.32 97.81 -41.67
CA LEU M 107 -26.76 97.61 -41.80
C LEU M 107 -27.49 97.92 -40.49
N LYS M 108 -26.96 97.41 -39.37
CA LYS M 108 -27.60 97.66 -38.08
C LYS M 108 -27.54 99.13 -37.70
N ALA M 109 -26.42 99.80 -37.98
CA ALA M 109 -26.32 101.22 -37.71
C ALA M 109 -27.29 102.03 -38.56
N CYS M 110 -27.47 101.64 -39.82
CA CYS M 110 -28.43 102.31 -40.68
C CYS M 110 -29.85 102.16 -40.14
N GLN M 111 -30.20 100.95 -39.72
CA GLN M 111 -31.56 100.72 -39.20
C GLN M 111 -31.82 101.54 -37.94
N GLN M 112 -30.87 101.51 -36.98
CA GLN M 112 -31.06 102.24 -35.73
C GLN M 112 -31.04 103.75 -35.97
N ARG M 113 -30.20 104.23 -36.89
CA ARG M 113 -30.10 105.65 -37.13
C ARG M 113 -31.34 106.19 -37.82
N GLU M 114 -31.89 105.45 -38.78
CA GLU M 114 -33.08 105.95 -39.48
C GLU M 114 -34.37 105.66 -38.72
N GLY M 115 -34.36 104.74 -37.75
CA GLY M 115 -35.51 104.56 -36.89
C GLY M 115 -36.75 104.02 -37.56
N GLU M 116 -37.81 104.84 -37.62
CA GLU M 116 -39.09 104.41 -38.16
C GLU M 116 -39.14 104.51 -39.68
N SER M 117 -38.13 105.08 -40.32
CA SER M 117 -38.05 105.15 -41.78
C SER M 117 -37.01 104.18 -42.33
N HIS M 118 -36.80 103.07 -41.64
CA HIS M 118 -35.82 102.07 -42.07
C HIS M 118 -36.27 101.32 -43.32
N ARG M 119 -37.58 101.25 -43.57
CA ARG M 119 -38.07 100.57 -44.77
C ARG M 119 -37.76 101.35 -46.04
N GLN M 120 -37.45 102.64 -45.93
CA GLN M 120 -37.21 103.48 -47.10
C GLN M 120 -35.81 104.06 -47.17
N ASN M 121 -35.17 104.35 -46.04
CA ASN M 121 -33.91 105.09 -46.05
C ASN M 121 -32.67 104.21 -46.00
N CYS M 122 -32.82 102.89 -46.02
CA CYS M 122 -31.67 101.97 -45.98
C CYS M 122 -31.81 100.88 -47.03
N ALA M 123 -32.16 101.27 -48.26
CA ALA M 123 -32.21 100.29 -49.34
C ALA M 123 -30.81 99.89 -49.78
N LYS M 124 -29.88 100.84 -49.83
CA LYS M 124 -28.52 100.57 -50.28
C LYS M 124 -27.80 99.61 -49.34
N GLU M 125 -27.94 99.82 -48.03
CA GLU M 125 -27.28 98.96 -47.05
C GLU M 125 -27.80 97.54 -47.13
N LEU M 126 -29.12 97.36 -47.26
CA LEU M 126 -29.69 96.02 -47.36
C LEU M 126 -29.31 95.36 -48.68
N GLN M 127 -29.24 96.13 -49.76
CA GLN M 127 -28.82 95.57 -51.04
C GLN M 127 -27.37 95.09 -51.00
N GLN M 128 -26.48 95.90 -50.40
CA GLN M 128 -25.09 95.50 -50.27
C GLN M 128 -24.93 94.31 -49.33
N PHE M 129 -25.73 94.26 -48.27
CA PHE M 129 -25.71 93.11 -47.36
C PHE M 129 -26.16 91.85 -48.07
N THR M 130 -27.23 91.94 -48.87
CA THR M 130 -27.70 90.77 -49.61
C THR M 130 -26.66 90.30 -50.62
N GLN M 131 -26.00 91.24 -51.31
CA GLN M 131 -24.96 90.88 -52.27
C GLN M 131 -23.78 90.18 -51.57
N VAL M 132 -23.34 90.73 -50.44
CA VAL M 132 -22.17 90.17 -49.78
C VAL M 132 -22.49 88.82 -49.13
N VAL M 133 -23.72 88.61 -48.64
CA VAL M 133 -24.01 87.30 -48.08
C VAL M 133 -24.28 86.28 -49.17
N LYS M 134 -24.78 86.69 -50.33
CA LYS M 134 -24.89 85.77 -51.46
C LYS M 134 -23.52 85.32 -51.93
N ALA M 135 -22.57 86.26 -52.04
CA ALA M 135 -21.23 85.88 -52.45
C ALA M 135 -20.53 85.06 -51.37
N TYR M 136 -20.77 85.36 -50.09
CA TYR M 136 -20.19 84.58 -49.00
C TYR M 136 -20.72 83.15 -48.98
N GLN M 137 -22.02 82.98 -49.23
CA GLN M 137 -22.58 81.64 -49.32
C GLN M 137 -22.06 80.90 -50.54
N ASP M 138 -21.86 81.61 -51.65
CA ASP M 138 -21.30 80.98 -52.84
C ASP M 138 -19.82 80.64 -52.68
N ARG M 139 -19.13 81.26 -51.73
CA ARG M 139 -17.71 80.99 -51.53
C ARG M 139 -17.43 79.96 -50.45
N TYR M 140 -17.98 80.15 -49.25
CA TYR M 140 -17.52 79.40 -48.07
C TYR M 140 -18.55 78.46 -47.47
N HIS M 141 -19.81 78.49 -47.91
CA HIS M 141 -20.83 77.70 -47.24
C HIS M 141 -20.71 76.22 -47.57
N ASP M 142 -21.18 75.38 -46.63
CA ASP M 142 -21.21 73.92 -46.76
C ASP M 142 -19.82 73.31 -46.94
N LEU M 143 -18.78 73.98 -46.41
CA LEU M 143 -17.44 73.43 -46.51
C LEU M 143 -17.21 72.31 -45.50
N GLY M 144 -17.78 72.44 -44.30
CA GLY M 144 -17.57 71.49 -43.23
C GLY M 144 -16.63 72.04 -42.16
N ALA M 145 -16.50 71.26 -41.09
CA ALA M 145 -15.68 71.67 -39.96
C ALA M 145 -14.19 71.44 -40.19
N HIS M 146 -13.82 70.71 -41.25
CA HIS M 146 -12.42 70.45 -41.55
C HIS M 146 -12.07 71.09 -42.90
N TYR M 147 -12.48 72.34 -43.09
CA TYR M 147 -12.33 73.02 -44.37
C TYR M 147 -10.86 73.27 -44.70
N SER M 148 -10.56 73.24 -45.99
CA SER M 148 -9.24 73.55 -46.50
C SER M 148 -9.38 74.21 -47.86
N ALA M 149 -8.26 74.65 -48.41
CA ALA M 149 -8.28 75.30 -49.72
C ALA M 149 -8.65 74.32 -50.83
N ARG M 150 -8.34 73.03 -50.64
CA ARG M 150 -8.74 72.02 -51.61
C ARG M 150 -10.25 71.87 -51.69
N LYS M 151 -10.92 71.90 -50.53
CA LYS M 151 -12.38 71.81 -50.50
C LYS M 151 -13.03 73.01 -51.18
N CYS M 152 -12.50 74.22 -50.92
CA CYS M 152 -13.04 75.42 -51.55
C CYS M 152 -12.79 75.42 -53.05
N LEU M 153 -11.61 74.93 -53.47
CA LEU M 153 -11.33 74.81 -54.90
C LEU M 153 -12.28 73.83 -55.57
N ALA M 154 -12.56 72.70 -54.90
CA ALA M 154 -13.49 71.72 -55.45
C ALA M 154 -14.90 72.29 -55.53
N LYS M 155 -15.31 73.07 -54.52
CA LYS M 155 -16.64 73.68 -54.55
C LYS M 155 -16.74 74.73 -55.66
N GLN M 156 -15.67 75.51 -55.87
CA GLN M 156 -15.67 76.49 -56.96
C GLN M 156 -15.70 75.81 -58.32
N LYS M 157 -14.97 74.70 -58.47
CA LYS M 157 -15.02 73.95 -59.72
C LYS M 157 -16.39 73.35 -59.97
N GLN M 158 -17.04 72.85 -58.90
CA GLN M 158 -18.40 72.33 -59.04
C GLN M 158 -19.38 73.43 -59.41
N ARG M 159 -19.24 74.62 -58.83
CA ARG M 159 -20.12 75.73 -59.15
C ARG M 159 -19.93 76.18 -60.60
N MET M 160 -18.68 76.24 -61.06
CA MET M 160 -18.43 76.64 -62.44
C MET M 160 -18.91 75.57 -63.43
N LEU M 161 -18.83 74.29 -63.03
CA LEU M 161 -19.40 73.24 -63.88
C LEU M 161 -20.91 73.34 -63.95
N ALA M 162 -21.57 73.67 -62.83
CA ALA M 162 -23.01 73.88 -62.84
C ALA M 162 -23.38 75.09 -63.69
N GLU M 163 -22.56 76.15 -63.65
CA GLU M 163 -22.78 77.29 -64.51
C GLU M 163 -22.61 76.92 -65.99
N ARG M 164 -21.63 76.06 -66.29
CA ARG M 164 -21.40 75.62 -67.66
C ARG M 164 -22.57 74.79 -68.18
N LYS M 165 -23.09 73.87 -67.36
CA LYS M 165 -24.26 73.12 -67.82
C LYS M 165 -25.50 74.01 -67.86
N ALA M 166 -25.53 75.08 -67.06
CA ALA M 166 -26.64 76.04 -67.14
C ALA M 166 -26.63 76.80 -68.45
N THR M 167 -25.47 77.27 -68.89
CA THR M 167 -25.44 77.97 -70.18
C THR M 167 -25.49 77.01 -71.36
N LYS M 168 -25.12 75.74 -71.17
CA LYS M 168 -25.26 74.77 -72.24
C LYS M 168 -26.71 74.34 -72.41
N GLU M 169 -27.45 74.21 -71.31
CA GLU M 169 -28.86 73.87 -71.39
C GLU M 169 -29.74 75.04 -71.79
N ALA M 170 -29.20 76.27 -71.76
CA ALA M 170 -29.94 77.45 -72.18
C ALA M 170 -29.57 77.90 -73.58
N ALA M 171 -28.73 77.15 -74.29
CA ALA M 171 -28.32 77.51 -75.63
C ALA M 171 -28.61 76.38 -76.62
N LEU N 1 26.58 34.86 0.47
CA LEU N 1 26.46 33.47 0.88
C LEU N 1 27.86 32.86 0.94
N GLN N 2 28.25 32.37 2.11
CA GLN N 2 29.60 31.86 2.30
C GLN N 2 29.74 30.43 1.77
N TYR N 3 28.97 29.51 2.33
CA TYR N 3 29.04 28.11 1.94
C TYR N 3 28.12 27.85 0.75
N GLY N 4 28.69 27.33 -0.33
CA GLY N 4 27.93 27.01 -1.52
C GLY N 4 28.47 25.77 -2.20
N PRO N 5 27.97 25.46 -3.39
CA PRO N 5 28.54 24.34 -4.17
C PRO N 5 29.99 24.56 -4.56
N LEU N 6 30.42 25.83 -4.65
CA LEU N 6 31.82 26.12 -4.98
C LEU N 6 32.75 25.63 -3.89
N ALA N 7 32.33 25.72 -2.62
CA ALA N 7 33.12 25.19 -1.53
C ALA N 7 33.24 23.67 -1.62
N TYR N 8 32.14 23.00 -1.98
CA TYR N 8 32.17 21.54 -2.12
C TYR N 8 33.05 21.12 -3.30
N ILE N 9 33.07 21.92 -4.37
CA ILE N 9 33.99 21.68 -5.47
C ILE N 9 35.43 21.84 -4.99
N LEU N 10 35.69 22.85 -4.18
CA LEU N 10 37.03 23.16 -3.70
C LEU N 10 37.52 22.22 -2.60
N GLY N 11 36.68 21.29 -2.15
CA GLY N 11 37.11 20.29 -1.18
C GLY N 11 36.54 20.39 0.21
N GLU N 12 35.54 21.25 0.43
CA GLU N 12 34.90 21.36 1.73
C GLU N 12 33.96 20.17 1.90
N LYS N 13 34.51 19.06 2.38
CA LYS N 13 33.74 17.84 2.62
C LYS N 13 33.33 17.79 4.08
N THR N 14 32.05 17.50 4.31
CA THR N 14 31.51 17.56 5.67
C THR N 14 31.76 16.30 6.48
N THR N 15 32.11 15.17 5.84
CA THR N 15 32.51 14.00 6.60
C THR N 15 34.00 14.00 6.95
N LYS N 16 34.73 15.03 6.54
CA LYS N 16 36.07 15.23 7.05
C LYS N 16 36.04 15.53 8.55
N LYS N 17 35.04 16.30 8.99
CA LYS N 17 34.88 16.65 10.40
C LYS N 17 33.91 15.73 11.14
N MET N 18 33.36 14.72 10.47
CA MET N 18 32.37 13.84 11.09
C MET N 18 33.10 12.69 11.77
N THR N 19 33.51 12.94 13.01
CA THR N 19 34.18 11.92 13.82
C THR N 19 33.13 11.01 14.46
N GLU N 20 33.57 10.17 15.39
CA GLU N 20 32.65 9.28 16.10
C GLU N 20 31.91 9.98 17.23
N ASN N 21 32.35 11.17 17.64
CA ASN N 21 31.72 11.90 18.73
C ASN N 21 30.65 12.88 18.25
N SER N 22 30.45 13.02 16.95
CA SER N 22 29.43 13.92 16.40
C SER N 22 28.11 13.19 16.43
N LYS N 23 27.36 13.38 17.52
CA LYS N 23 26.10 12.68 17.74
C LYS N 23 25.01 13.69 18.07
N LEU N 24 23.83 13.49 17.48
CA LEU N 24 22.66 14.32 17.74
C LEU N 24 21.82 13.63 18.81
N ILE N 25 21.81 14.19 20.02
CA ILE N 25 21.13 13.58 21.16
C ILE N 25 20.06 14.54 21.64
N THR N 26 18.82 14.06 21.70
CA THR N 26 17.72 14.83 22.27
C THR N 26 17.15 14.09 23.47
N VAL N 27 16.72 14.84 24.47
CA VAL N 27 16.16 14.29 25.70
C VAL N 27 14.73 14.79 25.85
N ASP N 28 13.86 13.90 26.31
CA ASP N 28 12.43 14.19 26.44
C ASP N 28 11.99 13.94 27.89
N GLY N 29 10.70 14.13 28.12
CA GLY N 29 10.15 13.91 29.44
C GLY N 29 8.82 14.63 29.58
N ASN N 30 8.32 14.64 30.81
CA ASN N 30 7.05 15.26 31.14
C ASN N 30 7.24 16.77 31.30
N ILE N 31 6.22 17.44 31.87
CA ILE N 31 6.23 18.89 32.00
C ILE N 31 7.35 19.35 32.94
N CYS N 32 7.53 18.66 34.05
CA CYS N 32 8.55 19.00 35.04
C CYS N 32 9.40 17.79 35.38
N SER N 33 9.89 17.11 34.35
CA SER N 33 10.65 15.88 34.54
C SER N 33 12.02 16.09 35.15
N GLY N 34 12.51 17.32 35.22
CA GLY N 34 13.84 17.56 35.77
C GLY N 34 14.96 17.16 34.85
N LYS N 35 14.71 17.07 33.55
CA LYS N 35 15.73 16.70 32.58
C LYS N 35 16.58 17.89 32.17
N LYS N 37 18.50 20.01 33.58
CA LYS N 37 19.90 20.08 34.02
C LYS N 37 20.68 18.86 33.54
N LEU N 38 19.97 17.75 33.37
CA LEU N 38 20.61 16.47 33.04
C LEU N 38 21.36 16.55 31.72
N ALA N 39 20.69 17.11 30.70
CA ALA N 39 21.35 17.33 29.41
C ALA N 39 22.55 18.26 29.55
N LYS N 40 22.46 19.24 30.45
CA LYS N 40 23.60 20.10 30.75
C LYS N 40 24.80 19.28 31.22
N GLU N 41 24.54 18.26 32.04
CA GLU N 41 25.62 17.36 32.47
C GLU N 41 26.25 16.67 31.28
N VAL N 42 25.44 16.25 30.31
CA VAL N 42 25.97 15.64 29.08
C VAL N 42 26.81 16.67 28.32
N ALA N 43 26.42 17.95 28.38
CA ALA N 43 27.20 19.00 27.75
C ALA N 43 28.58 19.17 28.37
N GLU N 44 28.78 18.69 29.60
CA GLU N 44 30.09 18.68 30.21
C GLU N 44 30.68 17.28 30.31
N LYS N 45 30.11 16.32 29.59
CA LYS N 45 30.65 14.96 29.59
C LYS N 45 31.21 14.56 28.23
N LEU N 46 30.42 14.67 27.17
CA LEU N 46 30.89 14.40 25.82
C LEU N 46 31.40 15.64 25.11
N GLY N 47 31.38 16.80 25.77
CA GLY N 47 31.79 18.03 25.14
C GLY N 47 30.81 18.59 24.14
N LEU N 48 29.59 18.05 24.10
CA LEU N 48 28.62 18.45 23.10
C LEU N 48 27.98 19.79 23.46
N LYS N 49 27.64 20.56 22.42
CA LYS N 49 26.88 21.78 22.62
C LYS N 49 25.45 21.44 23.04
N HIS N 50 24.93 22.18 24.00
CA HIS N 50 23.57 22.01 24.47
C HIS N 50 22.75 23.23 24.11
N PHE N 51 21.48 22.99 23.77
CA PHE N 51 20.56 24.06 23.41
C PHE N 51 19.35 24.00 24.33
N PRO N 52 18.88 25.12 24.86
CA PRO N 52 17.71 25.10 25.75
C PRO N 52 16.43 24.82 24.98
N GLU N 53 15.34 24.67 25.73
CA GLU N 53 14.04 24.47 25.12
C GLU N 53 13.63 25.69 24.31
N ALA N 54 13.15 25.44 23.09
CA ALA N 54 12.76 26.53 22.19
C ALA N 54 11.54 27.25 22.73
N GLY N 55 11.74 28.47 23.23
CA GLY N 55 10.66 29.26 23.78
C GLY N 55 9.98 30.12 22.73
N ILE N 56 9.15 31.04 23.21
CA ILE N 56 8.45 31.96 22.31
C ILE N 56 9.44 32.91 21.65
N HIS N 57 10.37 33.47 22.44
CA HIS N 57 11.32 34.46 21.94
C HIS N 57 12.63 33.84 21.48
N TYR N 58 12.62 32.56 21.07
CA TYR N 58 13.86 31.94 20.60
C TYR N 58 14.29 32.53 19.27
N ALA N 59 13.34 32.69 18.34
CA ALA N 59 13.65 33.34 17.07
C ALA N 59 14.03 34.80 17.28
N ASP N 60 13.48 35.44 18.32
CA ASP N 60 13.94 36.76 18.71
C ASP N 60 15.36 36.71 19.28
N SER N 61 15.72 35.63 19.96
CA SER N 61 17.02 35.53 20.58
C SER N 61 18.13 35.23 19.58
N THR N 62 17.84 34.47 18.52
CA THR N 62 18.91 34.02 17.64
C THR N 62 19.42 35.14 16.73
N THR N 63 18.57 36.11 16.38
CA THR N 63 18.95 37.19 15.48
C THR N 63 18.79 38.53 16.18
N GLY N 64 19.43 39.55 15.60
CA GLY N 64 19.38 40.87 16.20
C GLY N 64 20.21 40.94 17.47
N ASP N 65 19.73 41.74 18.43
CA ASP N 65 20.42 41.87 19.70
C ASP N 65 20.28 40.64 20.58
N GLY N 66 19.32 39.76 20.28
CA GLY N 66 19.02 38.65 21.15
C GLY N 66 18.08 38.98 22.28
N LYS N 67 17.66 40.24 22.39
CA LYS N 67 16.72 40.63 23.42
C LYS N 67 15.34 40.01 23.12
N PRO N 68 14.56 39.72 24.16
CA PRO N 68 13.20 39.21 23.93
C PRO N 68 12.30 40.29 23.35
N LEU N 69 11.86 40.07 22.11
CA LEU N 69 10.92 40.96 21.48
C LEU N 69 9.56 40.87 22.17
N PRO N 70 8.77 41.95 22.14
CA PRO N 70 7.43 41.89 22.73
C PRO N 70 6.53 40.90 22.00
N VAL N 71 5.51 40.42 22.71
CA VAL N 71 4.66 39.36 22.19
C VAL N 71 3.83 39.79 21.00
N ARG N 72 3.60 41.10 20.83
CA ARG N 72 2.89 41.56 19.64
C ARG N 72 3.71 41.37 18.38
N PHE N 73 5.03 41.61 18.47
CA PHE N 73 5.88 41.46 17.30
C PHE N 73 6.11 39.99 16.97
N SER N 74 6.24 39.13 17.98
CA SER N 74 6.50 37.72 17.76
C SER N 74 5.64 36.88 18.69
N GLY N 75 4.98 35.87 18.12
CA GLY N 75 4.19 34.94 18.91
C GLY N 75 2.72 35.26 18.98
N ASN N 76 2.37 36.39 19.60
CA ASN N 76 0.98 36.77 19.90
C ASN N 76 0.27 35.66 20.69
N CYS N 77 1.01 35.03 21.60
CA CYS N 77 0.49 33.94 22.40
C CYS N 77 1.30 33.86 23.68
N SER N 78 0.63 33.58 24.79
CA SER N 78 1.26 33.53 26.10
C SER N 78 0.91 32.21 26.78
N LEU N 79 1.90 31.65 27.49
CA LEU N 79 1.68 30.39 28.19
C LEU N 79 0.80 30.58 29.41
N GLU N 80 0.85 31.76 30.05
CA GLU N 80 0.02 32.02 31.21
C GLU N 80 -1.46 32.03 30.85
N LYS N 81 -1.80 32.63 29.71
CA LYS N 81 -3.19 32.60 29.25
C LYS N 81 -3.64 31.20 28.88
N PHE N 82 -2.73 30.37 28.35
CA PHE N 82 -3.06 28.98 28.09
C PHE N 82 -3.31 28.22 29.37
N TYR N 83 -2.52 28.49 30.42
CA TYR N 83 -2.76 27.87 31.72
C TYR N 83 -4.05 28.38 32.35
N ASP N 84 -4.45 29.61 32.01
CA ASP N 84 -5.68 30.17 32.55
C ASP N 84 -6.92 29.56 31.89
N ASP N 85 -7.06 29.75 30.59
CA ASP N 85 -8.24 29.31 29.84
C ASP N 85 -7.82 28.49 28.62
N PRO N 86 -7.81 27.16 28.72
CA PRO N 86 -7.43 26.35 27.55
C PRO N 86 -8.48 26.35 26.45
N LYS N 87 -9.75 26.55 26.79
CA LYS N 87 -10.85 26.56 25.82
C LYS N 87 -11.27 27.98 25.46
N SER N 88 -10.31 28.89 25.37
CA SER N 88 -10.61 30.30 25.16
C SER N 88 -11.11 30.55 23.74
N ASN N 89 -11.80 31.68 23.58
CA ASN N 89 -12.41 32.02 22.30
C ASN N 89 -11.37 32.37 21.24
N ASP N 90 -10.32 33.11 21.63
CA ASP N 90 -9.32 33.54 20.68
C ASP N 90 -8.39 32.41 20.23
N GLY N 91 -8.44 31.26 20.89
CA GLY N 91 -7.63 30.12 20.49
C GLY N 91 -6.16 30.29 20.80
N ASN N 92 -5.84 30.52 22.07
CA ASN N 92 -4.44 30.62 22.47
C ASN N 92 -3.74 29.28 22.37
N SER N 93 -4.48 28.18 22.48
CA SER N 93 -3.89 26.85 22.58
C SER N 93 -3.20 26.44 21.28
N TYR N 94 -3.96 26.40 20.19
CA TYR N 94 -3.37 25.95 18.92
C TYR N 94 -2.40 26.97 18.36
N ARG N 95 -2.65 28.27 18.58
CA ARG N 95 -1.70 29.29 18.13
C ARG N 95 -0.38 29.15 18.86
N LEU N 96 -0.43 28.92 20.18
CA LEU N 96 0.80 28.69 20.95
C LEU N 96 1.51 27.44 20.49
N GLN N 97 0.76 26.37 20.21
CA GLN N 97 1.40 25.11 19.79
C GLN N 97 2.05 25.25 18.42
N ALA N 98 1.38 25.93 17.49
CA ALA N 98 1.94 26.13 16.16
C ALA N 98 3.18 27.02 16.21
N TRP N 99 3.13 28.10 17.01
CA TRP N 99 4.30 28.95 17.17
C TRP N 99 5.46 28.20 17.80
N LEU N 100 5.18 27.35 18.78
CA LEU N 100 6.24 26.60 19.44
C LEU N 100 6.82 25.54 18.53
N TYR N 101 5.99 24.92 17.67
CA TYR N 101 6.51 23.99 16.69
C TYR N 101 7.39 24.71 15.68
N ALA N 102 7.01 25.91 15.27
CA ALA N 102 7.85 26.68 14.34
C ALA N 102 9.18 27.05 14.98
N SER N 103 9.15 27.46 16.26
CA SER N 103 10.39 27.78 16.97
C SER N 103 11.27 26.54 17.15
N ARG N 104 10.66 25.40 17.43
CA ARG N 104 11.43 24.16 17.55
C ARG N 104 12.02 23.73 16.21
N LEU N 105 11.30 23.97 15.12
CA LEU N 105 11.85 23.70 13.79
C LEU N 105 13.05 24.59 13.50
N LEU N 106 12.98 25.86 13.89
CA LEU N 106 14.12 26.75 13.75
C LEU N 106 15.30 26.29 14.59
N GLN N 107 15.02 25.83 15.82
CA GLN N 107 16.08 25.32 16.69
C GLN N 107 16.72 24.08 16.12
N TYR N 108 15.91 23.17 15.56
CA TYR N 108 16.45 21.95 14.96
C TYR N 108 17.27 22.26 13.72
N ALA N 109 16.83 23.25 12.93
CA ALA N 109 17.61 23.66 11.76
C ALA N 109 18.96 24.24 12.18
N ASP N 110 18.97 25.08 13.22
CA ASP N 110 20.23 25.62 13.73
C ASP N 110 21.13 24.52 14.27
N ALA N 111 20.54 23.54 14.98
CA ALA N 111 21.32 22.44 15.52
C ALA N 111 21.92 21.58 14.42
N LEU N 112 21.15 21.30 13.36
CA LEU N 112 21.67 20.51 12.25
C LEU N 112 22.75 21.26 11.50
N GLU N 113 22.59 22.58 11.33
CA GLU N 113 23.62 23.38 10.68
C GLU N 113 24.91 23.38 11.50
N HIS N 114 24.79 23.53 12.82
CA HIS N 114 25.98 23.51 13.68
C HIS N 114 26.66 22.15 13.66
N LEU N 115 25.89 21.06 13.70
CA LEU N 115 26.47 19.72 13.65
C LEU N 115 27.15 19.46 12.31
N LEU N 116 26.53 19.90 11.21
CA LEU N 116 27.10 19.64 9.89
C LEU N 116 28.34 20.51 9.63
N SER N 117 28.37 21.73 10.17
CA SER N 117 29.49 22.63 9.91
C SER N 117 30.64 22.41 10.87
N THR N 118 30.40 22.57 12.17
CA THR N 118 31.47 22.50 13.16
C THR N 118 31.91 21.09 13.49
N GLY N 119 31.11 20.08 13.14
CA GLY N 119 31.47 18.70 13.43
C GLY N 119 31.29 18.29 14.88
N GLN N 120 30.69 19.14 15.71
CA GLN N 120 30.49 18.86 17.12
C GLN N 120 29.05 18.41 17.35
N GLY N 121 28.88 17.37 18.16
CA GLY N 121 27.55 16.88 18.46
C GLY N 121 26.74 17.87 19.27
N VAL N 122 25.41 17.70 19.20
CA VAL N 122 24.48 18.67 19.74
C VAL N 122 23.43 17.94 20.58
N VAL N 123 23.18 18.47 21.79
CA VAL N 123 22.17 17.95 22.69
C VAL N 123 21.01 18.93 22.74
N LEU N 124 19.80 18.43 22.52
CA LEU N 124 18.58 19.23 22.50
C LEU N 124 17.57 18.67 23.49
N GLU N 125 16.55 19.48 23.78
CA GLU N 125 15.43 19.07 24.62
C GLU N 125 14.14 19.27 23.84
N ARG N 126 13.35 18.20 23.72
CA ARG N 126 12.03 18.21 23.08
C ARG N 126 12.11 18.69 21.63
N SER N 127 12.76 17.87 20.81
CA SER N 127 12.94 18.18 19.39
C SER N 127 11.59 18.15 18.65
N ILE N 128 11.65 18.46 17.36
CA ILE N 128 10.44 18.53 16.54
C ILE N 128 9.79 17.18 16.31
N TYR N 129 10.49 16.09 16.60
CA TYR N 129 9.92 14.76 16.52
C TYR N 129 9.15 14.37 17.78
N SER N 130 9.16 15.23 18.80
CA SER N 130 8.47 14.97 20.06
C SER N 130 7.62 16.15 20.48
N ASP N 131 7.06 16.87 19.51
CA ASP N 131 6.18 18.00 19.82
C ASP N 131 4.70 17.65 19.71
N PHE N 132 4.34 16.74 18.80
CA PHE N 132 2.95 16.36 18.62
C PHE N 132 2.37 15.69 19.86
N VAL N 133 3.22 15.12 20.72
CA VAL N 133 2.77 14.54 21.98
C VAL N 133 2.16 15.59 22.89
N PHE N 134 2.49 16.87 22.70
CA PHE N 134 1.73 17.91 23.36
C PHE N 134 0.36 18.08 22.69
N LEU N 135 0.35 18.21 21.36
CA LEU N 135 -0.88 18.60 20.66
C LEU N 135 -1.95 17.53 20.77
N GLU N 136 -1.56 16.25 20.67
CA GLU N 136 -2.52 15.18 20.89
C GLU N 136 -3.05 15.21 22.32
N ALA N 137 -2.19 15.53 23.29
CA ALA N 137 -2.64 15.70 24.67
C ALA N 137 -3.62 16.85 24.80
N MET N 138 -3.59 17.82 23.89
CA MET N 138 -4.64 18.81 23.84
C MET N 138 -5.93 18.19 23.31
N TYR N 139 -5.85 17.43 22.21
CA TYR N 139 -7.05 16.98 21.52
C TYR N 139 -7.82 15.94 22.32
N ARG N 140 -7.11 15.09 23.06
CA ARG N 140 -7.81 14.15 23.93
C ARG N 140 -8.41 14.84 25.15
N GLN N 141 -7.99 16.06 25.47
CA GLN N 141 -8.61 16.84 26.54
C GLN N 141 -9.62 17.85 26.01
N GLY N 142 -9.86 17.87 24.70
CA GLY N 142 -10.81 18.81 24.13
C GLY N 142 -10.33 20.23 24.04
N PHE N 143 -9.01 20.46 24.10
CA PHE N 143 -8.49 21.82 24.10
C PHE N 143 -8.49 22.44 22.72
N ILE N 144 -8.62 21.64 21.66
CA ILE N 144 -8.64 22.11 20.28
C ILE N 144 -9.69 21.32 19.51
N ARG N 145 -9.84 21.64 18.23
CA ARG N 145 -10.79 20.97 17.36
C ARG N 145 -10.06 19.96 16.48
N LYS N 146 -10.82 19.28 15.61
CA LYS N 146 -10.24 18.31 14.69
C LYS N 146 -9.54 18.98 13.52
N GLN N 147 -10.06 20.13 13.07
CA GLN N 147 -9.44 20.85 11.95
C GLN N 147 -8.05 21.34 12.31
N CYS N 148 -7.86 21.80 13.55
CA CYS N 148 -6.53 22.17 14.02
C CYS N 148 -5.60 20.96 14.03
N VAL N 149 -6.13 19.80 14.41
CA VAL N 149 -5.32 18.58 14.46
C VAL N 149 -4.84 18.19 13.07
N ASP N 150 -5.75 18.19 12.08
CA ASP N 150 -5.32 17.80 10.74
C ASP N 150 -4.46 18.87 10.08
N HIS N 151 -4.66 20.15 10.42
CA HIS N 151 -3.76 21.18 9.92
C HIS N 151 -2.36 21.01 10.47
N TYR N 152 -2.24 20.69 11.77
CA TYR N 152 -0.94 20.41 12.36
C TYR N 152 -0.32 19.16 11.74
N ASN N 153 -1.15 18.16 11.42
CA ASN N 153 -0.65 16.96 10.77
C ASN N 153 -0.10 17.27 9.38
N GLN N 154 -0.81 18.13 8.62
CA GLN N 154 -0.32 18.54 7.30
C GLN N 154 0.99 19.32 7.40
N VAL N 155 1.08 20.22 8.39
CA VAL N 155 2.30 21.01 8.58
C VAL N 155 3.47 20.10 8.94
N LYS N 156 3.24 19.13 9.84
CA LYS N 156 4.30 18.20 10.21
C LYS N 156 4.70 17.31 9.04
N LYS N 157 3.72 16.88 8.22
CA LYS N 157 4.03 16.04 7.08
C LYS N 157 4.84 16.78 6.03
N VAL N 158 4.55 18.06 5.82
CA VAL N 158 5.32 18.81 4.82
C VAL N 158 6.62 19.38 5.36
N THR N 159 6.83 19.38 6.69
CA THR N 159 8.07 19.94 7.24
C THR N 159 9.08 18.89 7.67
N VAL N 160 8.64 17.80 8.32
CA VAL N 160 9.57 16.84 8.89
C VAL N 160 10.30 16.03 7.81
N CYS N 161 9.62 15.73 6.71
CA CYS N 161 10.08 14.76 5.72
C CYS N 161 11.37 15.17 4.98
N GLU N 162 11.90 16.37 5.23
CA GLU N 162 13.16 16.79 4.64
C GLU N 162 14.33 16.68 5.61
N TYR N 163 14.15 16.03 6.76
CA TYR N 163 15.18 15.98 7.79
C TYR N 163 15.36 14.55 8.28
N LEU N 164 16.42 14.35 9.06
CA LEU N 164 16.81 13.07 9.63
C LEU N 164 16.59 13.05 11.13
N PRO N 165 16.19 11.92 11.69
CA PRO N 165 15.96 11.84 13.14
C PRO N 165 17.28 11.86 13.91
N PRO N 166 17.25 12.19 15.20
CA PRO N 166 18.49 12.18 16.00
C PRO N 166 19.03 10.78 16.18
N HIS N 167 20.28 10.72 16.64
CA HIS N 167 20.96 9.44 16.82
C HIS N 167 20.37 8.67 18.00
N VAL N 168 20.46 9.24 19.21
CA VAL N 168 19.99 8.60 20.43
C VAL N 168 19.00 9.53 21.11
N VAL N 169 17.87 8.99 21.54
CA VAL N 169 16.89 9.73 22.33
C VAL N 169 16.87 9.14 23.73
N ILE N 170 16.60 9.99 24.72
CA ILE N 170 16.53 9.60 26.12
C ILE N 170 15.22 10.11 26.68
N TYR N 171 14.41 9.22 27.24
CA TYR N 171 13.13 9.58 27.84
C TYR N 171 13.20 9.32 29.34
N VAL N 172 12.90 10.35 30.13
CA VAL N 172 12.90 10.25 31.58
C VAL N 172 11.48 9.95 32.04
N ASP N 173 11.32 8.85 32.78
CA ASP N 173 10.00 8.39 33.20
C ASP N 173 9.69 8.96 34.58
N VAL N 174 8.85 9.99 34.61
CA VAL N 174 8.36 10.59 35.84
C VAL N 174 6.84 10.43 35.86
N PRO N 175 6.27 9.80 36.90
CA PRO N 175 4.81 9.59 36.92
C PRO N 175 4.02 10.87 37.15
N VAL N 176 2.69 10.76 37.13
CA VAL N 176 1.83 11.94 37.19
C VAL N 176 1.87 12.59 38.58
N SER N 177 1.85 11.78 39.63
CA SER N 177 1.86 12.31 40.99
C SER N 177 3.17 13.01 41.31
N GLU N 178 4.29 12.44 40.86
CA GLU N 178 5.60 13.09 41.05
C GLU N 178 5.66 14.41 40.29
N VAL N 179 5.10 14.43 39.06
CA VAL N 179 5.11 15.65 38.26
C VAL N 179 4.27 16.74 38.94
N GLN N 180 3.10 16.37 39.46
CA GLN N 180 2.25 17.34 40.15
C GLN N 180 2.90 17.83 41.43
N SER N 181 3.57 16.95 42.17
CA SER N 181 4.26 17.37 43.38
C SER N 181 5.43 18.29 43.07
N ARG N 182 6.17 18.01 41.99
CA ARG N 182 7.27 18.87 41.59
C ARG N 182 6.76 20.23 41.13
N ILE N 183 5.61 20.27 40.45
CA ILE N 183 4.99 21.52 40.07
C ILE N 183 4.58 22.31 41.31
N GLN N 184 4.01 21.61 42.30
CA GLN N 184 3.60 22.26 43.55
C GLN N 184 4.79 22.84 44.30
N LYS N 185 5.90 22.11 44.35
CA LYS N 185 7.09 22.59 45.05
C LYS N 185 7.90 23.58 44.23
N LYS N 186 7.64 23.70 42.92
CA LYS N 186 8.39 24.64 42.10
C LYS N 186 8.02 26.09 42.45
N GLY N 187 6.74 26.36 42.63
CA GLY N 187 6.30 27.66 43.09
C GLY N 187 5.84 28.62 42.02
N ASN N 188 5.63 28.17 40.78
CA ASN N 188 5.09 29.02 39.74
C ASN N 188 3.65 29.36 40.07
N PRO N 189 3.26 30.64 40.13
CA PRO N 189 1.89 30.98 40.55
C PRO N 189 0.79 30.58 39.56
N HIS N 190 1.14 30.15 38.35
CA HIS N 190 0.13 29.86 37.33
C HIS N 190 0.21 28.43 36.81
N GLU N 191 1.06 27.57 37.39
CA GLU N 191 1.28 26.25 36.83
C GLU N 191 0.39 25.17 37.43
N MET N 192 -0.26 25.43 38.57
CA MET N 192 -1.17 24.44 39.13
C MET N 192 -2.54 24.43 38.44
N LYS N 193 -2.82 25.39 37.56
CA LYS N 193 -4.14 25.50 36.98
C LYS N 193 -4.44 24.41 35.95
N ILE N 194 -3.43 23.71 35.47
CA ILE N 194 -3.67 22.59 34.56
C ILE N 194 -4.13 21.39 35.35
N THR N 195 -5.09 20.65 34.78
CA THR N 195 -5.51 19.41 35.40
C THR N 195 -4.43 18.35 35.25
N SER N 196 -4.45 17.38 36.17
CA SER N 196 -3.52 16.25 36.07
C SER N 196 -3.86 15.34 34.91
N ALA N 197 -5.07 15.46 34.35
CA ALA N 197 -5.42 14.70 33.15
C ALA N 197 -4.56 15.11 31.96
N TYR N 198 -4.11 16.37 31.91
CA TYR N 198 -3.22 16.79 30.83
C TYR N 198 -1.86 16.10 30.93
N LEU N 199 -1.31 16.00 32.15
CA LEU N 199 -0.04 15.29 32.34
C LEU N 199 -0.20 13.80 32.07
N GLN N 200 -1.34 13.22 32.49
CA GLN N 200 -1.61 11.83 32.20
C GLN N 200 -1.73 11.58 30.70
N ASP N 201 -2.33 12.53 29.97
CA ASP N 201 -2.44 12.41 28.52
C ASP N 201 -1.09 12.55 27.85
N ILE N 202 -0.23 13.43 28.37
CA ILE N 202 1.13 13.56 27.84
C ILE N 202 1.89 12.25 28.02
N GLU N 203 1.78 11.65 29.20
CA GLU N 203 2.44 10.38 29.46
C GLU N 203 1.87 9.26 28.59
N ASN N 204 0.55 9.26 28.37
CA ASN N 204 -0.08 8.22 27.57
C ASN N 204 0.34 8.32 26.10
N VAL N 205 0.38 9.53 25.56
CA VAL N 205 0.84 9.70 24.18
C VAL N 205 2.33 9.38 24.08
N TYR N 206 3.11 9.67 25.12
CA TYR N 206 4.53 9.33 25.13
C TYR N 206 4.74 7.82 25.06
N LYS N 207 4.08 7.08 25.95
CA LYS N 207 4.27 5.64 26.03
C LYS N 207 3.41 4.85 25.06
N GLY N 208 2.56 5.51 24.28
CA GLY N 208 1.71 4.81 23.34
C GLY N 208 2.04 5.07 21.89
N THR N 209 2.57 6.26 21.61
CA THR N 209 2.84 6.67 20.23
C THR N 209 4.30 6.99 19.97
N PHE N 210 4.97 7.66 20.91
CA PHE N 210 6.34 8.11 20.68
C PHE N 210 7.32 6.94 20.74
N LEU N 211 7.34 6.23 21.88
CA LEU N 211 8.23 5.08 22.04
C LEU N 211 8.06 3.96 21.02
N PRO N 212 6.86 3.56 20.58
CA PRO N 212 6.79 2.47 19.58
C PRO N 212 7.41 2.80 18.23
N GLU N 213 7.62 4.07 17.89
CA GLU N 213 8.31 4.40 16.65
C GLU N 213 9.75 4.86 16.85
N MET N 214 10.08 5.42 18.03
CA MET N 214 11.49 5.67 18.32
C MET N 214 12.23 4.45 18.83
N SER N 215 11.54 3.33 19.04
CA SER N 215 12.24 2.06 19.19
C SER N 215 12.64 1.47 17.85
N GLU N 216 12.22 2.07 16.74
CA GLU N 216 12.51 1.59 15.40
C GLU N 216 13.36 2.55 14.59
N LYS N 217 12.96 3.81 14.51
CA LYS N 217 13.62 4.73 13.59
C LYS N 217 14.90 5.34 14.15
N CYS N 218 15.21 5.13 15.42
CA CYS N 218 16.42 5.68 16.03
C CYS N 218 16.76 4.83 17.25
N GLU N 219 17.82 5.23 17.95
CA GLU N 219 18.23 4.58 19.19
C GLU N 219 17.51 5.22 20.37
N VAL N 220 17.05 4.40 21.30
CA VAL N 220 16.21 4.84 22.39
C VAL N 220 16.79 4.34 23.71
N LEU N 221 16.78 5.22 24.72
CA LEU N 221 17.11 4.85 26.09
C LEU N 221 16.01 5.35 27.01
N GLN N 222 15.75 4.60 28.07
CA GLN N 222 14.68 4.94 29.01
C GLN N 222 15.22 4.87 30.43
N TYR N 223 14.85 5.86 31.25
CA TYR N 223 15.31 5.95 32.63
C TYR N 223 14.15 6.38 33.52
N SER N 224 14.23 6.00 34.79
CA SER N 224 13.24 6.39 35.78
C SER N 224 13.61 7.76 36.35
N ALA N 225 12.94 8.16 37.43
CA ALA N 225 13.14 9.49 37.99
C ALA N 225 14.51 9.62 38.66
N TRP N 226 14.86 8.65 39.52
CA TRP N 226 16.10 8.75 40.27
C TRP N 226 17.32 8.41 39.43
N GLU N 227 17.17 7.56 38.41
CA GLU N 227 18.30 7.20 37.58
C GLU N 227 18.72 8.31 36.61
N ALA N 228 17.92 9.37 36.49
CA ALA N 228 18.32 10.51 35.69
C ALA N 228 19.42 11.32 36.36
N GLU N 229 19.53 11.26 37.69
CA GLU N 229 20.56 12.02 38.40
C GLU N 229 21.95 11.47 38.13
N ASP N 230 22.07 10.15 38.00
CA ASP N 230 23.38 9.50 37.84
C ASP N 230 23.87 9.76 36.42
N ALA N 231 24.67 10.82 36.25
CA ALA N 231 25.12 11.21 34.92
C ALA N 231 26.14 10.24 34.34
N GLU N 232 26.99 9.65 35.18
CA GLU N 232 28.04 8.77 34.67
C GLU N 232 27.45 7.49 34.07
N LYS N 233 26.37 6.97 34.66
CA LYS N 233 25.72 5.80 34.09
C LYS N 233 25.11 6.11 32.74
N VAL N 234 24.48 7.30 32.61
CA VAL N 234 23.86 7.68 31.34
C VAL N 234 24.91 7.87 30.26
N VAL N 235 26.02 8.54 30.59
CA VAL N 235 27.04 8.77 29.56
C VAL N 235 27.80 7.48 29.21
N GLU N 236 27.93 6.56 30.18
CA GLU N 236 28.52 5.26 29.87
C GLU N 236 27.58 4.43 28.99
N ASP N 237 26.27 4.56 29.22
CA ASP N 237 25.32 3.83 28.38
C ASP N 237 25.27 4.38 26.97
N ILE N 238 25.33 5.71 26.81
CA ILE N 238 25.27 6.26 25.46
C ILE N 238 26.61 6.12 24.75
N GLN N 239 27.73 6.03 25.48
CA GLN N 239 29.02 5.88 24.83
C GLN N 239 29.33 4.44 24.44
N TYR N 240 28.56 3.48 24.93
CA TYR N 240 28.74 2.07 24.61
C TYR N 240 27.60 1.54 23.75
N LEU N 241 27.12 2.36 22.83
CA LEU N 241 25.99 2.01 21.98
C LEU N 241 26.47 1.54 20.62
N LYS N 242 25.65 0.71 19.97
CA LYS N 242 25.93 0.17 18.64
C LYS N 242 24.87 0.70 17.68
N TYR N 243 25.24 1.70 16.88
CA TYR N 243 24.31 2.34 15.96
C TYR N 243 24.13 1.46 14.74
N ASP N 244 22.93 0.92 14.55
CA ASP N 244 22.63 0.11 13.38
C ASP N 244 21.34 0.60 12.73
N LYS N 245 20.46 1.20 13.53
CA LYS N 245 19.20 1.73 13.04
C LYS N 245 19.33 3.21 12.70
N GLY N 246 18.31 3.73 12.03
CA GLY N 246 18.29 5.12 11.65
C GLY N 246 18.93 5.35 10.29
N PRO N 247 18.47 6.38 9.58
CA PRO N 247 19.02 6.68 8.25
C PRO N 247 20.31 7.47 8.26
N TRP N 248 20.95 7.63 9.42
CA TRP N 248 22.27 8.26 9.48
C TRP N 248 23.35 7.36 8.91
N LEU N 249 23.08 6.06 8.75
CA LEU N 249 24.08 5.15 8.22
C LEU N 249 24.32 5.40 6.73
N ASP N 250 23.26 5.55 5.96
CA ASP N 250 23.37 5.72 4.51
C ASP N 250 23.34 7.20 4.14
N GLN N 251 24.35 7.92 4.60
CA GLN N 251 24.52 9.33 4.30
C GLN N 251 25.88 9.54 3.66
N ASP N 252 25.88 9.88 2.37
CA ASP N 252 27.11 10.22 1.66
C ASP N 252 27.38 11.71 1.78
N ASP N 253 28.43 12.16 1.10
CA ASP N 253 28.79 13.58 1.15
C ASP N 253 27.79 14.45 0.39
N ARG N 254 27.19 13.89 -0.67
CA ARG N 254 26.26 14.67 -1.49
C ARG N 254 24.97 14.97 -0.73
N LYS N 255 24.40 13.96 -0.05
CA LYS N 255 23.16 14.16 0.69
C LYS N 255 23.36 15.10 1.86
N LEU N 256 24.48 14.96 2.58
CA LEU N 256 24.75 15.86 3.69
C LEU N 256 25.05 17.28 3.20
N HIS N 257 25.68 17.41 2.03
CA HIS N 257 25.88 18.73 1.44
C HIS N 257 24.57 19.38 1.06
N ASN N 258 23.64 18.60 0.48
CA ASN N 258 22.31 19.12 0.17
C ASN N 258 21.56 19.52 1.44
N LEU N 259 21.71 18.73 2.50
CA LEU N 259 21.09 19.07 3.79
C LEU N 259 21.68 20.37 4.35
N ARG N 260 23.00 20.53 4.24
CA ARG N 260 23.64 21.76 4.70
C ARG N 260 23.20 22.97 3.89
N MET N 261 23.00 22.80 2.58
CA MET N 261 22.48 23.88 1.75
C MET N 261 21.05 24.22 2.15
N LEU N 262 20.24 23.21 2.47
CA LEU N 262 18.83 23.47 2.78
C LEU N 262 18.64 24.08 4.17
N VAL N 263 19.50 23.73 5.13
CA VAL N 263 19.34 24.29 6.49
C VAL N 263 19.98 25.65 6.66
N GLN N 264 20.77 26.11 5.69
CA GLN N 264 21.36 27.44 5.77
C GLN N 264 20.47 28.52 5.17
N ASP N 265 19.34 28.14 4.58
CA ASP N 265 18.34 29.09 4.09
C ASP N 265 17.16 29.03 5.06
N LYS N 266 17.10 30.01 5.98
CA LYS N 266 16.07 29.99 7.01
C LYS N 266 14.68 30.20 6.42
N LEU N 267 14.56 30.88 5.28
CA LEU N 267 13.28 30.97 4.61
C LEU N 267 12.84 29.62 4.06
N GLU N 268 13.79 28.84 3.56
CA GLU N 268 13.46 27.53 2.98
C GLU N 268 13.02 26.54 4.04
N VAL N 269 13.56 26.65 5.25
CA VAL N 269 13.14 25.78 6.34
C VAL N 269 11.69 26.04 6.72
N LEU N 270 11.31 27.31 6.82
CA LEU N 270 9.99 27.71 7.29
C LEU N 270 9.04 28.09 6.16
N ASN N 271 9.38 27.71 4.92
CA ASN N 271 8.51 28.07 3.79
C ASN N 271 7.19 27.31 3.84
N TYR N 272 7.23 26.02 4.19
CA TYR N 272 6.04 25.20 4.22
C TYR N 272 5.37 25.16 5.59
N THR N 273 5.91 25.86 6.59
CA THR N 273 5.28 25.89 7.91
C THR N 273 3.95 26.62 7.86
N SER N 274 3.95 27.82 7.28
CA SER N 274 2.75 28.65 7.22
C SER N 274 2.10 28.52 5.84
N ILE N 275 1.56 27.34 5.59
CA ILE N 275 0.84 27.05 4.35
C ILE N 275 -0.45 27.85 4.34
N PRO N 276 -0.97 28.25 3.18
CA PRO N 276 -2.24 29.01 3.17
C PRO N 276 -3.46 28.15 3.43
N VAL N 277 -3.59 27.69 4.68
CA VAL N 277 -4.79 27.01 5.15
C VAL N 277 -5.42 27.91 6.19
N PHE N 278 -6.65 28.35 5.93
CA PHE N 278 -7.28 29.39 6.73
C PHE N 278 -8.07 28.74 7.86
N LEU N 279 -7.41 28.58 9.01
CA LEU N 279 -8.02 28.14 10.23
C LEU N 279 -8.12 29.33 11.18
N PRO N 280 -9.31 29.62 11.71
CA PRO N 280 -9.53 30.91 12.41
C PRO N 280 -8.74 31.10 13.71
N GLU N 281 -7.91 30.14 14.11
CA GLU N 281 -7.06 30.33 15.27
C GLU N 281 -5.68 30.88 14.90
N VAL N 282 -5.29 30.83 13.63
CA VAL N 282 -3.96 31.27 13.23
C VAL N 282 -3.98 32.35 12.17
N THR N 283 -5.07 32.53 11.42
CA THR N 283 -5.09 33.55 10.38
C THR N 283 -5.39 34.92 10.99
N ILE N 284 -4.67 35.93 10.52
CA ILE N 284 -4.88 37.32 10.93
C ILE N 284 -5.09 38.15 9.67
N GLY N 285 -6.07 39.04 9.72
CA GLY N 285 -6.44 39.83 8.56
C GLY N 285 -5.38 40.83 8.15
N ALA N 286 -5.72 41.58 7.09
CA ALA N 286 -4.74 42.47 6.46
C ALA N 286 -4.40 43.66 7.34
N HIS N 287 -5.37 44.19 8.09
CA HIS N 287 -5.14 45.43 8.84
C HIS N 287 -4.16 45.23 9.99
N GLN N 288 -4.37 44.19 10.80
CA GLN N 288 -3.47 43.94 11.93
C GLN N 288 -2.08 43.53 11.45
N SER N 289 -2.02 42.71 10.39
CA SER N 289 -0.73 42.31 9.84
C SER N 289 0.04 43.51 9.30
N ASP N 290 -0.65 44.41 8.59
CA ASP N 290 -0.02 45.62 8.08
C ASP N 290 0.46 46.51 9.22
N ARG N 291 -0.36 46.67 10.27
CA ARG N 291 0.01 47.53 11.39
C ARG N 291 1.22 46.97 12.14
N VAL N 292 1.21 45.67 12.43
CA VAL N 292 2.33 45.10 13.19
C VAL N 292 3.58 44.98 12.32
N PHE N 293 3.42 44.86 10.99
CA PHE N 293 4.59 44.84 10.12
C PHE N 293 5.23 46.22 10.03
N GLN N 294 4.41 47.27 9.92
CA GLN N 294 4.94 48.62 9.90
C GLN N 294 5.51 49.02 11.25
N GLU N 295 5.01 48.44 12.34
CA GLU N 295 5.60 48.69 13.64
C GLU N 295 6.92 47.94 13.82
N PHE N 296 7.03 46.73 13.26
CA PHE N 296 8.24 45.94 13.40
C PHE N 296 9.35 46.56 12.53
N THR N 297 8.98 47.10 11.37
CA THR N 297 9.96 47.77 10.51
C THR N 297 10.55 49.00 11.19
N GLU N 298 9.81 49.62 12.11
CA GLU N 298 10.33 50.77 12.86
C GLU N 298 11.20 50.38 14.04
N LEU N 299 11.32 49.08 14.36
CA LEU N 299 12.19 48.67 15.44
C LEU N 299 13.66 48.88 15.06
N PRO N 300 14.51 49.23 16.03
CA PRO N 300 15.94 49.37 15.73
C PRO N 300 16.58 48.04 15.37
N GLY N 301 17.48 48.08 14.39
CA GLY N 301 18.18 46.90 13.94
C GLY N 301 17.41 46.02 12.98
N ARG N 302 16.16 46.37 12.65
CA ARG N 302 15.31 45.52 11.83
C ARG N 302 14.77 46.19 10.58
N LYS N 303 15.07 47.48 10.36
CA LYS N 303 14.53 48.16 9.19
C LYS N 303 15.19 47.68 7.91
N TYR N 304 16.49 47.35 7.98
CA TYR N 304 17.22 46.87 6.82
C TYR N 304 17.92 45.56 7.16
N ARG N 305 18.84 45.13 6.30
CA ARG N 305 19.65 43.96 6.59
C ARG N 305 20.58 44.24 7.77
N ALA N 306 21.18 43.18 8.31
CA ALA N 306 21.97 43.29 9.53
C ALA N 306 23.23 44.12 9.35
N GLY N 307 23.75 44.20 8.13
CA GLY N 307 24.92 45.01 7.88
C GLY N 307 24.65 46.40 7.37
N TYR N 308 23.40 46.85 7.34
CA TYR N 308 23.03 48.08 6.64
C TYR N 308 22.07 48.91 7.47
N ASN N 309 22.35 49.06 8.76
CA ASN N 309 21.52 49.89 9.64
C ASN N 309 22.38 51.04 10.17
N GLU N 310 22.04 52.27 9.77
CA GLU N 310 22.78 53.43 10.23
C GLU N 310 22.45 53.76 11.68
N ASP N 311 21.19 53.57 12.08
CA ASP N 311 20.74 53.98 13.41
C ASP N 311 21.32 53.12 14.53
N VAL N 312 21.90 51.96 14.21
CA VAL N 312 22.56 51.14 15.23
C VAL N 312 24.07 51.28 15.20
N GLY N 313 24.62 52.00 14.23
CA GLY N 313 26.05 52.26 14.20
C GLY N 313 26.86 51.34 13.32
N ASP N 314 26.42 51.15 12.08
CA ASP N 314 27.18 50.39 11.10
C ASP N 314 27.86 51.36 10.13
N LYS N 315 29.17 51.20 9.95
CA LYS N 315 29.97 52.09 9.14
C LYS N 315 30.25 51.47 7.78
N TRP N 316 30.67 52.32 6.83
CA TRP N 316 30.92 51.95 5.43
C TRP N 316 29.70 51.30 4.79
N ILE N 317 28.52 51.85 5.07
CA ILE N 317 27.30 51.37 4.43
C ILE N 317 27.29 51.71 2.95
N TRP N 318 27.96 52.80 2.56
CA TRP N 318 27.98 53.25 1.17
C TRP N 318 29.05 52.56 0.32
N LEU N 319 29.82 51.65 0.90
CA LEU N 319 30.86 50.93 0.17
C LEU N 319 30.61 49.43 0.18
N LYS N 320 29.35 49.02 0.31
CA LYS N 320 29.00 47.60 0.32
C LYS N 320 27.98 47.28 -0.77
N PRO O 1 18.01 31.36 -35.24
CA PRO O 1 18.78 31.79 -36.40
C PRO O 1 19.83 30.78 -36.85
N PHE O 2 20.63 31.17 -37.84
CA PHE O 2 21.63 30.29 -38.43
C PHE O 2 23.01 30.91 -38.20
N PHE O 3 23.65 30.52 -37.11
CA PHE O 3 24.99 30.99 -36.79
C PHE O 3 26.01 30.19 -37.58
N ASP O 4 26.88 30.87 -38.31
CA ASP O 4 27.90 30.21 -39.12
C ASP O 4 29.24 30.30 -38.41
N VAL O 5 29.46 29.40 -37.46
CA VAL O 5 30.75 29.30 -36.79
C VAL O 5 31.81 28.75 -37.74
N GLN O 6 31.43 27.76 -38.56
CA GLN O 6 32.36 27.11 -39.47
C GLN O 6 32.93 28.08 -40.49
N LYS O 7 32.08 28.94 -41.04
CA LYS O 7 32.55 29.98 -41.94
C LYS O 7 33.30 31.08 -41.21
N LYS O 8 33.06 31.24 -39.91
CA LYS O 8 33.73 32.28 -39.14
C LYS O 8 35.18 31.90 -38.84
N LEU O 9 35.39 30.80 -38.12
CA LEU O 9 36.74 30.40 -37.74
C LEU O 9 37.42 29.49 -38.76
N GLY O 10 36.76 29.20 -39.88
CA GLY O 10 37.38 28.49 -40.98
C GLY O 10 37.77 27.04 -40.72
N VAL O 11 36.89 26.28 -40.06
CA VAL O 11 37.13 24.87 -39.79
C VAL O 11 35.94 24.08 -40.32
N ASP O 12 36.23 23.04 -41.11
CA ASP O 12 35.19 22.17 -41.64
C ASP O 12 34.75 21.18 -40.57
N LEU O 13 33.44 21.01 -40.42
CA LEU O 13 32.88 19.98 -39.56
C LEU O 13 31.99 19.01 -40.33
N ASP O 14 31.08 19.52 -41.17
CA ASP O 14 30.15 18.65 -41.88
C ASP O 14 29.90 19.10 -43.32
N HIS O 15 30.80 19.90 -43.92
CA HIS O 15 30.61 20.29 -45.31
C HIS O 15 30.85 19.15 -46.29
N TRP O 16 31.67 18.16 -45.90
CA TRP O 16 32.01 17.06 -46.80
C TRP O 16 30.84 16.08 -46.98
N MET O 17 30.07 15.83 -45.91
CA MET O 17 28.93 14.93 -46.02
C MET O 17 27.71 15.60 -46.65
N THR O 18 27.71 16.93 -46.75
CA THR O 18 26.48 17.68 -47.02
C THR O 18 25.90 17.36 -48.40
N ILE O 19 26.73 17.29 -49.43
CA ILE O 19 26.25 17.03 -50.79
C ILE O 19 26.77 15.70 -51.27
N GLN O 20 26.04 15.12 -52.23
CA GLN O 20 26.42 13.83 -52.79
C GLN O 20 27.60 13.95 -53.75
N SER O 21 27.75 15.10 -54.40
CA SER O 21 28.82 15.33 -55.36
C SER O 21 30.12 15.78 -54.71
N ALA O 22 30.23 15.72 -53.39
CA ALA O 22 31.44 16.15 -52.70
C ALA O 22 32.53 15.09 -52.84
N GLU O 23 33.71 15.39 -52.30
CA GLU O 23 34.83 14.47 -52.36
C GLU O 23 34.60 13.30 -51.41
N GLN O 24 34.84 12.09 -51.90
CA GLN O 24 34.65 10.85 -51.17
C GLN O 24 35.90 10.00 -51.33
N PRO O 25 36.15 9.06 -50.42
CA PRO O 25 37.37 8.24 -50.51
C PRO O 25 37.43 7.41 -51.78
N HIS O 26 38.62 7.38 -52.38
CA HIS O 26 38.94 6.71 -53.64
C HIS O 26 38.12 7.21 -54.82
N ARG O 27 37.51 8.40 -54.68
CA ARG O 27 36.82 9.10 -55.77
C ARG O 27 35.73 8.24 -56.42
N ILE O 28 34.98 7.52 -55.59
CA ILE O 28 33.92 6.63 -56.07
C ILE O 28 32.76 7.49 -56.55
N PRO O 29 32.37 7.37 -57.82
CA PRO O 29 31.30 8.22 -58.35
C PRO O 29 29.92 7.74 -57.95
N ALA O 30 29.04 8.71 -57.74
CA ALA O 30 27.63 8.40 -57.51
C ALA O 30 26.94 8.17 -58.86
N ARG O 31 25.67 7.79 -58.80
CA ARG O 31 24.91 7.59 -60.03
C ARG O 31 24.62 8.91 -60.73
N CYS O 32 24.42 9.98 -59.96
CA CYS O 32 24.04 11.27 -60.54
C CYS O 32 25.03 12.36 -60.17
N HIS O 33 26.32 12.06 -60.29
CA HIS O 33 27.34 13.05 -59.96
C HIS O 33 27.33 14.23 -60.93
N ALA O 34 27.23 13.94 -62.24
CA ALA O 34 27.24 15.00 -63.24
C ALA O 34 25.99 15.87 -63.17
N PHE O 35 24.83 15.25 -62.96
CA PHE O 35 23.58 16.00 -62.85
C PHE O 35 23.60 16.94 -61.66
N GLU O 36 24.08 16.45 -60.51
CA GLU O 36 24.16 17.30 -59.33
C GLU O 36 25.21 18.40 -59.50
N LYS O 37 26.32 18.07 -60.16
CA LYS O 37 27.35 19.08 -60.44
C LYS O 37 26.79 20.21 -61.31
N GLU O 38 26.06 19.85 -62.36
CA GLU O 38 25.48 20.87 -63.23
C GLU O 38 24.38 21.66 -62.51
N TRP O 39 23.59 20.99 -61.66
CA TRP O 39 22.54 21.70 -60.93
C TRP O 39 23.13 22.68 -59.93
N ILE O 40 24.20 22.30 -59.23
CA ILE O 40 24.82 23.20 -58.28
C ILE O 40 25.50 24.36 -58.99
N GLU O 41 26.17 24.09 -60.11
CA GLU O 41 26.78 25.18 -60.87
C GLU O 41 25.75 26.07 -61.53
N CYS O 42 24.54 25.57 -61.78
CA CYS O 42 23.44 26.44 -62.22
C CYS O 42 22.93 27.29 -61.08
N ALA O 43 22.80 26.73 -59.88
CA ALA O 43 22.12 27.36 -58.77
C ALA O 43 23.08 27.86 -57.70
N HIS O 44 24.23 28.41 -58.07
CA HIS O 44 25.20 28.92 -57.12
C HIS O 44 25.19 30.45 -57.14
N GLY O 45 24.95 31.05 -55.98
CA GLY O 45 25.10 32.48 -55.82
C GLY O 45 24.05 33.34 -56.48
N ILE O 46 22.94 32.76 -56.91
CA ILE O 46 21.88 33.51 -57.58
C ILE O 46 20.60 33.57 -56.77
N GLY O 47 20.56 32.93 -55.61
CA GLY O 47 19.35 32.96 -54.80
C GLY O 47 18.44 31.78 -55.08
N SER O 48 17.69 31.40 -54.05
CA SER O 48 16.84 30.22 -54.15
C SER O 48 15.64 30.47 -55.07
N ILE O 49 15.11 31.69 -55.06
CA ILE O 49 13.94 32.00 -55.90
C ILE O 49 14.31 31.96 -57.37
N ARG O 50 15.40 32.61 -57.75
CA ARG O 50 15.85 32.54 -59.13
C ARG O 50 16.41 31.16 -59.48
N ALA O 51 16.88 30.40 -58.50
CA ALA O 51 17.32 29.04 -58.76
C ALA O 51 16.15 28.13 -59.09
N GLU O 52 15.05 28.24 -58.35
CA GLU O 52 13.88 27.42 -58.61
C GLU O 52 13.03 27.95 -59.75
N LYS O 53 13.26 29.19 -60.20
CA LYS O 53 12.55 29.71 -61.36
C LYS O 53 13.33 29.58 -62.66
N GLU O 54 14.66 29.57 -62.60
CA GLU O 54 15.50 29.60 -63.80
C GLU O 54 16.21 28.28 -64.08
N CYS O 55 16.63 27.55 -63.05
CA CYS O 55 17.33 26.28 -63.22
C CYS O 55 16.41 25.09 -62.97
N LYS O 56 15.15 25.20 -63.39
CA LYS O 56 14.19 24.12 -63.17
C LYS O 56 14.51 22.89 -63.99
N ILE O 57 15.08 23.07 -65.18
CA ILE O 57 15.36 21.94 -66.06
C ILE O 57 16.48 21.07 -65.49
N GLU O 58 17.53 21.68 -64.94
CA GLU O 58 18.63 20.91 -64.36
C GLU O 58 18.18 20.16 -63.11
N PHE O 59 17.37 20.82 -62.26
CA PHE O 59 16.88 20.15 -61.07
C PHE O 59 15.91 19.03 -61.41
N GLU O 60 15.09 19.23 -62.46
CA GLU O 60 14.18 18.17 -62.89
C GLU O 60 14.96 16.99 -63.45
N ASP O 61 16.04 17.24 -64.19
CA ASP O 61 16.89 16.16 -64.68
C ASP O 61 17.56 15.42 -63.53
N PHE O 62 18.00 16.16 -62.50
CA PHE O 62 18.61 15.53 -61.34
C PHE O 62 17.58 14.67 -60.58
N ARG O 63 16.35 15.17 -60.45
CA ARG O 63 15.30 14.40 -59.79
C ARG O 63 14.94 13.16 -60.59
N GLU O 64 14.94 13.26 -61.93
CA GLU O 64 14.69 12.09 -62.76
C GLU O 64 15.84 11.09 -62.68
N CYS O 65 17.07 11.57 -62.50
CA CYS O 65 18.19 10.66 -62.28
C CYS O 65 18.07 9.95 -60.93
N LEU O 66 17.63 10.67 -59.90
CA LEU O 66 17.53 10.07 -58.58
C LEU O 66 16.38 9.07 -58.50
N LEU O 67 15.21 9.45 -59.02
CA LEU O 67 14.00 8.65 -58.84
C LEU O 67 13.77 7.64 -59.97
N ARG O 68 14.09 8.03 -61.20
CA ARG O 68 13.89 7.22 -62.41
C ARG O 68 12.42 6.82 -62.57
N GLN O 69 11.58 7.84 -62.74
CA GLN O 69 10.14 7.65 -62.87
C GLN O 69 9.72 7.50 -64.33
N LYS O 70 10.23 8.38 -65.19
CA LYS O 70 9.89 8.32 -66.61
C LYS O 70 10.46 7.06 -67.25
N THR O 71 11.65 6.65 -66.84
CA THR O 71 12.21 5.39 -67.33
C THR O 71 11.39 4.20 -66.86
N MET O 72 10.89 4.25 -65.62
CA MET O 72 9.97 3.24 -65.12
C MET O 72 8.72 3.15 -65.98
N LYS O 73 8.10 4.30 -66.27
CA LYS O 73 6.89 4.31 -67.07
C LYS O 73 7.13 3.82 -68.49
N ARG O 74 8.25 4.21 -69.09
CA ARG O 74 8.59 3.80 -70.45
C ARG O 74 8.82 2.29 -70.51
N LEU O 75 9.62 1.75 -69.58
CA LEU O 75 9.89 0.32 -69.58
C LEU O 75 8.66 -0.50 -69.25
N ASN O 76 7.80 0.00 -68.35
CA ASN O 76 6.56 -0.70 -68.04
C ASN O 76 5.63 -0.72 -69.23
N ALA O 77 5.52 0.38 -69.97
CA ALA O 77 4.70 0.41 -71.17
C ALA O 77 5.23 -0.54 -72.23
N ILE O 78 6.55 -0.60 -72.40
CA ILE O 78 7.15 -1.50 -73.38
C ILE O 78 6.89 -2.96 -73.01
N LYS O 79 7.05 -3.30 -71.73
CA LYS O 79 6.84 -4.67 -71.27
C LYS O 79 5.36 -5.06 -71.37
N ARG O 80 4.45 -4.13 -71.05
CA ARG O 80 3.03 -4.42 -71.17
C ARG O 80 2.63 -4.63 -72.63
N GLN O 81 3.22 -3.84 -73.53
CA GLN O 81 2.97 -4.05 -74.96
C GLN O 81 3.51 -5.39 -75.43
N ARG O 82 4.68 -5.80 -74.92
CA ARG O 82 5.21 -7.12 -75.26
C ARG O 82 4.28 -8.23 -74.78
N ASP O 83 3.75 -8.10 -73.57
CA ASP O 83 2.82 -9.10 -73.05
C ASP O 83 1.53 -9.14 -73.87
N LYS O 84 1.03 -7.97 -74.28
CA LYS O 84 -0.16 -7.95 -75.13
C LYS O 84 0.11 -8.58 -76.49
N LEU O 85 1.25 -8.24 -77.11
CA LEU O 85 1.54 -8.77 -78.43
C LEU O 85 1.86 -10.25 -78.40
N ILE O 86 2.30 -10.77 -77.26
CA ILE O 86 2.40 -12.22 -77.11
C ILE O 86 1.04 -12.83 -76.76
N LYS O 87 0.08 -12.03 -76.28
CA LYS O 87 -1.28 -12.54 -76.09
C LYS O 87 -1.97 -12.77 -77.43
N GLU O 88 -2.01 -11.74 -78.29
CA GLU O 88 -2.56 -12.03 -79.62
C GLU O 88 -1.56 -12.68 -80.57
N GLY O 89 -0.30 -12.80 -80.19
CA GLY O 89 0.66 -13.60 -80.93
C GLY O 89 1.00 -13.13 -82.33
N LYS O 90 1.20 -11.83 -82.51
CA LYS O 90 1.60 -11.29 -83.81
C LYS O 90 3.11 -11.20 -83.97
N TYR O 91 3.84 -11.14 -82.87
CA TYR O 91 5.29 -10.96 -82.90
C TYR O 91 5.92 -11.92 -81.90
N THR O 92 7.09 -12.47 -82.27
CA THR O 92 7.82 -13.37 -81.40
C THR O 92 9.19 -12.78 -81.06
N PRO O 93 9.67 -12.98 -79.84
CA PRO O 93 10.95 -12.41 -79.45
C PRO O 93 12.10 -13.05 -80.21
N PRO O 94 13.15 -12.29 -80.51
CA PRO O 94 14.30 -12.86 -81.23
C PRO O 94 15.12 -13.75 -80.32
N PRO O 95 15.98 -14.62 -80.89
CA PRO O 95 16.83 -15.47 -80.03
C PRO O 95 17.83 -14.72 -79.19
N HIS O 96 18.19 -13.47 -79.53
CA HIS O 96 19.20 -12.76 -78.76
C HIS O 96 18.65 -12.18 -77.45
N HIS O 97 17.34 -12.24 -77.23
CA HIS O 97 16.74 -11.85 -75.96
C HIS O 97 16.23 -13.05 -75.16
N SER O 98 16.79 -14.24 -75.41
CA SER O 98 16.39 -15.45 -74.72
C SER O 98 17.55 -16.23 -74.10
N GLY O 99 18.79 -15.86 -74.39
CA GLY O 99 19.93 -16.49 -73.76
C GLY O 99 20.69 -17.51 -74.60
N GLN O 100 20.50 -17.53 -75.91
CA GLN O 100 21.14 -18.50 -76.80
C GLN O 100 21.72 -17.83 -78.03
N GLU O 101 22.48 -16.76 -77.82
CA GLU O 101 22.93 -15.92 -78.91
C GLU O 101 24.43 -15.80 -79.07
N ASP O 102 25.22 -16.57 -78.30
CA ASP O 102 26.69 -16.51 -78.33
C ASP O 102 27.19 -15.09 -78.01
N LEU O 103 27.00 -14.72 -76.75
CA LEU O 103 27.28 -13.40 -76.18
C LEU O 103 28.65 -12.85 -76.56
N ARG O 104 28.77 -11.51 -76.55
CA ARG O 104 29.84 -10.81 -77.24
C ARG O 104 31.25 -11.22 -76.82
N PRO O 105 31.60 -11.32 -75.52
CA PRO O 105 32.97 -11.82 -75.33
C PRO O 105 33.04 -13.34 -75.29
N VAL P 1 56.03 9.30 -4.61
CA VAL P 1 55.85 8.91 -6.00
C VAL P 1 56.41 7.50 -6.20
N ALA P 2 57.17 7.02 -5.22
CA ALA P 2 57.78 5.70 -5.27
C ALA P 2 57.00 4.67 -4.45
N ALA P 3 56.63 5.02 -3.22
CA ALA P 3 55.86 4.10 -2.38
C ALA P 3 54.43 3.95 -2.89
N PHE P 4 53.86 5.02 -3.45
CA PHE P 4 52.50 4.94 -4.00
C PHE P 4 52.45 4.04 -5.22
N LEU P 5 53.51 4.03 -6.04
CA LEU P 5 53.58 3.15 -7.20
C LEU P 5 53.56 1.68 -6.78
N LYS P 6 54.40 1.32 -5.80
CA LYS P 6 54.42 -0.06 -5.34
C LYS P 6 53.14 -0.41 -4.58
N ASN P 7 52.51 0.57 -3.92
CA ASN P 7 51.24 0.33 -3.27
C ASN P 7 50.15 0.02 -4.27
N VAL P 8 50.07 0.77 -5.37
CA VAL P 8 49.06 0.50 -6.38
C VAL P 8 49.42 -0.74 -7.19
N TRP P 9 50.69 -1.15 -7.20
CA TRP P 9 51.04 -2.41 -7.84
C TRP P 9 50.62 -3.60 -6.99
N ALA P 10 50.83 -3.51 -5.67
CA ALA P 10 50.49 -4.62 -4.79
C ALA P 10 48.98 -4.72 -4.59
N LYS P 11 48.29 -3.58 -4.52
CA LYS P 11 46.85 -3.60 -4.32
C LYS P 11 46.12 -4.06 -5.58
N GLU P 12 46.32 -3.33 -6.69
CA GLU P 12 45.62 -3.59 -7.94
C GLU P 12 46.64 -3.71 -9.06
N PRO P 13 47.25 -4.89 -9.21
CA PRO P 13 48.21 -5.08 -10.31
C PRO P 13 47.60 -4.95 -11.70
N VAL P 14 46.33 -5.33 -11.85
CA VAL P 14 45.65 -5.25 -13.14
C VAL P 14 45.49 -3.80 -13.57
N LEU P 15 45.07 -2.93 -12.64
CA LEU P 15 44.83 -1.52 -12.97
C LEU P 15 46.12 -0.80 -13.33
N VAL P 16 47.19 -1.04 -12.56
CA VAL P 16 48.46 -0.37 -12.86
C VAL P 16 49.08 -0.94 -14.13
N ALA P 17 48.89 -2.24 -14.40
CA ALA P 17 49.36 -2.80 -15.66
C ALA P 17 48.62 -2.21 -16.85
N SER P 18 47.31 -2.03 -16.71
CA SER P 18 46.52 -1.41 -17.78
C SER P 18 46.93 0.04 -18.00
N PHE P 19 47.17 0.78 -16.91
CA PHE P 19 47.61 2.17 -17.05
C PHE P 19 48.98 2.27 -17.70
N ALA P 20 49.90 1.37 -17.32
CA ALA P 20 51.23 1.38 -17.92
C ALA P 20 51.19 1.04 -19.40
N ILE P 21 50.38 0.05 -19.77
CA ILE P 21 50.27 -0.34 -21.18
C ILE P 21 49.61 0.78 -21.98
N ALA P 22 48.59 1.44 -21.41
CA ALA P 22 47.95 2.56 -22.09
C ALA P 22 48.92 3.73 -22.27
N GLY P 23 49.74 4.02 -21.25
CA GLY P 23 50.73 5.06 -21.38
C GLY P 23 51.78 4.75 -22.42
N LEU P 24 52.22 3.48 -22.48
CA LEU P 24 53.16 3.06 -23.51
C LEU P 24 52.56 3.18 -24.90
N ALA P 25 51.29 2.79 -25.05
CA ALA P 25 50.61 2.91 -26.34
C ALA P 25 50.30 4.36 -26.70
N VAL P 26 50.29 5.26 -25.71
CA VAL P 26 50.13 6.68 -26.01
C VAL P 26 51.45 7.27 -26.49
N ILE P 27 52.55 6.95 -25.80
CA ILE P 27 53.80 7.63 -26.07
C ILE P 27 54.68 6.97 -27.13
N LEU P 28 54.43 5.71 -27.46
CA LEU P 28 55.30 5.00 -28.41
C LEU P 28 55.07 5.33 -29.89
N PRO P 29 53.84 5.54 -30.40
CA PRO P 29 53.72 5.96 -31.81
C PRO P 29 54.43 7.26 -32.13
N THR P 30 54.44 8.21 -31.20
CA THR P 30 55.15 9.48 -31.45
C THR P 30 56.66 9.29 -31.36
N LEU P 31 57.12 8.44 -30.43
CA LEU P 31 58.56 8.26 -30.24
C LEU P 31 59.16 7.42 -31.37
N SER P 32 58.48 6.37 -31.80
CA SER P 32 59.01 5.50 -32.83
C SER P 32 58.96 6.20 -34.18
N PRO P 33 60.07 6.27 -34.92
CA PRO P 33 60.09 6.99 -36.19
C PRO P 33 59.64 6.18 -37.40
N TYR P 34 59.01 5.02 -37.20
CA TYR P 34 58.56 4.19 -38.32
C TYR P 34 57.11 4.47 -38.71
N THR P 35 56.46 5.46 -38.08
CA THR P 35 55.09 5.81 -38.44
C THR P 35 55.03 6.39 -39.85
N LYS P 36 56.03 7.18 -40.24
CA LYS P 36 56.08 7.72 -41.59
C LYS P 36 56.24 6.63 -42.63
N TYR P 37 56.92 5.53 -42.28
CA TYR P 37 57.03 4.40 -43.20
C TYR P 37 55.66 3.79 -43.48
N SER P 38 54.84 3.64 -42.45
CA SER P 38 53.46 3.20 -42.66
C SER P 38 52.66 4.23 -43.45
N LEU P 39 52.96 5.52 -43.26
CA LEU P 39 52.25 6.57 -44.01
C LEU P 39 52.54 6.47 -45.50
N MET P 40 53.82 6.37 -45.89
CA MET P 40 54.13 6.21 -47.30
C MET P 40 53.75 4.82 -47.84
N ILE P 41 53.64 3.80 -46.98
CA ILE P 41 53.13 2.52 -47.46
C ILE P 41 51.65 2.62 -47.80
N ASN P 42 50.87 3.28 -46.92
CA ASN P 42 49.43 3.43 -47.16
C ASN P 42 49.15 4.36 -48.33
N ARG P 43 49.96 5.42 -48.48
CA ARG P 43 49.68 6.41 -49.52
C ARG P 43 50.07 5.94 -50.91
N ALA P 44 50.93 4.94 -51.03
CA ALA P 44 51.42 4.48 -52.32
C ALA P 44 50.63 3.29 -52.88
N THR P 45 49.59 2.84 -52.19
CA THR P 45 48.82 1.70 -52.67
C THR P 45 47.89 2.15 -53.79
N PRO P 46 47.99 1.57 -54.99
CA PRO P 46 47.15 2.01 -56.13
C PRO P 46 45.78 1.35 -56.19
N TYR P 47 44.86 1.88 -55.37
CA TYR P 47 43.49 1.39 -55.38
C TYR P 47 42.76 1.78 -56.65
N ASN P 48 43.10 2.93 -57.22
CA ASN P 48 42.51 3.41 -58.47
C ASN P 48 43.59 3.56 -59.52
N TYR P 49 43.17 3.66 -60.78
CA TYR P 49 44.12 3.81 -61.87
C TYR P 49 44.80 5.17 -61.79
N PRO P 50 46.13 5.22 -61.97
CA PRO P 50 46.78 6.52 -62.18
C PRO P 50 46.48 7.03 -63.58
N VAL P 51 45.34 7.71 -63.71
CA VAL P 51 44.80 8.14 -65.01
C VAL P 51 45.79 9.10 -65.67
N PRO P 52 46.21 8.83 -66.91
CA PRO P 52 47.22 9.69 -67.55
C PRO P 52 46.67 11.08 -67.86
N LEU P 53 47.58 12.05 -67.82
CA LEU P 53 47.24 13.44 -68.08
C LEU P 53 47.76 13.87 -69.45
N ARG P 54 47.09 14.84 -70.04
CA ARG P 54 47.38 15.25 -71.40
C ARG P 54 48.69 16.03 -71.47
N ASP P 55 49.54 15.68 -72.42
CA ASP P 55 50.84 16.33 -72.58
C ASP P 55 50.65 17.62 -73.38
N ASP P 56 50.75 18.75 -72.68
CA ASP P 56 50.73 20.04 -73.36
C ASP P 56 52.05 20.33 -74.08
N GLY P 57 53.17 19.87 -73.52
CA GLY P 57 54.45 20.07 -74.14
C GLY P 57 55.55 20.39 -73.15
N ASN P 58 55.18 20.80 -71.94
CA ASN P 58 56.12 21.20 -70.90
C ASN P 58 55.79 20.48 -69.60
N MET P 59 56.32 19.27 -69.44
CA MET P 59 56.19 18.52 -68.18
C MET P 59 57.36 17.57 -68.08
N PRO P 60 58.44 17.97 -67.39
CA PRO P 60 59.60 17.08 -67.26
C PRO P 60 59.49 16.05 -66.16
N ASP P 61 58.58 16.22 -65.20
CA ASP P 61 58.47 15.30 -64.07
C ASP P 61 57.55 14.12 -64.37
N VAL P 62 56.93 14.07 -65.54
CA VAL P 62 56.05 12.95 -65.88
C VAL P 62 56.71 12.14 -67.00
N PRO P 63 56.61 10.82 -66.97
CA PRO P 63 57.14 10.00 -68.07
C PRO P 63 56.09 9.68 -69.11
N SER P 64 56.56 9.09 -70.22
CA SER P 64 55.69 8.59 -71.26
C SER P 64 55.51 7.08 -71.21
N HIS P 65 56.10 6.40 -70.23
CA HIS P 65 56.02 4.96 -70.11
C HIS P 65 56.24 4.59 -68.65
N PRO P 66 55.63 3.49 -68.18
CA PRO P 66 55.86 3.06 -66.80
C PRO P 66 57.29 2.62 -66.51
N GLN P 67 58.07 2.26 -67.52
CA GLN P 67 59.44 1.81 -67.32
C GLN P 67 60.46 2.95 -67.31
N ASP P 68 60.03 4.18 -67.59
CA ASP P 68 60.96 5.29 -67.61
C ASP P 68 61.40 5.66 -66.19
N PRO P 69 62.65 6.13 -66.02
CA PRO P 69 63.16 6.38 -64.67
C PRO P 69 62.46 7.52 -63.93
N GLN P 70 62.00 8.56 -64.62
CA GLN P 70 61.41 9.69 -63.94
C GLN P 70 60.03 9.34 -63.39
N GLY P 71 59.70 9.95 -62.26
CA GLY P 71 58.47 9.65 -61.56
C GLY P 71 58.74 8.99 -60.22
N PRO P 72 57.68 8.77 -59.44
CA PRO P 72 57.86 8.17 -58.11
C PRO P 72 57.94 6.65 -58.19
N SER P 73 59.10 6.11 -57.86
CA SER P 73 59.29 4.67 -57.80
C SER P 73 58.98 4.16 -56.40
N LEU P 74 58.97 2.85 -56.25
CA LEU P 74 58.60 2.21 -54.98
C LEU P 74 59.62 1.12 -54.64
N GLU P 75 60.90 1.48 -54.75
CA GLU P 75 61.98 0.55 -54.41
C GLU P 75 62.31 0.55 -52.91
N TRP P 76 61.88 1.57 -52.18
CA TRP P 76 62.16 1.63 -50.74
C TRP P 76 61.40 0.54 -49.99
N LEU P 77 60.21 0.17 -50.45
CA LEU P 77 59.53 -0.98 -49.88
C LEU P 77 60.21 -2.29 -50.26
N LYS P 78 60.85 -2.32 -51.43
CA LYS P 78 61.60 -3.51 -51.83
C LYS P 78 62.83 -3.71 -50.95
N ARG P 79 63.53 -2.64 -50.63
CA ARG P 79 64.74 -2.78 -49.82
C ARG P 79 64.40 -2.86 -48.33
N LEU P 80 63.63 -1.89 -47.84
CA LEU P 80 63.33 -1.70 -46.41
C LEU P 80 64.57 -1.74 -45.52
N SER Q 1 -46.53 92.63 29.62
CA SER Q 1 -46.39 91.19 29.83
C SER Q 1 -47.75 90.54 30.10
N LYS Q 2 -48.15 90.52 31.37
CA LYS Q 2 -49.44 89.98 31.76
C LYS Q 2 -50.54 90.95 31.39
N MET Q 3 -51.56 90.46 30.69
CA MET Q 3 -52.67 91.28 30.22
C MET Q 3 -53.89 90.96 31.05
N GLU Q 4 -54.58 91.99 31.53
CA GLU Q 4 -55.71 91.82 32.43
C GLU Q 4 -57.00 91.74 31.63
N LEU Q 5 -57.71 90.63 31.77
CA LEU Q 5 -58.96 90.42 31.05
C LEU Q 5 -60.06 91.29 31.66
N PRO Q 6 -61.04 91.72 30.85
CA PRO Q 6 -62.16 92.49 31.39
C PRO Q 6 -63.18 91.54 32.04
N ASP Q 7 -64.25 92.14 32.57
CA ASP Q 7 -65.28 91.38 33.26
C ASP Q 7 -66.07 90.53 32.27
N TYR Q 8 -66.56 89.39 32.75
CA TYR Q 8 -67.33 88.47 31.92
C TYR Q 8 -68.84 88.74 31.98
N LYS Q 9 -69.29 89.61 32.89
CA LYS Q 9 -70.71 89.93 32.96
C LYS Q 9 -71.19 90.72 31.74
N GLN Q 10 -70.28 91.45 31.07
CA GLN Q 10 -70.69 92.31 29.98
C GLN Q 10 -71.07 91.55 28.71
N TRP Q 11 -70.59 90.32 28.56
CA TRP Q 11 -70.90 89.53 27.37
C TRP Q 11 -72.25 88.86 27.57
N LYS Q 12 -73.29 89.48 27.02
CA LYS Q 12 -74.66 89.00 27.15
C LYS Q 12 -75.15 88.51 25.80
N ILE Q 13 -76.14 87.61 25.85
CA ILE Q 13 -76.65 86.97 24.65
C ILE Q 13 -77.40 87.99 23.77
N GLU Q 14 -78.04 88.98 24.39
CA GLU Q 14 -78.86 89.92 23.65
C GLU Q 14 -78.01 90.90 22.84
N GLY Q 15 -78.67 91.59 21.91
CA GLY Q 15 -78.00 92.52 21.02
C GLY Q 15 -77.38 91.90 19.79
N THR Q 16 -77.70 90.65 19.50
CA THR Q 16 -77.07 89.87 18.44
C THR Q 16 -78.14 89.23 17.56
N PRO Q 17 -77.75 88.62 16.45
CA PRO Q 17 -78.64 87.62 15.83
C PRO Q 17 -78.53 86.24 16.48
N LEU Q 18 -77.62 86.09 17.44
CA LEU Q 18 -77.47 84.83 18.15
C LEU Q 18 -78.71 84.50 18.97
N GLU Q 19 -79.41 85.50 19.51
CA GLU Q 19 -80.64 85.21 20.23
C GLU Q 19 -81.76 84.80 19.29
N THR Q 20 -81.73 85.31 18.04
CA THR Q 20 -82.69 84.85 17.04
C THR Q 20 -82.44 83.40 16.66
N VAL Q 21 -81.16 83.04 16.48
CA VAL Q 21 -80.81 81.65 16.24
C VAL Q 21 -81.24 80.78 17.42
N GLN Q 22 -81.04 81.27 18.64
CA GLN Q 22 -81.40 80.53 19.84
C GLN Q 22 -82.91 80.34 19.95
N GLU Q 23 -83.71 81.36 19.61
CA GLU Q 23 -85.15 81.17 19.74
C GLU Q 23 -85.69 80.29 18.62
N LYS Q 24 -85.05 80.30 17.44
CA LYS Q 24 -85.47 79.36 16.40
C LYS Q 24 -85.14 77.93 16.81
N LEU Q 25 -83.98 77.73 17.45
CA LEU Q 25 -83.65 76.42 18.01
C LEU Q 25 -84.63 76.00 19.09
N ALA Q 26 -85.05 76.95 19.94
CA ALA Q 26 -86.04 76.64 20.97
C ALA Q 26 -87.40 76.34 20.35
N ALA Q 27 -87.72 76.97 19.22
CA ALA Q 27 -88.92 76.62 18.48
C ALA Q 27 -88.83 75.19 17.96
N ARG Q 28 -87.63 74.75 17.57
CA ARG Q 28 -87.44 73.34 17.27
C ARG Q 28 -87.05 72.52 18.50
N GLY Q 29 -86.69 73.16 19.61
CA GLY Q 29 -86.46 72.44 20.86
C GLY Q 29 -85.03 72.18 21.23
N LEU Q 30 -84.11 73.09 20.92
CA LEU Q 30 -82.71 73.00 21.35
C LEU Q 30 -82.32 74.28 22.08
N ARG Q 31 -81.04 74.34 22.45
CA ARG Q 31 -80.51 75.49 23.19
C ARG Q 31 -79.10 75.79 22.70
N ASP Q 32 -78.72 77.07 22.79
CA ASP Q 32 -77.40 77.51 22.34
C ASP Q 32 -76.43 77.53 23.53
N PRO Q 33 -75.36 76.73 23.49
CA PRO Q 33 -74.42 76.71 24.60
C PRO Q 33 -73.22 77.64 24.48
N TRP Q 34 -73.15 78.46 23.42
CA TRP Q 34 -71.97 79.32 23.21
C TRP Q 34 -72.39 80.71 22.78
N GLY Q 35 -73.44 81.25 23.40
CA GLY Q 35 -73.83 82.62 23.11
C GLY Q 35 -72.83 83.63 23.63
N ARG Q 36 -72.33 83.43 24.85
CA ARG Q 36 -71.47 84.42 25.47
C ARG Q 36 -70.09 84.47 24.83
N ASN Q 37 -69.59 83.33 24.35
CA ASN Q 37 -68.27 83.30 23.72
C ASN Q 37 -68.26 84.07 22.41
N GLU Q 38 -69.31 83.95 21.62
CA GLU Q 38 -69.44 84.67 20.36
C GLU Q 38 -70.09 86.03 20.52
N ALA Q 39 -70.52 86.39 21.74
CA ALA Q 39 -71.18 87.66 21.94
C ALA Q 39 -70.22 88.84 21.91
N TRP Q 40 -68.91 88.60 22.00
CA TRP Q 40 -67.95 89.70 21.93
C TRP Q 40 -67.82 90.25 20.51
N ARG Q 41 -68.10 89.42 19.50
CA ARG Q 41 -67.92 89.83 18.11
C ARG Q 41 -68.96 90.85 17.66
N TYR Q 42 -70.12 90.89 18.32
CA TYR Q 42 -71.19 91.80 17.92
C TYR Q 42 -71.41 92.94 18.92
N MET Q 43 -70.57 93.04 19.95
CA MET Q 43 -70.72 94.06 20.97
C MET Q 43 -69.44 94.88 21.05
N GLY Q 44 -69.59 96.21 21.15
CA GLY Q 44 -68.45 97.09 21.19
C GLY Q 44 -68.29 97.91 19.93
N GLY Q 45 -67.05 98.11 19.49
CA GLY Q 45 -66.80 98.89 18.28
C GLY Q 45 -67.17 98.20 17.00
N PHE Q 46 -67.28 96.87 17.02
CA PHE Q 46 -67.57 96.10 15.81
C PHE Q 46 -69.05 96.01 15.50
N ALA Q 47 -69.91 96.60 16.34
CA ALA Q 47 -71.35 96.56 16.09
C ALA Q 47 -71.71 97.54 14.97
N ASN Q 48 -72.70 97.14 14.16
CA ASN Q 48 -73.25 97.93 13.05
C ASN Q 48 -72.17 98.32 12.04
N ASN Q 49 -71.60 97.29 11.41
CA ASN Q 49 -70.65 97.51 10.32
C ASN Q 49 -71.37 98.06 9.10
N VAL Q 50 -70.64 98.82 8.29
CA VAL Q 50 -71.23 99.46 7.12
C VAL Q 50 -71.45 98.42 6.02
N SER Q 51 -72.38 98.73 5.11
CA SER Q 51 -72.61 97.90 3.95
C SER Q 51 -71.58 98.22 2.87
N PHE Q 52 -71.70 97.55 1.72
CA PHE Q 52 -70.71 97.73 0.67
C PHE Q 52 -70.83 99.10 0.02
N VAL Q 53 -72.04 99.62 -0.13
CA VAL Q 53 -72.22 100.96 -0.69
C VAL Q 53 -71.68 102.01 0.26
N GLY Q 54 -71.77 101.78 1.56
CA GLY Q 54 -71.10 102.65 2.52
C GLY Q 54 -69.59 102.56 2.43
N ALA Q 55 -69.06 101.38 2.10
CA ALA Q 55 -67.62 101.22 1.94
C ALA Q 55 -67.12 101.94 0.70
N LEU Q 56 -67.88 101.86 -0.40
CA LEU Q 56 -67.47 102.50 -1.65
C LEU Q 56 -67.53 104.01 -1.55
N LEU Q 57 -68.48 104.54 -0.77
CA LEU Q 57 -68.69 105.98 -0.64
C LEU Q 57 -67.93 106.57 0.55
N LYS Q 58 -66.81 105.97 0.94
CA LYS Q 58 -66.02 106.49 2.05
C LYS Q 58 -65.32 107.78 1.64
N GLY Q 59 -65.48 108.82 2.45
CA GLY Q 59 -64.88 110.10 2.15
C GLY Q 59 -65.53 110.86 1.02
N PHE Q 60 -66.81 110.58 0.73
CA PHE Q 60 -67.49 111.24 -0.36
C PHE Q 60 -67.90 112.66 -0.01
N LYS Q 61 -68.25 112.93 1.26
CA LYS Q 61 -68.77 114.24 1.63
C LYS Q 61 -67.69 115.31 1.54
N TRP Q 62 -66.53 115.06 2.14
CA TRP Q 62 -65.45 116.04 2.09
C TRP Q 62 -64.87 116.16 0.69
N GLY Q 63 -64.83 115.06 -0.06
CA GLY Q 63 -64.40 115.12 -1.44
C GLY Q 63 -65.33 115.95 -2.30
N PHE Q 64 -66.64 115.81 -2.09
CA PHE Q 64 -67.60 116.62 -2.82
C PHE Q 64 -67.52 118.09 -2.43
N ALA Q 65 -67.31 118.37 -1.15
CA ALA Q 65 -67.16 119.76 -0.70
C ALA Q 65 -65.92 120.40 -1.30
N ALA Q 66 -64.80 119.67 -1.32
CA ALA Q 66 -63.58 120.18 -1.93
C ALA Q 66 -63.73 120.33 -3.45
N PHE Q 67 -64.48 119.43 -4.08
CA PHE Q 67 -64.76 119.56 -5.51
C PHE Q 67 -65.57 120.82 -5.81
N VAL Q 68 -66.59 121.09 -5.00
CA VAL Q 68 -67.41 122.29 -5.19
C VAL Q 68 -66.57 123.54 -4.96
N VAL Q 69 -65.73 123.54 -3.92
CA VAL Q 69 -64.88 124.69 -3.64
C VAL Q 69 -63.88 124.92 -4.77
N ALA Q 70 -63.27 123.84 -5.28
CA ALA Q 70 -62.28 123.97 -6.34
C ALA Q 70 -62.92 124.42 -7.66
N VAL Q 71 -64.10 123.88 -7.99
CA VAL Q 71 -64.74 124.27 -9.24
C VAL Q 71 -65.26 125.71 -9.14
N GLY Q 72 -65.68 126.15 -7.95
CA GLY Q 72 -66.04 127.55 -7.79
C GLY Q 72 -64.85 128.47 -7.89
N ALA Q 73 -63.71 128.06 -7.32
CA ALA Q 73 -62.49 128.85 -7.42
C ALA Q 73 -62.00 128.96 -8.86
N GLU Q 74 -62.03 127.86 -9.61
CA GLU Q 74 -61.60 127.92 -11.00
C GLU Q 74 -62.65 128.56 -11.91
N TYR Q 75 -63.91 128.61 -11.47
CA TYR Q 75 -64.93 129.35 -12.21
C TYR Q 75 -64.83 130.84 -11.99
N TYR Q 76 -64.40 131.26 -10.80
CA TYR Q 76 -64.26 132.69 -10.49
C TYR Q 76 -62.87 133.23 -10.83
N LEU Q 77 -61.88 132.38 -11.00
CA LEU Q 77 -60.53 132.83 -11.34
C LEU Q 77 -60.30 132.95 -12.85
N GLU Q 78 -61.27 132.53 -13.67
CA GLU Q 78 -61.16 132.75 -15.10
C GLU Q 78 -61.46 134.19 -15.50
N SER Q 79 -62.06 134.96 -14.61
CA SER Q 79 -62.38 136.36 -14.88
C SER Q 79 -61.42 137.28 -14.12
N MET R 1 15.57 38.84 -42.85
CA MET R 1 15.21 39.30 -44.18
C MET R 1 16.41 39.93 -44.89
N MET R 2 17.57 39.88 -44.23
CA MET R 2 18.86 40.19 -44.84
C MET R 2 19.75 38.95 -44.87
N THR R 3 19.16 37.80 -45.20
CA THR R 3 19.87 36.54 -45.16
C THR R 3 20.97 36.43 -46.22
N GLY R 4 20.89 37.22 -47.29
CA GLY R 4 21.91 37.22 -48.32
C GLY R 4 22.91 38.34 -48.23
N ARG R 5 22.84 39.18 -47.20
CA ARG R 5 23.74 40.32 -47.08
C ARG R 5 24.92 40.02 -46.17
N GLN R 6 24.66 39.51 -44.97
CA GLN R 6 25.71 39.24 -43.99
C GLN R 6 26.38 37.88 -44.19
N ALA R 7 25.94 37.10 -45.18
CA ALA R 7 26.48 35.76 -45.37
C ALA R 7 27.92 35.76 -45.85
N ARG R 8 28.40 36.86 -46.43
CA ARG R 8 29.79 36.89 -46.88
C ARG R 8 30.76 37.07 -45.72
N ALA R 9 30.32 37.71 -44.63
CA ALA R 9 31.13 37.89 -43.43
C ALA R 9 30.27 37.55 -42.22
N PRO R 10 30.05 36.27 -41.96
CA PRO R 10 29.13 35.88 -40.89
C PRO R 10 29.75 36.08 -39.51
N LEU R 11 28.85 36.18 -38.52
CA LEU R 11 29.21 36.33 -37.10
C LEU R 11 30.08 37.55 -36.85
N GLN R 12 29.75 38.66 -37.51
CA GLN R 12 30.44 39.93 -37.30
C GLN R 12 29.44 40.90 -36.66
N PHE R 13 29.70 41.26 -35.40
CA PHE R 13 28.84 42.22 -34.72
C PHE R 13 28.99 43.62 -35.31
N LEU R 14 30.21 44.02 -35.64
CA LEU R 14 30.48 45.34 -36.19
C LEU R 14 31.54 45.20 -37.28
N PRO R 15 31.14 45.20 -38.55
CA PRO R 15 32.11 45.01 -39.64
C PRO R 15 32.99 46.23 -39.88
N ASP R 16 33.85 46.15 -40.90
CA ASP R 16 34.82 47.22 -41.14
C ASP R 16 34.14 48.44 -41.75
N GLU R 17 33.20 48.24 -42.67
CA GLU R 17 32.49 49.36 -43.29
C GLU R 17 31.62 50.12 -42.29
N ALA R 18 31.28 49.49 -41.15
CA ALA R 18 30.61 50.21 -40.07
C ALA R 18 31.47 51.31 -39.49
N ARG R 19 32.79 51.24 -39.66
CA ARG R 19 33.67 52.33 -39.27
C ARG R 19 33.61 53.52 -40.22
N SER R 20 32.97 53.38 -41.38
CA SER R 20 32.83 54.49 -42.31
C SER R 20 31.71 55.45 -41.91
N LEU R 21 30.82 55.04 -41.02
CA LEU R 21 29.72 55.87 -40.56
C LEU R 21 30.20 56.84 -39.48
N PRO R 22 29.48 57.93 -39.27
CA PRO R 22 29.71 58.75 -38.08
C PRO R 22 29.29 58.01 -36.84
N PRO R 23 30.21 57.75 -35.91
CA PRO R 23 29.84 57.04 -34.69
C PRO R 23 28.96 57.90 -33.81
N PRO R 24 28.05 57.29 -33.06
CA PRO R 24 27.19 58.08 -32.16
C PRO R 24 28.00 58.72 -31.05
N LYS R 25 27.55 59.91 -30.64
CA LYS R 25 28.26 60.66 -29.62
C LYS R 25 28.05 60.03 -28.24
N LEU R 26 28.91 60.43 -27.30
CA LEU R 26 28.75 59.99 -25.93
C LEU R 26 27.60 60.71 -25.21
N THR R 27 27.03 61.75 -25.82
CA THR R 27 25.87 62.44 -25.29
C THR R 27 24.60 62.12 -26.06
N ASP R 28 24.52 60.92 -26.63
CA ASP R 28 23.31 60.49 -27.32
C ASP R 28 22.17 60.31 -26.33
N PRO R 29 20.96 60.80 -26.63
CA PRO R 29 19.85 60.63 -25.69
C PRO R 29 19.48 59.17 -25.43
N ARG R 30 19.59 58.31 -26.44
CA ARG R 30 19.34 56.88 -26.22
C ARG R 30 20.37 56.28 -25.28
N LEU R 31 21.64 56.69 -25.43
CA LEU R 31 22.70 56.20 -24.57
C LEU R 31 22.48 56.64 -23.13
N ALA R 32 22.06 57.90 -22.92
CA ALA R 32 21.74 58.37 -21.58
C ALA R 32 20.52 57.66 -21.02
N TYR R 33 19.56 57.30 -21.87
CA TYR R 33 18.40 56.52 -21.40
C TYR R 33 18.83 55.13 -20.94
N ILE R 34 19.77 54.50 -21.67
CA ILE R 34 20.26 53.19 -21.25
C ILE R 34 21.06 53.30 -19.95
N GLY R 35 21.81 54.41 -19.78
CA GLY R 35 22.45 54.65 -18.50
C GLY R 35 21.46 54.83 -17.37
N PHE R 36 20.33 55.49 -17.65
CA PHE R 36 19.26 55.61 -16.67
C PHE R 36 18.65 54.24 -16.35
N LEU R 37 18.55 53.37 -17.36
CA LEU R 37 18.10 52.00 -17.12
C LEU R 37 19.06 51.25 -16.20
N GLY R 38 20.37 51.47 -16.39
CA GLY R 38 21.35 50.85 -15.50
C GLY R 38 21.25 51.37 -14.08
N TYR R 39 21.03 52.68 -13.92
CA TYR R 39 20.83 53.24 -12.59
C TYR R 39 19.57 52.69 -11.94
N CYS R 40 18.49 52.54 -12.72
CA CYS R 40 17.26 51.95 -12.19
C CYS R 40 17.47 50.50 -11.79
N SER R 41 18.27 49.76 -12.56
CA SER R 41 18.59 48.38 -12.21
C SER R 41 19.38 48.31 -10.91
N GLY R 42 20.32 49.24 -10.71
CA GLY R 42 21.03 49.30 -9.45
C GLY R 42 20.13 49.63 -8.28
N LEU R 43 19.19 50.56 -8.49
CA LEU R 43 18.21 50.90 -7.46
C LEU R 43 17.32 49.72 -7.11
N ILE R 44 16.88 48.97 -8.13
CA ILE R 44 16.05 47.79 -7.90
C ILE R 44 16.84 46.71 -7.15
N ASP R 45 18.12 46.54 -7.51
CA ASP R 45 18.96 45.56 -6.82
C ASP R 45 19.16 45.94 -5.36
N ASN R 46 19.32 47.23 -5.07
CA ASN R 46 19.41 47.66 -3.69
C ASN R 46 18.09 47.49 -2.95
N ALA R 47 16.97 47.67 -3.66
CA ALA R 47 15.67 47.62 -3.00
C ALA R 47 15.23 46.19 -2.69
N ILE R 48 15.55 45.23 -3.56
CA ILE R 48 15.07 43.86 -3.37
C ILE R 48 15.85 43.09 -2.32
N ARG R 49 17.03 43.59 -1.92
CA ARG R 49 17.85 42.93 -0.90
C ARG R 49 17.76 43.62 0.45
N ARG R 50 16.80 44.54 0.62
CA ARG R 50 16.56 45.29 1.86
C ARG R 50 17.81 46.05 2.30
N ARG R 51 18.20 47.00 1.46
CA ARG R 51 19.35 47.87 1.66
C ARG R 51 18.91 49.32 1.48
N PRO R 52 19.64 50.27 2.05
CA PRO R 52 19.38 51.68 1.73
C PRO R 52 19.61 51.94 0.25
N VAL R 53 18.55 52.43 -0.41
CA VAL R 53 18.51 52.45 -1.87
C VAL R 53 19.48 53.48 -2.44
N LEU R 54 19.55 54.66 -1.85
CA LEU R 54 20.33 55.75 -2.42
C LEU R 54 21.73 55.86 -1.83
N SER R 55 22.10 54.99 -0.89
CA SER R 55 23.41 55.07 -0.25
C SER R 55 24.24 53.82 -0.45
N ALA R 56 23.67 52.63 -0.23
CA ALA R 56 24.43 51.40 -0.27
C ALA R 56 24.76 50.98 -1.70
N GLY R 57 25.92 50.35 -1.86
CA GLY R 57 26.34 49.83 -3.14
C GLY R 57 26.61 50.88 -4.20
N LEU R 58 27.34 51.93 -3.84
CA LEU R 58 27.68 52.98 -4.80
C LEU R 58 28.57 52.44 -5.91
N HIS R 59 29.56 51.61 -5.56
CA HIS R 59 30.39 50.97 -6.57
C HIS R 59 29.57 50.00 -7.41
N ARG R 60 28.60 49.31 -6.79
CA ARG R 60 27.70 48.44 -7.52
C ARG R 60 26.86 49.23 -8.52
N GLN R 61 26.34 50.39 -8.10
CA GLN R 61 25.56 51.22 -9.00
C GLN R 61 26.40 51.76 -10.14
N PHE R 62 27.65 52.15 -9.85
CA PHE R 62 28.54 52.65 -10.90
C PHE R 62 28.89 51.55 -11.89
N LEU R 63 29.09 50.32 -11.41
CA LEU R 63 29.35 49.20 -12.32
C LEU R 63 28.13 48.92 -13.19
N TYR R 64 26.93 49.00 -12.61
CA TYR R 64 25.69 48.78 -13.36
C TYR R 64 25.55 49.82 -14.47
N ILE R 65 25.78 51.10 -14.13
CA ILE R 65 25.69 52.19 -15.09
C ILE R 65 26.72 52.02 -16.19
N THR R 66 27.95 51.66 -15.82
CA THR R 66 29.04 51.54 -16.79
C THR R 66 28.79 50.38 -17.75
N SER R 67 28.38 49.22 -17.23
CA SER R 67 28.11 48.07 -18.09
C SER R 67 26.94 48.34 -19.01
N PHE R 68 25.87 48.97 -18.50
CA PHE R 68 24.72 49.27 -19.34
C PHE R 68 25.07 50.28 -20.42
N VAL R 69 25.86 51.31 -20.08
CA VAL R 69 26.21 52.31 -21.08
C VAL R 69 27.14 51.72 -22.15
N PHE R 70 28.00 50.77 -21.77
CA PHE R 70 28.88 50.12 -22.73
C PHE R 70 28.09 49.26 -23.72
N VAL R 71 27.22 48.39 -23.19
CA VAL R 71 26.45 47.53 -24.10
C VAL R 71 25.47 48.36 -24.92
N GLY R 72 24.96 49.46 -24.37
CA GLY R 72 24.08 50.32 -25.13
C GLY R 72 24.80 51.02 -26.26
N TYR R 73 26.03 51.47 -26.03
CA TYR R 73 26.81 52.10 -27.08
C TYR R 73 27.08 51.12 -28.22
N TYR R 74 27.46 49.88 -27.89
CA TYR R 74 27.74 48.92 -28.95
C TYR R 74 26.48 48.52 -29.71
N LEU R 75 25.35 48.36 -29.00
CA LEU R 75 24.09 48.03 -29.67
C LEU R 75 23.61 49.18 -30.55
N LEU R 76 23.81 50.42 -30.12
CA LEU R 76 23.45 51.57 -30.95
C LEU R 76 24.32 51.63 -32.21
N LYS R 77 25.61 51.30 -32.09
CA LYS R 77 26.47 51.23 -33.26
C LYS R 77 25.98 50.19 -34.25
N ARG R 78 25.59 49.01 -33.76
CA ARG R 78 25.08 47.97 -34.65
C ARG R 78 23.76 48.39 -35.31
N GLN R 79 22.88 49.07 -34.55
CA GLN R 79 21.62 49.55 -35.12
C GLN R 79 21.86 50.57 -36.22
N ASP R 80 22.79 51.51 -36.00
CA ASP R 80 23.09 52.52 -37.01
C ASP R 80 23.68 51.89 -38.25
N TYR R 81 24.57 50.89 -38.07
CA TYR R 81 25.14 50.19 -39.22
C TYR R 81 24.06 49.45 -40.01
N MET R 82 23.13 48.80 -39.29
CA MET R 82 22.08 48.05 -39.98
C MET R 82 21.15 48.97 -40.76
N TYR R 83 20.80 50.13 -40.20
CA TYR R 83 19.90 51.01 -40.95
C TYR R 83 20.63 51.71 -42.10
N ALA R 84 21.94 51.95 -41.95
CA ALA R 84 22.72 52.43 -43.09
C ALA R 84 22.75 51.40 -44.21
N VAL R 85 22.90 50.13 -43.86
CA VAL R 85 22.83 49.05 -44.85
C VAL R 85 21.46 49.04 -45.52
N ARG R 86 20.40 49.21 -44.72
CA ARG R 86 19.03 49.15 -45.25
C ARG R 86 18.77 50.25 -46.26
N ASP R 87 19.04 51.51 -45.90
CA ASP R 87 18.71 52.56 -46.86
C ASP R 87 19.73 52.65 -48.00
N HIS R 88 20.97 52.20 -47.79
CA HIS R 88 21.91 52.10 -48.89
C HIS R 88 21.45 51.08 -49.92
N ASP R 89 20.96 49.92 -49.47
CA ASP R 89 20.44 48.92 -50.39
C ASP R 89 19.17 49.40 -51.09
N MET R 90 18.31 50.12 -50.36
CA MET R 90 17.13 50.73 -50.96
C MET R 90 17.50 51.67 -52.10
N PHE R 91 18.41 52.60 -51.84
CA PHE R 91 18.81 53.57 -52.86
C PHE R 91 19.53 52.90 -54.02
N SER R 92 20.33 51.87 -53.73
CA SER R 92 21.04 51.16 -54.79
C SER R 92 20.09 50.43 -55.72
N TYR R 93 19.09 49.73 -55.17
CA TYR R 93 18.17 49.01 -56.05
C TYR R 93 17.22 49.97 -56.75
N ILE R 94 16.91 51.12 -56.14
CA ILE R 94 16.12 52.13 -56.84
C ILE R 94 16.91 52.69 -58.02
N LYS R 95 18.20 52.97 -57.82
CA LYS R 95 19.03 53.50 -58.90
C LYS R 95 19.23 52.46 -60.01
N SER R 96 19.40 51.19 -59.64
CA SER R 96 19.71 50.16 -60.62
C SER R 96 18.52 49.85 -61.53
N HIS R 97 17.30 49.94 -61.01
CA HIS R 97 16.10 49.62 -61.77
C HIS R 97 15.11 50.78 -61.74
N PRO R 98 15.26 51.73 -62.66
CA PRO R 98 14.23 52.75 -62.86
C PRO R 98 13.20 52.50 -63.96
N GLU R 99 12.91 51.24 -64.35
CA GLU R 99 11.77 50.96 -65.19
C GLU R 99 10.54 50.64 -64.37
N ASP R 100 10.73 50.03 -63.19
CA ASP R 100 9.64 49.75 -62.28
C ASP R 100 9.31 50.94 -61.39
N PHE R 101 10.07 52.03 -61.49
CA PHE R 101 9.85 53.25 -60.71
C PHE R 101 9.77 54.41 -61.69
N PRO R 102 8.65 54.56 -62.39
CA PRO R 102 8.54 55.68 -63.34
C PRO R 102 8.39 57.01 -62.63
N GLU R 103 8.80 58.07 -63.32
CA GLU R 103 8.69 59.42 -62.80
C GLU R 103 7.27 59.92 -63.05
N LYS R 104 6.49 60.07 -62.00
CA LYS R 104 5.10 60.49 -62.12
C LYS R 104 5.03 61.98 -62.39
N ASP R 105 4.28 62.36 -63.42
CA ASP R 105 4.07 63.77 -63.75
C ASP R 105 3.10 64.36 -62.74
N LYS R 106 3.62 65.13 -61.78
CA LYS R 106 2.80 65.69 -60.72
C LYS R 106 1.98 66.84 -61.28
N LYS R 107 0.70 66.56 -61.56
CA LYS R 107 -0.18 67.56 -62.12
C LYS R 107 -0.58 68.59 -61.06
N THR R 108 -0.77 69.82 -61.52
CA THR R 108 -1.18 70.89 -60.62
C THR R 108 -2.67 70.75 -60.29
N TYR R 109 -3.15 71.61 -59.39
CA TYR R 109 -4.55 71.60 -58.98
C TYR R 109 -5.44 72.37 -59.93
N ARG R 110 -4.90 72.97 -60.98
CA ARG R 110 -5.69 73.81 -61.87
C ARG R 110 -6.56 73.01 -62.84
N GLU R 111 -6.31 71.71 -63.00
CA GLU R 111 -7.11 70.90 -63.91
C GLU R 111 -7.54 69.56 -63.35
N VAL R 112 -6.94 69.10 -62.25
CA VAL R 112 -7.34 67.82 -61.67
C VAL R 112 -8.67 68.00 -60.94
N PHE R 113 -9.50 66.96 -60.99
CA PHE R 113 -10.86 67.02 -60.46
C PHE R 113 -10.91 66.35 -59.08
N GLU R 114 -11.29 67.12 -58.07
CA GLU R 114 -11.55 66.61 -56.73
C GLU R 114 -13.05 66.70 -56.48
N GLU R 115 -13.65 65.57 -56.13
CA GLU R 115 -15.09 65.55 -55.87
C GLU R 115 -15.41 66.23 -54.55
N PHE R 116 -16.41 67.10 -54.56
CA PHE R 116 -16.81 67.86 -53.38
C PHE R 116 -18.14 67.34 -52.86
N HIS R 117 -18.18 67.05 -51.57
CA HIS R 117 -19.38 66.57 -50.89
C HIS R 117 -19.77 67.59 -49.84
N PRO R 118 -20.81 68.39 -50.07
CA PRO R 118 -21.17 69.45 -49.12
C PRO R 118 -21.69 68.90 -47.80
N VAL R 119 -21.45 69.66 -46.74
CA VAL R 119 -21.86 69.29 -45.39
C VAL R 119 -22.97 70.25 -44.95
N ARG R 120 -24.09 69.70 -44.52
CA ARG R 120 -25.23 70.50 -44.10
C ARG R 120 -26.12 69.73 -43.13
N SER S 1 -78.45 59.41 -4.66
CA SER S 1 -77.84 59.34 -3.32
C SER S 1 -76.49 60.05 -3.29
N PHE S 2 -75.44 59.29 -3.04
CA PHE S 2 -74.08 59.79 -2.93
C PHE S 2 -73.20 59.21 -4.04
N PRO S 3 -72.17 59.95 -4.48
CA PRO S 3 -71.21 59.39 -5.44
C PRO S 3 -70.00 58.62 -4.91
N LYS S 4 -70.12 57.29 -4.98
CA LYS S 4 -69.19 56.38 -4.31
C LYS S 4 -67.76 56.53 -4.84
N TYR S 5 -66.80 56.49 -3.92
CA TYR S 5 -65.42 56.74 -4.28
C TYR S 5 -64.85 55.56 -5.04
N GLU S 6 -64.40 55.81 -6.27
CA GLU S 6 -63.82 54.77 -7.09
C GLU S 6 -62.31 54.96 -7.08
N PRO S 7 -61.55 54.11 -6.39
CA PRO S 7 -60.11 54.30 -6.30
C PRO S 7 -59.42 54.00 -7.62
N SER S 8 -58.31 54.69 -7.85
CA SER S 8 -57.49 54.47 -9.04
C SER S 8 -56.03 54.33 -8.65
N ARG S 9 -55.14 54.28 -9.64
CA ARG S 9 -53.72 54.14 -9.35
C ARG S 9 -53.13 55.41 -8.73
N LEU S 10 -53.74 56.57 -8.97
CA LEU S 10 -53.25 57.84 -8.44
C LEU S 10 -54.23 58.50 -7.49
N ALA S 11 -55.27 57.77 -7.05
CA ALA S 11 -56.25 58.30 -6.11
C ALA S 11 -56.67 57.16 -5.19
N SER S 12 -56.03 57.07 -4.03
CA SER S 12 -56.27 55.97 -3.11
C SER S 12 -57.61 56.15 -2.40
N LEU S 13 -58.15 55.02 -1.94
CA LEU S 13 -59.37 55.03 -1.15
C LEU S 13 -59.11 55.68 0.20
N PRO S 14 -60.06 56.47 0.72
CA PRO S 14 -59.88 57.05 2.06
C PRO S 14 -59.86 55.97 3.12
N THR S 15 -59.13 56.25 4.21
CA THR S 15 -58.94 55.25 5.26
C THR S 15 -60.21 54.97 6.03
N THR S 16 -61.08 55.97 6.20
CA THR S 16 -62.30 55.78 6.97
C THR S 16 -63.40 55.08 6.19
N LEU S 17 -63.25 54.94 4.88
CA LEU S 17 -64.21 54.20 4.06
C LEU S 17 -63.84 52.74 3.92
N ASP S 18 -62.72 52.31 4.50
CA ASP S 18 -62.28 50.92 4.33
C ASP S 18 -63.12 50.00 5.20
N PRO S 19 -63.73 48.96 4.62
CA PRO S 19 -64.43 47.97 5.45
C PRO S 19 -63.50 47.20 6.39
N ALA S 20 -62.25 46.98 5.98
CA ALA S 20 -61.31 46.21 6.80
C ALA S 20 -60.94 46.95 8.08
N GLU S 21 -61.05 48.29 8.08
CA GLU S 21 -60.84 49.03 9.32
C GLU S 21 -62.00 48.83 10.29
N TYR S 22 -63.18 48.50 9.79
CA TYR S 22 -64.36 48.32 10.63
C TYR S 22 -64.55 46.89 11.08
N ASP S 23 -63.50 46.07 11.03
CA ASP S 23 -63.59 44.67 11.43
C ASP S 23 -63.09 44.52 12.87
N ILE S 24 -63.88 43.86 13.70
CA ILE S 24 -63.57 43.69 15.11
C ILE S 24 -63.22 42.23 15.42
N SER S 25 -62.75 41.49 14.43
CA SER S 25 -62.38 40.10 14.64
C SER S 25 -61.10 40.00 15.47
N SER S 26 -60.90 38.83 16.08
CA SER S 26 -59.76 38.62 16.96
C SER S 26 -58.45 38.59 16.19
N GLU S 27 -58.46 38.04 14.97
CA GLU S 27 -57.23 37.93 14.19
C GLU S 27 -56.66 39.30 13.85
N THR S 28 -57.52 40.25 13.51
CA THR S 28 -57.07 41.63 13.30
C THR S 28 -56.50 42.22 14.58
N ARG S 29 -57.08 41.87 15.73
CA ARG S 29 -56.55 42.36 17.00
C ARG S 29 -55.14 41.84 17.28
N LYS S 30 -54.90 40.54 17.06
CA LYS S 30 -53.55 40.04 17.29
C LYS S 30 -52.57 40.56 16.24
N ALA S 31 -53.02 40.77 15.00
CA ALA S 31 -52.16 41.36 13.99
C ALA S 31 -51.76 42.79 14.36
N GLN S 32 -52.71 43.58 14.84
CA GLN S 32 -52.41 44.94 15.27
C GLN S 32 -51.49 44.94 16.49
N ALA S 33 -51.73 44.04 17.45
CA ALA S 33 -50.85 43.95 18.61
C ALA S 33 -49.44 43.54 18.23
N GLU S 34 -49.31 42.60 17.29
CA GLU S 34 -48.00 42.14 16.87
C GLU S 34 -47.23 43.23 16.13
N ARG S 35 -47.89 43.96 15.23
CA ARG S 35 -47.20 45.03 14.53
C ARG S 35 -46.89 46.21 15.47
N LEU S 36 -47.75 46.45 16.48
CA LEU S 36 -47.44 47.45 17.48
C LEU S 36 -46.22 47.06 18.31
N ALA S 37 -46.12 45.77 18.68
CA ALA S 37 -44.96 45.31 19.42
C ALA S 37 -43.68 45.40 18.59
N ILE S 38 -43.76 45.08 17.30
CA ILE S 38 -42.60 45.18 16.42
C ILE S 38 -42.15 46.64 16.29
N ARG S 39 -43.12 47.55 16.09
CA ARG S 39 -42.80 48.97 15.97
C ARG S 39 -42.24 49.52 17.27
N SER S 40 -42.76 49.06 18.41
CA SER S 40 -42.26 49.52 19.71
C SER S 40 -40.84 49.02 19.95
N ARG S 41 -40.54 47.78 19.55
CA ARG S 41 -39.19 47.27 19.70
C ARG S 41 -38.20 48.04 18.83
N LEU S 42 -38.58 48.32 17.58
CA LEU S 42 -37.70 49.09 16.70
C LEU S 42 -37.51 50.52 17.21
N LYS S 43 -38.58 51.14 17.72
CA LYS S 43 -38.48 52.48 18.27
C LYS S 43 -37.59 52.50 19.51
N ARG S 44 -37.72 51.48 20.37
CA ARG S 44 -36.88 51.38 21.56
C ARG S 44 -35.41 51.22 21.18
N GLU S 45 -35.13 50.40 20.17
CA GLU S 45 -33.76 50.25 19.68
C GLU S 45 -33.21 51.56 19.15
N TYR S 46 -34.04 52.31 18.41
CA TYR S 46 -33.58 53.57 17.84
C TYR S 46 -33.27 54.59 18.91
N GLN S 47 -34.18 54.79 19.86
CA GLN S 47 -33.89 55.81 20.88
C GLN S 47 -32.90 55.32 21.93
N LEU S 48 -32.61 54.02 21.99
CA LEU S 48 -31.49 53.56 22.77
C LEU S 48 -30.17 53.90 22.08
N GLN S 49 -30.09 53.68 20.77
CA GLN S 49 -28.89 54.03 20.02
C GLN S 49 -28.76 55.53 19.77
N TYR S 50 -29.81 56.30 20.04
CA TYR S 50 -29.86 57.72 19.70
C TYR S 50 -29.49 58.64 20.86
N ASN S 51 -29.88 58.28 22.08
CA ASN S 51 -29.67 59.12 23.24
C ASN S 51 -28.37 58.82 23.98
N ASP S 52 -27.49 58.02 23.40
CA ASP S 52 -26.22 57.66 24.04
C ASP S 52 -25.29 58.87 24.07
N PRO S 53 -24.82 59.29 25.25
CA PRO S 53 -23.84 60.39 25.29
C PRO S 53 -22.50 60.03 24.69
N SER S 54 -22.06 58.78 24.82
CA SER S 54 -20.75 58.40 24.31
C SER S 54 -20.71 58.40 22.79
N ARG S 55 -21.81 58.05 22.14
CA ARG S 55 -21.84 57.97 20.69
C ARG S 55 -21.86 59.37 20.08
N ARG S 56 -20.95 59.61 19.15
CA ARG S 56 -20.93 60.84 18.35
C ARG S 56 -20.65 60.43 16.91
N GLY S 57 -21.72 60.20 16.16
CA GLY S 57 -21.59 59.73 14.79
C GLY S 57 -22.93 59.39 14.17
N VAL S 58 -22.90 58.50 13.17
CA VAL S 58 -24.10 58.13 12.43
C VAL S 58 -24.67 56.87 13.05
N VAL S 59 -25.94 56.91 13.42
CA VAL S 59 -26.65 55.70 13.83
C VAL S 59 -26.98 54.91 12.57
N GLU S 60 -26.49 53.67 12.51
CA GLU S 60 -26.67 52.87 11.31
C GLU S 60 -28.11 52.40 11.18
N ASP S 61 -28.71 52.64 10.01
CA ASP S 61 -30.06 52.20 9.72
C ASP S 61 -29.97 51.02 8.77
N PRO S 62 -30.23 49.79 9.22
CA PRO S 62 -30.14 48.63 8.32
C PRO S 62 -31.15 48.66 7.18
N ALA S 63 -32.31 49.26 7.39
CA ALA S 63 -33.35 49.30 6.35
C ALA S 63 -32.91 50.15 5.16
N LEU S 64 -32.20 51.26 5.42
CA LEU S 64 -31.74 52.11 4.34
C LEU S 64 -30.68 51.42 3.49
N ILE S 65 -29.73 50.73 4.13
CA ILE S 65 -28.71 50.00 3.38
C ILE S 65 -29.34 48.83 2.63
N ARG S 66 -30.33 48.19 3.24
CA ARG S 66 -31.08 47.12 2.57
C ARG S 66 -31.78 47.64 1.31
N TRP S 67 -32.43 48.80 1.42
CA TRP S 67 -33.12 49.38 0.27
C TRP S 67 -32.15 49.78 -0.83
N THR S 68 -31.01 50.39 -0.47
CA THR S 68 -30.04 50.80 -1.47
C THR S 68 -29.42 49.59 -2.18
N CYS S 69 -29.13 48.52 -1.44
CA CYS S 69 -28.56 47.35 -2.09
C CYS S 69 -29.60 46.59 -2.91
N ALA S 70 -30.88 46.67 -2.52
CA ALA S 70 -31.92 46.06 -3.35
C ALA S 70 -32.13 46.86 -4.63
N ARG S 71 -31.99 48.19 -4.55
CA ARG S 71 -32.18 49.02 -5.74
C ARG S 71 -30.99 48.97 -6.69
N SER S 72 -29.77 48.86 -6.16
CA SER S 72 -28.57 49.07 -6.98
C SER S 72 -27.93 47.76 -7.45
N ALA S 73 -27.55 46.89 -6.51
CA ALA S 73 -26.68 45.75 -6.84
C ALA S 73 -27.38 44.40 -6.85
N ASN S 74 -28.63 44.32 -6.40
CA ASN S 74 -29.34 43.05 -6.36
C ASN S 74 -30.39 42.92 -7.45
N VAL S 75 -30.24 43.65 -8.56
CA VAL S 75 -31.23 43.53 -9.63
C VAL S 75 -30.79 42.48 -10.67
N TYR S 76 -29.49 42.35 -10.95
CA TYR S 76 -29.00 41.37 -11.90
C TYR S 76 -28.88 39.94 -11.37
N PRO S 77 -28.44 39.67 -10.13
CA PRO S 77 -28.43 38.28 -9.65
C PRO S 77 -29.80 37.63 -9.56
N ASN S 78 -30.89 38.41 -9.52
CA ASN S 78 -32.24 37.87 -9.48
C ASN S 78 -33.01 38.20 -10.76
N PHE S 79 -32.35 38.06 -11.90
CA PHE S 79 -32.96 38.28 -13.20
C PHE S 79 -32.99 36.97 -13.98
N ARG S 80 -34.15 36.65 -14.57
CA ARG S 80 -34.30 35.50 -15.45
C ARG S 80 -34.80 35.99 -16.80
N PRO S 81 -34.12 35.69 -17.90
CA PRO S 81 -34.65 36.10 -19.22
C PRO S 81 -35.83 35.26 -19.65
N ASN S 82 -37.02 35.85 -19.64
CA ASN S 82 -38.23 35.17 -20.09
C ASN S 82 -38.93 35.97 -21.17
N THR S 83 -40.14 35.56 -21.55
CA THR S 83 -40.83 36.20 -22.67
C THR S 83 -41.30 37.61 -22.31
N LYS S 84 -41.65 37.84 -21.04
CA LYS S 84 -42.15 39.15 -20.64
C LYS S 84 -41.02 40.18 -20.64
N THR S 85 -39.87 39.83 -20.07
CA THR S 85 -38.73 40.74 -20.06
C THR S 85 -38.19 40.95 -21.47
N SER S 86 -38.20 39.91 -22.30
CA SER S 86 -37.76 40.05 -23.68
C SER S 86 -38.68 40.98 -24.46
N LEU S 87 -40.00 40.84 -24.27
CA LEU S 87 -40.94 41.72 -24.97
C LEU S 87 -40.83 43.15 -24.49
N LEU S 88 -40.64 43.36 -23.19
CA LEU S 88 -40.50 44.72 -22.67
C LEU S 88 -39.17 45.34 -23.09
N GLY S 89 -38.12 44.53 -23.26
CA GLY S 89 -36.87 45.06 -23.77
C GLY S 89 -36.91 45.36 -25.25
N ALA S 90 -37.63 44.56 -26.03
CA ALA S 90 -37.77 44.82 -27.46
C ALA S 90 -38.69 45.99 -27.75
N LEU S 91 -39.70 46.22 -26.90
CA LEU S 91 -40.61 47.33 -27.13
C LEU S 91 -39.98 48.66 -26.74
N PHE S 92 -39.19 48.69 -25.66
CA PHE S 92 -38.66 49.93 -25.13
C PHE S 92 -37.19 50.19 -25.45
N GLY S 93 -36.43 49.15 -25.78
CA GLY S 93 -35.00 49.33 -25.97
C GLY S 93 -34.59 49.69 -27.39
N ILE S 94 -35.27 49.14 -28.38
CA ILE S 94 -34.91 49.37 -29.77
C ILE S 94 -36.03 50.02 -30.58
N GLY S 95 -37.27 50.02 -30.09
CA GLY S 95 -38.38 50.63 -30.79
C GLY S 95 -38.28 52.13 -30.99
N PRO S 96 -38.06 52.88 -29.90
CA PRO S 96 -37.81 54.33 -30.07
C PRO S 96 -36.61 54.65 -30.94
N LEU S 97 -35.56 53.82 -30.89
CA LEU S 97 -34.39 54.08 -31.72
C LEU S 97 -34.71 53.95 -33.21
N ILE S 98 -35.40 52.88 -33.60
CA ILE S 98 -35.70 52.69 -35.01
C ILE S 98 -36.76 53.70 -35.48
N PHE S 99 -37.71 54.06 -34.60
CA PHE S 99 -38.71 55.06 -34.96
C PHE S 99 -38.06 56.43 -35.19
N TRP S 100 -37.18 56.83 -34.27
CA TRP S 100 -36.48 58.10 -34.42
C TRP S 100 -35.57 58.10 -35.64
N TYR S 101 -34.87 56.98 -35.88
CA TYR S 101 -34.01 56.88 -37.06
C TYR S 101 -34.80 57.00 -38.34
N TYR S 102 -35.98 56.36 -38.41
CA TYR S 102 -36.79 56.45 -39.63
C TYR S 102 -37.32 57.86 -39.86
N VAL S 103 -37.83 58.51 -38.81
CA VAL S 103 -38.38 59.85 -39.02
C VAL S 103 -37.28 60.85 -39.35
N PHE S 104 -36.10 60.71 -38.75
CA PHE S 104 -35.01 61.62 -39.06
C PHE S 104 -34.43 61.37 -40.45
N LYS S 105 -34.34 60.11 -40.87
CA LYS S 105 -33.90 59.81 -42.22
C LYS S 105 -34.87 60.38 -43.26
N THR S 106 -36.17 60.26 -43.00
CA THR S 106 -37.16 60.84 -43.90
C THR S 106 -37.03 62.36 -43.98
N ASP S 107 -36.90 63.01 -42.81
CA ASP S 107 -36.77 64.47 -42.79
C ASP S 107 -35.51 64.94 -43.49
N ARG S 108 -34.37 64.27 -43.24
CA ARG S 108 -33.12 64.69 -43.86
C ARG S 108 -33.11 64.42 -45.36
N ASP S 109 -33.72 63.31 -45.80
CA ASP S 109 -33.85 63.06 -47.23
C ASP S 109 -34.71 64.13 -47.90
N ARG S 110 -35.82 64.52 -47.24
CA ARG S 110 -36.66 65.59 -47.78
C ARG S 110 -35.90 66.91 -47.86
N LYS S 111 -35.14 67.24 -46.82
CA LYS S 111 -34.40 68.50 -46.81
C LYS S 111 -33.30 68.52 -47.87
N GLU S 112 -32.58 67.40 -48.02
CA GLU S 112 -31.53 67.33 -49.03
C GLU S 112 -32.11 67.39 -50.44
N LYS S 113 -33.26 66.74 -50.66
CA LYS S 113 -33.89 66.78 -51.97
C LYS S 113 -34.41 68.18 -52.28
N LEU S 114 -34.94 68.89 -51.28
CA LEU S 114 -35.38 70.26 -51.49
C LEU S 114 -34.20 71.20 -51.76
N ILE S 115 -33.08 70.99 -51.07
CA ILE S 115 -31.93 71.87 -51.25
C ILE S 115 -31.28 71.65 -52.61
N GLN S 116 -31.12 70.38 -53.02
CA GLN S 116 -30.41 70.08 -54.26
C GLN S 116 -31.19 70.48 -55.50
N GLU S 117 -32.49 70.69 -55.39
CA GLU S 117 -33.28 71.24 -56.49
C GLU S 117 -33.44 72.75 -56.41
N GLY S 118 -32.81 73.39 -55.42
CA GLY S 118 -32.81 74.84 -55.31
C GLY S 118 -34.14 75.49 -55.01
N LYS S 119 -34.90 74.93 -54.07
CA LYS S 119 -36.16 75.54 -53.66
C LYS S 119 -36.18 76.03 -52.21
N LEU S 120 -35.32 75.50 -51.34
CA LEU S 120 -35.33 75.93 -49.95
C LEU S 120 -34.70 77.32 -49.81
N ASP S 121 -35.31 78.14 -48.96
CA ASP S 121 -34.83 79.51 -48.74
C ASP S 121 -33.60 79.45 -47.85
N ARG S 122 -32.43 79.52 -48.46
CA ARG S 122 -31.16 79.48 -47.76
C ARG S 122 -30.31 80.71 -48.09
N THR S 123 -30.97 81.84 -48.35
CA THR S 123 -30.27 83.02 -48.87
C THR S 123 -29.37 83.64 -47.81
N PHE S 124 -29.86 83.76 -46.57
CA PHE S 124 -29.11 84.41 -45.50
C PHE S 124 -28.52 83.43 -44.51
N ASN S 125 -28.53 82.13 -44.84
CA ASN S 125 -28.00 81.11 -43.95
C ASN S 125 -26.52 80.92 -44.26
N ILE S 126 -25.67 81.65 -43.54
CA ILE S 126 -24.22 81.51 -43.68
C ILE S 126 -23.55 81.02 -42.40
N SER S 127 -24.32 80.74 -41.36
CA SER S 127 -23.81 80.12 -40.14
C SER S 127 -24.38 78.71 -40.06
N TYR S 128 -23.50 77.73 -39.84
CA TYR S 128 -23.91 76.33 -39.88
C TYR S 128 -23.15 75.51 -38.84
N VAL T 6 50.31 -69.75 23.33
CA VAL T 6 49.12 -69.05 22.89
C VAL T 6 49.39 -68.34 21.56
N LYS T 7 48.31 -67.92 20.90
CA LYS T 7 48.43 -67.27 19.60
C LYS T 7 47.35 -66.21 19.46
N GLN T 8 47.78 -64.99 19.15
CA GLN T 8 46.86 -63.88 18.93
C GLN T 8 47.55 -62.86 18.03
N ASP T 9 46.76 -61.94 17.49
CA ASP T 9 47.29 -60.92 16.60
C ASP T 9 48.18 -59.95 17.39
N MET T 10 49.46 -59.94 17.06
CA MET T 10 50.47 -59.20 17.81
C MET T 10 51.38 -58.49 16.83
N PRO T 11 51.92 -57.33 17.20
CA PRO T 11 52.98 -56.70 16.40
C PRO T 11 54.23 -57.54 16.43
N PRO T 12 55.10 -57.42 15.43
CA PRO T 12 56.35 -58.18 15.43
C PRO T 12 57.28 -57.73 16.55
N VAL T 13 58.21 -58.62 16.90
CA VAL T 13 59.06 -58.42 18.07
C VAL T 13 60.00 -57.23 17.91
N GLY T 14 60.27 -56.80 16.68
CA GLY T 14 61.00 -55.57 16.45
C GLY T 14 60.13 -54.35 16.26
N GLY T 15 58.81 -54.52 16.29
CA GLY T 15 57.89 -53.43 16.03
C GLY T 15 57.75 -53.14 14.56
N TYR T 16 56.75 -52.32 14.24
CA TYR T 16 56.58 -51.90 12.85
C TYR T 16 57.53 -50.75 12.54
N GLY T 17 57.70 -50.50 11.24
CA GLY T 17 58.59 -49.46 10.79
C GLY T 17 58.02 -48.06 11.03
N PRO T 18 58.85 -47.03 10.83
CA PRO T 18 58.35 -45.67 10.97
C PRO T 18 57.32 -45.34 9.89
N ILE T 19 56.29 -44.60 10.30
CA ILE T 19 55.21 -44.19 9.42
C ILE T 19 55.22 -42.68 9.34
N ASP T 20 55.35 -42.15 8.12
CA ASP T 20 55.34 -40.71 7.93
C ASP T 20 53.93 -40.16 8.15
N TYR T 21 53.85 -39.01 8.83
CA TYR T 21 52.57 -38.36 9.06
C TYR T 21 52.62 -36.85 8.88
N LYS T 22 53.79 -36.27 8.62
CA LYS T 22 53.89 -34.82 8.50
C LYS T 22 53.50 -34.37 7.09
N ARG T 23 53.17 -33.09 6.97
CA ARG T 23 52.85 -32.51 5.68
C ARG T 23 54.11 -32.39 4.83
N ASN T 24 54.00 -32.78 3.56
CA ASN T 24 55.16 -32.76 2.66
C ASN T 24 54.67 -32.39 1.27
N LEU T 25 54.85 -31.11 0.92
CA LEU T 25 54.51 -30.61 -0.41
C LEU T 25 55.83 -30.25 -1.10
N PRO T 26 55.94 -30.59 -2.40
CA PRO T 26 57.16 -30.40 -3.19
C PRO T 26 57.69 -28.97 -3.40
N ARG T 27 56.81 -27.99 -3.68
CA ARG T 27 57.13 -26.57 -3.95
C ARG T 27 58.05 -26.32 -5.18
N ARG T 28 57.48 -25.94 -6.32
CA ARG T 28 58.31 -25.70 -7.52
C ARG T 28 57.98 -24.44 -8.36
N GLY T 29 59.01 -23.71 -8.80
CA GLY T 29 58.81 -22.53 -9.63
C GLY T 29 59.96 -21.93 -10.44
N LEU T 30 59.60 -21.14 -11.46
CA LEU T 30 60.52 -20.36 -12.32
C LEU T 30 60.36 -18.90 -11.84
N SER T 31 61.37 -18.01 -11.93
CA SER T 31 61.12 -16.77 -11.24
C SER T 31 60.21 -15.86 -12.07
N GLY T 32 59.55 -14.93 -11.39
CA GLY T 32 58.63 -14.03 -12.07
C GLY T 32 59.33 -13.10 -13.04
N TYR T 33 60.53 -12.63 -12.68
CA TYR T 33 61.31 -11.80 -13.59
C TYR T 33 61.72 -12.59 -14.83
N SER T 34 62.14 -13.85 -14.65
CA SER T 34 62.52 -14.68 -15.79
C SER T 34 61.33 -15.01 -16.67
N MET T 35 60.17 -15.30 -16.05
CA MET T 35 58.97 -15.58 -16.84
C MET T 35 58.52 -14.37 -17.62
N PHE T 36 58.60 -13.18 -17.01
CA PHE T 36 58.25 -11.96 -17.73
C PHE T 36 59.24 -11.68 -18.85
N ALA T 37 60.52 -12.03 -18.65
CA ALA T 37 61.51 -11.89 -19.71
C ALA T 37 61.21 -12.83 -20.88
N VAL T 38 60.79 -14.06 -20.59
CA VAL T 38 60.41 -15.00 -21.65
C VAL T 38 59.18 -14.49 -22.40
N GLY T 39 58.21 -13.94 -21.67
CA GLY T 39 57.05 -13.36 -22.32
C GLY T 39 57.40 -12.18 -23.21
N ILE T 40 58.31 -11.33 -22.75
CA ILE T 40 58.77 -10.20 -23.56
C ILE T 40 59.49 -10.69 -24.82
N GLY T 41 60.32 -11.72 -24.67
CA GLY T 41 61.02 -12.27 -25.82
C GLY T 41 60.08 -12.88 -26.85
N ALA T 42 59.07 -13.61 -26.39
CA ALA T 42 58.07 -14.17 -27.29
C ALA T 42 57.29 -13.07 -27.99
N LEU T 43 56.94 -12.01 -27.25
CA LEU T 43 56.24 -10.87 -27.82
C LEU T 43 57.04 -10.22 -28.94
N LEU T 44 58.33 -9.98 -28.69
CA LEU T 44 59.16 -9.29 -29.69
C LEU T 44 59.42 -10.18 -30.89
N PHE T 45 59.59 -11.49 -30.67
CA PHE T 45 59.78 -12.42 -31.79
C PHE T 45 58.54 -12.47 -32.68
N GLY T 46 57.35 -12.56 -32.07
CA GLY T 46 56.13 -12.55 -32.85
C GLY T 46 55.92 -11.24 -33.60
N TYR T 47 56.22 -10.12 -32.95
CA TYR T 47 56.08 -8.82 -33.61
C TYR T 47 57.02 -8.70 -34.80
N TRP T 48 58.27 -9.17 -34.65
CA TRP T 48 59.25 -9.11 -35.73
C TRP T 48 58.80 -9.96 -36.92
N SER T 49 58.39 -11.20 -36.65
CA SER T 49 57.97 -12.10 -37.71
C SER T 49 56.73 -11.58 -38.44
N MET T 50 55.76 -11.06 -37.69
CA MET T 50 54.55 -10.58 -38.34
C MET T 50 54.78 -9.25 -39.05
N MET T 51 55.73 -8.42 -38.62
CA MET T 51 56.00 -7.22 -39.40
C MET T 51 56.65 -7.57 -40.73
N ARG T 52 57.57 -8.55 -40.72
CA ARG T 52 58.16 -9.02 -41.97
C ARG T 52 57.10 -9.61 -42.91
N TRP T 53 56.21 -10.44 -42.35
CA TRP T 53 55.19 -11.08 -43.18
C TRP T 53 54.15 -10.08 -43.68
N ASN T 54 53.80 -9.08 -42.87
CA ASN T 54 52.87 -8.06 -43.32
C ASN T 54 53.47 -7.20 -44.43
N ARG T 55 54.77 -6.91 -44.34
CA ARG T 55 55.43 -6.17 -45.41
C ARG T 55 55.45 -6.98 -46.72
N GLU T 56 55.72 -8.28 -46.62
CA GLU T 56 55.67 -9.14 -47.81
C GLU T 56 54.26 -9.19 -48.39
N ARG T 57 53.24 -9.28 -47.53
CA ARG T 57 51.86 -9.29 -47.99
C ARG T 57 51.48 -7.97 -48.65
N ARG T 58 51.98 -6.85 -48.14
CA ARG T 58 51.74 -5.55 -48.76
C ARG T 58 52.37 -5.49 -50.14
N ARG T 59 53.59 -6.03 -50.28
CA ARG T 59 54.23 -6.08 -51.60
C ARG T 59 53.42 -6.91 -52.59
N LEU T 60 52.89 -8.06 -52.13
CA LEU T 60 52.07 -8.90 -53.01
C LEU T 60 50.76 -8.20 -53.38
N GLN T 61 50.18 -7.44 -52.44
CA GLN T 61 48.98 -6.67 -52.74
C GLN T 61 49.25 -5.60 -53.79
N ILE T 62 50.40 -4.92 -53.68
CA ILE T 62 50.78 -3.92 -54.68
C ILE T 62 50.96 -4.57 -56.04
N GLU T 63 51.58 -5.75 -56.07
CA GLU T 63 51.76 -6.47 -57.34
C GLU T 63 50.42 -6.84 -57.98
N ASP T 64 49.49 -7.34 -57.17
CA ASP T 64 48.18 -7.73 -57.72
C ASP T 64 47.38 -6.52 -58.18
N PHE T 65 47.48 -5.40 -57.45
CA PHE T 65 46.81 -4.17 -57.88
C PHE T 65 47.40 -3.65 -59.17
N GLU T 66 48.73 -3.74 -59.33
CA GLU T 66 49.36 -3.36 -60.59
C GLU T 66 48.91 -4.25 -61.73
N ALA T 67 48.75 -5.55 -61.47
CA ALA T 67 48.26 -6.47 -62.50
C ALA T 67 46.83 -6.11 -62.92
N ARG T 68 45.96 -5.81 -61.95
CA ARG T 68 44.60 -5.39 -62.29
C ARG T 68 44.59 -4.08 -63.06
N ILE T 69 45.45 -3.13 -62.66
CA ILE T 69 45.53 -1.83 -63.33
C ILE T 69 45.98 -2.00 -64.77
N ALA T 70 47.00 -2.81 -65.01
CA ALA T 70 47.45 -3.06 -66.38
C ALA T 70 46.42 -3.84 -67.18
N LEU T 71 45.60 -4.66 -66.51
CA LEU T 71 44.62 -5.47 -67.23
C LEU T 71 43.37 -4.69 -67.63
N MET T 72 42.93 -3.73 -66.80
CA MET T 72 41.55 -3.23 -66.94
C MET T 72 41.18 -2.44 -68.21
N PRO T 73 42.08 -1.75 -68.96
CA PRO T 73 41.59 -1.06 -70.18
C PRO T 73 40.94 -1.96 -71.22
N LEU T 74 41.44 -3.19 -71.38
CA LEU T 74 40.78 -4.14 -72.27
C LEU T 74 39.38 -4.45 -71.78
N LEU T 75 39.22 -4.63 -70.47
CA LEU T 75 37.90 -4.87 -69.90
C LEU T 75 36.97 -3.67 -70.08
N GLN T 76 37.53 -2.46 -69.98
CA GLN T 76 36.74 -1.25 -70.20
C GLN T 76 36.24 -1.17 -71.64
N ALA T 77 37.11 -1.46 -72.60
CA ALA T 77 36.69 -1.44 -74.01
C ALA T 77 35.66 -2.53 -74.29
N GLU T 78 35.86 -3.73 -73.73
CA GLU T 78 34.90 -4.82 -73.92
C GLU T 78 33.55 -4.48 -73.31
N LYS T 79 33.55 -3.90 -72.10
CA LYS T 79 32.30 -3.51 -71.46
C LYS T 79 31.60 -2.39 -72.22
N ASP T 80 32.38 -1.46 -72.79
CA ASP T 80 31.80 -0.38 -73.58
C ASP T 80 31.11 -0.92 -74.82
N ARG T 81 31.78 -1.84 -75.53
CA ARG T 81 31.16 -2.46 -76.69
C ARG T 81 29.95 -3.31 -76.30
N ARG T 82 30.02 -3.97 -75.14
CA ARG T 82 28.91 -4.79 -74.67
C ARG T 82 27.68 -3.95 -74.36
N VAL T 83 27.85 -2.84 -73.64
CA VAL T 83 26.70 -2.02 -73.28
C VAL T 83 26.15 -1.30 -74.50
N LEU T 84 27.00 -0.93 -75.46
CA LEU T 84 26.49 -0.30 -76.68
C LEU T 84 25.74 -1.32 -77.55
N GLN T 85 26.23 -2.55 -77.61
CA GLN T 85 25.52 -3.60 -78.33
C GLN T 85 24.16 -3.89 -77.70
N MET T 86 24.12 -3.98 -76.36
CA MET T 86 22.85 -4.21 -75.67
C MET T 86 21.88 -3.05 -75.85
N LEU T 87 22.37 -1.81 -75.79
CA LEU T 87 21.49 -0.67 -75.96
C LEU T 87 20.98 -0.58 -77.40
N ARG T 88 21.82 -0.90 -78.38
CA ARG T 88 21.37 -0.89 -79.78
C ARG T 88 20.35 -1.99 -80.03
N GLU T 89 20.56 -3.18 -79.46
CA GLU T 89 19.59 -4.25 -79.60
C GLU T 89 18.26 -3.88 -78.96
N ASN T 90 18.30 -3.30 -77.77
CA ASN T 90 17.07 -2.88 -77.10
C ASN T 90 16.36 -1.77 -77.87
N LEU T 91 17.12 -0.83 -78.43
CA LEU T 91 16.53 0.24 -79.22
C LEU T 91 15.87 -0.28 -80.49
N GLU T 92 16.56 -1.19 -81.20
CA GLU T 92 15.97 -1.75 -82.41
C GLU T 92 14.74 -2.59 -82.10
N GLU T 93 14.79 -3.38 -81.02
CA GLU T 93 13.64 -4.18 -80.63
C GLU T 93 12.47 -3.30 -80.23
N GLU T 94 12.73 -2.20 -79.51
CA GLU T 94 11.69 -1.25 -79.14
C GLU T 94 11.10 -0.59 -80.39
N ALA T 95 11.95 -0.36 -81.40
CA ALA T 95 11.45 0.20 -82.66
C ALA T 95 10.51 -0.77 -83.37
N THR T 96 10.83 -2.06 -83.38
CA THR T 96 10.03 -2.98 -84.19
C THR T 96 8.91 -3.66 -83.41
N ILE T 97 8.81 -3.48 -82.10
CA ILE T 97 7.78 -4.22 -81.37
C ILE T 97 6.42 -3.56 -81.56
N MET T 98 6.37 -2.23 -81.47
CA MET T 98 5.12 -1.49 -81.32
C MET T 98 5.09 -0.34 -82.31
N LYS T 99 4.48 -0.62 -83.46
CA LYS T 99 4.31 0.32 -84.57
C LYS T 99 2.87 0.82 -84.67
N ASP T 100 2.00 0.43 -83.74
CA ASP T 100 0.58 0.70 -83.85
C ASP T 100 0.08 1.79 -82.93
N VAL T 101 0.65 1.92 -81.73
CA VAL T 101 0.17 2.90 -80.75
C VAL T 101 0.59 4.30 -81.17
N PRO T 102 -0.21 5.32 -80.88
CA PRO T 102 0.16 6.70 -81.23
C PRO T 102 0.96 7.35 -80.12
N GLY T 103 1.50 8.53 -80.44
CA GLY T 103 2.24 9.32 -79.47
C GLY T 103 3.53 8.68 -78.99
N TRP T 104 4.32 8.11 -79.90
CA TRP T 104 5.56 7.45 -79.55
C TRP T 104 6.65 7.80 -80.55
N LYS T 105 7.80 8.22 -80.04
CA LYS T 105 9.01 8.41 -80.83
C LYS T 105 10.05 7.42 -80.34
N VAL T 106 10.67 6.69 -81.28
CA VAL T 106 11.66 5.69 -80.91
C VAL T 106 12.94 6.37 -80.46
N GLY T 107 13.55 5.82 -79.41
CA GLY T 107 14.77 6.41 -78.88
C GLY T 107 14.58 7.72 -78.16
N GLU T 108 13.40 7.99 -77.62
CA GLU T 108 13.13 9.23 -76.90
C GLU T 108 13.77 9.11 -75.52
N SER T 109 14.94 9.73 -75.36
CA SER T 109 15.60 9.74 -74.06
C SER T 109 14.82 10.61 -73.09
N VAL T 110 14.71 10.15 -71.84
CA VAL T 110 13.92 10.86 -70.83
C VAL T 110 14.66 12.02 -70.19
N PHE T 111 15.95 12.15 -70.46
CA PHE T 111 16.75 13.25 -69.92
C PHE T 111 16.84 14.39 -70.92
N HIS T 112 16.73 15.62 -70.42
CA HIS T 112 16.75 16.78 -71.30
C HIS T 112 18.13 17.02 -71.90
N THR T 113 19.19 16.70 -71.16
CA THR T 113 20.53 16.89 -71.68
C THR T 113 20.86 15.83 -72.72
N THR T 114 21.78 16.17 -73.61
CA THR T 114 22.30 15.25 -74.61
C THR T 114 23.58 14.55 -74.15
N ARG T 115 23.98 14.77 -72.91
CA ARG T 115 25.16 14.11 -72.35
C ARG T 115 24.91 12.61 -72.20
N TRP T 116 25.98 11.83 -72.32
CA TRP T 116 25.88 10.40 -72.11
C TRP T 116 25.56 10.08 -70.66
N VAL T 117 24.61 9.17 -70.45
CA VAL T 117 24.19 8.74 -69.13
C VAL T 117 24.45 7.25 -69.01
N THR T 118 24.91 6.82 -67.83
CA THR T 118 25.19 5.41 -67.62
C THR T 118 23.90 4.58 -67.69
N PRO T 119 23.91 3.46 -68.40
CA PRO T 119 22.69 2.66 -68.53
C PRO T 119 22.36 1.92 -67.24
N MET T 120 21.09 1.58 -67.11
CA MET T 120 20.60 0.82 -65.97
C MET T 120 20.70 -0.68 -66.23
N MET T 121 20.52 -1.45 -65.14
CA MET T 121 20.29 -2.87 -65.29
C MET T 121 18.98 -3.15 -66.01
N GLY T 122 17.93 -2.37 -65.70
CA GLY T 122 16.67 -2.53 -66.40
C GLY T 122 16.71 -1.99 -67.81
N GLU T 123 17.62 -1.07 -68.10
CA GLU T 123 17.76 -0.55 -69.46
C GLU T 123 18.52 -1.50 -70.37
N LEU T 124 19.33 -2.40 -69.80
CA LEU T 124 20.11 -3.35 -70.59
C LEU T 124 19.47 -4.73 -70.59
N TYR T 125 19.26 -5.32 -69.42
CA TYR T 125 18.74 -6.67 -69.29
C TYR T 125 17.23 -6.71 -69.10
N GLY T 126 16.54 -5.59 -69.34
CA GLY T 126 15.12 -5.52 -69.09
C GLY T 126 14.23 -6.16 -70.13
N LEU T 127 14.80 -6.75 -71.18
CA LEU T 127 14.01 -7.38 -72.23
C LEU T 127 14.41 -8.84 -72.47
N ARG T 128 15.19 -9.44 -71.57
CA ARG T 128 15.65 -10.81 -71.70
C ARG T 128 14.82 -11.74 -70.81
N THR T 129 15.26 -13.00 -70.73
CA THR T 129 14.62 -13.97 -69.86
C THR T 129 14.91 -13.66 -68.39
N GLY T 130 14.13 -14.29 -67.51
CA GLY T 130 14.27 -14.03 -66.08
C GLY T 130 15.55 -14.55 -65.48
N GLU T 131 16.10 -15.64 -66.03
CA GLU T 131 17.32 -16.22 -65.48
C GLU T 131 18.52 -15.31 -65.69
N GLU T 132 18.61 -14.67 -66.85
CA GLU T 132 19.70 -13.74 -67.10
C GLU T 132 19.58 -12.50 -66.21
N ILE T 133 18.34 -12.05 -65.97
CA ILE T 133 18.10 -10.95 -65.04
C ILE T 133 18.55 -11.33 -63.64
N LEU T 134 18.24 -12.56 -63.20
CA LEU T 134 18.65 -13.02 -61.89
C LEU T 134 20.17 -13.08 -61.77
N SER T 135 20.83 -13.69 -62.76
CA SER T 135 22.28 -13.83 -62.72
C SER T 135 23.01 -12.50 -62.89
N SER T 136 22.35 -11.49 -63.45
CA SER T 136 22.96 -10.17 -63.59
C SER T 136 22.77 -9.33 -62.33
N THR T 137 21.53 -9.10 -61.92
CA THR T 137 21.26 -8.18 -60.83
C THR T 137 21.36 -8.81 -59.44
N TYR T 138 21.43 -10.15 -59.35
CA TYR T 138 21.58 -10.79 -58.05
C TYR T 138 22.63 -11.90 -58.07
N GLY T 139 23.41 -12.01 -59.15
CA GLY T 139 24.41 -13.08 -59.22
C GLY T 139 25.54 -12.89 -58.23
N PHE T 140 26.02 -11.66 -58.07
CA PHE T 140 27.17 -11.42 -57.21
C PHE T 140 26.80 -11.56 -55.73
N ILE T 141 25.65 -11.01 -55.33
CA ILE T 141 25.28 -11.02 -53.92
C ILE T 141 24.93 -12.44 -53.47
N TRP T 142 24.29 -13.21 -54.33
CA TRP T 142 23.90 -14.57 -54.00
C TRP T 142 24.98 -15.60 -54.30
N TYR T 143 26.15 -15.17 -54.77
CA TYR T 143 27.25 -16.10 -55.07
C TYR T 143 27.89 -16.53 -53.75
N THR T 144 27.26 -17.52 -53.12
CA THR T 144 27.75 -18.19 -51.92
C THR T 144 28.02 -17.22 -50.75
N SER U 2 -61.61 58.07 29.82
CA SER U 2 -60.27 57.54 29.98
C SER U 2 -59.21 58.63 29.78
N GLY U 3 -58.69 59.16 30.87
CA GLY U 3 -57.68 60.20 30.84
C GLY U 3 -56.28 59.63 30.91
N TYR U 4 -55.36 60.44 31.43
CA TYR U 4 -53.99 60.00 31.60
C TYR U 4 -53.88 58.98 32.73
N THR U 5 -53.21 57.87 32.46
CA THR U 5 -52.82 56.95 33.51
C THR U 5 -51.71 57.61 34.34
N PRO U 6 -51.54 57.20 35.60
CA PRO U 6 -50.52 57.84 36.46
C PRO U 6 -49.10 57.76 35.94
N ASP U 7 -48.74 56.69 35.22
CA ASP U 7 -47.37 56.57 34.70
C ASP U 7 -47.08 57.63 33.64
N GLU U 8 -47.95 57.73 32.63
CA GLU U 8 -47.72 58.73 31.58
C GLU U 8 -47.93 60.14 32.10
N LYS U 9 -48.85 60.33 33.06
CA LYS U 9 -49.02 61.65 33.67
C LYS U 9 -47.77 62.07 34.43
N LEU U 10 -47.19 61.15 35.19
CA LEU U 10 -45.95 61.45 35.91
C LEU U 10 -44.79 61.73 34.96
N ARG U 11 -44.70 60.94 33.88
CA ARG U 11 -43.64 61.17 32.89
C ARG U 11 -43.79 62.52 32.21
N LEU U 12 -45.03 62.87 31.83
CA LEU U 12 -45.27 64.16 31.18
C LEU U 12 -45.00 65.32 32.13
N GLN U 13 -45.36 65.17 33.41
CA GLN U 13 -45.05 66.21 34.39
C GLN U 13 -43.55 66.38 34.58
N GLN U 14 -42.81 65.27 34.71
CA GLN U 14 -41.37 65.33 34.89
C GLN U 14 -40.69 65.98 33.69
N LEU U 15 -41.05 65.54 32.49
CA LEU U 15 -40.54 66.16 31.28
C LEU U 15 -40.96 67.61 31.16
N ARG U 16 -42.12 67.96 31.72
CA ARG U 16 -42.59 69.34 31.68
C ARG U 16 -41.70 70.26 32.50
N GLU U 17 -41.42 69.92 33.77
CA GLU U 17 -40.59 70.87 34.50
C GLU U 17 -39.12 70.77 34.09
N LEU U 18 -38.67 69.63 33.55
CA LEU U 18 -37.31 69.60 33.01
C LEU U 18 -37.19 70.47 31.76
N ARG U 19 -38.20 70.43 30.88
CA ARG U 19 -38.22 71.29 29.70
C ARG U 19 -38.30 72.76 30.10
N ARG U 20 -39.09 73.07 31.13
CA ARG U 20 -39.19 74.45 31.58
C ARG U 20 -37.88 74.92 32.21
N ARG U 21 -37.18 74.03 32.92
CA ARG U 21 -35.88 74.37 33.48
C ARG U 21 -34.87 74.66 32.36
N TRP U 22 -34.87 73.83 31.31
CA TRP U 22 -34.00 74.09 30.16
C TRP U 22 -34.37 75.40 29.47
N LEU U 23 -35.67 75.68 29.35
CA LEU U 23 -36.12 76.88 28.66
C LEU U 23 -35.72 78.15 29.41
N LYS U 24 -35.83 78.13 30.75
CA LYS U 24 -35.32 79.26 31.52
C LYS U 24 -33.80 79.29 31.49
N ASP U 25 -33.16 78.13 31.36
CA ASP U 25 -31.70 78.09 31.27
C ASP U 25 -31.20 78.63 29.94
N GLN U 26 -32.07 78.75 28.93
CA GLN U 26 -31.68 79.38 27.67
C GLN U 26 -31.40 80.87 27.80
N GLU U 27 -31.88 81.50 28.87
CA GLU U 27 -31.69 82.94 29.05
C GLU U 27 -30.23 83.28 29.34
N LEU U 28 -29.81 84.46 28.89
CA LEU U 28 -28.45 84.94 29.06
C LEU U 28 -28.38 85.97 30.17
N SER U 29 -27.19 86.10 30.76
CA SER U 29 -26.94 87.16 31.72
C SER U 29 -26.83 88.50 31.00
N PRO U 30 -27.15 89.60 31.69
CA PRO U 30 -26.99 90.93 31.07
C PRO U 30 -25.55 91.28 30.73
N ARG U 31 -24.56 90.65 31.36
CA ARG U 31 -23.18 90.86 30.98
C ARG U 31 -22.91 90.33 29.57
N GLU U 32 -23.49 89.18 29.23
CA GLU U 32 -23.37 88.65 27.89
C GLU U 32 -24.18 89.50 26.90
N PRO U 33 -23.71 89.64 25.66
CA PRO U 33 -22.46 89.13 25.10
C PRO U 33 -21.24 89.98 25.45
N VAL U 34 -20.10 89.32 25.67
CA VAL U 34 -18.84 90.02 25.92
C VAL U 34 -18.18 90.21 24.56
N LEU U 35 -18.60 91.26 23.87
CA LEU U 35 -18.06 91.55 22.55
C LEU U 35 -16.61 92.04 22.67
N PRO U 36 -15.72 91.57 21.79
CA PRO U 36 -14.35 92.06 21.84
C PRO U 36 -14.28 93.52 21.49
N PRO U 37 -13.35 94.28 22.10
CA PRO U 37 -13.28 95.72 21.82
C PRO U 37 -12.74 95.98 20.42
N ARG U 38 -13.40 96.88 19.71
CA ARG U 38 -13.00 97.24 18.36
C ARG U 38 -12.16 98.51 18.35
N ARG U 66 -20.05 115.36 7.26
CA ARG U 66 -20.20 114.02 6.75
C ARG U 66 -21.68 113.64 6.63
N HIS U 67 -22.46 114.54 6.04
CA HIS U 67 -23.90 114.37 5.92
C HIS U 67 -24.33 113.91 4.54
N SER U 68 -23.58 114.22 3.49
CA SER U 68 -23.94 113.90 2.12
C SER U 68 -22.88 113.02 1.45
N ILE U 69 -22.37 112.02 2.19
CA ILE U 69 -21.43 111.08 1.59
C ILE U 69 -22.13 110.16 0.60
N PHE U 70 -23.37 109.74 0.92
CA PHE U 70 -24.07 108.75 0.11
C PHE U 70 -24.42 109.26 -1.28
N ALA U 71 -24.47 110.58 -1.48
CA ALA U 71 -24.71 111.16 -2.79
C ALA U 71 -23.45 111.46 -3.56
N PHE U 72 -22.27 111.24 -2.97
CA PHE U 72 -21.00 111.53 -3.61
C PHE U 72 -20.16 110.28 -3.86
N THR U 73 -19.95 109.46 -2.84
CA THR U 73 -19.10 108.28 -3.00
C THR U 73 -19.78 107.17 -3.81
N HIS U 74 -21.09 107.28 -4.06
CA HIS U 74 -21.79 106.30 -4.86
C HIS U 74 -22.22 106.81 -6.22
N VAL U 75 -22.34 108.12 -6.41
CA VAL U 75 -22.94 108.71 -7.60
C VAL U 75 -21.92 109.45 -8.45
N LEU U 76 -21.26 110.45 -7.88
CA LEU U 76 -20.45 111.38 -8.68
C LEU U 76 -19.20 110.71 -9.23
N ILE U 77 -18.54 109.86 -8.43
CA ILE U 77 -17.36 109.15 -8.88
C ILE U 77 -17.69 108.15 -10.00
N PRO U 78 -18.74 107.31 -9.91
CA PRO U 78 -19.11 106.53 -11.10
C PRO U 78 -19.54 107.38 -12.28
N VAL U 79 -20.15 108.55 -12.04
CA VAL U 79 -20.52 109.44 -13.16
C VAL U 79 -19.27 109.90 -13.89
N TRP U 80 -18.24 110.32 -13.14
CA TRP U 80 -16.98 110.75 -13.76
C TRP U 80 -16.31 109.59 -14.48
N ILE U 81 -16.29 108.41 -13.87
CA ILE U 81 -15.61 107.26 -14.46
C ILE U 81 -16.29 106.84 -15.76
N ILE U 82 -17.62 106.73 -15.74
CA ILE U 82 -18.36 106.29 -16.91
C ILE U 82 -18.34 107.36 -17.99
N HIS U 83 -18.38 108.64 -17.61
CA HIS U 83 -18.31 109.71 -18.59
C HIS U 83 -16.95 109.73 -19.30
N TYR U 84 -15.86 109.52 -18.54
CA TYR U 84 -14.55 109.44 -19.16
C TYR U 84 -14.43 108.22 -20.07
N TYR U 85 -14.89 107.07 -19.58
CA TYR U 85 -14.78 105.82 -20.34
C TYR U 85 -15.65 105.84 -21.59
N LEU U 86 -16.72 106.64 -21.58
CA LEU U 86 -17.56 106.78 -22.77
C LEU U 86 -17.01 107.84 -23.71
N LYS U 87 -16.43 108.92 -23.16
CA LYS U 87 -15.96 110.02 -23.98
C LYS U 87 -14.66 109.72 -24.69
N TYR U 88 -13.78 108.91 -24.10
CA TYR U 88 -12.47 108.70 -24.70
C TYR U 88 -12.10 107.24 -24.89
N HIS U 89 -13.03 106.31 -24.66
CA HIS U 89 -12.78 104.90 -24.94
C HIS U 89 -13.92 104.19 -25.65
N VAL U 90 -15.15 104.71 -25.62
CA VAL U 90 -16.30 104.06 -26.22
C VAL U 90 -16.72 104.78 -27.52
N THR U 91 -16.90 106.10 -27.46
CA THR U 91 -17.30 106.83 -28.64
C THR U 91 -16.17 107.04 -29.64
N THR U 92 -14.92 106.75 -29.25
CA THR U 92 -13.81 106.83 -30.19
C THR U 92 -13.90 105.73 -31.24
N LYS U 93 -14.24 104.52 -30.83
CA LYS U 93 -14.42 103.41 -31.75
C LYS U 93 -15.71 103.60 -32.55
N PRO U 94 -15.76 103.14 -33.80
CA PRO U 94 -16.93 103.40 -34.64
C PRO U 94 -18.11 102.50 -34.30
N TYR U 95 -19.31 103.09 -34.41
CA TYR U 95 -20.60 102.40 -34.37
C TYR U 95 -20.88 101.69 -33.05
N THR U 96 -20.18 102.04 -31.98
CA THR U 96 -20.49 101.47 -30.67
C THR U 96 -21.75 102.09 -30.10
N ILE U 97 -21.92 103.39 -30.26
CA ILE U 97 -23.09 104.10 -29.76
C ILE U 97 -23.76 104.77 -30.96
N VAL U 98 -25.01 104.39 -31.23
CA VAL U 98 -25.74 104.85 -32.39
C VAL U 98 -26.95 105.64 -31.90
N GLU U 99 -27.04 106.89 -32.34
CA GLU U 99 -28.10 107.80 -31.91
C GLU U 99 -29.13 107.96 -33.02
N LYS U 100 -30.40 107.86 -32.66
CA LYS U 100 -31.47 108.13 -33.62
C LYS U 100 -31.48 109.61 -33.98
N LYS U 101 -31.71 109.89 -35.26
CA LYS U 101 -31.77 111.28 -35.71
C LYS U 101 -33.01 111.95 -35.15
N PRO U 102 -32.92 113.21 -34.72
CA PRO U 102 -34.05 113.86 -34.06
C PRO U 102 -35.17 114.17 -35.04
N ARG U 103 -36.35 114.39 -34.46
CA ARG U 103 -37.53 114.71 -35.26
C ARG U 103 -37.41 116.12 -35.83
N ILE U 104 -37.71 116.26 -37.12
CA ILE U 104 -37.68 117.54 -37.83
C ILE U 104 -39.09 117.82 -38.33
N PHE U 105 -39.63 118.99 -37.98
CA PHE U 105 -40.96 119.39 -38.38
C PHE U 105 -40.89 120.51 -39.42
N PRO U 106 -41.93 120.68 -40.24
CA PRO U 106 -41.95 121.82 -41.17
C PRO U 106 -41.96 123.15 -40.43
N GLY U 107 -41.00 124.00 -40.75
CA GLY U 107 -40.81 125.25 -40.05
C GLY U 107 -39.70 125.24 -39.02
N ASP U 108 -38.97 124.14 -38.88
CA ASP U 108 -37.91 124.07 -37.89
C ASP U 108 -36.64 124.72 -38.42
N THR U 109 -35.73 125.03 -37.49
CA THR U 109 -34.45 125.64 -37.79
C THR U 109 -33.33 124.70 -37.36
N ILE U 110 -32.37 124.46 -38.24
CA ILE U 110 -31.26 123.54 -37.99
C ILE U 110 -30.03 124.37 -37.62
N LEU U 111 -29.39 124.02 -36.51
CA LEU U 111 -28.19 124.74 -36.07
C LEU U 111 -27.01 124.45 -37.00
N GLU U 112 -26.90 123.21 -37.49
CA GLU U 112 -25.72 122.81 -38.25
C GLU U 112 -25.69 123.42 -39.66
N THR U 113 -26.85 123.69 -40.25
CA THR U 113 -26.91 124.20 -41.62
C THR U 113 -27.46 125.61 -41.72
N GLY U 114 -28.46 125.95 -40.90
CA GLY U 114 -29.07 127.25 -40.95
C GLY U 114 -30.20 127.40 -41.92
N GLU U 115 -30.48 126.37 -42.73
CA GLU U 115 -31.57 126.43 -43.70
C GLU U 115 -32.88 126.07 -43.00
N VAL U 116 -33.81 127.01 -42.96
CA VAL U 116 -35.08 126.79 -42.29
C VAL U 116 -36.02 126.01 -43.21
N ILE U 117 -36.78 125.10 -42.62
CA ILE U 117 -37.73 124.30 -43.40
C ILE U 117 -38.90 125.19 -43.82
N PRO U 118 -39.36 125.12 -45.08
CA PRO U 118 -40.55 125.86 -45.45
C PRO U 118 -41.77 125.31 -44.75
N PRO U 119 -42.77 126.15 -44.48
CA PRO U 119 -43.99 125.66 -43.84
C PRO U 119 -44.80 124.78 -44.78
N MET U 120 -45.72 124.02 -44.19
CA MET U 120 -46.50 123.05 -44.94
C MET U 120 -47.60 123.75 -45.73
N LYS U 121 -48.43 122.95 -46.41
CA LYS U 121 -49.45 123.49 -47.28
C LYS U 121 -50.56 124.16 -46.48
N GLU U 122 -51.31 125.03 -47.18
CA GLU U 122 -52.42 125.73 -46.58
C GLU U 122 -53.53 124.74 -46.23
N PHE U 123 -54.03 124.82 -45.01
CA PHE U 123 -54.87 123.76 -44.45
C PHE U 123 -56.29 123.84 -44.98
N PRO U 124 -56.80 122.80 -45.66
CA PRO U 124 -58.23 122.78 -45.99
C PRO U 124 -59.06 122.46 -44.76
N ASP U 125 -59.39 123.52 -44.01
CA ASP U 125 -60.01 123.36 -42.70
C ASP U 125 -61.41 122.75 -42.82
N GLN U 126 -61.74 121.91 -41.83
CA GLN U 126 -62.98 121.14 -41.83
C GLN U 126 -64.00 121.62 -40.81
N HIS U 127 -63.57 122.36 -39.80
CA HIS U 127 -64.47 122.80 -38.73
C HIS U 127 -64.30 124.27 -38.44
N GLY V 1 -74.69 95.84 -33.82
CA GLY V 1 -74.02 94.72 -34.43
C GLY V 1 -74.96 93.75 -35.12
N ALA V 2 -76.03 94.29 -35.71
CA ALA V 2 -77.00 93.47 -36.42
C ALA V 2 -76.52 93.07 -37.81
N HIS V 3 -75.42 93.64 -38.29
CA HIS V 3 -74.88 93.25 -39.58
C HIS V 3 -74.36 91.82 -39.57
N LEU V 4 -73.87 91.35 -38.42
CA LEU V 4 -73.50 89.95 -38.29
C LEU V 4 -74.73 89.05 -38.43
N ALA V 5 -75.87 89.48 -37.88
CA ALA V 5 -77.10 88.71 -38.03
C ALA V 5 -77.59 88.73 -39.47
N ARG V 6 -77.47 89.87 -40.15
CA ARG V 6 -77.91 89.96 -41.53
C ARG V 6 -76.98 89.24 -42.51
N ARG V 7 -75.71 89.04 -42.13
CA ARG V 7 -74.76 88.37 -43.00
C ARG V 7 -74.67 86.87 -42.75
N TYR V 8 -74.72 86.45 -41.48
CA TYR V 8 -74.48 85.06 -41.11
C TYR V 8 -75.78 84.26 -41.01
N LEU V 9 -76.68 84.70 -40.12
CA LEU V 9 -77.91 83.95 -39.87
C LEU V 9 -78.94 84.11 -40.97
N GLY V 10 -78.82 85.13 -41.81
CA GLY V 10 -79.72 85.30 -42.93
C GLY V 10 -79.18 84.68 -44.19
N ASP V 11 -78.86 85.52 -45.19
CA ASP V 11 -78.20 85.07 -46.40
C ASP V 11 -76.92 85.87 -46.60
N ALA V 12 -75.89 85.20 -47.11
CA ALA V 12 -74.57 85.80 -47.27
C ALA V 12 -74.35 86.41 -48.65
N SER V 13 -75.34 86.37 -49.52
CA SER V 13 -75.18 86.88 -50.88
C SER V 13 -75.55 88.35 -51.02
N VAL V 14 -75.99 89.00 -49.95
CA VAL V 14 -76.32 90.42 -49.98
C VAL V 14 -75.44 91.27 -49.10
N GLU V 15 -74.71 90.68 -48.16
CA GLU V 15 -73.86 91.53 -47.32
C GLU V 15 -72.42 91.49 -47.81
N PRO V 16 -71.71 92.61 -47.73
CA PRO V 16 -70.34 92.66 -48.27
C PRO V 16 -69.36 91.86 -47.42
N GLU V 17 -68.30 91.40 -48.08
CA GLU V 17 -67.21 90.73 -47.40
C GLU V 17 -66.09 91.72 -47.18
N PRO V 18 -65.74 92.05 -45.93
CA PRO V 18 -64.70 93.08 -45.70
C PRO V 18 -63.31 92.68 -46.17
N LEU V 19 -63.05 91.39 -46.38
CA LEU V 19 -61.76 90.98 -46.94
C LEU V 19 -61.58 91.48 -48.37
N ARG V 20 -62.63 91.39 -49.18
CA ARG V 20 -62.61 91.83 -50.58
C ARG V 20 -63.73 92.84 -50.78
N MET V 21 -63.40 94.13 -50.68
CA MET V 21 -64.38 95.20 -50.75
C MET V 21 -63.65 96.52 -51.04
N PRO V 22 -64.13 97.33 -51.98
CA PRO V 22 -65.32 97.16 -52.82
C PRO V 22 -65.12 96.23 -54.03
N THR V 23 -66.17 95.51 -54.39
CA THR V 23 -66.17 94.66 -55.58
C THR V 23 -66.72 95.35 -56.80
N PHE V 24 -67.17 96.60 -56.69
CA PHE V 24 -67.75 97.38 -57.76
C PHE V 24 -66.83 98.52 -58.16
N PRO V 25 -66.89 98.98 -59.41
CA PRO V 25 -66.04 100.11 -59.81
C PRO V 25 -66.45 101.38 -59.09
N PRO V 26 -65.49 102.27 -58.79
CA PRO V 26 -65.84 103.54 -58.12
C PRO V 26 -66.79 104.43 -58.92
N ASP V 27 -66.71 104.40 -60.24
CA ASP V 27 -67.53 105.29 -61.08
C ASP V 27 -68.89 104.67 -61.38
N TYR V 28 -69.67 104.49 -60.33
CA TYR V 28 -71.03 103.98 -60.42
C TYR V 28 -71.98 105.04 -59.88
N GLY V 29 -72.69 105.71 -60.79
CA GLY V 29 -73.64 106.74 -60.39
C GLY V 29 -73.01 107.95 -59.76
N PHE V 30 -71.74 108.21 -60.05
CA PHE V 30 -70.99 109.31 -59.45
C PHE V 30 -70.35 110.14 -60.54
N PRO V 31 -71.09 111.10 -61.11
CA PRO V 31 -70.49 111.99 -62.12
C PRO V 31 -69.52 112.97 -61.47
N GLU V 32 -68.33 113.08 -62.08
CA GLU V 32 -67.18 113.91 -61.65
C GLU V 32 -66.97 113.90 -60.14
N ARG V 33 -66.71 112.70 -59.62
CA ARG V 33 -66.34 112.54 -58.22
C ARG V 33 -64.97 113.16 -57.95
N LYS V 34 -64.78 113.65 -56.74
CA LYS V 34 -63.53 114.29 -56.36
C LYS V 34 -62.59 113.30 -55.68
N GLU V 35 -61.31 113.66 -55.66
CA GLU V 35 -60.28 112.87 -55.00
C GLU V 35 -59.88 113.54 -53.69
N ARG V 36 -59.77 112.76 -52.63
CA ARG V 36 -59.35 113.30 -51.34
C ARG V 36 -57.88 113.72 -51.41
N GLU V 37 -57.58 114.89 -50.85
CA GLU V 37 -56.31 115.56 -51.06
C GLU V 37 -55.36 115.38 -49.88
N MET V 38 -54.11 115.07 -50.18
CA MET V 38 -53.05 115.20 -49.20
C MET V 38 -52.69 116.65 -48.96
N VAL V 39 -52.29 116.93 -47.72
CA VAL V 39 -51.78 118.23 -47.33
C VAL V 39 -50.29 118.17 -47.03
N ALA V 40 -49.84 117.09 -46.39
CA ALA V 40 -48.43 116.93 -46.06
C ALA V 40 -47.67 116.38 -47.26
N THR V 41 -46.59 117.07 -47.61
CA THR V 41 -45.67 116.58 -48.64
C THR V 41 -44.97 115.33 -48.15
N GLN V 42 -44.75 114.38 -49.07
CA GLN V 42 -44.22 113.07 -48.71
C GLN V 42 -42.83 113.16 -48.06
N GLN V 43 -42.02 114.14 -48.45
CA GLN V 43 -40.74 114.33 -47.77
C GLN V 43 -40.96 114.89 -46.36
N GLU V 44 -41.87 115.86 -46.21
CA GLU V 44 -42.17 116.39 -44.89
C GLU V 44 -42.86 115.37 -44.00
N MET V 45 -43.67 114.50 -44.60
CA MET V 45 -44.32 113.42 -43.86
C MET V 45 -43.36 112.25 -43.60
N ASN V 46 -42.26 112.17 -44.34
CA ASN V 46 -41.26 111.13 -44.14
C ASN V 46 -40.24 111.49 -43.08
N ASP V 47 -39.72 112.72 -43.10
CA ASP V 47 -38.71 113.09 -42.13
C ASP V 47 -39.31 113.41 -40.76
N ALA V 48 -40.63 113.38 -40.61
CA ALA V 48 -41.28 113.51 -39.32
C ALA V 48 -41.31 112.21 -38.54
N GLN V 49 -40.85 111.09 -39.14
CA GLN V 49 -40.79 109.78 -38.52
C GLN V 49 -42.16 109.32 -38.02
N LEU V 50 -43.07 109.13 -38.98
CA LEU V 50 -44.40 108.61 -38.68
C LEU V 50 -44.44 107.11 -38.91
N VAL V 51 -45.18 106.40 -38.03
CA VAL V 51 -45.35 104.97 -38.18
C VAL V 51 -46.25 104.69 -39.39
N LEU V 52 -45.93 103.61 -40.12
CA LEU V 52 -46.61 103.31 -41.38
C LEU V 52 -48.10 103.09 -41.21
N GLN V 53 -48.54 102.61 -40.04
CA GLN V 53 -49.97 102.51 -39.78
C GLN V 53 -50.61 103.88 -39.61
N GLN V 54 -49.85 104.86 -39.11
CA GLN V 54 -50.34 106.22 -38.89
C GLN V 54 -50.27 107.09 -40.14
N ARG V 55 -49.76 106.57 -41.24
CA ARG V 55 -49.50 107.38 -42.44
C ARG V 55 -50.70 107.35 -43.38
N ASP V 56 -51.85 107.73 -42.83
CA ASP V 56 -53.08 107.84 -43.59
C ASP V 56 -53.27 109.27 -44.09
N TYR V 57 -54.48 109.59 -44.56
CA TYR V 57 -54.77 110.86 -45.22
C TYR V 57 -54.68 112.06 -44.27
N CYS V 58 -54.77 111.86 -42.96
CA CYS V 58 -54.83 112.96 -42.00
C CYS V 58 -53.55 113.09 -41.20
N ALA V 59 -52.40 112.93 -41.87
CA ALA V 59 -51.12 113.01 -41.18
C ALA V 59 -50.71 114.44 -40.84
N HIS V 60 -51.34 115.44 -41.48
CA HIS V 60 -50.97 116.84 -41.23
C HIS V 60 -51.30 117.26 -39.80
N TYR V 61 -52.49 116.87 -39.31
CA TYR V 61 -52.84 117.15 -37.92
C TYR V 61 -51.95 116.38 -36.96
N LEU V 62 -51.52 115.17 -37.34
CA LEU V 62 -50.56 114.43 -36.53
C LEU V 62 -49.23 115.16 -36.44
N ILE V 63 -48.76 115.73 -37.55
CA ILE V 63 -47.51 116.48 -37.53
C ILE V 63 -47.63 117.73 -36.67
N ARG V 64 -48.76 118.44 -36.79
CA ARG V 64 -49.00 119.62 -35.96
C ARG V 64 -49.06 119.27 -34.47
N PHE V 65 -49.74 118.17 -34.14
CA PHE V 65 -49.84 117.75 -32.74
C PHE V 65 -48.49 117.30 -32.19
N LEU V 66 -47.68 116.61 -33.00
CA LEU V 66 -46.35 116.23 -32.55
C LEU V 66 -45.45 117.44 -32.34
N LYS V 67 -45.55 118.44 -33.23
CA LYS V 67 -44.80 119.67 -33.05
C LYS V 67 -45.23 120.40 -31.77
N CYS V 68 -46.54 120.45 -31.51
CA CYS V 68 -47.03 121.08 -30.29
C CYS V 68 -46.63 120.32 -29.05
N LYS V 69 -46.55 118.99 -29.13
CA LYS V 69 -46.05 118.21 -28.02
C LYS V 69 -44.57 118.50 -27.77
N ARG V 70 -43.81 118.71 -28.85
CA ARG V 70 -42.39 119.00 -28.69
C ARG V 70 -42.16 120.38 -28.07
N ASP V 71 -42.85 121.41 -28.55
CA ASP V 71 -42.52 122.76 -28.12
C ASP V 71 -43.09 123.10 -26.74
N SER V 72 -44.25 122.56 -26.38
CA SER V 72 -44.94 122.94 -25.16
C SER V 72 -44.49 122.14 -23.94
N PHE V 73 -43.31 121.53 -24.00
CA PHE V 73 -42.75 120.86 -22.84
C PHE V 73 -42.39 121.90 -21.77
N PRO V 74 -42.65 121.62 -20.47
CA PRO V 74 -43.22 120.41 -19.86
C PRO V 74 -44.73 120.40 -19.67
N ASN V 75 -45.43 121.41 -20.17
CA ASN V 75 -46.88 121.47 -20.02
C ASN V 75 -47.51 120.54 -21.04
N PHE V 76 -47.68 119.27 -20.65
CA PHE V 76 -48.14 118.26 -21.58
C PHE V 76 -49.63 118.39 -21.92
N LEU V 77 -50.39 119.12 -21.12
CA LEU V 77 -51.82 119.31 -21.36
C LEU V 77 -52.12 120.71 -21.88
N ALA V 78 -51.12 121.39 -22.44
CA ALA V 78 -51.28 122.81 -22.80
C ALA V 78 -52.11 122.99 -24.07
N CYS V 79 -51.94 122.11 -25.06
CA CYS V 79 -52.52 122.32 -26.39
C CYS V 79 -53.28 121.08 -26.87
N LYS V 80 -54.18 120.59 -26.04
CA LYS V 80 -55.04 119.45 -26.39
C LYS V 80 -56.02 119.75 -27.52
N HIS V 81 -56.17 121.03 -27.90
CA HIS V 81 -57.05 121.39 -29.01
C HIS V 81 -56.59 120.77 -30.33
N GLU V 82 -55.27 120.71 -30.55
CA GLU V 82 -54.76 120.06 -31.75
C GLU V 82 -55.01 118.56 -31.72
N GLN V 83 -54.95 117.95 -30.53
CA GLN V 83 -55.31 116.54 -30.38
C GLN V 83 -56.78 116.32 -30.72
N HIS V 84 -57.64 117.22 -30.27
CA HIS V 84 -59.05 117.14 -30.61
C HIS V 84 -59.28 117.31 -32.11
N ASP V 85 -58.52 118.20 -32.75
CA ASP V 85 -58.63 118.39 -34.18
C ASP V 85 -58.22 117.14 -34.96
N TRP V 86 -57.12 116.50 -34.54
CA TRP V 86 -56.69 115.27 -35.17
C TRP V 86 -57.71 114.15 -34.96
N ASP V 87 -58.29 114.07 -33.76
CA ASP V 87 -59.33 113.08 -33.50
C ASP V 87 -60.57 113.34 -34.34
N TYR V 88 -60.93 114.61 -34.55
CA TYR V 88 -62.06 114.95 -35.40
C TYR V 88 -61.81 114.56 -36.85
N CYS V 89 -60.59 114.79 -37.33
CA CYS V 89 -60.25 114.38 -38.70
C CYS V 89 -60.30 112.87 -38.86
N GLU V 90 -59.80 112.14 -37.85
CA GLU V 90 -59.90 110.68 -37.87
C GLU V 90 -61.37 110.23 -37.85
N HIS V 91 -62.20 110.93 -37.08
CA HIS V 91 -63.62 110.61 -37.05
C HIS V 91 -64.28 110.83 -38.40
N LEU V 92 -63.90 111.91 -39.10
CA LEU V 92 -64.43 112.15 -40.44
C LEU V 92 -63.98 111.07 -41.42
N ASP V 93 -62.72 110.63 -41.30
CA ASP V 93 -62.24 109.54 -42.15
C ASP V 93 -63.01 108.25 -41.88
N TYR V 94 -63.29 107.96 -40.61
CA TYR V 94 -64.08 106.77 -40.29
C TYR V 94 -65.51 106.90 -40.80
N VAL V 95 -66.05 108.12 -40.79
CA VAL V 95 -67.38 108.37 -41.36
C VAL V 95 -67.38 108.07 -42.85
N LYS V 96 -66.33 108.51 -43.56
CA LYS V 96 -66.24 108.23 -44.99
C LYS V 96 -66.11 106.73 -45.26
N ARG V 97 -65.35 106.01 -44.43
CA ARG V 97 -65.25 104.57 -44.58
C ARG V 97 -66.60 103.88 -44.36
N MET V 98 -67.35 104.32 -43.35
CA MET V 98 -68.66 103.74 -43.10
C MET V 98 -69.64 104.07 -44.23
N LYS V 99 -69.52 105.27 -44.81
CA LYS V 99 -70.33 105.62 -45.96
C LYS V 99 -70.01 104.74 -47.16
N GLU V 100 -68.74 104.41 -47.36
CA GLU V 100 -68.36 103.46 -48.40
C GLU V 100 -68.97 102.09 -48.14
N PHE V 101 -68.98 101.66 -46.87
CA PHE V 101 -69.61 100.39 -46.52
C PHE V 101 -71.10 100.38 -46.84
N GLU V 102 -71.80 101.47 -46.49
CA GLU V 102 -73.23 101.55 -46.79
C GLU V 102 -73.50 101.61 -48.29
N ARG V 103 -72.64 102.31 -49.04
CA ARG V 103 -72.79 102.34 -50.49
C ARG V 103 -72.60 100.95 -51.10
N GLU V 104 -71.61 100.20 -50.62
CA GLU V 104 -71.41 98.84 -51.10
C GLU V 104 -72.58 97.94 -50.75
N ARG V 105 -73.13 98.09 -49.54
CA ARG V 105 -74.30 97.30 -49.15
C ARG V 105 -75.50 97.62 -50.02
N ARG V 106 -75.73 98.91 -50.30
CA ARG V 106 -76.87 99.29 -51.12
C ARG V 106 -76.70 98.85 -52.56
N LEU V 107 -75.46 98.87 -53.08
CA LEU V 107 -75.22 98.40 -54.43
C LEU V 107 -75.40 96.90 -54.55
N LEU V 108 -74.98 96.14 -53.52
CA LEU V 108 -75.21 94.70 -53.52
C LEU V 108 -76.71 94.38 -53.43
N GLN V 109 -77.44 95.14 -52.60
CA GLN V 109 -78.88 94.97 -52.52
C GLN V 109 -79.57 95.30 -53.84
N ARG V 110 -79.09 96.34 -54.53
CA ARG V 110 -79.64 96.69 -55.83
C ARG V 110 -79.31 95.63 -56.89
N LYS V 111 -78.13 95.01 -56.81
CA LYS V 111 -77.80 93.92 -57.72
C LYS V 111 -78.72 92.72 -57.46
N LYS V 112 -78.99 92.43 -56.19
CA LYS V 112 -79.93 91.37 -55.84
C LYS V 112 -81.33 91.69 -56.36
N ARG V 113 -81.74 92.95 -56.26
CA ARG V 113 -83.05 93.35 -56.77
C ARG V 113 -83.09 93.27 -58.30
N ARG V 114 -81.98 93.57 -58.97
CA ARG V 114 -81.93 93.44 -60.42
C ARG V 114 -82.03 91.97 -60.85
N GLU V 115 -81.34 91.08 -60.13
CA GLU V 115 -81.46 89.67 -60.48
C GLU V 115 -82.83 89.12 -60.12
N GLN V 116 -83.48 89.68 -59.09
CA GLN V 116 -84.85 89.32 -58.77
C GLN V 116 -85.79 89.78 -59.88
N ARG V 117 -85.55 90.98 -60.42
CA ARG V 117 -86.32 91.48 -61.55
C ARG V 117 -86.13 90.59 -62.78
N GLU V 118 -84.90 90.14 -63.02
CA GLU V 118 -84.64 89.23 -64.13
C GLU V 118 -85.33 87.89 -63.92
N ALA V 119 -85.33 87.38 -62.68
CA ALA V 119 -85.97 86.10 -62.40
C ALA V 119 -87.47 86.18 -62.54
N ASP V 120 -88.09 87.29 -62.11
CA ASP V 120 -89.53 87.45 -62.19
C ASP V 120 -89.99 88.10 -63.49
N MET V 121 -89.07 88.41 -64.39
CA MET V 121 -89.40 88.99 -65.68
C MET V 121 -89.01 88.09 -66.85
N ALA V 122 -87.83 87.47 -66.80
CA ALA V 122 -87.39 86.59 -67.86
C ALA V 122 -87.14 85.18 -67.34
N ALA W 1 -56.04 52.14 13.92
CA ALA W 1 -55.34 52.34 12.65
C ALA W 1 -53.84 52.43 12.86
N PHE W 2 -53.36 53.61 13.24
CA PHE W 2 -51.93 53.85 13.47
C PHE W 2 -51.82 54.85 14.62
N LEU W 3 -51.65 54.32 15.84
CA LEU W 3 -51.55 55.13 17.05
C LEU W 3 -50.32 54.71 17.83
N PRO W 4 -49.73 55.63 18.60
CA PRO W 4 -48.50 55.27 19.34
C PRO W 4 -48.75 54.35 20.52
N SER W 5 -49.81 54.58 21.29
CA SER W 5 -50.03 53.81 22.51
C SER W 5 -50.97 52.63 22.27
N ALA W 6 -52.08 52.86 21.58
CA ALA W 6 -53.07 51.83 21.32
C ALA W 6 -52.87 51.24 19.93
N ALA W 7 -53.22 49.95 19.81
CA ALA W 7 -53.11 49.26 18.53
C ALA W 7 -54.33 49.43 17.64
N TYR W 8 -55.39 50.07 18.13
CA TYR W 8 -56.62 50.20 17.37
C TYR W 8 -57.41 51.39 17.88
N LEU W 9 -58.30 51.89 17.02
CA LEU W 9 -59.25 52.92 17.39
C LEU W 9 -60.58 52.28 17.74
N THR W 10 -61.11 52.60 18.92
CA THR W 10 -62.39 52.04 19.33
C THR W 10 -63.53 52.81 18.67
N HIS W 11 -64.77 52.43 18.99
CA HIS W 11 -65.93 53.07 18.40
C HIS W 11 -66.08 54.51 18.90
N GLN W 12 -65.80 54.74 20.18
CA GLN W 12 -65.91 56.08 20.76
C GLN W 12 -64.94 57.05 20.11
N GLN W 13 -63.70 56.60 19.88
CA GLN W 13 -62.69 57.45 19.25
C GLN W 13 -63.08 57.76 17.80
N LYS W 14 -63.63 56.78 17.08
CA LYS W 14 -64.07 57.02 15.71
C LYS W 14 -65.22 58.02 15.68
N VAL W 15 -66.17 57.90 16.61
CA VAL W 15 -67.30 58.83 16.66
C VAL W 15 -66.82 60.25 16.98
N LEU W 16 -65.90 60.39 17.94
CA LEU W 16 -65.41 61.71 18.30
C LEU W 16 -64.58 62.33 17.17
N GLN W 17 -63.79 61.52 16.46
CA GLN W 17 -63.03 62.03 15.32
C GLN W 17 -63.97 62.49 14.20
N LEU W 18 -65.02 61.70 13.92
CA LEU W 18 -66.00 62.10 12.92
C LEU W 18 -66.71 63.38 13.33
N TYR W 19 -67.05 63.52 14.60
CA TYR W 19 -67.72 64.72 15.09
C TYR W 19 -66.83 65.95 14.94
N LYS W 20 -65.55 65.83 15.32
CA LYS W 20 -64.64 66.97 15.22
C LYS W 20 -64.38 67.36 13.78
N ARG W 21 -64.18 66.39 12.89
CA ARG W 21 -63.96 66.71 11.48
C ARG W 21 -65.22 67.28 10.84
N ALA W 22 -66.39 66.78 11.24
CA ALA W 22 -67.65 67.33 10.74
C ALA W 22 -67.85 68.77 11.20
N LEU W 23 -67.50 69.07 12.45
CA LEU W 23 -67.60 70.44 12.93
C LEU W 23 -66.64 71.36 12.20
N ARG W 24 -65.41 70.89 11.94
CA ARG W 24 -64.45 71.71 11.20
C ARG W 24 -64.92 71.98 9.78
N HIS W 25 -65.43 70.96 9.09
CA HIS W 25 -65.90 71.14 7.72
C HIS W 25 -67.16 72.00 7.68
N LEU W 26 -68.04 71.86 8.68
CA LEU W 26 -69.24 72.67 8.74
C LEU W 26 -68.90 74.13 9.03
N GLU W 27 -67.89 74.38 9.86
CA GLU W 27 -67.42 75.75 10.08
C GLU W 27 -66.78 76.32 8.82
N SER W 28 -66.14 75.47 8.01
CA SER W 28 -65.61 75.95 6.73
C SER W 28 -66.72 76.30 5.76
N ARG W 29 -67.77 75.50 5.69
CA ARG W 29 -68.86 75.73 4.75
C ARG W 29 -69.82 76.83 5.19
N CYS W 30 -69.77 77.25 6.46
CA CYS W 30 -70.76 78.15 7.06
C CYS W 30 -70.02 79.34 7.69
N VAL W 31 -69.25 80.04 6.85
CA VAL W 31 -68.30 81.10 7.20
C VAL W 31 -68.78 82.06 8.29
N HIS W 32 -70.03 82.51 8.20
CA HIS W 32 -70.56 83.41 9.21
C HIS W 32 -70.82 82.68 10.53
N ARG W 33 -70.60 83.38 11.64
CA ARG W 33 -70.58 82.74 12.95
C ARG W 33 -71.95 82.21 13.35
N ASP W 34 -73.01 82.97 13.05
CA ASP W 34 -74.33 82.59 13.53
C ASP W 34 -74.88 81.38 12.79
N LYS W 35 -74.67 81.34 11.46
CA LYS W 35 -75.05 80.16 10.69
C LYS W 35 -74.28 78.94 11.14
N TYR W 36 -72.99 79.10 11.43
CA TYR W 36 -72.18 78.01 11.93
C TYR W 36 -72.68 77.52 13.29
N ARG W 37 -73.04 78.44 14.18
CA ARG W 37 -73.54 78.05 15.51
C ARG W 37 -74.87 77.30 15.40
N TYR W 38 -75.78 77.80 14.55
CA TYR W 38 -77.06 77.13 14.36
C TYR W 38 -76.88 75.73 13.79
N PHE W 39 -76.05 75.59 12.76
CA PHE W 39 -75.89 74.26 12.17
C PHE W 39 -75.03 73.35 13.04
N ALA W 40 -74.18 73.91 13.91
CA ALA W 40 -73.48 73.10 14.88
C ALA W 40 -74.43 72.56 15.93
N CYS W 41 -75.40 73.37 16.37
CA CYS W 41 -76.44 72.87 17.27
C CYS W 41 -77.27 71.79 16.61
N LEU W 42 -77.61 71.98 15.32
CA LEU W 42 -78.34 70.96 14.58
C LEU W 42 -77.55 69.66 14.47
N LEU W 43 -76.25 69.77 14.20
CA LEU W 43 -75.41 68.58 14.08
C LEU W 43 -75.24 67.88 15.43
N ARG W 44 -75.16 68.65 16.51
CA ARG W 44 -75.09 68.05 17.85
C ARG W 44 -76.39 67.32 18.18
N ALA W 45 -77.54 67.89 17.78
CA ALA W 45 -78.81 67.20 17.99
C ALA W 45 -78.88 65.92 17.16
N ARG W 46 -78.39 65.96 15.92
CA ARG W 46 -78.35 64.77 15.08
C ARG W 46 -77.45 63.69 15.68
N PHE W 47 -76.32 64.10 16.26
CA PHE W 47 -75.43 63.13 16.90
C PHE W 47 -76.05 62.56 18.16
N ASP W 48 -76.77 63.38 18.92
CA ASP W 48 -77.45 62.92 20.12
C ASP W 48 -78.70 62.12 19.84
N GLU W 49 -79.18 62.11 18.58
CA GLU W 49 -80.31 61.26 18.23
C GLU W 49 -79.97 59.78 18.39
N HIS W 50 -78.76 59.37 18.01
CA HIS W 50 -78.35 57.98 18.06
C HIS W 50 -77.28 57.73 19.12
N LYS W 51 -77.24 58.54 20.17
CA LYS W 51 -76.22 58.39 21.21
C LYS W 51 -76.47 57.13 22.03
N ASN W 52 -77.70 56.92 22.48
CA ASN W 52 -78.04 55.79 23.34
C ASN W 52 -78.41 54.60 22.46
N GLU W 53 -77.41 53.78 22.14
CA GLU W 53 -77.59 52.60 21.32
C GLU W 53 -77.04 51.38 22.05
N LYS W 54 -77.66 50.23 21.80
CA LYS W 54 -77.29 48.99 22.49
C LYS W 54 -76.78 47.90 21.56
N ASP W 55 -76.91 48.06 20.24
CA ASP W 55 -76.44 47.07 19.29
C ASP W 55 -75.16 47.62 18.66
N MET W 56 -74.09 46.82 18.69
CA MET W 56 -72.81 47.27 18.15
C MET W 56 -72.81 47.26 16.63
N VAL W 57 -73.49 46.31 16.01
CA VAL W 57 -73.53 46.24 14.55
C VAL W 57 -74.32 47.42 13.99
N LYS W 58 -75.42 47.80 14.66
CA LYS W 58 -76.20 48.95 14.25
C LYS W 58 -75.38 50.23 14.31
N ALA W 59 -74.63 50.41 15.40
CA ALA W 59 -73.70 51.53 15.49
C ALA W 59 -72.63 51.44 14.41
N THR W 60 -72.23 50.23 14.03
CA THR W 60 -71.17 50.05 13.03
C THR W 60 -71.61 50.57 11.66
N GLN W 61 -72.76 50.11 11.13
CA GLN W 61 -73.00 50.64 9.79
C GLN W 61 -73.72 51.98 9.84
N LEU W 62 -74.23 52.40 11.01
CA LEU W 62 -74.63 53.79 11.17
C LEU W 62 -73.43 54.72 11.06
N LEU W 63 -72.30 54.33 11.68
CA LEU W 63 -71.07 55.10 11.53
C LEU W 63 -70.55 55.02 10.10
N ARG W 64 -70.72 53.88 9.43
CA ARG W 64 -70.31 53.76 8.04
C ARG W 64 -71.08 54.72 7.14
N GLU W 65 -72.41 54.75 7.28
CA GLU W 65 -73.22 55.66 6.47
C GLU W 65 -73.00 57.12 6.85
N ALA W 66 -72.74 57.39 8.14
CA ALA W 66 -72.43 58.75 8.56
C ALA W 66 -71.11 59.22 7.95
N GLU W 67 -70.10 58.35 7.90
CA GLU W 67 -68.82 58.72 7.30
C GLU W 67 -68.97 58.90 5.78
N LYS W 68 -69.80 58.07 5.14
CA LYS W 68 -70.06 58.26 3.71
C LYS W 68 -70.75 59.60 3.45
N GLU W 69 -71.71 59.96 4.29
CA GLU W 69 -72.40 61.24 4.14
C GLU W 69 -71.45 62.42 4.39
N PHE W 70 -70.56 62.26 5.38
CA PHE W 70 -69.58 63.31 5.66
C PHE W 70 -68.59 63.46 4.50
N TRP W 71 -68.21 62.34 3.88
CA TRP W 71 -67.35 62.40 2.70
C TRP W 71 -68.07 63.08 1.54
N HIS W 72 -69.36 62.82 1.38
CA HIS W 72 -70.12 63.49 0.32
C HIS W 72 -70.26 64.99 0.58
N GLY W 73 -70.46 65.38 1.84
CA GLY W 73 -70.73 66.77 2.17
C GLY W 73 -69.56 67.52 2.74
N GLN W 74 -68.35 67.14 2.37
CA GLN W 74 -67.16 67.82 2.87
C GLN W 74 -66.86 69.07 2.03
N HIS W 75 -66.09 69.98 2.63
CA HIS W 75 -65.57 71.11 1.89
C HIS W 75 -64.39 70.67 1.04
N PRO W 76 -64.39 70.98 -0.27
CA PRO W 76 -63.21 70.66 -1.09
C PRO W 76 -61.95 71.38 -0.64
N GLN W 77 -62.08 72.54 -0.01
CA GLN W 77 -60.95 73.29 0.56
C GLN W 77 -61.26 73.59 2.01
N PRO W 78 -61.00 72.64 2.91
CA PRO W 78 -61.28 72.88 4.33
C PRO W 78 -60.32 73.89 4.94
N TYR W 79 -60.78 74.54 6.00
CA TYR W 79 -59.94 75.49 6.72
C TYR W 79 -58.88 74.76 7.51
N ILE W 80 -57.63 75.20 7.37
CA ILE W 80 -56.48 74.60 8.04
C ILE W 80 -55.78 75.68 8.84
N PHE W 81 -55.49 75.39 10.10
CA PHE W 81 -54.78 76.32 10.96
C PHE W 81 -53.36 76.54 10.44
N PRO W 82 -52.77 77.73 10.66
CA PRO W 82 -51.43 78.00 10.13
C PRO W 82 -50.34 77.07 10.65
N GLU W 83 -50.41 76.64 11.90
CA GLU W 83 -49.41 75.73 12.45
C GLU W 83 -49.72 74.27 12.17
N SER W 84 -50.95 73.94 11.78
CA SER W 84 -51.29 72.58 11.43
C SER W 84 -50.63 72.20 10.10
N PRO W 85 -50.33 70.91 9.90
CA PRO W 85 -49.81 70.46 8.61
C PRO W 85 -50.79 70.73 7.48
N GLY W 86 -50.25 71.14 6.33
CA GLY W 86 -51.05 71.60 5.23
C GLY W 86 -51.35 73.09 5.25
N GLY W 87 -51.00 73.78 6.33
CA GLY W 87 -51.24 75.20 6.44
C GLY W 87 -50.17 76.02 5.74
N THR W 88 -50.41 77.33 5.71
CA THR W 88 -49.47 78.23 5.03
C THR W 88 -48.20 78.42 5.83
N SER W 89 -48.27 78.37 7.16
CA SER W 89 -47.12 78.59 8.03
C SER W 89 -46.61 77.31 8.66
N TYR W 90 -46.98 76.15 8.11
CA TYR W 90 -46.56 74.88 8.67
C TYR W 90 -45.07 74.66 8.46
N GLU W 91 -44.38 74.25 9.54
CA GLU W 91 -42.94 73.92 9.59
C GLU W 91 -42.05 74.96 8.90
N ARG W 92 -42.44 76.23 8.97
CA ARG W 92 -41.64 77.29 8.38
C ARG W 92 -40.38 77.55 9.22
N TYR W 93 -40.57 77.94 10.48
CA TYR W 93 -39.44 78.20 11.37
C TYR W 93 -38.68 76.95 11.76
N GLU W 94 -39.16 75.77 11.35
CA GLU W 94 -38.35 74.55 11.41
C GLU W 94 -37.08 74.66 10.58
N CYS W 95 -37.06 75.56 9.59
CA CYS W 95 -35.82 75.83 8.88
C CYS W 95 -34.78 76.52 9.76
N TYR W 96 -35.20 77.19 10.83
CA TYR W 96 -34.27 77.88 11.72
C TYR W 96 -34.01 77.14 13.03
N LYS W 97 -34.54 75.91 13.17
CA LYS W 97 -34.36 75.15 14.42
C LYS W 97 -33.03 74.42 14.36
N VAL W 98 -31.97 75.17 14.64
CA VAL W 98 -30.61 74.61 14.68
C VAL W 98 -30.45 73.77 15.94
N PRO W 99 -29.97 72.53 15.84
CA PRO W 99 -29.84 71.68 17.03
C PRO W 99 -28.74 72.16 17.96
N GLU W 100 -28.83 71.72 19.22
CA GLU W 100 -27.94 72.22 20.26
C GLU W 100 -26.53 71.65 20.16
N TRP W 101 -26.37 70.44 19.61
CA TRP W 101 -25.05 69.80 19.61
C TRP W 101 -24.04 70.53 18.74
N CYS W 102 -24.50 71.34 17.77
CA CYS W 102 -23.59 72.19 17.01
C CYS W 102 -22.85 73.19 17.88
N LEU W 103 -23.43 73.55 19.03
CA LEU W 103 -22.73 74.40 19.99
C LEU W 103 -21.46 73.75 20.53
N ASP W 104 -21.33 72.42 20.43
CA ASP W 104 -20.09 71.76 20.81
C ASP W 104 -18.98 71.95 19.79
N ASP W 105 -19.27 72.52 18.62
CA ASP W 105 -18.27 72.71 17.59
C ASP W 105 -17.80 74.15 17.46
N TRP W 106 -18.14 75.00 18.42
CA TRP W 106 -17.78 76.41 18.35
C TRP W 106 -16.29 76.62 18.61
N HIS W 107 -15.77 77.72 18.08
CA HIS W 107 -14.41 78.11 18.34
C HIS W 107 -14.29 78.65 19.76
N PRO W 108 -13.12 78.49 20.41
CA PRO W 108 -12.92 79.10 21.73
C PRO W 108 -12.94 80.62 21.71
N SER W 109 -12.71 81.26 20.57
CA SER W 109 -12.83 82.72 20.50
C SER W 109 -14.29 83.15 20.60
N GLU W 110 -15.20 82.41 19.96
CA GLU W 110 -16.62 82.72 20.03
C GLU W 110 -17.31 81.99 21.17
N LYS W 111 -16.58 81.14 21.91
CA LYS W 111 -17.09 80.57 23.15
C LYS W 111 -16.78 81.44 24.36
N ALA W 112 -15.87 82.40 24.22
CA ALA W 112 -15.49 83.26 25.33
C ALA W 112 -16.46 84.43 25.53
N MET W 113 -17.34 84.68 24.58
CA MET W 113 -18.29 85.78 24.71
C MET W 113 -19.62 85.37 25.32
N TYR W 114 -19.82 84.07 25.60
CA TYR W 114 -20.94 83.59 26.40
C TYR W 114 -20.41 82.62 27.45
N PRO W 115 -19.75 83.12 28.50
CA PRO W 115 -19.12 82.21 29.48
C PRO W 115 -20.11 81.48 30.36
N ASP W 116 -21.09 82.22 30.91
CA ASP W 116 -22.01 81.63 31.88
C ASP W 116 -22.94 80.62 31.24
N TYR W 117 -23.43 80.91 30.03
CA TYR W 117 -24.30 79.97 29.34
C TYR W 117 -23.58 78.68 29.01
N PHE W 118 -22.32 78.77 28.60
CA PHE W 118 -21.58 77.56 28.28
C PHE W 118 -21.19 76.79 29.53
N ALA W 119 -21.00 77.48 30.66
CA ALA W 119 -20.80 76.77 31.92
C ALA W 119 -22.04 76.00 32.33
N LYS W 120 -23.22 76.61 32.18
CA LYS W 120 -24.46 75.90 32.48
C LYS W 120 -24.71 74.75 31.50
N ARG W 121 -24.32 74.93 30.23
CA ARG W 121 -24.42 73.84 29.27
C ARG W 121 -23.48 72.68 29.65
N GLU W 122 -22.29 73.00 30.14
CA GLU W 122 -21.37 71.96 30.62
C GLU W 122 -21.97 71.21 31.80
N GLN W 123 -22.63 71.93 32.71
CA GLN W 123 -23.31 71.28 33.84
C GLN W 123 -24.42 70.36 33.36
N TRP W 124 -25.20 70.80 32.36
CA TRP W 124 -26.26 69.97 31.81
C TRP W 124 -25.70 68.73 31.13
N LYS W 125 -24.58 68.87 30.40
CA LYS W 125 -23.95 67.73 29.76
C LYS W 125 -23.44 66.73 30.79
N LYS W 126 -22.85 67.22 31.88
CA LYS W 126 -22.41 66.34 32.96
C LYS W 126 -23.61 65.62 33.59
N LEU W 127 -24.72 66.33 33.78
CA LEU W 127 -25.92 65.70 34.32
C LEU W 127 -26.45 64.61 33.41
N ARG W 128 -26.43 64.85 32.10
CA ARG W 128 -26.87 63.83 31.14
C ARG W 128 -25.96 62.61 31.19
N ARG W 129 -24.64 62.83 31.20
CA ARG W 129 -23.72 61.70 31.17
C ARG W 129 -23.62 60.97 32.50
N GLU W 130 -24.12 61.56 33.59
CA GLU W 130 -24.25 60.81 34.82
C GLU W 130 -25.65 60.22 35.02
N SER W 131 -26.65 60.65 34.25
CA SER W 131 -27.98 60.06 34.35
C SER W 131 -28.22 58.95 33.34
N TRP W 132 -27.40 58.86 32.28
CA TRP W 132 -27.63 57.87 31.24
C TRP W 132 -27.54 56.43 31.77
N GLU W 133 -26.57 56.16 32.66
CA GLU W 133 -26.37 54.81 33.14
C GLU W 133 -27.54 54.33 33.99
N ARG W 134 -28.01 55.16 34.92
CA ARG W 134 -29.15 54.72 35.73
C ARG W 134 -30.45 54.73 34.94
N GLU W 135 -30.56 55.57 33.90
CA GLU W 135 -31.79 55.51 33.11
C GLU W 135 -31.83 54.25 32.24
N VAL W 136 -30.68 53.80 31.72
CA VAL W 136 -30.70 52.55 30.96
C VAL W 136 -30.82 51.35 31.89
N LYS W 137 -30.31 51.46 33.12
CA LYS W 137 -30.53 50.41 34.11
C LYS W 137 -32.01 50.30 34.47
N GLN W 138 -32.69 51.43 34.60
CA GLN W 138 -34.13 51.41 34.87
C GLN W 138 -34.90 50.83 33.69
N LEU W 139 -34.54 51.21 32.47
CA LEU W 139 -35.27 50.73 31.30
C LEU W 139 -35.01 49.25 31.00
N GLN W 140 -33.85 48.72 31.42
CA GLN W 140 -33.53 47.32 31.15
C GLN W 140 -34.45 46.39 31.93
N GLU W 141 -34.57 46.63 33.24
CA GLU W 141 -35.35 45.74 34.10
C GLU W 141 -36.84 45.87 33.83
N GLU W 142 -37.32 47.10 33.62
CA GLU W 142 -38.75 47.33 33.41
C GLU W 142 -39.25 46.75 32.10
N THR W 143 -38.38 46.55 31.12
CA THR W 143 -38.77 45.97 29.85
C THR W 143 -39.04 44.48 30.01
N PRO W 144 -40.22 43.98 29.64
CA PRO W 144 -40.48 42.54 29.76
C PRO W 144 -39.87 41.74 28.61
N VAL W 145 -40.18 40.44 28.56
CA VAL W 145 -39.65 39.59 27.51
C VAL W 145 -40.28 39.96 26.17
N GLY W 146 -39.47 39.93 25.11
CA GLY W 146 -39.93 40.33 23.80
C GLY W 146 -39.98 41.83 23.57
N GLY W 147 -39.34 42.61 24.42
CA GLY W 147 -39.36 44.05 24.29
C GLY W 147 -40.66 44.64 24.80
N PRO W 148 -40.76 45.97 24.77
CA PRO W 148 -42.02 46.61 25.18
C PRO W 148 -43.12 46.36 24.16
N ARG W 149 -44.34 46.24 24.65
CA ARG W 149 -45.48 46.02 23.77
C ARG W 149 -46.01 47.34 23.23
N THR W 150 -46.08 48.37 24.06
CA THR W 150 -46.52 49.69 23.67
C THR W 150 -45.33 50.63 23.54
N GLU W 151 -45.57 51.77 22.88
CA GLU W 151 -44.53 52.78 22.75
C GLU W 151 -44.43 53.69 23.97
N ALA W 152 -45.31 53.52 24.94
CA ALA W 152 -45.27 54.35 26.14
C ALA W 152 -44.03 54.04 26.97
N LEU W 153 -43.43 55.09 27.52
CA LEU W 153 -42.20 54.91 28.29
C LEU W 153 -42.49 55.01 29.79
N PRO W 154 -41.81 54.22 30.62
CA PRO W 154 -42.02 54.31 32.05
C PRO W 154 -41.46 55.61 32.59
N PRO W 155 -42.10 56.20 33.62
CA PRO W 155 -41.59 57.45 34.17
C PRO W 155 -40.47 57.25 35.17
N ALA W 156 -40.04 58.33 35.81
CA ALA W 156 -39.05 58.21 36.88
C ALA W 156 -39.69 57.57 38.10
N ARG W 157 -39.02 56.56 38.67
CA ARG W 157 -39.55 55.82 39.80
C ARG W 157 -38.85 56.18 41.10
N LYS W 158 -37.53 56.10 41.15
CA LYS W 158 -36.78 56.41 42.35
C LYS W 158 -36.52 57.90 42.46
N GLN W 159 -36.38 58.38 43.69
CA GLN W 159 -36.03 59.77 43.92
C GLN W 159 -34.61 60.05 43.46
N GLY W 160 -34.41 61.20 42.82
CA GLY W 160 -33.12 61.55 42.27
C GLY W 160 -32.83 60.94 40.91
N ASP W 161 -33.78 60.23 40.33
CA ASP W 161 -33.59 59.58 39.02
C ASP W 161 -34.37 60.36 37.97
N LEU W 162 -33.70 60.68 36.87
CA LEU W 162 -34.34 61.34 35.75
C LEU W 162 -35.09 60.31 34.89
N PRO W 163 -36.11 60.75 34.16
CA PRO W 163 -36.84 59.81 33.30
C PRO W 163 -35.94 59.27 32.20
N PRO W 164 -36.16 58.04 31.76
CA PRO W 164 -35.29 57.45 30.75
C PRO W 164 -35.49 58.10 29.38
N LEU W 165 -34.36 58.31 28.68
CA LEU W 165 -34.32 58.90 27.34
C LEU W 165 -34.99 60.27 27.30
N TRP W 166 -34.40 61.20 28.05
CA TRP W 166 -35.00 62.51 28.26
C TRP W 166 -34.29 63.65 27.53
N TRP W 167 -33.10 63.42 26.98
CA TRP W 167 -32.29 64.51 26.47
C TRP W 167 -32.89 65.11 25.21
N HIS W 168 -33.28 64.27 24.25
CA HIS W 168 -33.75 64.78 22.97
C HIS W 168 -35.20 65.22 22.99
N ILE W 169 -35.83 65.27 24.16
CA ILE W 169 -37.14 65.87 24.34
C ILE W 169 -37.05 67.15 25.16
N VAL W 170 -36.27 67.13 26.24
CA VAL W 170 -36.10 68.32 27.07
C VAL W 170 -35.31 69.40 26.34
N THR W 171 -34.25 69.01 25.64
CA THR W 171 -33.43 69.97 24.90
C THR W 171 -33.81 70.09 23.43
N ARG W 172 -35.09 69.90 23.11
CA ARG W 172 -35.55 70.17 21.75
C ARG W 172 -35.59 71.69 21.51
N PRO W 173 -35.40 72.13 20.26
CA PRO W 173 -35.34 73.57 19.99
C PRO W 173 -36.68 74.25 20.20
N ARG W 174 -36.60 75.56 20.44
CA ARG W 174 -37.79 76.37 20.71
C ARG W 174 -38.62 76.55 19.44
N GLU W 175 -39.88 76.96 19.64
CA GLU W 175 -40.77 77.19 18.50
C GLU W 175 -40.40 78.46 17.75
N ARG W 176 -39.93 79.48 18.46
CA ARG W 176 -39.59 80.78 17.86
C ARG W 176 -38.14 81.12 18.18
N PRO W 177 -37.17 80.61 17.41
CA PRO W 177 -35.76 80.92 17.64
C PRO W 177 -35.43 82.37 17.28
N ALA X 1 -44.58 105.29 22.73
CA ALA X 1 -44.80 103.86 22.90
C ALA X 1 -45.52 103.27 21.69
N HIS X 2 -45.88 101.99 21.79
CA HIS X 2 -46.60 101.30 20.74
C HIS X 2 -48.06 101.11 21.16
N ILE X 3 -48.81 100.40 20.34
CA ILE X 3 -50.22 100.12 20.62
C ILE X 3 -50.30 98.90 21.53
N GLU X 4 -50.85 99.08 22.71
CA GLU X 4 -50.95 97.98 23.66
C GLU X 4 -52.05 97.02 23.24
N PRO X 5 -51.86 95.71 23.49
CA PRO X 5 -52.89 94.74 23.12
C PRO X 5 -54.14 94.87 23.98
N ARG X 6 -55.27 94.44 23.41
CA ARG X 6 -56.55 94.50 24.10
C ARG X 6 -57.27 93.17 23.89
N TYR X 7 -58.15 92.84 24.83
CA TYR X 7 -58.84 91.55 24.87
C TYR X 7 -60.32 91.76 24.56
N ARG X 8 -60.75 91.23 23.40
CA ARG X 8 -62.15 91.24 22.97
C ARG X 8 -62.74 92.65 22.91
N GLN X 9 -61.98 93.60 22.37
CA GLN X 9 -62.46 94.95 22.18
C GLN X 9 -61.73 95.59 21.02
N PHE X 10 -62.14 96.81 20.69
CA PHE X 10 -61.54 97.52 19.57
C PHE X 10 -60.13 97.97 19.93
N PRO X 11 -59.15 97.76 19.05
CA PRO X 11 -57.79 98.22 19.35
C PRO X 11 -57.68 99.74 19.31
N GLN X 12 -56.71 100.25 20.05
CA GLN X 12 -56.52 101.69 20.16
C GLN X 12 -55.87 102.24 18.89
N LEU X 13 -56.50 103.25 18.30
CA LEU X 13 -56.03 103.85 17.07
C LEU X 13 -55.74 105.33 17.29
N THR X 14 -54.59 105.79 16.80
CA THR X 14 -54.19 107.17 16.96
C THR X 14 -54.81 108.04 15.87
N ARG X 15 -54.48 109.32 15.89
CA ARG X 15 -55.07 110.28 14.96
C ARG X 15 -54.49 110.16 13.56
N SER X 16 -53.24 109.71 13.45
CA SER X 16 -52.49 109.82 12.20
C SER X 16 -53.08 108.95 11.10
N GLN X 17 -53.35 107.68 11.41
CA GLN X 17 -53.90 106.77 10.41
C GLN X 17 -55.32 107.17 10.02
N VAL X 18 -56.09 107.70 10.95
CA VAL X 18 -57.47 108.09 10.66
C VAL X 18 -57.49 109.30 9.72
N ILE X 19 -56.71 110.32 10.03
CA ILE X 19 -56.69 111.50 9.16
C ILE X 19 -56.01 111.18 7.83
N GLN X 20 -55.06 110.25 7.80
CA GLN X 20 -54.45 109.84 6.54
C GLN X 20 -55.46 109.14 5.63
N ALA X 21 -56.23 108.20 6.20
CA ALA X 21 -57.23 107.49 5.41
C ALA X 21 -58.33 108.44 4.93
N GLU X 22 -58.79 109.33 5.81
CA GLU X 22 -59.84 110.28 5.41
C GLU X 22 -59.34 111.24 4.33
N PHE X 23 -58.11 111.73 4.46
CA PHE X 23 -57.57 112.64 3.45
C PHE X 23 -57.37 111.94 2.12
N PHE X 24 -56.94 110.68 2.14
CA PHE X 24 -56.72 109.97 0.87
C PHE X 24 -58.05 109.62 0.21
N SER X 25 -59.07 109.25 0.99
CA SER X 25 -60.39 109.02 0.40
C SER X 25 -60.97 110.29 -0.18
N ALA X 26 -60.82 111.41 0.54
CA ALA X 26 -61.28 112.70 0.02
C ALA X 26 -60.53 113.10 -1.23
N THR X 27 -59.23 112.84 -1.28
CA THR X 27 -58.44 113.13 -2.47
C THR X 27 -58.90 112.30 -3.66
N MET X 28 -59.18 111.02 -3.44
CA MET X 28 -59.66 110.15 -4.52
C MET X 28 -60.99 110.63 -5.04
N TRP X 29 -61.93 110.96 -4.15
CA TRP X 29 -63.25 111.41 -4.59
C TRP X 29 -63.19 112.76 -5.28
N PHE X 30 -62.36 113.68 -4.76
CA PHE X 30 -62.19 114.97 -5.42
C PHE X 30 -61.57 114.82 -6.80
N TRP X 31 -60.58 113.93 -6.94
CA TRP X 31 -59.94 113.71 -8.23
C TRP X 31 -60.92 113.14 -9.25
N ILE X 32 -61.71 112.13 -8.86
CA ILE X 32 -62.63 111.54 -9.82
C ILE X 32 -63.75 112.51 -10.17
N LEU X 33 -64.23 113.30 -9.20
CA LEU X 33 -65.30 114.25 -9.49
C LEU X 33 -64.80 115.39 -10.38
N TRP X 34 -63.57 115.88 -10.13
CA TRP X 34 -63.01 116.93 -10.97
C TRP X 34 -62.74 116.44 -12.38
N ARG X 35 -62.22 115.22 -12.52
CA ARG X 35 -61.96 114.68 -13.86
C ARG X 35 -63.26 114.32 -14.57
N PHE X 36 -64.33 114.03 -13.83
CA PHE X 36 -65.62 113.79 -14.46
C PHE X 36 -66.28 115.10 -14.89
N TRP X 37 -66.07 116.17 -14.13
CA TRP X 37 -66.63 117.46 -14.54
C TRP X 37 -65.85 118.09 -15.68
N HIS X 38 -64.54 117.87 -15.73
CA HIS X 38 -63.73 118.47 -16.80
C HIS X 38 -63.89 117.74 -18.11
N ASP X 39 -63.53 116.45 -18.15
CA ASP X 39 -63.51 115.73 -19.42
C ASP X 39 -64.90 115.24 -19.82
N SER X 40 -65.45 114.30 -19.03
CA SER X 40 -66.78 113.72 -19.23
C SER X 40 -66.98 113.11 -20.61
N ASP X 41 -65.92 112.66 -21.27
CA ASP X 41 -66.01 112.19 -22.64
C ASP X 41 -65.65 110.72 -22.81
N ALA X 42 -64.58 110.26 -22.17
CA ALA X 42 -64.14 108.88 -22.36
C ALA X 42 -65.09 107.88 -21.71
N VAL X 43 -65.92 108.31 -20.77
CA VAL X 43 -66.83 107.41 -20.07
C VAL X 43 -68.25 107.53 -20.60
N LEU X 44 -68.70 108.73 -20.93
CA LEU X 44 -70.09 108.96 -21.33
C LEU X 44 -70.29 109.00 -22.83
N GLY X 45 -69.27 109.36 -23.61
CA GLY X 45 -69.41 109.45 -25.05
C GLY X 45 -68.58 110.57 -25.65
N HIS X 46 -67.83 110.25 -26.70
CA HIS X 46 -66.88 111.20 -27.28
C HIS X 46 -67.42 111.86 -28.55
N PHE X 47 -67.79 111.06 -29.55
CA PHE X 47 -68.21 111.58 -30.83
C PHE X 47 -69.55 111.00 -31.24
N PRO X 48 -70.36 111.75 -31.98
CA PRO X 48 -71.67 111.23 -32.42
C PRO X 48 -71.50 110.18 -33.50
N TYR X 49 -71.92 108.95 -33.20
CA TYR X 49 -71.90 107.88 -34.17
C TYR X 49 -73.12 108.00 -35.08
N PRO X 50 -72.95 108.24 -36.38
CA PRO X 50 -74.10 108.41 -37.25
C PRO X 50 -74.76 107.09 -37.59
N ASP X 51 -76.06 107.14 -37.80
CA ASP X 51 -76.85 105.96 -38.13
C ASP X 51 -76.53 105.46 -39.53
N PRO X 52 -76.16 104.19 -39.70
CA PRO X 52 -75.73 103.73 -41.04
C PRO X 52 -76.85 103.68 -42.07
N SER X 53 -78.07 103.32 -41.69
CA SER X 53 -79.12 103.09 -42.66
C SER X 53 -79.88 104.36 -43.04
N GLN X 54 -79.57 105.49 -42.40
CA GLN X 54 -80.31 106.73 -42.65
C GLN X 54 -79.64 107.64 -43.66
N TRP X 55 -78.56 107.18 -44.30
CA TRP X 55 -77.88 108.00 -45.30
C TRP X 55 -78.77 108.17 -46.54
N THR X 56 -78.77 109.37 -47.09
CA THR X 56 -79.60 109.65 -48.26
C THR X 56 -78.99 109.03 -49.52
N ASP X 57 -79.86 108.69 -50.47
CA ASP X 57 -79.46 107.89 -51.62
C ASP X 57 -78.68 108.69 -52.65
N GLU X 58 -78.93 110.00 -52.77
CA GLU X 58 -78.34 110.76 -53.86
C GLU X 58 -76.86 111.03 -53.66
N GLU X 59 -76.35 110.97 -52.43
CA GLU X 59 -74.94 111.18 -52.17
C GLU X 59 -74.13 109.90 -52.08
N LEU X 60 -74.78 108.74 -52.12
CA LEU X 60 -74.10 107.45 -52.06
C LEU X 60 -74.00 106.77 -53.43
N GLY X 61 -74.49 107.41 -54.48
CA GLY X 61 -74.28 106.94 -55.84
C GLY X 61 -74.91 105.61 -56.22
N ILE X 62 -76.20 105.46 -55.94
CA ILE X 62 -76.98 104.32 -56.42
C ILE X 62 -78.05 104.86 -57.35
N PRO X 63 -78.14 104.39 -58.60
CA PRO X 63 -79.14 104.93 -59.51
C PRO X 63 -80.54 104.51 -59.10
N PRO X 64 -81.56 105.33 -59.40
CA PRO X 64 -82.93 104.93 -59.09
C PRO X 64 -83.42 103.82 -60.00
N ASP X 65 -83.52 102.61 -59.45
CA ASP X 65 -83.91 101.44 -60.24
C ASP X 65 -84.70 100.45 -59.39
N ILE Y 1 -22.30 45.38 9.22
CA ILE Y 1 -23.15 44.73 8.23
C ILE Y 1 -22.73 43.27 8.08
N THR Y 2 -23.62 42.45 7.54
CA THR Y 2 -23.37 41.03 7.36
C THR Y 2 -24.19 40.52 6.19
N LYS Y 3 -23.83 39.33 5.70
CA LYS Y 3 -24.39 38.83 4.45
C LYS Y 3 -25.84 38.39 4.60
N ASP Y 4 -26.20 37.80 5.73
CA ASP Y 4 -27.55 37.28 5.92
C ASP Y 4 -28.53 38.34 6.41
N MET Y 5 -28.10 39.58 6.55
CA MET Y 5 -28.99 40.70 6.81
C MET Y 5 -29.32 41.48 5.54
N LEU Y 6 -28.96 40.93 4.38
CA LEU Y 6 -29.07 41.59 3.08
C LEU Y 6 -30.06 40.82 2.21
N PRO Y 7 -30.68 41.48 1.22
CA PRO Y 7 -31.63 40.77 0.36
C PRO Y 7 -30.99 39.70 -0.49
N GLY Y 8 -31.76 38.64 -0.75
CA GLY Y 8 -31.31 37.54 -1.55
C GLY Y 8 -32.28 37.21 -2.66
N PRO Y 9 -32.41 35.92 -2.96
CA PRO Y 9 -33.31 35.50 -4.04
C PRO Y 9 -34.76 35.49 -3.59
N TYR Y 10 -35.63 35.06 -4.50
CA TYR Y 10 -37.06 35.01 -4.23
C TYR Y 10 -37.39 33.77 -3.42
N PRO Y 11 -37.94 33.89 -2.21
CA PRO Y 11 -38.31 32.70 -1.44
C PRO Y 11 -39.54 32.03 -2.02
N LYS Y 12 -39.58 30.71 -1.88
CA LYS Y 12 -40.67 29.89 -2.40
C LYS Y 12 -41.43 29.17 -1.30
N THR Y 13 -40.73 28.42 -0.45
CA THR Y 13 -41.39 27.64 0.60
C THR Y 13 -41.61 28.47 1.85
N PRO Y 14 -42.56 28.06 2.70
CA PRO Y 14 -42.91 28.80 3.89
C PRO Y 14 -41.77 29.22 4.82
N GLU Y 15 -40.78 28.36 5.05
CA GLU Y 15 -39.75 28.70 6.03
C GLU Y 15 -38.78 29.75 5.49
N GLU Y 16 -38.49 29.75 4.19
CA GLU Y 16 -37.71 30.84 3.62
C GLU Y 16 -38.46 32.16 3.70
N ARG Y 17 -39.78 32.12 3.50
CA ARG Y 17 -40.60 33.33 3.65
C ARG Y 17 -40.60 33.81 5.10
N ALA Y 18 -40.63 32.88 6.06
CA ALA Y 18 -40.56 33.27 7.46
C ALA Y 18 -39.19 33.87 7.81
N ALA Y 19 -38.12 33.33 7.25
CA ALA Y 19 -36.79 33.89 7.46
C ALA Y 19 -36.69 35.28 6.84
N ALA Y 20 -37.28 35.48 5.66
CA ALA Y 20 -37.30 36.79 5.03
C ALA Y 20 -38.11 37.79 5.85
N ALA Y 21 -39.24 37.35 6.40
CA ALA Y 21 -40.06 38.23 7.24
C ALA Y 21 -39.33 38.59 8.53
N LYS Y 22 -38.56 37.64 9.08
CA LYS Y 22 -37.72 37.95 10.23
C LYS Y 22 -36.64 38.97 9.87
N LYS Y 23 -36.03 38.82 8.69
CA LYS Y 23 -35.02 39.77 8.25
C LYS Y 23 -35.63 41.15 7.98
N TYR Y 24 -36.79 41.19 7.34
CA TYR Y 24 -37.47 42.43 7.02
C TYR Y 24 -38.37 42.93 8.15
N ASN Y 25 -38.34 42.25 9.30
CA ASN Y 25 -39.04 42.62 10.55
C ASN Y 25 -40.51 42.97 10.35
N MET Y 26 -41.17 42.26 9.44
CA MET Y 26 -42.63 42.27 9.37
C MET Y 26 -43.19 40.91 9.80
N ARG Y 27 -44.51 40.85 9.82
CA ARG Y 27 -45.20 39.59 10.06
C ARG Y 27 -45.02 38.66 8.88
N VAL Y 28 -45.25 37.36 9.11
CA VAL Y 28 -45.15 36.38 8.03
C VAL Y 28 -46.32 36.51 7.06
N GLU Y 29 -47.40 37.16 7.46
CA GLU Y 29 -48.55 37.37 6.59
C GLU Y 29 -48.49 38.70 5.84
N ASP Y 30 -47.91 39.73 6.46
CA ASP Y 30 -47.78 41.03 5.81
C ASP Y 30 -46.62 41.09 4.83
N TYR Y 31 -45.78 40.05 4.79
CA TYR Y 31 -44.66 40.00 3.85
C TYR Y 31 -45.17 39.41 2.55
N GLU Y 32 -45.40 40.25 1.56
CA GLU Y 32 -45.84 39.82 0.23
C GLU Y 32 -44.79 40.23 -0.80
N PRO Y 33 -43.93 39.31 -1.23
CA PRO Y 33 -42.91 39.67 -2.22
C PRO Y 33 -43.51 39.89 -3.60
N TYR Y 34 -42.75 40.58 -4.43
CA TYR Y 34 -43.13 40.79 -5.83
C TYR Y 34 -43.15 39.45 -6.56
N PRO Y 35 -44.05 39.28 -7.54
CA PRO Y 35 -44.12 38.02 -8.28
C PRO Y 35 -42.85 37.78 -9.08
N ASP Y 36 -42.50 36.50 -9.21
CA ASP Y 36 -41.24 36.10 -9.85
C ASP Y 36 -41.39 36.22 -11.37
N ASP Y 37 -41.32 37.44 -11.85
CA ASP Y 37 -41.35 37.73 -13.28
C ASP Y 37 -39.96 37.92 -13.87
N GLY Y 38 -38.92 37.68 -13.08
CA GLY Y 38 -37.55 37.90 -13.54
C GLY Y 38 -37.20 39.34 -13.81
N MET Y 39 -37.64 40.26 -12.94
CA MET Y 39 -37.35 41.67 -13.10
C MET Y 39 -36.24 42.15 -12.18
N GLY Y 40 -35.98 41.46 -11.08
CA GLY Y 40 -34.91 41.82 -10.17
C GLY Y 40 -35.35 42.40 -8.84
N TYR Y 41 -36.63 42.28 -8.48
CA TYR Y 41 -37.08 42.81 -7.19
C TYR Y 41 -36.53 41.98 -6.04
N GLY Y 42 -36.23 40.71 -6.26
CA GLY Y 42 -35.69 39.88 -5.20
C GLY Y 42 -36.77 39.53 -4.18
N ASP Y 43 -36.37 39.50 -2.91
CA ASP Y 43 -37.28 39.22 -1.81
C ASP Y 43 -37.82 40.48 -1.16
N TYR Y 44 -37.76 41.61 -1.86
CA TYR Y 44 -38.24 42.85 -1.27
C TYR Y 44 -39.76 42.85 -1.23
N PRO Y 45 -40.37 43.21 -0.10
CA PRO Y 45 -41.81 43.09 0.04
C PRO Y 45 -42.54 44.19 -0.73
N LYS Y 46 -43.84 43.97 -0.93
CA LYS Y 46 -44.70 44.93 -1.61
C LYS Y 46 -45.49 45.70 -0.56
N LEU Y 47 -45.07 46.95 -0.33
CA LEU Y 47 -45.84 47.87 0.50
C LEU Y 47 -47.11 48.27 -0.27
N PRO Y 48 -48.15 48.78 0.42
CA PRO Y 48 -49.44 48.99 -0.26
C PRO Y 48 -49.50 50.17 -1.23
N ASP Y 49 -48.34 50.70 -1.63
CA ASP Y 49 -48.21 51.71 -2.69
C ASP Y 49 -48.92 53.02 -2.31
N ARG Y 50 -48.50 53.56 -1.17
CA ARG Y 50 -49.10 54.78 -0.61
C ARG Y 50 -48.01 55.84 -0.45
N SER Y 51 -48.40 57.09 -0.68
CA SER Y 51 -47.46 58.19 -0.50
C SER Y 51 -47.21 58.44 0.98
N GLN Y 52 -46.11 59.14 1.27
CA GLN Y 52 -45.80 59.51 2.64
C GLN Y 52 -46.71 60.61 3.17
N GLN Y 53 -47.45 61.30 2.30
CA GLN Y 53 -48.45 62.26 2.76
C GLN Y 53 -49.61 61.56 3.45
N GLU Y 54 -49.91 60.32 3.05
CA GLU Y 54 -51.03 59.59 3.62
C GLU Y 54 -50.80 59.23 5.08
N ARG Y 55 -49.54 59.13 5.50
CA ARG Y 55 -49.22 58.88 6.90
C ARG Y 55 -49.62 60.09 7.74
N ASP Y 56 -50.03 59.81 8.98
CA ASP Y 56 -50.51 60.85 9.87
C ASP Y 56 -49.37 61.76 10.30
N PRO Y 57 -49.42 63.06 10.01
CA PRO Y 57 -48.31 63.94 10.43
C PRO Y 57 -48.28 64.21 11.91
N TRP Y 58 -49.37 63.99 12.64
CA TRP Y 58 -49.39 64.23 14.07
C TRP Y 58 -48.67 63.14 14.86
N TYR Y 59 -48.42 61.99 14.24
CA TYR Y 59 -47.56 60.99 14.84
C TYR Y 59 -46.14 61.52 14.94
N ASP Y 60 -45.46 61.18 16.03
CA ASP Y 60 -44.07 61.58 16.21
C ASP Y 60 -43.18 60.55 15.50
N TRP Y 61 -42.58 60.96 14.38
CA TRP Y 61 -41.72 60.08 13.60
C TRP Y 61 -40.25 60.35 13.91
N ASP Y 62 -39.43 59.32 13.69
CA ASP Y 62 -37.99 59.51 13.78
C ASP Y 62 -37.48 60.41 12.67
N HIS Y 63 -38.08 60.31 11.48
CA HIS Y 63 -37.80 61.23 10.37
C HIS Y 63 -39.08 61.98 10.05
N PRO Y 64 -39.26 63.19 10.57
CA PRO Y 64 -40.54 63.90 10.37
C PRO Y 64 -40.78 64.31 8.93
N ASP Y 65 -39.73 64.57 8.15
CA ASP Y 65 -39.92 65.01 6.78
C ASP Y 65 -40.44 63.89 5.88
N LEU Y 66 -39.90 62.69 6.05
CA LEU Y 66 -40.33 61.55 5.25
C LEU Y 66 -41.46 60.76 5.89
N ARG Y 67 -41.81 61.06 7.14
CA ARG Y 67 -42.83 60.35 7.93
C ARG Y 67 -42.52 58.85 8.00
N LEU Y 68 -41.26 58.54 8.26
CA LEU Y 68 -40.76 57.17 8.29
C LEU Y 68 -40.00 56.93 9.58
N ASN Y 69 -40.32 55.84 10.27
CA ASN Y 69 -39.62 55.48 11.48
C ASN Y 69 -38.24 54.91 11.17
N TRP Y 70 -37.40 54.84 12.19
CA TRP Y 70 -36.09 54.23 12.04
C TRP Y 70 -36.23 52.73 11.89
N GLY Y 71 -35.55 52.16 10.90
CA GLY Y 71 -35.60 50.73 10.67
C GLY Y 71 -36.89 50.22 10.07
N GLU Y 72 -37.84 51.10 9.78
CA GLU Y 72 -39.07 50.67 9.13
C GLU Y 72 -38.75 50.29 7.69
N PRO Y 73 -39.11 49.09 7.26
CA PRO Y 73 -38.80 48.67 5.89
C PRO Y 73 -39.57 49.45 4.85
N MET Y 74 -38.87 50.32 4.13
CA MET Y 74 -39.48 51.30 3.26
C MET Y 74 -39.95 50.65 1.95
N HIS Y 75 -40.71 51.42 1.19
CA HIS Y 75 -41.21 50.97 -0.10
C HIS Y 75 -40.08 50.81 -1.10
N TRP Y 76 -40.29 49.93 -2.08
CA TRP Y 76 -39.31 49.74 -3.15
C TRP Y 76 -39.13 50.99 -3.99
N ASP Y 77 -40.17 51.82 -4.06
CA ASP Y 77 -40.12 53.07 -4.82
C ASP Y 77 -40.36 54.26 -3.90
N LEU Y 78 -39.64 54.29 -2.77
CA LEU Y 78 -39.83 55.35 -1.78
C LEU Y 78 -39.47 56.72 -2.34
N ASP Y 79 -38.49 56.78 -3.24
CA ASP Y 79 -38.11 58.07 -3.81
C ASP Y 79 -39.14 58.61 -4.78
N MET Y 80 -40.06 57.78 -5.27
CA MET Y 80 -41.19 58.29 -6.05
C MET Y 80 -42.23 58.95 -5.17
N TYR Y 81 -42.39 58.48 -3.93
CA TYR Y 81 -43.53 58.84 -3.08
C TYR Y 81 -43.15 59.77 -1.95
N ILE Y 82 -42.06 60.53 -2.09
CA ILE Y 82 -41.70 61.52 -1.07
C ILE Y 82 -42.66 62.71 -1.18
N ARG Y 83 -42.64 63.59 -0.17
CA ARG Y 83 -43.60 64.68 -0.11
C ARG Y 83 -43.34 65.76 -1.15
N ASN Y 84 -42.19 65.76 -1.81
CA ASN Y 84 -41.89 66.70 -2.88
C ASN Y 84 -42.13 66.10 -4.27
N ARG Y 85 -42.81 64.95 -4.34
CA ARG Y 85 -42.95 64.20 -5.58
C ARG Y 85 -44.36 63.64 -5.63
N VAL Y 86 -44.55 62.61 -6.47
CA VAL Y 86 -45.86 62.04 -6.77
C VAL Y 86 -46.56 61.58 -5.50
N ASP Y 87 -47.80 62.02 -5.33
CA ASP Y 87 -48.63 61.69 -4.18
C ASP Y 87 -49.75 60.74 -4.57
N THR Y 88 -50.37 60.14 -3.55
CA THR Y 88 -51.55 59.31 -3.76
C THR Y 88 -52.66 59.63 -2.76
N SER Y 89 -52.74 60.87 -2.31
CA SER Y 89 -53.78 61.26 -1.36
C SER Y 89 -55.15 61.26 -2.03
N PRO Y 90 -56.20 60.89 -1.30
CA PRO Y 90 -57.55 60.93 -1.86
C PRO Y 90 -58.00 62.34 -2.17
N THR Y 91 -58.77 62.46 -3.23
CA THR Y 91 -59.32 63.69 -3.77
C THR Y 91 -60.81 63.79 -3.44
N PRO Y 92 -61.34 65.01 -3.30
CA PRO Y 92 -62.79 65.15 -3.05
C PRO Y 92 -63.67 64.63 -4.18
N VAL Y 93 -63.18 64.64 -5.41
CA VAL Y 93 -63.95 64.19 -6.57
C VAL Y 93 -63.29 62.91 -7.09
N ASN Y 94 -64.08 62.10 -7.78
CA ASN Y 94 -63.56 60.90 -8.42
C ASN Y 94 -62.56 61.25 -9.52
N TRP Y 95 -61.61 60.34 -9.75
CA TRP Y 95 -60.54 60.61 -10.70
C TRP Y 95 -61.03 60.59 -12.13
N ASN Y 96 -61.83 59.59 -12.49
CA ASN Y 96 -62.36 59.51 -13.86
C ASN Y 96 -63.31 60.65 -14.16
N LEU Y 97 -64.12 61.05 -13.17
CA LEU Y 97 -64.99 62.21 -13.31
C LEU Y 97 -64.18 63.48 -13.53
N MET Y 98 -63.09 63.62 -12.78
CA MET Y 98 -62.17 64.75 -12.96
C MET Y 98 -61.62 64.78 -14.38
N CYS Y 99 -61.15 63.63 -14.87
CA CYS Y 99 -60.54 63.57 -16.19
C CYS Y 99 -61.54 63.87 -17.29
N LYS Y 100 -62.75 63.30 -17.21
CA LYS Y 100 -63.73 63.55 -18.26
C LYS Y 100 -64.25 64.98 -18.19
N HIS Y 101 -64.37 65.57 -16.99
CA HIS Y 101 -64.77 66.97 -16.88
C HIS Y 101 -63.75 67.89 -17.52
N LEU Y 102 -62.47 67.68 -17.20
CA LEU Y 102 -61.42 68.53 -17.76
C LEU Y 102 -61.31 68.38 -19.28
N PHE Y 103 -61.36 67.14 -19.78
CA PHE Y 103 -61.25 66.91 -21.21
C PHE Y 103 -62.44 67.50 -21.96
N GLY Y 104 -63.66 67.31 -21.42
CA GLY Y 104 -64.83 67.90 -22.06
C GLY Y 104 -64.79 69.42 -22.05
N PHE Y 105 -64.31 70.01 -20.97
CA PHE Y 105 -64.21 71.47 -20.87
C PHE Y 105 -63.23 72.03 -21.90
N VAL Y 106 -62.04 71.43 -21.99
CA VAL Y 106 -61.06 71.96 -22.94
C VAL Y 106 -61.47 71.67 -24.38
N ALA Y 107 -62.12 70.54 -24.64
CA ALA Y 107 -62.57 70.25 -26.00
C ALA Y 107 -63.70 71.18 -26.41
N PHE Y 108 -64.63 71.48 -25.50
CA PHE Y 108 -65.71 72.41 -25.79
C PHE Y 108 -65.17 73.81 -26.04
N MET Y 109 -64.19 74.25 -25.25
CA MET Y 109 -63.63 75.58 -25.47
C MET Y 109 -62.84 75.65 -26.78
N LEU Y 110 -62.13 74.58 -27.14
CA LEU Y 110 -61.40 74.58 -28.40
C LEU Y 110 -62.36 74.56 -29.59
N PHE Y 111 -63.46 73.82 -29.48
CA PHE Y 111 -64.47 73.83 -30.54
C PHE Y 111 -65.13 75.21 -30.66
N MET Y 112 -65.37 75.86 -29.53
CA MET Y 112 -65.92 77.22 -29.56
C MET Y 112 -64.94 78.19 -30.20
N PHE Y 113 -63.64 78.04 -29.91
CA PHE Y 113 -62.65 78.90 -30.55
C PHE Y 113 -62.56 78.63 -32.05
N TRP Y 114 -62.70 77.37 -32.46
CA TRP Y 114 -62.71 77.04 -33.88
C TRP Y 114 -63.90 77.67 -34.59
N VAL Y 115 -65.10 77.53 -34.02
CA VAL Y 115 -66.29 78.07 -34.68
C VAL Y 115 -66.32 79.59 -34.58
N GLY Y 116 -65.58 80.18 -33.64
CA GLY Y 116 -65.45 81.63 -33.63
C GLY Y 116 -64.41 82.13 -34.61
N GLU Y 117 -63.36 81.35 -34.85
CA GLU Y 117 -62.40 81.70 -35.90
C GLU Y 117 -63.06 81.62 -37.27
N THR Y 118 -63.93 80.62 -37.47
CA THR Y 118 -64.68 80.53 -38.72
C THR Y 118 -65.66 81.70 -38.87
N TYR Y 119 -66.27 82.14 -37.77
CA TYR Y 119 -67.29 83.19 -37.78
C TYR Y 119 -66.76 84.42 -37.05
N PRO Y 120 -66.06 85.33 -37.73
CA PRO Y 120 -65.47 86.47 -37.03
C PRO Y 120 -66.49 87.59 -36.80
N THR Y 121 -66.04 88.60 -36.06
CA THR Y 121 -66.81 89.81 -35.82
C THR Y 121 -66.01 91.03 -36.25
N TYR Y 122 -66.73 92.06 -36.68
CA TYR Y 122 -66.08 93.26 -37.20
C TYR Y 122 -67.06 94.42 -37.06
N GLN Y 123 -66.58 95.61 -37.45
CA GLN Y 123 -67.38 96.82 -37.47
C GLN Y 123 -67.75 97.17 -38.90
N PRO Y 124 -69.03 97.46 -39.20
CA PRO Y 124 -69.45 97.60 -40.60
C PRO Y 124 -68.94 98.85 -41.30
N VAL Y 125 -67.62 98.95 -41.46
CA VAL Y 125 -66.98 100.07 -42.14
C VAL Y 125 -66.06 99.52 -43.22
N GLY Y 126 -65.62 100.42 -44.11
CA GLY Y 126 -64.76 100.04 -45.21
C GLY Y 126 -63.31 99.88 -44.80
N PRO Y 127 -62.44 99.68 -45.78
CA PRO Y 127 -61.03 99.48 -45.48
C PRO Y 127 -60.32 100.80 -45.22
N LYS Y 128 -59.10 100.70 -44.69
CA LYS Y 128 -58.27 101.86 -44.43
C LYS Y 128 -57.69 102.34 -45.76
N GLN Y 129 -58.07 103.54 -46.17
CA GLN Y 129 -57.65 104.08 -47.46
C GLN Y 129 -56.34 104.84 -47.28
N TYR Y 130 -55.30 104.39 -48.00
CA TYR Y 130 -53.96 104.94 -47.87
C TYR Y 130 -53.55 105.72 -49.12
N PRO Y 131 -52.70 106.72 -48.97
CA PRO Y 131 -52.23 107.48 -50.13
C PRO Y 131 -51.06 106.79 -50.83
N TYR Y 132 -50.68 107.38 -51.97
CA TYR Y 132 -49.47 107.03 -52.72
C TYR Y 132 -49.45 105.56 -53.13
N ASN Y 133 -50.52 105.14 -53.83
CA ASN Y 133 -50.69 103.77 -54.35
C ASN Y 133 -50.59 102.74 -53.24
N ASN Y 134 -51.37 102.96 -52.17
CA ASN Y 134 -51.37 102.13 -50.96
C ASN Y 134 -49.98 102.05 -50.33
N LEU Y 135 -49.27 103.18 -50.33
CA LEU Y 135 -47.93 103.34 -49.75
C LEU Y 135 -46.94 102.34 -50.36
N TYR Y 136 -46.71 102.49 -51.67
CA TYR Y 136 -45.76 101.62 -52.34
C TYR Y 136 -44.33 102.00 -52.01
N LEU Y 137 -44.02 103.29 -51.99
CA LEU Y 137 -42.63 103.71 -51.80
C LEU Y 137 -42.17 103.48 -50.37
N GLU Y 138 -43.04 103.71 -49.40
CA GLU Y 138 -42.68 103.53 -47.99
C GLU Y 138 -42.64 102.07 -47.56
N ARG Y 139 -43.19 101.16 -48.36
CA ARG Y 139 -43.21 99.75 -48.02
C ARG Y 139 -41.98 98.99 -48.51
N GLY Y 140 -41.03 99.68 -49.12
CA GLY Y 140 -39.84 99.04 -49.65
C GLY Y 140 -39.85 98.77 -51.14
N GLY Y 141 -40.86 99.27 -51.87
CA GLY Y 141 -40.88 99.10 -53.30
C GLY Y 141 -39.80 99.89 -53.99
N ASP Y 142 -39.33 99.37 -55.11
CA ASP Y 142 -38.24 100.00 -55.84
C ASP Y 142 -38.73 101.26 -56.54
N PRO Y 143 -38.10 102.41 -56.32
CA PRO Y 143 -38.58 103.65 -56.96
C PRO Y 143 -38.37 103.71 -58.46
N ASN Y 144 -37.49 102.87 -59.02
CA ASN Y 144 -37.26 102.92 -60.47
C ASN Y 144 -38.45 102.39 -61.26
N LYS Y 145 -39.18 101.42 -60.71
CA LYS Y 145 -40.34 100.85 -61.38
C LYS Y 145 -41.63 101.48 -60.84
N GLU Y 146 -42.58 101.71 -61.75
CA GLU Y 146 -43.85 102.34 -61.42
C GLU Y 146 -44.95 101.30 -61.44
N PRO Y 147 -45.45 100.85 -60.30
CA PRO Y 147 -46.51 99.85 -60.27
C PRO Y 147 -47.86 100.45 -60.64
N GLU Y 148 -48.89 99.62 -60.61
CA GLU Y 148 -50.24 100.05 -60.95
C GLU Y 148 -50.77 100.97 -59.86
N PRO Y 149 -51.12 102.22 -60.17
CA PRO Y 149 -51.57 103.15 -59.13
C PRO Y 149 -53.03 102.89 -58.76
N VAL Y 150 -53.28 102.80 -57.46
CA VAL Y 150 -54.65 102.83 -56.95
C VAL Y 150 -54.93 104.25 -56.52
N VAL Y 151 -56.18 104.68 -56.70
CA VAL Y 151 -56.60 106.04 -56.39
C VAL Y 151 -57.83 105.98 -55.51
N HIS Y 152 -57.80 106.74 -54.41
CA HIS Y 152 -58.89 106.75 -53.44
C HIS Y 152 -59.68 108.05 -53.60
N TYR Y 153 -60.99 107.91 -53.81
CA TYR Y 153 -61.85 109.03 -54.16
C TYR Y 153 -62.71 109.43 -52.96
N GLU Y 154 -63.43 110.53 -53.14
CA GLU Y 154 -64.35 111.01 -52.11
C GLU Y 154 -65.61 110.16 -52.07
N ILE Y 155 -66.36 110.28 -50.98
CA ILE Y 155 -67.59 109.54 -50.80
C ILE Y 155 -68.51 110.29 -49.85
N THR Z 1 -18.78 29.80 16.37
CA THR Z 1 -17.34 29.97 16.42
C THR Z 1 -16.94 31.42 16.18
N LEU Z 2 -15.64 31.68 16.16
CA LEU Z 2 -15.10 33.01 15.94
C LEU Z 2 -14.36 33.03 14.61
N ARG Z 3 -14.50 34.14 13.87
CA ARG Z 3 -13.86 34.29 12.58
C ARG Z 3 -12.39 34.68 12.76
N TRP Z 4 -11.75 35.10 11.68
CA TRP Z 4 -10.34 35.45 11.72
C TRP Z 4 -10.10 36.71 12.55
N GLN Z 5 -8.89 36.82 13.10
CA GLN Z 5 -8.55 37.95 13.95
C GLN Z 5 -8.48 39.23 13.14
N GLU Z 6 -9.11 40.29 13.66
CA GLU Z 6 -9.15 41.57 12.99
C GLU Z 6 -9.42 42.65 14.03
N ASP Z 7 -8.82 43.82 13.82
CA ASP Z 7 -9.05 44.95 14.70
C ASP Z 7 -10.47 45.48 14.52
N PRO Z 8 -11.05 46.08 15.57
CA PRO Z 8 -12.35 46.74 15.41
C PRO Z 8 -12.22 47.98 14.54
N GLU Z 9 -13.38 48.52 14.17
CA GLU Z 9 -13.43 49.66 13.27
C GLU Z 9 -12.89 50.90 13.97
N PRO Z 10 -11.84 51.53 13.43
CA PRO Z 10 -11.36 52.78 14.05
C PRO Z 10 -12.33 53.92 13.77
N GLU Z 11 -12.56 54.74 14.79
CA GLU Z 11 -13.49 55.85 14.67
C GLU Z 11 -12.91 56.95 13.79
N ASP Z 12 -13.80 57.80 13.28
CA ASP Z 12 -13.37 58.93 12.46
C ASP Z 12 -12.62 59.94 13.33
N GLU Z 13 -11.64 60.59 12.71
CA GLU Z 13 -10.76 61.51 13.42
C GLU Z 13 -11.34 62.92 13.35
N ASN Z 14 -11.86 63.39 14.48
CA ASN Z 14 -12.29 64.77 14.62
C ASN Z 14 -11.08 65.68 14.87
N LEU Z 15 -10.68 66.43 13.85
CA LEU Z 15 -9.42 67.17 13.91
C LEU Z 15 -9.53 68.39 14.81
N TYR Z 16 -10.73 68.96 14.95
CA TYR Z 16 -10.87 70.22 15.69
C TYR Z 16 -10.73 70.06 17.19
N GLU Z 17 -10.82 68.84 17.72
CA GLU Z 17 -10.68 68.66 19.17
C GLU Z 17 -9.24 68.83 19.62
N LYS Z 18 -8.29 68.25 18.89
CA LYS Z 18 -6.88 68.38 19.24
C LYS Z 18 -6.29 69.73 18.82
N ASN Z 19 -6.99 70.48 17.99
CA ASN Z 19 -6.52 71.80 17.56
C ASN Z 19 -7.71 72.68 17.26
N PRO Z 20 -7.95 73.73 18.06
CA PRO Z 20 -9.13 74.59 17.84
C PRO Z 20 -9.05 75.41 16.56
N ASP Z 21 -7.86 75.62 16.00
CA ASP Z 21 -7.69 76.41 14.79
C ASP Z 21 -7.08 75.60 13.65
N SER Z 22 -7.33 74.28 13.65
CA SER Z 22 -6.83 73.44 12.56
C SER Z 22 -7.64 73.69 11.29
N HIS Z 23 -7.12 73.15 10.18
CA HIS Z 23 -7.73 73.42 8.88
C HIS Z 23 -7.82 72.19 7.99
N GLY Z 24 -7.81 70.99 8.57
CA GLY Z 24 -7.87 69.77 7.77
C GLY Z 24 -6.66 69.52 6.90
N TYR Z 25 -5.47 69.84 7.39
CA TYR Z 25 -4.24 69.60 6.65
C TYR Z 25 -3.34 68.59 7.33
N ASP Z 26 -2.94 68.82 8.58
CA ASP Z 26 -1.98 67.95 9.26
C ASP Z 26 -2.16 68.17 10.75
N LYS Z 27 -1.65 67.22 11.54
CA LYS Z 27 -1.76 67.29 13.00
C LYS Z 27 -1.06 68.52 13.57
N ASP Z 28 0.21 68.72 13.21
CA ASP Z 28 0.99 69.80 13.80
C ASP Z 28 0.54 71.14 13.25
N PRO Z 29 0.47 72.19 14.09
CA PRO Z 29 -0.06 73.48 13.63
C PRO Z 29 0.87 74.22 12.68
N ALA Z 30 2.19 74.10 12.84
CA ALA Z 30 3.12 74.91 12.06
C ALA Z 30 3.11 74.49 10.58
N VAL Z 31 3.18 73.19 10.32
CA VAL Z 31 3.13 72.71 8.95
C VAL Z 31 1.74 72.94 8.34
N ASP Z 32 0.69 72.91 9.18
CA ASP Z 32 -0.65 73.24 8.71
C ASP Z 32 -0.74 74.70 8.27
N VAL Z 33 -0.15 75.61 9.04
CA VAL Z 33 -0.14 77.03 8.69
C VAL Z 33 0.71 77.26 7.44
N TRP Z 34 1.82 76.53 7.32
CA TRP Z 34 2.64 76.62 6.11
C TRP Z 34 1.87 76.13 4.88
N ASN Z 35 1.09 75.07 5.04
CA ASN Z 35 0.27 74.57 3.94
C ASN Z 35 -0.80 75.58 3.54
N MET Z 36 -1.43 76.23 4.53
CA MET Z 36 -2.38 77.30 4.24
C MET Z 36 -1.73 78.45 3.49
N ARG Z 37 -0.55 78.87 3.95
CA ARG Z 37 0.14 79.98 3.32
C ARG Z 37 0.52 79.65 1.88
N VAL Z 38 1.02 78.44 1.64
CA VAL Z 38 1.44 78.09 0.29
C VAL Z 38 0.25 77.94 -0.63
N VAL Z 39 -0.87 77.39 -0.14
CA VAL Z 39 -2.02 77.24 -1.04
C VAL Z 39 -2.65 78.59 -1.35
N PHE Z 40 -2.79 79.47 -0.36
CA PHE Z 40 -3.42 80.74 -0.65
C PHE Z 40 -2.49 81.72 -1.36
N PHE Z 41 -1.17 81.48 -1.32
CA PHE Z 41 -0.29 82.33 -2.10
C PHE Z 41 -0.15 81.84 -3.53
N PHE Z 42 0.19 80.56 -3.72
CA PHE Z 42 0.43 80.02 -5.05
C PHE Z 42 -0.83 79.47 -5.69
N GLY Z 43 -2.01 79.70 -5.10
CA GLY Z 43 -3.25 79.26 -5.69
C GLY Z 43 -4.16 80.41 -6.06
N PHE Z 44 -4.10 81.50 -5.29
CA PHE Z 44 -4.89 82.69 -5.55
C PHE Z 44 -4.02 83.91 -5.85
N SER Z 45 -2.98 84.15 -5.05
CA SER Z 45 -2.18 85.36 -5.22
C SER Z 45 -1.22 85.26 -6.39
N ILE Z 46 -0.78 84.06 -6.76
CA ILE Z 46 0.29 83.93 -7.73
C ILE Z 46 -0.27 83.47 -9.09
N VAL Z 47 -1.06 82.39 -9.11
CA VAL Z 47 -1.47 81.86 -10.40
C VAL Z 47 -2.74 82.53 -10.90
N LEU Z 48 -3.70 82.82 -10.00
CA LEU Z 48 -4.98 83.37 -10.46
C LEU Z 48 -4.85 84.82 -10.90
N VAL Z 49 -4.19 85.65 -10.09
CA VAL Z 49 -4.11 87.08 -10.39
C VAL Z 49 -3.22 87.32 -11.61
N LEU Z 50 -2.02 86.73 -11.60
CA LEU Z 50 -1.13 86.89 -12.74
C LEU Z 50 -1.65 86.15 -13.97
N GLY Z 51 -2.44 85.09 -13.78
CA GLY Z 51 -3.08 84.44 -14.90
C GLY Z 51 -4.15 85.30 -15.54
N SER Z 52 -4.95 85.98 -14.72
CA SER Z 52 -5.93 86.91 -15.25
C SER Z 52 -5.27 88.07 -15.97
N THR Z 53 -4.14 88.55 -15.43
CA THR Z 53 -3.36 89.58 -16.09
C THR Z 53 -2.82 89.08 -17.43
N PHE Z 54 -2.37 87.83 -17.48
CA PHE Z 54 -1.78 87.29 -18.70
C PHE Z 54 -2.83 87.08 -19.79
N VAL Z 55 -3.95 86.44 -19.43
CA VAL Z 55 -5.01 86.20 -20.41
C VAL Z 55 -5.70 87.50 -20.82
N ALA Z 56 -5.74 88.49 -19.94
CA ALA Z 56 -6.29 89.79 -20.33
C ALA Z 56 -5.40 90.54 -21.31
N TYR Z 57 -4.15 90.12 -21.47
CA TYR Z 57 -3.20 90.85 -22.31
C TYR Z 57 -2.40 89.89 -23.21
N LEU Z 58 -3.09 88.97 -23.87
CA LEU Z 58 -2.45 88.25 -24.97
C LEU Z 58 -2.19 89.21 -26.12
N PRO Z 59 -1.06 89.07 -26.81
CA PRO Z 59 -0.71 90.04 -27.87
C PRO Z 59 -1.51 89.85 -29.16
N ASP Z 60 -2.74 90.38 -29.14
CA ASP Z 60 -3.65 90.46 -30.29
C ASP Z 60 -3.91 89.03 -30.80
N TYR Z 61 -4.71 88.33 -30.00
CA TYR Z 61 -4.89 86.89 -30.12
C TYR Z 61 -5.39 86.46 -31.50
N ARG Z 62 -4.74 85.42 -32.03
CA ARG Z 62 -5.08 84.77 -33.30
C ARG Z 62 -5.05 85.72 -34.49
N MET Z 63 -4.36 86.87 -34.34
CA MET Z 63 -4.34 87.98 -35.28
C MET Z 63 -5.74 88.53 -35.59
N GLN Z 64 -6.73 88.18 -34.77
CA GLN Z 64 -8.13 88.43 -35.12
C GLN Z 64 -8.43 89.92 -35.21
N GLU Z 65 -7.99 90.68 -34.21
CA GLU Z 65 -8.13 92.13 -34.25
C GLU Z 65 -7.43 92.70 -35.47
N TRP Z 66 -6.24 92.16 -35.80
CA TRP Z 66 -5.52 92.59 -37.00
C TRP Z 66 -6.37 92.39 -38.24
N ALA Z 67 -7.14 91.29 -38.29
CA ALA Z 67 -8.00 91.03 -39.44
C ALA Z 67 -9.01 92.15 -39.61
N ARG Z 68 -9.58 92.63 -38.50
CA ARG Z 68 -10.51 93.77 -38.58
C ARG Z 68 -9.81 94.99 -39.16
N ARG Z 69 -8.58 95.24 -38.72
CA ARG Z 69 -7.81 96.35 -39.27
C ARG Z 69 -7.56 96.15 -40.76
N GLU Z 70 -7.28 94.90 -41.15
CA GLU Z 70 -7.11 94.60 -42.57
C GLU Z 70 -8.40 94.86 -43.32
N ALA Z 71 -9.54 94.51 -42.72
CA ALA Z 71 -10.83 94.83 -43.34
C ALA Z 71 -11.00 96.33 -43.46
N GLU Z 72 -10.52 97.07 -42.46
CA GLU Z 72 -10.60 98.54 -42.50
C GLU Z 72 -9.81 99.10 -43.68
N ARG Z 73 -8.80 98.36 -44.16
CA ARG Z 73 -8.15 98.78 -45.39
C ARG Z 73 -8.94 98.35 -46.61
N LEU Z 74 -9.41 97.10 -46.62
CA LEU Z 74 -9.73 96.43 -47.88
C LEU Z 74 -10.98 97.02 -48.53
N VAL Z 75 -12.05 97.21 -47.75
CA VAL Z 75 -13.24 97.87 -48.29
C VAL Z 75 -12.91 99.31 -48.65
N LYS Z 76 -11.99 99.95 -47.92
CA LYS Z 76 -11.51 101.28 -48.29
C LYS Z 76 -10.89 101.28 -49.67
N TYR Z 77 -10.22 100.18 -50.04
CA TYR Z 77 -9.78 100.03 -51.42
C TYR Z 77 -10.98 99.85 -52.35
N ARG Z 78 -11.88 98.92 -52.01
CA ARG Z 78 -12.92 98.50 -52.94
C ARG Z 78 -14.09 99.47 -52.99
N GLU Z 79 -14.14 100.47 -52.11
CA GLU Z 79 -15.08 101.57 -52.23
C GLU Z 79 -14.47 102.77 -52.93
N ALA Z 80 -13.26 102.64 -53.46
CA ALA Z 80 -12.59 103.72 -54.18
C ALA Z 80 -12.50 103.49 -55.67
N HIS Z 81 -12.23 102.25 -56.10
CA HIS Z 81 -12.01 101.94 -57.51
C HIS Z 81 -13.26 101.41 -58.20
N GLY Z 82 -14.40 101.38 -57.52
CA GLY Z 82 -15.63 100.93 -58.13
C GLY Z 82 -15.77 99.42 -58.27
N LEU Z 83 -14.86 98.65 -57.68
CA LEU Z 83 -14.97 97.20 -57.71
C LEU Z 83 -16.15 96.74 -56.84
N PRO Z 84 -16.76 95.61 -57.16
CA PRO Z 84 -17.77 95.04 -56.26
C PRO Z 84 -17.17 94.65 -54.92
N LEU Z 85 -18.05 94.53 -53.93
CA LEU Z 85 -17.63 94.39 -52.54
C LEU Z 85 -16.84 93.11 -52.31
N MET Z 86 -17.30 91.99 -52.87
CA MET Z 86 -16.67 90.71 -52.60
C MET Z 86 -16.98 89.78 -53.75
N GLU Z 87 -15.95 89.22 -54.37
CA GLU Z 87 -16.13 88.31 -55.49
C GLU Z 87 -16.74 86.99 -55.03
N SER Z 88 -17.54 86.40 -55.91
CA SER Z 88 -18.17 85.12 -55.62
C SER Z 88 -17.27 83.92 -55.90
N ASN Z 89 -16.06 84.16 -56.41
CA ASN Z 89 -15.08 83.11 -56.64
C ASN Z 89 -13.84 83.40 -55.80
N CYS Z 90 -13.40 82.39 -55.04
CA CYS Z 90 -12.27 82.60 -54.15
C CYS Z 90 -10.96 82.71 -54.92
N PHE Z 91 -10.84 81.95 -56.01
CA PHE Z 91 -9.66 81.97 -56.86
C PHE Z 91 -10.00 82.60 -58.21
N ASP Z 92 -8.96 82.91 -58.96
CA ASP Z 92 -9.14 83.52 -60.28
C ASP Z 92 -9.70 82.49 -61.25
N PRO Z 93 -10.85 82.75 -61.89
CA PRO Z 93 -11.40 81.76 -62.83
C PRO Z 93 -10.56 81.57 -64.09
N SER Z 94 -9.64 82.49 -64.40
CA SER Z 94 -8.82 82.34 -65.59
C SER Z 94 -7.73 81.28 -65.42
N LYS Z 95 -7.46 80.85 -64.18
CA LYS Z 95 -6.45 79.83 -63.91
C LYS Z 95 -7.09 78.50 -63.51
N ILE Z 96 -8.30 78.23 -63.99
CA ILE Z 96 -9.02 77.01 -63.69
C ILE Z 96 -9.35 76.32 -65.00
N GLN Z 97 -9.00 75.03 -65.09
CA GLN Z 97 -9.33 74.22 -66.26
C GLN Z 97 -10.39 73.20 -65.84
N LEU Z 98 -11.62 73.42 -66.29
CA LEU Z 98 -12.70 72.50 -65.98
C LEU Z 98 -12.53 71.21 -66.76
N PRO Z 99 -12.97 70.07 -66.20
CA PRO Z 99 -12.92 68.81 -66.96
C PRO Z 99 -13.93 68.83 -68.10
N GLU Z 100 -13.41 68.71 -69.32
CA GLU Z 100 -14.27 68.77 -70.50
C GLU Z 100 -15.14 67.52 -70.60
N ASP Z 101 -16.39 67.71 -71.01
CA ASP Z 101 -17.35 66.62 -71.12
C ASP Z 101 -18.19 66.75 -72.39
N LYS AA 1 29.06 46.90 19.47
CA LYS AA 1 28.33 45.91 18.70
C LYS AA 1 26.86 45.88 19.09
N PHE AA 2 26.01 45.47 18.17
CA PHE AA 2 24.57 45.34 18.41
C PHE AA 2 24.04 43.95 18.17
N TYR AA 3 24.57 43.23 17.19
CA TYR AA 3 24.07 41.91 16.83
C TYR AA 3 24.92 40.84 17.50
N ILE AA 4 24.26 39.86 18.11
CA ILE AA 4 24.97 38.82 18.85
C ILE AA 4 25.83 37.97 17.92
N GLN AA 5 25.28 37.58 16.78
CA GLN AA 5 26.07 36.93 15.73
C GLN AA 5 26.60 37.98 14.79
N GLU AA 6 27.81 37.77 14.29
CA GLU AA 6 28.39 38.72 13.35
C GLU AA 6 27.79 38.48 11.96
N PRO AA 7 27.19 39.50 11.34
CA PRO AA 7 26.58 39.29 10.03
C PRO AA 7 27.64 39.06 8.97
N PRO AA 8 27.33 38.29 7.92
CA PRO AA 8 28.30 38.11 6.83
C PRO AA 8 28.59 39.40 6.07
N HIS AA 9 27.63 40.33 6.02
CA HIS AA 9 27.82 41.60 5.34
C HIS AA 9 28.22 42.72 6.30
N GLY AA 10 28.72 42.36 7.49
CA GLY AA 10 29.11 43.38 8.45
C GLY AA 10 30.32 44.19 8.01
N SER AA 11 31.31 43.53 7.42
CA SER AA 11 32.49 44.21 6.94
C SER AA 11 32.48 44.28 5.42
N PRO AA 12 32.92 45.40 4.83
CA PRO AA 12 32.94 45.50 3.37
C PRO AA 12 34.02 44.62 2.77
N ASN AA 13 33.63 43.82 1.77
CA ASN AA 13 34.58 42.95 1.08
C ASN AA 13 35.48 43.82 0.21
N TRP AA 14 36.69 44.09 0.71
CA TRP AA 14 37.59 45.04 0.06
C TRP AA 14 38.08 44.53 -1.29
N LEU AA 15 38.28 43.21 -1.41
CA LEU AA 15 38.69 42.63 -2.69
C LEU AA 15 37.62 42.85 -3.76
N LYS AA 16 36.35 42.61 -3.40
CA LYS AA 16 35.27 42.79 -4.36
C LYS AA 16 35.07 44.27 -4.70
N VAL AA 17 35.23 45.15 -3.70
CA VAL AA 17 35.10 46.59 -3.95
C VAL AA 17 36.20 47.08 -4.90
N GLY AA 18 37.44 46.64 -4.67
CA GLY AA 18 38.51 47.00 -5.57
C GLY AA 18 38.33 46.41 -6.96
N LEU AA 19 37.78 45.20 -7.04
CA LEU AA 19 37.48 44.59 -8.33
C LEU AA 19 36.42 45.38 -9.09
N THR AA 20 35.37 45.82 -8.40
CA THR AA 20 34.33 46.63 -9.04
C THR AA 20 34.88 47.96 -9.53
N LEU AA 21 35.70 48.62 -8.70
CA LEU AA 21 36.28 49.90 -9.09
C LEU AA 21 37.22 49.74 -10.28
N GLY AA 22 38.05 48.69 -10.28
CA GLY AA 22 38.95 48.46 -11.39
C GLY AA 22 38.22 48.10 -12.68
N THR AA 23 37.16 47.30 -12.57
CA THR AA 23 36.36 46.96 -13.75
C THR AA 23 35.68 48.18 -14.33
N SER AA 24 35.13 49.05 -13.47
CA SER AA 24 34.49 50.27 -13.94
C SER AA 24 35.50 51.19 -14.63
N ALA AA 25 36.69 51.36 -14.04
CA ALA AA 25 37.71 52.20 -14.63
C ALA AA 25 38.19 51.65 -15.97
N PHE AA 26 38.43 50.33 -16.02
CA PHE AA 26 38.89 49.71 -17.25
C PHE AA 26 37.87 49.83 -18.37
N LEU AA 27 36.59 49.60 -18.05
CA LEU AA 27 35.55 49.72 -19.07
C LEU AA 27 35.37 51.16 -19.53
N TRP AA 28 35.49 52.13 -18.61
CA TRP AA 28 35.36 53.53 -19.00
C TRP AA 28 36.49 53.96 -19.93
N ILE AA 29 37.74 53.64 -19.58
CA ILE AA 29 38.84 54.05 -20.45
C ILE AA 29 38.83 53.25 -21.76
N TYR AA 30 38.36 52.01 -21.74
CA TYR AA 30 38.26 51.25 -22.99
C TYR AA 30 37.19 51.83 -23.91
N LEU AA 31 36.05 52.25 -23.33
CA LEU AA 31 35.01 52.89 -24.12
C LEU AA 31 35.48 54.21 -24.70
N ILE AA 32 36.19 55.01 -23.91
CA ILE AA 32 36.70 56.30 -24.39
C ILE AA 32 37.72 56.10 -25.50
N LYS AA 33 38.65 55.15 -25.32
CA LYS AA 33 39.65 54.87 -26.34
C LYS AA 33 39.02 54.34 -27.62
N GLN AA 34 38.01 53.46 -27.49
CA GLN AA 34 37.33 52.93 -28.66
C GLN AA 34 36.58 54.03 -29.41
N HIS AA 35 35.93 54.93 -28.68
CA HIS AA 35 35.22 56.04 -29.32
C HIS AA 35 36.20 56.97 -30.04
N ASN AA 36 37.35 57.26 -29.41
CA ASN AA 36 38.35 58.12 -30.03
C ASN AA 36 38.91 57.49 -31.29
N GLU AA 37 39.22 56.20 -31.25
CA GLU AA 37 39.75 55.51 -32.42
C GLU AA 37 38.72 55.45 -33.54
N ASP AA 38 37.47 55.17 -33.20
CA ASP AA 38 36.43 55.09 -34.22
C ASP AA 38 36.16 56.46 -34.86
N VAL AA 39 36.16 57.52 -34.07
CA VAL AA 39 35.92 58.84 -34.64
C VAL AA 39 37.12 59.30 -35.47
N LEU AA 40 38.35 58.91 -35.07
CA LEU AA 40 39.51 59.25 -35.87
C LEU AA 40 39.49 58.52 -37.21
N GLU AA 41 39.12 57.24 -37.20
CA GLU AA 41 38.98 56.49 -38.44
C GLU AA 41 37.85 57.03 -39.30
N TYR AA 42 36.78 57.52 -38.68
CA TYR AA 42 35.67 58.12 -39.43
C TYR AA 42 36.11 59.39 -40.16
N LYS AA 43 36.79 60.29 -39.44
CA LYS AA 43 37.26 61.51 -40.11
C LYS AA 43 38.35 61.23 -41.12
N ARG AA 44 39.13 60.17 -40.94
CA ARG AA 44 40.11 59.83 -41.96
C ARG AA 44 39.46 59.17 -43.18
N ARG AA 45 38.37 58.43 -42.98
CA ARG AA 45 37.66 57.81 -44.10
C ARG AA 45 36.91 58.84 -44.93
N ASN AA 46 36.15 59.72 -44.28
CA ASN AA 46 35.28 60.64 -45.00
C ASN AA 46 35.89 62.01 -45.23
N GLY AA 47 37.13 62.22 -44.80
CA GLY AA 47 37.82 63.46 -45.11
C GLY AA 47 37.27 64.71 -44.45
N LEU AA 48 36.77 64.59 -43.22
CA LEU AA 48 36.33 65.75 -42.44
C LEU AA 48 37.49 66.28 -41.59
N GLU AA 49 38.58 66.62 -42.28
CA GLU AA 49 39.82 67.01 -41.64
C GLU AA 49 40.09 68.50 -41.77
N ARG BA 1 22.26 72.88 -0.06
CA ARG BA 1 21.44 73.84 0.66
C ARG BA 1 20.43 73.13 1.55
N ASP BA 2 19.86 73.85 2.51
CA ASP BA 2 18.88 73.28 3.41
C ASP BA 2 17.49 73.15 2.79
N HIS BA 3 17.25 73.81 1.66
CA HIS BA 3 16.00 73.70 0.92
C HIS BA 3 16.29 73.52 -0.57
N TRP BA 4 17.19 72.57 -0.86
CA TRP BA 4 17.64 72.36 -2.24
C TRP BA 4 16.55 71.75 -3.10
N ILE BA 5 15.67 70.90 -2.53
CA ILE BA 5 14.59 70.31 -3.29
C ILE BA 5 13.66 71.37 -3.86
N HIS BA 6 13.51 72.49 -3.14
CA HIS BA 6 12.67 73.59 -3.58
C HIS BA 6 13.21 74.29 -4.83
N VAL BA 7 14.46 74.04 -5.23
CA VAL BA 7 14.94 74.58 -6.50
C VAL BA 7 15.25 73.44 -7.49
N LEU BA 8 14.75 72.24 -7.20
CA LEU BA 8 14.97 71.12 -8.12
C LEU BA 8 14.18 71.30 -9.41
N VAL BA 9 12.92 71.70 -9.31
CA VAL BA 9 12.04 71.81 -10.48
C VAL BA 9 12.28 73.06 -11.32
N PRO BA 10 12.39 74.29 -10.77
CA PRO BA 10 12.57 75.46 -11.67
C PRO BA 10 13.84 75.42 -12.51
N VAL BA 11 14.96 74.98 -11.93
CA VAL BA 11 16.18 74.80 -12.72
C VAL BA 11 15.95 73.74 -13.79
N GLY BA 12 15.37 72.61 -13.39
CA GLY BA 12 14.96 71.60 -14.34
C GLY BA 12 13.90 72.08 -15.32
N PHE BA 13 13.24 73.19 -15.02
CA PHE BA 13 12.43 73.86 -16.03
C PHE BA 13 13.33 74.54 -17.05
N VAL BA 14 14.18 75.47 -16.60
CA VAL BA 14 14.84 76.39 -17.53
C VAL BA 14 15.84 75.66 -18.41
N PHE BA 15 16.54 74.67 -17.84
CA PHE BA 15 17.42 73.82 -18.63
C PHE BA 15 16.65 73.13 -19.75
N GLY BA 16 15.47 72.58 -19.41
CA GLY BA 16 14.61 72.04 -20.44
C GLY BA 16 14.22 73.08 -21.47
N TYR BA 17 13.91 74.30 -21.00
CA TYR BA 17 13.65 75.41 -21.90
C TYR BA 17 14.85 75.68 -22.79
N TYR BA 18 16.05 75.61 -22.20
CA TYR BA 18 17.28 75.76 -22.97
C TYR BA 18 17.38 74.71 -24.05
N LEU BA 19 16.99 73.47 -23.73
CA LEU BA 19 17.04 72.39 -24.70
C LEU BA 19 16.13 72.68 -25.87
N ASP BA 20 15.00 73.35 -25.61
CA ASP BA 20 14.10 73.75 -26.68
C ASP BA 20 14.80 74.66 -27.67
N ARG BA 21 15.56 75.63 -27.16
CA ARG BA 21 16.35 76.49 -28.04
C ARG BA 21 17.37 75.69 -28.81
N LYS BA 22 17.98 74.69 -28.16
CA LYS BA 22 18.90 73.80 -28.85
C LYS BA 22 18.16 73.01 -29.93
N ASN BA 23 16.93 72.58 -29.62
CA ASN BA 23 16.11 71.92 -30.62
C ASN BA 23 15.79 72.84 -31.78
N ASP BA 24 15.67 74.15 -31.48
CA ASP BA 24 15.46 75.13 -32.53
C ASP BA 24 16.66 75.14 -33.48
N GLU BA 25 17.87 74.97 -32.95
CA GLU BA 25 19.05 74.93 -33.80
C GLU BA 25 19.11 73.69 -34.69
N LYS BA 26 18.26 72.68 -34.43
CA LYS BA 26 18.17 71.54 -35.34
C LYS BA 26 17.10 71.73 -36.41
N LEU BA 27 16.37 72.84 -36.39
CA LEU BA 27 15.27 73.06 -37.33
C LEU BA 27 15.40 74.42 -38.00
N ALA BA 28 16.60 74.72 -38.50
CA ALA BA 28 16.88 75.99 -39.17
C ALA BA 28 17.20 75.78 -40.64
N ALA BA 29 16.65 74.74 -41.26
CA ALA BA 29 16.93 74.46 -42.66
C ALA BA 29 16.21 75.40 -43.62
N PHE BA 30 15.22 76.15 -43.13
CA PHE BA 30 14.46 77.08 -43.96
C PHE BA 30 14.45 78.47 -43.35
N ARG BA 31 15.53 78.87 -42.69
CA ARG BA 31 15.60 80.19 -42.10
C ARG BA 31 15.81 81.24 -43.18
N ASN BA 32 14.94 82.25 -43.20
CA ASN BA 32 14.92 83.31 -44.22
C ASN BA 32 14.79 82.72 -45.62
N LYS BA 33 13.98 81.67 -45.75
CA LYS BA 33 13.71 81.04 -47.04
C LYS BA 33 12.23 80.95 -47.38
N SER BA 34 11.34 81.21 -46.43
CA SER BA 34 9.91 81.18 -46.71
C SER BA 34 9.51 82.32 -47.62
N LEU BA 35 8.48 82.08 -48.45
CA LEU BA 35 8.10 83.05 -49.47
C LEU BA 35 7.47 84.29 -48.87
N LEU BA 36 6.87 84.18 -47.68
CA LEU BA 36 6.29 85.35 -47.03
C LEU BA 36 7.37 86.26 -46.45
N TYR BA 37 8.40 85.67 -45.83
CA TYR BA 37 9.36 86.45 -45.05
C TYR BA 37 10.76 86.42 -45.64
N LYS BA 38 10.90 86.14 -46.94
CA LYS BA 38 12.21 86.22 -47.59
C LYS BA 38 12.57 87.68 -47.79
N ARG BA 39 13.58 88.15 -47.07
CA ARG BA 39 14.00 89.53 -47.12
C ARG BA 39 15.51 89.62 -47.07
N GLU BA 40 16.04 90.75 -47.54
CA GLU BA 40 17.47 91.01 -47.41
C GLU BA 40 17.83 91.21 -45.94
N LEU BA 41 18.92 90.57 -45.52
CA LEU BA 41 19.31 90.65 -44.11
C LEU BA 41 19.82 92.05 -43.78
N LYS BA 42 19.37 92.59 -42.66
CA LYS BA 42 19.79 93.91 -42.23
C LYS BA 42 21.25 93.89 -41.78
N PRO BA 43 21.96 95.01 -41.91
CA PRO BA 43 23.33 95.07 -41.40
C PRO BA 43 23.39 94.90 -39.89
N GLN BA 44 24.50 94.32 -39.43
CA GLN BA 44 24.71 93.94 -38.02
C GLN BA 44 23.60 93.00 -37.53
N GLU BA 45 23.18 92.08 -38.41
CA GLU BA 45 22.19 91.07 -38.06
C GLU BA 45 22.54 89.80 -38.81
N GLU BA 46 22.93 88.76 -38.07
CA GLU BA 46 23.41 87.53 -38.69
C GLU BA 46 22.28 86.61 -39.14
N VAL BA 47 21.15 86.61 -38.42
CA VAL BA 47 20.02 85.74 -38.75
C VAL BA 47 18.73 86.53 -38.52
N THR BA 48 17.67 86.09 -39.21
CA THR BA 48 16.35 86.66 -38.96
C THR BA 48 15.85 86.30 -37.57
N TRP BA 49 16.11 85.07 -37.12
CA TRP BA 49 15.74 84.63 -35.79
C TRP BA 49 16.73 83.59 -35.32
N LYS BA 50 17.07 83.64 -34.03
CA LYS BA 50 18.05 82.72 -33.46
C LYS BA 50 17.36 81.48 -32.90
N MET CA 1 44.74 -48.78 -17.55
CA MET CA 1 45.67 -48.63 -18.66
C MET CA 1 45.22 -47.49 -19.57
N TRP CA 2 46.11 -46.54 -19.83
CA TRP CA 2 45.77 -45.26 -20.43
C TRP CA 2 45.37 -45.35 -21.90
N PHE CA 3 45.59 -46.49 -22.56
CA PHE CA 3 45.35 -46.61 -23.99
C PHE CA 3 43.96 -47.13 -24.33
N GLU CA 4 42.96 -46.86 -23.49
CA GLU CA 4 41.62 -47.37 -23.71
C GLU CA 4 40.62 -46.30 -24.16
N VAL CA 5 40.87 -45.03 -23.85
CA VAL CA 5 39.95 -43.97 -24.27
C VAL CA 5 40.23 -43.51 -25.69
N LEU CA 6 41.37 -43.87 -26.26
CA LEU CA 6 41.76 -43.44 -27.60
C LEU CA 6 40.90 -43.96 -28.77
N PRO CA 7 40.17 -45.09 -28.66
CA PRO CA 7 39.14 -45.35 -29.70
C PRO CA 7 38.09 -44.26 -29.81
N GLY CA 8 37.65 -43.69 -28.68
CA GLY CA 8 36.72 -42.58 -28.74
C GLY CA 8 37.34 -41.34 -29.35
N ILE CA 9 38.62 -41.10 -29.06
CA ILE CA 9 39.35 -39.99 -29.65
C ILE CA 9 39.51 -40.19 -31.15
N ALA CA 10 39.74 -41.43 -31.59
CA ALA CA 10 39.85 -41.72 -33.02
C ALA CA 10 38.51 -41.56 -33.73
N VAL CA 11 37.41 -41.93 -33.07
CA VAL CA 11 36.09 -41.71 -33.65
C VAL CA 11 35.79 -40.21 -33.74
N MET CA 12 36.18 -39.45 -32.71
CA MET CA 12 36.10 -38.00 -32.78
C MET CA 12 36.90 -37.44 -33.95
N GLY CA 13 38.11 -37.98 -34.15
CA GLY CA 13 38.97 -37.49 -35.22
C GLY CA 13 38.40 -37.77 -36.60
N VAL CA 14 37.87 -38.99 -36.81
CA VAL CA 14 37.29 -39.29 -38.13
C VAL CA 14 36.00 -38.50 -38.33
N CYS CA 15 35.24 -38.25 -37.25
CA CYS CA 15 34.01 -37.47 -37.37
C CYS CA 15 34.30 -36.01 -37.71
N LEU CA 16 35.36 -35.45 -37.14
CA LEU CA 16 35.75 -34.08 -37.49
C LEU CA 16 36.56 -34.00 -38.76
N PHE CA 17 37.09 -35.13 -39.25
CA PHE CA 17 37.90 -35.14 -40.46
C PHE CA 17 37.08 -35.40 -41.72
N ILE CA 18 35.97 -36.13 -41.60
CA ILE CA 18 35.12 -36.39 -42.77
C ILE CA 18 34.54 -35.14 -43.44
N PRO CA 19 34.02 -34.11 -42.73
CA PRO CA 19 33.35 -33.05 -43.50
C PRO CA 19 34.31 -32.13 -44.24
N GLY CA 20 35.49 -31.86 -43.69
CA GLY CA 20 36.45 -31.04 -44.41
C GLY CA 20 36.97 -31.70 -45.67
N MET CA 21 37.32 -32.99 -45.58
CA MET CA 21 37.73 -33.73 -46.76
C MET CA 21 36.60 -33.86 -47.77
N ALA CA 22 35.36 -34.03 -47.27
CA ALA CA 22 34.21 -34.14 -48.15
C ALA CA 22 33.97 -32.84 -48.91
N THR CA 23 34.03 -31.69 -48.23
CA THR CA 23 33.79 -30.44 -48.91
C THR CA 23 34.96 -30.05 -49.82
N ALA CA 24 36.19 -30.46 -49.48
CA ALA CA 24 37.31 -30.25 -50.39
C ALA CA 24 37.16 -31.07 -51.66
N ARG CA 25 36.75 -32.33 -51.53
CA ARG CA 25 36.56 -33.19 -52.69
C ARG CA 25 35.38 -32.73 -53.54
N ILE CA 26 34.30 -32.25 -52.89
CA ILE CA 26 33.15 -31.74 -53.64
C ILE CA 26 33.51 -30.45 -54.37
N HIS CA 27 34.29 -29.58 -53.72
CA HIS CA 27 34.76 -28.36 -54.39
C HIS CA 27 35.65 -28.69 -55.58
N ARG CA 28 36.54 -29.68 -55.43
CA ARG CA 28 37.42 -30.03 -56.53
C ARG CA 28 36.68 -30.72 -57.67
N PHE CA 29 35.64 -31.51 -57.36
CA PHE CA 29 34.88 -32.17 -58.42
C PHE CA 29 33.95 -31.20 -59.14
N SER CA 30 33.31 -30.30 -58.40
CA SER CA 30 32.30 -29.43 -59.00
C SER CA 30 32.90 -28.32 -59.85
N ASN CA 31 34.08 -27.83 -59.47
CA ASN CA 31 34.72 -26.73 -60.18
C ASN CA 31 35.73 -27.21 -61.23
N GLY CA 32 35.48 -28.38 -61.81
CA GLY CA 32 36.28 -28.86 -62.93
C GLY CA 32 37.73 -29.14 -62.60
N GLY CA 33 37.98 -29.80 -61.47
CA GLY CA 33 39.36 -30.05 -61.08
C GLY CA 33 40.09 -28.85 -60.56
N ARG CA 34 39.37 -27.83 -60.11
CA ARG CA 34 39.99 -26.61 -59.61
C ARG CA 34 39.30 -26.22 -58.30
N GLU CA 35 39.86 -25.21 -57.65
CA GLU CA 35 39.24 -24.66 -56.45
C GLU CA 35 38.02 -23.83 -56.82
N LYS CA 36 37.22 -23.51 -55.81
CA LYS CA 36 36.07 -22.63 -56.01
C LYS CA 36 36.56 -21.19 -56.14
N ARG CA 37 36.18 -20.52 -57.23
CA ARG CA 37 36.60 -19.16 -57.47
C ARG CA 37 35.88 -18.22 -56.50
N VAL CA 38 36.60 -17.74 -55.50
CA VAL CA 38 36.01 -16.89 -54.48
C VAL CA 38 35.77 -15.49 -55.06
N ALA CA 39 34.76 -14.81 -54.54
CA ALA CA 39 34.39 -13.47 -54.98
C ALA CA 39 34.15 -12.61 -53.74
N HIS CA 40 35.22 -11.99 -53.23
CA HIS CA 40 35.11 -11.05 -52.13
C HIS CA 40 34.88 -9.63 -52.60
N TYR CA 41 35.16 -9.33 -53.87
CA TYR CA 41 35.03 -7.98 -54.41
C TYR CA 41 34.37 -8.08 -55.78
N SER CA 42 33.86 -6.94 -56.24
CA SER CA 42 33.08 -6.93 -57.48
C SER CA 42 33.94 -7.14 -58.72
N TYR CA 43 35.23 -6.79 -58.66
CA TYR CA 43 36.11 -7.02 -59.82
C TYR CA 43 36.31 -8.50 -60.06
N GLN CA 44 36.48 -9.28 -59.00
CA GLN CA 44 36.60 -10.73 -59.14
C GLN CA 44 35.32 -11.34 -59.70
N TRP CA 45 34.17 -10.81 -59.27
CA TRP CA 45 32.90 -11.28 -59.83
C TRP CA 45 32.75 -10.91 -61.28
N TYR CA 46 33.24 -9.72 -61.67
CA TYR CA 46 33.16 -9.31 -63.07
C TYR CA 46 34.06 -10.19 -63.94
N LEU CA 47 35.23 -10.58 -63.42
CA LEU CA 47 36.08 -11.49 -64.17
C LEU CA 47 35.49 -12.90 -64.21
N MET CA 48 34.81 -13.31 -63.14
CA MET CA 48 34.01 -14.55 -63.14
C MET CA 48 32.97 -14.54 -64.24
N GLU CA 49 32.20 -13.46 -64.34
CA GLU CA 49 31.17 -13.38 -65.37
C GLU CA 49 31.78 -13.25 -66.77
N ARG CA 50 32.94 -12.60 -66.89
CA ARG CA 50 33.65 -12.55 -68.15
C ARG CA 50 34.09 -13.94 -68.59
N ASP CA 51 34.58 -14.75 -67.64
CA ASP CA 51 34.96 -16.12 -67.95
C ASP CA 51 33.76 -16.94 -68.39
N ARG CA 52 32.63 -16.76 -67.70
CA ARG CA 52 31.41 -17.49 -68.05
C ARG CA 52 30.90 -17.09 -69.43
N ARG CA 53 31.06 -15.81 -69.78
CA ARG CA 53 30.62 -15.35 -71.10
C ARG CA 53 31.58 -15.82 -72.19
N VAL CA 54 32.88 -15.78 -71.92
CA VAL CA 54 33.88 -16.12 -72.94
C VAL CA 54 33.88 -17.61 -73.23
N SER CA 55 33.66 -18.45 -72.21
CA SER CA 55 33.83 -19.89 -72.33
C SER CA 55 32.90 -20.53 -73.35
N GLY CA 56 31.77 -19.91 -73.69
CA GLY CA 56 30.88 -20.46 -74.69
C GLY CA 56 30.09 -21.66 -74.23
N VAL CA 57 30.17 -22.00 -72.95
CA VAL CA 57 29.52 -23.17 -72.38
C VAL CA 57 28.57 -22.78 -71.24
N ASN CA 58 28.74 -21.57 -70.69
CA ASN CA 58 28.12 -21.05 -69.47
C ASN CA 58 28.55 -21.84 -68.23
N ARG CA 59 29.75 -22.41 -68.30
CA ARG CA 59 30.45 -22.96 -67.13
C ARG CA 59 31.87 -22.45 -67.19
N TYR CA 60 32.27 -21.69 -66.16
CA TYR CA 60 33.58 -21.03 -66.18
C TYR CA 60 34.73 -22.00 -65.99
N TYR CA 61 34.49 -23.14 -65.35
CA TYR CA 61 35.59 -24.05 -65.03
C TYR CA 61 36.11 -24.79 -66.25
N VAL CA 62 35.43 -24.72 -67.40
CA VAL CA 62 36.04 -25.14 -68.67
C VAL CA 62 36.67 -23.88 -69.25
N SER CA 63 37.88 -23.57 -68.78
CA SER CA 63 38.56 -22.35 -69.16
C SER CA 63 39.16 -22.48 -70.55
N LYS CA 64 39.28 -21.34 -71.23
CA LYS CA 64 39.85 -21.26 -72.57
C LYS CA 64 41.21 -20.58 -72.49
N GLY CA 65 42.22 -21.23 -73.05
CA GLY CA 65 43.60 -20.80 -72.94
C GLY CA 65 44.10 -20.06 -74.17
N LEU CA 66 45.38 -20.25 -74.46
CA LEU CA 66 46.01 -19.56 -75.58
C LEU CA 66 45.49 -20.04 -76.93
N GLU CA 67 45.09 -21.30 -77.02
CA GLU CA 67 44.67 -21.89 -78.29
C GLU CA 67 43.36 -21.31 -78.81
N ASN CA 68 42.60 -20.59 -77.99
CA ASN CA 68 41.33 -20.03 -78.42
C ASN CA 68 41.50 -18.81 -79.33
N ILE CA 69 42.66 -18.19 -79.33
CA ILE CA 69 42.92 -17.04 -80.19
C ILE CA 69 43.75 -17.49 -81.38
N ASP CA 70 43.82 -16.63 -82.40
CA ASP CA 70 44.59 -16.92 -83.60
C ASP CA 70 46.04 -16.52 -83.43
N LYS DA 1 51.84 -83.52 89.66
CA LYS DA 1 52.22 -84.64 88.81
C LYS DA 1 52.53 -84.16 87.39
N THR DA 2 53.63 -84.66 86.83
CA THR DA 2 54.05 -84.28 85.48
C THR DA 2 54.07 -85.47 84.53
N SER DA 3 54.66 -86.59 84.94
CA SER DA 3 54.71 -87.77 84.11
C SER DA 3 53.38 -88.50 84.19
N PHE DA 4 52.71 -88.67 83.05
CA PHE DA 4 51.39 -89.27 82.98
C PHE DA 4 51.48 -90.58 82.21
N GLY DA 5 50.87 -91.62 82.76
CA GLY DA 5 50.92 -92.97 82.23
C GLY DA 5 51.31 -93.93 83.34
N SER DA 6 51.74 -95.12 82.91
CA SER DA 6 52.16 -96.21 83.82
C SER DA 6 51.06 -96.56 84.82
N LEU DA 7 49.85 -96.71 84.31
CA LEU DA 7 48.70 -96.99 85.16
C LEU DA 7 48.76 -98.40 85.71
N LYS DA 8 48.56 -98.53 87.02
CA LYS DA 8 48.54 -99.84 87.64
C LYS DA 8 47.25 -100.58 87.32
N ASP DA 9 47.23 -101.87 87.64
CA ASP DA 9 46.02 -102.66 87.43
C ASP DA 9 44.96 -102.39 88.48
N GLU DA 10 45.30 -101.69 89.57
CA GLU DA 10 44.33 -101.35 90.59
C GLU DA 10 43.49 -100.14 90.23
N ASP DA 11 43.87 -99.38 89.21
CA ASP DA 11 43.12 -98.21 88.78
C ASP DA 11 42.44 -98.41 87.43
N ARG DA 12 42.56 -99.57 86.82
CA ARG DA 12 41.89 -99.83 85.55
C ARG DA 12 40.39 -99.97 85.77
N ILE DA 13 39.62 -99.25 84.95
CA ILE DA 13 38.16 -99.29 85.09
C ILE DA 13 37.61 -100.65 84.67
N PHE DA 14 38.06 -101.14 83.52
CA PHE DA 14 37.46 -102.32 82.89
C PHE DA 14 38.36 -103.52 83.10
N THR DA 15 38.20 -104.19 84.24
CA THR DA 15 38.79 -105.50 84.42
C THR DA 15 38.03 -106.51 83.55
N ASN DA 16 38.73 -107.61 83.22
CA ASN DA 16 38.28 -108.59 82.22
C ASN DA 16 37.99 -107.92 80.87
N LEU DA 17 38.85 -106.97 80.50
CA LEU DA 17 38.78 -106.40 79.16
C LEU DA 17 39.20 -107.42 78.11
N TYR DA 18 40.14 -108.30 78.45
CA TYR DA 18 40.67 -109.28 77.54
C TYR DA 18 39.86 -110.58 77.54
N GLY DA 19 38.77 -110.64 78.29
CA GLY DA 19 37.90 -111.80 78.26
C GLY DA 19 38.45 -113.02 78.96
N ARG DA 20 39.36 -112.84 79.92
CA ARG DA 20 39.96 -113.97 80.62
C ARG DA 20 39.17 -114.42 81.84
N HIS DA 21 38.16 -113.67 82.26
CA HIS DA 21 37.30 -114.04 83.36
C HIS DA 21 35.85 -114.16 82.88
N ASP DA 22 34.97 -114.56 83.78
CA ASP DA 22 33.57 -114.75 83.42
C ASP DA 22 32.89 -113.40 83.20
N TRP DA 23 32.12 -113.30 82.12
CA TRP DA 23 31.42 -112.07 81.77
C TRP DA 23 29.99 -112.03 82.27
N ARG DA 24 29.50 -113.11 82.88
CA ARG DA 24 28.12 -113.18 83.32
C ARG DA 24 27.95 -112.46 84.65
N LEU DA 25 26.78 -112.61 85.26
CA LEU DA 25 26.45 -111.88 86.49
C LEU DA 25 27.32 -112.34 87.66
N LYS DA 26 27.54 -113.65 87.78
CA LYS DA 26 28.34 -114.16 88.90
C LYS DA 26 29.80 -113.76 88.78
N GLY DA 27 30.30 -113.57 87.55
CA GLY DA 27 31.65 -113.11 87.34
C GLY DA 27 31.79 -111.61 87.51
N ALA DA 28 30.81 -110.86 87.02
CA ALA DA 28 30.85 -109.41 87.13
C ALA DA 28 30.69 -108.95 88.59
N GLN DA 29 29.79 -109.61 89.33
CA GLN DA 29 29.61 -109.25 90.73
C GLN DA 29 30.80 -109.65 91.59
N SER DA 30 31.61 -110.60 91.14
CA SER DA 30 32.83 -110.96 91.85
C SER DA 30 33.99 -110.02 91.53
N ARG DA 31 33.87 -109.19 90.49
CA ARG DA 31 34.90 -108.22 90.13
C ARG DA 31 34.62 -106.83 90.68
N GLY DA 32 33.54 -106.66 91.44
CA GLY DA 32 33.20 -105.38 92.03
C GLY DA 32 31.96 -104.73 91.48
N ASP DA 33 31.41 -105.23 90.38
CA ASP DA 33 30.20 -104.64 89.82
C ASP DA 33 28.98 -105.02 90.65
N TRP DA 34 27.92 -104.20 90.50
CA TRP DA 34 26.64 -104.39 91.20
C TRP DA 34 26.81 -104.41 92.71
N TYR DA 35 27.68 -103.55 93.22
CA TYR DA 35 27.95 -103.44 94.65
C TYR DA 35 27.41 -102.10 95.15
N LYS DA 36 26.55 -102.15 96.17
CA LYS DA 36 25.97 -100.97 96.82
C LYS DA 36 25.25 -100.07 95.83
N THR DA 37 24.57 -100.67 94.84
CA THR DA 37 23.83 -99.89 93.87
C THR DA 37 22.59 -99.25 94.49
N LYS DA 38 22.01 -99.90 95.51
CA LYS DA 38 20.81 -99.37 96.14
C LYS DA 38 21.06 -98.03 96.81
N GLU DA 39 22.19 -97.89 97.50
CA GLU DA 39 22.53 -96.61 98.12
C GLU DA 39 22.79 -95.54 97.06
N ILE DA 40 23.39 -95.92 95.93
CA ILE DA 40 23.62 -94.98 94.84
C ILE DA 40 22.29 -94.47 94.28
N LEU DA 41 21.34 -95.38 94.08
CA LEU DA 41 20.03 -94.99 93.56
C LEU DA 41 19.23 -94.18 94.60
N LEU DA 42 19.46 -94.44 95.88
CA LEU DA 42 18.70 -93.77 96.93
C LEU DA 42 19.26 -92.41 97.34
N LYS DA 43 20.56 -92.17 97.10
CA LYS DA 43 21.17 -90.93 97.58
C LYS DA 43 20.61 -89.70 96.88
N GLY DA 44 20.41 -89.76 95.57
CA GLY DA 44 19.81 -88.67 94.86
C GLY DA 44 20.41 -88.38 93.51
N PRO DA 45 19.55 -88.05 92.54
CA PRO DA 45 20.04 -87.65 91.20
C PRO DA 45 20.91 -86.41 91.24
N ASP DA 46 20.60 -85.45 92.11
CA ASP DA 46 21.42 -84.26 92.25
C ASP DA 46 22.81 -84.62 92.77
N TRP DA 47 22.89 -85.53 93.75
CA TRP DA 47 24.17 -85.97 94.27
C TRP DA 47 24.98 -86.72 93.20
N ILE DA 48 24.31 -87.58 92.42
CA ILE DA 48 25.00 -88.31 91.37
C ILE DA 48 25.54 -87.35 90.30
N LEU DA 49 24.72 -86.38 89.89
CA LEU DA 49 25.15 -85.42 88.89
C LEU DA 49 26.27 -84.53 89.40
N GLY DA 50 26.23 -84.16 90.69
CA GLY DA 50 27.32 -83.40 91.27
C GLY DA 50 28.62 -84.19 91.34
N GLU DA 51 28.52 -85.49 91.68
CA GLU DA 51 29.70 -86.34 91.71
C GLU DA 51 30.29 -86.53 90.32
N VAL DA 52 29.43 -86.60 89.29
CA VAL DA 52 29.92 -86.71 87.93
C VAL DA 52 30.56 -85.40 87.48
N LYS DA 53 29.94 -84.27 87.82
CA LYS DA 53 30.46 -82.97 87.41
C LYS DA 53 31.80 -82.66 88.07
N THR DA 54 31.97 -83.04 89.34
CA THR DA 54 33.23 -82.79 90.03
C THR DA 54 34.34 -83.70 89.50
N SER DA 55 33.98 -84.84 88.91
CA SER DA 55 34.98 -85.78 88.41
C SER DA 55 35.65 -85.29 87.13
N GLY DA 56 35.02 -84.37 86.40
CA GLY DA 56 35.60 -83.88 85.17
C GLY DA 56 35.55 -84.83 84.00
N LEU DA 57 34.62 -85.78 84.01
CA LEU DA 57 34.48 -86.71 82.90
C LEU DA 57 33.96 -85.97 81.67
N ARG DA 58 34.63 -86.18 80.54
CA ARG DA 58 34.27 -85.54 79.28
C ARG DA 58 33.77 -86.58 78.30
N GLY DA 59 33.53 -86.13 77.06
CA GLY DA 59 32.91 -86.97 76.06
C GLY DA 59 33.84 -88.07 75.59
N ARG DA 60 33.44 -89.33 75.77
CA ARG DA 60 34.20 -90.46 75.27
C ARG DA 60 33.79 -90.87 73.86
N GLY DA 61 32.73 -90.27 73.31
CA GLY DA 61 32.41 -90.50 71.92
C GLY DA 61 33.45 -89.92 70.99
N GLY DA 62 34.00 -88.76 71.34
CA GLY DA 62 35.00 -88.11 70.51
C GLY DA 62 34.71 -86.63 70.35
N ALA DA 63 33.51 -86.23 70.78
CA ALA DA 63 33.12 -84.83 70.64
C ALA DA 63 33.82 -83.95 71.67
N GLY DA 64 34.15 -84.50 72.84
CA GLY DA 64 34.84 -83.74 73.86
C GLY DA 64 33.96 -82.90 74.75
N PHE DA 65 32.64 -83.04 74.65
CA PHE DA 65 31.75 -82.28 75.53
C PHE DA 65 31.82 -82.84 76.95
N PRO DA 66 31.75 -81.98 77.97
CA PRO DA 66 31.72 -82.48 79.35
C PRO DA 66 30.45 -83.28 79.62
N THR DA 67 30.64 -84.43 80.27
CA THR DA 67 29.52 -85.34 80.48
C THR DA 67 28.59 -84.88 81.60
N GLY DA 68 29.13 -84.24 82.63
CA GLY DA 68 28.31 -83.86 83.77
C GLY DA 68 27.29 -82.79 83.41
N LEU DA 69 27.73 -81.75 82.69
CA LEU DA 69 26.81 -80.68 82.28
C LEU DA 69 25.76 -81.19 81.30
N LYS DA 70 26.17 -82.03 80.35
CA LYS DA 70 25.23 -82.59 79.37
C LYS DA 70 24.23 -83.51 80.04
N TRP DA 71 24.66 -84.30 81.02
CA TRP DA 71 23.74 -85.14 81.77
C TRP DA 71 22.82 -84.30 82.66
N SER DA 72 23.30 -83.16 83.14
CA SER DA 72 22.49 -82.27 83.95
C SER DA 72 21.61 -81.34 83.11
N PHE DA 73 21.71 -81.40 81.78
CA PHE DA 73 20.81 -80.63 80.92
C PHE DA 73 19.36 -81.08 81.09
N MET DA 74 19.13 -82.38 81.27
CA MET DA 74 17.77 -82.88 81.43
C MET DA 74 17.31 -82.93 82.87
N ASN DA 75 18.10 -82.44 83.81
CA ASN DA 75 17.69 -82.39 85.22
C ASN DA 75 16.73 -81.22 85.41
N LYS DA 76 15.51 -81.40 84.93
CA LYS DA 76 14.46 -80.40 84.97
C LYS DA 76 13.14 -81.11 85.28
N PRO DA 77 12.16 -80.40 85.84
CA PRO DA 77 10.85 -81.02 86.05
C PRO DA 77 10.16 -81.36 84.74
N SER DA 78 9.39 -82.44 84.77
CA SER DA 78 8.75 -82.94 83.57
C SER DA 78 7.53 -82.11 83.21
N ASP DA 79 7.09 -82.25 81.96
CA ASP DA 79 5.89 -81.59 81.45
C ASP DA 79 4.79 -82.60 81.13
N GLY DA 80 4.87 -83.80 81.69
CA GLY DA 80 3.95 -84.87 81.38
C GLY DA 80 4.49 -85.90 80.41
N ARG DA 81 5.64 -85.65 79.80
CA ARG DA 81 6.29 -86.56 78.87
C ARG DA 81 7.32 -87.42 79.60
N PRO DA 82 7.53 -88.66 79.13
CA PRO DA 82 8.58 -89.49 79.71
C PRO DA 82 9.96 -88.99 79.29
N LYS DA 83 10.98 -89.47 80.01
CA LYS DA 83 12.35 -89.12 79.73
C LYS DA 83 13.13 -90.39 79.42
N TYR DA 84 14.10 -90.28 78.50
CA TYR DA 84 14.78 -91.44 77.96
C TYR DA 84 16.28 -91.27 77.96
N LEU DA 85 16.99 -92.37 78.24
CA LEU DA 85 18.43 -92.46 78.09
C LEU DA 85 18.74 -93.48 77.00
N VAL DA 86 19.60 -93.09 76.06
CA VAL DA 86 19.97 -93.94 74.94
C VAL DA 86 21.49 -94.08 74.93
N VAL DA 87 21.96 -95.32 74.81
CA VAL DA 87 23.37 -95.63 74.76
C VAL DA 87 23.76 -95.90 73.32
N ASN DA 88 24.76 -95.18 72.82
CA ASN DA 88 25.23 -95.28 71.44
C ASN DA 88 26.29 -96.37 71.39
N ALA DA 89 25.91 -97.53 70.88
CA ALA DA 89 26.81 -98.67 70.73
C ALA DA 89 27.00 -99.04 69.26
N ASP DA 90 26.92 -98.05 68.36
CA ASP DA 90 27.11 -98.31 66.95
C ASP DA 90 28.58 -98.56 66.64
N GLU DA 91 29.43 -97.56 66.89
CA GLU DA 91 30.89 -97.64 66.76
C GLU DA 91 31.31 -98.01 65.35
N GLY DA 92 30.89 -97.18 64.40
CA GLY DA 92 31.26 -97.35 63.01
C GLY DA 92 32.54 -96.66 62.60
N GLU DA 93 33.23 -96.03 63.54
CA GLU DA 93 34.45 -95.30 63.23
C GLU DA 93 35.60 -96.29 62.99
N PRO DA 94 36.30 -96.18 61.86
CA PRO DA 94 37.45 -97.07 61.62
C PRO DA 94 38.56 -96.82 62.63
N GLY DA 95 39.24 -97.91 63.01
CA GLY DA 95 40.25 -97.84 64.03
C GLY DA 95 39.73 -98.00 65.44
N THR DA 96 38.42 -98.00 65.64
CA THR DA 96 37.81 -97.98 66.96
C THR DA 96 37.08 -99.30 67.20
N CYS DA 97 37.44 -99.98 68.29
CA CYS DA 97 36.79 -101.23 68.66
C CYS DA 97 36.59 -101.36 70.16
N LYS DA 98 36.75 -100.29 70.93
CA LYS DA 98 36.73 -100.38 72.39
C LYS DA 98 35.32 -100.67 72.92
N ASP DA 99 34.31 -100.04 72.33
CA ASP DA 99 32.94 -100.30 72.77
C ASP DA 99 32.50 -101.72 72.45
N ARG DA 100 33.04 -102.30 71.38
CA ARG DA 100 32.81 -103.71 71.09
C ARG DA 100 33.36 -104.59 72.20
N GLU DA 101 34.56 -104.27 72.70
CA GLU DA 101 35.14 -105.03 73.80
C GLU DA 101 34.33 -104.86 75.08
N ILE DA 102 33.81 -103.65 75.32
CA ILE DA 102 33.01 -103.41 76.51
C ILE DA 102 31.70 -104.19 76.46
N ILE DA 103 31.01 -104.15 75.31
CA ILE DA 103 29.74 -104.86 75.21
C ILE DA 103 29.91 -106.37 75.05
N ARG DA 104 31.12 -106.83 74.71
CA ARG DA 104 31.35 -108.27 74.60
C ARG DA 104 31.91 -108.88 75.88
N HIS DA 105 32.57 -108.10 76.73
CA HIS DA 105 33.24 -108.64 77.89
C HIS DA 105 32.72 -108.10 79.22
N ASP DA 106 32.20 -106.89 79.27
CA ASP DA 106 31.62 -106.31 80.48
C ASP DA 106 30.23 -105.77 80.19
N PRO DA 107 29.23 -106.65 80.00
CA PRO DA 107 27.89 -106.14 79.71
C PRO DA 107 27.15 -105.68 80.96
N HIS DA 108 27.43 -106.33 82.10
CA HIS DA 108 26.77 -105.96 83.34
C HIS DA 108 27.22 -104.60 83.84
N LYS DA 109 28.48 -104.23 83.57
CA LYS DA 109 28.92 -102.88 83.86
C LYS DA 109 28.16 -101.86 83.03
N LEU DA 110 27.88 -102.18 81.77
CA LEU DA 110 27.07 -101.31 80.92
C LEU DA 110 25.63 -101.20 81.44
N VAL DA 111 25.08 -102.31 81.93
CA VAL DA 111 23.70 -102.29 82.45
C VAL DA 111 23.63 -101.47 83.73
N GLU DA 112 24.61 -101.64 84.63
CA GLU DA 112 24.64 -100.85 85.85
C GLU DA 112 24.87 -99.37 85.55
N GLY DA 113 25.68 -99.07 84.53
CA GLY DA 113 25.84 -97.70 84.10
C GLY DA 113 24.56 -97.11 83.54
N CYS DA 114 23.80 -97.91 82.79
CA CYS DA 114 22.51 -97.47 82.29
C CYS DA 114 21.56 -97.15 83.44
N LEU DA 115 21.53 -98.02 84.45
CA LEU DA 115 20.67 -97.78 85.61
C LEU DA 115 21.08 -96.54 86.38
N VAL DA 116 22.38 -96.35 86.60
CA VAL DA 116 22.87 -95.18 87.34
C VAL DA 116 22.60 -93.90 86.56
N GLY DA 117 22.85 -93.92 85.24
CA GLY DA 117 22.58 -92.74 84.42
C GLY DA 117 21.10 -92.41 84.35
N GLY DA 118 20.24 -93.43 84.22
CA GLY DA 118 18.81 -93.19 84.23
C GLY DA 118 18.30 -92.66 85.55
N ARG DA 119 18.91 -93.09 86.66
CA ARG DA 119 18.59 -92.47 87.94
C ARG DA 119 19.06 -91.03 88.01
N ALA DA 120 20.21 -90.73 87.38
CA ALA DA 120 20.78 -89.40 87.47
C ALA DA 120 19.92 -88.34 86.78
N MET DA 121 19.32 -88.68 85.63
CA MET DA 121 18.53 -87.72 84.88
C MET DA 121 17.04 -88.05 84.89
N GLY DA 122 16.62 -89.02 85.71
CA GLY DA 122 15.22 -89.37 85.80
C GLY DA 122 14.63 -90.00 84.56
N ALA DA 123 15.40 -90.82 83.86
CA ALA DA 123 14.91 -91.46 82.65
C ALA DA 123 13.93 -92.58 82.99
N ARG DA 124 12.91 -92.74 82.16
CA ARG DA 124 11.94 -93.80 82.36
C ARG DA 124 12.49 -95.16 81.95
N ALA DA 125 13.26 -95.22 80.86
CA ALA DA 125 13.78 -96.48 80.36
C ALA DA 125 15.08 -96.21 79.62
N ALA DA 126 15.75 -97.29 79.24
CA ALA DA 126 17.05 -97.22 78.59
C ALA DA 126 17.01 -97.98 77.26
N TYR DA 127 17.53 -97.36 76.21
CA TYR DA 127 17.63 -97.97 74.89
C TYR DA 127 19.10 -98.13 74.53
N ILE DA 128 19.49 -99.32 74.11
CA ILE DA 128 20.85 -99.59 73.66
C ILE DA 128 20.81 -99.82 72.16
N TYR DA 129 21.45 -98.92 71.41
CA TYR DA 129 21.52 -99.04 69.95
C TYR DA 129 22.80 -99.81 69.60
N ILE DA 130 22.70 -101.13 69.60
CA ILE DA 130 23.82 -101.96 69.23
C ILE DA 130 24.03 -101.91 67.71
N ARG DA 131 25.25 -102.21 67.29
CA ARG DA 131 25.51 -102.29 65.86
C ARG DA 131 24.92 -103.57 65.30
N GLY DA 132 24.47 -103.50 64.04
CA GLY DA 132 23.88 -104.67 63.40
C GLY DA 132 24.89 -105.79 63.19
N GLU DA 133 26.13 -105.44 62.84
CA GLU DA 133 27.17 -106.44 62.63
C GLU DA 133 27.62 -107.10 63.92
N PHE DA 134 27.33 -106.50 65.08
CA PHE DA 134 27.72 -107.08 66.37
C PHE DA 134 26.61 -107.98 66.91
N TYR DA 135 26.35 -109.07 66.18
CA TYR DA 135 25.25 -109.95 66.56
C TYR DA 135 25.58 -110.76 67.81
N ASN DA 136 26.78 -111.31 67.88
CA ASN DA 136 27.18 -112.08 69.07
C ASN DA 136 27.30 -111.17 70.28
N GLU DA 137 27.80 -109.94 70.08
CA GLU DA 137 27.87 -108.97 71.16
C GLU DA 137 26.48 -108.60 71.66
N ALA DA 138 25.53 -108.42 70.76
CA ALA DA 138 24.16 -108.12 71.15
C ALA DA 138 23.51 -109.28 71.88
N SER DA 139 23.78 -110.51 71.42
CA SER DA 139 23.23 -111.69 72.09
C SER DA 139 23.80 -111.82 73.50
N ASN DA 140 25.10 -111.58 73.67
CA ASN DA 140 25.70 -111.61 75.00
C ASN DA 140 25.14 -110.51 75.90
N LEU DA 141 24.93 -109.32 75.32
CA LEU DA 141 24.36 -108.21 76.09
C LEU DA 141 22.94 -108.54 76.54
N GLN DA 142 22.13 -109.16 75.68
CA GLN DA 142 20.78 -109.52 76.08
C GLN DA 142 20.76 -110.68 77.07
N VAL DA 143 21.72 -111.60 76.98
CA VAL DA 143 21.86 -112.64 77.99
C VAL DA 143 22.16 -112.03 79.35
N ALA DA 144 23.07 -111.07 79.39
CA ALA DA 144 23.38 -110.39 80.64
C ALA DA 144 22.20 -109.55 81.14
N ILE DA 145 21.43 -108.96 80.22
CA ILE DA 145 20.25 -108.20 80.61
C ILE DA 145 19.19 -109.12 81.23
N ARG DA 146 18.98 -110.30 80.66
CA ARG DA 146 18.06 -111.26 81.25
C ARG DA 146 18.55 -111.75 82.60
N GLU DA 147 19.86 -111.99 82.73
CA GLU DA 147 20.41 -112.44 84.01
C GLU DA 147 20.29 -111.35 85.07
N ALA DA 148 20.42 -110.09 84.69
CA ALA DA 148 20.20 -109.00 85.64
C ALA DA 148 18.72 -108.82 85.95
N TYR DA 149 17.84 -109.14 85.00
CA TYR DA 149 16.41 -109.03 85.24
C TYR DA 149 15.92 -110.09 86.21
N GLU DA 150 16.40 -111.33 86.07
CA GLU DA 150 15.97 -112.39 86.96
C GLU DA 150 16.56 -112.28 88.36
N ALA DA 151 17.54 -111.41 88.57
CA ALA DA 151 18.11 -111.16 89.89
C ALA DA 151 17.43 -109.99 90.60
N GLY DA 152 16.47 -109.34 89.96
CA GLY DA 152 15.78 -108.21 90.58
C GLY DA 152 16.54 -106.92 90.57
N LEU DA 153 17.67 -106.84 89.85
CA LEU DA 153 18.45 -105.61 89.83
C LEU DA 153 17.82 -104.53 88.98
N ILE DA 154 17.11 -104.89 87.92
CA ILE DA 154 16.45 -103.93 87.05
C ILE DA 154 15.01 -104.36 86.81
N GLY DA 155 14.20 -103.42 86.34
CA GLY DA 155 12.79 -103.68 86.13
C GLY DA 155 11.93 -102.99 87.17
N LYS DA 156 10.87 -103.67 87.60
CA LYS DA 156 10.03 -103.14 88.66
C LYS DA 156 10.72 -103.30 90.00
N ASN DA 157 10.83 -102.19 90.75
CA ASN DA 157 11.60 -102.11 91.99
C ASN DA 157 13.06 -102.51 91.76
N ALA DA 158 13.74 -101.70 90.94
CA ALA DA 158 15.11 -101.98 90.54
C ALA DA 158 16.06 -101.79 91.73
N CYS DA 159 16.82 -102.84 92.05
CA CYS DA 159 17.81 -102.86 93.13
C CYS DA 159 17.18 -102.54 94.50
N GLY DA 160 15.91 -102.87 94.67
CA GLY DA 160 15.23 -102.66 95.93
C GLY DA 160 15.10 -101.22 96.36
N SER DA 161 14.97 -100.30 95.41
CA SER DA 161 14.87 -98.88 95.72
C SER DA 161 13.52 -98.27 95.37
N GLY DA 162 12.61 -99.04 94.76
CA GLY DA 162 11.32 -98.53 94.38
C GLY DA 162 11.28 -97.74 93.09
N TYR DA 163 12.41 -97.59 92.41
CA TYR DA 163 12.50 -96.83 91.17
C TYR DA 163 12.50 -97.79 89.99
N ASP DA 164 11.48 -97.70 89.14
CA ASP DA 164 11.39 -98.56 87.98
C ASP DA 164 12.39 -98.11 86.91
N PHE DA 165 12.97 -99.09 86.22
CA PHE DA 165 13.87 -98.80 85.11
C PHE DA 165 13.89 -99.99 84.18
N ASP DA 166 13.61 -99.75 82.89
CA ASP DA 166 13.57 -100.79 81.88
C ASP DA 166 14.73 -100.58 80.91
N VAL DA 167 15.23 -101.67 80.33
CA VAL DA 167 16.34 -101.60 79.38
C VAL DA 167 15.95 -102.33 78.10
N PHE DA 168 16.40 -101.80 76.96
CA PHE DA 168 16.10 -102.36 75.66
C PHE DA 168 17.38 -102.42 74.83
N VAL DA 169 17.41 -103.37 73.89
CA VAL DA 169 18.49 -103.46 72.92
C VAL DA 169 17.87 -103.45 71.53
N VAL DA 170 18.27 -102.48 70.71
CA VAL DA 170 17.79 -102.36 69.34
C VAL DA 170 18.98 -102.49 68.40
N ARG DA 171 18.83 -103.32 67.37
CA ARG DA 171 19.91 -103.59 66.44
C ARG DA 171 19.85 -102.62 65.27
N GLY DA 172 21.03 -102.25 64.78
CA GLY DA 172 21.14 -101.39 63.62
C GLY DA 172 20.96 -102.16 62.33
N ALA DA 173 21.25 -101.49 61.21
CA ALA DA 173 21.10 -102.11 59.91
C ALA DA 173 22.27 -101.79 59.00
N GLY DA 174 23.47 -101.62 59.56
CA GLY DA 174 24.65 -101.41 58.76
C GLY DA 174 24.77 -100.01 58.16
N ALA DA 175 24.82 -99.01 59.02
CA ALA DA 175 24.99 -97.63 58.58
C ALA DA 175 25.85 -96.90 59.60
N TYR DA 176 26.98 -96.35 59.15
CA TYR DA 176 27.86 -95.60 60.05
C TYR DA 176 27.25 -94.27 60.44
N ILE DA 177 26.46 -93.67 59.55
CA ILE DA 177 25.82 -92.39 59.85
C ILE DA 177 24.77 -92.53 60.96
N CYS DA 178 24.31 -93.76 61.24
CA CYS DA 178 23.44 -93.99 62.38
C CYS DA 178 24.15 -93.78 63.72
N GLY DA 179 25.48 -93.66 63.73
CA GLY DA 179 26.17 -93.36 64.97
C GLY DA 179 25.96 -91.95 65.47
N GLU DA 180 25.61 -91.02 64.57
CA GLU DA 180 25.26 -89.66 64.99
C GLU DA 180 23.97 -89.70 65.81
N GLU DA 181 23.95 -88.92 66.89
CA GLU DA 181 22.92 -89.08 67.91
C GLU DA 181 21.52 -88.74 67.39
N THR DA 182 21.42 -87.72 66.51
CA THR DA 182 20.12 -87.37 65.97
C THR DA 182 19.70 -88.36 64.89
N ALA DA 183 20.66 -88.81 64.08
CA ALA DA 183 20.36 -89.88 63.13
C ALA DA 183 20.06 -91.19 63.84
N LEU DA 184 20.69 -91.44 65.00
CA LEU DA 184 20.34 -92.60 65.81
C LEU DA 184 18.92 -92.49 66.34
N ILE DA 185 18.53 -91.30 66.78
CA ILE DA 185 17.17 -91.06 67.26
C ILE DA 185 16.17 -91.30 66.13
N GLU DA 186 16.48 -90.81 64.93
CA GLU DA 186 15.62 -91.05 63.78
C GLU DA 186 15.58 -92.51 63.38
N SER DA 187 16.69 -93.24 63.58
CA SER DA 187 16.71 -94.65 63.24
C SER DA 187 15.93 -95.50 64.23
N ILE DA 188 15.92 -95.12 65.51
CA ILE DA 188 15.12 -95.83 66.49
C ILE DA 188 13.63 -95.63 66.21
N GLU DA 189 13.25 -94.43 65.81
CA GLU DA 189 11.85 -94.10 65.52
C GLU DA 189 11.31 -94.81 64.28
N GLY DA 190 12.16 -95.42 63.47
CA GLY DA 190 11.71 -96.17 62.32
C GLY DA 190 11.82 -95.48 60.99
N LYS DA 191 12.62 -94.42 60.88
CA LYS DA 191 12.85 -93.72 59.63
C LYS DA 191 14.27 -94.01 59.16
N GLN DA 192 14.67 -93.36 58.07
CA GLN DA 192 16.05 -93.45 57.62
C GLN DA 192 16.97 -92.72 58.59
N GLY DA 193 18.23 -93.15 58.63
CA GLY DA 193 19.20 -92.55 59.51
C GLY DA 193 19.68 -91.20 59.02
N LYS DA 194 18.80 -90.20 59.03
CA LYS DA 194 19.12 -88.87 58.56
C LYS DA 194 19.06 -87.90 59.73
N PRO DA 195 20.13 -87.17 60.02
CA PRO DA 195 20.19 -86.39 61.27
C PRO DA 195 19.24 -85.20 61.26
N ARG DA 196 18.95 -84.72 62.47
CA ARG DA 196 18.08 -83.59 62.69
C ARG DA 196 18.91 -82.31 62.80
N LEU DA 197 18.26 -81.20 63.13
CA LEU DA 197 18.91 -79.91 63.30
C LEU DA 197 18.80 -79.46 64.75
N LYS DA 198 19.91 -78.99 65.30
CA LYS DA 198 19.95 -78.46 66.66
C LYS DA 198 20.07 -76.94 66.60
N PRO DA 199 19.14 -76.16 67.19
CA PRO DA 199 17.96 -76.53 67.97
C PRO DA 199 16.80 -77.07 67.13
N PRO DA 200 15.89 -77.87 67.72
CA PRO DA 200 15.79 -78.30 69.12
C PRO DA 200 16.77 -79.40 69.51
N PHE DA 201 17.32 -79.28 70.71
CA PHE DA 201 18.28 -80.25 71.21
C PHE DA 201 17.57 -81.54 71.60
N PRO DA 202 18.31 -82.65 71.70
CA PRO DA 202 17.70 -83.89 72.21
C PRO DA 202 17.19 -83.77 73.63
N ALA DA 203 17.74 -82.87 74.43
CA ALA DA 203 17.24 -82.64 75.78
C ALA DA 203 15.82 -82.07 75.79
N ASP DA 204 15.39 -81.42 74.71
CA ASP DA 204 14.03 -80.93 74.58
C ASP DA 204 13.16 -81.87 73.75
N VAL DA 205 13.60 -82.20 72.55
CA VAL DA 205 12.89 -83.14 71.67
C VAL DA 205 13.89 -84.21 71.24
N GLY DA 206 13.67 -85.45 71.69
CA GLY DA 206 14.55 -86.55 71.32
C GLY DA 206 13.78 -87.66 70.63
N VAL DA 207 13.95 -88.90 71.10
CA VAL DA 207 13.23 -90.02 70.50
C VAL DA 207 11.77 -89.97 70.93
N PHE DA 208 10.87 -90.17 69.95
CA PHE DA 208 9.42 -90.06 70.10
C PHE DA 208 8.98 -88.69 70.61
N GLY DA 209 9.80 -87.65 70.43
CA GLY DA 209 9.50 -86.34 70.95
C GLY DA 209 9.76 -86.16 72.43
N CYS DA 210 10.13 -87.21 73.13
CA CYS DA 210 10.42 -87.17 74.55
C CYS DA 210 11.81 -86.58 74.80
N PRO DA 211 12.05 -85.98 75.96
CA PRO DA 211 13.41 -85.56 76.31
C PRO DA 211 14.32 -86.77 76.45
N THR DA 212 15.40 -86.78 75.68
CA THR DA 212 16.25 -87.96 75.54
C THR DA 212 17.71 -87.55 75.53
N THR DA 213 18.54 -88.27 76.28
CA THR DA 213 19.97 -88.02 76.33
C THR DA 213 20.71 -89.23 75.77
N VAL DA 214 21.56 -88.99 74.77
CA VAL DA 214 22.33 -90.04 74.11
C VAL DA 214 23.78 -89.96 74.57
N ALA DA 215 24.31 -91.07 75.06
CA ALA DA 215 25.68 -91.10 75.58
C ALA DA 215 26.39 -92.35 75.10
N ASN DA 216 27.72 -92.28 75.03
CA ASN DA 216 28.54 -93.38 74.56
C ASN DA 216 28.59 -94.50 75.59
N VAL DA 217 28.99 -95.69 75.13
CA VAL DA 217 29.15 -96.85 76.01
C VAL DA 217 30.23 -96.59 77.04
N GLU DA 218 31.36 -96.01 76.61
CA GLU DA 218 32.50 -95.83 77.51
C GLU DA 218 32.24 -94.74 78.55
N THR DA 219 31.34 -93.80 78.25
CA THR DA 219 30.99 -92.77 79.23
C THR DA 219 29.78 -93.15 80.07
N VAL DA 220 29.11 -94.24 79.76
CA VAL DA 220 28.02 -94.76 80.59
C VAL DA 220 28.52 -95.85 81.54
N ALA DA 221 29.36 -96.77 81.04
CA ALA DA 221 29.81 -97.89 81.85
C ALA DA 221 30.74 -97.46 83.00
N VAL DA 222 31.30 -96.26 82.94
CA VAL DA 222 32.17 -95.80 84.03
C VAL DA 222 31.42 -95.08 85.13
N SER DA 223 30.13 -94.81 84.95
CA SER DA 223 29.38 -94.06 85.97
C SER DA 223 29.23 -94.76 87.33
N PRO DA 224 28.95 -96.07 87.44
CA PRO DA 224 28.94 -96.67 88.79
C PRO DA 224 30.29 -96.63 89.48
N THR DA 225 31.38 -96.81 88.72
CA THR DA 225 32.71 -96.66 89.27
C THR DA 225 32.97 -95.21 89.67
N ILE DA 226 32.44 -94.27 88.89
CA ILE DA 226 32.53 -92.84 89.22
C ILE DA 226 31.86 -92.56 90.55
N CYS DA 227 30.67 -93.13 90.77
CA CYS DA 227 29.95 -92.89 92.02
C CYS DA 227 30.62 -93.61 93.19
N ARG DA 228 31.16 -94.81 92.95
CA ARG DA 228 31.71 -95.60 94.04
C ARG DA 228 33.06 -95.05 94.50
N ARG DA 229 34.02 -94.94 93.57
CA ARG DA 229 35.36 -94.52 93.95
C ARG DA 229 35.43 -93.04 94.26
N GLY DA 230 34.55 -92.24 93.68
CA GLY DA 230 34.50 -90.82 93.96
C GLY DA 230 34.99 -89.99 92.78
N GLY DA 231 34.60 -88.71 92.80
CA GLY DA 231 34.99 -87.81 91.74
C GLY DA 231 36.48 -87.49 91.74
N ALA DA 232 37.06 -87.31 92.92
CA ALA DA 232 38.48 -86.95 93.01
C ALA DA 232 39.39 -88.10 92.56
N TRP DA 233 38.92 -89.34 92.70
CA TRP DA 233 39.67 -90.48 92.20
C TRP DA 233 39.84 -90.43 90.69
N PHE DA 234 38.78 -90.04 89.98
CA PHE DA 234 38.89 -89.90 88.53
C PHE DA 234 39.60 -88.61 88.16
N ALA DA 235 39.48 -87.57 89.00
CA ALA DA 235 40.19 -86.31 88.77
C ALA DA 235 41.67 -86.39 89.05
N SER DA 236 42.14 -87.46 89.71
CA SER DA 236 43.56 -87.61 89.99
C SER DA 236 44.39 -87.89 88.74
N PHE DA 237 43.76 -88.35 87.67
CA PHE DA 237 44.47 -88.72 86.45
C PHE DA 237 44.45 -87.57 85.44
N GLY DA 238 45.48 -87.52 84.60
CA GLY DA 238 45.55 -86.55 83.53
C GLY DA 238 45.84 -85.14 84.00
N ARG DA 239 45.70 -84.21 83.06
CA ARG DA 239 45.91 -82.80 83.33
C ARG DA 239 44.62 -82.19 83.89
N GLU DA 240 44.61 -80.87 84.03
CA GLU DA 240 43.36 -80.18 84.33
C GLU DA 240 42.43 -80.24 83.14
N ARG DA 241 41.13 -80.33 83.42
CA ARG DA 241 40.00 -80.54 82.49
C ARG DA 241 40.29 -81.61 81.44
N ASN DA 242 41.12 -82.59 81.79
CA ASN DA 242 41.44 -83.75 80.96
C ASN DA 242 41.58 -84.99 81.83
N SER DA 243 40.65 -85.18 82.76
CA SER DA 243 40.77 -86.28 83.70
C SER DA 243 40.23 -87.57 83.10
N GLY DA 244 40.70 -88.69 83.62
CA GLY DA 244 40.13 -89.99 83.35
C GLY DA 244 41.12 -90.96 82.76
N THR DA 245 40.63 -92.18 82.54
CA THR DA 245 41.37 -93.24 81.86
C THR DA 245 40.66 -93.56 80.55
N LYS DA 246 41.44 -93.91 79.54
CA LYS DA 246 40.94 -94.09 78.19
C LYS DA 246 41.34 -95.44 77.64
N LEU DA 247 40.45 -96.04 76.86
CA LEU DA 247 40.76 -97.22 76.08
C LEU DA 247 41.33 -96.77 74.73
N PHE DA 248 42.49 -97.30 74.37
CA PHE DA 248 43.16 -96.98 73.12
C PHE DA 248 43.19 -98.22 72.26
N ASN DA 249 42.74 -98.07 71.01
CA ASN DA 249 42.80 -99.13 70.01
C ASN DA 249 43.91 -98.76 69.03
N ILE DA 250 45.03 -99.46 69.10
CA ILE DA 250 46.19 -99.20 68.26
C ILE DA 250 46.21 -100.25 67.16
N SER DA 251 46.23 -99.79 65.92
CA SER DA 251 46.28 -100.68 64.77
C SER DA 251 47.05 -100.01 63.65
N GLY DA 252 47.27 -100.77 62.56
CA GLY DA 252 48.03 -100.30 61.42
C GLY DA 252 49.26 -101.17 61.21
N HIS DA 253 50.34 -100.53 60.78
CA HIS DA 253 51.62 -101.23 60.61
C HIS DA 253 52.36 -101.24 61.95
N VAL DA 254 51.86 -102.10 62.83
CA VAL DA 254 52.31 -102.20 64.21
C VAL DA 254 52.48 -103.69 64.52
N ASN DA 255 53.52 -104.02 65.29
CA ASN DA 255 53.83 -105.41 65.61
C ASN DA 255 52.68 -106.10 66.33
N ASN DA 256 52.09 -105.43 67.32
CA ASN DA 256 51.00 -105.98 68.12
C ASN DA 256 49.86 -104.97 68.21
N PRO DA 257 48.95 -104.97 67.24
CA PRO DA 257 47.75 -104.12 67.37
C PRO DA 257 46.84 -104.64 68.47
N CYS DA 258 46.35 -103.73 69.31
CA CYS DA 258 45.66 -104.16 70.52
C CYS DA 258 44.82 -103.02 71.09
N THR DA 259 43.94 -103.39 72.03
CA THR DA 259 43.16 -102.44 72.80
C THR DA 259 43.64 -102.48 74.25
N VAL DA 260 44.01 -101.32 74.78
CA VAL DA 260 44.63 -101.24 76.10
C VAL DA 260 44.14 -99.99 76.82
N GLU DA 261 43.90 -100.11 78.13
CA GLU DA 261 43.52 -98.97 78.95
C GLU DA 261 44.76 -98.25 79.46
N GLU DA 262 44.71 -96.92 79.47
CA GLU DA 262 45.85 -96.12 79.90
C GLU DA 262 45.32 -94.81 80.45
N GLU DA 263 46.22 -94.01 81.02
CA GLU DA 263 45.86 -92.69 81.50
C GLU DA 263 45.57 -91.75 80.34
N MET DA 264 44.90 -90.63 80.63
CA MET DA 264 44.51 -89.69 79.58
C MET DA 264 45.70 -89.03 78.92
N SER DA 265 46.59 -88.42 79.71
CA SER DA 265 47.63 -87.56 79.18
C SER DA 265 48.96 -88.27 79.02
N VAL DA 266 48.93 -89.57 78.75
CA VAL DA 266 50.17 -90.29 78.46
C VAL DA 266 50.71 -89.84 77.11
N PRO DA 267 52.02 -89.70 76.94
CA PRO DA 267 52.56 -89.41 75.61
C PRO DA 267 52.28 -90.55 74.63
N LEU DA 268 52.07 -90.17 73.37
CA LEU DA 268 51.76 -91.16 72.34
C LEU DA 268 52.95 -92.10 72.09
N LYS DA 269 54.17 -91.55 72.16
CA LYS DA 269 55.37 -92.36 71.91
C LYS DA 269 55.54 -93.46 72.95
N GLU DA 270 55.32 -93.13 74.23
CA GLU DA 270 55.45 -94.12 75.29
C GLU DA 270 54.40 -95.23 75.15
N LEU DA 271 53.16 -94.85 74.83
CA LEU DA 271 52.09 -95.83 74.66
C LEU DA 271 52.36 -96.75 73.48
N ILE DA 272 52.75 -96.17 72.34
CA ILE DA 272 52.96 -96.98 71.14
C ILE DA 272 54.23 -97.82 71.25
N GLU DA 273 55.19 -97.44 72.09
CA GLU DA 273 56.37 -98.26 72.26
C GLU DA 273 56.21 -99.28 73.40
N LYS DA 274 55.25 -99.09 74.29
CA LYS DA 274 55.06 -100.00 75.42
C LYS DA 274 53.98 -101.04 75.14
N HIS DA 275 52.77 -100.59 74.80
CA HIS DA 275 51.66 -101.53 74.66
C HIS DA 275 51.54 -102.11 73.26
N ALA DA 276 51.78 -101.29 72.23
CA ALA DA 276 51.62 -101.74 70.86
C ALA DA 276 52.75 -102.63 70.37
N GLY DA 277 53.86 -102.70 71.08
CA GLY DA 277 55.00 -103.47 70.62
C GLY DA 277 55.90 -102.74 69.65
N GLY DA 278 55.69 -101.45 69.43
CA GLY DA 278 56.58 -100.67 68.59
C GLY DA 278 56.16 -100.67 67.14
N VAL DA 279 56.56 -99.61 66.43
CA VAL DA 279 56.31 -99.51 65.01
C VAL DA 279 57.20 -100.50 64.27
N THR DA 280 56.64 -101.13 63.23
CA THR DA 280 57.38 -102.14 62.47
C THR DA 280 58.57 -101.50 61.76
N GLY DA 281 59.71 -102.17 61.84
CA GLY DA 281 60.94 -101.64 61.27
C GLY DA 281 61.60 -100.56 62.09
N GLY DA 282 61.28 -100.46 63.38
CA GLY DA 282 61.85 -99.45 64.22
C GLY DA 282 61.09 -98.13 64.16
N TRP DA 283 61.54 -97.18 64.96
CA TRP DA 283 60.90 -95.87 65.01
C TRP DA 283 61.14 -95.08 63.73
N ASP DA 284 62.29 -95.26 63.09
CA ASP DA 284 62.62 -94.48 61.91
C ASP DA 284 61.78 -94.85 60.70
N ASN DA 285 61.10 -96.00 60.74
CA ASN DA 285 60.23 -96.40 59.64
C ASN DA 285 58.88 -95.72 59.70
N LEU DA 286 58.52 -95.08 60.81
CA LEU DA 286 57.21 -94.46 60.96
C LEU DA 286 57.07 -93.25 60.05
N LEU DA 287 55.92 -93.14 59.38
CA LEU DA 287 55.64 -92.05 58.47
C LEU DA 287 54.53 -91.12 58.97
N ALA DA 288 53.42 -91.67 59.47
CA ALA DA 288 52.32 -90.85 59.94
C ALA DA 288 51.48 -91.62 60.95
N VAL DA 289 50.74 -90.87 61.77
CA VAL DA 289 49.83 -91.45 62.75
C VAL DA 289 48.53 -90.65 62.70
N ILE DA 290 47.41 -91.36 62.58
CA ILE DA 290 46.09 -90.77 62.71
C ILE DA 290 45.62 -91.04 64.13
N PRO DA 291 45.47 -90.02 64.98
CA PRO DA 291 45.27 -90.28 66.41
C PRO DA 291 43.83 -90.56 66.82
N GLY DA 292 42.85 -90.34 65.93
CA GLY DA 292 41.47 -90.52 66.32
C GLY DA 292 40.59 -91.22 65.32
N GLY DA 293 41.16 -92.16 64.57
CA GLY DA 293 40.37 -92.80 63.55
C GLY DA 293 40.19 -91.89 62.35
N SER DA 294 39.18 -92.21 61.54
CA SER DA 294 38.96 -91.51 60.28
C SER DA 294 38.49 -90.07 60.44
N SER DA 295 38.09 -89.65 61.64
CA SER DA 295 37.54 -88.33 61.84
C SER DA 295 38.59 -87.26 62.10
N THR DA 296 39.85 -87.63 62.33
CA THR DA 296 40.86 -86.66 62.72
C THR DA 296 41.97 -86.57 61.66
N PRO DA 297 42.58 -85.40 61.50
CA PRO DA 297 43.73 -85.29 60.61
C PRO DA 297 44.94 -86.03 61.16
N LEU DA 298 45.79 -86.48 60.24
CA LEU DA 298 47.00 -87.20 60.60
C LEU DA 298 48.10 -86.24 61.02
N ILE DA 299 49.11 -86.80 61.67
CA ILE DA 299 50.29 -86.02 62.05
C ILE DA 299 51.55 -86.82 61.70
N PRO DA 300 52.61 -86.17 61.21
CA PRO DA 300 53.84 -86.88 60.86
C PRO DA 300 54.73 -87.15 62.06
N LYS DA 301 55.93 -87.68 61.80
CA LYS DA 301 56.85 -88.03 62.87
C LYS DA 301 57.36 -86.81 63.62
N SER DA 302 57.43 -85.65 62.96
CA SER DA 302 57.92 -84.45 63.62
C SER DA 302 56.98 -83.93 64.68
N VAL DA 303 55.69 -84.29 64.62
CA VAL DA 303 54.72 -83.90 65.63
C VAL DA 303 54.41 -85.05 66.59
N CYS DA 304 54.75 -86.29 66.22
CA CYS DA 304 54.42 -87.46 67.02
C CYS DA 304 55.44 -87.75 68.12
N GLU DA 305 56.45 -86.91 68.27
CA GLU DA 305 57.51 -87.21 69.24
C GLU DA 305 57.08 -86.88 70.66
N THR DA 306 56.63 -85.65 70.92
CA THR DA 306 56.34 -85.17 72.26
C THR DA 306 54.90 -84.65 72.34
N VAL DA 307 53.96 -85.44 71.84
CA VAL DA 307 52.54 -85.08 71.85
C VAL DA 307 51.84 -85.85 72.97
N LEU DA 308 51.11 -85.13 73.81
CA LEU DA 308 50.30 -85.75 74.84
C LEU DA 308 48.95 -86.14 74.27
N MET DA 309 48.45 -87.31 74.65
CA MET DA 309 47.25 -87.87 74.04
C MET DA 309 45.98 -87.44 74.77
N ASP DA 310 45.82 -86.16 75.02
CA ASP DA 310 44.61 -85.60 75.60
C ASP DA 310 44.00 -84.60 74.64
N PHE DA 311 42.92 -83.93 75.08
CA PHE DA 311 42.18 -83.05 74.20
C PHE DA 311 42.97 -81.79 73.86
N ASP DA 312 43.60 -81.16 74.86
CA ASP DA 312 44.21 -79.85 74.66
C ASP DA 312 45.49 -79.94 73.84
N ALA DA 313 46.35 -80.92 74.12
CA ALA DA 313 47.58 -81.05 73.37
C ALA DA 313 47.32 -81.46 71.92
N LEU DA 314 46.30 -82.27 71.67
CA LEU DA 314 45.98 -82.67 70.31
C LEU DA 314 45.30 -81.56 69.55
N ILE DA 315 44.42 -80.78 70.21
CA ILE DA 315 43.81 -79.64 69.52
C ILE DA 315 44.83 -78.53 69.32
N GLN DA 316 45.93 -78.53 70.09
CA GLN DA 316 47.01 -77.60 69.82
C GLN DA 316 47.88 -78.04 68.65
N ALA DA 317 47.79 -79.30 68.25
CA ALA DA 317 48.57 -79.84 67.13
C ALA DA 317 47.73 -79.95 65.86
N GLN DA 318 46.82 -78.99 65.66
CA GLN DA 318 45.87 -78.86 64.55
C GLN DA 318 45.19 -80.18 64.14
N THR DA 319 44.89 -81.02 65.12
CA THR DA 319 44.13 -82.25 64.89
C THR DA 319 43.18 -82.44 66.07
N GLY DA 320 42.53 -83.60 66.13
CA GLY DA 320 41.61 -83.88 67.20
C GLY DA 320 41.92 -85.18 67.93
N LEU DA 321 41.36 -85.36 69.13
CA LEU DA 321 41.57 -86.61 69.85
C LEU DA 321 40.82 -87.75 69.18
N GLY DA 322 39.59 -87.50 68.73
CA GLY DA 322 38.79 -88.56 68.18
C GLY DA 322 38.36 -89.56 69.25
N THR DA 323 38.26 -90.82 68.85
CA THR DA 323 37.87 -91.90 69.74
C THR DA 323 39.08 -92.65 70.31
N ALA DA 324 40.22 -91.96 70.41
CA ALA DA 324 41.50 -92.54 70.84
C ALA DA 324 41.87 -93.76 70.01
N ALA DA 325 41.71 -93.66 68.69
CA ALA DA 325 41.99 -94.73 67.75
C ALA DA 325 43.27 -94.40 67.01
N VAL DA 326 44.34 -95.12 67.32
CA VAL DA 326 45.67 -94.81 66.79
C VAL DA 326 45.90 -95.71 65.58
N ILE DA 327 45.79 -95.12 64.39
CA ILE DA 327 46.10 -95.81 63.14
C ILE DA 327 47.50 -95.39 62.71
N VAL DA 328 48.41 -96.35 62.59
CA VAL DA 328 49.83 -96.07 62.38
C VAL DA 328 50.22 -96.50 60.97
N MET DA 329 50.87 -95.60 60.24
CA MET DA 329 51.34 -95.88 58.89
C MET DA 329 52.84 -95.64 58.85
N ASP DA 330 53.58 -96.65 58.36
CA ASP DA 330 55.03 -96.58 58.29
C ASP DA 330 55.45 -96.12 56.89
N ARG DA 331 56.78 -96.16 56.64
CA ARG DA 331 57.32 -95.65 55.39
C ARG DA 331 57.07 -96.58 54.21
N SER DA 332 56.55 -97.78 54.43
CA SER DA 332 56.23 -98.71 53.35
C SER DA 332 54.78 -98.58 52.88
N THR DA 333 54.19 -97.39 53.00
CA THR DA 333 52.79 -97.17 52.69
C THR DA 333 52.64 -96.11 51.61
N ASP DA 334 51.58 -96.25 50.81
CA ASP DA 334 51.13 -95.20 49.91
C ASP DA 334 50.12 -94.38 50.69
N ILE DA 335 50.57 -93.25 51.24
CA ILE DA 335 49.74 -92.46 52.16
C ILE DA 335 48.57 -91.82 51.42
N VAL DA 336 48.80 -91.38 50.19
CA VAL DA 336 47.73 -90.76 49.40
C VAL DA 336 46.66 -91.79 49.06
N LYS DA 337 47.08 -93.03 48.81
CA LYS DA 337 46.12 -94.12 48.58
C LYS DA 337 45.29 -94.39 49.84
N ALA DA 338 45.93 -94.31 51.02
CA ALA DA 338 45.21 -94.52 52.27
C ALA DA 338 44.17 -93.42 52.49
N ILE DA 339 44.53 -92.16 52.25
CA ILE DA 339 43.57 -91.08 52.41
C ILE DA 339 42.47 -91.16 51.35
N ALA DA 340 42.80 -91.62 50.14
CA ALA DA 340 41.78 -91.82 49.11
C ALA DA 340 40.81 -92.91 49.52
N ARG DA 341 41.29 -93.99 50.12
CA ARG DA 341 40.39 -95.04 50.59
C ARG DA 341 39.52 -94.55 51.75
N LEU DA 342 40.09 -93.72 52.63
CA LEU DA 342 39.29 -93.13 53.70
C LEU DA 342 38.18 -92.24 53.14
N ILE DA 343 38.49 -91.45 52.11
CA ILE DA 343 37.50 -90.58 51.50
C ILE DA 343 36.44 -91.40 50.77
N GLU DA 344 36.85 -92.50 50.14
CA GLU DA 344 35.87 -93.40 49.51
C GLU DA 344 34.96 -94.05 50.54
N PHE DA 345 35.52 -94.38 51.71
CA PHE DA 345 34.70 -94.88 52.82
C PHE DA 345 33.70 -93.83 53.28
N TYR DA 346 34.14 -92.57 53.37
CA TYR DA 346 33.23 -91.50 53.74
C TYR DA 346 32.15 -91.29 52.68
N LYS DA 347 32.49 -91.53 51.42
CA LYS DA 347 31.48 -91.48 50.35
C LYS DA 347 30.47 -92.61 50.50
N HIS DA 348 30.94 -93.82 50.84
CA HIS DA 348 30.04 -94.94 51.01
C HIS DA 348 29.24 -94.88 52.30
N GLU DA 349 29.60 -94.00 53.24
CA GLU DA 349 28.84 -93.79 54.46
C GLU DA 349 28.54 -92.30 54.58
N SER DA 350 27.47 -91.86 53.94
CA SER DA 350 27.01 -90.48 54.01
C SER DA 350 25.53 -90.49 53.63
N CYS DA 351 24.68 -89.89 54.47
CA CYS DA 351 23.25 -90.11 54.31
C CYS DA 351 22.70 -89.36 53.10
N GLY DA 352 23.35 -88.27 52.71
CA GLY DA 352 22.94 -87.54 51.54
C GLY DA 352 21.79 -86.58 51.75
N GLN DA 353 21.40 -86.32 52.99
CA GLN DA 353 20.27 -85.42 53.23
C GLN DA 353 20.61 -83.99 52.84
N CYS DA 354 21.74 -83.48 53.31
CA CYS DA 354 22.10 -82.09 53.11
C CYS DA 354 23.14 -81.95 52.01
N THR DA 355 23.00 -80.89 51.21
CA THR DA 355 23.68 -80.77 49.92
C THR DA 355 25.21 -80.72 49.98
N PRO DA 356 25.87 -79.89 50.83
CA PRO DA 356 27.33 -79.75 50.69
C PRO DA 356 28.13 -81.03 50.89
N CYS DA 357 27.76 -81.87 51.85
CA CYS DA 357 28.41 -83.16 51.99
C CYS DA 357 28.10 -84.06 50.81
N ARG DA 358 26.83 -84.13 50.41
CA ARG DA 358 26.37 -85.03 49.35
C ARG DA 358 27.07 -84.77 48.03
N GLU DA 359 27.41 -83.51 47.75
CA GLU DA 359 28.14 -83.23 46.51
C GLU DA 359 29.66 -83.17 46.71
N GLY DA 360 30.12 -82.53 47.79
CA GLY DA 360 31.54 -82.30 47.95
C GLY DA 360 32.32 -83.54 48.34
N VAL DA 361 31.68 -84.52 48.98
CA VAL DA 361 32.40 -85.75 49.29
C VAL DA 361 32.66 -86.56 48.02
N ASP DA 362 31.67 -86.59 47.11
CA ASP DA 362 31.88 -87.21 45.81
C ASP DA 362 32.94 -86.46 45.01
N TRP DA 363 32.89 -85.12 45.04
CA TRP DA 363 33.89 -84.32 44.34
C TRP DA 363 35.30 -84.56 44.90
N MET DA 364 35.40 -84.66 46.23
CA MET DA 364 36.67 -84.97 46.87
C MET DA 364 37.16 -86.37 46.51
N ASN DA 365 36.23 -87.31 46.37
CA ASN DA 365 36.60 -88.66 45.96
C ASN DA 365 37.18 -88.67 44.55
N LYS DA 366 36.55 -87.95 43.62
CA LYS DA 366 37.08 -87.87 42.27
C LYS DA 366 38.44 -87.17 42.24
N VAL DA 367 38.58 -86.07 42.98
CA VAL DA 367 39.84 -85.33 43.00
C VAL DA 367 40.96 -86.17 43.61
N MET DA 368 40.67 -86.89 44.70
CA MET DA 368 41.71 -87.70 45.33
C MET DA 368 42.04 -88.94 44.52
N ALA DA 369 41.07 -89.50 43.78
CA ALA DA 369 41.39 -90.58 42.87
C ALA DA 369 42.32 -90.10 41.75
N ARG DA 370 42.05 -88.92 41.21
CA ARG DA 370 42.94 -88.35 40.20
C ARG DA 370 44.30 -87.98 40.79
N PHE DA 371 44.34 -87.63 42.08
CA PHE DA 371 45.62 -87.30 42.72
C PHE DA 371 46.45 -88.56 42.96
N VAL DA 372 45.80 -89.66 43.35
CA VAL DA 372 46.49 -90.93 43.50
C VAL DA 372 47.02 -91.40 42.14
N ARG DA 373 46.20 -91.26 41.10
CA ARG DA 373 46.69 -91.50 39.75
C ARG DA 373 47.74 -90.47 39.34
N GLY DA 374 47.55 -89.22 39.76
CA GLY DA 374 48.46 -88.15 39.43
C GLY DA 374 48.04 -87.27 38.26
N ASP DA 375 46.82 -87.45 37.76
CA ASP DA 375 46.37 -86.77 36.54
C ASP DA 375 45.63 -85.48 36.91
N ALA DA 376 46.41 -84.43 37.15
CA ALA DA 376 45.86 -83.11 37.49
C ALA DA 376 46.93 -82.06 37.23
N ARG DA 377 46.64 -80.83 37.65
CA ARG DA 377 47.53 -79.67 37.71
C ARG DA 377 47.81 -79.32 39.17
N PRO DA 378 49.01 -78.81 39.49
CA PRO DA 378 49.35 -78.59 40.91
C PRO DA 378 48.46 -77.60 41.63
N ALA DA 379 48.00 -76.55 40.95
CA ALA DA 379 47.15 -75.54 41.60
C ALA DA 379 45.82 -76.13 42.05
N GLU DA 380 45.35 -77.19 41.37
CA GLU DA 380 44.15 -77.91 41.79
C GLU DA 380 44.25 -78.40 43.22
N ILE DA 381 45.47 -78.73 43.68
CA ILE DA 381 45.67 -79.15 45.06
C ILE DA 381 45.17 -78.07 46.01
N ASP DA 382 45.58 -76.81 45.76
CA ASP DA 382 45.09 -75.70 46.57
C ASP DA 382 43.58 -75.55 46.40
N SER DA 383 43.08 -75.79 45.18
CA SER DA 383 41.65 -75.73 44.93
C SER DA 383 40.91 -76.76 45.80
N LEU DA 384 41.51 -77.94 45.97
CA LEU DA 384 40.91 -78.96 46.82
C LEU DA 384 40.77 -78.45 48.24
N TRP DA 385 41.77 -77.69 48.72
CA TRP DA 385 41.70 -77.09 50.04
C TRP DA 385 40.48 -76.19 50.17
N GLU DA 386 40.21 -75.39 49.14
CA GLU DA 386 39.05 -74.51 49.17
C GLU DA 386 37.76 -75.30 49.23
N ILE DA 387 37.73 -76.47 48.57
CA ILE DA 387 36.54 -77.31 48.62
C ILE DA 387 36.27 -77.76 50.05
N SER DA 388 37.34 -78.05 50.80
CA SER DA 388 37.19 -78.40 52.20
C SER DA 388 36.58 -77.23 52.98
N LYS DA 389 37.01 -76.01 52.67
CA LYS DA 389 36.45 -74.86 53.35
C LYS DA 389 35.01 -74.56 52.93
N GLN DA 390 34.51 -75.22 51.88
CA GLN DA 390 33.11 -75.12 51.54
C GLN DA 390 32.28 -76.25 52.14
N ILE DA 391 32.91 -77.19 52.83
CA ILE DA 391 32.22 -78.28 53.50
C ILE DA 391 32.24 -78.11 55.02
N GLU DA 392 33.40 -77.78 55.58
CA GLU DA 392 33.56 -77.67 57.02
C GLU DA 392 32.78 -76.47 57.55
N GLY DA 393 31.71 -76.73 58.29
CA GLY DA 393 30.89 -75.69 58.89
C GLY DA 393 29.61 -75.35 58.16
N HIS DA 394 29.26 -76.08 57.10
CA HIS DA 394 28.07 -75.82 56.31
C HIS DA 394 27.20 -77.06 56.19
N THR DA 395 27.21 -77.93 57.18
CA THR DA 395 26.53 -79.22 57.10
C THR DA 395 25.60 -79.40 58.28
N ILE DA 396 24.62 -80.29 58.10
CA ILE DA 396 23.68 -80.61 59.17
C ILE DA 396 24.39 -81.32 60.32
N CYS DA 397 25.18 -82.33 59.98
CA CYS DA 397 25.92 -83.12 60.96
C CYS DA 397 27.42 -82.98 60.69
N ALA DA 398 28.23 -83.61 61.52
CA ALA DA 398 29.67 -83.42 61.49
C ALA DA 398 30.40 -84.44 60.63
N LEU DA 399 29.69 -85.22 59.83
CA LEU DA 399 30.36 -86.14 58.92
C LEU DA 399 31.09 -85.39 57.81
N GLY DA 400 30.51 -84.28 57.35
CA GLY DA 400 31.18 -83.47 56.34
C GLY DA 400 32.47 -82.85 56.85
N ASP DA 401 32.44 -82.32 58.08
CA ASP DA 401 33.67 -81.84 58.71
C ASP DA 401 34.65 -82.97 58.95
N GLY DA 402 34.14 -84.14 59.35
CA GLY DA 402 34.96 -85.32 59.54
C GLY DA 402 35.56 -85.88 58.27
N ALA DA 403 35.02 -85.50 57.11
CA ALA DA 403 35.65 -85.84 55.84
C ALA DA 403 36.58 -84.73 55.36
N ALA DA 404 36.30 -83.48 55.72
CA ALA DA 404 37.14 -82.37 55.30
C ALA DA 404 38.43 -82.29 56.09
N TRP DA 405 38.43 -82.71 57.36
CA TRP DA 405 39.64 -82.65 58.17
C TRP DA 405 40.79 -83.53 57.68
N PRO DA 406 40.61 -84.82 57.34
CA PRO DA 406 41.78 -85.60 56.88
C PRO DA 406 42.38 -85.10 55.59
N VAL DA 407 41.57 -84.57 54.67
CA VAL DA 407 42.10 -84.02 53.43
C VAL DA 407 42.94 -82.77 53.71
N GLN DA 408 42.45 -81.90 54.60
CA GLN DA 408 43.21 -80.73 55.00
C GLN DA 408 44.52 -81.11 55.66
N GLY DA 409 44.49 -82.10 56.55
CA GLY DA 409 45.71 -82.55 57.19
C GLY DA 409 46.71 -83.17 56.23
N LEU DA 410 46.21 -84.00 55.30
CA LEU DA 410 47.07 -84.62 54.30
C LEU DA 410 47.72 -83.58 53.41
N ILE DA 411 46.95 -82.60 52.94
CA ILE DA 411 47.51 -81.55 52.10
C ILE DA 411 48.55 -80.75 52.86
N ARG DA 412 48.20 -80.30 54.08
CA ARG DA 412 49.06 -79.44 54.88
C ARG DA 412 50.36 -80.13 55.28
N HIS DA 413 50.33 -81.46 55.45
CA HIS DA 413 51.53 -82.15 55.90
C HIS DA 413 52.33 -82.80 54.77
N PHE DA 414 51.70 -83.14 53.64
CA PHE DA 414 52.42 -83.86 52.58
C PHE DA 414 52.02 -83.33 51.21
N ARG DA 415 51.92 -82.01 51.06
CA ARG DA 415 51.90 -81.42 49.73
C ARG DA 415 53.10 -81.78 48.84
N PRO DA 416 54.37 -81.80 49.32
CA PRO DA 416 55.47 -82.17 48.41
C PRO DA 416 55.35 -83.57 47.81
N GLU DA 417 54.91 -84.56 48.58
CA GLU DA 417 54.73 -85.91 48.04
C GLU DA 417 53.68 -85.94 46.94
N LEU DA 418 52.56 -85.24 47.18
CA LEU DA 418 51.50 -85.16 46.18
C LEU DA 418 52.00 -84.52 44.89
N GLU DA 419 52.65 -83.36 45.00
CA GLU DA 419 53.05 -82.63 43.79
C GLU DA 419 54.16 -83.37 43.05
N GLU DA 420 55.07 -84.03 43.77
CA GLU DA 420 56.11 -84.79 43.09
C GLU DA 420 55.54 -86.03 42.40
N ARG DA 421 54.51 -86.65 42.99
CA ARG DA 421 53.84 -87.78 42.34
C ARG DA 421 53.20 -87.33 41.02
N MET DA 422 52.46 -86.23 41.06
CA MET DA 422 51.73 -85.86 39.84
C MET DA 422 52.65 -85.28 38.77
N GLN DA 423 53.73 -84.57 39.16
CA GLN DA 423 54.66 -84.11 38.15
C GLN DA 423 55.48 -85.27 37.59
N ARG DA 424 55.74 -86.31 38.39
CA ARG DA 424 56.37 -87.51 37.85
C ARG DA 424 55.47 -88.20 36.83
N PHE DA 425 54.17 -88.28 37.12
CA PHE DA 425 53.24 -88.84 36.15
C PHE DA 425 53.19 -88.01 34.88
N ALA DA 426 53.16 -86.68 35.02
CA ALA DA 426 53.12 -85.80 33.86
C ALA DA 426 54.37 -85.94 33.00
N GLN DA 427 55.53 -86.12 33.65
CA GLN DA 427 56.76 -86.31 32.92
C GLN DA 427 56.78 -87.66 32.20
N GLN DA 428 56.41 -88.73 32.90
CA GLN DA 428 56.55 -90.07 32.36
C GLN DA 428 55.40 -90.50 31.45
N HIS DA 429 54.34 -89.70 31.34
CA HIS DA 429 53.23 -90.04 30.46
C HIS DA 429 52.99 -89.04 29.33
N GLN DA 430 53.63 -87.88 29.36
CA GLN DA 430 53.43 -86.89 28.30
C GLN DA 430 54.77 -86.40 27.75
N ALA EA 1 22.97 -102.84 42.68
CA ALA EA 1 23.56 -101.58 42.28
C ALA EA 1 22.48 -100.61 41.79
N LEU EA 2 21.24 -101.08 41.77
CA LEU EA 2 20.11 -100.28 41.34
C LEU EA 2 19.21 -100.00 42.54
N PHE EA 3 18.82 -98.74 42.71
CA PHE EA 3 17.95 -98.33 43.80
C PHE EA 3 16.50 -98.20 43.37
N VAL EA 4 16.15 -98.71 42.20
CA VAL EA 4 14.76 -98.80 41.75
C VAL EA 4 14.47 -100.24 41.39
N HIS EA 5 13.20 -100.61 41.48
CA HIS EA 5 12.77 -101.99 41.29
C HIS EA 5 11.91 -102.10 40.03
N ARG EA 6 12.08 -103.20 39.31
CA ARG EA 6 11.27 -103.52 38.14
C ARG EA 6 10.63 -104.89 38.34
N ASP EA 7 9.44 -105.06 37.78
CA ASP EA 7 8.64 -106.25 38.02
C ASP EA 7 9.21 -107.43 37.24
N THR EA 8 9.73 -108.42 37.96
CA THR EA 8 10.22 -109.67 37.42
C THR EA 8 9.35 -110.82 37.89
N PRO EA 9 9.32 -111.94 37.16
CA PRO EA 9 8.60 -113.13 37.67
C PRO EA 9 9.14 -113.67 38.98
N LYS EA 10 10.42 -113.44 39.28
CA LYS EA 10 11.00 -113.87 40.55
C LYS EA 10 10.91 -112.82 41.64
N ASN EA 11 10.41 -111.62 41.32
CA ASN EA 11 10.35 -110.54 42.30
C ASN EA 11 9.18 -109.63 41.90
N ASN EA 12 8.05 -109.79 42.58
CA ASN EA 12 6.84 -109.04 42.32
C ASN EA 12 5.98 -109.05 43.57
N PRO EA 13 5.00 -108.15 43.68
CA PRO EA 13 4.07 -108.21 44.82
C PRO EA 13 3.23 -109.48 44.88
N GLU EA 14 3.13 -110.24 43.79
CA GLU EA 14 2.40 -111.49 43.78
C GLU EA 14 3.25 -112.68 44.20
N THR EA 15 4.52 -112.46 44.56
CA THR EA 15 5.35 -113.55 45.05
C THR EA 15 4.87 -113.98 46.44
N PRO EA 16 4.63 -115.27 46.67
CA PRO EA 16 4.09 -115.71 47.96
C PRO EA 16 5.12 -115.59 49.07
N PHE EA 17 4.69 -115.02 50.20
CA PHE EA 17 5.52 -114.89 51.39
C PHE EA 17 4.62 -114.73 52.60
N ASP EA 18 5.01 -115.34 53.72
CA ASP EA 18 4.26 -115.22 54.96
C ASP EA 18 5.18 -115.48 56.15
N PHE EA 19 4.73 -115.05 57.32
CA PHE EA 19 5.45 -115.26 58.57
C PHE EA 19 4.90 -116.49 59.29
N THR EA 20 5.80 -117.24 59.93
CA THR EA 20 5.38 -118.32 60.79
C THR EA 20 4.76 -117.76 62.07
N PRO EA 21 3.88 -118.51 62.73
CA PRO EA 21 3.26 -118.00 63.98
C PRO EA 21 4.24 -117.68 65.09
N GLU EA 22 5.35 -118.42 65.20
CA GLU EA 22 6.39 -118.07 66.15
C GLU EA 22 7.01 -116.73 65.79
N ASN EA 23 7.25 -116.50 64.50
CA ASN EA 23 7.72 -115.20 64.05
C ASN EA 23 6.67 -114.11 64.26
N TYR EA 24 5.39 -114.47 64.19
CA TYR EA 24 4.34 -113.51 64.53
C TYR EA 24 4.40 -113.11 66.00
N LYS EA 25 4.65 -114.08 66.89
CA LYS EA 25 4.82 -113.77 68.30
C LYS EA 25 6.06 -112.92 68.55
N ARG EA 26 7.15 -113.20 67.83
CA ARG EA 26 8.35 -112.38 67.93
C ARG EA 26 8.09 -110.95 67.46
N ILE EA 27 7.33 -110.79 66.37
CA ILE EA 27 6.97 -109.48 65.87
C ILE EA 27 6.09 -108.74 66.88
N GLU EA 28 5.18 -109.47 67.54
CA GLU EA 28 4.35 -108.87 68.57
C GLU EA 28 5.19 -108.39 69.75
N ALA EA 29 6.19 -109.17 70.15
CA ALA EA 29 7.10 -108.73 71.22
C ALA EA 29 7.90 -107.51 70.80
N ILE EA 30 8.36 -107.47 69.55
CA ILE EA 30 9.10 -106.32 69.04
C ILE EA 30 8.23 -105.07 69.04
N VAL EA 31 6.97 -105.22 68.65
CA VAL EA 31 6.02 -104.10 68.69
C VAL EA 31 5.79 -103.64 70.13
N LYS EA 32 5.62 -104.60 71.05
CA LYS EA 32 5.41 -104.26 72.45
C LYS EA 32 6.64 -103.67 73.12
N ASN EA 33 7.82 -103.79 72.50
CA ASN EA 33 9.03 -103.17 73.02
C ASN EA 33 9.01 -101.65 72.94
N TYR EA 34 8.07 -101.05 72.20
CA TYR EA 34 8.05 -99.63 71.91
C TYR EA 34 6.80 -98.97 72.52
N PRO EA 35 6.86 -97.66 72.78
CA PRO EA 35 5.68 -96.97 73.30
C PRO EA 35 4.51 -96.96 72.33
N GLU EA 36 3.31 -96.87 72.89
CA GLU EA 36 2.08 -96.84 72.09
C GLU EA 36 2.01 -95.55 71.29
N GLY EA 37 1.45 -95.67 70.08
CA GLY EA 37 1.41 -94.56 69.15
C GLY EA 37 2.60 -94.47 68.22
N HIS EA 38 3.58 -95.36 68.37
CA HIS EA 38 4.81 -95.35 67.59
C HIS EA 38 5.13 -96.75 67.09
N LYS EA 39 4.12 -97.39 66.48
CA LYS EA 39 4.28 -98.74 65.95
C LYS EA 39 5.31 -98.79 64.83
N ALA EA 40 5.47 -97.69 64.10
CA ALA EA 40 6.44 -97.63 62.99
C ALA EA 40 7.88 -97.83 63.46
N ALA EA 41 8.16 -97.57 64.74
CA ALA EA 41 9.48 -97.82 65.30
C ALA EA 41 9.84 -99.31 65.29
N ALA EA 42 8.86 -100.19 65.12
CA ALA EA 42 9.13 -101.61 64.98
C ALA EA 42 9.50 -102.01 63.55
N VAL EA 43 9.56 -101.06 62.62
CA VAL EA 43 9.80 -101.42 61.22
C VAL EA 43 11.24 -101.82 60.95
N LEU EA 44 12.17 -101.49 61.85
CA LEU EA 44 13.57 -101.81 61.60
C LEU EA 44 13.93 -103.27 61.85
N PRO EA 45 13.61 -103.89 63.03
CA PRO EA 45 14.03 -105.30 63.21
C PRO EA 45 13.13 -106.27 62.47
N VAL EA 46 11.83 -105.94 62.40
CA VAL EA 46 10.83 -106.86 61.86
C VAL EA 46 11.12 -107.18 60.40
N LEU EA 47 11.45 -106.14 59.62
CA LEU EA 47 11.89 -106.36 58.24
C LEU EA 47 13.15 -107.20 58.19
N ASP EA 48 14.10 -106.93 59.09
CA ASP EA 48 15.28 -107.77 59.22
C ASP EA 48 14.88 -109.20 59.60
N LEU EA 49 13.85 -109.33 60.43
CA LEU EA 49 13.28 -110.64 60.74
C LEU EA 49 12.85 -111.35 59.47
N ALA EA 50 12.20 -110.63 58.56
CA ALA EA 50 11.80 -111.22 57.28
C ALA EA 50 13.01 -111.66 56.48
N GLN EA 51 14.14 -110.94 56.60
CA GLN EA 51 15.37 -111.38 55.96
C GLN EA 51 15.82 -112.73 56.51
N ARG EA 52 15.72 -112.89 57.84
CA ARG EA 52 16.05 -114.18 58.43
C ARG EA 52 15.03 -115.26 58.07
N GLN EA 53 13.86 -114.86 57.56
CA GLN EA 53 12.92 -115.84 57.04
C GLN EA 53 13.32 -116.32 55.65
N ASN EA 54 14.05 -115.50 54.90
CA ASN EA 54 14.21 -115.78 53.47
C ASN EA 54 15.67 -115.77 53.02
N GLY EA 55 16.50 -114.96 53.66
CA GLY EA 55 17.84 -114.71 53.20
C GLY EA 55 17.97 -113.53 52.26
N TRP EA 56 16.85 -113.05 51.71
CA TRP EA 56 16.84 -111.87 50.85
C TRP EA 56 15.43 -111.30 50.87
N LEU EA 57 15.32 -110.05 50.46
CA LEU EA 57 14.04 -109.34 50.53
C LEU EA 57 13.50 -109.05 49.14
N PRO EA 58 12.54 -109.83 48.64
CA PRO EA 58 11.79 -109.42 47.46
C PRO EA 58 10.75 -108.38 47.87
N ILE EA 59 9.99 -107.90 46.89
CA ILE EA 59 8.89 -107.03 47.28
C ILE EA 59 7.67 -107.94 47.51
N SER EA 60 7.72 -108.67 48.61
CA SER EA 60 6.56 -109.25 49.28
C SER EA 60 6.65 -109.16 50.79
N ALA EA 61 7.86 -109.13 51.36
CA ALA EA 61 8.05 -108.81 52.77
C ALA EA 61 7.90 -107.33 53.02
N MET EA 62 8.18 -106.51 52.01
CA MET EA 62 8.00 -105.07 52.12
C MET EA 62 6.54 -104.72 52.34
N ASN EA 63 5.67 -105.24 51.46
CA ASN EA 63 4.24 -104.98 51.57
C ASN EA 63 3.64 -105.63 52.80
N LYS EA 64 4.09 -106.83 53.16
CA LYS EA 64 3.58 -107.52 54.34
C LYS EA 64 3.97 -106.79 55.62
N VAL EA 65 5.22 -106.32 55.71
CA VAL EA 65 5.68 -105.56 56.86
C VAL EA 65 4.94 -104.24 56.96
N ALA EA 66 4.69 -103.58 55.82
CA ALA EA 66 3.90 -102.37 55.82
C ALA EA 66 2.45 -102.63 56.25
N GLU EA 67 1.91 -103.79 55.88
CA GLU EA 67 0.53 -104.11 56.21
C GLU EA 67 0.36 -104.41 57.70
N ILE EA 68 1.29 -105.17 58.29
CA ILE EA 68 1.14 -105.59 59.68
C ILE EA 68 1.59 -104.54 60.67
N LEU EA 69 1.96 -103.35 60.23
CA LEU EA 69 2.35 -102.27 61.13
C LEU EA 69 1.61 -100.97 60.89
N GLN EA 70 0.69 -100.94 59.92
CA GLN EA 70 -0.10 -99.75 59.56
C GLN EA 70 0.80 -98.57 59.17
N VAL EA 71 1.73 -98.83 58.26
CA VAL EA 71 2.59 -97.78 57.69
C VAL EA 71 2.46 -97.86 56.17
N PRO EA 72 2.69 -96.77 55.43
CA PRO EA 72 2.68 -96.86 53.97
C PRO EA 72 3.84 -97.71 53.49
N PRO EA 73 3.69 -98.39 52.35
CA PRO EA 73 4.78 -99.22 51.83
C PRO EA 73 6.02 -98.44 51.44
N MET EA 74 5.89 -97.15 51.15
CA MET EA 74 7.04 -96.41 50.65
C MET EA 74 8.03 -96.14 51.78
N ARG EA 75 7.54 -96.08 53.02
CA ARG EA 75 8.44 -96.00 54.17
C ARG EA 75 9.30 -97.24 54.30
N VAL EA 76 8.71 -98.42 54.08
CA VAL EA 76 9.46 -99.67 54.11
C VAL EA 76 10.44 -99.72 52.95
N TYR EA 77 10.04 -99.21 51.77
CA TYR EA 77 10.96 -99.16 50.64
C TYR EA 77 12.14 -98.25 50.93
N GLU EA 78 11.90 -97.10 51.56
CA GLU EA 78 12.96 -96.18 51.95
C GLU EA 78 13.91 -96.81 52.96
N VAL EA 79 13.35 -97.51 53.95
CA VAL EA 79 14.17 -98.16 54.98
C VAL EA 79 15.03 -99.25 54.36
N ALA EA 80 14.46 -100.05 53.47
CA ALA EA 80 15.21 -101.13 52.83
C ALA EA 80 16.30 -100.58 51.91
N THR EA 81 16.01 -99.52 51.15
CA THR EA 81 16.99 -99.01 50.20
C THR EA 81 18.08 -98.20 50.88
N PHE EA 82 17.76 -97.50 51.97
CA PHE EA 82 18.77 -96.67 52.64
C PHE EA 82 19.83 -97.52 53.32
N TYR EA 83 19.44 -98.68 53.86
CA TYR EA 83 20.33 -99.53 54.63
C TYR EA 83 20.90 -100.64 53.76
N THR EA 84 22.19 -100.92 53.96
CA THR EA 84 22.91 -101.87 53.11
C THR EA 84 22.81 -103.31 53.58
N MET EA 85 22.28 -103.56 54.78
CA MET EA 85 22.17 -104.94 55.25
C MET EA 85 21.04 -105.69 54.56
N TYR EA 86 20.01 -104.98 54.11
CA TYR EA 86 18.82 -105.64 53.56
C TYR EA 86 19.08 -105.97 52.10
N ASN EA 87 19.27 -107.25 51.81
CA ASN EA 87 19.58 -107.71 50.46
C ASN EA 87 18.29 -107.82 49.66
N ARG EA 88 18.16 -106.99 48.63
CA ARG EA 88 17.00 -107.03 47.74
C ARG EA 88 17.23 -107.95 46.55
N LYS EA 89 18.38 -108.61 46.48
CA LYS EA 89 18.74 -109.60 45.48
C LYS EA 89 19.08 -110.91 46.17
N PRO EA 90 18.71 -112.06 45.59
CA PRO EA 90 18.99 -113.33 46.26
C PRO EA 90 20.47 -113.67 46.30
N VAL EA 91 21.07 -113.52 47.48
CA VAL EA 91 22.49 -113.79 47.69
C VAL EA 91 22.70 -115.28 47.92
N GLY EA 92 23.95 -115.71 47.92
CA GLY EA 92 24.28 -117.09 48.21
C GLY EA 92 24.04 -117.46 49.66
N LYS EA 93 24.20 -118.76 49.94
CA LYS EA 93 23.92 -119.28 51.28
C LYS EA 93 24.92 -118.78 52.32
N TYR EA 94 26.11 -118.38 51.91
CA TYR EA 94 27.13 -117.86 52.82
C TYR EA 94 27.61 -116.53 52.26
N HIS EA 95 27.18 -115.43 52.87
CA HIS EA 95 27.50 -114.09 52.42
C HIS EA 95 28.82 -113.67 53.06
N ILE EA 96 29.85 -113.49 52.25
CA ILE EA 96 31.19 -113.16 52.72
C ILE EA 96 31.46 -111.69 52.44
N GLN EA 97 31.82 -110.95 53.48
CA GLN EA 97 32.18 -109.54 53.38
C GLN EA 97 33.62 -109.36 53.81
N VAL EA 98 34.40 -108.63 53.01
CA VAL EA 98 35.81 -108.37 53.29
C VAL EA 98 35.98 -106.89 53.54
N CYS EA 99 36.68 -106.55 54.62
CA CYS EA 99 36.92 -105.16 54.96
C CYS EA 99 38.14 -104.63 54.22
N THR EA 100 37.95 -103.56 53.45
CA THR EA 100 39.02 -102.93 52.69
C THR EA 100 39.17 -101.46 53.08
N THR EA 101 38.92 -101.16 54.35
CA THR EA 101 39.09 -99.81 54.87
C THR EA 101 40.57 -99.67 55.23
N THR EA 102 41.06 -98.44 55.43
CA THR EA 102 42.49 -98.16 55.60
C THR EA 102 43.17 -98.96 56.72
N PRO EA 103 42.61 -99.11 57.94
CA PRO EA 103 43.29 -99.98 58.92
C PRO EA 103 43.24 -101.46 58.58
N CYS EA 104 42.48 -101.86 57.57
CA CYS EA 104 42.49 -103.24 57.09
C CYS EA 104 43.35 -103.43 55.86
N MET EA 105 43.41 -102.44 54.95
CA MET EA 105 44.34 -102.53 53.83
C MET EA 105 45.78 -102.30 54.29
N LEU EA 106 45.97 -101.64 55.44
CA LEU EA 106 47.31 -101.49 56.00
C LEU EA 106 47.94 -102.84 56.32
N ARG EA 107 47.13 -103.81 56.73
CA ARG EA 107 47.60 -105.16 57.02
C ARG EA 107 47.29 -106.12 55.86
N ASN EA 108 47.42 -105.61 54.63
CA ASN EA 108 47.33 -106.32 53.34
C ASN EA 108 46.11 -107.25 53.26
N SER EA 109 44.94 -106.61 53.26
CA SER EA 109 43.70 -107.32 52.99
C SER EA 109 43.55 -107.67 51.51
N ASP EA 110 44.31 -107.01 50.63
CA ASP EA 110 44.21 -107.28 49.20
C ASP EA 110 44.69 -108.68 48.87
N SER EA 111 45.70 -109.17 49.58
CA SER EA 111 46.17 -110.53 49.38
C SER EA 111 45.10 -111.54 49.76
N ILE EA 112 44.39 -111.30 50.87
CA ILE EA 112 43.29 -112.17 51.28
C ILE EA 112 42.16 -112.13 50.25
N LEU EA 113 41.83 -110.93 49.75
CA LEU EA 113 40.79 -110.82 48.73
C LEU EA 113 41.17 -111.57 47.46
N GLU EA 114 42.42 -111.44 47.02
CA GLU EA 114 42.88 -112.16 45.83
C GLU EA 114 42.91 -113.66 46.06
N ALA EA 115 43.20 -114.09 47.29
CA ALA EA 115 43.15 -115.52 47.62
C ALA EA 115 41.72 -116.05 47.52
N ILE EA 116 40.75 -115.29 48.01
CA ILE EA 116 39.35 -115.70 47.87
C ILE EA 116 38.94 -115.73 46.40
N GLN EA 117 39.40 -114.76 45.62
CA GLN EA 117 39.04 -114.71 44.21
C GLN EA 117 39.62 -115.91 43.44
N LYS EA 118 40.88 -116.26 43.74
CA LYS EA 118 41.50 -117.40 43.06
C LYS EA 118 41.06 -118.74 43.62
N LYS EA 119 40.44 -118.75 44.80
CA LYS EA 119 39.86 -119.99 45.33
C LYS EA 119 38.46 -120.24 44.77
N LEU EA 120 37.56 -119.28 44.96
CA LEU EA 120 36.17 -119.45 44.51
C LEU EA 120 36.00 -119.29 43.01
N GLY EA 121 36.95 -118.64 42.33
CA GLY EA 121 36.83 -118.42 40.90
C GLY EA 121 35.72 -117.47 40.49
N ILE EA 122 35.56 -116.36 41.23
CA ILE EA 122 34.53 -115.37 40.96
C ILE EA 122 35.19 -113.99 40.90
N LYS EA 123 34.35 -112.96 40.76
CA LYS EA 123 34.78 -111.57 40.80
C LYS EA 123 34.17 -110.88 42.02
N VAL EA 124 34.41 -109.57 42.11
CA VAL EA 124 33.84 -108.77 43.18
C VAL EA 124 32.35 -108.63 42.95
N GLY EA 125 31.55 -109.00 43.95
CA GLY EA 125 30.11 -108.90 43.87
C GLY EA 125 29.43 -110.04 43.14
N GLU EA 126 30.20 -110.98 42.59
CA GLU EA 126 29.62 -112.09 41.85
C GLU EA 126 29.24 -113.22 42.80
N THR EA 127 28.32 -114.05 42.33
CA THR EA 127 27.81 -115.18 43.10
C THR EA 127 28.30 -116.49 42.49
N THR EA 128 28.71 -117.42 43.35
CA THR EA 128 29.16 -118.71 42.91
C THR EA 128 28.00 -119.48 42.25
N PRO EA 129 28.29 -120.29 41.22
CA PRO EA 129 27.19 -120.92 40.46
C PRO EA 129 26.48 -122.04 41.20
N ASP EA 130 26.97 -122.48 42.36
CA ASP EA 130 26.25 -123.44 43.18
C ASP EA 130 25.37 -122.76 44.23
N LYS EA 131 25.27 -121.43 44.18
CA LYS EA 131 24.47 -120.62 45.11
C LYS EA 131 24.89 -120.85 46.56
N LEU EA 132 26.19 -120.75 46.81
CA LEU EA 132 26.74 -120.97 48.14
C LEU EA 132 27.47 -119.77 48.71
N PHE EA 133 28.29 -119.10 47.91
CA PHE EA 133 29.14 -118.01 48.40
C PHE EA 133 28.87 -116.73 47.61
N THR EA 134 28.78 -115.61 48.32
CA THR EA 134 28.71 -114.29 47.73
C THR EA 134 29.79 -113.42 48.33
N LEU EA 135 30.61 -112.80 47.48
CA LEU EA 135 31.79 -112.07 47.92
C LEU EA 135 31.64 -110.60 47.54
N ILE EA 136 31.43 -109.75 48.54
CA ILE EA 136 31.41 -108.30 48.36
C ILE EA 136 32.36 -107.67 49.36
N GLU EA 137 32.52 -106.36 49.27
CA GLU EA 137 33.40 -105.59 50.13
C GLU EA 137 32.61 -104.51 50.85
N VAL EA 138 32.92 -104.29 52.13
CA VAL EA 138 32.22 -103.32 52.96
C VAL EA 138 33.25 -102.47 53.70
N GLU EA 139 32.73 -101.60 54.57
CA GLU EA 139 33.53 -100.66 55.33
C GLU EA 139 33.99 -101.33 56.63
N CYS EA 140 34.47 -100.53 57.59
CA CYS EA 140 35.03 -101.06 58.82
C CYS EA 140 33.98 -101.79 59.66
N LEU EA 141 34.31 -103.00 60.10
CA LEU EA 141 33.40 -103.85 60.84
C LEU EA 141 33.73 -103.94 62.32
N GLY EA 142 34.64 -103.10 62.81
CA GLY EA 142 34.94 -103.07 64.24
C GLY EA 142 35.98 -104.05 64.72
N ALA EA 143 36.81 -104.59 63.83
CA ALA EA 143 37.86 -105.52 64.25
C ALA EA 143 39.21 -105.00 63.76
N CYS EA 144 39.48 -103.72 64.02
CA CYS EA 144 40.66 -103.07 63.47
C CYS EA 144 41.93 -103.56 64.13
N VAL EA 145 41.89 -103.85 65.44
CA VAL EA 145 43.05 -104.39 66.13
C VAL EA 145 43.36 -105.82 65.73
N ASN EA 146 42.42 -106.51 65.10
CA ASN EA 146 42.62 -107.87 64.62
C ASN EA 146 42.54 -107.93 63.10
N ALA EA 147 42.83 -106.81 62.45
CA ALA EA 147 42.82 -106.76 60.99
C ALA EA 147 43.96 -107.61 60.42
N PRO EA 148 43.79 -108.19 59.22
CA PRO EA 148 42.60 -108.22 58.36
C PRO EA 148 41.54 -109.22 58.84
N MET EA 149 40.32 -109.08 58.33
CA MET EA 149 39.21 -109.90 58.79
C MET EA 149 38.18 -110.06 57.69
N VAL EA 150 37.31 -111.05 57.86
CA VAL EA 150 36.12 -111.21 57.03
C VAL EA 150 34.92 -111.45 57.94
N GLN EA 151 33.74 -111.29 57.37
CA GLN EA 151 32.48 -111.57 58.05
C GLN EA 151 31.65 -112.48 57.16
N ILE EA 152 31.44 -113.71 57.61
CA ILE EA 152 30.66 -114.70 56.85
C ILE EA 152 29.36 -114.92 57.60
N ASN EA 153 28.24 -114.62 56.93
CA ASN EA 153 26.90 -114.61 57.52
C ASN EA 153 26.86 -113.70 58.74
N ASP EA 154 26.84 -114.28 59.93
CA ASP EA 154 26.87 -113.51 61.17
C ASP EA 154 28.08 -113.86 62.03
N ASN EA 155 29.13 -114.40 61.42
CA ASN EA 155 30.33 -114.84 62.14
C ASN EA 155 31.53 -114.02 61.69
N TYR EA 156 32.29 -113.52 62.67
CA TYR EA 156 33.51 -112.80 62.43
C TYR EA 156 34.69 -113.76 62.34
N TYR EA 157 35.59 -113.52 61.39
CA TYR EA 157 36.82 -114.29 61.28
C TYR EA 157 37.98 -113.32 61.13
N GLU EA 158 38.75 -113.15 62.19
CA GLU EA 158 39.74 -112.09 62.29
C GLU EA 158 41.16 -112.66 62.29
N ASP EA 159 42.12 -111.77 62.02
CA ASP EA 159 43.55 -112.09 61.98
C ASP EA 159 43.84 -113.21 60.99
N LEU EA 160 43.23 -113.13 59.82
CA LEU EA 160 43.28 -114.19 58.84
C LEU EA 160 44.53 -114.11 57.97
N THR EA 161 44.90 -115.26 57.43
CA THR EA 161 45.95 -115.44 56.44
C THR EA 161 45.32 -116.05 55.20
N PRO EA 162 45.99 -115.97 54.03
CA PRO EA 162 45.46 -116.67 52.85
C PRO EA 162 45.26 -118.17 53.05
N LYS EA 163 46.18 -118.83 53.77
CA LYS EA 163 45.97 -120.23 54.13
C LYS EA 163 44.75 -120.37 55.04
N ASP EA 164 44.59 -119.44 55.99
CA ASP EA 164 43.44 -119.50 56.90
C ASP EA 164 42.13 -119.33 56.16
N ILE EA 165 42.06 -118.36 55.23
CA ILE EA 165 40.79 -118.13 54.54
C ILE EA 165 40.50 -119.24 53.54
N GLU EA 166 41.52 -119.82 52.91
CA GLU EA 166 41.23 -120.95 52.03
C GLU EA 166 40.83 -122.19 52.81
N GLU EA 167 41.37 -122.35 54.03
CA GLU EA 167 40.91 -123.44 54.90
C GLU EA 167 39.47 -123.22 55.34
N ILE EA 168 39.11 -121.97 55.65
CA ILE EA 168 37.73 -121.65 56.00
C ILE EA 168 36.81 -121.96 54.82
N ILE EA 169 37.23 -121.64 53.60
CA ILE EA 169 36.42 -121.90 52.42
C ILE EA 169 36.23 -123.40 52.20
N ASP EA 170 37.33 -124.16 52.22
CA ASP EA 170 37.19 -125.59 51.95
C ASP EA 170 36.60 -126.38 53.10
N GLU EA 171 36.52 -125.80 54.30
CA GLU EA 171 35.79 -126.43 55.38
C GLU EA 171 34.31 -126.05 55.35
N LEU EA 172 33.99 -124.83 54.90
CA LEU EA 172 32.61 -124.43 54.70
C LEU EA 172 31.96 -125.21 53.56
N LYS EA 173 32.73 -125.52 52.52
CA LYS EA 173 32.19 -126.33 51.42
C LYS EA 173 31.89 -127.77 51.84
N ALA EA 174 32.52 -128.25 52.92
CA ALA EA 174 32.31 -129.61 53.39
C ALA EA 174 31.06 -129.76 54.24
N GLY EA 175 30.35 -128.68 54.53
CA GLY EA 175 29.12 -128.74 55.30
C GLY EA 175 29.26 -128.37 56.76
N LYS EA 176 30.48 -128.30 57.28
CA LYS EA 176 30.68 -127.93 58.67
C LYS EA 176 30.68 -126.41 58.83
N ILE EA 177 30.78 -125.97 60.08
CA ILE EA 177 30.73 -124.56 60.44
C ILE EA 177 32.05 -124.22 61.12
N PRO EA 178 32.77 -123.19 60.68
CA PRO EA 178 34.06 -122.85 61.31
C PRO EA 178 33.91 -122.20 62.68
N LYS EA 179 35.03 -121.78 63.27
CA LYS EA 179 35.01 -121.20 64.60
C LYS EA 179 35.06 -119.69 64.48
N PRO EA 180 34.01 -118.97 64.87
CA PRO EA 180 34.02 -117.51 64.75
C PRO EA 180 34.93 -116.83 65.76
N GLY EA 181 36.23 -116.81 65.48
CA GLY EA 181 37.19 -116.17 66.34
C GLY EA 181 38.49 -115.88 65.60
N PRO EA 182 39.34 -115.03 66.19
CA PRO EA 182 40.65 -114.78 65.60
C PRO EA 182 41.51 -116.03 65.56
N ARG EA 183 42.31 -116.16 64.51
CA ARG EA 183 43.10 -117.36 64.26
C ARG EA 183 44.57 -117.17 64.61
N SER EA 184 44.91 -116.07 65.25
CA SER EA 184 46.29 -115.82 65.66
C SER EA 184 46.51 -116.33 67.08
N GLY EA 185 47.65 -115.97 67.69
CA GLY EA 185 47.93 -116.41 69.04
C GLY EA 185 47.02 -115.78 70.08
N ARG EA 186 46.70 -114.51 69.90
CA ARG EA 186 45.83 -113.81 70.84
C ARG EA 186 44.40 -114.31 70.72
N PHE EA 187 43.61 -114.06 71.76
CA PHE EA 187 42.24 -114.54 71.81
C PHE EA 187 41.25 -113.50 71.29
N SER EA 188 41.15 -112.35 71.96
CA SER EA 188 40.23 -111.31 71.51
C SER EA 188 40.93 -110.02 71.11
N CYS EA 189 41.64 -109.36 72.04
CA CYS EA 189 42.26 -108.08 71.71
C CYS EA 189 43.59 -107.86 72.41
N GLU EA 190 44.13 -108.85 73.11
CA GLU EA 190 45.39 -108.66 73.82
C GLU EA 190 46.55 -108.63 72.83
N PRO EA 191 47.66 -108.00 73.20
CA PRO EA 191 48.87 -108.09 72.37
C PRO EA 191 49.39 -109.51 72.28
N ALA EA 192 49.96 -109.84 71.12
CA ALA EA 192 50.44 -111.20 70.88
C ALA EA 192 51.70 -111.52 71.68
N GLY EA 193 52.39 -110.51 72.20
CA GLY EA 193 53.61 -110.75 72.96
C GLY EA 193 53.38 -110.78 74.45
N GLY EA 194 52.29 -111.41 74.89
CA GLY EA 194 51.94 -111.48 76.29
C GLY EA 194 51.10 -110.30 76.73
N LEU EA 195 50.58 -110.42 77.96
CA LEU EA 195 49.69 -109.40 78.51
C LEU EA 195 50.52 -108.21 78.97
N THR EA 196 50.40 -107.09 78.25
CA THR EA 196 51.02 -105.85 78.69
C THR EA 196 50.30 -105.19 79.86
N SER EA 197 49.06 -105.60 80.12
CA SER EA 197 48.28 -105.04 81.22
C SER EA 197 47.32 -106.11 81.72
N LEU EA 198 46.77 -105.86 82.92
CA LEU EA 198 45.84 -106.75 83.62
C LEU EA 198 46.49 -108.12 83.82
N THR EA 199 47.75 -108.11 84.24
CA THR EA 199 48.38 -109.34 84.72
C THR EA 199 47.96 -109.66 86.15
N GLU EA 200 47.73 -108.63 86.95
CA GLU EA 200 47.27 -108.83 88.32
C GLU EA 200 45.82 -109.30 88.33
N PRO EA 201 45.44 -110.13 89.31
CA PRO EA 201 44.04 -110.52 89.43
C PRO EA 201 43.16 -109.35 89.82
N PRO EA 202 41.88 -109.38 89.47
CA PRO EA 202 40.97 -108.31 89.90
C PRO EA 202 40.76 -108.33 91.41
N LYS EA 203 40.40 -107.16 91.95
CA LYS EA 203 40.41 -106.93 93.39
C LYS EA 203 39.06 -107.16 94.06
N GLY EA 204 38.00 -107.39 93.30
CA GLY EA 204 36.72 -107.75 93.86
C GLY EA 204 35.94 -106.59 94.44
N PRO EA 205 34.82 -106.89 95.09
CA PRO EA 205 33.95 -105.83 95.61
C PRO EA 205 34.52 -105.17 96.85
N GLY EA 206 33.99 -103.99 97.14
CA GLY EA 206 34.41 -103.22 98.31
C GLY EA 206 35.83 -102.72 98.25
N PHE EA 207 36.26 -102.22 97.10
CA PHE EA 207 37.64 -101.78 96.90
C PHE EA 207 37.62 -100.31 96.49
N GLY EA 208 38.27 -99.46 97.29
CA GLY EA 208 38.43 -98.07 96.96
C GLY EA 208 37.16 -97.25 97.01
N VAL EA 209 36.16 -97.70 97.78
CA VAL EA 209 34.91 -96.97 97.89
C VAL EA 209 35.10 -95.76 98.81
N GLN EA 210 34.22 -94.78 98.65
CA GLN EA 210 34.30 -93.54 99.43
C GLN EA 210 33.39 -93.63 100.64
N ALA EA 211 33.66 -92.75 101.60
CA ALA EA 211 32.83 -92.65 102.80
C ALA EA 211 31.46 -92.09 102.45
N GLY EA 212 30.44 -92.57 103.17
CA GLY EA 212 29.09 -92.16 102.91
C GLY EA 212 28.38 -92.92 101.82
N LEU EA 213 28.97 -93.99 101.30
CA LEU EA 213 28.34 -94.80 100.28
C LEU EA 213 28.61 -96.29 100.52
N SER FA 1 4.09 -57.32 77.06
CA SER FA 1 4.41 -57.70 75.68
C SER FA 1 5.48 -58.78 75.66
N ASN FA 2 5.16 -59.92 75.05
CA ASN FA 2 6.08 -61.04 74.94
C ASN FA 2 7.00 -60.94 73.73
N LEU FA 3 6.76 -59.98 72.83
CA LEU FA 3 7.57 -59.85 71.63
C LEU FA 3 8.97 -59.34 71.98
N ILE FA 4 9.97 -59.84 71.24
CA ILE FA 4 11.36 -59.48 71.49
C ILE FA 4 11.89 -58.69 70.29
N GLU FA 5 12.95 -57.95 70.54
CA GLU FA 5 13.60 -57.14 69.51
C GLU FA 5 14.87 -57.84 69.04
N VAL FA 6 15.02 -57.97 67.73
CA VAL FA 6 16.23 -58.49 67.12
C VAL FA 6 16.79 -57.43 66.18
N PHE FA 7 18.00 -57.68 65.70
CA PHE FA 7 18.71 -56.73 64.86
C PHE FA 7 19.09 -57.40 63.54
N VAL FA 8 18.78 -56.73 62.44
CA VAL FA 8 19.23 -57.13 61.11
C VAL FA 8 19.97 -55.97 60.47
N ASP FA 9 21.24 -56.20 60.13
CA ASP FA 9 22.12 -55.21 59.51
C ASP FA 9 22.22 -53.91 60.32
N GLY FA 10 22.20 -54.04 61.65
CA GLY FA 10 22.25 -52.89 62.51
C GLY FA 10 20.93 -52.17 62.71
N GLN FA 11 19.83 -52.73 62.24
CA GLN FA 11 18.51 -52.11 62.36
C GLN FA 11 17.62 -52.98 63.26
N SER FA 12 16.99 -52.34 64.24
CA SER FA 12 16.12 -53.05 65.16
C SER FA 12 14.78 -53.36 64.53
N VAL FA 13 14.21 -54.50 64.92
CA VAL FA 13 12.86 -54.89 64.51
C VAL FA 13 12.27 -55.73 65.64
N MET FA 14 10.94 -55.75 65.70
CA MET FA 14 10.20 -56.38 66.80
C MET FA 14 9.47 -57.59 66.26
N VAL FA 15 9.87 -58.78 66.70
CA VAL FA 15 9.30 -60.03 66.22
C VAL FA 15 8.73 -60.81 67.39
N GLU FA 16 7.90 -61.79 67.06
CA GLU FA 16 7.31 -62.70 68.04
C GLU FA 16 8.31 -63.77 68.45
N PRO FA 17 8.14 -64.38 69.62
CA PRO FA 17 8.92 -65.58 69.95
C PRO FA 17 8.56 -66.74 69.04
N GLY FA 18 9.55 -67.59 68.79
CA GLY FA 18 9.37 -68.69 67.87
C GLY FA 18 9.50 -68.33 66.42
N THR FA 19 9.87 -67.09 66.10
CA THR FA 19 10.00 -66.62 64.73
C THR FA 19 11.43 -66.87 64.25
N THR FA 20 11.55 -67.51 63.09
CA THR FA 20 12.86 -67.83 62.55
C THR FA 20 13.54 -66.57 62.01
N VAL FA 21 14.80 -66.75 61.58
CA VAL FA 21 15.58 -65.65 61.03
C VAL FA 21 14.99 -65.19 59.71
N LEU FA 22 14.53 -66.13 58.87
CA LEU FA 22 14.05 -65.80 57.54
C LEU FA 22 12.75 -65.01 57.62
N GLN FA 23 11.89 -65.31 58.60
CA GLN FA 23 10.65 -64.55 58.74
C GLN FA 23 10.93 -63.11 59.17
N ALA FA 24 11.92 -62.89 60.04
CA ALA FA 24 12.30 -61.54 60.42
C ALA FA 24 12.92 -60.79 59.24
N CYS FA 25 13.75 -61.47 58.46
CA CYS FA 25 14.35 -60.85 57.28
C CYS FA 25 13.29 -60.52 56.22
N GLU FA 26 12.23 -61.32 56.14
CA GLU FA 26 11.10 -60.96 55.27
C GLU FA 26 10.27 -59.84 55.89
N LYS FA 27 10.26 -59.73 57.22
CA LYS FA 27 9.57 -58.63 57.88
C LYS FA 27 10.26 -57.30 57.63
N VAL FA 28 11.58 -57.31 57.43
CA VAL FA 28 12.26 -56.07 57.10
C VAL FA 28 12.42 -55.93 55.59
N GLY FA 29 11.64 -56.71 54.84
CA GLY FA 29 11.57 -56.54 53.40
C GLY FA 29 12.78 -57.00 52.62
N MET FA 30 13.39 -58.10 53.02
CA MET FA 30 14.49 -58.70 52.27
C MET FA 30 14.21 -60.19 52.09
N GLN FA 31 14.81 -60.76 51.05
CA GLN FA 31 14.57 -62.16 50.68
C GLN FA 31 15.87 -62.93 50.74
N ILE FA 32 16.00 -63.78 51.76
CA ILE FA 32 17.13 -64.70 51.85
C ILE FA 32 16.95 -65.82 50.83
N PRO FA 33 17.97 -66.15 50.04
CA PRO FA 33 17.80 -67.21 49.03
C PRO FA 33 17.54 -68.57 49.66
N ARG FA 34 16.74 -69.38 48.96
CA ARG FA 34 16.28 -70.64 49.52
C ARG FA 34 15.94 -71.60 48.38
N PHE FA 35 15.97 -72.88 48.69
CA PHE FA 35 15.58 -73.92 47.77
C PHE FA 35 14.55 -74.88 48.36
N CYS FA 36 14.67 -75.20 49.65
CA CYS FA 36 13.80 -76.19 50.28
C CYS FA 36 12.77 -75.61 51.24
N TYR FA 37 12.96 -74.38 51.69
CA TYR FA 37 11.97 -73.75 52.57
C TYR FA 37 10.73 -73.39 51.79
N HIS FA 38 9.58 -73.52 52.44
CA HIS FA 38 8.32 -73.10 51.86
C HIS FA 38 7.42 -72.60 52.98
N GLU FA 39 6.68 -71.52 52.69
CA GLU FA 39 5.79 -70.96 53.70
C GLU FA 39 4.55 -71.79 53.94
N ARG FA 40 4.28 -72.79 53.09
CA ARG FA 40 3.14 -73.66 53.25
C ARG FA 40 3.53 -75.12 53.50
N LEU FA 41 4.83 -75.41 53.60
CA LEU FA 41 5.32 -76.75 53.86
C LEU FA 41 6.20 -76.74 55.09
N SER FA 42 6.44 -77.94 55.63
CA SER FA 42 7.26 -78.06 56.83
C SER FA 42 8.73 -77.78 56.51
N VAL FA 43 9.47 -77.39 57.54
CA VAL FA 43 10.87 -77.02 57.37
C VAL FA 43 11.71 -78.29 57.28
N ALA FA 44 12.51 -78.39 56.22
CA ALA FA 44 13.44 -79.50 56.04
C ALA FA 44 14.87 -79.14 56.42
N GLY FA 45 15.34 -77.96 55.99
CA GLY FA 45 16.66 -77.49 56.36
C GLY FA 45 17.82 -78.28 55.79
N ASN FA 46 17.73 -78.70 54.53
CA ASN FA 46 18.76 -79.52 53.93
C ASN FA 46 19.46 -78.88 52.74
N CYS FA 47 18.84 -77.91 52.07
CA CYS FA 47 19.49 -77.30 50.91
C CYS FA 47 20.67 -76.43 51.30
N ARG FA 48 20.66 -75.89 52.52
CA ARG FA 48 21.73 -75.11 53.13
C ARG FA 48 22.06 -73.82 52.35
N MET FA 49 21.14 -73.36 51.50
CA MET FA 49 21.33 -72.09 50.82
C MET FA 49 21.07 -70.90 51.73
N CYS FA 50 20.18 -71.06 52.71
CA CYS FA 50 19.73 -69.96 53.57
C CYS FA 50 20.72 -69.63 54.68
N LEU FA 51 21.97 -70.10 54.59
CA LEU FA 51 22.94 -69.88 55.65
C LEU FA 51 23.30 -68.40 55.77
N VAL FA 52 23.17 -67.85 56.98
CA VAL FA 52 23.55 -66.49 57.28
C VAL FA 52 24.44 -66.51 58.51
N GLU FA 53 25.00 -65.35 58.84
CA GLU FA 53 25.91 -65.23 59.97
C GLU FA 53 25.30 -64.33 61.04
N ILE FA 54 25.20 -64.85 62.25
CA ILE FA 54 24.93 -64.04 63.43
C ILE FA 54 26.27 -63.48 63.91
N GLU FA 55 26.29 -62.20 64.27
CA GLU FA 55 27.55 -61.59 64.69
C GLU FA 55 27.97 -62.14 66.05
N LYS FA 56 29.29 -62.10 66.29
CA LYS FA 56 29.93 -62.68 67.47
C LYS FA 56 29.59 -64.18 67.61
N ALA FA 57 29.55 -64.87 66.48
CA ALA FA 57 29.23 -66.30 66.44
C ALA FA 57 29.92 -66.90 65.23
N PRO FA 58 31.01 -67.66 65.42
CA PRO FA 58 31.81 -68.18 64.31
C PRO FA 58 31.28 -69.48 63.70
N LYS FA 59 29.97 -69.51 63.46
CA LYS FA 59 29.36 -70.61 62.72
C LYS FA 59 28.07 -70.12 62.08
N VAL FA 60 27.90 -70.39 60.80
CA VAL FA 60 26.72 -69.95 60.08
C VAL FA 60 25.53 -70.82 60.46
N VAL FA 61 24.38 -70.19 60.67
CA VAL FA 61 23.15 -70.88 61.03
C VAL FA 61 22.19 -70.83 59.85
N ALA FA 62 21.31 -71.82 59.79
CA ALA FA 62 20.31 -71.89 58.73
C ALA FA 62 19.14 -71.00 59.09
N ALA FA 63 18.89 -69.97 58.27
CA ALA FA 63 17.86 -68.99 58.59
C ALA FA 63 16.46 -69.55 58.48
N CYS FA 64 16.28 -70.69 57.81
CA CYS FA 64 14.97 -71.30 57.68
C CYS FA 64 14.62 -72.21 58.85
N ALA FA 65 15.55 -72.47 59.76
CA ALA FA 65 15.29 -73.40 60.85
C ALA FA 65 15.85 -72.95 62.20
N MET FA 66 16.42 -71.74 62.29
CA MET FA 66 16.99 -71.29 63.55
C MET FA 66 16.08 -70.24 64.17
N PRO FA 67 15.48 -70.51 65.33
CA PRO FA 67 14.72 -69.47 66.02
C PRO FA 67 15.65 -68.37 66.52
N VAL FA 68 15.11 -67.15 66.55
CA VAL FA 68 15.89 -66.00 66.97
C VAL FA 68 15.80 -65.85 68.48
N MET FA 69 16.71 -65.05 69.04
CA MET FA 69 16.71 -64.71 70.46
C MET FA 69 16.99 -63.22 70.60
N LYS FA 70 16.71 -62.71 71.80
CA LYS FA 70 16.84 -61.29 72.07
C LYS FA 70 18.31 -60.87 72.04
N GLY FA 71 18.59 -59.75 71.36
CA GLY FA 71 19.93 -59.23 71.25
C GLY FA 71 20.74 -59.73 70.08
N TRP FA 72 20.20 -60.64 69.29
CA TRP FA 72 20.92 -61.16 68.14
C TRP FA 72 21.02 -60.11 67.03
N ASN FA 73 22.18 -60.03 66.41
CA ASN FA 73 22.41 -59.20 65.23
C ASN FA 73 22.73 -60.10 64.05
N ILE FA 74 21.99 -59.92 62.96
CA ILE FA 74 22.08 -60.80 61.80
C ILE FA 74 22.70 -60.01 60.65
N LEU FA 75 23.79 -60.53 60.10
CA LEU FA 75 24.49 -59.90 58.99
C LEU FA 75 24.18 -60.71 57.73
N THR FA 76 23.31 -60.16 56.88
CA THR FA 76 22.87 -60.84 55.67
C THR FA 76 23.68 -60.48 54.45
N ASN FA 77 24.71 -59.63 54.59
CA ASN FA 77 25.52 -59.21 53.45
C ASN FA 77 27.00 -59.23 53.77
N SER FA 78 27.42 -60.03 54.75
CA SER FA 78 28.82 -60.09 55.12
C SER FA 78 29.60 -60.96 54.14
N GLU FA 79 30.90 -61.11 54.39
CA GLU FA 79 31.75 -61.87 53.48
C GLU FA 79 31.51 -63.36 53.59
N LYS FA 80 31.38 -63.88 54.81
CA LYS FA 80 31.24 -65.33 54.98
C LYS FA 80 29.87 -65.83 54.54
N THR FA 81 28.84 -64.98 54.62
CA THR FA 81 27.53 -65.36 54.09
C THR FA 81 27.59 -65.52 52.58
N LYS FA 82 28.25 -64.60 51.89
CA LYS FA 82 28.41 -64.70 50.44
C LYS FA 82 29.29 -65.89 50.07
N LYS FA 83 30.33 -66.16 50.87
CA LYS FA 83 31.17 -67.33 50.61
C LYS FA 83 30.37 -68.63 50.76
N ALA FA 84 29.53 -68.72 51.80
CA ALA FA 84 28.71 -69.89 51.99
C ALA FA 84 27.69 -70.05 50.86
N ARG FA 85 27.08 -68.94 50.43
CA ARG FA 85 26.14 -68.99 49.31
C ARG FA 85 26.81 -69.45 48.03
N GLU FA 86 28.01 -68.93 47.75
CA GLU FA 86 28.74 -69.33 46.56
C GLU FA 86 29.15 -70.80 46.61
N GLY FA 87 29.56 -71.27 47.79
CA GLY FA 87 29.92 -72.68 47.94
C GLY FA 87 28.73 -73.61 47.76
N VAL FA 88 27.59 -73.26 48.34
CA VAL FA 88 26.38 -74.08 48.18
C VAL FA 88 25.91 -74.07 46.73
N MET FA 89 26.00 -72.90 46.07
CA MET FA 89 25.63 -72.82 44.66
C MET FA 89 26.56 -73.66 43.79
N GLU FA 90 27.86 -73.65 44.07
CA GLU FA 90 28.81 -74.45 43.32
C GLU FA 90 28.56 -75.94 43.53
N PHE FA 91 28.24 -76.34 44.76
CA PHE FA 91 27.93 -77.74 45.02
C PHE FA 91 26.64 -78.16 44.32
N LEU FA 92 25.64 -77.28 44.28
CA LEU FA 92 24.39 -77.59 43.58
C LEU FA 92 24.60 -77.70 42.08
N LEU FA 93 25.41 -76.82 41.52
CA LEU FA 93 25.68 -76.82 40.08
C LEU FA 93 26.79 -77.79 39.68
N ALA FA 94 27.38 -78.50 40.63
CA ALA FA 94 28.43 -79.47 40.30
C ALA FA 94 27.90 -80.61 39.45
N ASN FA 95 26.73 -81.17 39.80
CA ASN FA 95 26.18 -82.32 39.10
C ASN FA 95 24.95 -81.98 38.27
N HIS FA 96 24.62 -80.70 38.14
CA HIS FA 96 23.45 -80.31 37.35
C HIS FA 96 23.74 -80.49 35.86
N PRO FA 97 22.80 -81.05 35.09
CA PRO FA 97 23.09 -81.32 33.68
C PRO FA 97 22.84 -80.10 32.80
N LEU FA 98 23.61 -80.04 31.71
CA LEU FA 98 23.56 -78.93 30.76
C LEU FA 98 22.34 -79.11 29.87
N ASP FA 99 21.17 -78.77 30.43
CA ASP FA 99 19.90 -78.99 29.74
C ASP FA 99 19.07 -77.72 29.61
N CYS FA 100 19.66 -76.55 29.87
CA CYS FA 100 18.88 -75.31 29.90
C CYS FA 100 18.14 -74.97 28.60
N PRO FA 101 18.71 -75.11 27.40
CA PRO FA 101 17.89 -74.85 26.19
C PRO FA 101 16.70 -75.79 26.02
N ILE FA 102 16.79 -77.04 26.47
CA ILE FA 102 15.73 -78.02 26.23
C ILE FA 102 14.92 -78.28 27.51
N CYS FA 103 14.87 -77.31 28.42
CA CYS FA 103 14.16 -77.47 29.68
C CYS FA 103 13.12 -76.37 29.83
N ASP FA 104 11.91 -76.76 30.24
CA ASP FA 104 10.80 -75.82 30.30
C ASP FA 104 10.92 -74.82 31.44
N GLN FA 105 11.77 -75.09 32.42
CA GLN FA 105 11.95 -74.18 33.53
C GLN FA 105 12.79 -72.95 33.18
N GLY FA 106 13.44 -72.96 32.01
CA GLY FA 106 14.25 -71.85 31.57
C GLY FA 106 13.47 -70.56 31.42
N GLY FA 107 14.00 -69.47 32.00
CA GLY FA 107 13.32 -68.20 32.04
C GLY FA 107 12.55 -67.97 33.33
N GLU FA 108 12.19 -69.04 34.04
CA GLU FA 108 11.55 -68.96 35.35
C GLU FA 108 12.20 -69.91 36.33
N CYS FA 109 13.48 -70.23 36.11
CA CYS FA 109 14.19 -71.18 36.95
C CYS FA 109 14.74 -70.48 38.18
N ASP FA 110 14.52 -71.07 39.36
CA ASP FA 110 15.09 -70.54 40.58
C ASP FA 110 16.60 -70.74 40.61
N LEU FA 111 17.07 -71.88 40.12
CA LEU FA 111 18.49 -72.20 40.16
C LEU FA 111 19.30 -71.23 39.32
N GLN FA 112 18.84 -70.94 38.10
CA GLN FA 112 19.52 -69.97 37.25
C GLN FA 112 19.49 -68.56 37.86
N ASP FA 113 18.34 -68.17 38.41
CA ASP FA 113 18.19 -66.81 38.94
C ASP FA 113 19.11 -66.58 40.13
N GLN FA 114 19.07 -67.48 41.11
CA GLN FA 114 19.97 -67.30 42.25
C GLN FA 114 21.42 -67.67 41.94
N SER FA 115 21.69 -68.41 40.87
CA SER FA 115 23.07 -68.56 40.43
C SER FA 115 23.62 -67.26 39.87
N MET FA 116 22.80 -66.53 39.12
CA MET FA 116 23.22 -65.21 38.65
C MET FA 116 23.34 -64.23 39.82
N MET FA 117 22.38 -64.26 40.75
CA MET FA 117 22.35 -63.25 41.80
C MET FA 117 23.40 -63.48 42.87
N PHE FA 118 23.60 -64.72 43.33
CA PHE FA 118 24.45 -65.00 44.47
C PHE FA 118 25.59 -65.96 44.19
N GLY FA 119 25.54 -66.72 43.11
CA GLY FA 119 26.59 -67.68 42.82
C GLY FA 119 27.80 -67.05 42.15
N SER FA 120 28.75 -67.90 41.78
CA SER FA 120 29.94 -67.47 41.07
C SER FA 120 29.65 -67.40 39.58
N ASP FA 121 30.70 -67.24 38.77
CA ASP FA 121 30.54 -67.10 37.33
C ASP FA 121 31.24 -68.18 36.53
N ARG FA 122 31.82 -69.18 37.17
CA ARG FA 122 32.49 -70.27 36.46
C ARG FA 122 32.48 -71.53 37.31
N SER FA 123 32.70 -72.66 36.66
CA SER FA 123 32.66 -73.96 37.29
C SER FA 123 34.06 -74.56 37.34
N ARG FA 124 34.47 -75.01 38.52
CA ARG FA 124 35.75 -75.67 38.71
C ARG FA 124 35.64 -77.19 38.66
N PHE FA 125 34.45 -77.73 38.39
CA PHE FA 125 34.23 -79.17 38.35
C PHE FA 125 34.71 -79.70 37.00
N LEU FA 126 35.85 -80.38 37.00
CA LEU FA 126 36.45 -80.91 35.78
C LEU FA 126 36.21 -82.41 35.60
N GLU FA 127 35.40 -83.01 36.46
CA GLU FA 127 35.13 -84.44 36.41
C GLU FA 127 33.85 -84.70 35.62
N GLY FA 128 33.40 -85.95 35.62
CA GLY FA 128 32.17 -86.34 34.94
C GLY FA 128 31.00 -86.33 35.92
N LYS FA 129 29.90 -85.75 35.47
CA LYS FA 129 28.71 -85.61 36.30
C LYS FA 129 27.99 -86.95 36.43
N ARG FA 130 26.97 -86.97 37.27
CA ARG FA 130 26.14 -88.15 37.49
C ARG FA 130 24.98 -88.18 36.50
N ALA FA 131 24.33 -89.33 36.42
CA ALA FA 131 23.16 -89.51 35.57
C ALA FA 131 22.16 -90.37 36.30
N VAL FA 132 20.92 -89.88 36.41
CA VAL FA 132 19.87 -90.53 37.18
C VAL FA 132 18.83 -91.08 36.21
N GLU FA 133 18.42 -92.33 36.45
CA GLU FA 133 17.42 -92.97 35.60
C GLU FA 133 16.07 -92.29 35.74
N ASP FA 134 15.41 -92.05 34.60
CA ASP FA 134 14.14 -91.36 34.57
C ASP FA 134 13.01 -92.26 35.07
N LYS FA 135 11.88 -91.64 35.41
CA LYS FA 135 10.72 -92.34 35.92
C LYS FA 135 9.48 -91.88 35.19
N ASN FA 136 8.43 -92.70 35.26
CA ASN FA 136 7.13 -92.42 34.64
C ASN FA 136 6.08 -92.48 35.73
N ILE FA 137 5.64 -91.32 36.21
CA ILE FA 137 4.73 -91.23 37.35
C ILE FA 137 3.35 -90.75 36.94
N GLY FA 138 3.03 -90.74 35.66
CA GLY FA 138 1.70 -90.39 35.22
C GLY FA 138 1.68 -89.67 33.89
N PRO FA 139 0.48 -89.42 33.36
CA PRO FA 139 0.33 -88.71 32.10
C PRO FA 139 0.23 -87.20 32.22
N LEU FA 140 0.43 -86.64 33.41
CA LEU FA 140 0.32 -85.20 33.63
C LEU FA 140 1.65 -84.53 33.95
N VAL FA 141 2.50 -85.19 34.72
CA VAL FA 141 3.76 -84.61 35.18
C VAL FA 141 4.89 -85.30 34.44
N LYS FA 142 5.48 -84.61 33.46
CA LYS FA 142 6.66 -85.11 32.79
C LYS FA 142 7.84 -85.07 33.75
N THR FA 143 8.55 -86.19 33.86
CA THR FA 143 9.56 -86.41 34.89
C THR FA 143 10.90 -86.63 34.23
N ILE FA 144 11.89 -85.82 34.59
CA ILE FA 144 13.29 -86.03 34.23
C ILE FA 144 14.08 -85.86 35.52
N MET FA 145 14.47 -86.98 36.13
CA MET FA 145 15.07 -86.97 37.46
C MET FA 145 16.54 -86.58 37.45
N THR FA 146 17.15 -86.42 36.28
CA THR FA 146 18.56 -86.03 36.22
C THR FA 146 18.77 -84.60 36.70
N ARG FA 147 17.76 -83.75 36.57
CA ARG FA 147 17.88 -82.33 36.91
C ARG FA 147 17.49 -82.03 38.34
N CYS FA 148 17.10 -83.03 39.14
CA CYS FA 148 16.66 -82.77 40.49
C CYS FA 148 17.83 -82.41 41.39
N ILE FA 149 17.52 -81.68 42.47
CA ILE FA 149 18.52 -81.23 43.42
C ILE FA 149 18.26 -81.78 44.82
N GLN FA 150 17.33 -82.73 44.96
CA GLN FA 150 16.95 -83.35 46.22
C GLN FA 150 16.51 -82.31 47.26
N CYS FA 151 15.63 -81.40 46.83
CA CYS FA 151 15.09 -80.39 47.72
C CYS FA 151 14.03 -80.94 48.65
N THR FA 152 13.41 -82.08 48.30
CA THR FA 152 12.38 -82.76 49.09
C THR FA 152 11.18 -81.86 49.38
N ARG FA 153 10.70 -81.15 48.36
CA ARG FA 153 9.36 -80.57 48.41
C ARG FA 153 8.32 -81.53 47.87
N CYS FA 154 8.74 -82.42 46.98
CA CYS FA 154 7.93 -83.56 46.55
C CYS FA 154 7.43 -84.34 47.75
N ILE FA 155 8.34 -84.67 48.66
CA ILE FA 155 8.06 -85.62 49.72
C ILE FA 155 7.10 -84.99 50.72
N ARG FA 156 7.37 -83.75 51.10
CA ARG FA 156 6.54 -83.04 52.06
C ARG FA 156 5.17 -82.73 51.48
N PHE FA 157 5.09 -82.39 50.19
CA PHE FA 157 3.79 -82.16 49.57
C PHE FA 157 2.98 -83.44 49.49
N ALA FA 158 3.61 -84.56 49.14
CA ALA FA 158 2.88 -85.81 49.04
C ALA FA 158 2.50 -86.38 50.40
N SER FA 159 3.22 -86.02 51.46
CA SER FA 159 2.94 -86.57 52.78
C SER FA 159 2.14 -85.64 53.68
N GLU FA 160 2.00 -84.37 53.34
CA GLU FA 160 1.35 -83.42 54.25
C GLU FA 160 0.10 -82.78 53.69
N ILE FA 161 0.10 -82.36 52.44
CA ILE FA 161 -1.05 -81.68 51.85
C ILE FA 161 -1.89 -82.61 51.00
N ALA FA 162 -1.27 -83.31 50.05
CA ALA FA 162 -1.99 -84.32 49.28
C ALA FA 162 -2.31 -85.53 50.15
N GLY FA 163 -1.39 -85.92 51.02
CA GLY FA 163 -1.60 -87.04 51.92
C GLY FA 163 -1.73 -88.38 51.24
N VAL FA 164 -0.97 -88.60 50.16
CA VAL FA 164 -1.09 -89.83 49.38
C VAL FA 164 -0.02 -90.80 49.85
N ASP FA 165 1.14 -90.27 50.25
CA ASP FA 165 2.28 -91.02 50.77
C ASP FA 165 2.77 -92.05 49.75
N ASP FA 166 3.16 -91.55 48.58
CA ASP FA 166 3.71 -92.38 47.52
C ASP FA 166 5.17 -92.05 47.19
N LEU FA 167 5.57 -90.79 47.33
CA LEU FA 167 6.93 -90.40 46.98
C LEU FA 167 7.88 -90.66 48.13
N GLY FA 168 9.15 -90.85 47.79
CA GLY FA 168 10.17 -91.13 48.79
C GLY FA 168 11.55 -90.91 48.21
N THR FA 169 12.55 -91.09 49.07
CA THR FA 169 13.95 -90.91 48.71
C THR FA 169 14.66 -92.26 48.85
N THR FA 170 14.97 -92.89 47.72
CA THR FA 170 15.61 -94.19 47.72
C THR FA 170 17.12 -94.04 47.58
N GLY FA 171 17.85 -94.93 48.24
CA GLY FA 171 19.30 -94.95 48.14
C GLY FA 171 19.97 -94.03 49.13
N ARG FA 172 21.30 -94.12 49.17
CA ARG FA 172 22.11 -93.39 50.12
C ARG FA 172 23.18 -92.61 49.37
N GLY FA 173 23.58 -91.48 49.95
CA GLY FA 173 24.64 -90.69 49.35
C GLY FA 173 24.16 -89.93 48.12
N ASN FA 174 25.11 -89.62 47.24
CA ASN FA 174 24.82 -88.88 46.02
C ASN FA 174 24.00 -89.68 45.02
N ASP FA 175 23.86 -90.99 45.21
CA ASP FA 175 23.07 -91.84 44.33
C ASP FA 175 21.61 -91.92 44.77
N MET FA 176 21.21 -91.15 45.77
CA MET FA 176 19.83 -91.17 46.22
C MET FA 176 18.92 -90.48 45.21
N GLN FA 177 17.87 -91.18 44.81
CA GLN FA 177 16.92 -90.69 43.82
C GLN FA 177 15.56 -90.46 44.48
N VAL FA 178 14.89 -89.39 44.08
CA VAL FA 178 13.55 -89.09 44.56
C VAL FA 178 12.57 -89.79 43.64
N GLY FA 179 11.93 -90.84 44.15
CA GLY FA 179 11.02 -91.62 43.35
C GLY FA 179 10.11 -92.46 44.21
N THR FA 180 9.46 -93.43 43.56
CA THR FA 180 8.50 -94.30 44.23
C THR FA 180 8.99 -95.74 44.37
N TYR FA 181 10.19 -96.05 43.84
CA TYR FA 181 10.89 -97.34 43.92
C TYR FA 181 10.24 -98.42 43.06
N ILE FA 182 9.04 -98.14 42.52
CA ILE FA 182 8.33 -99.06 41.65
C ILE FA 182 7.63 -98.21 40.60
N GLU FA 183 7.08 -98.89 39.59
CA GLU FA 183 6.28 -98.20 38.58
C GLU FA 183 4.92 -97.89 39.19
N LYS FA 184 4.90 -96.86 40.03
CA LYS FA 184 3.69 -96.41 40.71
C LYS FA 184 3.19 -95.14 40.01
N MET FA 185 1.94 -95.19 39.57
CA MET FA 185 1.33 -94.05 38.88
C MET FA 185 0.74 -93.10 39.92
N PHE FA 186 1.48 -92.06 40.24
CA PHE FA 186 1.04 -91.07 41.23
C PHE FA 186 -0.07 -90.23 40.62
N MET FA 187 -1.32 -90.51 41.00
CA MET FA 187 -2.48 -89.75 40.56
C MET FA 187 -3.29 -89.30 41.77
N SER FA 188 -3.60 -88.01 41.84
CA SER FA 188 -4.39 -87.47 42.93
C SER FA 188 -5.09 -86.21 42.41
N GLU FA 189 -5.90 -85.61 43.28
CA GLU FA 189 -6.64 -84.41 42.91
C GLU FA 189 -5.78 -83.16 42.95
N LEU FA 190 -4.57 -83.24 43.51
CA LEU FA 190 -3.67 -82.09 43.62
C LEU FA 190 -2.26 -82.47 43.18
N SER FA 191 -2.16 -83.29 42.13
CA SER FA 191 -0.85 -83.76 41.68
C SER FA 191 -0.06 -82.64 41.01
N GLY FA 192 -0.69 -81.92 40.08
CA GLY FA 192 -0.01 -80.94 39.26
C GLY FA 192 0.61 -79.79 40.02
N ASN FA 193 0.16 -79.57 41.26
CA ASN FA 193 0.76 -78.53 42.10
C ASN FA 193 2.22 -78.81 42.43
N ILE FA 194 2.68 -80.06 42.30
CA ILE FA 194 4.12 -80.30 42.49
C ILE FA 194 4.92 -79.60 41.41
N ILE FA 195 4.34 -79.42 40.22
CA ILE FA 195 4.99 -78.67 39.15
C ILE FA 195 5.16 -77.21 39.55
N ASP FA 196 4.28 -76.72 40.44
CA ASP FA 196 4.47 -75.38 40.98
C ASP FA 196 5.69 -75.32 41.89
N ILE FA 197 5.90 -76.35 42.71
CA ILE FA 197 6.88 -76.24 43.79
C ILE FA 197 8.22 -76.85 43.45
N CYS FA 198 8.42 -77.30 42.21
CA CYS FA 198 9.74 -77.75 41.81
C CYS FA 198 10.57 -76.55 41.39
N PRO FA 199 11.65 -76.22 42.12
CA PRO FA 199 12.47 -75.07 41.74
C PRO FA 199 13.31 -75.32 40.49
N VAL FA 200 13.41 -76.56 40.05
CA VAL FA 200 14.19 -76.90 38.86
C VAL FA 200 13.26 -77.49 37.81
N GLY FA 201 13.81 -77.89 36.67
CA GLY FA 201 13.00 -78.43 35.60
C GLY FA 201 12.85 -79.94 35.65
N ALA FA 202 13.03 -80.52 36.85
CA ALA FA 202 12.89 -81.97 37.00
C ALA FA 202 11.46 -82.43 36.74
N LEU FA 203 10.48 -81.69 37.25
CA LEU FA 203 9.07 -81.97 37.01
C LEU FA 203 8.47 -80.84 36.18
N THR FA 204 7.85 -81.19 35.06
CA THR FA 204 7.25 -80.21 34.18
C THR FA 204 5.84 -80.65 33.81
N SER FA 205 5.06 -79.72 33.26
CA SER FA 205 3.72 -80.04 32.80
C SER FA 205 3.80 -80.71 31.44
N LYS FA 206 3.27 -81.94 31.34
CA LYS FA 206 3.35 -82.69 30.10
C LYS FA 206 2.59 -82.06 28.93
N PRO FA 207 1.35 -81.57 29.07
CA PRO FA 207 0.74 -80.85 27.92
C PRO FA 207 1.46 -79.56 27.58
N TYR FA 208 2.01 -78.86 28.57
CA TYR FA 208 2.71 -77.61 28.34
C TYR FA 208 4.16 -77.81 27.89
N ALA FA 209 4.65 -79.04 27.93
CA ALA FA 209 6.07 -79.31 27.66
C ALA FA 209 6.43 -78.99 26.22
N PHE FA 210 7.52 -78.24 26.06
CA PHE FA 210 8.10 -77.88 24.75
C PHE FA 210 7.10 -77.12 23.88
N THR FA 211 6.32 -76.23 24.49
CA THR FA 211 5.31 -75.46 23.79
C THR FA 211 5.55 -73.96 23.82
N ALA FA 212 6.01 -73.41 24.93
CA ALA FA 212 6.17 -71.98 25.06
C ALA FA 212 7.37 -71.69 25.96
N ARG FA 213 7.51 -70.43 26.36
CA ARG FA 213 8.62 -69.94 27.16
C ARG FA 213 8.08 -68.78 27.98
N PRO FA 214 8.41 -68.71 29.28
CA PRO FA 214 7.72 -67.75 30.16
C PRO FA 214 7.97 -66.29 29.86
N TRP FA 215 9.05 -65.91 29.17
CA TRP FA 215 9.29 -64.49 28.97
C TRP FA 215 8.43 -63.89 27.87
N GLU FA 216 7.85 -64.70 26.99
CA GLU FA 216 7.00 -64.22 25.91
C GLU FA 216 5.52 -64.40 26.20
N THR FA 217 5.15 -64.72 27.44
CA THR FA 217 3.78 -64.98 27.83
C THR FA 217 3.20 -63.81 28.61
N ARG FA 218 2.05 -63.32 28.18
CA ARG FA 218 1.30 -62.32 28.93
C ARG FA 218 0.45 -63.01 29.99
N LYS FA 219 0.44 -62.44 31.18
CA LYS FA 219 -0.30 -63.00 32.31
C LYS FA 219 -1.58 -62.20 32.51
N THR FA 220 -2.72 -62.89 32.51
CA THR FA 220 -4.03 -62.26 32.73
C THR FA 220 -4.72 -62.98 33.88
N GLU FA 221 -5.04 -62.24 34.94
CA GLU FA 221 -5.66 -62.85 36.11
C GLU FA 221 -7.14 -63.10 35.86
N SER FA 222 -7.66 -64.20 36.41
CA SER FA 222 -9.02 -64.63 36.17
C SER FA 222 -9.47 -65.52 37.32
N ILE FA 223 -10.70 -66.04 37.20
CA ILE FA 223 -11.30 -66.89 38.22
C ILE FA 223 -11.65 -68.23 37.58
N ASP FA 224 -11.43 -69.30 38.33
CA ASP FA 224 -11.82 -70.63 37.86
C ASP FA 224 -13.34 -70.81 37.93
N VAL FA 225 -13.89 -71.45 36.92
CA VAL FA 225 -15.32 -71.73 36.85
C VAL FA 225 -15.64 -73.21 36.79
N MET FA 226 -14.62 -74.08 36.69
CA MET FA 226 -14.87 -75.51 36.62
C MET FA 226 -15.47 -76.04 37.93
N ASP FA 227 -15.03 -75.50 39.06
CA ASP FA 227 -15.58 -75.86 40.35
C ASP FA 227 -16.09 -74.60 41.05
N ALA FA 228 -16.89 -74.81 42.09
CA ALA FA 228 -17.55 -73.73 42.80
C ALA FA 228 -16.70 -73.15 43.93
N VAL FA 229 -15.44 -73.57 44.05
CA VAL FA 229 -14.55 -72.97 45.04
C VAL FA 229 -14.22 -71.54 44.67
N GLY FA 230 -14.19 -71.22 43.38
CA GLY FA 230 -13.83 -69.88 42.95
C GLY FA 230 -12.35 -69.64 43.08
N SER FA 231 -11.54 -70.47 42.40
CA SER FA 231 -10.09 -70.36 42.51
C SER FA 231 -9.60 -69.15 41.73
N ASN FA 232 -8.78 -68.33 42.39
CA ASN FA 232 -8.13 -67.22 41.71
C ASN FA 232 -6.93 -67.76 40.94
N ILE FA 233 -6.94 -67.61 39.62
CA ILE FA 233 -5.91 -68.16 38.75
C ILE FA 233 -5.36 -67.05 37.87
N VAL FA 234 -4.32 -67.39 37.12
CA VAL FA 234 -3.77 -66.53 36.09
C VAL FA 234 -3.57 -67.40 34.84
N VAL FA 235 -3.74 -66.78 33.68
CA VAL FA 235 -3.59 -67.44 32.40
C VAL FA 235 -2.41 -66.82 31.68
N SER FA 236 -1.43 -67.64 31.36
CA SER FA 236 -0.30 -67.24 30.53
C SER FA 236 -0.64 -67.54 29.08
N THR FA 237 -0.70 -66.49 28.26
CA THR FA 237 -1.07 -66.57 26.86
C THR FA 237 0.09 -66.11 25.99
N ARG FA 238 0.10 -66.59 24.74
CA ARG FA 238 1.15 -66.26 23.79
C ARG FA 238 0.51 -65.94 22.46
N THR FA 239 0.53 -64.65 22.09
CA THR FA 239 0.03 -64.14 20.81
C THR FA 239 -1.43 -64.52 20.56
N GLY FA 240 -2.29 -64.20 21.55
CA GLY FA 240 -3.70 -64.46 21.40
C GLY FA 240 -4.10 -65.92 21.49
N GLU FA 241 -3.27 -66.76 22.12
CA GLU FA 241 -3.55 -68.18 22.27
C GLU FA 241 -3.30 -68.56 23.72
N VAL FA 242 -4.24 -69.30 24.31
CA VAL FA 242 -4.12 -69.70 25.71
C VAL FA 242 -3.07 -70.80 25.82
N MET FA 243 -2.03 -70.56 26.61
CA MET FA 243 -0.94 -71.52 26.77
C MET FA 243 -1.06 -72.32 28.07
N ARG FA 244 -1.10 -71.64 29.22
CA ARG FA 244 -1.09 -72.38 30.46
C ARG FA 244 -1.85 -71.62 31.55
N ILE FA 245 -2.20 -72.35 32.62
CA ILE FA 245 -2.96 -71.82 33.74
C ILE FA 245 -2.17 -72.07 35.02
N LEU FA 246 -2.00 -71.02 35.82
CA LEU FA 246 -1.27 -71.07 37.07
C LEU FA 246 -2.16 -70.55 38.20
N PRO FA 247 -1.87 -70.91 39.45
CA PRO FA 247 -2.65 -70.37 40.57
C PRO FA 247 -2.23 -68.94 40.90
N ARG FA 248 -2.99 -68.33 41.82
CA ARG FA 248 -2.71 -67.01 42.34
C ARG FA 248 -2.70 -67.06 43.85
N MET FA 249 -1.97 -66.12 44.46
CA MET FA 249 -1.80 -66.09 45.91
C MET FA 249 -3.00 -65.41 46.55
N HIS FA 250 -4.02 -66.22 46.84
CA HIS FA 250 -5.18 -65.77 47.61
C HIS FA 250 -5.31 -66.66 48.84
N GLU FA 251 -4.94 -66.11 50.00
CA GLU FA 251 -4.83 -66.89 51.24
C GLU FA 251 -6.16 -67.39 51.76
N ASP FA 252 -7.28 -66.89 51.25
CA ASP FA 252 -8.58 -67.25 51.79
C ASP FA 252 -9.24 -68.42 51.08
N ILE FA 253 -8.83 -68.75 49.85
CA ILE FA 253 -9.52 -69.79 49.09
C ILE FA 253 -8.55 -70.91 48.70
N ASN FA 254 -7.57 -70.57 47.86
CA ASN FA 254 -6.80 -71.55 47.12
C ASN FA 254 -5.30 -71.23 47.20
N GLU FA 255 -4.80 -71.08 48.44
CA GLU FA 255 -3.64 -70.27 48.84
C GLU FA 255 -2.51 -70.17 47.81
N GLU FA 256 -1.99 -71.29 47.33
CA GLU FA 256 -1.21 -71.28 46.11
C GLU FA 256 -1.45 -72.53 45.25
N TRP FA 257 -2.45 -73.34 45.57
CA TRP FA 257 -2.70 -74.60 44.88
C TRP FA 257 -3.96 -74.49 44.03
N ILE FA 258 -4.03 -75.36 43.01
CA ILE FA 258 -5.24 -75.56 42.22
C ILE FA 258 -5.41 -77.05 41.99
N SER FA 259 -6.62 -77.43 41.60
CA SER FA 259 -6.89 -78.81 41.22
C SER FA 259 -6.32 -79.09 39.83
N ASP FA 260 -6.35 -80.36 39.44
CA ASP FA 260 -5.83 -80.74 38.13
C ASP FA 260 -6.77 -80.35 37.01
N LYS FA 261 -8.07 -80.26 37.30
CA LYS FA 261 -9.04 -79.88 36.28
C LYS FA 261 -8.82 -78.43 35.84
N THR FA 262 -8.60 -77.53 36.80
CA THR FA 262 -8.26 -76.14 36.48
C THR FA 262 -6.92 -76.07 35.76
N ARG FA 263 -5.98 -76.92 36.15
CA ARG FA 263 -4.64 -76.86 35.58
C ARG FA 263 -4.60 -77.38 34.15
N PHE FA 264 -5.55 -78.25 33.77
CA PHE FA 264 -5.46 -78.90 32.45
C PHE FA 264 -6.79 -78.86 31.70
N ALA FA 265 -7.64 -77.87 31.96
CA ALA FA 265 -8.85 -77.70 31.17
C ALA FA 265 -8.67 -76.91 29.88
N TYR FA 266 -7.50 -76.31 29.64
CA TYR FA 266 -7.36 -75.43 28.48
C TYR FA 266 -7.34 -76.20 27.17
N ASP FA 267 -6.87 -77.46 27.20
CA ASP FA 267 -6.87 -78.28 25.99
C ASP FA 267 -8.28 -78.57 25.53
N GLY FA 268 -9.19 -78.82 26.48
CA GLY FA 268 -10.60 -78.91 26.14
C GLY FA 268 -11.19 -77.57 25.79
N LEU FA 269 -10.65 -76.49 26.36
CA LEU FA 269 -11.13 -75.15 26.03
C LEU FA 269 -10.83 -74.78 24.59
N LYS FA 270 -9.77 -75.33 24.00
CA LYS FA 270 -9.41 -75.02 22.63
C LYS FA 270 -9.85 -76.09 21.63
N ARG FA 271 -10.89 -76.86 21.96
CA ARG FA 271 -11.40 -77.88 21.05
C ARG FA 271 -12.92 -77.95 21.15
N GLN FA 272 -13.53 -78.43 20.07
CA GLN FA 272 -14.98 -78.64 19.95
C GLN FA 272 -15.77 -77.35 20.22
N ARG FA 273 -15.23 -76.22 19.76
CA ARG FA 273 -15.87 -74.94 19.99
C ARG FA 273 -16.97 -74.70 18.97
N LEU FA 274 -17.84 -73.74 19.30
CA LEU FA 274 -18.85 -73.24 18.38
C LEU FA 274 -18.41 -71.88 17.87
N THR FA 275 -18.21 -71.77 16.55
CA THR FA 275 -17.63 -70.58 15.97
C THR FA 275 -18.60 -69.77 15.11
N GLU FA 276 -19.77 -70.32 14.77
CA GLU FA 276 -20.68 -69.65 13.87
C GLU FA 276 -22.10 -70.11 14.17
N PRO FA 277 -23.07 -69.19 14.15
CA PRO FA 277 -24.48 -69.59 14.39
C PRO FA 277 -24.98 -70.56 13.33
N MET FA 278 -25.76 -71.53 13.77
CA MET FA 278 -26.31 -72.56 12.90
C MET FA 278 -27.80 -72.69 13.14
N VAL FA 279 -28.55 -72.89 12.05
CA VAL FA 279 -30.00 -73.04 12.12
C VAL FA 279 -30.40 -74.32 11.39
N ARG FA 280 -31.57 -74.84 11.75
CA ARG FA 280 -32.11 -75.99 11.06
C ARG FA 280 -32.63 -75.57 9.69
N ASN FA 281 -32.24 -76.30 8.65
CA ASN FA 281 -32.71 -76.04 7.31
C ASN FA 281 -33.99 -76.83 7.06
N GLU FA 282 -34.41 -76.91 5.79
CA GLU FA 282 -35.62 -77.68 5.45
C GLU FA 282 -35.43 -79.16 5.71
N LYS FA 283 -34.21 -79.68 5.57
CA LYS FA 283 -33.93 -81.08 5.82
C LYS FA 283 -33.77 -81.40 7.31
N GLY FA 284 -33.79 -80.39 8.18
CA GLY FA 284 -33.60 -80.61 9.59
C GLY FA 284 -32.17 -80.70 10.05
N LEU FA 285 -31.20 -80.46 9.16
CA LEU FA 285 -29.79 -80.47 9.54
C LEU FA 285 -29.36 -79.07 9.96
N LEU FA 286 -28.40 -79.03 10.88
CA LEU FA 286 -27.84 -77.76 11.33
C LEU FA 286 -26.89 -77.23 10.26
N THR FA 287 -27.19 -76.05 9.72
CA THR FA 287 -26.43 -75.44 8.66
C THR FA 287 -26.02 -74.03 9.06
N HIS FA 288 -24.89 -73.59 8.53
CA HIS FA 288 -24.33 -72.29 8.87
C HIS FA 288 -25.18 -71.17 8.29
N THR FA 289 -25.23 -70.05 9.01
CA THR FA 289 -25.99 -68.88 8.59
C THR FA 289 -25.37 -67.64 9.22
N THR FA 290 -25.99 -66.49 8.96
CA THR FA 290 -25.52 -65.23 9.51
C THR FA 290 -26.13 -64.99 10.89
N TRP FA 291 -25.54 -64.02 11.61
CA TRP FA 291 -26.03 -63.68 12.94
C TRP FA 291 -27.43 -63.07 12.88
N GLU FA 292 -27.67 -62.18 11.92
CA GLU FA 292 -28.94 -61.46 11.86
C GLU FA 292 -30.09 -62.40 11.51
N ASP FA 293 -29.84 -63.41 10.66
CA ASP FA 293 -30.89 -64.37 10.32
C ASP FA 293 -31.30 -65.20 11.52
N ALA FA 294 -30.33 -65.71 12.27
CA ALA FA 294 -30.64 -66.51 13.46
C ALA FA 294 -31.32 -65.67 14.52
N LEU FA 295 -30.86 -64.43 14.73
CA LEU FA 295 -31.49 -63.56 15.72
C LEU FA 295 -32.91 -63.19 15.31
N SER FA 296 -33.13 -62.96 14.01
CA SER FA 296 -34.47 -62.64 13.52
C SER FA 296 -35.41 -63.83 13.69
N ARG FA 297 -34.93 -65.05 13.41
CA ARG FA 297 -35.78 -66.22 13.58
C ARG FA 297 -36.12 -66.46 15.05
N VAL FA 298 -35.13 -66.30 15.95
CA VAL FA 298 -35.38 -66.48 17.37
C VAL FA 298 -36.35 -65.43 17.88
N ALA FA 299 -36.18 -64.17 17.47
CA ALA FA 299 -37.09 -63.11 17.89
C ALA FA 299 -38.50 -63.32 17.33
N GLY FA 300 -38.60 -63.81 16.09
CA GLY FA 300 -39.90 -64.08 15.51
C GLY FA 300 -40.64 -65.20 16.22
N MET FA 301 -39.91 -66.22 16.66
CA MET FA 301 -40.55 -67.25 17.47
C MET FA 301 -40.82 -66.78 18.89
N LEU FA 302 -40.03 -65.82 19.38
CA LEU FA 302 -40.19 -65.33 20.75
C LEU FA 302 -41.39 -64.42 20.90
N GLN FA 303 -41.67 -63.58 19.90
CA GLN FA 303 -42.76 -62.62 20.00
C GLN FA 303 -44.13 -63.30 19.99
N SER FA 304 -44.24 -64.51 19.45
CA SER FA 304 -45.51 -65.23 19.49
C SER FA 304 -45.80 -65.82 20.86
N CYS FA 305 -44.77 -66.33 21.55
CA CYS FA 305 -44.94 -66.97 22.84
C CYS FA 305 -45.13 -65.94 23.94
N GLN FA 306 -45.95 -66.30 24.92
CA GLN FA 306 -46.27 -65.39 26.02
C GLN FA 306 -46.69 -66.22 27.23
N GLY FA 307 -46.27 -65.78 28.41
CA GLY FA 307 -46.69 -66.46 29.63
C GLY FA 307 -45.79 -67.63 29.94
N ASN FA 308 -46.40 -68.79 30.20
CA ASN FA 308 -45.67 -69.99 30.58
C ASN FA 308 -45.15 -70.77 29.39
N ASP FA 309 -45.39 -70.30 28.17
CA ASP FA 309 -44.97 -71.01 26.98
C ASP FA 309 -43.47 -70.92 26.71
N VAL FA 310 -42.76 -70.05 27.42
CA VAL FA 310 -41.32 -69.86 27.22
C VAL FA 310 -40.62 -70.03 28.57
N ALA FA 311 -39.46 -70.69 28.54
CA ALA FA 311 -38.69 -70.95 29.74
C ALA FA 311 -37.20 -70.93 29.40
N ALA FA 312 -36.37 -70.95 30.43
CA ALA FA 312 -34.93 -70.89 30.24
C ALA FA 312 -34.25 -71.80 31.24
N ILE FA 313 -33.07 -72.30 30.85
CA ILE FA 313 -32.26 -73.18 31.69
C ILE FA 313 -30.86 -72.59 31.78
N ALA FA 314 -30.36 -72.44 33.00
CA ALA FA 314 -29.02 -71.92 33.24
C ALA FA 314 -28.05 -73.08 33.42
N GLY FA 315 -26.89 -72.98 32.78
CA GLY FA 315 -25.85 -73.98 32.91
C GLY FA 315 -24.91 -73.67 34.07
N GLY FA 316 -23.87 -74.49 34.18
CA GLY FA 316 -22.90 -74.34 35.23
C GLY FA 316 -21.74 -73.41 34.93
N LEU FA 317 -21.67 -72.87 33.71
CA LEU FA 317 -20.57 -72.01 33.30
C LEU FA 317 -21.09 -70.71 32.71
N VAL FA 318 -22.14 -70.14 33.30
CA VAL FA 318 -22.78 -68.93 32.82
C VAL FA 318 -22.70 -67.86 33.90
N ASP FA 319 -22.20 -66.69 33.55
CA ASP FA 319 -22.00 -65.61 34.49
C ASP FA 319 -23.33 -64.97 34.88
N ALA FA 320 -23.26 -64.10 35.89
CA ALA FA 320 -24.45 -63.42 36.37
C ALA FA 320 -24.94 -62.34 35.40
N GLU FA 321 -24.07 -61.82 34.54
CA GLU FA 321 -24.50 -60.80 33.58
C GLU FA 321 -25.46 -61.38 32.55
N ALA FA 322 -25.11 -62.51 31.95
CA ALA FA 322 -26.01 -63.18 31.02
C ALA FA 322 -27.27 -63.67 31.73
N LEU FA 323 -27.13 -64.08 32.99
CA LEU FA 323 -28.29 -64.55 33.75
C LEU FA 323 -29.29 -63.42 33.99
N ILE FA 324 -28.81 -62.24 34.40
CA ILE FA 324 -29.72 -61.13 34.63
C ILE FA 324 -30.26 -60.59 33.31
N ALA FA 325 -29.47 -60.66 32.22
CA ALA FA 325 -29.98 -60.25 30.92
C ALA FA 325 -31.11 -61.15 30.45
N LEU FA 326 -30.95 -62.47 30.58
CA LEU FA 326 -32.01 -63.39 30.19
C LEU FA 326 -33.21 -63.29 31.13
N LYS FA 327 -32.96 -63.05 32.42
CA LYS FA 327 -34.08 -62.88 33.35
C LYS FA 327 -34.91 -61.66 33.01
N ASP FA 328 -34.27 -60.54 32.71
CA ASP FA 328 -35.03 -59.35 32.35
C ASP FA 328 -35.68 -59.48 30.98
N LEU FA 329 -35.04 -60.19 30.04
CA LEU FA 329 -35.66 -60.43 28.74
C LEU FA 329 -36.90 -61.31 28.86
N LEU FA 330 -36.84 -62.36 29.68
CA LEU FA 330 -38.01 -63.20 29.89
C LEU FA 330 -39.04 -62.53 30.79
N ASN FA 331 -38.64 -61.52 31.56
CA ASN FA 331 -39.61 -60.70 32.28
C ASN FA 331 -40.24 -59.64 31.39
N ARG FA 332 -39.63 -59.33 30.25
CA ARG FA 332 -40.30 -58.47 29.27
C ARG FA 332 -41.47 -59.18 28.61
N VAL FA 333 -41.42 -60.50 28.52
CA VAL FA 333 -42.50 -61.31 27.95
C VAL FA 333 -43.40 -61.88 29.04
N ASP FA 334 -43.18 -61.50 30.29
CA ASP FA 334 -43.93 -61.97 31.47
C ASP FA 334 -43.82 -63.49 31.63
N SER FA 335 -42.59 -63.94 31.87
CA SER FA 335 -42.31 -65.34 32.15
C SER FA 335 -41.31 -65.41 33.29
N ASP FA 336 -41.70 -66.04 34.39
CA ASP FA 336 -40.83 -66.24 35.53
C ASP FA 336 -40.19 -67.63 35.54
N THR FA 337 -40.44 -68.44 34.51
CA THR FA 337 -39.94 -69.81 34.46
C THR FA 337 -38.45 -69.79 34.13
N LEU FA 338 -37.65 -69.54 35.15
CA LEU FA 338 -36.20 -69.54 35.06
C LEU FA 338 -35.66 -70.69 35.91
N CYS FA 339 -34.94 -71.60 35.27
CA CYS FA 339 -34.55 -72.85 35.92
C CYS FA 339 -33.04 -73.05 35.81
N THR FA 340 -32.52 -73.85 36.75
CA THR FA 340 -31.12 -74.22 36.79
C THR FA 340 -31.00 -75.74 36.74
N GLU FA 341 -29.83 -76.21 36.30
CA GLU FA 341 -29.61 -77.65 36.19
C GLU FA 341 -29.55 -78.33 37.55
N GLU FA 342 -28.91 -77.68 38.53
CA GLU FA 342 -28.80 -78.26 39.86
C GLU FA 342 -30.08 -77.98 40.65
N VAL FA 343 -30.52 -78.99 41.40
CA VAL FA 343 -31.79 -78.94 42.13
C VAL FA 343 -31.51 -78.52 43.57
N PHE FA 344 -32.19 -77.46 44.01
CA PHE FA 344 -32.12 -76.98 45.37
C PHE FA 344 -33.51 -76.91 45.95
N PRO FA 345 -33.70 -77.29 47.22
CA PRO FA 345 -35.04 -77.30 47.80
C PRO FA 345 -35.54 -75.89 48.11
N THR FA 346 -36.73 -75.58 47.60
CA THR FA 346 -37.36 -74.28 47.81
C THR FA 346 -38.39 -74.30 48.93
N ALA FA 347 -38.47 -75.39 49.69
CA ALA FA 347 -39.46 -75.48 50.76
C ALA FA 347 -39.08 -74.57 51.92
N GLY FA 348 -40.10 -73.94 52.50
CA GLY FA 348 -39.88 -73.05 53.62
C GLY FA 348 -39.29 -71.72 53.22
N ALA FA 349 -38.10 -71.40 53.76
CA ALA FA 349 -37.42 -70.16 53.40
C ALA FA 349 -37.01 -70.17 51.93
N GLY FA 350 -36.51 -71.30 51.45
CA GLY FA 350 -36.14 -71.40 50.04
C GLY FA 350 -34.88 -70.59 49.77
N THR FA 351 -34.94 -69.79 48.70
CA THR FA 351 -33.81 -68.98 48.27
C THR FA 351 -33.93 -67.53 48.71
N ASP FA 352 -34.85 -67.21 49.61
CA ASP FA 352 -35.05 -65.84 50.04
C ASP FA 352 -33.90 -65.36 50.92
N LEU FA 353 -33.71 -65.99 52.07
CA LEU FA 353 -32.58 -65.69 52.92
C LEU FA 353 -31.32 -66.34 52.34
N ARG FA 354 -30.19 -65.67 52.50
CA ARG FA 354 -28.93 -66.19 52.00
C ARG FA 354 -28.25 -67.14 52.98
N SER FA 355 -28.86 -67.39 54.13
CA SER FA 355 -28.22 -68.25 55.13
C SER FA 355 -28.26 -69.72 54.76
N ASN FA 356 -29.25 -70.14 53.97
CA ASN FA 356 -29.48 -71.56 53.73
C ASN FA 356 -28.98 -72.04 52.37
N TYR FA 357 -28.22 -71.22 51.64
CA TYR FA 357 -27.57 -71.74 50.44
C TYR FA 357 -26.14 -71.24 50.29
N LEU FA 358 -25.50 -70.82 51.39
CA LEU FA 358 -24.12 -70.37 51.37
C LEU FA 358 -23.27 -71.20 52.33
N LEU FA 359 -21.99 -71.29 52.02
CA LEU FA 359 -21.03 -71.72 53.03
C LEU FA 359 -20.87 -70.56 54.00
N ASN FA 360 -21.65 -70.59 55.08
CA ASN FA 360 -21.93 -69.37 55.84
C ASN FA 360 -20.72 -68.87 56.62
N THR FA 361 -19.80 -69.75 57.01
CA THR FA 361 -18.72 -69.30 57.88
C THR FA 361 -17.63 -68.59 57.09
N THR FA 362 -16.86 -69.34 56.32
CA THR FA 362 -15.85 -68.95 55.32
C THR FA 362 -15.30 -70.26 54.78
N ILE FA 363 -14.59 -70.18 53.65
CA ILE FA 363 -13.71 -71.29 53.28
C ILE FA 363 -12.60 -71.43 54.32
N ALA FA 364 -12.02 -70.31 54.75
CA ALA FA 364 -10.99 -70.30 55.78
C ALA FA 364 -11.54 -70.52 57.18
N GLY FA 365 -12.86 -70.48 57.36
CA GLY FA 365 -13.46 -70.67 58.68
C GLY FA 365 -13.23 -72.04 59.26
N VAL FA 366 -12.90 -73.02 58.41
CA VAL FA 366 -12.52 -74.36 58.88
C VAL FA 366 -11.25 -74.30 59.72
N GLU FA 367 -10.41 -73.28 59.52
CA GLU FA 367 -9.25 -73.07 60.38
C GLU FA 367 -9.65 -72.76 61.82
N GLU FA 368 -10.85 -72.22 62.04
CA GLU FA 368 -11.29 -71.85 63.38
C GLU FA 368 -12.09 -72.94 64.08
N ALA FA 369 -12.66 -73.88 63.34
CA ALA FA 369 -13.54 -74.88 63.94
C ALA FA 369 -12.74 -75.98 64.63
N ASP FA 370 -13.47 -76.86 65.31
CA ASP FA 370 -12.89 -78.07 65.89
C ASP FA 370 -13.66 -79.34 65.61
N VAL FA 371 -14.95 -79.25 65.27
CA VAL FA 371 -15.76 -80.41 64.91
C VAL FA 371 -16.47 -80.09 63.61
N VAL FA 372 -16.23 -80.91 62.58
CA VAL FA 372 -16.80 -80.71 61.26
C VAL FA 372 -17.55 -81.98 60.86
N LEU FA 373 -18.82 -81.84 60.54
CA LEU FA 373 -19.66 -82.95 60.10
C LEU FA 373 -20.02 -82.77 58.63
N LEU FA 374 -19.73 -83.78 57.83
CA LEU FA 374 -20.04 -83.78 56.40
C LEU FA 374 -21.21 -84.72 56.14
N VAL FA 375 -22.22 -84.23 55.44
CA VAL FA 375 -23.44 -85.00 55.17
C VAL FA 375 -23.58 -85.16 53.67
N GLY FA 376 -23.42 -86.39 53.19
CA GLY FA 376 -23.72 -86.74 51.82
C GLY FA 376 -22.88 -86.04 50.76
N THR FA 377 -21.58 -85.94 50.99
CA THR FA 377 -20.71 -85.25 50.05
C THR FA 377 -19.36 -85.95 49.99
N ASN FA 378 -18.65 -85.70 48.89
CA ASN FA 378 -17.29 -86.21 48.68
C ASN FA 378 -16.43 -85.00 48.34
N PRO FA 379 -15.96 -84.27 49.35
CA PRO FA 379 -15.23 -83.01 49.09
C PRO FA 379 -13.87 -83.23 48.44
N ARG FA 380 -13.34 -84.46 48.42
CA ARG FA 380 -12.09 -84.73 47.72
C ARG FA 380 -12.23 -84.55 46.21
N PHE FA 381 -13.44 -84.67 45.67
CA PHE FA 381 -13.67 -84.50 44.24
C PHE FA 381 -14.57 -83.31 43.91
N GLU FA 382 -15.54 -82.97 44.75
CA GLU FA 382 -16.42 -81.85 44.44
C GLU FA 382 -15.72 -80.52 44.62
N ALA FA 383 -14.93 -80.39 45.69
CA ALA FA 383 -14.25 -79.13 46.02
C ALA FA 383 -12.88 -79.46 46.61
N PRO FA 384 -11.89 -79.74 45.76
CA PRO FA 384 -10.59 -80.25 46.27
C PRO FA 384 -9.86 -79.29 47.21
N LEU FA 385 -9.97 -77.98 46.98
CA LEU FA 385 -9.29 -77.05 47.87
C LEU FA 385 -10.01 -76.91 49.21
N PHE FA 386 -11.34 -77.09 49.23
CA PHE FA 386 -12.05 -77.14 50.49
C PHE FA 386 -11.61 -78.35 51.32
N ASN FA 387 -11.46 -79.51 50.68
CA ASN FA 387 -10.94 -80.69 51.36
C ASN FA 387 -9.49 -80.49 51.80
N ALA FA 388 -8.69 -79.75 51.00
CA ALA FA 388 -7.33 -79.45 51.39
C ALA FA 388 -7.30 -78.56 52.63
N ARG FA 389 -8.21 -77.58 52.71
CA ARG FA 389 -8.33 -76.74 53.89
C ARG FA 389 -8.76 -77.57 55.11
N ILE FA 390 -9.68 -78.51 54.91
CA ILE FA 390 -10.11 -79.38 56.00
C ILE FA 390 -8.93 -80.24 56.48
N ARG FA 391 -8.14 -80.76 55.55
CA ARG FA 391 -6.97 -81.55 55.91
C ARG FA 391 -5.92 -80.70 56.64
N LYS FA 392 -5.75 -79.45 56.21
CA LYS FA 392 -4.82 -78.55 56.89
C LYS FA 392 -5.27 -78.26 58.32
N SER FA 393 -6.57 -78.06 58.52
CA SER FA 393 -7.09 -77.88 59.88
C SER FA 393 -6.96 -79.16 60.69
N TRP FA 394 -7.12 -80.31 60.05
CA TRP FA 394 -7.00 -81.60 60.72
C TRP FA 394 -5.55 -81.90 61.11
N LEU FA 395 -4.61 -81.34 60.37
CA LEU FA 395 -3.19 -81.55 60.64
C LEU FA 395 -2.64 -80.57 61.65
N HIS FA 396 -3.00 -79.29 61.56
CA HIS FA 396 -2.42 -78.27 62.42
C HIS FA 396 -3.29 -77.96 63.64
N ASN FA 397 -4.59 -77.78 63.46
CA ASN FA 397 -5.48 -77.39 64.55
C ASN FA 397 -6.14 -78.58 65.23
N ASP FA 398 -5.76 -79.81 64.86
CA ASP FA 398 -6.28 -81.06 65.44
C ASP FA 398 -7.81 -81.13 65.32
N LEU FA 399 -8.29 -80.84 64.11
CA LEU FA 399 -9.72 -80.85 63.83
C LEU FA 399 -10.28 -82.26 63.91
N LYS FA 400 -11.56 -82.35 64.28
CA LYS FA 400 -12.28 -83.61 64.33
C LYS FA 400 -13.25 -83.67 63.16
N VAL FA 401 -13.15 -84.72 62.35
CA VAL FA 401 -13.94 -84.86 61.13
C VAL FA 401 -14.77 -86.12 61.23
N ALA FA 402 -16.06 -86.01 60.93
CA ALA FA 402 -16.95 -87.16 60.83
C ALA FA 402 -17.83 -86.99 59.60
N LEU FA 403 -18.10 -88.08 58.89
CA LEU FA 403 -18.79 -88.04 57.62
C LEU FA 403 -19.98 -89.00 57.64
N ILE FA 404 -21.09 -88.56 57.06
CA ILE FA 404 -22.27 -89.40 56.87
C ILE FA 404 -22.40 -89.69 55.38
N GLY FA 405 -22.43 -90.97 55.02
CA GLY FA 405 -22.52 -91.39 53.65
C GLY FA 405 -21.64 -92.60 53.43
N SER FA 406 -21.29 -92.82 52.16
CA SER FA 406 -20.40 -93.92 51.83
C SER FA 406 -18.99 -93.63 52.32
N PRO FA 407 -18.29 -94.62 52.87
CA PRO FA 407 -16.95 -94.36 53.42
C PRO FA 407 -15.89 -94.19 52.33
N VAL FA 408 -15.84 -93.01 51.73
CA VAL FA 408 -14.85 -92.72 50.69
C VAL FA 408 -13.54 -92.31 51.34
N ASP FA 409 -12.47 -92.28 50.54
CA ASP FA 409 -11.18 -91.81 51.03
C ASP FA 409 -11.13 -90.29 50.94
N LEU FA 410 -10.67 -89.66 52.02
CA LEU FA 410 -10.58 -88.20 52.10
C LEU FA 410 -9.18 -87.73 52.47
N THR FA 411 -8.16 -88.58 52.24
CA THR FA 411 -6.75 -88.30 52.51
C THR FA 411 -6.47 -88.00 53.99
N TYR FA 412 -7.37 -88.41 54.89
CA TYR FA 412 -7.10 -88.38 56.32
C TYR FA 412 -7.96 -89.45 56.98
N ARG FA 413 -8.07 -89.40 58.30
CA ARG FA 413 -8.86 -90.37 59.05
C ARG FA 413 -10.05 -89.65 59.70
N TYR FA 414 -11.24 -90.19 59.48
CA TYR FA 414 -12.46 -89.59 60.02
C TYR FA 414 -13.28 -90.62 60.78
N ASP FA 415 -14.50 -90.25 61.17
CA ASP FA 415 -15.42 -91.14 61.86
C ASP FA 415 -16.62 -91.38 60.95
N HIS FA 416 -16.78 -92.61 60.49
CA HIS FA 416 -17.86 -92.97 59.58
C HIS FA 416 -19.10 -93.34 60.40
N LEU FA 417 -20.06 -92.41 60.46
CA LEU FA 417 -21.26 -92.65 61.25
C LEU FA 417 -22.20 -93.65 60.59
N GLY FA 418 -22.38 -93.55 59.28
CA GLY FA 418 -23.28 -94.42 58.57
C GLY FA 418 -23.65 -93.84 57.22
N ASP FA 419 -24.59 -94.49 56.56
CA ASP FA 419 -25.03 -94.08 55.23
C ASP FA 419 -26.53 -93.83 55.11
N SER FA 420 -27.35 -94.38 55.99
CA SER FA 420 -28.78 -94.11 55.94
C SER FA 420 -29.07 -92.69 56.42
N PRO FA 421 -30.09 -92.03 55.87
CA PRO FA 421 -30.48 -90.70 56.39
C PRO FA 421 -30.97 -90.72 57.82
N LYS FA 422 -31.47 -91.86 58.29
CA LYS FA 422 -32.07 -91.97 59.63
C LYS FA 422 -31.08 -91.64 60.74
N ILE FA 423 -29.78 -91.70 60.46
CA ILE FA 423 -28.76 -91.34 61.45
C ILE FA 423 -28.91 -89.89 61.87
N LEU FA 424 -29.43 -89.02 60.99
CA LEU FA 424 -29.69 -87.64 61.37
C LEU FA 424 -30.77 -87.57 62.46
N GLN FA 425 -31.79 -88.42 62.35
CA GLN FA 425 -32.78 -88.54 63.41
C GLN FA 425 -32.17 -89.07 64.70
N ASP FA 426 -31.06 -89.82 64.61
CA ASP FA 426 -30.35 -90.22 65.81
C ASP FA 426 -29.51 -89.08 66.38
N ILE FA 427 -29.15 -88.10 65.56
CA ILE FA 427 -28.35 -86.98 66.05
C ILE FA 427 -29.25 -85.86 66.56
N ALA FA 428 -30.34 -85.58 65.85
CA ALA FA 428 -31.25 -84.52 66.26
C ALA FA 428 -32.03 -84.87 67.53
N SER FA 429 -32.09 -86.15 67.90
CA SER FA 429 -32.74 -86.56 69.13
C SER FA 429 -31.77 -86.59 70.30
N GLY FA 430 -30.60 -87.20 70.12
CA GLY FA 430 -29.61 -87.29 71.17
C GLY FA 430 -29.29 -88.70 71.61
N SER FA 431 -29.43 -89.66 70.69
CA SER FA 431 -29.18 -91.06 70.99
C SER FA 431 -27.68 -91.41 70.93
N HIS FA 432 -27.01 -91.03 69.85
CA HIS FA 432 -25.59 -91.33 69.74
C HIS FA 432 -24.76 -90.30 70.50
N PRO FA 433 -23.58 -90.69 71.01
CA PRO FA 433 -22.74 -89.73 71.74
C PRO FA 433 -22.14 -88.64 70.86
N PHE FA 434 -22.22 -88.77 69.53
CA PHE FA 434 -21.73 -87.71 68.66
C PHE FA 434 -22.55 -86.43 68.81
N SER FA 435 -23.83 -86.55 69.17
CA SER FA 435 -24.63 -85.37 69.48
C SER FA 435 -24.04 -84.63 70.68
N GLN FA 436 -23.63 -85.36 71.71
CA GLN FA 436 -22.91 -84.74 72.82
C GLN FA 436 -21.56 -84.20 72.38
N VAL FA 437 -20.94 -84.82 71.37
CA VAL FA 437 -19.64 -84.35 70.88
C VAL FA 437 -19.78 -82.97 70.25
N LEU FA 438 -20.79 -82.77 69.39
CA LEU FA 438 -20.97 -81.41 68.87
C LEU FA 438 -21.59 -80.48 69.90
N GLN FA 439 -22.28 -81.01 70.92
CA GLN FA 439 -22.77 -80.15 71.99
C GLN FA 439 -21.63 -79.55 72.80
N GLU FA 440 -20.59 -80.35 73.05
CA GLU FA 440 -19.42 -79.85 73.78
C GLU FA 440 -18.43 -79.11 72.89
N ALA FA 441 -18.66 -79.09 71.58
CA ALA FA 441 -17.75 -78.39 70.67
C ALA FA 441 -17.91 -76.89 70.79
N LYS FA 442 -16.77 -76.19 70.87
CA LYS FA 442 -16.83 -74.73 70.99
C LYS FA 442 -17.27 -74.08 69.68
N LYS FA 443 -16.71 -74.52 68.56
CA LYS FA 443 -17.03 -73.98 67.24
C LYS FA 443 -17.42 -75.12 66.31
N PRO FA 444 -18.63 -75.67 66.46
CA PRO FA 444 -19.04 -76.78 65.61
C PRO FA 444 -19.34 -76.32 64.19
N MET FA 445 -19.24 -77.27 63.26
CA MET FA 445 -19.50 -77.00 61.85
C MET FA 445 -20.31 -78.15 61.27
N VAL FA 446 -21.41 -77.82 60.60
CA VAL FA 446 -22.22 -78.79 59.87
C VAL FA 446 -22.16 -78.40 58.39
N VAL FA 447 -21.66 -79.31 57.57
CA VAL FA 447 -21.48 -79.06 56.14
C VAL FA 447 -22.33 -80.07 55.38
N LEU FA 448 -23.23 -79.56 54.54
CA LEU FA 448 -24.09 -80.39 53.71
C LEU FA 448 -23.75 -80.15 52.25
N GLY FA 449 -23.43 -81.21 51.53
CA GLY FA 449 -23.11 -81.08 50.12
C GLY FA 449 -24.35 -80.89 49.27
N SER FA 450 -24.16 -80.24 48.11
CA SER FA 450 -25.27 -80.02 47.20
C SER FA 450 -25.58 -81.24 46.34
N SER FA 451 -24.71 -82.25 46.32
CA SER FA 451 -25.00 -83.46 45.57
C SER FA 451 -26.04 -84.31 46.29
N ALA FA 452 -26.15 -84.19 47.62
CA ALA FA 452 -27.18 -84.92 48.35
C ALA FA 452 -28.56 -84.30 48.12
N LEU FA 453 -28.62 -83.00 47.82
CA LEU FA 453 -29.88 -82.34 47.53
C LEU FA 453 -30.45 -82.70 46.17
N GLN FA 454 -29.65 -83.33 45.29
CA GLN FA 454 -30.13 -83.77 43.99
C GLN FA 454 -31.13 -84.92 44.08
N ARG FA 455 -31.22 -85.58 45.24
CA ARG FA 455 -32.16 -86.68 45.42
C ARG FA 455 -33.58 -86.12 45.59
N ASN FA 456 -34.54 -87.04 45.74
CA ASN FA 456 -35.94 -86.65 45.85
C ASN FA 456 -36.34 -86.28 47.27
N ASP FA 457 -35.43 -86.34 48.23
CA ASP FA 457 -35.71 -85.98 49.61
C ASP FA 457 -34.75 -84.91 50.10
N GLY FA 458 -34.42 -83.95 49.22
CA GLY FA 458 -33.52 -82.88 49.59
C GLY FA 458 -34.09 -81.97 50.66
N ALA FA 459 -35.40 -81.74 50.62
CA ALA FA 459 -36.05 -80.91 51.63
C ALA FA 459 -35.97 -81.56 53.01
N ALA FA 460 -36.16 -82.88 53.08
CA ALA FA 460 -36.09 -83.59 54.35
C ALA FA 460 -34.68 -83.56 54.92
N ILE FA 461 -33.67 -83.78 54.08
CA ILE FA 461 -32.28 -83.75 54.54
C ILE FA 461 -31.90 -82.34 55.00
N LEU FA 462 -32.30 -81.32 54.25
CA LEU FA 462 -32.02 -79.95 54.64
C LEU FA 462 -32.71 -79.58 55.94
N ALA FA 463 -33.96 -80.02 56.12
CA ALA FA 463 -34.66 -79.77 57.37
C ALA FA 463 -34.01 -80.48 58.54
N ALA FA 464 -33.53 -81.70 58.32
CA ALA FA 464 -32.87 -82.45 59.40
C ALA FA 464 -31.55 -81.79 59.81
N VAL FA 465 -30.73 -81.39 58.83
CA VAL FA 465 -29.45 -80.78 59.20
C VAL FA 465 -29.67 -79.38 59.78
N SER FA 466 -30.70 -78.66 59.33
CA SER FA 466 -31.01 -77.37 59.93
C SER FA 466 -31.51 -77.54 61.36
N ASN FA 467 -32.30 -78.58 61.62
CA ASN FA 467 -32.73 -78.88 62.98
C ASN FA 467 -31.55 -79.22 63.87
N ILE FA 468 -30.57 -79.98 63.34
CA ILE FA 468 -29.37 -80.29 64.10
C ILE FA 468 -28.59 -79.02 64.42
N ALA FA 469 -28.41 -78.15 63.42
CA ALA FA 469 -27.62 -76.93 63.59
C ALA FA 469 -28.27 -75.97 64.58
N GLN FA 470 -29.59 -75.79 64.49
CA GLN FA 470 -30.28 -74.89 65.40
C GLN FA 470 -30.57 -75.51 66.76
N LYS FA 471 -30.46 -76.84 66.88
CA LYS FA 471 -30.45 -77.46 68.20
C LYS FA 471 -29.11 -77.24 68.89
N ILE FA 472 -28.02 -77.33 68.12
CA ILE FA 472 -26.69 -77.10 68.69
C ILE FA 472 -26.51 -75.63 69.07
N ARG FA 473 -26.90 -74.72 68.17
CA ARG FA 473 -26.59 -73.30 68.39
C ARG FA 473 -27.43 -72.68 69.50
N THR FA 474 -28.69 -73.11 69.64
CA THR FA 474 -29.55 -72.53 70.66
C THR FA 474 -29.39 -73.17 72.03
N SER FA 475 -28.64 -74.27 72.15
CA SER FA 475 -28.45 -74.94 73.43
C SER FA 475 -27.02 -74.85 73.93
N SER FA 476 -26.03 -75.10 73.07
CA SER FA 476 -24.64 -75.06 73.50
C SER FA 476 -24.16 -73.62 73.64
N GLY FA 477 -23.06 -73.46 74.35
CA GLY FA 477 -22.49 -72.15 74.60
C GLY FA 477 -21.64 -71.63 73.46
N VAL FA 478 -22.28 -71.28 72.35
CA VAL FA 478 -21.59 -70.72 71.19
C VAL FA 478 -21.70 -69.20 71.26
N THR FA 479 -20.75 -68.53 70.62
CA THR FA 479 -20.67 -67.07 70.70
C THR FA 479 -21.85 -66.39 70.02
N GLY FA 480 -22.28 -66.93 68.88
CA GLY FA 480 -23.37 -66.34 68.13
C GLY FA 480 -22.94 -65.84 66.77
N ASP FA 481 -21.77 -65.20 66.72
CA ASP FA 481 -21.18 -64.82 65.44
C ASP FA 481 -20.69 -66.01 64.65
N TRP FA 482 -20.48 -67.15 65.32
CA TRP FA 482 -20.10 -68.37 64.63
C TRP FA 482 -21.32 -68.96 63.92
N LYS FA 483 -21.18 -69.19 62.62
CA LYS FA 483 -22.27 -69.74 61.81
C LYS FA 483 -22.04 -71.23 61.64
N VAL FA 484 -22.91 -72.04 62.24
CA VAL FA 484 -22.76 -73.49 62.25
C VAL FA 484 -23.17 -74.10 60.92
N MET FA 485 -24.34 -73.73 60.41
CA MET FA 485 -24.86 -74.32 59.19
C MET FA 485 -24.05 -73.86 57.98
N ASN FA 486 -23.68 -74.80 57.13
CA ASN FA 486 -22.95 -74.51 55.90
C ASN FA 486 -23.43 -75.42 54.80
N ILE FA 487 -23.48 -74.90 53.58
CA ILE FA 487 -23.91 -75.66 52.40
C ILE FA 487 -22.82 -75.53 51.35
N LEU FA 488 -22.30 -76.67 50.91
CA LEU FA 488 -21.22 -76.72 49.93
C LEU FA 488 -21.80 -76.94 48.54
N HIS FA 489 -21.56 -75.99 47.64
CA HIS FA 489 -22.05 -76.07 46.28
C HIS FA 489 -20.95 -76.61 45.36
N ARG FA 490 -21.36 -77.24 44.26
CA ARG FA 490 -20.44 -77.81 43.29
C ARG FA 490 -20.62 -77.23 41.91
N ILE FA 491 -21.39 -76.17 41.76
CA ILE FA 491 -21.64 -75.52 40.48
C ILE FA 491 -21.31 -74.04 40.63
N ALA FA 492 -20.51 -73.52 39.70
CA ALA FA 492 -20.04 -72.13 39.79
C ALA FA 492 -21.20 -71.14 39.65
N SER FA 493 -22.16 -71.42 38.78
CA SER FA 493 -23.25 -70.50 38.51
C SER FA 493 -24.44 -70.70 39.43
N GLN FA 494 -24.37 -71.62 40.39
CA GLN FA 494 -25.53 -71.92 41.22
C GLN FA 494 -25.82 -70.77 42.19
N VAL FA 495 -24.80 -70.27 42.86
CA VAL FA 495 -24.99 -69.20 43.84
C VAL FA 495 -25.39 -67.91 43.15
N ALA FA 496 -24.81 -67.63 41.97
CA ALA FA 496 -25.18 -66.44 41.21
C ALA FA 496 -26.61 -66.51 40.70
N ALA FA 497 -27.08 -67.71 40.35
CA ALA FA 497 -28.47 -67.87 39.92
C ALA FA 497 -29.42 -67.75 41.10
N LEU FA 498 -29.06 -68.32 42.25
CA LEU FA 498 -29.93 -68.23 43.42
C LEU FA 498 -30.02 -66.80 43.94
N ASP FA 499 -28.91 -66.06 43.89
CA ASP FA 499 -28.92 -64.66 44.31
C ASP FA 499 -29.73 -63.78 43.37
N LEU FA 500 -29.95 -64.21 42.13
CA LEU FA 500 -30.66 -63.42 41.13
C LEU FA 500 -32.16 -63.69 41.11
N GLY FA 501 -32.65 -64.58 41.97
CA GLY FA 501 -34.06 -64.88 42.00
C GLY FA 501 -34.51 -65.98 41.06
N TYR FA 502 -33.59 -66.78 40.54
CA TYR FA 502 -33.97 -67.91 39.71
C TYR FA 502 -34.65 -68.98 40.55
N LYS FA 503 -35.41 -69.85 39.87
CA LYS FA 503 -36.06 -70.96 40.54
C LYS FA 503 -35.24 -72.21 40.30
N PRO FA 504 -34.56 -72.74 41.33
CA PRO FA 504 -33.72 -73.92 41.11
C PRO FA 504 -34.54 -75.16 40.82
N GLY FA 505 -33.96 -76.05 40.04
CA GLY FA 505 -34.65 -77.27 39.64
C GLY FA 505 -35.39 -77.09 38.33
N VAL FA 506 -35.56 -78.22 37.63
CA VAL FA 506 -36.23 -78.24 36.34
C VAL FA 506 -37.72 -78.61 36.48
N GLU FA 507 -38.25 -78.59 37.71
CA GLU FA 507 -39.61 -79.05 37.95
C GLU FA 507 -40.65 -78.16 37.27
N ALA FA 508 -40.40 -76.85 37.23
CA ALA FA 508 -41.34 -75.91 36.62
C ALA FA 508 -41.44 -76.10 35.11
N ILE FA 509 -40.48 -76.75 34.48
CA ILE FA 509 -40.53 -77.00 33.05
C ILE FA 509 -41.27 -78.30 32.74
N ARG FA 510 -41.00 -79.37 33.49
CA ARG FA 510 -41.73 -80.62 33.30
C ARG FA 510 -43.15 -80.53 33.81
N LYS FA 511 -43.47 -79.55 34.66
CA LYS FA 511 -44.85 -79.39 35.10
C LYS FA 511 -45.71 -78.78 34.00
N ASN FA 512 -45.37 -77.57 33.56
CA ASN FA 512 -46.02 -76.95 32.41
C ASN FA 512 -45.06 -76.95 31.24
N PRO FA 513 -45.35 -77.68 30.16
CA PRO FA 513 -44.38 -77.80 29.06
C PRO FA 513 -44.30 -76.53 28.24
N PRO FA 514 -43.13 -75.90 28.19
CA PRO FA 514 -42.98 -74.69 27.38
C PRO FA 514 -42.85 -75.02 25.90
N LYS FA 515 -43.27 -74.06 25.07
CA LYS FA 515 -43.18 -74.21 23.62
C LYS FA 515 -41.89 -73.64 23.04
N MET FA 516 -41.08 -72.97 23.86
CA MET FA 516 -39.82 -72.38 23.37
C MET FA 516 -38.87 -72.30 24.55
N LEU FA 517 -37.76 -73.04 24.48
CA LEU FA 517 -36.88 -73.24 25.61
C LEU FA 517 -35.49 -72.68 25.32
N PHE FA 518 -34.94 -71.94 26.27
CA PHE FA 518 -33.56 -71.48 26.21
C PHE FA 518 -32.65 -72.45 26.94
N LEU FA 519 -31.49 -72.70 26.36
CA LEU FA 519 -30.46 -73.55 26.97
C LEU FA 519 -29.18 -72.71 27.09
N LEU FA 520 -29.05 -71.98 28.20
CA LEU FA 520 -27.83 -71.22 28.47
C LEU FA 520 -26.76 -72.18 28.97
N GLY FA 521 -26.14 -72.87 28.01
CA GLY FA 521 -25.11 -73.85 28.33
C GLY FA 521 -25.61 -75.04 29.11
N ALA FA 522 -26.78 -75.57 28.77
CA ALA FA 522 -27.35 -76.72 29.46
C ALA FA 522 -26.70 -77.99 28.92
N ASP FA 523 -25.47 -78.22 29.37
CA ASP FA 523 -24.69 -79.36 28.92
C ASP FA 523 -24.96 -80.64 29.70
N GLY FA 524 -25.72 -80.56 30.80
CA GLY FA 524 -25.98 -81.74 31.60
C GLY FA 524 -27.02 -82.67 31.04
N GLY FA 525 -27.80 -82.22 30.06
CA GLY FA 525 -28.87 -83.04 29.50
C GLY FA 525 -29.96 -83.36 30.49
N CYS FA 526 -30.40 -82.36 31.27
CA CYS FA 526 -31.39 -82.60 32.32
C CYS FA 526 -32.75 -82.94 31.74
N VAL FA 527 -33.14 -82.28 30.65
CA VAL FA 527 -34.42 -82.54 29.99
C VAL FA 527 -34.15 -82.89 28.53
N THR FA 528 -34.71 -84.02 28.09
CA THR FA 528 -34.61 -84.45 26.71
C THR FA 528 -35.86 -83.96 25.99
N ARG FA 529 -35.88 -84.05 24.65
CA ARG FA 529 -37.05 -83.63 23.87
C ARG FA 529 -38.29 -84.48 24.17
N GLN FA 530 -38.13 -85.66 24.78
CA GLN FA 530 -39.28 -86.49 25.11
C GLN FA 530 -40.17 -85.83 26.16
N ASP FA 531 -39.57 -85.17 27.15
CA ASP FA 531 -40.33 -84.46 28.18
C ASP FA 531 -41.01 -83.20 27.65
N LEU FA 532 -40.64 -82.75 26.46
CA LEU FA 532 -41.18 -81.57 25.82
C LEU FA 532 -42.14 -81.97 24.71
N PRO FA 533 -43.04 -81.06 24.27
CA PRO FA 533 -43.97 -81.41 23.19
C PRO FA 533 -43.29 -81.59 21.83
N LYS FA 534 -44.12 -81.81 20.79
CA LYS FA 534 -43.60 -82.22 19.48
C LYS FA 534 -42.78 -81.10 18.83
N ASP FA 535 -43.22 -79.86 18.95
CA ASP FA 535 -42.56 -78.72 18.30
C ASP FA 535 -42.17 -77.70 19.37
N CYS FA 536 -40.88 -77.68 19.72
CA CYS FA 536 -40.33 -76.69 20.64
C CYS FA 536 -39.14 -76.02 20.00
N PHE FA 537 -39.12 -74.69 20.05
CA PHE FA 537 -38.02 -73.91 19.49
C PHE FA 537 -36.91 -73.81 20.53
N ILE FA 538 -36.13 -74.87 20.62
CA ILE FA 538 -35.04 -74.94 21.60
C ILE FA 538 -33.85 -74.17 21.05
N VAL FA 539 -33.39 -73.18 21.81
CA VAL FA 539 -32.27 -72.34 21.42
C VAL FA 539 -31.13 -72.58 22.41
N TYR FA 540 -30.00 -73.04 21.90
CA TYR FA 540 -28.81 -73.27 22.71
C TYR FA 540 -27.87 -72.08 22.58
N GLN FA 541 -27.45 -71.54 23.72
CA GLN FA 541 -26.55 -70.39 23.76
C GLN FA 541 -25.35 -70.77 24.61
N GLY FA 542 -24.32 -71.31 23.97
CA GLY FA 542 -23.13 -71.74 24.68
C GLY FA 542 -21.94 -71.80 23.76
N HIS FA 543 -20.77 -72.02 24.37
CA HIS FA 543 -19.53 -72.09 23.61
C HIS FA 543 -19.21 -73.50 23.15
N HIS FA 544 -19.45 -74.50 23.99
CA HIS FA 544 -19.15 -75.89 23.66
C HIS FA 544 -20.42 -76.61 23.25
N GLY FA 545 -20.39 -77.22 22.06
CA GLY FA 545 -21.51 -78.03 21.64
C GLY FA 545 -21.36 -79.45 22.11
N ASP FA 546 -22.01 -79.80 23.22
CA ASP FA 546 -21.80 -81.09 23.86
C ASP FA 546 -23.07 -81.94 23.85
N VAL FA 547 -24.17 -81.46 24.42
CA VAL FA 547 -25.37 -82.28 24.58
C VAL FA 547 -26.58 -81.58 23.98
N GLY FA 548 -26.79 -80.31 24.36
CA GLY FA 548 -27.96 -79.59 23.88
C GLY FA 548 -27.84 -79.08 22.45
N ALA FA 549 -26.62 -79.02 21.91
CA ALA FA 549 -26.44 -78.54 20.54
C ALA FA 549 -27.07 -79.44 19.48
N PRO FA 550 -26.89 -80.78 19.49
CA PRO FA 550 -27.57 -81.58 18.45
C PRO FA 550 -29.08 -81.59 18.52
N ILE FA 551 -29.68 -81.25 19.66
CA ILE FA 551 -31.14 -81.22 19.77
C ILE FA 551 -31.71 -79.82 19.64
N ALA FA 552 -30.87 -78.79 19.61
CA ALA FA 552 -31.35 -77.42 19.52
C ALA FA 552 -31.86 -77.11 18.12
N ASP FA 553 -32.76 -76.14 18.04
CA ASP FA 553 -33.23 -75.65 16.75
C ASP FA 553 -32.38 -74.51 16.21
N VAL FA 554 -31.86 -73.67 17.09
CA VAL FA 554 -30.93 -72.60 16.72
C VAL FA 554 -29.77 -72.62 17.70
N ILE FA 555 -28.56 -72.65 17.17
CA ILE FA 555 -27.35 -72.67 17.98
C ILE FA 555 -26.72 -71.27 17.95
N LEU FA 556 -26.59 -70.66 19.11
CA LEU FA 556 -25.95 -69.36 19.24
C LEU FA 556 -24.61 -69.51 19.93
N PRO FA 557 -23.48 -69.32 19.25
CA PRO FA 557 -22.18 -69.47 19.90
C PRO FA 557 -21.93 -68.37 20.91
N GLY FA 558 -21.20 -68.71 21.96
CA GLY FA 558 -20.91 -67.77 23.02
C GLY FA 558 -19.45 -67.71 23.38
N ALA FA 559 -19.13 -67.10 24.52
CA ALA FA 559 -17.77 -66.93 24.98
C ALA FA 559 -17.53 -67.77 26.23
N ALA FA 560 -16.35 -68.35 26.33
CA ALA FA 560 -15.98 -69.15 27.49
C ALA FA 560 -15.56 -68.23 28.63
N TYR FA 561 -15.06 -68.81 29.72
CA TYR FA 561 -14.72 -68.01 30.90
C TYR FA 561 -13.42 -67.23 30.73
N THR FA 562 -12.58 -67.60 29.77
CA THR FA 562 -11.36 -66.84 29.49
C THR FA 562 -11.56 -65.80 28.39
N GLU FA 563 -12.73 -65.75 27.76
CA GLU FA 563 -12.96 -64.88 26.62
C GLU FA 563 -13.92 -63.74 26.91
N LYS FA 564 -14.26 -63.51 28.19
CA LYS FA 564 -15.17 -62.43 28.53
C LYS FA 564 -14.91 -61.99 29.95
N SER FA 565 -15.24 -60.72 30.23
CA SER FA 565 -15.17 -60.18 31.58
C SER FA 565 -16.47 -60.56 32.28
N ALA FA 566 -16.40 -61.56 33.16
CA ALA FA 566 -17.58 -62.23 33.68
C ALA FA 566 -17.56 -62.21 35.20
N THR FA 567 -18.75 -62.08 35.78
CA THR FA 567 -18.92 -62.06 37.23
C THR FA 567 -19.38 -63.44 37.70
N TYR FA 568 -18.60 -64.06 38.58
CA TYR FA 568 -18.93 -65.36 39.13
C TYR FA 568 -18.87 -65.30 40.65
N VAL FA 569 -19.76 -66.04 41.30
CA VAL FA 569 -19.82 -66.10 42.76
C VAL FA 569 -19.55 -67.54 43.17
N ASN FA 570 -18.62 -67.73 44.10
CA ASN FA 570 -18.25 -69.07 44.55
C ASN FA 570 -19.27 -69.58 45.56
N THR FA 571 -18.95 -70.69 46.21
CA THR FA 571 -19.88 -71.35 47.12
C THR FA 571 -20.03 -70.62 48.46
N GLU FA 572 -19.19 -69.64 48.76
CA GLU FA 572 -19.26 -68.92 50.03
C GLU FA 572 -19.87 -67.53 49.88
N GLY FA 573 -20.46 -67.21 48.73
CA GLY FA 573 -21.10 -65.94 48.55
C GLY FA 573 -20.20 -64.79 48.17
N ARG FA 574 -18.93 -65.06 47.88
CA ARG FA 574 -17.99 -64.02 47.49
C ARG FA 574 -18.04 -63.80 45.99
N ALA FA 575 -18.25 -62.55 45.59
CA ALA FA 575 -18.29 -62.19 44.17
C ALA FA 575 -16.88 -61.94 43.65
N GLN FA 576 -16.64 -62.35 42.41
CA GLN FA 576 -15.35 -62.14 41.76
C GLN FA 576 -15.61 -61.88 40.28
N GLN FA 577 -14.65 -61.22 39.64
CA GLN FA 577 -14.77 -60.89 38.22
C GLN FA 577 -13.62 -61.52 37.46
N THR FA 578 -13.94 -62.13 36.33
CA THR FA 578 -12.93 -62.66 35.43
C THR FA 578 -12.51 -61.58 34.43
N LYS FA 579 -11.39 -61.81 33.77
CA LYS FA 579 -10.85 -60.85 32.82
C LYS FA 579 -10.65 -61.51 31.46
N VAL FA 580 -10.54 -60.68 30.44
CA VAL FA 580 -10.41 -61.16 29.07
C VAL FA 580 -8.98 -61.62 28.84
N ALA FA 581 -8.83 -62.89 28.45
CA ALA FA 581 -7.54 -63.44 28.08
C ALA FA 581 -7.36 -63.49 26.57
N VAL FA 582 -8.29 -64.13 25.87
CA VAL FA 582 -8.32 -64.19 24.41
C VAL FA 582 -9.70 -63.80 23.92
N MET FA 583 -9.89 -63.88 22.61
CA MET FA 583 -11.13 -63.63 21.90
C MET FA 583 -11.88 -64.93 21.64
N PRO FA 584 -13.21 -64.87 21.59
CA PRO FA 584 -13.98 -66.02 21.13
C PRO FA 584 -13.63 -66.37 19.69
N PRO FA 585 -13.59 -67.65 19.34
CA PRO FA 585 -13.22 -68.01 17.98
C PRO FA 585 -14.35 -67.77 16.98
N GLY FA 586 -13.98 -67.22 15.84
CA GLY FA 586 -14.96 -67.03 14.77
C GLY FA 586 -15.92 -65.90 15.09
N LEU FA 587 -17.20 -66.16 14.88
CA LEU FA 587 -18.26 -65.17 15.01
C LEU FA 587 -18.91 -65.16 16.39
N ALA FA 588 -18.37 -65.93 17.34
CA ALA FA 588 -18.95 -65.97 18.68
C ALA FA 588 -18.75 -64.65 19.41
N ARG FA 589 -19.78 -64.24 20.14
CA ARG FA 589 -19.77 -62.98 20.87
C ARG FA 589 -20.10 -63.24 22.34
N GLU FA 590 -19.99 -62.17 23.14
CA GLU FA 590 -20.34 -62.24 24.55
C GLU FA 590 -21.85 -62.47 24.72
N ASP FA 591 -22.21 -63.17 25.80
CA ASP FA 591 -23.57 -63.68 25.94
C ASP FA 591 -24.58 -62.57 26.17
N TRP FA 592 -24.27 -61.63 27.06
CA TRP FA 592 -25.19 -60.54 27.33
C TRP FA 592 -25.36 -59.62 26.13
N LYS FA 593 -24.30 -59.48 25.32
CA LYS FA 593 -24.41 -58.75 24.06
C LYS FA 593 -25.39 -59.45 23.12
N ILE FA 594 -25.33 -60.78 23.08
CA ILE FA 594 -26.25 -61.56 22.24
C ILE FA 594 -27.69 -61.38 22.71
N ILE FA 595 -27.91 -61.42 24.02
CA ILE FA 595 -29.27 -61.26 24.56
C ILE FA 595 -29.79 -59.85 24.29
N ARG FA 596 -28.94 -58.83 24.47
CA ARG FA 596 -29.36 -57.46 24.22
C ARG FA 596 -29.67 -57.22 22.74
N ALA FA 597 -28.86 -57.79 21.84
CA ALA FA 597 -29.13 -57.66 20.42
C ALA FA 597 -30.39 -58.41 20.02
N LEU FA 598 -30.64 -59.56 20.65
CA LEU FA 598 -31.88 -60.31 20.40
C LEU FA 598 -33.10 -59.50 20.83
N SER FA 599 -33.01 -58.82 21.97
CA SER FA 599 -34.11 -57.96 22.41
C SER FA 599 -34.27 -56.75 21.49
N GLU FA 600 -33.17 -56.24 20.96
CA GLU FA 600 -33.24 -55.12 20.02
C GLU FA 600 -33.92 -55.55 18.73
N ILE FA 601 -33.67 -56.77 18.28
CA ILE FA 601 -34.39 -57.30 17.11
C ILE FA 601 -35.86 -57.52 17.45
N ALA FA 602 -36.14 -58.07 18.63
CA ALA FA 602 -37.51 -58.40 19.03
C ALA FA 602 -38.34 -57.18 19.40
N GLY FA 603 -37.74 -56.02 19.57
CA GLY FA 603 -38.48 -54.82 19.93
C GLY FA 603 -38.71 -54.63 21.41
N MET FA 604 -37.99 -55.35 22.26
CA MET FA 604 -38.11 -55.25 23.72
C MET FA 604 -36.74 -54.98 24.33
N THR FA 605 -36.06 -53.97 23.78
CA THR FA 605 -34.69 -53.65 24.18
C THR FA 605 -34.62 -53.23 25.65
N LEU FA 606 -33.55 -53.68 26.32
CA LEU FA 606 -33.29 -53.40 27.72
C LEU FA 606 -32.53 -52.08 27.87
N PRO FA 607 -32.71 -51.36 28.99
CA PRO FA 607 -32.06 -50.06 29.16
C PRO FA 607 -30.60 -50.12 29.64
N TYR FA 608 -29.81 -50.99 29.00
CA TYR FA 608 -28.37 -50.93 29.16
C TYR FA 608 -27.68 -51.47 27.93
N ASP FA 609 -26.55 -50.85 27.57
CA ASP FA 609 -25.78 -51.24 26.40
C ASP FA 609 -24.31 -51.53 26.68
N THR FA 610 -23.75 -51.05 27.78
CA THR FA 610 -22.36 -51.28 28.13
C THR FA 610 -22.28 -52.14 29.39
N LEU FA 611 -21.09 -52.70 29.63
CA LEU FA 611 -20.89 -53.69 30.68
C LEU FA 611 -21.07 -53.09 32.07
N ASP FA 612 -20.61 -51.85 32.27
CA ASP FA 612 -20.78 -51.21 33.57
C ASP FA 612 -22.24 -50.93 33.87
N GLN FA 613 -23.05 -50.68 32.84
CA GLN FA 613 -24.48 -50.54 33.05
C GLN FA 613 -25.14 -51.88 33.40
N VAL FA 614 -24.63 -52.99 32.84
CA VAL FA 614 -25.10 -54.31 33.23
C VAL FA 614 -24.77 -54.56 34.70
N ARG FA 615 -23.57 -54.16 35.13
CA ARG FA 615 -23.21 -54.31 36.54
C ARG FA 615 -24.03 -53.38 37.43
N ASN FA 616 -24.43 -52.23 36.92
CA ASN FA 616 -25.34 -51.36 37.68
C ASN FA 616 -26.71 -52.01 37.83
N ARG FA 617 -27.20 -52.67 36.79
CA ARG FA 617 -28.45 -53.43 36.91
C ARG FA 617 -28.30 -54.57 37.91
N LEU FA 618 -27.14 -55.24 37.90
CA LEU FA 618 -26.86 -56.29 38.87
C LEU FA 618 -26.88 -55.76 40.29
N GLU FA 619 -26.30 -54.57 40.50
CA GLU FA 619 -26.35 -53.92 41.81
C GLU FA 619 -27.79 -53.57 42.18
N GLU FA 620 -28.60 -53.17 41.19
CA GLU FA 620 -30.00 -52.87 41.45
C GLU FA 620 -30.75 -54.12 41.92
N VAL FA 621 -30.46 -55.27 41.32
CA VAL FA 621 -31.11 -56.51 41.74
C VAL FA 621 -30.61 -56.93 43.12
N SER FA 622 -29.29 -57.00 43.29
CA SER FA 622 -28.68 -57.35 44.56
C SER FA 622 -27.24 -56.83 44.61
N PRO FA 623 -26.89 -55.98 45.58
CA PRO FA 623 -25.57 -55.35 45.57
C PRO FA 623 -24.41 -56.32 45.79
N ASN FA 624 -24.65 -57.47 46.42
CA ASN FA 624 -23.57 -58.39 46.78
C ASN FA 624 -22.84 -58.97 45.57
N LEU FA 625 -23.45 -58.88 44.39
CA LEU FA 625 -22.81 -59.37 43.17
C LEU FA 625 -21.83 -58.37 42.56
N VAL FA 626 -21.80 -57.12 43.02
CA VAL FA 626 -20.94 -56.12 42.40
C VAL FA 626 -19.81 -55.65 43.30
N ARG FA 627 -19.77 -56.06 44.56
CA ARG FA 627 -18.67 -55.75 45.46
C ARG FA 627 -17.75 -56.96 45.49
N TYR FA 628 -16.66 -56.88 44.75
CA TYR FA 628 -15.78 -58.02 44.55
C TYR FA 628 -14.80 -58.17 45.72
N ASP FA 629 -14.39 -59.42 45.94
CA ASP FA 629 -13.44 -59.81 47.00
C ASP FA 629 -13.93 -59.41 48.39
N ASP FA 630 -15.24 -59.48 48.61
CA ASP FA 630 -15.82 -59.17 49.92
C ASP FA 630 -16.90 -60.20 50.24
N VAL FA 631 -16.86 -60.72 51.46
CA VAL FA 631 -17.82 -61.70 51.93
C VAL FA 631 -18.78 -61.02 52.89
N GLU FA 632 -20.07 -61.14 52.63
CA GLU FA 632 -21.11 -60.55 53.47
C GLU FA 632 -21.75 -61.65 54.32
N GLY FA 633 -21.89 -61.37 55.62
CA GLY FA 633 -22.46 -62.37 56.51
C GLY FA 633 -23.95 -62.57 56.24
N ALA FA 634 -24.35 -63.83 56.10
CA ALA FA 634 -25.74 -64.20 55.87
C ALA FA 634 -26.39 -64.54 57.20
N ASN FA 635 -27.22 -63.63 57.69
CA ASN FA 635 -27.83 -63.76 59.01
C ASN FA 635 -29.19 -64.45 58.92
N TYR FA 636 -29.96 -64.37 59.99
CA TYR FA 636 -31.34 -64.87 60.09
C TYR FA 636 -31.42 -66.38 59.88
N PHE FA 637 -30.73 -67.11 60.75
CA PHE FA 637 -30.84 -68.56 60.76
C PHE FA 637 -32.12 -69.04 61.45
N GLN FA 638 -32.56 -68.33 62.50
CA GLN FA 638 -33.71 -68.76 63.27
C GLN FA 638 -34.99 -68.68 62.45
N GLN FA 639 -35.13 -67.63 61.63
CA GLN FA 639 -36.30 -67.50 60.77
C GLN FA 639 -36.37 -68.62 59.74
N ALA FA 640 -35.23 -68.98 59.16
CA ALA FA 640 -35.19 -70.09 58.21
C ALA FA 640 -35.49 -71.41 58.91
N SER FA 641 -35.03 -71.57 60.14
CA SER FA 641 -35.34 -72.77 60.91
C SER FA 641 -36.83 -72.87 61.20
N GLU FA 642 -37.46 -71.75 61.55
CA GLU FA 642 -38.90 -71.75 61.82
C GLU FA 642 -39.69 -72.02 60.54
N LEU FA 643 -39.23 -71.47 59.41
CA LEU FA 643 -39.93 -71.71 58.15
C LEU FA 643 -39.75 -73.14 57.66
N SER FA 644 -38.62 -73.77 57.98
CA SER FA 644 -38.38 -75.15 57.55
C SER FA 644 -39.24 -76.15 58.33
N LYS FA 645 -39.76 -75.76 59.49
CA LYS FA 645 -40.57 -76.65 60.32
C LYS FA 645 -42.05 -76.57 60.00
N LEU FA 646 -42.46 -75.71 59.06
CA LEU FA 646 -43.88 -75.60 58.72
C LEU FA 646 -44.36 -76.85 58.00
N VAL FA 647 -43.58 -77.34 57.04
CA VAL FA 647 -43.91 -78.54 56.28
C VAL FA 647 -42.82 -79.57 56.53
N ASN FA 648 -43.22 -80.81 56.79
CA ASN FA 648 -42.30 -81.89 57.15
C ASN FA 648 -42.37 -82.97 56.08
N GLN FA 649 -41.20 -83.33 55.55
CA GLN FA 649 -41.08 -84.42 54.59
C GLN FA 649 -40.54 -85.67 55.29
N GLN FA 650 -40.69 -86.81 54.62
CA GLN FA 650 -40.23 -88.08 55.14
C GLN FA 650 -38.95 -88.49 54.43
N LEU FA 651 -37.91 -88.77 55.22
CA LEU FA 651 -36.66 -89.24 54.67
C LEU FA 651 -36.80 -90.68 54.19
N LEU FA 652 -36.33 -90.96 52.98
CA LEU FA 652 -36.37 -92.31 52.46
C LEU FA 652 -35.20 -93.13 53.01
N ALA FA 653 -35.16 -94.41 52.66
CA ALA FA 653 -34.14 -95.32 53.14
C ALA FA 653 -32.94 -95.42 52.21
N ASP FA 654 -32.89 -94.61 51.16
CA ASP FA 654 -31.79 -94.66 50.21
C ASP FA 654 -30.50 -94.18 50.88
N PRO FA 655 -29.42 -94.94 50.79
CA PRO FA 655 -28.14 -94.48 51.37
C PRO FA 655 -27.60 -93.26 50.62
N LEU FA 656 -26.92 -92.40 51.37
CA LEU FA 656 -26.39 -91.15 50.83
C LEU FA 656 -25.15 -91.48 50.01
N VAL FA 657 -25.36 -91.80 48.74
CA VAL FA 657 -24.29 -92.18 47.83
C VAL FA 657 -23.94 -90.98 46.96
N PRO FA 658 -22.72 -90.44 47.05
CA PRO FA 658 -22.35 -89.34 46.18
C PRO FA 658 -22.15 -89.83 44.75
N PRO FA 659 -22.35 -88.96 43.75
CA PRO FA 659 -22.14 -89.40 42.36
C PRO FA 659 -20.69 -89.68 42.02
N GLN FA 660 -19.73 -89.19 42.80
CA GLN FA 660 -18.31 -89.43 42.59
C GLN FA 660 -17.78 -90.31 43.71
N LEU FA 661 -17.13 -91.40 43.34
CA LEU FA 661 -16.56 -92.33 44.32
C LEU FA 661 -15.05 -92.46 44.21
N THR FA 662 -14.52 -92.59 43.00
CA THR FA 662 -13.10 -92.76 42.77
C THR FA 662 -12.57 -91.56 41.99
N ILE FA 663 -11.26 -91.62 41.66
CA ILE FA 663 -10.64 -90.57 40.87
C ILE FA 663 -11.07 -90.61 39.41
N LYS FA 664 -11.71 -91.69 38.97
CA LYS FA 664 -12.14 -91.80 37.57
C LYS FA 664 -13.28 -90.83 37.28
N ASP FA 665 -14.19 -90.64 38.22
CA ASP FA 665 -15.33 -89.76 38.04
C ASP FA 665 -14.98 -88.29 38.27
N PHE FA 666 -13.75 -87.99 38.70
CA PHE FA 666 -13.38 -86.61 38.99
C PHE FA 666 -13.09 -85.81 37.72
N TYR FA 667 -12.54 -86.44 36.68
CA TYR FA 667 -12.17 -85.73 35.48
C TYR FA 667 -13.34 -85.49 34.52
N MET FA 668 -14.51 -86.05 34.79
CA MET FA 668 -15.65 -85.97 33.88
C MET FA 668 -16.79 -85.26 34.59
N THR FA 669 -16.78 -83.93 34.53
CA THR FA 669 -17.80 -83.17 35.25
C THR FA 669 -18.52 -82.14 34.39
N ASP FA 670 -17.81 -81.46 33.48
CA ASP FA 670 -18.37 -80.33 32.75
C ASP FA 670 -18.15 -80.53 31.25
N SER FA 671 -18.66 -79.57 30.47
CA SER FA 671 -18.52 -79.63 29.02
C SER FA 671 -17.10 -79.31 28.58
N ILE FA 672 -16.36 -78.54 29.37
CA ILE FA 672 -14.98 -78.21 29.03
C ILE FA 672 -14.10 -79.44 29.16
N SER FA 673 -14.27 -80.20 30.24
CA SER FA 673 -13.48 -81.43 30.43
C SER FA 673 -13.90 -82.54 29.49
N ARG FA 674 -15.12 -82.49 28.94
CA ARG FA 674 -15.58 -83.53 28.03
C ARG FA 674 -15.01 -83.40 26.63
N ALA FA 675 -14.34 -82.29 26.32
CA ALA FA 675 -13.69 -82.09 25.03
C ALA FA 675 -12.17 -82.06 25.16
N SER FA 676 -11.63 -82.57 26.27
CA SER FA 676 -10.20 -82.52 26.54
C SER FA 676 -9.60 -83.89 26.30
N GLN FA 677 -8.59 -83.95 25.44
CA GLN FA 677 -7.85 -85.20 25.25
C GLN FA 677 -6.92 -85.50 26.42
N THR FA 678 -6.51 -84.47 27.17
CA THR FA 678 -5.72 -84.68 28.37
C THR FA 678 -6.53 -85.41 29.44
N MET FA 679 -7.81 -85.03 29.60
CA MET FA 679 -8.66 -85.71 30.56
C MET FA 679 -9.03 -87.11 30.08
N ALA FA 680 -9.16 -87.31 28.77
CA ALA FA 680 -9.36 -88.65 28.24
C ALA FA 680 -8.14 -89.53 28.52
N LYS FA 681 -6.93 -88.96 28.36
CA LYS FA 681 -5.71 -89.69 28.69
C LYS FA 681 -5.64 -90.01 30.18
N CYS FA 682 -6.06 -89.07 31.04
CA CYS FA 682 -6.06 -89.33 32.47
C CYS FA 682 -7.05 -90.43 32.85
N VAL FA 683 -8.25 -90.42 32.25
CA VAL FA 683 -9.24 -91.45 32.53
C VAL FA 683 -8.74 -92.81 32.06
N LYS FA 684 -8.16 -92.87 30.86
CA LYS FA 684 -7.58 -94.10 30.34
C LYS FA 684 -6.44 -94.60 31.22
N ALA FA 685 -5.63 -93.68 31.73
CA ALA FA 685 -4.46 -94.06 32.52
C ALA FA 685 -4.85 -94.51 33.92
N VAL FA 686 -5.96 -93.98 34.48
CA VAL FA 686 -6.40 -94.43 35.79
C VAL FA 686 -7.35 -95.62 35.73
N THR FA 687 -7.88 -95.95 34.56
CA THR FA 687 -8.78 -97.09 34.44
C THR FA 687 -8.08 -98.37 34.02
N GLU FA 688 -6.74 -98.36 33.96
CA GLU FA 688 -6.00 -99.56 33.61
C GLU FA 688 -5.37 -100.19 34.85
N THR GA 1 38.74 -57.08 42.73
CA THR GA 1 38.70 -55.67 43.10
C THR GA 1 39.64 -54.86 42.22
N ARG GA 2 40.88 -55.35 42.08
CA ARG GA 2 41.84 -54.65 41.22
C ARG GA 2 41.57 -54.84 39.73
N PRO GA 3 41.54 -56.09 39.16
CA PRO GA 3 41.55 -56.18 37.68
C PRO GA 3 40.22 -55.85 37.02
N THR GA 4 39.11 -56.35 37.57
CA THR GA 4 37.83 -56.33 36.86
C THR GA 4 36.84 -55.32 37.44
N VAL GA 5 37.28 -54.42 38.31
CA VAL GA 5 36.42 -53.39 38.88
C VAL GA 5 36.99 -52.03 38.50
N ARG GA 6 36.10 -51.14 38.08
CA ARG GA 6 36.49 -49.78 37.72
C ARG GA 6 37.04 -49.05 38.94
N PRO GA 7 38.19 -48.40 38.83
CA PRO GA 7 38.76 -47.72 40.00
C PRO GA 7 37.94 -46.51 40.42
N ARG GA 8 37.95 -46.25 41.73
CA ARG GA 8 37.17 -45.17 42.31
C ARG GA 8 38.04 -43.93 42.49
N ASN GA 9 37.44 -42.77 42.26
CA ASN GA 9 38.11 -41.49 42.43
C ASN GA 9 37.61 -40.84 43.70
N ASP GA 10 38.52 -40.34 44.53
CA ASP GA 10 38.16 -39.72 45.80
C ASP GA 10 38.48 -38.25 45.88
N VAL GA 11 39.55 -37.79 45.23
CA VAL GA 11 39.85 -36.36 45.26
C VAL GA 11 38.82 -35.58 44.42
N ALA GA 12 38.34 -36.17 43.31
CA ALA GA 12 37.28 -35.54 42.53
C ALA GA 12 35.98 -35.54 43.31
N HIS GA 13 35.72 -36.62 44.06
CA HIS GA 13 34.55 -36.68 44.92
C HIS GA 13 34.59 -35.60 45.99
N LYS GA 14 35.76 -35.41 46.61
CA LYS GA 14 35.91 -34.37 47.64
C LYS GA 14 35.72 -32.98 47.05
N GLN GA 15 36.31 -32.71 45.88
CA GLN GA 15 36.18 -31.39 45.27
C GLN GA 15 34.74 -31.12 44.84
N LEU GA 16 34.06 -32.13 44.29
CA LEU GA 16 32.68 -31.94 43.89
C LEU GA 16 31.76 -31.75 45.09
N SER GA 17 32.02 -32.47 46.19
CA SER GA 17 31.23 -32.28 47.40
C SER GA 17 31.46 -30.89 48.00
N ALA GA 18 32.71 -30.41 47.97
CA ALA GA 18 33.01 -29.07 48.47
C ALA GA 18 32.31 -28.01 47.62
N PHE GA 19 32.33 -28.16 46.29
CA PHE GA 19 31.65 -27.18 45.46
C PHE GA 19 30.13 -27.28 45.59
N GLY GA 20 29.59 -28.47 45.83
CA GLY GA 20 28.17 -28.59 46.09
C GLY GA 20 27.76 -27.90 47.37
N GLU GA 21 28.57 -28.04 48.43
CA GLU GA 21 28.32 -27.32 49.66
C GLU GA 21 28.41 -25.81 49.44
N TYR GA 22 29.39 -25.37 48.65
CA TYR GA 22 29.56 -23.95 48.35
C TYR GA 22 28.35 -23.39 47.59
N VAL GA 23 27.86 -24.14 46.61
CA VAL GA 23 26.69 -23.70 45.85
C VAL GA 23 25.45 -23.69 46.72
N ALA GA 24 25.25 -24.74 47.53
CA ALA GA 24 24.07 -24.81 48.38
C ALA GA 24 24.07 -23.76 49.47
N GLU GA 25 25.24 -23.31 49.91
CA GLU GA 25 25.32 -22.24 50.89
C GLU GA 25 25.39 -20.85 50.25
N ILE GA 26 25.57 -20.76 48.94
CA ILE GA 26 25.62 -19.45 48.29
C ILE GA 26 24.28 -19.03 47.67
N LEU GA 27 23.36 -19.95 47.43
CA LEU GA 27 22.04 -19.63 46.88
C LEU GA 27 20.96 -20.39 47.65
N PRO GA 28 20.72 -20.03 48.93
CA PRO GA 28 19.77 -20.81 49.73
C PRO GA 28 18.31 -20.61 49.33
N LYS GA 29 18.01 -19.67 48.44
CA LYS GA 29 16.62 -19.39 48.09
C LYS GA 29 16.02 -20.49 47.22
N TYR GA 30 16.81 -21.06 46.31
CA TYR GA 30 16.29 -21.96 45.30
C TYR GA 30 16.80 -23.39 45.38
N VAL GA 31 17.93 -23.65 46.02
CA VAL GA 31 18.48 -24.99 46.06
C VAL GA 31 17.70 -25.83 47.08
N GLN GA 32 17.43 -27.08 46.72
CA GLN GA 32 16.73 -28.01 47.60
C GLN GA 32 17.58 -29.19 48.00
N GLN GA 33 18.22 -29.86 47.03
CA GLN GA 33 19.09 -30.99 47.32
C GLN GA 33 20.38 -30.86 46.53
N VAL GA 34 21.46 -31.37 47.12
CA VAL GA 34 22.75 -31.45 46.44
C VAL GA 34 23.29 -32.85 46.68
N GLN GA 35 23.59 -33.58 45.60
CA GLN GA 35 24.09 -34.93 45.71
C GLN GA 35 25.33 -35.13 44.86
N VAL GA 36 26.22 -35.98 45.33
CA VAL GA 36 27.39 -36.41 44.57
C VAL GA 36 27.29 -37.91 44.39
N SER GA 37 27.29 -38.37 43.14
CA SER GA 37 27.12 -39.78 42.85
C SER GA 37 28.41 -40.54 43.14
N CYS GA 38 28.35 -41.87 42.98
CA CYS GA 38 29.52 -42.70 43.24
C CYS GA 38 30.60 -42.52 42.19
N PHE GA 39 30.22 -42.22 40.95
CA PHE GA 39 31.18 -42.01 39.87
C PHE GA 39 31.55 -40.54 39.68
N SER GA 40 31.50 -39.75 40.77
CA SER GA 40 31.96 -38.36 40.81
C SER GA 40 31.21 -37.47 39.80
N GLU GA 41 29.91 -37.36 40.01
CA GLU GA 41 29.07 -36.43 39.26
C GLU GA 41 28.20 -35.66 40.25
N LEU GA 42 28.18 -34.35 40.12
CA LEU GA 42 27.45 -33.47 41.03
C LEU GA 42 26.11 -33.10 40.44
N GLU GA 43 25.05 -33.29 41.21
CA GLU GA 43 23.69 -32.96 40.78
C GLU GA 43 23.05 -32.03 41.79
N ILE GA 44 22.47 -30.95 41.30
CA ILE GA 44 21.81 -29.94 42.14
C ILE GA 44 20.33 -29.94 41.77
N CYS GA 45 19.49 -30.34 42.72
CA CYS GA 45 18.04 -30.32 42.55
C CYS GA 45 17.51 -29.02 43.15
N ILE GA 46 17.01 -28.13 42.30
CA ILE GA 46 16.59 -26.79 42.70
C ILE GA 46 15.13 -26.58 42.36
N HIS GA 47 14.56 -25.51 42.90
CA HIS GA 47 13.18 -25.15 42.63
C HIS GA 47 13.03 -24.63 41.20
N PRO GA 48 11.87 -24.85 40.56
CA PRO GA 48 11.65 -24.28 39.23
C PRO GA 48 11.69 -22.76 39.18
N ASP GA 49 11.25 -22.08 40.24
CA ASP GA 49 11.22 -20.62 40.26
C ASP GA 49 12.60 -19.99 40.18
N GLY GA 50 13.66 -20.76 40.44
CA GLY GA 50 15.01 -20.27 40.25
C GLY GA 50 15.67 -20.89 39.05
N VAL GA 51 14.93 -21.12 37.96
CA VAL GA 51 15.53 -21.67 36.75
C VAL GA 51 16.48 -20.64 36.11
N ILE GA 52 16.12 -19.37 36.13
CA ILE GA 52 16.94 -18.32 35.52
C ILE GA 52 18.14 -17.94 36.39
N PRO GA 53 17.99 -17.56 37.72
CA PRO GA 53 19.15 -16.99 38.43
C PRO GA 53 20.30 -17.97 38.65
N VAL GA 54 19.97 -19.19 39.11
CA VAL GA 54 21.00 -20.16 39.53
C VAL GA 54 21.94 -20.48 38.38
N LEU GA 55 21.37 -20.84 37.23
CA LEU GA 55 22.17 -21.09 36.04
C LEU GA 55 22.94 -19.85 35.61
N THR GA 56 22.29 -18.67 35.71
CA THR GA 56 22.98 -17.42 35.42
C THR GA 56 24.17 -17.23 36.34
N PHE GA 57 24.01 -17.61 37.62
CA PHE GA 57 25.13 -17.60 38.55
C PHE GA 57 26.25 -18.49 38.04
N LEU GA 58 25.91 -19.71 37.62
CA LEU GA 58 26.91 -20.62 37.10
C LEU GA 58 27.46 -20.15 35.76
N ARG GA 59 26.77 -19.22 35.09
CA ARG GA 59 27.33 -18.67 33.86
C ARG GA 59 28.32 -17.55 34.13
N ASP GA 60 28.22 -16.87 35.27
CA ASP GA 60 28.93 -15.60 35.41
C ASP GA 60 29.81 -15.48 36.64
N HIS GA 61 29.82 -16.47 37.53
CA HIS GA 61 30.68 -16.39 38.69
C HIS GA 61 32.13 -16.64 38.31
N SER GA 62 33.04 -16.04 39.07
CA SER GA 62 34.46 -16.24 38.80
C SER GA 62 34.91 -17.65 39.13
N ASN GA 63 34.28 -18.28 40.12
CA ASN GA 63 34.67 -19.60 40.56
C ASN GA 63 33.85 -20.72 39.94
N ALA GA 64 32.90 -20.42 39.06
CA ALA GA 64 32.13 -21.46 38.39
C ALA GA 64 32.41 -21.52 36.89
N GLN GA 65 32.13 -20.42 36.17
CA GLN GA 65 32.44 -20.27 34.75
C GLN GA 65 31.90 -21.41 33.89
N PHE GA 66 30.68 -21.86 34.19
CA PHE GA 66 30.04 -22.93 33.42
C PHE GA 66 29.52 -22.32 32.12
N LYS GA 67 30.43 -22.11 31.18
CA LYS GA 67 30.10 -21.38 29.97
C LYS GA 67 29.31 -22.22 28.98
N SER GA 68 29.60 -23.52 28.90
CA SER GA 68 29.03 -24.37 27.86
C SER GA 68 27.78 -25.08 28.37
N LEU GA 69 26.78 -25.18 27.50
CA LEU GA 69 25.57 -25.95 27.78
C LEU GA 69 25.62 -27.22 26.96
N ALA GA 70 25.59 -28.36 27.64
CA ALA GA 70 25.71 -29.64 26.95
C ALA GA 70 24.36 -30.26 26.62
N ASP GA 71 23.46 -30.34 27.60
CA ASP GA 71 22.21 -31.05 27.43
C ASP GA 71 21.05 -30.27 28.03
N LEU GA 72 19.86 -30.58 27.54
CA LEU GA 72 18.61 -30.11 28.14
C LEU GA 72 17.62 -31.28 28.01
N THR GA 73 17.51 -32.07 29.07
CA THR GA 73 16.83 -33.36 29.02
C THR GA 73 15.58 -33.31 29.89
N ALA GA 74 14.49 -33.84 29.38
CA ALA GA 74 13.25 -33.99 30.14
C ALA GA 74 13.03 -35.46 30.43
N VAL GA 75 12.76 -35.78 31.70
CA VAL GA 75 12.51 -37.16 32.12
C VAL GA 75 11.09 -37.22 32.65
N ASP GA 76 10.31 -38.19 32.14
CA ASP GA 76 8.91 -38.35 32.50
C ASP GA 76 8.78 -39.48 33.51
N ILE GA 77 8.41 -39.15 34.74
CA ILE GA 77 8.15 -40.12 35.79
C ILE GA 77 6.69 -39.99 36.20
N PRO GA 78 5.83 -40.90 35.74
CA PRO GA 78 4.38 -40.72 35.97
C PRO GA 78 3.95 -40.88 37.42
N THR GA 79 4.77 -41.47 38.28
CA THR GA 79 4.35 -41.74 39.64
C THR GA 79 4.45 -40.52 40.55
N ARG GA 80 5.00 -39.41 40.08
CA ARG GA 80 5.05 -38.17 40.85
C ARG GA 80 3.97 -37.21 40.35
N GLN GA 81 3.60 -36.27 41.23
CA GLN GA 81 2.62 -35.25 40.84
C GLN GA 81 3.22 -34.24 39.89
N ASN GA 82 4.53 -33.97 40.00
CA ASN GA 82 5.26 -33.17 39.02
C ASN GA 82 6.02 -34.15 38.14
N ARG GA 83 5.33 -34.65 37.12
CA ARG GA 83 5.79 -35.82 36.39
C ARG GA 83 6.95 -35.54 35.45
N PHE GA 84 7.31 -34.28 35.22
CA PHE GA 84 8.39 -33.94 34.31
C PHE GA 84 9.61 -33.49 35.10
N GLU GA 85 10.78 -34.03 34.75
CA GLU GA 85 12.04 -33.67 35.37
C GLU GA 85 12.91 -33.00 34.32
N ILE GA 86 13.03 -31.67 34.39
CA ILE GA 86 13.84 -30.91 33.47
C ILE GA 86 15.26 -30.86 34.01
N VAL GA 87 16.23 -31.28 33.19
CA VAL GA 87 17.61 -31.42 33.63
C VAL GA 87 18.50 -30.65 32.67
N TYR GA 88 19.30 -29.73 33.23
CA TYR GA 88 20.30 -28.98 32.50
C TYR GA 88 21.68 -29.59 32.79
N ASN GA 89 22.51 -29.69 31.76
CA ASN GA 89 23.88 -30.13 31.92
C ASN GA 89 24.80 -29.00 31.51
N LEU GA 90 25.72 -28.63 32.41
CA LEU GA 90 26.61 -27.51 32.18
C LEU GA 90 28.06 -27.96 32.24
N LEU GA 91 28.90 -27.35 31.40
CA LEU GA 91 30.31 -27.67 31.31
C LEU GA 91 31.12 -26.38 31.47
N SER GA 92 32.07 -26.40 32.40
CA SER GA 92 32.94 -25.28 32.67
C SER GA 92 34.32 -25.59 32.08
N LEU GA 93 34.78 -24.72 31.18
CA LEU GA 93 36.03 -24.94 30.45
C LEU GA 93 37.24 -24.47 31.25
N ARG GA 94 37.08 -23.42 32.05
CA ARG GA 94 38.21 -22.89 32.80
C ARG GA 94 38.65 -23.84 33.90
N PHE GA 95 37.69 -24.35 34.69
CA PHE GA 95 37.99 -25.29 35.75
C PHE GA 95 37.83 -26.74 35.32
N ASN GA 96 37.35 -26.98 34.10
CA ASN GA 96 37.18 -28.32 33.52
C ASN GA 96 36.25 -29.18 34.39
N SER GA 97 35.00 -28.74 34.49
CA SER GA 97 34.03 -29.37 35.38
C SER GA 97 32.72 -29.60 34.65
N ARG GA 98 31.95 -30.56 35.17
CA ARG GA 98 30.61 -30.85 34.65
C ARG GA 98 29.63 -30.83 35.81
N ILE GA 99 28.46 -30.22 35.59
CA ILE GA 99 27.45 -30.09 36.63
C ILE GA 99 26.08 -30.37 36.03
N ARG GA 100 25.14 -30.73 36.92
CA ARG GA 100 23.79 -31.14 36.54
C ARG GA 100 22.79 -30.43 37.44
N VAL GA 101 21.83 -29.75 36.83
CA VAL GA 101 20.81 -28.99 37.55
C VAL GA 101 19.45 -29.60 37.24
N LYS GA 102 18.74 -30.04 38.27
CA LYS GA 102 17.47 -30.74 38.11
C LYS GA 102 16.33 -29.92 38.70
N THR GA 103 15.20 -29.88 37.98
CA THR GA 103 14.01 -29.22 38.48
C THR GA 103 12.79 -30.04 38.09
N TYR GA 104 11.68 -29.82 38.81
CA TYR GA 104 10.46 -30.58 38.64
C TYR GA 104 9.36 -29.67 38.10
N THR GA 105 8.53 -30.23 37.20
CA THR GA 105 7.47 -29.45 36.58
C THR GA 105 6.42 -30.42 36.03
N ASP GA 106 5.16 -30.13 36.30
CA ASP GA 106 4.04 -30.93 35.81
C ASP GA 106 3.62 -30.45 34.42
N GLU GA 107 2.45 -30.88 33.95
CA GLU GA 107 2.04 -30.62 32.58
C GLU GA 107 1.66 -29.16 32.36
N LEU GA 108 0.89 -28.57 33.28
CA LEU GA 108 0.27 -27.29 33.03
C LEU GA 108 1.13 -26.09 33.41
N THR GA 109 1.89 -26.19 34.50
CA THR GA 109 2.65 -25.03 34.97
C THR GA 109 3.83 -24.77 34.05
N PRO GA 110 4.06 -23.52 33.64
CA PRO GA 110 5.18 -23.22 32.75
C PRO GA 110 6.47 -22.96 33.52
N VAL GA 111 7.57 -22.96 32.77
CA VAL GA 111 8.89 -22.63 33.29
C VAL GA 111 9.51 -21.55 32.40
N GLU GA 112 10.21 -20.62 33.02
CA GLU GA 112 10.80 -19.50 32.30
C GLU GA 112 11.94 -20.00 31.41
N SER GA 113 12.00 -19.47 30.20
CA SER GA 113 12.96 -19.95 29.22
C SER GA 113 14.37 -19.49 29.57
N SER GA 114 15.35 -20.36 29.32
CA SER GA 114 16.76 -20.07 29.58
C SER GA 114 17.48 -19.65 28.30
N VAL GA 115 16.80 -18.93 27.41
CA VAL GA 115 17.44 -18.44 26.19
C VAL GA 115 18.49 -17.39 26.52
N SER GA 116 18.17 -16.48 27.44
CA SER GA 116 19.08 -15.39 27.81
C SER GA 116 20.33 -15.87 28.54
N VAL GA 117 20.35 -17.11 29.02
CA VAL GA 117 21.54 -17.66 29.66
C VAL GA 117 22.38 -18.36 28.60
N TYR GA 118 21.81 -19.39 27.96
CA TYR GA 118 22.46 -20.09 26.87
C TYR GA 118 21.53 -20.10 25.67
N LYS GA 119 22.03 -19.64 24.51
CA LYS GA 119 21.19 -19.57 23.33
C LYS GA 119 20.98 -20.92 22.67
N ALA GA 120 21.82 -21.91 22.97
CA ALA GA 120 21.65 -23.25 22.40
C ALA GA 120 20.34 -23.86 22.87
N ALA GA 121 19.96 -23.61 24.12
CA ALA GA 121 18.68 -24.06 24.65
C ALA GA 121 17.50 -23.48 23.88
N ASN GA 122 17.71 -22.38 23.14
CA ASN GA 122 16.70 -21.81 22.27
C ASN GA 122 16.17 -22.85 21.27
N TRP GA 123 17.00 -23.81 20.88
CA TRP GA 123 16.45 -24.94 20.15
C TRP GA 123 16.03 -26.08 21.08
N TYR GA 124 16.85 -26.35 22.11
CA TYR GA 124 16.76 -27.62 22.84
C TYR GA 124 15.40 -27.79 23.53
N GLU GA 125 15.01 -26.80 24.34
CA GLU GA 125 13.73 -26.87 25.02
C GLU GA 125 12.56 -26.82 24.06
N ARG GA 126 12.78 -26.23 22.87
CA ARG GA 126 11.78 -26.31 21.81
C ARG GA 126 11.43 -27.75 21.49
N GLU GA 127 12.47 -28.58 21.31
CA GLU GA 127 12.27 -30.02 21.10
C GLU GA 127 11.55 -30.64 22.29
N ILE GA 128 11.84 -30.14 23.50
CA ILE GA 128 11.18 -30.64 24.70
C ILE GA 128 9.67 -30.48 24.59
N TRP GA 129 9.21 -29.31 24.12
CA TRP GA 129 7.79 -29.13 23.89
C TRP GA 129 7.28 -30.16 22.88
N ASP GA 130 7.99 -30.29 21.76
CA ASP GA 130 7.62 -31.22 20.70
C ASP GA 130 7.68 -32.66 21.17
N MET GA 131 8.32 -32.93 22.30
CA MET GA 131 8.34 -34.27 22.83
C MET GA 131 7.57 -34.43 24.14
N PHE GA 132 7.25 -33.34 24.83
CA PHE GA 132 6.67 -33.50 26.17
C PHE GA 132 5.48 -32.61 26.47
N GLY GA 133 5.30 -31.48 25.80
CA GLY GA 133 4.22 -30.59 26.16
C GLY GA 133 4.53 -29.65 27.30
N VAL GA 134 5.77 -29.62 27.77
CA VAL GA 134 6.18 -28.67 28.81
C VAL GA 134 6.34 -27.30 28.16
N PHE GA 135 5.46 -26.37 28.51
CA PHE GA 135 5.49 -25.04 27.91
C PHE GA 135 6.60 -24.20 28.53
N PHE GA 136 7.35 -23.50 27.69
CA PHE GA 136 8.44 -22.63 28.11
C PHE GA 136 8.04 -21.19 27.83
N ALA GA 137 7.76 -20.44 28.89
CA ALA GA 137 7.29 -19.07 28.75
C ALA GA 137 8.41 -18.15 28.27
N ASN GA 138 8.02 -17.10 27.54
CA ASN GA 138 8.92 -16.09 26.98
C ASN GA 138 9.96 -16.72 26.03
N HIS GA 139 9.59 -17.81 25.37
CA HIS GA 139 10.42 -18.36 24.31
C HIS GA 139 10.29 -17.51 23.05
N PRO GA 140 11.39 -17.28 22.32
CA PRO GA 140 11.30 -16.47 21.10
C PRO GA 140 10.49 -17.12 19.99
N ASP GA 141 10.78 -18.39 19.70
CA ASP GA 141 10.10 -19.13 18.64
C ASP GA 141 9.92 -20.56 19.13
N LEU GA 142 8.76 -20.86 19.71
CA LEU GA 142 8.44 -22.17 20.25
C LEU GA 142 7.38 -22.82 19.38
N ARG GA 143 7.75 -23.90 18.69
CA ARG GA 143 6.83 -24.69 17.89
C ARG GA 143 7.39 -26.10 17.80
N ARG GA 144 6.73 -26.95 17.03
CA ARG GA 144 7.23 -28.31 16.83
C ARG GA 144 8.45 -28.29 15.92
N ILE GA 145 9.40 -29.19 16.20
CA ILE GA 145 10.63 -29.25 15.43
C ILE GA 145 10.95 -30.65 14.91
N LEU GA 146 10.43 -31.72 15.50
CA LEU GA 146 10.81 -33.07 15.09
C LEU GA 146 9.66 -33.89 14.54
N THR GA 147 8.47 -33.80 15.12
CA THR GA 147 7.36 -34.63 14.71
C THR GA 147 6.68 -34.04 13.48
N ASP GA 148 5.63 -34.73 13.02
CA ASP GA 148 4.87 -34.28 11.86
C ASP GA 148 4.03 -33.05 12.23
N TYR GA 149 3.57 -32.34 11.19
CA TYR GA 149 2.84 -31.10 11.41
C TYR GA 149 1.44 -31.37 11.97
N GLY GA 150 0.78 -32.42 11.50
CA GLY GA 150 -0.55 -32.75 11.97
C GLY GA 150 -0.55 -33.72 13.13
N PHE GA 151 0.59 -33.85 13.80
CA PHE GA 151 0.72 -34.78 14.90
C PHE GA 151 -0.03 -34.27 16.13
N GLU GA 152 -0.87 -35.11 16.71
CA GLU GA 152 -1.61 -34.79 17.92
C GLU GA 152 -0.99 -35.53 19.10
N GLY GA 153 -0.74 -34.81 20.18
CA GLY GA 153 -0.11 -35.39 21.34
C GLY GA 153 1.39 -35.27 21.32
N HIS GA 154 2.01 -35.80 22.38
CA HIS GA 154 3.45 -35.75 22.54
C HIS GA 154 3.98 -37.16 22.73
N PRO GA 155 4.96 -37.59 21.94
CA PRO GA 155 5.31 -39.02 21.87
C PRO GA 155 6.10 -39.54 23.06
N PHE GA 156 6.96 -38.71 23.65
CA PHE GA 156 7.88 -39.21 24.65
C PHE GA 156 7.26 -39.36 26.03
N ARG GA 157 5.99 -38.96 26.20
CA ARG GA 157 5.28 -39.23 27.44
C ARG GA 157 5.11 -40.74 27.62
N LYS GA 158 5.19 -41.20 28.86
CA LYS GA 158 5.21 -42.64 29.11
C LYS GA 158 3.85 -43.30 28.89
N ASP GA 159 2.76 -42.53 28.89
CA ASP GA 159 1.47 -43.11 28.55
C ASP GA 159 1.24 -43.20 27.05
N PHE GA 160 2.06 -42.53 26.25
CA PHE GA 160 1.95 -42.67 24.80
C PHE GA 160 2.50 -44.03 24.38
N PRO GA 161 1.80 -44.76 23.52
CA PRO GA 161 2.28 -46.08 23.10
C PRO GA 161 3.49 -45.97 22.18
N LEU GA 162 4.13 -47.13 21.94
CA LEU GA 162 5.28 -47.18 21.06
C LEU GA 162 4.90 -46.83 19.63
N SER GA 163 4.02 -47.62 19.03
CA SER GA 163 3.41 -47.24 17.77
C SER GA 163 2.39 -46.13 18.01
N GLY GA 164 2.26 -45.24 17.05
CA GLY GA 164 1.37 -44.11 17.17
C GLY GA 164 -0.08 -44.51 16.99
N TYR GA 165 -0.94 -43.49 16.89
CA TYR GA 165 -2.35 -43.72 16.68
C TYR GA 165 -2.75 -43.68 15.21
N VAL GA 166 -1.89 -43.17 14.34
CA VAL GA 166 -2.21 -43.04 12.92
C VAL GA 166 -1.03 -43.57 12.10
N GLU GA 167 -1.35 -44.01 10.89
CA GLU GA 167 -0.35 -44.47 9.93
C GLU GA 167 -0.64 -43.83 8.58
N LEU GA 168 0.39 -43.67 7.76
CA LEU GA 168 0.28 -43.01 6.47
C LEU GA 168 0.32 -44.03 5.35
N ARG GA 169 -0.62 -43.92 4.41
CA ARG GA 169 -0.58 -44.76 3.22
C ARG GA 169 -1.16 -43.99 2.06
N TYR GA 170 -0.72 -44.35 0.85
CA TYR GA 170 -1.12 -43.62 -0.36
C TYR GA 170 -2.38 -44.22 -0.95
N ASP GA 171 -3.37 -43.38 -1.23
CA ASP GA 171 -4.62 -43.78 -1.85
C ASP GA 171 -4.75 -43.10 -3.20
N ASP GA 172 -5.10 -43.89 -4.22
CA ASP GA 172 -5.25 -43.40 -5.58
C ASP GA 172 -6.59 -42.71 -5.82
N GLU GA 173 -7.61 -43.03 -5.02
CA GLU GA 173 -8.92 -42.41 -5.19
C GLU GA 173 -8.87 -40.91 -4.88
N VAL GA 174 -8.18 -40.53 -3.80
CA VAL GA 174 -7.95 -39.12 -3.50
C VAL GA 174 -6.65 -38.62 -4.06
N LYS GA 175 -5.84 -39.50 -4.68
CA LYS GA 175 -4.53 -39.17 -5.26
C LYS GA 175 -3.61 -38.53 -4.22
N ARG GA 176 -3.61 -39.09 -3.02
CA ARG GA 176 -2.92 -38.43 -1.90
C ARG GA 176 -2.56 -39.47 -0.85
N VAL GA 177 -1.57 -39.13 -0.04
CA VAL GA 177 -1.30 -39.93 1.16
C VAL GA 177 -2.26 -39.48 2.26
N VAL GA 178 -2.76 -40.45 3.01
CA VAL GA 178 -3.77 -40.20 4.03
C VAL GA 178 -3.43 -41.01 5.28
N ALA GA 179 -3.98 -40.55 6.41
CA ALA GA 179 -3.79 -41.19 7.71
C ALA GA 179 -4.97 -42.11 8.00
N GLU GA 180 -4.65 -43.28 8.52
CA GLU GA 180 -5.60 -44.33 8.87
C GLU GA 180 -5.29 -44.83 10.26
N PRO GA 181 -6.25 -45.44 10.95
CA PRO GA 181 -5.96 -46.06 12.26
C PRO GA 181 -4.93 -47.17 12.13
N VAL GA 182 -4.09 -47.30 13.15
CA VAL GA 182 -2.94 -48.19 13.08
C VAL GA 182 -3.41 -49.64 13.19
N GLU GA 183 -2.95 -50.47 12.26
CA GLU GA 183 -3.25 -51.91 12.26
C GLU GA 183 -1.96 -52.62 11.85
N LEU GA 184 -1.24 -53.16 12.83
CA LEU GA 184 0.05 -53.80 12.57
C LEU GA 184 -0.15 -55.20 11.99
N ALA GA 185 0.77 -55.58 11.10
CA ALA GA 185 0.76 -56.94 10.59
C ALA GA 185 1.17 -57.94 11.66
N GLN GA 186 2.05 -57.54 12.57
CA GLN GA 186 2.43 -58.35 13.71
C GLN GA 186 2.45 -57.47 14.95
N GLU GA 187 1.81 -57.93 16.02
CA GLU GA 187 1.82 -57.20 17.28
C GLU GA 187 3.21 -57.20 17.88
N PHE GA 188 3.61 -56.05 18.44
CA PHE GA 188 4.89 -55.93 19.12
C PHE GA 188 4.86 -56.80 20.37
N ARG GA 189 5.64 -57.88 20.37
CA ARG GA 189 5.61 -58.85 21.45
C ARG GA 189 6.28 -58.27 22.68
N LYS GA 190 5.52 -58.09 23.75
CA LYS GA 190 6.05 -57.56 25.00
C LYS GA 190 6.71 -58.68 25.78
N PHE GA 191 8.00 -58.52 26.07
CA PHE GA 191 8.78 -59.55 26.74
C PHE GA 191 8.87 -59.22 28.22
N ASP GA 192 8.42 -60.15 29.07
CA ASP GA 192 8.53 -60.00 30.51
C ASP GA 192 9.90 -60.49 30.94
N LEU GA 193 10.82 -59.55 31.15
CA LEU GA 193 12.21 -59.87 31.44
C LEU GA 193 12.67 -59.45 32.82
N ASN GA 194 11.78 -58.91 33.65
CA ASN GA 194 12.19 -58.46 34.98
C ASN GA 194 12.43 -59.66 35.89
N SER GA 195 13.57 -59.65 36.57
CA SER GA 195 13.89 -60.74 37.47
C SER GA 195 13.04 -60.66 38.74
N PRO GA 196 12.56 -61.79 39.26
CA PRO GA 196 11.82 -61.77 40.52
C PRO GA 196 12.69 -61.73 41.76
N TRP GA 197 14.00 -61.65 41.62
CA TRP GA 197 14.92 -61.65 42.75
C TRP GA 197 15.60 -60.30 42.88
N GLU GA 198 15.94 -59.96 44.13
CA GLU GA 198 16.63 -58.70 44.40
C GLU GA 198 18.06 -58.76 43.89
N ALA GA 199 18.49 -57.68 43.25
CA ALA GA 199 19.81 -57.62 42.62
C ALA GA 199 20.84 -56.89 43.47
N PHE GA 200 20.50 -55.72 44.00
CA PHE GA 200 21.45 -54.88 44.72
C PHE GA 200 20.96 -54.62 46.13
N PRO GA 201 21.63 -55.15 47.16
CA PRO GA 201 21.15 -54.92 48.53
C PRO GA 201 21.31 -53.49 49.01
N ALA GA 202 22.29 -52.75 48.50
CA ALA GA 202 22.51 -51.37 48.94
C ALA GA 202 21.48 -50.39 48.38
N TYR GA 203 20.65 -50.83 47.44
CA TYR GA 203 19.67 -49.97 46.78
C TYR GA 203 18.25 -50.29 47.23
N ARG GA 204 18.10 -51.01 48.34
CA ARG GA 204 16.79 -51.47 48.79
C ARG GA 204 15.99 -50.35 49.41
N GLN GA 205 14.74 -50.22 48.99
CA GLN GA 205 13.83 -49.26 49.59
C GLN GA 205 13.33 -49.77 50.94
N PRO GA 206 13.10 -48.88 51.91
CA PRO GA 206 12.51 -49.30 53.17
C PRO GA 206 11.07 -49.74 52.96
N PRO GA 207 10.58 -50.67 53.78
CA PRO GA 207 9.20 -51.15 53.61
C PRO GA 207 8.18 -50.09 54.01
N GLU GA 208 6.97 -50.26 53.47
CA GLU GA 208 5.88 -49.33 53.72
C GLU GA 208 5.36 -49.45 55.15
N SER HA 1 4.88 -64.95 -38.21
CA SER HA 1 4.65 -64.05 -39.34
C SER HA 1 5.66 -62.92 -39.33
N ARG HA 2 5.50 -61.99 -40.29
CA ARG HA 2 6.41 -60.85 -40.36
C ARG HA 2 6.22 -59.90 -39.19
N GLY HA 3 4.96 -59.65 -38.81
CA GLY HA 3 4.67 -58.62 -37.83
C GLY HA 3 5.21 -58.94 -36.44
N GLU HA 4 5.01 -60.18 -35.98
CA GLU HA 4 5.47 -60.56 -34.65
C GLU HA 4 6.99 -60.55 -34.57
N TYR HA 5 7.67 -61.02 -35.62
CA TYR HA 5 9.13 -60.99 -35.63
C TYR HA 5 9.65 -59.55 -35.66
N VAL HA 6 9.02 -58.68 -36.44
CA VAL HA 6 9.45 -57.30 -36.53
C VAL HA 6 9.25 -56.57 -35.21
N VAL HA 7 8.09 -56.76 -34.57
CA VAL HA 7 7.86 -56.08 -33.30
C VAL HA 7 8.72 -56.70 -32.20
N ALA HA 8 9.09 -57.99 -32.32
CA ALA HA 8 10.02 -58.57 -31.36
C ALA HA 8 11.42 -57.96 -31.48
N LYS HA 9 11.88 -57.78 -32.73
CA LYS HA 9 13.17 -57.15 -32.95
C LYS HA 9 13.19 -55.70 -32.45
N LEU HA 10 12.13 -54.94 -32.75
CA LEU HA 10 12.04 -53.57 -32.28
C LEU HA 10 11.93 -53.53 -30.76
N ASP HA 11 11.23 -54.49 -30.16
CA ASP HA 11 11.09 -54.55 -28.71
C ASP HA 11 12.43 -54.80 -28.04
N ASP HA 12 13.22 -55.74 -28.55
CA ASP HA 12 14.53 -55.97 -27.91
C ASP HA 12 15.49 -54.81 -28.19
N LEU HA 13 15.33 -54.11 -29.32
CA LEU HA 13 16.17 -52.95 -29.59
C LEU HA 13 15.88 -51.82 -28.59
N ILE HA 14 14.61 -51.45 -28.43
CA ILE HA 14 14.28 -50.39 -27.48
C ILE HA 14 14.49 -50.87 -26.05
N ASN HA 15 14.44 -52.18 -25.81
CA ASN HA 15 14.66 -52.72 -24.48
C ASN HA 15 16.13 -52.62 -24.09
N TRP HA 16 17.03 -52.94 -25.02
CA TRP HA 16 18.45 -52.72 -24.81
C TRP HA 16 18.76 -51.25 -24.62
N ALA HA 17 18.11 -50.39 -25.42
CA ALA HA 17 18.34 -48.95 -25.29
C ALA HA 17 17.90 -48.41 -23.94
N ARG HA 18 16.77 -48.89 -23.43
CA ARG HA 18 16.30 -48.44 -22.11
C ARG HA 18 17.16 -49.02 -20.99
N ARG HA 19 17.53 -50.30 -21.08
CA ARG HA 19 18.24 -50.94 -19.99
C ARG HA 19 19.73 -50.59 -19.94
N SER HA 20 20.29 -50.04 -21.02
CA SER HA 20 21.71 -49.74 -21.05
C SER HA 20 22.04 -48.33 -20.58
N SER HA 21 21.04 -47.49 -20.29
CA SER HA 21 21.27 -46.11 -19.92
C SER HA 21 20.36 -45.69 -18.76
N LEU HA 22 20.28 -46.53 -17.74
CA LEU HA 22 19.43 -46.25 -16.59
C LEU HA 22 20.01 -45.09 -15.78
N TRP HA 23 19.35 -43.93 -15.84
CA TRP HA 23 19.79 -42.75 -15.10
C TRP HA 23 19.05 -42.69 -13.78
N PRO HA 24 19.73 -42.71 -12.65
CA PRO HA 24 19.04 -42.82 -11.35
C PRO HA 24 18.76 -41.48 -10.69
N MET HA 25 17.85 -41.53 -9.72
CA MET HA 25 17.60 -40.45 -8.77
C MET HA 25 17.87 -41.00 -7.39
N THR HA 26 18.97 -40.57 -6.77
CA THR HA 26 19.36 -41.04 -5.46
C THR HA 26 18.68 -40.18 -4.39
N PHE HA 27 17.98 -40.84 -3.47
CA PHE HA 27 17.39 -40.18 -2.32
C PHE HA 27 18.35 -40.30 -1.14
N GLY HA 28 19.07 -39.22 -0.85
CA GLY HA 28 20.06 -39.22 0.21
C GLY HA 28 19.45 -39.08 1.59
N LEU HA 29 18.84 -40.14 2.10
CA LEU HA 29 18.17 -40.08 3.39
C LEU HA 29 19.08 -40.46 4.55
N ALA HA 30 19.69 -41.64 4.48
CA ALA HA 30 20.29 -42.28 5.65
C ALA HA 30 21.48 -43.10 5.20
N CYS HA 31 21.84 -44.11 6.02
CA CYS HA 31 23.09 -44.86 5.91
C CYS HA 31 23.27 -45.43 4.50
N CYS HA 32 22.18 -45.96 3.95
CA CYS HA 32 22.19 -46.64 2.67
C CYS HA 32 22.54 -45.69 1.53
N ALA HA 33 22.33 -44.39 1.70
CA ALA HA 33 22.82 -43.43 0.73
C ALA HA 33 24.33 -43.34 0.73
N VAL HA 34 24.95 -43.40 1.92
CA VAL HA 34 26.41 -43.44 2.00
C VAL HA 34 26.93 -44.73 1.38
N GLU HA 35 26.21 -45.84 1.57
CA GLU HA 35 26.59 -47.07 0.90
C GLU HA 35 26.44 -46.96 -0.63
N MET HA 36 25.42 -46.24 -1.11
CA MET HA 36 25.30 -45.98 -2.54
C MET HA 36 26.48 -45.17 -3.06
N MET HA 37 26.89 -44.14 -2.31
CA MET HA 37 28.04 -43.33 -2.70
C MET HA 37 29.32 -44.15 -2.71
N HIS HA 38 29.45 -45.12 -1.80
CA HIS HA 38 30.58 -46.03 -1.85
C HIS HA 38 30.44 -47.09 -2.93
N MET HA 39 29.23 -47.31 -3.45
CA MET HA 39 29.09 -48.10 -4.67
C MET HA 39 29.49 -47.27 -5.89
N ALA HA 40 29.36 -45.95 -5.79
CA ALA HA 40 29.84 -45.03 -6.80
C ALA HA 40 31.35 -44.82 -6.76
N ALA HA 41 32.04 -45.50 -5.86
CA ALA HA 41 33.49 -45.40 -5.75
C ALA HA 41 34.16 -46.00 -6.99
N PRO HA 42 35.43 -45.65 -7.25
CA PRO HA 42 36.12 -46.24 -8.41
C PRO HA 42 36.25 -47.76 -8.37
N ARG HA 43 36.16 -48.39 -7.20
CA ARG HA 43 36.25 -49.85 -7.14
C ARG HA 43 35.05 -50.50 -7.80
N TYR HA 44 33.84 -50.06 -7.45
CA TYR HA 44 32.63 -50.70 -7.98
C TYR HA 44 32.16 -50.06 -9.28
N ASP HA 45 32.13 -48.72 -9.35
CA ASP HA 45 32.04 -47.97 -10.60
C ASP HA 45 30.76 -48.29 -11.37
N MET HA 46 29.64 -47.74 -10.86
CA MET HA 46 28.36 -47.86 -11.56
C MET HA 46 28.43 -47.32 -12.99
N ASP HA 47 29.28 -46.31 -13.22
CA ASP HA 47 29.25 -45.56 -14.47
C ASP HA 47 29.66 -46.39 -15.68
N ARG HA 48 30.30 -47.53 -15.50
CA ARG HA 48 30.59 -48.38 -16.65
C ARG HA 48 29.38 -49.13 -17.15
N PHE HA 49 28.30 -49.17 -16.37
CA PHE HA 49 27.08 -49.87 -16.75
C PHE HA 49 26.11 -48.97 -17.52
N GLY HA 50 26.52 -47.75 -17.85
CA GLY HA 50 25.60 -46.78 -18.39
C GLY HA 50 24.76 -46.07 -17.37
N VAL HA 51 25.12 -46.15 -16.09
CA VAL HA 51 24.37 -45.54 -14.99
C VAL HA 51 25.15 -44.31 -14.55
N VAL HA 52 24.61 -43.13 -14.83
CA VAL HA 52 25.24 -41.87 -14.45
C VAL HA 52 25.12 -41.68 -12.94
N PHE HA 53 25.85 -40.71 -12.40
CA PHE HA 53 25.84 -40.45 -10.96
C PHE HA 53 25.15 -39.11 -10.68
N ARG HA 54 24.14 -39.14 -9.82
CA ARG HA 54 23.43 -37.96 -9.32
C ARG HA 54 22.81 -37.15 -10.46
N ALA HA 55 21.85 -37.79 -11.14
CA ALA HA 55 21.08 -37.10 -12.17
C ALA HA 55 19.92 -36.33 -11.53
N SER HA 56 19.40 -35.38 -12.28
CA SER HA 56 18.27 -34.58 -11.83
C SER HA 56 17.01 -35.45 -11.79
N PRO HA 57 16.09 -35.18 -10.85
CA PRO HA 57 14.91 -36.04 -10.70
C PRO HA 57 13.85 -35.85 -11.78
N ARG HA 58 14.04 -34.89 -12.68
CA ARG HA 58 13.11 -34.66 -13.78
C ARG HA 58 13.48 -35.44 -15.03
N GLN HA 59 14.66 -36.04 -15.09
CA GLN HA 59 15.09 -36.82 -16.24
C GLN HA 59 15.48 -38.25 -15.88
N SER HA 60 15.43 -38.61 -14.61
CA SER HA 60 15.86 -39.94 -14.18
C SER HA 60 14.86 -41.01 -14.61
N ASP HA 61 15.37 -42.22 -14.81
CA ASP HA 61 14.55 -43.37 -15.16
C ASP HA 61 14.21 -44.24 -13.96
N VAL HA 62 15.13 -44.39 -13.02
CA VAL HA 62 14.91 -45.21 -11.84
C VAL HA 62 15.14 -44.35 -10.60
N MET HA 63 14.53 -44.78 -9.50
CA MET HA 63 14.68 -44.14 -8.20
C MET HA 63 15.09 -45.20 -7.19
N ILE HA 64 16.11 -44.90 -6.38
CA ILE HA 64 16.57 -45.82 -5.35
C ILE HA 64 16.27 -45.18 -4.00
N VAL HA 65 15.30 -45.74 -3.27
CA VAL HA 65 14.92 -45.24 -1.96
C VAL HA 65 15.89 -45.83 -0.95
N ALA HA 66 16.88 -45.05 -0.54
CA ALA HA 66 17.92 -45.49 0.37
C ALA HA 66 17.77 -44.75 1.70
N GLY HA 67 17.18 -45.41 2.68
CA GLY HA 67 17.06 -44.85 4.01
C GLY HA 67 15.67 -45.03 4.55
N THR HA 68 15.42 -44.40 5.70
CA THR HA 68 14.13 -44.50 6.37
C THR HA 68 13.18 -43.44 5.82
N LEU HA 69 11.99 -43.88 5.43
CA LEU HA 69 10.94 -42.99 4.93
C LEU HA 69 9.98 -42.73 6.08
N THR HA 70 10.10 -41.57 6.71
CA THR HA 70 9.27 -41.22 7.85
C THR HA 70 7.93 -40.66 7.37
N ASN HA 71 7.10 -40.25 8.32
CA ASN HA 71 5.80 -39.68 7.98
C ASN HA 71 5.93 -38.28 7.40
N LYS HA 72 6.95 -37.53 7.83
CA LYS HA 72 7.13 -36.16 7.37
C LYS HA 72 7.70 -36.07 5.95
N MET HA 73 8.17 -37.19 5.40
CA MET HA 73 8.83 -37.17 4.09
C MET HA 73 8.02 -37.88 3.00
N ALA HA 74 7.04 -38.70 3.38
CA ALA HA 74 6.26 -39.44 2.40
C ALA HA 74 5.53 -38.59 1.35
N PRO HA 75 4.86 -37.46 1.67
CA PRO HA 75 4.31 -36.63 0.58
C PRO HA 75 5.36 -36.09 -0.37
N ALA HA 76 6.54 -35.73 0.14
CA ALA HA 76 7.61 -35.25 -0.73
C ALA HA 76 8.10 -36.35 -1.67
N LEU HA 77 8.24 -37.57 -1.16
CA LEU HA 77 8.68 -38.68 -2.00
C LEU HA 77 7.62 -39.04 -3.04
N ARG HA 78 6.34 -38.98 -2.65
CA ARG HA 78 5.28 -39.23 -3.62
C ARG HA 78 5.24 -38.15 -4.70
N LYS HA 79 5.48 -36.90 -4.31
CA LYS HA 79 5.55 -35.81 -5.29
C LYS HA 79 6.71 -36.01 -6.26
N VAL HA 80 7.86 -36.44 -5.74
CA VAL HA 80 9.03 -36.68 -6.59
C VAL HA 80 8.76 -37.82 -7.56
N TYR HA 81 8.14 -38.90 -7.06
CA TYR HA 81 7.81 -40.03 -7.93
C TYR HA 81 6.79 -39.64 -8.99
N ASP HA 82 5.81 -38.81 -8.63
CA ASP HA 82 4.82 -38.36 -9.61
C ASP HA 82 5.43 -37.42 -10.64
N GLN HA 83 6.47 -36.68 -10.27
CA GLN HA 83 7.11 -35.77 -11.21
C GLN HA 83 7.98 -36.52 -12.22
N MET HA 84 8.52 -37.68 -11.86
CA MET HA 84 9.47 -38.37 -12.71
C MET HA 84 8.76 -39.01 -13.90
N PRO HA 85 9.26 -38.83 -15.13
CA PRO HA 85 8.53 -39.27 -16.31
C PRO HA 85 8.54 -40.78 -16.49
N GLU HA 86 7.54 -41.25 -17.26
CA GLU HA 86 7.41 -42.66 -17.60
C GLU HA 86 8.41 -43.06 -18.69
N PRO HA 87 8.91 -44.30 -18.66
CA PRO HA 87 8.71 -45.31 -17.61
C PRO HA 87 9.60 -45.07 -16.39
N ARG HA 88 9.08 -45.39 -15.21
CA ARG HA 88 9.79 -45.17 -13.96
C ARG HA 88 9.87 -46.46 -13.18
N TYR HA 89 11.02 -46.72 -12.57
CA TYR HA 89 11.25 -47.91 -11.77
C TYR HA 89 11.75 -47.49 -10.40
N VAL HA 90 11.46 -48.32 -9.40
CA VAL HA 90 11.85 -48.04 -8.02
C VAL HA 90 12.62 -49.24 -7.47
N VAL HA 91 13.79 -48.98 -6.91
CA VAL HA 91 14.63 -49.98 -6.27
C VAL HA 91 14.74 -49.64 -4.80
N SER HA 92 14.47 -50.61 -3.93
CA SER HA 92 14.45 -50.37 -2.49
C SER HA 92 15.75 -50.81 -1.86
N MET HA 93 16.54 -49.85 -1.36
CA MET HA 93 17.69 -50.14 -0.51
C MET HA 93 17.29 -50.38 0.93
N GLY HA 94 18.01 -51.30 1.56
CA GLY HA 94 17.99 -51.46 3.01
C GLY HA 94 16.73 -52.05 3.57
N SER HA 95 16.74 -52.36 4.87
CA SER HA 95 15.54 -52.84 5.53
C SER HA 95 14.56 -51.72 5.83
N CYS HA 96 15.04 -50.47 5.91
CA CYS HA 96 14.18 -49.32 6.19
C CYS HA 96 13.14 -49.13 5.09
N ALA HA 97 13.59 -49.10 3.83
CA ALA HA 97 12.66 -48.94 2.72
C ALA HA 97 12.00 -50.24 2.31
N ASN HA 98 12.46 -51.39 2.82
CA ASN HA 98 11.79 -52.64 2.56
C ASN HA 98 10.57 -52.81 3.47
N GLY HA 99 10.80 -52.82 4.78
CA GLY HA 99 9.70 -53.02 5.70
C GLY HA 99 9.84 -52.23 6.99
N GLY HA 100 10.68 -51.19 6.97
CA GLY HA 100 10.97 -50.42 8.16
C GLY HA 100 12.20 -50.89 8.89
N GLY HA 101 12.41 -52.21 8.93
CA GLY HA 101 13.61 -52.78 9.51
C GLY HA 101 13.69 -52.63 11.01
N TYR HA 102 14.69 -51.88 11.47
CA TYR HA 102 14.84 -51.62 12.90
C TYR HA 102 13.66 -50.84 13.46
N TYR HA 103 13.17 -49.86 12.70
CA TYR HA 103 12.16 -48.92 13.16
C TYR HA 103 10.76 -49.28 12.65
N HIS HA 104 10.47 -50.59 12.54
CA HIS HA 104 9.17 -51.02 12.05
C HIS HA 104 8.05 -50.66 13.01
N TYR HA 105 8.32 -50.68 14.32
CA TYR HA 105 7.30 -50.39 15.32
C TYR HA 105 7.39 -48.97 15.87
N SER HA 106 8.18 -48.11 15.24
CA SER HA 106 8.23 -46.71 15.65
C SER HA 106 6.95 -45.99 15.24
N TYR HA 107 6.66 -44.90 15.94
CA TYR HA 107 5.40 -44.20 15.72
C TYR HA 107 5.41 -43.37 14.44
N SER HA 108 6.57 -42.89 14.01
CA SER HA 108 6.67 -41.98 12.87
C SER HA 108 7.55 -42.55 11.77
N VAL HA 109 7.41 -43.85 11.49
CA VAL HA 109 8.14 -44.50 10.41
C VAL HA 109 7.13 -45.26 9.56
N VAL HA 110 7.14 -45.01 8.25
CA VAL HA 110 6.30 -45.77 7.34
C VAL HA 110 6.86 -47.17 7.19
N ARG HA 111 6.02 -48.17 7.43
CA ARG HA 111 6.43 -49.57 7.40
C ARG HA 111 6.58 -50.01 5.94
N GLY HA 112 7.73 -49.67 5.36
CA GLY HA 112 8.00 -49.99 3.97
C GLY HA 112 7.60 -48.88 3.03
N CYS HA 113 8.45 -48.58 2.05
CA CYS HA 113 8.14 -47.59 1.04
C CYS HA 113 7.22 -48.12 -0.05
N ASP HA 114 6.85 -49.40 0.02
CA ASP HA 114 5.83 -49.94 -0.86
C ASP HA 114 4.45 -49.33 -0.62
N ARG HA 115 4.21 -48.81 0.59
CA ARG HA 115 2.93 -48.19 0.89
C ARG HA 115 2.76 -46.84 0.21
N ILE HA 116 3.83 -46.24 -0.28
CA ILE HA 116 3.77 -44.93 -0.94
C ILE HA 116 3.90 -45.06 -2.45
N VAL HA 117 4.89 -45.83 -2.91
CA VAL HA 117 5.17 -45.96 -4.34
C VAL HA 117 5.24 -47.45 -4.69
N PRO HA 118 4.94 -47.83 -5.93
CA PRO HA 118 5.19 -49.21 -6.36
C PRO HA 118 6.68 -49.49 -6.43
N VAL HA 119 7.08 -50.65 -5.92
CA VAL HA 119 8.48 -51.02 -5.78
C VAL HA 119 8.73 -52.28 -6.61
N ASP HA 120 9.77 -52.23 -7.45
CA ASP HA 120 10.09 -53.35 -8.33
C ASP HA 120 11.14 -54.28 -7.71
N ILE HA 121 12.30 -53.74 -7.35
CA ILE HA 121 13.41 -54.53 -6.86
C ILE HA 121 13.61 -54.22 -5.38
N TYR HA 122 13.58 -55.28 -4.56
CA TYR HA 122 13.87 -55.16 -3.14
C TYR HA 122 15.29 -55.65 -2.89
N VAL HA 123 16.14 -54.78 -2.36
CA VAL HA 123 17.53 -55.11 -2.06
C VAL HA 123 17.67 -55.24 -0.55
N PRO HA 124 17.93 -56.43 -0.02
CA PRO HA 124 18.01 -56.62 1.43
C PRO HA 124 19.39 -56.36 1.99
N GLY HA 125 19.41 -55.86 3.20
CA GLY HA 125 20.65 -55.51 3.88
C GLY HA 125 20.41 -54.40 4.88
N CYS HA 126 21.42 -54.17 5.72
CA CYS HA 126 21.42 -53.03 6.64
C CYS HA 126 22.86 -52.63 6.97
N PRO HA 127 23.53 -51.92 6.04
CA PRO HA 127 23.14 -51.65 4.66
C PRO HA 127 23.50 -52.84 3.77
N PRO HA 128 22.79 -53.01 2.65
CA PRO HA 128 23.24 -53.99 1.66
C PRO HA 128 24.58 -53.56 1.11
N THR HA 129 25.43 -54.54 0.81
CA THR HA 129 26.76 -54.21 0.30
C THR HA 129 26.66 -53.60 -1.10
N ALA HA 130 27.74 -52.93 -1.49
CA ALA HA 130 27.75 -52.20 -2.76
C ALA HA 130 27.58 -53.14 -3.95
N GLU HA 131 28.25 -54.29 -3.90
CA GLU HA 131 28.07 -55.30 -4.94
C GLU HA 131 26.69 -55.94 -4.89
N ALA HA 132 26.04 -55.96 -3.72
CA ALA HA 132 24.66 -56.43 -3.66
C ALA HA 132 23.71 -55.49 -4.40
N LEU HA 133 23.90 -54.18 -4.24
CA LEU HA 133 23.09 -53.24 -5.00
C LEU HA 133 23.44 -53.28 -6.48
N LEU HA 134 24.71 -53.54 -6.81
CA LEU HA 134 25.09 -53.72 -8.21
C LEU HA 134 24.39 -54.93 -8.82
N TYR HA 135 24.31 -56.03 -8.07
CA TYR HA 135 23.56 -57.19 -8.53
C TYR HA 135 22.08 -56.90 -8.65
N GLY HA 136 21.54 -56.08 -7.74
CA GLY HA 136 20.14 -55.69 -7.85
C GLY HA 136 19.87 -54.83 -9.07
N ILE HA 137 20.81 -53.94 -9.40
CA ILE HA 137 20.69 -53.11 -10.60
C ILE HA 137 20.77 -53.99 -11.86
N LEU HA 138 21.66 -54.98 -11.86
CA LEU HA 138 21.72 -55.92 -12.98
C LEU HA 138 20.45 -56.76 -13.07
N GLN HA 139 19.85 -57.09 -11.92
CA GLN HA 139 18.57 -57.79 -11.92
C GLN HA 139 17.46 -56.93 -12.49
N LEU HA 140 17.49 -55.62 -12.18
CA LEU HA 140 16.53 -54.70 -12.78
C LEU HA 140 16.74 -54.60 -14.29
N GLN HA 141 17.99 -54.61 -14.73
CA GLN HA 141 18.29 -54.61 -16.16
C GLN HA 141 17.77 -55.87 -16.84
N LYS HA 142 17.89 -57.02 -16.18
CA LYS HA 142 17.33 -58.25 -16.73
C LYS HA 142 15.80 -58.25 -16.69
N LYS HA 143 15.21 -57.60 -15.69
CA LYS HA 143 13.75 -57.45 -15.64
C LYS HA 143 13.25 -56.59 -16.80
N ILE HA 144 13.98 -55.52 -17.11
CA ILE HA 144 13.67 -54.71 -18.28
C ILE HA 144 13.89 -55.52 -19.56
N LYS HA 145 14.91 -56.40 -19.56
CA LYS HA 145 15.30 -57.13 -20.76
C LYS HA 145 14.20 -58.06 -21.27
N ARG HA 146 13.34 -58.56 -20.38
CA ARG HA 146 12.27 -59.46 -20.79
C ARG HA 146 10.91 -58.77 -20.91
N GLU HA 147 10.89 -57.44 -20.98
CA GLU HA 147 9.64 -56.72 -21.19
C GLU HA 147 9.14 -56.93 -22.62
N LYS HA 148 7.81 -56.93 -22.76
CA LYS HA 148 7.14 -57.30 -24.00
C LYS HA 148 6.08 -56.26 -24.36
N ARG HA 149 6.48 -54.99 -24.37
CA ARG HA 149 5.51 -53.91 -24.63
C ARG HA 149 4.95 -53.98 -26.05
N LEU HA 150 5.83 -54.08 -27.05
CA LEU HA 150 5.38 -54.02 -28.44
C LEU HA 150 4.64 -55.30 -28.85
N ARG HA 151 5.06 -56.45 -28.33
CA ARG HA 151 4.34 -57.70 -28.63
C ARG HA 151 2.93 -57.68 -28.08
N ILE HA 152 2.76 -57.15 -26.85
CA ILE HA 152 1.43 -57.04 -26.26
C ILE HA 152 0.60 -56.00 -27.01
N TRP HA 153 1.23 -54.91 -27.44
CA TRP HA 153 0.52 -53.89 -28.21
C TRP HA 153 0.03 -54.45 -29.55
N TYR HA 154 0.86 -55.25 -30.23
CA TYR HA 154 0.43 -55.85 -31.48
C TYR HA 154 -0.61 -56.95 -31.26
N ARG HA 155 -0.52 -57.68 -30.15
CA ARG HA 155 -1.48 -58.74 -29.89
C ARG HA 155 -2.83 -58.19 -29.45
N ARG HA 156 -2.84 -57.02 -28.80
CA ARG HA 156 -4.09 -56.44 -28.33
C ARG HA 156 -4.88 -55.81 -29.47
N THR IA 1 51.54 -28.95 22.62
CA THR IA 1 50.50 -29.94 22.35
C THR IA 1 49.39 -29.36 21.48
N TYR IA 2 49.56 -28.10 21.07
CA TYR IA 2 48.66 -27.47 20.12
C TYR IA 2 49.48 -26.71 19.09
N LYS IA 3 49.06 -26.78 17.83
CA LYS IA 3 49.78 -26.18 16.72
C LYS IA 3 48.87 -25.20 15.99
N TYR IA 4 49.44 -24.05 15.62
CA TYR IA 4 48.70 -22.96 15.00
C TYR IA 4 48.63 -23.18 13.49
N VAL IA 5 47.57 -23.83 13.04
CA VAL IA 5 47.32 -23.94 11.60
C VAL IA 5 46.80 -22.61 11.09
N ASN IA 6 47.25 -22.23 9.88
CA ASN IA 6 46.94 -20.94 9.26
C ASN IA 6 47.35 -19.77 10.14
N LEU IA 7 48.58 -19.82 10.65
CA LEU IA 7 49.20 -18.70 11.34
C LEU IA 7 50.63 -18.53 10.86
N ARG IA 8 50.81 -18.59 9.54
CA ARG IA 8 52.11 -18.38 8.92
C ARG IA 8 52.12 -16.97 8.33
N GLU IA 9 52.96 -16.11 8.89
CA GLU IA 9 53.06 -14.74 8.39
C GLU IA 9 53.82 -14.73 7.08
N PRO IA 10 53.23 -14.24 5.98
CA PRO IA 10 53.94 -14.22 4.70
C PRO IA 10 55.10 -13.23 4.70
N SER IA 11 56.11 -13.54 3.91
CA SER IA 11 57.28 -12.68 3.81
C SER IA 11 56.96 -11.43 3.00
N MET IA 12 57.49 -10.29 3.44
CA MET IA 12 57.23 -9.00 2.82
C MET IA 12 58.35 -8.54 1.91
N ASP IA 13 59.35 -9.39 1.65
CA ASP IA 13 60.45 -8.99 0.79
C ASP IA 13 60.02 -9.01 -0.68
N MET IA 14 60.90 -8.48 -1.54
CA MET IA 14 60.59 -8.37 -2.96
C MET IA 14 60.50 -9.75 -3.62
N LYS IA 15 61.29 -10.71 -3.15
CA LYS IA 15 61.32 -12.04 -3.75
C LYS IA 15 59.99 -12.76 -3.57
N SER IA 16 59.48 -12.82 -2.33
CA SER IA 16 58.24 -13.53 -2.08
C SER IA 16 57.04 -12.80 -2.67
N VAL IA 17 57.07 -11.46 -2.64
CA VAL IA 17 55.98 -10.67 -3.23
C VAL IA 17 55.92 -10.87 -4.74
N THR IA 18 57.09 -10.85 -5.41
CA THR IA 18 57.13 -11.07 -6.84
C THR IA 18 56.75 -12.49 -7.20
N ASP IA 19 57.14 -13.47 -6.37
CA ASP IA 19 56.75 -14.85 -6.62
C ASP IA 19 55.25 -15.05 -6.45
N ARG IA 20 54.65 -14.38 -5.47
CA ARG IA 20 53.20 -14.45 -5.29
C ARG IA 20 52.47 -13.75 -6.42
N ALA IA 21 53.03 -12.66 -6.93
CA ALA IA 21 52.45 -11.99 -8.10
C ALA IA 21 52.53 -12.89 -9.34
N ALA IA 22 53.65 -13.60 -9.50
CA ALA IA 22 53.77 -14.55 -10.60
C ALA IA 22 52.81 -15.73 -10.43
N GLN IA 23 52.58 -16.16 -9.19
CA GLN IA 23 51.59 -17.20 -8.94
C GLN IA 23 50.18 -16.71 -9.27
N THR IA 24 49.88 -15.44 -8.96
CA THR IA 24 48.55 -14.90 -9.21
C THR IA 24 48.32 -14.71 -10.71
N LEU IA 25 49.34 -14.25 -11.44
CA LEU IA 25 49.16 -13.97 -12.87
C LEU IA 25 49.30 -15.22 -13.73
N LEU IA 26 50.28 -16.07 -13.43
CA LEU IA 26 50.61 -17.22 -14.25
C LEU IA 26 49.89 -18.50 -13.80
N TRP IA 27 49.09 -18.42 -12.73
CA TRP IA 27 48.28 -19.54 -12.23
C TRP IA 27 49.14 -20.77 -11.89
N THR IA 28 50.19 -20.52 -11.10
CA THR IA 28 51.19 -21.55 -10.84
C THR IA 28 50.64 -22.70 -9.99
N GLU IA 29 49.85 -22.38 -8.96
CA GLU IA 29 49.22 -23.45 -8.18
C GLU IA 29 48.13 -24.15 -8.99
N LEU IA 30 47.48 -23.43 -9.90
CA LEU IA 30 46.56 -24.07 -10.83
C LEU IA 30 47.31 -25.02 -11.76
N ILE IA 31 48.52 -24.63 -12.18
CA ILE IA 31 49.37 -25.51 -12.98
C ILE IA 31 49.76 -26.75 -12.17
N ARG IA 32 50.01 -26.57 -10.87
CA ARG IA 32 50.28 -27.72 -10.00
C ARG IA 32 49.09 -28.67 -9.91
N GLY IA 33 47.87 -28.10 -9.81
CA GLY IA 33 46.68 -28.92 -9.83
C GLY IA 33 46.49 -29.67 -11.14
N LEU IA 34 46.78 -28.99 -12.26
CA LEU IA 34 46.74 -29.64 -13.57
C LEU IA 34 47.74 -30.78 -13.65
N GLY IA 35 48.95 -30.58 -13.12
CA GLY IA 35 49.94 -31.64 -13.13
C GLY IA 35 49.54 -32.82 -12.28
N MET IA 36 48.92 -32.55 -11.13
CA MET IA 36 48.44 -33.64 -10.28
C MET IA 36 47.34 -34.43 -10.98
N THR IA 37 46.42 -33.74 -11.66
CA THR IA 37 45.36 -34.43 -12.38
C THR IA 37 45.92 -35.23 -13.55
N LEU IA 38 46.94 -34.71 -14.24
CA LEU IA 38 47.58 -35.46 -15.32
C LEU IA 38 48.26 -36.71 -14.79
N SER IA 39 48.93 -36.60 -13.64
CA SER IA 39 49.60 -37.76 -13.05
C SER IA 39 48.58 -38.80 -12.61
N TYR IA 40 47.44 -38.37 -12.11
CA TYR IA 40 46.41 -39.30 -11.67
C TYR IA 40 45.52 -39.77 -12.81
N LEU IA 41 45.73 -39.24 -14.02
CA LEU IA 41 45.05 -39.79 -15.19
C LEU IA 41 45.65 -41.12 -15.61
N PHE IA 42 46.97 -41.24 -15.57
CA PHE IA 42 47.67 -42.37 -16.17
C PHE IA 42 47.74 -43.60 -15.26
N ARG IA 43 47.26 -43.52 -14.03
CA ARG IA 43 47.31 -44.68 -13.15
C ARG IA 43 46.26 -45.71 -13.55
N GLU IA 44 46.52 -46.97 -13.22
CA GLU IA 44 45.57 -48.03 -13.50
C GLU IA 44 44.38 -47.93 -12.55
N PRO IA 45 43.15 -47.88 -13.06
CA PRO IA 45 41.98 -47.75 -12.19
C PRO IA 45 41.72 -49.02 -11.39
N ALA IA 46 41.10 -48.84 -10.23
CA ALA IA 46 40.82 -49.95 -9.32
C ALA IA 46 39.45 -50.58 -9.57
N THR IA 47 38.92 -50.46 -10.78
CA THR IA 47 37.59 -50.98 -11.08
C THR IA 47 37.65 -52.48 -11.27
N ILE IA 48 37.02 -53.22 -10.36
CA ILE IA 48 36.90 -54.66 -10.50
C ILE IA 48 35.68 -54.97 -11.35
N ASN IA 49 35.80 -55.99 -12.20
CA ASN IA 49 34.78 -56.29 -13.20
C ASN IA 49 33.70 -57.19 -12.58
N TYR IA 50 32.75 -56.56 -11.91
CA TYR IA 50 31.58 -57.30 -11.45
C TYR IA 50 30.68 -57.64 -12.64
N PRO IA 51 30.08 -58.85 -12.67
CA PRO IA 51 30.13 -59.95 -11.70
C PRO IA 51 31.23 -60.97 -11.96
N PHE IA 52 32.12 -60.67 -12.92
CA PHE IA 52 33.21 -61.59 -13.22
C PHE IA 52 34.33 -61.50 -12.20
N GLU IA 53 34.37 -60.43 -11.41
CA GLU IA 53 35.27 -60.29 -10.28
C GLU IA 53 34.46 -59.89 -9.07
N LYS IA 54 34.92 -60.30 -7.89
CA LYS IA 54 34.20 -60.05 -6.65
C LYS IA 54 35.13 -59.36 -5.65
N GLY IA 55 34.53 -58.57 -4.76
CA GLY IA 55 35.27 -57.84 -3.78
C GLY IA 55 35.81 -58.72 -2.68
N PRO IA 56 36.86 -58.25 -2.00
CA PRO IA 56 37.45 -59.05 -0.90
C PRO IA 56 36.56 -59.01 0.33
N LEU IA 57 36.26 -60.19 0.87
CA LEU IA 57 35.42 -60.31 2.04
C LEU IA 57 36.07 -61.27 3.04
N SER IA 58 35.57 -61.26 4.26
CA SER IA 58 36.10 -62.03 5.38
C SER IA 58 35.24 -63.24 5.65
N PRO IA 59 35.80 -64.28 6.30
CA PRO IA 59 34.96 -65.42 6.72
C PRO IA 59 33.92 -65.06 7.76
N ARG IA 60 34.06 -63.93 8.46
CA ARG IA 60 33.08 -63.49 9.45
C ARG IA 60 31.90 -62.75 8.82
N PHE IA 61 31.73 -62.83 7.50
CA PHE IA 61 30.76 -62.00 6.81
C PHE IA 61 29.34 -62.36 7.20
N ARG IA 62 28.52 -61.33 7.44
CA ARG IA 62 27.14 -61.49 7.85
C ARG IA 62 26.24 -61.28 6.64
N GLY IA 63 25.47 -62.30 6.28
CA GLY IA 63 24.59 -62.22 5.14
C GLY IA 63 23.25 -62.88 5.35
N GLU IA 64 22.86 -63.74 4.42
CA GLU IA 64 21.56 -64.41 4.48
C GLU IA 64 21.53 -65.43 5.60
N HIS IA 65 20.46 -65.43 6.37
CA HIS IA 65 20.28 -66.39 7.45
C HIS IA 65 20.06 -67.79 6.89
N ALA IA 66 20.54 -68.79 7.62
CA ALA IA 66 20.33 -70.18 7.24
C ALA IA 66 20.28 -71.05 8.48
N LEU IA 67 19.61 -72.19 8.36
CA LEU IA 67 19.50 -73.16 9.44
C LEU IA 67 20.34 -74.38 9.11
N ARG IA 68 21.24 -74.74 10.02
CA ARG IA 68 22.20 -75.80 9.77
C ARG IA 68 21.64 -77.15 10.22
N ARG IA 69 22.44 -78.19 10.00
CA ARG IA 69 22.07 -79.55 10.39
C ARG IA 69 23.29 -80.24 10.99
N TYR IA 70 23.01 -81.26 11.81
CA TYR IA 70 24.06 -82.10 12.34
C TYR IA 70 24.62 -82.97 11.22
N PRO IA 71 25.85 -83.53 11.39
CA PRO IA 71 26.36 -84.53 10.44
C PRO IA 71 25.76 -85.92 10.62
N SER IA 72 24.44 -85.96 10.85
CA SER IA 72 23.68 -87.20 10.86
C SER IA 72 22.33 -87.05 10.17
N GLY IA 73 21.98 -85.86 9.69
CA GLY IA 73 20.72 -85.62 9.02
C GLY IA 73 19.66 -84.92 9.83
N GLU IA 74 19.86 -84.76 11.13
CA GLU IA 74 18.87 -84.15 12.01
C GLU IA 74 19.10 -82.66 12.11
N GLU IA 75 18.01 -81.90 12.20
CA GLU IA 75 18.11 -80.45 12.28
C GLU IA 75 18.71 -80.02 13.61
N ARG IA 76 19.53 -78.96 13.56
CA ARG IA 76 20.28 -78.55 14.73
C ARG IA 76 19.43 -77.82 15.77
N CYS IA 77 18.37 -77.13 15.35
CA CYS IA 77 17.61 -76.30 16.26
C CYS IA 77 16.78 -77.14 17.21
N ILE IA 78 16.72 -76.71 18.46
CA ILE IA 78 16.00 -77.40 19.52
C ILE IA 78 14.89 -76.54 20.10
N ALA IA 79 14.52 -75.46 19.37
CA ALA IA 79 13.39 -74.59 19.73
C ALA IA 79 13.54 -73.98 21.11
N CYS IA 80 14.75 -73.50 21.42
CA CYS IA 80 15.02 -72.91 22.72
C CYS IA 80 14.66 -71.44 22.82
N LYS IA 81 14.34 -70.80 21.68
CA LYS IA 81 13.79 -69.44 21.61
C LYS IA 81 14.76 -68.39 22.17
N LEU IA 82 16.07 -68.64 22.10
CA LEU IA 82 17.03 -67.61 22.48
C LEU IA 82 17.19 -66.57 21.38
N CYS IA 83 17.16 -66.99 20.12
CA CYS IA 83 17.36 -66.06 19.01
C CYS IA 83 16.21 -65.07 18.89
N GLU IA 84 14.97 -65.52 19.13
CA GLU IA 84 13.84 -64.60 19.09
C GLU IA 84 13.80 -63.69 20.31
N ALA IA 85 14.44 -64.09 21.42
CA ALA IA 85 14.51 -63.22 22.57
C ALA IA 85 15.62 -62.19 22.45
N VAL IA 86 16.70 -62.52 21.76
CA VAL IA 86 17.84 -61.60 21.63
C VAL IA 86 17.71 -60.71 20.41
N CYS IA 87 16.76 -60.97 19.52
CA CYS IA 87 16.67 -60.24 18.26
C CYS IA 87 16.25 -58.80 18.50
N PRO IA 88 17.06 -57.82 18.12
CA PRO IA 88 16.70 -56.41 18.41
C PRO IA 88 15.58 -55.89 17.52
N ALA IA 89 15.29 -56.53 16.40
CA ALA IA 89 14.24 -56.09 15.50
C ALA IA 89 12.99 -56.95 15.57
N GLN IA 90 13.01 -58.01 16.39
CA GLN IA 90 11.90 -58.96 16.54
C GLN IA 90 11.49 -59.56 15.20
N ALA IA 91 12.47 -59.89 14.36
CA ALA IA 91 12.20 -60.50 13.07
C ALA IA 91 11.99 -62.00 13.16
N ILE IA 92 12.30 -62.62 14.28
CA ILE IA 92 12.26 -64.07 14.42
C ILE IA 92 11.03 -64.43 15.24
N THR IA 93 10.18 -65.27 14.66
CA THR IA 93 8.99 -65.81 15.31
C THR IA 93 9.12 -67.32 15.38
N ILE IA 94 9.01 -67.87 16.58
CA ILE IA 94 9.18 -69.31 16.82
C ILE IA 94 7.92 -69.85 17.47
N GLU IA 95 7.38 -70.90 16.89
CA GLU IA 95 6.30 -71.67 17.49
C GLU IA 95 6.68 -73.14 17.47
N ALA IA 96 6.59 -73.80 18.63
CA ALA IA 96 7.12 -75.14 18.80
C ALA IA 96 6.12 -76.06 19.47
N GLU IA 97 6.28 -77.35 19.22
CA GLU IA 97 5.51 -78.41 19.86
C GLU IA 97 6.37 -79.66 19.87
N PRO IA 98 6.17 -80.56 20.85
CA PRO IA 98 6.90 -81.84 20.83
C PRO IA 98 6.40 -82.73 19.71
N ARG IA 99 7.31 -83.10 18.81
CA ARG IA 99 6.93 -83.87 17.62
C ARG IA 99 6.77 -85.35 17.95
N ALA IA 100 6.71 -86.18 16.89
CA ALA IA 100 6.26 -87.56 17.03
C ALA IA 100 7.19 -88.40 17.88
N ASP IA 101 8.50 -88.25 17.72
CA ASP IA 101 9.46 -89.05 18.48
C ASP IA 101 9.77 -88.47 19.84
N GLY IA 102 9.13 -87.36 20.22
CA GLY IA 102 9.37 -86.72 21.50
C GLY IA 102 10.47 -85.70 21.51
N SER IA 103 11.16 -85.49 20.39
CA SER IA 103 12.22 -84.49 20.33
C SER IA 103 11.63 -83.09 20.36
N ARG IA 104 12.36 -82.16 20.98
CA ARG IA 104 11.94 -80.78 21.07
C ARG IA 104 12.40 -80.05 19.82
N ARG IA 105 11.48 -79.87 18.86
CA ARG IA 105 11.80 -79.27 17.58
C ARG IA 105 10.82 -78.17 17.24
N THR IA 106 11.24 -77.29 16.34
CA THR IA 106 10.39 -76.20 15.89
C THR IA 106 9.30 -76.70 14.95
N THR IA 107 8.17 -75.99 14.96
CA THR IA 107 7.15 -76.13 13.93
C THR IA 107 7.05 -74.91 13.04
N ARG IA 108 7.44 -73.74 13.54
CA ARG IA 108 7.43 -72.51 12.76
C ARG IA 108 8.63 -71.67 13.17
N TYR IA 109 9.55 -71.45 12.24
CA TYR IA 109 10.71 -70.60 12.44
C TYR IA 109 10.71 -69.56 11.32
N ASP IA 110 10.18 -68.37 11.61
CA ASP IA 110 10.02 -67.32 10.61
C ASP IA 110 11.04 -66.22 10.87
N ILE IA 111 11.76 -65.83 9.82
CA ILE IA 111 12.66 -64.68 9.88
C ILE IA 111 12.18 -63.67 8.85
N ASP IA 112 11.84 -62.47 9.33
CA ASP IA 112 11.43 -61.37 8.46
C ASP IA 112 12.69 -60.64 8.01
N MET IA 113 13.14 -60.92 6.78
CA MET IA 113 14.39 -60.35 6.30
C MET IA 113 14.26 -58.85 6.03
N THR IA 114 13.05 -58.36 5.81
CA THR IA 114 12.82 -56.93 5.71
C THR IA 114 12.84 -56.25 7.08
N LYS IA 115 12.65 -57.00 8.15
CA LYS IA 115 12.77 -56.47 9.50
C LYS IA 115 14.19 -56.59 10.04
N CYS IA 116 14.92 -57.63 9.64
CA CYS IA 116 16.21 -57.93 10.23
C CYS IA 116 17.25 -56.87 9.85
N ILE IA 117 18.12 -56.56 10.81
CA ILE IA 117 19.17 -55.56 10.61
C ILE IA 117 20.54 -56.20 10.39
N TYR IA 118 20.61 -57.53 10.33
CA TYR IA 118 21.85 -58.28 10.06
C TYR IA 118 22.92 -57.98 11.10
N CYS IA 119 22.54 -58.12 12.37
CA CYS IA 119 23.42 -57.79 13.48
C CYS IA 119 24.16 -58.99 14.05
N GLY IA 120 23.72 -60.21 13.74
CA GLY IA 120 24.44 -61.39 14.17
C GLY IA 120 24.29 -61.75 15.63
N PHE IA 121 23.25 -61.25 16.30
CA PHE IA 121 23.02 -61.66 17.68
C PHE IA 121 22.45 -63.07 17.75
N CYS IA 122 21.67 -63.47 16.75
CA CYS IA 122 21.10 -64.81 16.74
C CYS IA 122 22.18 -65.87 16.51
N GLN IA 123 23.20 -65.56 15.70
CA GLN IA 123 24.23 -66.55 15.41
C GLN IA 123 25.19 -66.75 16.57
N GLU IA 124 25.24 -65.82 17.53
CA GLU IA 124 26.08 -65.98 18.70
C GLU IA 124 25.29 -66.41 19.94
N ALA IA 125 24.00 -66.09 20.00
CA ALA IA 125 23.18 -66.54 21.12
C ALA IA 125 22.76 -68.01 20.98
N CYS IA 126 22.86 -68.57 19.78
CA CYS IA 126 22.40 -69.94 19.56
C CYS IA 126 23.37 -70.92 20.20
N PRO IA 127 22.93 -71.75 21.15
CA PRO IA 127 23.87 -72.64 21.84
C PRO IA 127 24.26 -73.89 21.06
N VAL IA 128 23.61 -74.15 19.93
CA VAL IA 128 23.91 -75.34 19.12
C VAL IA 128 24.29 -74.97 17.70
N ASP IA 129 24.55 -73.69 17.43
CA ASP IA 129 24.96 -73.19 16.12
C ASP IA 129 23.95 -73.54 15.02
N ALA IA 130 22.66 -73.47 15.36
CA ALA IA 130 21.63 -73.82 14.38
C ALA IA 130 21.47 -72.72 13.35
N ILE IA 131 21.11 -71.52 13.79
CA ILE IA 131 20.95 -70.38 12.90
C ILE IA 131 22.32 -69.74 12.69
N VAL IA 132 22.66 -69.49 11.43
CA VAL IA 132 23.93 -68.84 11.09
C VAL IA 132 23.64 -67.74 10.08
N GLU IA 133 24.23 -66.57 10.32
CA GLU IA 133 24.25 -65.52 9.30
C GLU IA 133 25.24 -65.96 8.23
N GLY IA 134 24.72 -66.54 7.16
CA GLY IA 134 25.56 -67.16 6.16
C GLY IA 134 26.29 -66.17 5.29
N PRO IA 135 26.96 -66.68 4.26
CA PRO IA 135 27.78 -65.83 3.40
C PRO IA 135 27.05 -65.24 2.20
N ASN IA 136 25.83 -65.68 1.92
CA ASN IA 136 25.12 -65.22 0.74
C ASN IA 136 24.67 -63.77 0.91
N PHE IA 137 24.82 -62.99 -0.16
CA PHE IA 137 24.36 -61.61 -0.19
C PHE IA 137 23.62 -61.27 -1.48
N GLU IA 138 23.67 -62.13 -2.49
CA GLU IA 138 22.98 -61.90 -3.75
C GLU IA 138 21.64 -62.64 -3.76
N PHE IA 139 20.71 -62.11 -2.97
CA PHE IA 139 19.38 -62.68 -2.86
C PHE IA 139 18.31 -61.60 -2.90
N SER IA 140 18.55 -60.57 -3.71
CA SER IA 140 17.55 -59.53 -3.92
C SER IA 140 16.34 -60.08 -4.67
N THR IA 141 15.15 -59.74 -4.19
CA THR IA 141 13.91 -60.29 -4.71
C THR IA 141 13.07 -59.21 -5.38
N GLU IA 142 12.20 -59.65 -6.29
CA GLU IA 142 11.30 -58.77 -7.01
C GLU IA 142 9.98 -58.53 -6.28
N THR IA 143 9.70 -59.26 -5.21
CA THR IA 143 8.43 -59.20 -4.53
C THR IA 143 8.67 -59.17 -3.02
N HIS IA 144 7.82 -58.44 -2.30
CA HIS IA 144 8.01 -58.26 -0.87
C HIS IA 144 7.89 -59.56 -0.09
N GLU IA 145 6.91 -60.41 -0.43
CA GLU IA 145 6.69 -61.62 0.33
C GLU IA 145 7.79 -62.66 0.15
N GLU IA 146 8.60 -62.55 -0.90
CA GLU IA 146 9.74 -63.46 -1.06
C GLU IA 146 10.84 -63.21 -0.04
N LEU IA 147 10.82 -62.07 0.65
CA LEU IA 147 11.77 -61.78 1.71
C LEU IA 147 11.23 -62.14 3.08
N LEU IA 148 10.11 -62.83 3.15
CA LEU IA 148 9.50 -63.25 4.42
C LEU IA 148 9.72 -64.76 4.51
N TYR IA 149 10.83 -65.16 5.10
CA TYR IA 149 11.25 -66.55 5.11
C TYR IA 149 10.51 -67.35 6.16
N ASN IA 150 10.09 -68.56 5.79
CA ASN IA 150 9.57 -69.53 6.73
C ASN IA 150 10.68 -70.53 7.06
N LYS IA 151 10.32 -71.61 7.76
CA LYS IA 151 11.31 -72.61 8.15
C LYS IA 151 11.86 -73.37 6.95
N GLU IA 152 11.01 -73.62 5.94
CA GLU IA 152 11.43 -74.44 4.81
C GLU IA 152 12.44 -73.71 3.95
N LYS IA 153 12.27 -72.41 3.73
CA LYS IA 153 13.24 -71.65 2.95
C LYS IA 153 14.58 -71.56 3.65
N LEU IA 154 14.57 -71.37 4.98
CA LEU IA 154 15.81 -71.33 5.73
C LEU IA 154 16.51 -72.68 5.73
N LEU IA 155 15.74 -73.77 5.83
CA LEU IA 155 16.35 -75.10 5.79
C LEU IA 155 16.91 -75.41 4.40
N ASN IA 156 16.23 -74.95 3.35
CA ASN IA 156 16.77 -75.11 1.99
C ASN IA 156 18.04 -74.29 1.82
N ASN IA 157 18.09 -73.08 2.39
CA ASN IA 157 19.30 -72.28 2.36
C ASN IA 157 20.45 -72.98 3.08
N GLY IA 158 20.15 -73.59 4.23
CA GLY IA 158 21.17 -74.33 4.96
C GLY IA 158 21.69 -75.53 4.18
N ASP IA 159 20.78 -76.29 3.57
CA ASP IA 159 21.18 -77.43 2.75
C ASP IA 159 21.96 -76.98 1.52
N LYS IA 160 21.66 -75.80 1.00
CA LYS IA 160 22.36 -75.29 -0.18
C LYS IA 160 23.76 -74.79 0.16
N TRP IA 161 23.92 -74.11 1.29
CA TRP IA 161 25.16 -73.42 1.62
C TRP IA 161 25.97 -74.10 2.72
N GLU IA 162 25.59 -75.30 3.16
CA GLU IA 162 26.31 -75.97 4.24
C GLU IA 162 27.75 -76.27 3.87
N ALA IA 163 28.00 -76.58 2.59
CA ALA IA 163 29.34 -76.95 2.13
C ALA IA 163 30.35 -75.82 2.27
N GLU IA 164 29.90 -74.58 2.47
CA GLU IA 164 30.80 -73.47 2.72
C GLU IA 164 30.59 -72.85 4.09
N ILE IA 165 29.38 -72.93 4.66
CA ILE IA 165 29.17 -72.47 6.03
C ILE IA 165 29.95 -73.32 7.02
N ALA IA 166 30.03 -74.63 6.79
CA ALA IA 166 30.82 -75.49 7.66
C ALA IA 166 32.29 -75.14 7.62
N ALA IA 167 32.82 -74.85 6.42
CA ALA IA 167 34.22 -74.45 6.30
C ALA IA 167 34.47 -73.09 6.97
N ASN IA 168 33.54 -72.15 6.81
CA ASN IA 168 33.69 -70.84 7.42
C ASN IA 168 33.65 -70.93 8.94
N ILE IA 169 32.73 -71.71 9.49
CA ILE IA 169 32.65 -71.83 10.94
C ILE IA 169 33.83 -72.64 11.48
N GLN IA 170 34.36 -73.58 10.69
CA GLN IA 170 35.57 -74.29 11.08
C GLN IA 170 36.77 -73.35 11.13
N ALA IA 171 36.86 -72.43 10.17
CA ALA IA 171 37.95 -71.45 10.17
C ALA IA 171 37.77 -70.36 11.22
N ASP IA 172 36.54 -70.13 11.69
CA ASP IA 172 36.26 -68.98 12.54
C ASP IA 172 36.04 -69.31 14.01
N TYR IA 173 35.65 -70.54 14.35
CA TYR IA 173 35.13 -70.84 15.68
C TYR IA 173 36.15 -70.68 16.81
N LEU IA 174 37.44 -70.64 16.49
CA LEU IA 174 38.43 -70.47 17.55
C LEU IA 174 38.53 -69.03 18.04
N TYR IA 175 37.99 -68.07 17.30
CA TYR IA 175 37.88 -66.70 17.79
C TYR IA 175 36.67 -66.49 18.69
N ARG IA 176 35.71 -67.42 18.70
CA ARG IA 176 34.52 -67.29 19.52
C ARG IA 176 34.66 -68.10 20.81
N PRO JA 1 40.69 -120.88 92.69
CA PRO JA 1 41.96 -120.54 92.05
C PRO JA 1 41.85 -119.29 91.18
N PHE JA 2 42.84 -119.07 90.32
CA PHE JA 2 42.82 -117.98 89.36
C PHE JA 2 43.25 -118.50 88.00
N ASP JA 3 42.43 -118.25 86.98
CA ASP JA 3 42.71 -118.64 85.61
C ASP JA 3 42.90 -117.39 84.76
N ASN JA 4 43.98 -117.38 83.97
CA ASN JA 4 44.27 -116.22 83.13
C ASN JA 4 44.76 -116.61 81.74
N THR JA 5 44.69 -117.88 81.37
CA THR JA 5 45.20 -118.35 80.08
C THR JA 5 44.10 -118.96 79.22
N THR JA 6 42.83 -118.74 79.57
CA THR JA 6 41.71 -119.27 78.81
C THR JA 6 40.75 -118.15 78.45
N TYR JA 7 40.18 -118.24 77.26
CA TYR JA 7 39.19 -117.27 76.80
C TYR JA 7 37.81 -117.77 77.22
N LYS JA 8 37.09 -116.96 77.98
CA LYS JA 8 35.81 -117.37 78.56
C LYS JA 8 34.61 -117.08 77.68
N ASN JA 9 34.80 -116.39 76.55
CA ASN JA 9 33.71 -116.11 75.62
C ASN JA 9 33.65 -117.23 74.57
N LEU JA 10 33.30 -118.42 75.05
CA LEU JA 10 33.12 -119.57 74.17
C LEU JA 10 31.66 -119.86 73.87
N GLN JA 11 30.72 -119.14 74.49
CA GLN JA 11 29.31 -119.36 74.23
C GLN JA 11 28.88 -118.78 72.88
N HIS JA 12 29.58 -117.75 72.41
CA HIS JA 12 29.20 -117.06 71.17
C HIS JA 12 29.39 -117.92 69.93
N HIS JA 13 30.09 -119.04 70.04
CA HIS JA 13 30.16 -119.98 68.93
C HIS JA 13 28.85 -120.75 68.73
N ASP JA 14 27.98 -120.78 69.75
CA ASP JA 14 26.78 -121.61 69.75
C ASP JA 14 25.51 -120.77 69.66
N TYR JA 15 25.53 -119.72 68.84
CA TYR JA 15 24.37 -118.85 68.66
C TYR JA 15 23.76 -119.11 67.28
N SER JA 16 22.45 -119.26 67.25
CA SER JA 16 21.72 -119.54 66.02
C SER JA 16 21.19 -118.23 65.43
N THR JA 17 20.34 -118.34 64.41
CA THR JA 17 19.83 -117.13 63.73
C THR JA 17 18.81 -116.40 64.58
N TYR JA 18 17.99 -117.11 65.35
CA TYR JA 18 16.86 -116.54 66.07
C TYR JA 18 17.14 -116.33 67.56
N THR JA 19 18.40 -116.32 67.97
CA THR JA 19 18.71 -116.22 69.39
C THR JA 19 18.38 -114.84 69.96
N PHE JA 20 18.67 -113.78 69.20
CA PHE JA 20 18.32 -112.44 69.62
C PHE JA 20 16.80 -112.27 69.71
N LEU JA 21 16.09 -112.78 68.70
CA LEU JA 21 14.64 -112.58 68.64
C LEU JA 21 13.92 -113.40 69.71
N ASP JA 22 14.34 -114.65 69.92
CA ASP JA 22 13.68 -115.45 70.96
C ASP JA 22 14.09 -114.99 72.35
N LEU JA 23 15.30 -114.42 72.50
CA LEU JA 23 15.67 -113.80 73.76
C LEU JA 23 14.79 -112.60 74.07
N ASN JA 24 14.51 -111.78 73.05
CA ASN JA 24 13.58 -110.66 73.23
C ASN JA 24 12.18 -111.15 73.56
N LEU JA 25 11.74 -112.24 72.91
CA LEU JA 25 10.43 -112.81 73.18
C LEU JA 25 10.32 -113.31 74.62
N ASP JA 26 11.38 -113.96 75.12
CA ASP JA 26 11.38 -114.41 76.51
C ASP JA 26 11.48 -113.24 77.49
N LEU JA 27 12.21 -112.19 77.13
CA LEU JA 27 12.41 -111.05 78.01
C LEU JA 27 11.23 -110.08 78.02
N SER JA 28 10.30 -110.20 77.06
CA SER JA 28 9.17 -109.28 77.01
C SER JA 28 8.24 -109.36 78.21
N LYS JA 29 8.28 -110.46 78.97
CA LYS JA 29 7.38 -110.62 80.11
C LYS JA 29 7.82 -109.85 81.34
N PHE JA 30 9.02 -109.29 81.35
CA PHE JA 30 9.57 -108.59 82.50
C PHE JA 30 9.52 -107.07 82.36
N ARG JA 31 8.81 -106.55 81.36
CA ARG JA 31 8.88 -105.14 81.02
C ARG JA 31 7.67 -104.37 81.53
N MET JA 32 7.88 -103.08 81.80
CA MET JA 32 6.84 -102.20 82.27
C MET JA 32 5.85 -101.89 81.15
N PRO JA 33 4.60 -101.53 81.50
CA PRO JA 33 3.67 -101.04 80.49
C PRO JA 33 4.16 -99.74 79.88
N GLN JA 34 4.13 -99.68 78.55
CA GLN JA 34 4.64 -98.53 77.80
C GLN JA 34 3.68 -97.35 77.92
N PRO JA 35 4.21 -96.11 77.89
CA PRO JA 35 3.34 -94.94 77.94
C PRO JA 35 2.52 -94.79 76.66
N SER JA 36 1.46 -93.99 76.77
CA SER JA 36 0.52 -93.79 75.67
C SER JA 36 0.49 -92.33 75.27
N SER JA 37 0.41 -92.09 73.97
CA SER JA 37 0.31 -90.74 73.43
C SER JA 37 -1.13 -90.26 73.31
N GLY JA 38 -2.10 -91.15 73.42
CA GLY JA 38 -3.50 -90.80 73.23
C GLY JA 38 -4.07 -91.22 71.89
N ARG JA 39 -3.22 -91.54 70.92
CA ARG JA 39 -3.66 -92.01 69.62
C ARG JA 39 -2.72 -93.12 69.17
N GLU JA 40 -3.25 -94.04 68.34
CA GLU JA 40 -2.47 -95.21 67.96
C GLU JA 40 -1.38 -94.90 66.93
N SER JA 41 -1.47 -93.75 66.25
CA SER JA 41 -0.44 -93.35 65.30
C SER JA 41 -0.55 -91.85 65.11
N PRO JA 42 0.55 -91.16 64.75
CA PRO JA 42 0.45 -89.74 64.39
C PRO JA 42 -0.37 -89.48 63.14
N ARG JA 43 -0.59 -90.48 62.28
CA ARG JA 43 -1.43 -90.33 61.11
C ARG JA 43 -2.92 -90.44 61.43
N HIS JA 44 -3.26 -90.79 62.67
CA HIS JA 44 -4.67 -90.91 63.07
C HIS JA 44 -5.30 -89.54 63.27
N GLY KA 1 11.22 -89.01 2.77
CA GLY KA 1 10.13 -89.13 1.82
C GLY KA 1 8.88 -88.38 2.24
N VAL KA 2 8.41 -87.48 1.36
CA VAL KA 2 7.21 -86.70 1.63
C VAL KA 2 5.99 -87.51 1.23
N ARG KA 3 4.82 -87.07 1.69
CA ARG KA 3 3.55 -87.66 1.30
C ARG KA 3 2.83 -86.71 0.33
N THR KA 4 1.66 -87.14 -0.14
CA THR KA 4 0.88 -86.35 -1.08
C THR KA 4 -0.58 -86.38 -0.66
N SER KA 5 -1.06 -85.25 -0.15
CA SER KA 5 -2.49 -85.07 0.08
C SER KA 5 -3.21 -85.02 -1.26
N PRO KA 6 -4.50 -85.43 -1.32
CA PRO KA 6 -5.14 -85.59 -2.61
C PRO KA 6 -5.69 -84.33 -3.25
N THR KA 7 -5.22 -83.16 -2.82
CA THR KA 7 -5.45 -81.91 -3.52
C THR KA 7 -4.32 -81.57 -4.49
N GLY KA 8 -3.27 -82.39 -4.54
CA GLY KA 8 -2.12 -82.13 -5.38
C GLY KA 8 -1.01 -81.34 -4.71
N GLU KA 9 -1.23 -80.86 -3.50
CA GLU KA 9 -0.24 -80.06 -2.78
C GLU KA 9 0.61 -80.95 -1.88
N LYS KA 10 1.91 -80.70 -1.87
CA LYS KA 10 2.84 -81.52 -1.12
C LYS KA 10 2.68 -81.30 0.38
N VAL KA 11 3.24 -82.23 1.16
CA VAL KA 11 3.14 -82.21 2.62
C VAL KA 11 4.48 -81.77 3.20
N THR KA 12 4.44 -80.80 4.10
CA THR KA 12 5.64 -80.34 4.78
C THR KA 12 6.04 -81.33 5.87
N HIS KA 13 7.26 -81.17 6.36
CA HIS KA 13 7.76 -82.05 7.42
C HIS KA 13 7.09 -81.77 8.76
N THR KA 14 6.51 -80.59 8.94
CA THR KA 14 5.70 -80.34 10.14
C THR KA 14 4.38 -81.10 10.07
N GLY KA 15 3.74 -81.09 8.91
CA GLY KA 15 2.44 -81.71 8.76
C GLY KA 15 1.37 -80.71 8.37
N GLN KA 16 1.79 -79.63 7.72
CA GLN KA 16 0.90 -78.53 7.35
C GLN KA 16 0.45 -78.72 5.90
N VAL KA 17 -0.84 -78.99 5.71
CA VAL KA 17 -1.43 -79.10 4.38
C VAL KA 17 -2.70 -78.26 4.37
N TYR KA 18 -2.81 -77.37 3.38
CA TYR KA 18 -4.03 -76.60 3.21
C TYR KA 18 -5.17 -77.51 2.80
N ASP KA 19 -6.37 -77.23 3.33
CA ASP KA 19 -7.52 -78.06 3.09
C ASP KA 19 -8.04 -77.85 1.66
N ASP KA 20 -9.02 -78.69 1.29
CA ASP KA 20 -9.63 -78.56 -0.03
C ASP KA 20 -10.46 -77.29 -0.16
N GLU KA 21 -10.97 -76.78 0.96
CA GLU KA 21 -11.81 -75.59 0.97
C GLU KA 21 -11.05 -74.34 1.41
N ASP KA 22 -9.72 -74.41 1.48
CA ASP KA 22 -8.90 -73.27 1.86
C ASP KA 22 -8.54 -72.48 0.61
N TYR KA 23 -8.86 -71.18 0.63
CA TYR KA 23 -8.59 -70.34 -0.53
C TYR KA 23 -7.12 -69.94 -0.65
N ARG KA 24 -6.32 -70.11 0.40
CA ARG KA 24 -4.93 -69.70 0.39
C ARG KA 24 -4.08 -70.45 -0.64
N ARG KA 25 -4.58 -71.58 -1.14
CA ARG KA 25 -3.91 -72.29 -2.22
C ARG KA 25 -3.82 -71.47 -3.50
N VAL KA 26 -4.62 -70.39 -3.63
CA VAL KA 26 -4.47 -69.50 -4.77
C VAL KA 26 -3.14 -68.76 -4.76
N ARG KA 27 -2.44 -68.72 -3.62
CA ARG KA 27 -1.09 -68.18 -3.62
C ARG KA 27 -0.08 -69.14 -4.22
N PHE KA 28 -0.45 -70.41 -4.44
CA PHE KA 28 0.48 -71.38 -5.00
C PHE KA 28 0.33 -71.60 -6.49
N VAL KA 29 -0.83 -71.27 -7.06
CA VAL KA 29 -1.05 -71.56 -8.48
C VAL KA 29 -0.28 -70.55 -9.33
N GLY KA 30 0.43 -71.06 -10.34
CA GLY KA 30 1.38 -70.27 -11.08
C GLY KA 30 2.76 -70.21 -10.45
N ARG KA 31 2.93 -70.82 -9.28
CA ARG KA 31 4.20 -70.85 -8.57
C ARG KA 31 4.35 -72.24 -7.96
N GLN KA 32 5.29 -72.38 -7.02
CA GLN KA 32 5.56 -73.66 -6.39
C GLN KA 32 5.60 -73.51 -4.88
N LYS KA 33 5.24 -74.59 -4.18
CA LYS KA 33 5.33 -74.65 -2.73
C LYS KA 33 6.69 -75.25 -2.37
N GLU KA 34 7.55 -74.44 -1.74
CA GLU KA 34 8.90 -74.87 -1.41
C GLU KA 34 8.87 -75.66 -0.11
N VAL KA 35 9.18 -76.95 -0.18
CA VAL KA 35 9.27 -77.82 0.97
C VAL KA 35 10.66 -78.43 1.01
N ASN KA 36 10.96 -79.12 2.10
CA ASN KA 36 12.23 -79.80 2.29
C ASN KA 36 12.05 -81.28 2.00
N GLU KA 37 12.86 -81.81 1.08
CA GLU KA 37 12.76 -83.21 0.70
C GLU KA 37 13.51 -84.14 1.64
N ASN KA 38 14.28 -83.60 2.59
CA ASN KA 38 15.05 -84.39 3.55
C ASN KA 38 14.37 -84.26 4.91
N PHE KA 39 13.55 -85.25 5.25
CA PHE KA 39 12.82 -85.24 6.52
C PHE KA 39 13.79 -85.60 7.64
N ALA KA 40 13.77 -84.81 8.72
CA ALA KA 40 14.74 -84.98 9.79
C ALA KA 40 14.50 -86.28 10.56
N ILE KA 41 13.24 -86.62 10.83
CA ILE KA 41 12.94 -87.84 11.57
C ILE KA 41 13.29 -89.06 10.73
N ASP KA 42 13.06 -89.00 9.42
CA ASP KA 42 13.44 -90.11 8.55
C ASP KA 42 14.95 -90.17 8.37
N LEU KA 43 15.63 -89.02 8.39
CA LEU KA 43 17.09 -89.02 8.24
C LEU KA 43 17.77 -89.58 9.48
N ILE KA 44 17.21 -89.31 10.67
CA ILE KA 44 17.78 -89.89 11.89
C ILE KA 44 17.25 -91.28 12.19
N ALA KA 45 16.18 -91.72 11.50
CA ALA KA 45 15.65 -93.06 11.72
C ALA KA 45 16.56 -94.14 11.18
N GLU KA 46 17.47 -93.81 10.27
CA GLU KA 46 18.41 -94.78 9.70
C GLU KA 46 19.77 -94.75 10.39
N GLN KA 47 19.95 -93.91 11.40
CA GLN KA 47 21.20 -93.90 12.14
C GLN KA 47 21.30 -95.16 13.01
N PRO KA 48 22.48 -95.80 13.07
CA PRO KA 48 22.62 -96.99 13.91
C PRO KA 48 22.65 -96.64 15.38
N VAL KA 49 22.41 -97.66 16.21
CA VAL KA 49 22.41 -97.51 17.65
C VAL KA 49 23.81 -97.83 18.17
N SER KA 50 24.43 -96.87 18.85
CA SER KA 50 25.79 -97.04 19.35
C SER KA 50 25.75 -97.88 20.62
N GLN KA 51 26.48 -98.98 20.63
CA GLN KA 51 26.52 -99.91 21.76
C GLN KA 51 27.78 -99.65 22.57
N VAL KA 52 27.61 -99.22 23.81
CA VAL KA 52 28.72 -98.90 24.71
C VAL KA 52 28.66 -99.82 25.93
N GLY KA 53 29.74 -99.78 26.70
CA GLY KA 53 29.85 -100.63 27.88
C GLY KA 53 29.84 -99.87 29.19
N SER KA 54 29.39 -98.63 29.18
CA SER KA 54 29.37 -97.79 30.37
C SER KA 54 27.93 -97.47 30.76
N ARG KA 55 27.70 -97.34 32.07
CA ARG KA 55 26.38 -97.00 32.56
C ARG KA 55 26.01 -95.57 32.23
N VAL KA 56 26.99 -94.66 32.28
CA VAL KA 56 26.79 -93.26 31.98
C VAL KA 56 27.63 -92.91 30.75
N ILE KA 57 26.97 -92.47 29.69
CA ILE KA 57 27.66 -92.06 28.48
C ILE KA 57 27.58 -90.55 28.37
N SER KA 58 28.49 -89.97 27.58
CA SER KA 58 28.55 -88.53 27.39
C SER KA 58 28.49 -88.23 25.90
N CYS KA 59 27.60 -87.31 25.51
CA CYS KA 59 27.43 -86.92 24.13
C CYS KA 59 27.62 -85.42 23.99
N ASP KA 60 28.33 -85.02 22.93
CA ASP KA 60 28.50 -83.60 22.62
C ASP KA 60 28.25 -83.30 21.14
N GLY KA 61 27.76 -84.27 20.38
CA GLY KA 61 27.42 -84.05 18.99
C GLY KA 61 28.57 -84.17 18.02
N GLY KA 62 29.78 -84.45 18.50
CA GLY KA 62 30.92 -84.58 17.62
C GLY KA 62 31.57 -83.26 17.26
N GLY KA 63 32.89 -83.23 17.19
CA GLY KA 63 33.62 -82.03 16.86
C GLY KA 63 33.93 -81.11 18.01
N GLY KA 64 33.52 -81.46 19.23
CA GLY KA 64 33.83 -80.65 20.38
C GLY KA 64 33.02 -79.37 20.45
N ALA KA 65 33.68 -78.23 20.19
CA ALA KA 65 33.02 -76.93 20.28
C ALA KA 65 32.03 -76.68 19.14
N LEU KA 66 32.01 -77.52 18.11
CA LEU KA 66 31.08 -77.36 17.00
C LEU KA 66 29.78 -78.13 17.20
N GLY KA 67 29.61 -78.81 18.33
CA GLY KA 67 28.41 -79.55 18.62
C GLY KA 67 27.61 -78.95 19.76
N HIS KA 68 26.60 -79.70 20.19
CA HIS KA 68 25.77 -79.28 21.31
C HIS KA 68 26.55 -79.43 22.62
N PRO KA 69 26.10 -78.74 23.68
CA PRO KA 69 26.76 -78.90 24.99
C PRO KA 69 26.71 -80.34 25.49
N ARG KA 70 27.74 -80.70 26.25
CA ARG KA 70 27.95 -82.08 26.67
C ARG KA 70 26.88 -82.51 27.67
N VAL KA 71 26.24 -83.64 27.39
CA VAL KA 71 25.16 -84.15 28.23
C VAL KA 71 25.43 -85.61 28.55
N TYR KA 72 25.09 -86.00 29.78
CA TYR KA 72 25.29 -87.36 30.26
C TYR KA 72 23.97 -88.12 30.21
N ILE KA 73 24.03 -89.34 29.69
CA ILE KA 73 22.87 -90.20 29.49
C ILE KA 73 23.05 -91.45 30.32
N ASN KA 74 22.01 -91.79 31.09
CA ASN KA 74 22.00 -93.01 31.88
C ASN KA 74 21.35 -94.14 31.09
N LEU KA 75 21.97 -95.32 31.15
CA LEU KA 75 21.50 -96.48 30.40
C LEU KA 75 21.14 -97.64 31.34
N ASP KA 76 20.63 -97.32 32.52
CA ASP KA 76 20.24 -98.37 33.47
C ASP KA 76 19.03 -99.15 32.98
N LYS KA 77 18.04 -98.46 32.42
CA LYS KA 77 16.85 -99.11 31.92
C LYS KA 77 17.16 -99.85 30.62
N GLU KA 78 17.12 -101.18 30.66
CA GLU KA 78 17.37 -101.98 29.46
C GLU KA 78 16.16 -102.04 28.54
N THR KA 79 15.00 -101.56 28.99
CA THR KA 79 13.81 -101.58 28.14
C THR KA 79 13.88 -100.52 27.05
N LYS KA 80 14.37 -99.33 27.38
CA LYS KA 80 14.40 -98.20 26.46
C LYS KA 80 15.84 -97.71 26.31
N THR KA 81 16.25 -97.49 25.06
CA THR KA 81 17.59 -96.99 24.79
C THR KA 81 17.68 -95.51 25.16
N GLY KA 82 18.78 -95.14 25.81
CA GLY KA 82 18.99 -93.77 26.22
C GLY KA 82 19.26 -92.84 25.05
N THR KA 83 18.36 -91.89 24.82
CA THR KA 83 18.41 -91.01 23.66
C THR KA 83 18.87 -89.63 24.10
N CYS KA 84 19.88 -89.10 23.41
CA CYS KA 84 20.37 -87.75 23.70
C CYS KA 84 19.30 -86.71 23.37
N GLY KA 85 19.14 -85.74 24.26
CA GLY KA 85 18.09 -84.75 24.11
C GLY KA 85 18.35 -83.70 23.05
N TYR KA 86 19.60 -83.48 22.68
CA TYR KA 86 19.95 -82.46 21.70
C TYR KA 86 20.02 -83.01 20.29
N CYS KA 87 20.93 -83.96 20.07
CA CYS KA 87 21.20 -84.46 18.72
C CYS KA 87 20.30 -85.61 18.32
N GLY KA 88 19.60 -86.23 19.26
CA GLY KA 88 18.70 -87.32 18.94
C GLY KA 88 19.34 -88.68 18.81
N LEU KA 89 20.66 -88.78 18.97
CA LEU KA 89 21.32 -90.08 18.93
C LEU KA 89 20.95 -90.89 20.16
N GLN KA 90 20.97 -92.21 20.01
CA GLN KA 90 20.59 -93.13 21.07
C GLN KA 90 21.71 -94.13 21.33
N PHE KA 91 21.95 -94.41 22.61
CA PHE KA 91 23.00 -95.31 23.04
C PHE KA 91 22.40 -96.48 23.80
N ARG KA 92 23.02 -97.66 23.64
CA ARG KA 92 22.55 -98.87 24.29
C ARG KA 92 23.71 -99.55 25.00
N GLN KA 93 23.49 -99.96 26.24
CA GLN KA 93 24.48 -100.73 26.98
C GLN KA 93 24.48 -102.18 26.51
N GLN KA 94 25.66 -102.77 26.44
CA GLN KA 94 25.79 -104.16 25.99
C GLN KA 94 25.18 -105.12 27.00
N HIS KA 95 25.33 -104.83 28.29
CA HIS KA 95 24.80 -105.70 29.34
C HIS KA 95 23.28 -105.60 29.42
N THR LA 1 0.70 -10.81 42.83
CA THR LA 1 0.56 -12.04 43.60
C THR LA 1 1.01 -13.24 42.77
N GLN LA 2 0.84 -13.14 41.45
CA GLN LA 2 1.21 -14.13 40.42
C GLN LA 2 0.75 -15.55 40.73
N LEU LA 3 -0.30 -15.71 41.54
CA LEU LA 3 -0.87 -17.01 41.86
C LEU LA 3 -2.38 -16.91 41.79
N ILE LA 4 -3.01 -17.87 41.13
CA ILE LA 4 -4.45 -17.90 40.95
C ILE LA 4 -5.00 -19.15 41.63
N THR LA 5 -6.03 -18.97 42.45
CA THR LA 5 -6.67 -20.07 43.17
C THR LA 5 -7.65 -20.75 42.22
N VAL LA 6 -7.30 -21.95 41.75
CA VAL LA 6 -8.14 -22.73 40.85
C VAL LA 6 -8.55 -24.00 41.56
N ASP LA 7 -9.84 -24.21 41.71
CA ASP LA 7 -10.39 -25.41 42.31
C ASP LA 7 -11.02 -26.34 41.27
N GLU LA 8 -10.78 -26.09 39.99
CA GLU LA 8 -11.39 -26.88 38.93
C GLU LA 8 -10.77 -28.28 38.87
N LYS LA 9 -11.48 -29.17 38.19
CA LYS LA 9 -11.06 -30.57 38.12
C LYS LA 9 -9.83 -30.70 37.22
N LEU LA 10 -8.85 -31.47 37.68
CA LEU LA 10 -7.61 -31.64 36.95
C LEU LA 10 -7.84 -32.64 35.82
N ASP LA 11 -8.15 -32.13 34.63
CA ASP LA 11 -8.47 -32.96 33.48
C ASP LA 11 -7.67 -32.48 32.27
N ILE LA 12 -6.83 -33.36 31.73
CA ILE LA 12 -5.99 -33.02 30.58
C ILE LA 12 -6.25 -33.99 29.44
N THR LA 13 -7.50 -34.47 29.33
CA THR LA 13 -7.83 -35.45 28.31
C THR LA 13 -7.73 -34.87 26.90
N THR LA 14 -7.94 -33.57 26.75
CA THR LA 14 -7.87 -32.94 25.43
C THR LA 14 -6.46 -32.51 25.06
N LEU LA 15 -5.49 -32.65 25.96
CA LEU LA 15 -4.11 -32.26 25.68
C LEU LA 15 -3.23 -33.44 25.28
N THR LA 16 -3.62 -34.67 25.61
CA THR LA 16 -2.79 -35.84 25.33
C THR LA 16 -2.85 -36.28 23.88
N GLY LA 17 -3.83 -35.81 23.11
CA GLY LA 17 -3.95 -36.19 21.71
C GLY LA 17 -4.58 -37.54 21.47
N VAL LA 18 -5.03 -38.23 22.51
CA VAL LA 18 -5.65 -39.55 22.34
C VAL LA 18 -7.00 -39.39 21.67
N PRO LA 19 -7.36 -40.25 20.70
CA PRO LA 19 -8.73 -40.24 20.20
C PRO LA 19 -9.72 -40.66 21.28
N GLU LA 20 -10.97 -40.22 21.12
CA GLU LA 20 -11.97 -40.42 22.17
C GLU LA 20 -12.29 -41.90 22.37
N GLU LA 21 -12.18 -42.71 21.32
CA GLU LA 21 -12.49 -44.14 21.40
C GLU LA 21 -11.61 -44.86 22.42
N HIS LA 22 -10.42 -44.34 22.68
CA HIS LA 22 -9.51 -44.94 23.64
C HIS LA 22 -9.46 -44.20 24.98
N ILE LA 23 -10.41 -43.32 25.27
CA ILE LA 23 -10.53 -42.77 26.62
C ILE LA 23 -11.89 -43.00 27.24
N LYS LA 24 -12.84 -43.61 26.52
CA LYS LA 24 -14.14 -43.91 27.09
C LYS LA 24 -14.56 -45.37 26.97
N THR LA 25 -14.01 -46.12 26.02
CA THR LA 25 -14.34 -47.53 25.87
C THR LA 25 -13.26 -48.45 26.41
N ARG LA 26 -12.33 -47.93 27.20
CA ARG LA 26 -11.25 -48.71 27.77
C ARG LA 26 -11.37 -48.75 29.29
N LYS LA 27 -10.88 -49.85 29.87
CA LYS LA 27 -10.93 -50.06 31.31
C LYS LA 27 -9.49 -50.18 31.83
N ALA LA 28 -9.04 -49.16 32.53
CA ALA LA 28 -7.73 -49.19 33.18
C ALA LA 28 -7.82 -50.00 34.47
N ARG LA 29 -6.80 -50.84 34.69
CA ARG LA 29 -6.76 -51.73 35.83
C ARG LA 29 -5.50 -51.42 36.63
N ILE LA 30 -5.69 -51.08 37.91
CA ILE LA 30 -4.60 -50.78 38.83
C ILE LA 30 -4.49 -51.96 39.79
N PHE LA 31 -3.33 -52.63 39.79
CA PHE LA 31 -3.21 -53.84 40.58
C PHE LA 31 -1.76 -54.11 40.91
N VAL LA 32 -1.55 -54.93 41.93
CA VAL LA 32 -0.24 -55.49 42.25
C VAL LA 32 -0.15 -56.86 41.60
N PRO LA 33 0.82 -57.10 40.72
CA PRO LA 33 0.86 -58.36 39.97
C PRO LA 33 1.13 -59.55 40.88
N ALA LA 34 0.54 -60.69 40.51
CA ALA LA 34 0.69 -61.90 41.30
C ALA LA 34 2.09 -62.49 41.12
N ARG LA 35 2.59 -63.10 42.19
CA ARG LA 35 3.88 -63.76 42.15
C ARG LA 35 3.81 -64.99 41.25
N ASN LA 36 4.81 -65.15 40.38
CA ASN LA 36 4.91 -66.34 39.54
C ASN LA 36 5.14 -67.57 40.42
N ASN LA 37 4.25 -68.55 40.33
CA ASN LA 37 4.24 -69.66 41.28
C ASN LA 37 5.37 -70.66 41.06
N MET LA 38 6.10 -70.57 39.94
CA MET LA 38 7.27 -71.41 39.74
C MET LA 38 8.52 -70.84 40.39
N GLN LA 39 8.44 -69.64 40.96
CA GLN LA 39 9.58 -69.00 41.60
C GLN LA 39 9.19 -68.49 42.97
N SER LA 40 10.17 -68.43 43.87
CA SER LA 40 9.94 -67.93 45.22
C SER LA 40 10.22 -66.44 45.36
N GLY LA 41 10.67 -65.78 44.30
CA GLY LA 41 11.00 -64.37 44.38
C GLY LA 41 9.75 -63.49 44.42
N VAL LA 42 9.88 -62.36 45.11
CA VAL LA 42 8.76 -61.44 45.30
C VAL LA 42 9.17 -60.02 44.95
N ASN LA 43 10.24 -59.86 44.17
CA ASN LA 43 10.71 -58.52 43.83
C ASN LA 43 9.82 -57.83 42.80
N ASN LA 44 9.04 -58.58 42.04
CA ASN LA 44 8.13 -58.00 41.06
C ASN LA 44 6.78 -57.60 41.66
N THR LA 45 6.56 -57.87 42.95
CA THR LA 45 5.31 -57.56 43.62
C THR LA 45 5.48 -56.42 44.62
N LYS LA 46 6.28 -55.42 44.27
CA LYS LA 46 6.50 -54.26 45.14
C LYS LA 46 5.99 -52.96 44.56
N LYS LA 47 5.59 -52.93 43.29
CA LYS LA 47 5.13 -51.72 42.63
C LYS LA 47 3.77 -51.96 42.01
N TRP LA 48 2.89 -50.97 42.13
CA TRP LA 48 1.59 -51.05 41.48
C TRP LA 48 1.73 -50.89 39.98
N LYS LA 49 0.84 -51.53 39.23
CA LYS LA 49 0.88 -51.51 37.77
C LYS LA 49 -0.48 -51.11 37.22
N MET LA 50 -0.43 -50.36 36.13
CA MET LA 50 -1.60 -49.95 35.37
C MET LA 50 -1.58 -50.64 34.02
N GLU LA 51 -2.68 -51.33 33.70
CA GLU LA 51 -2.79 -52.10 32.46
C GLU LA 51 -4.14 -51.85 31.82
N PHE LA 52 -4.26 -52.25 30.56
CA PHE LA 52 -5.50 -52.12 29.80
C PHE LA 52 -5.98 -53.49 29.37
N ASP LA 53 -7.30 -53.60 29.15
CA ASP LA 53 -7.89 -54.86 28.76
C ASP LA 53 -7.48 -55.25 27.33
N THR LA 54 -7.34 -56.55 27.11
CA THR LA 54 -6.88 -57.05 25.82
C THR LA 54 -8.00 -56.98 24.79
N ARG LA 55 -7.71 -56.36 23.66
CA ARG LA 55 -8.66 -56.26 22.55
C ARG LA 55 -8.42 -57.42 21.57
N GLU LA 56 -9.02 -57.33 20.39
CA GLU LA 56 -8.99 -58.42 19.42
C GLU LA 56 -7.63 -58.48 18.72
N ARG LA 57 -7.03 -59.66 18.71
CA ARG LA 57 -5.85 -59.96 17.91
C ARG LA 57 -6.16 -61.18 17.07
N TRP LA 58 -6.02 -61.06 15.75
CA TRP LA 58 -6.35 -62.14 14.84
C TRP LA 58 -5.08 -62.62 14.14
N GLU LA 59 -5.26 -63.55 13.20
CA GLU LA 59 -4.14 -64.15 12.48
C GLU LA 59 -3.97 -63.47 11.14
N ASN LA 60 -2.70 -63.26 10.77
CA ASN LA 60 -2.40 -62.63 9.48
C ASN LA 60 -2.76 -63.59 8.35
N PRO LA 61 -3.52 -63.15 7.35
CA PRO LA 61 -3.88 -64.06 6.25
C PRO LA 61 -2.70 -64.52 5.41
N LEU LA 62 -1.61 -63.75 5.38
CA LEU LA 62 -0.48 -64.12 4.54
C LEU LA 62 0.36 -65.23 5.17
N MET LA 63 0.81 -65.03 6.40
CA MET LA 63 1.87 -65.86 6.95
C MET LA 63 1.60 -66.35 8.37
N GLY LA 64 0.70 -65.72 9.12
CA GLY LA 64 0.20 -66.28 10.36
C GLY LA 64 0.67 -65.65 11.64
N TRP LA 65 0.98 -64.36 11.65
CA TRP LA 65 1.39 -63.70 12.88
C TRP LA 65 0.17 -63.25 13.68
N ALA LA 66 0.43 -62.60 14.81
CA ALA LA 66 -0.63 -62.04 15.64
C ALA LA 66 -0.80 -60.57 15.25
N SER LA 67 -1.75 -60.32 14.36
CA SER LA 67 -2.03 -58.96 13.91
C SER LA 67 -3.10 -58.34 14.80
N THR LA 68 -2.83 -57.16 15.31
CA THR LA 68 -3.71 -56.47 16.22
C THR LA 68 -4.07 -55.09 15.68
N ALA LA 69 -5.12 -54.50 16.27
CA ALA LA 69 -5.54 -53.15 15.93
C ALA LA 69 -5.66 -52.26 17.16
N ASP LA 70 -5.24 -52.74 18.33
CA ASP LA 70 -5.32 -51.96 19.55
C ASP LA 70 -3.97 -51.33 19.83
N PRO LA 71 -3.87 -50.00 19.89
CA PRO LA 71 -2.56 -49.37 20.10
C PRO LA 71 -2.06 -49.43 21.54
N LEU LA 72 -2.93 -49.66 22.52
CA LEU LA 72 -2.55 -49.61 23.93
C LEU LA 72 -2.34 -51.00 24.52
N SER LA 73 -2.23 -52.03 23.69
CA SER LA 73 -2.07 -53.40 24.20
C SER LA 73 -0.72 -53.61 24.86
N ASN LA 74 0.31 -52.85 24.48
CA ASN LA 74 1.64 -52.96 25.06
C ASN LA 74 1.99 -51.75 25.92
N LEU LA 75 1.01 -51.25 26.66
CA LEU LA 75 1.18 -50.08 27.52
C LEU LA 75 0.89 -50.48 28.96
N VAL LA 76 1.96 -50.75 29.72
CA VAL LA 76 1.85 -51.09 31.13
C VAL LA 76 2.69 -50.09 31.91
N LEU LA 77 2.08 -49.39 32.85
CA LEU LA 77 2.75 -48.34 33.60
C LEU LA 77 3.02 -48.79 35.03
N THR LA 78 4.06 -48.22 35.63
CA THR LA 78 4.53 -48.61 36.96
C THR LA 78 4.44 -47.41 37.90
N PHE LA 79 3.83 -47.62 39.07
CA PHE LA 79 3.65 -46.57 40.06
C PHE LA 79 4.08 -47.09 41.43
N SER LA 80 4.66 -46.21 42.24
CA SER LA 80 5.17 -46.61 43.55
C SER LA 80 4.03 -46.85 44.54
N THR LA 81 3.03 -45.96 44.56
CA THR LA 81 1.95 -46.03 45.53
C THR LA 81 0.61 -46.09 44.81
N LYS LA 82 -0.42 -46.44 45.59
CA LYS LA 82 -1.76 -46.63 45.01
C LYS LA 82 -2.42 -45.29 44.68
N GLU LA 83 -2.28 -44.30 45.57
CA GLU LA 83 -2.98 -43.03 45.39
C GLU LA 83 -2.41 -42.24 44.21
N ASP LA 84 -1.10 -42.35 43.96
CA ASP LA 84 -0.52 -41.70 42.79
C ASP LA 84 -1.02 -42.32 41.50
N ALA LA 85 -1.16 -43.65 41.47
CA ALA LA 85 -1.74 -44.31 40.31
C ALA LA 85 -3.21 -43.94 40.14
N ILE LA 86 -3.94 -43.78 41.24
CA ILE LA 86 -5.34 -43.36 41.17
C ILE LA 86 -5.44 -41.94 40.61
N ALA LA 87 -4.54 -41.05 41.03
CA ALA LA 87 -4.50 -39.69 40.51
C ALA LA 87 -4.17 -39.68 39.02
N PHE LA 88 -3.22 -40.53 38.60
CA PHE LA 88 -2.88 -40.60 37.18
C PHE LA 88 -4.03 -41.19 36.36
N ALA LA 89 -4.81 -42.10 36.94
CA ALA LA 89 -5.95 -42.66 36.24
C ALA LA 89 -7.06 -41.62 36.08
N GLU LA 90 -7.33 -40.87 37.14
CA GLU LA 90 -8.33 -39.80 37.06
C GLU LA 90 -7.88 -38.65 36.19
N LYS LA 91 -6.56 -38.45 36.05
CA LYS LA 91 -6.06 -37.31 35.29
C LYS LA 91 -6.28 -37.47 33.80
N ASN LA 92 -6.15 -38.69 33.28
CA ASN LA 92 -6.30 -38.94 31.85
C ASN LA 92 -7.71 -39.36 31.47
N GLY LA 93 -8.65 -39.38 32.41
CA GLY LA 93 -10.03 -39.67 32.08
C GLY LA 93 -10.34 -41.11 31.77
N TRP LA 94 -9.54 -42.05 32.26
CA TRP LA 94 -9.79 -43.47 32.05
C TRP LA 94 -10.64 -44.03 33.18
N SER LA 95 -11.70 -44.76 32.82
CA SER LA 95 -12.46 -45.48 33.82
C SER LA 95 -11.61 -46.64 34.34
N TYR LA 96 -11.46 -46.73 35.65
CA TYR LA 96 -10.46 -47.58 36.26
C TYR LA 96 -11.04 -48.40 37.41
N ASP LA 97 -10.44 -49.57 37.62
CA ASP LA 97 -10.77 -50.41 38.76
C ASP LA 97 -9.49 -50.85 39.47
N VAL LA 98 -9.57 -50.98 40.79
CA VAL LA 98 -8.42 -51.20 41.64
C VAL LA 98 -8.59 -52.52 42.39
N GLU LA 99 -7.58 -53.37 42.32
CA GLU LA 99 -7.51 -54.59 43.13
C GLU LA 99 -6.51 -54.38 44.26
N GLU LA 100 -6.89 -54.81 45.46
CA GLU LA 100 -6.09 -54.53 46.64
C GLU LA 100 -4.83 -55.40 46.67
N ARG LA 101 -3.85 -54.94 47.45
CA ARG LA 101 -2.60 -55.67 47.59
C ARG LA 101 -2.79 -56.89 48.48
N LYS LA 102 -2.64 -58.08 47.91
CA LYS LA 102 -2.81 -59.33 48.63
C LYS LA 102 -1.50 -59.67 49.32
N VAL LA 103 -1.31 -59.15 50.53
CA VAL LA 103 -0.11 -59.47 51.31
C VAL LA 103 -0.23 -60.89 51.84
N PRO LA 104 0.85 -61.68 51.85
CA PRO LA 104 0.78 -63.00 52.48
C PRO LA 104 0.69 -62.87 54.00
N LYS LA 105 -0.15 -63.71 54.60
CA LYS LA 105 -0.31 -63.68 56.04
C LYS LA 105 0.93 -64.26 56.72
N PRO LA 106 1.28 -63.73 57.90
CA PRO LA 106 2.46 -64.25 58.62
C PRO LA 106 2.23 -65.65 59.16
N LYS LA 107 2.89 -66.64 58.57
CA LYS LA 107 2.74 -68.02 59.00
C LYS LA 107 3.51 -68.27 60.28
N SER LA 108 3.18 -69.37 60.93
CA SER LA 108 3.86 -69.82 62.15
C SER LA 108 4.60 -71.11 61.83
N LYS LA 109 5.93 -71.05 61.81
CA LYS LA 109 6.77 -72.18 61.46
C LYS LA 109 7.55 -72.65 62.67
N SER LA 110 7.67 -73.97 62.82
CA SER LA 110 8.41 -74.55 63.93
C SER LA 110 9.03 -75.85 63.47
N TYR LA 111 10.35 -75.99 63.67
CA TYR LA 111 11.03 -77.21 63.28
C TYR LA 111 10.74 -78.36 64.25
N GLY LA 112 10.48 -78.05 65.52
CA GLY LA 112 10.23 -79.09 66.50
C GLY LA 112 8.91 -79.81 66.33
N ALA LA 113 7.92 -79.15 65.71
CA ALA LA 113 6.60 -79.74 65.54
C ALA LA 113 6.61 -80.93 64.59
N ASN LA 114 7.66 -81.09 63.78
CA ASN LA 114 7.80 -82.29 62.98
C ASN LA 114 8.08 -83.53 63.82
N PHE LA 115 8.54 -83.37 65.05
CA PHE LA 115 8.85 -84.49 65.93
C PHE LA 115 8.10 -84.35 67.25
N SER LA 116 6.80 -84.08 67.16
CA SER LA 116 5.98 -83.94 68.35
C SER LA 116 5.69 -85.32 68.96
N TRP LA 117 5.45 -85.32 70.27
CA TRP LA 117 5.27 -86.58 70.99
C TRP LA 117 3.91 -87.20 70.68
N ASN LA 118 2.86 -86.39 70.61
CA ASN LA 118 1.51 -86.90 70.39
C ASN LA 118 0.72 -86.18 69.31
N LYS LA 119 1.21 -85.05 68.80
CA LYS LA 119 0.43 -84.28 67.83
C LYS LA 119 0.43 -84.97 66.47
N ARG LA 120 -0.50 -84.54 65.63
CA ARG LA 120 -0.66 -85.10 64.29
C ARG LA 120 0.31 -84.53 63.27
N THR LA 121 1.11 -83.54 63.65
CA THR LA 121 2.02 -82.87 62.73
C THR LA 121 3.38 -83.54 62.63
N ARG LA 122 3.48 -84.82 62.98
CA ARG LA 122 4.73 -85.55 62.81
C ARG LA 122 5.00 -85.81 61.33
N VAL LA 123 6.28 -85.83 60.98
CA VAL LA 123 6.69 -86.15 59.61
C VAL LA 123 6.75 -87.66 59.45
N SER LA 124 6.12 -88.17 58.40
CA SER LA 124 6.14 -89.61 58.15
C SER LA 124 7.51 -90.08 57.67
N THR LA 125 8.29 -89.18 57.07
CA THR LA 125 9.61 -89.52 56.57
C THR LA 125 10.44 -88.26 56.48
N LYS LA 126 11.76 -88.45 56.45
CA LYS LA 126 12.68 -87.34 56.32
C LYS LA 126 13.98 -87.78 55.65
N LEU MA 36 -19.42 -71.64 6.11
CA LEU MA 36 -18.44 -70.57 6.12
C LEU MA 36 -17.11 -71.07 6.71
N HIS MA 37 -16.08 -71.08 5.87
CA HIS MA 37 -14.79 -71.61 6.27
C HIS MA 37 -14.11 -70.67 7.27
N HIS MA 38 -13.17 -71.23 8.03
CA HIS MA 38 -12.51 -70.45 9.09
C HIS MA 38 -11.57 -69.41 8.50
N ALA MA 39 -10.99 -69.67 7.33
CA ALA MA 39 -10.08 -68.72 6.70
C ALA MA 39 -10.80 -67.55 6.04
N VAL MA 40 -12.12 -67.61 5.92
CA VAL MA 40 -12.91 -66.59 5.26
C VAL MA 40 -13.81 -65.83 6.22
N ILE MA 41 -13.84 -66.23 7.50
CA ILE MA 41 -14.61 -65.49 8.50
C ILE MA 41 -13.94 -64.13 8.74
N PRO MA 42 -14.68 -63.02 8.65
CA PRO MA 42 -14.06 -61.71 8.82
C PRO MA 42 -13.58 -61.47 10.24
N HIS MA 43 -12.54 -60.64 10.35
CA HIS MA 43 -11.96 -60.27 11.63
C HIS MA 43 -11.54 -58.81 11.56
N GLY MA 44 -10.82 -58.35 12.58
CA GLY MA 44 -10.23 -57.03 12.55
C GLY MA 44 -11.23 -55.90 12.73
N LYS MA 45 -10.77 -54.70 12.37
CA LYS MA 45 -11.57 -53.48 12.47
C LYS MA 45 -11.81 -52.84 11.12
N GLY MA 46 -11.72 -53.62 10.03
CA GLY MA 46 -11.98 -53.08 8.72
C GLY MA 46 -10.90 -52.20 8.16
N GLY MA 47 -9.68 -52.30 8.66
CA GLY MA 47 -8.56 -51.50 8.19
C GLY MA 47 -7.81 -52.17 7.06
N ARG MA 48 -6.59 -51.68 6.83
CA ARG MA 48 -5.74 -52.24 5.78
C ARG MA 48 -5.28 -53.65 6.13
N SER MA 49 -4.98 -53.89 7.41
CA SER MA 49 -4.49 -55.19 7.86
C SER MA 49 -5.59 -56.10 8.39
N SER MA 50 -6.85 -55.70 8.27
CA SER MA 50 -7.95 -56.50 8.77
C SER MA 50 -8.31 -57.59 7.78
N VAL MA 51 -9.35 -58.35 8.11
CA VAL MA 51 -9.87 -59.42 7.27
C VAL MA 51 -11.33 -59.11 6.99
N SER MA 52 -11.67 -58.92 5.71
CA SER MA 52 -13.05 -58.71 5.32
C SER MA 52 -13.72 -59.98 4.81
N GLY MA 53 -12.96 -61.04 4.55
CA GLY MA 53 -13.51 -62.29 4.09
C GLY MA 53 -14.12 -62.25 2.71
N ILE MA 54 -13.47 -61.56 1.78
CA ILE MA 54 -13.93 -61.46 0.39
C ILE MA 54 -12.80 -61.94 -0.51
N VAL MA 55 -13.08 -62.97 -1.29
CA VAL MA 55 -12.14 -63.48 -2.28
C VAL MA 55 -12.73 -63.14 -3.64
N ALA MA 56 -12.27 -62.03 -4.22
CA ALA MA 56 -12.87 -61.46 -5.41
C ALA MA 56 -11.91 -61.56 -6.58
N THR MA 57 -12.39 -62.10 -7.69
CA THR MA 57 -11.66 -62.12 -8.95
C THR MA 57 -12.25 -61.03 -9.85
N VAL MA 58 -11.46 -59.99 -10.12
CA VAL MA 58 -11.91 -58.84 -10.88
C VAL MA 58 -11.32 -58.94 -12.27
N PHE MA 59 -12.15 -59.24 -13.27
CA PHE MA 59 -11.67 -59.36 -14.64
C PHE MA 59 -11.56 -57.99 -15.26
N GLY MA 60 -10.42 -57.72 -15.90
CA GLY MA 60 -10.16 -56.41 -16.44
C GLY MA 60 -9.99 -55.34 -15.38
N ALA MA 61 -9.24 -55.64 -14.33
CA ALA MA 61 -9.05 -54.72 -13.22
C ALA MA 61 -7.97 -53.67 -13.49
N THR MA 62 -7.28 -53.75 -14.63
CA THR MA 62 -6.24 -52.80 -14.96
C THR MA 62 -6.76 -51.51 -15.57
N GLY MA 63 -8.07 -51.39 -15.76
CA GLY MA 63 -8.64 -50.21 -16.37
C GLY MA 63 -8.93 -49.09 -15.39
N PHE MA 64 -10.10 -48.46 -15.54
CA PHE MA 64 -10.52 -47.32 -14.73
C PHE MA 64 -11.40 -47.76 -13.57
N LEU MA 65 -12.56 -48.34 -13.89
CA LEU MA 65 -13.44 -48.89 -12.86
C LEU MA 65 -12.76 -50.04 -12.11
N GLY MA 66 -11.97 -50.84 -12.81
CA GLY MA 66 -11.24 -51.91 -12.15
C GLY MA 66 -10.21 -51.37 -11.16
N ARG MA 67 -9.53 -50.28 -11.51
CA ARG MA 67 -8.59 -49.66 -10.60
C ARG MA 67 -9.29 -49.13 -9.36
N TYR MA 68 -10.43 -48.46 -9.55
CA TYR MA 68 -11.16 -47.93 -8.39
C TYR MA 68 -11.73 -49.07 -7.53
N LEU MA 69 -12.19 -50.15 -8.16
CA LEU MA 69 -12.72 -51.29 -7.42
C LEU MA 69 -11.63 -52.00 -6.63
N VAL MA 70 -10.43 -52.14 -7.21
CA VAL MA 70 -9.31 -52.74 -6.50
C VAL MA 70 -8.89 -51.85 -5.33
N ASN MA 71 -8.91 -50.52 -5.53
CA ASN MA 71 -8.58 -49.60 -4.45
C ASN MA 71 -9.60 -49.71 -3.30
N HIS MA 72 -10.88 -49.84 -3.63
CA HIS MA 72 -11.90 -49.94 -2.57
C HIS MA 72 -11.88 -51.31 -1.90
N LEU MA 73 -11.52 -52.37 -2.63
CA LEU MA 73 -11.48 -53.70 -2.04
C LEU MA 73 -10.24 -53.92 -1.19
N GLY MA 74 -9.11 -53.33 -1.57
CA GLY MA 74 -7.88 -53.53 -0.84
C GLY MA 74 -7.78 -52.78 0.47
N ARG MA 75 -8.55 -51.69 0.62
CA ARG MA 75 -8.46 -50.88 1.83
C ARG MA 75 -9.16 -51.51 3.02
N MET MA 76 -10.04 -52.48 2.80
CA MET MA 76 -10.75 -53.16 3.87
C MET MA 76 -10.16 -54.52 4.20
N GLY MA 77 -9.02 -54.87 3.60
CA GLY MA 77 -8.38 -56.13 3.90
C GLY MA 77 -9.06 -57.33 3.25
N SER MA 78 -9.06 -57.36 1.92
CA SER MA 78 -9.68 -58.43 1.16
C SER MA 78 -8.67 -59.08 0.24
N GLN MA 79 -8.93 -60.35 -0.09
CA GLN MA 79 -8.10 -61.06 -1.04
C GLN MA 79 -8.62 -60.81 -2.46
N VAL MA 80 -7.79 -60.18 -3.29
CA VAL MA 80 -8.18 -59.80 -4.64
C VAL MA 80 -7.28 -60.55 -5.63
N ILE MA 81 -7.90 -61.22 -6.59
CA ILE MA 81 -7.19 -61.96 -7.62
C ILE MA 81 -7.38 -61.23 -8.94
N VAL MA 82 -6.30 -60.72 -9.50
CA VAL MA 82 -6.34 -59.87 -10.69
C VAL MA 82 -5.75 -60.66 -11.86
N PRO MA 83 -6.57 -61.10 -12.81
CA PRO MA 83 -6.01 -61.60 -14.08
C PRO MA 83 -5.74 -60.43 -15.01
N TYR MA 84 -4.53 -60.38 -15.54
CA TYR MA 84 -4.08 -59.27 -16.37
C TYR MA 84 -3.58 -59.77 -17.72
N ARG MA 85 -3.98 -59.07 -18.78
CA ARG MA 85 -3.56 -59.37 -20.13
C ARG MA 85 -2.40 -58.49 -20.60
N CYS MA 86 -2.30 -57.27 -20.10
CA CYS MA 86 -1.32 -56.30 -20.57
C CYS MA 86 0.05 -56.62 -19.97
N GLU MA 87 0.98 -55.67 -20.12
CA GLU MA 87 2.30 -55.80 -19.54
C GLU MA 87 2.19 -55.76 -18.01
N PRO MA 88 3.07 -56.48 -17.30
CA PRO MA 88 3.07 -56.38 -15.83
C PRO MA 88 3.38 -54.99 -15.32
N TYR MA 89 4.17 -54.21 -16.06
CA TYR MA 89 4.49 -52.84 -15.64
C TYR MA 89 3.23 -51.98 -15.57
N ASP MA 90 2.30 -52.18 -16.49
CA ASP MA 90 1.03 -51.46 -16.45
C ASP MA 90 0.17 -51.84 -15.26
N THR MA 91 0.46 -52.97 -14.60
CA THR MA 91 -0.21 -53.34 -13.37
C THR MA 91 0.54 -52.84 -12.14
N MET MA 92 1.62 -52.07 -12.33
CA MET MA 92 2.51 -51.69 -11.24
C MET MA 92 1.76 -50.88 -10.19
N HIS MA 93 0.90 -49.96 -10.64
CA HIS MA 93 0.12 -49.12 -9.73
C HIS MA 93 -0.89 -49.89 -8.91
N LEU MA 94 -1.17 -51.15 -9.26
CA LEU MA 94 -2.06 -51.96 -8.44
C LEU MA 94 -1.36 -52.59 -7.25
N ARG MA 95 -0.04 -52.42 -7.11
CA ARG MA 95 0.65 -53.02 -5.97
C ARG MA 95 0.37 -52.34 -4.62
N PRO MA 96 0.37 -50.98 -4.47
CA PRO MA 96 0.15 -50.43 -3.12
C PRO MA 96 -1.31 -50.32 -2.71
N MET MA 97 -2.20 -51.00 -3.42
CA MET MA 97 -3.62 -50.93 -3.11
C MET MA 97 -4.02 -51.78 -1.90
N GLY MA 98 -3.16 -52.68 -1.45
CA GLY MA 98 -3.50 -53.52 -0.33
C GLY MA 98 -2.26 -54.04 0.38
N ASP MA 99 -2.49 -54.93 1.33
CA ASP MA 99 -1.41 -55.47 2.15
C ASP MA 99 -0.66 -56.56 1.37
N LEU MA 100 0.23 -57.26 2.06
CA LEU MA 100 1.08 -58.25 1.40
C LEU MA 100 0.29 -59.49 1.08
N GLY MA 101 0.32 -59.90 -0.19
CA GLY MA 101 -0.35 -61.10 -0.63
C GLY MA 101 -1.84 -60.96 -0.83
N GLN MA 102 -2.41 -59.78 -0.61
CA GLN MA 102 -3.85 -59.59 -0.79
C GLN MA 102 -4.22 -59.37 -2.25
N ILE MA 103 -3.27 -59.02 -3.10
CA ILE MA 103 -3.50 -58.87 -4.54
C ILE MA 103 -2.59 -59.87 -5.25
N ILE MA 104 -3.19 -60.78 -5.99
CA ILE MA 104 -2.47 -61.83 -6.70
C ILE MA 104 -2.63 -61.58 -8.19
N PHE MA 105 -1.57 -61.14 -8.85
CA PHE MA 105 -1.59 -60.97 -10.29
C PHE MA 105 -1.33 -62.30 -10.98
N MET MA 106 -2.12 -62.59 -12.01
CA MET MA 106 -1.87 -63.78 -12.82
C MET MA 106 -2.30 -63.53 -14.25
N ASP MA 107 -1.62 -64.21 -15.17
CA ASP MA 107 -1.90 -64.05 -16.59
C ASP MA 107 -3.20 -64.76 -16.97
N TRP MA 108 -3.84 -64.26 -18.02
CA TRP MA 108 -5.04 -64.87 -18.55
C TRP MA 108 -5.19 -64.45 -20.00
N ASN MA 109 -5.98 -65.22 -20.75
CA ASN MA 109 -6.29 -64.90 -22.13
C ASN MA 109 -7.80 -64.97 -22.33
N GLY MA 110 -8.30 -64.11 -23.21
CA GLY MA 110 -9.74 -63.99 -23.38
C GLY MA 110 -10.37 -65.23 -23.99
N ARG MA 111 -9.67 -65.89 -24.91
CA ARG MA 111 -10.17 -67.08 -25.57
C ARG MA 111 -9.62 -68.37 -24.97
N ASP MA 112 -8.93 -68.28 -23.83
CA ASP MA 112 -8.40 -69.45 -23.13
C ASP MA 112 -9.31 -69.73 -21.92
N LYS MA 113 -10.16 -70.75 -22.05
CA LYS MA 113 -11.09 -71.11 -21.00
C LYS MA 113 -10.37 -71.66 -19.77
N ASP MA 114 -9.24 -72.35 -19.97
CA ASP MA 114 -8.52 -72.95 -18.87
C ASP MA 114 -7.89 -71.90 -17.96
N SER MA 115 -7.50 -70.74 -18.52
CA SER MA 115 -6.99 -69.65 -17.68
C SER MA 115 -8.09 -69.09 -16.78
N ILE MA 116 -9.32 -68.99 -17.29
CA ILE MA 116 -10.43 -68.51 -16.49
C ILE MA 116 -10.77 -69.53 -15.40
N ARG MA 117 -10.73 -70.82 -15.73
CA ARG MA 117 -10.95 -71.86 -14.72
C ARG MA 117 -9.85 -71.83 -13.67
N ARG MA 118 -8.61 -71.54 -14.08
CA ARG MA 118 -7.52 -71.36 -13.14
C ARG MA 118 -7.76 -70.16 -12.22
N ALA MA 119 -8.31 -69.09 -12.78
CA ALA MA 119 -8.45 -67.86 -12.01
C ALA MA 119 -9.60 -67.94 -11.00
N VAL MA 120 -10.73 -68.53 -11.37
CA VAL MA 120 -11.94 -68.40 -10.56
C VAL MA 120 -12.23 -69.61 -9.69
N GLU MA 121 -11.42 -70.67 -9.76
CA GLU MA 121 -11.76 -71.88 -9.02
C GLU MA 121 -11.54 -71.75 -7.51
N HIS MA 122 -10.84 -70.72 -7.05
CA HIS MA 122 -10.64 -70.52 -5.62
C HIS MA 122 -11.36 -69.30 -5.06
N SER MA 123 -11.94 -68.47 -5.92
CA SER MA 123 -12.58 -67.24 -5.47
C SER MA 123 -14.03 -67.49 -5.10
N ASN MA 124 -14.54 -66.65 -4.19
CA ASN MA 124 -15.93 -66.73 -3.77
C ASN MA 124 -16.82 -65.66 -4.39
N VAL MA 125 -16.25 -64.71 -5.13
CA VAL MA 125 -17.07 -63.76 -5.89
C VAL MA 125 -16.29 -63.33 -7.13
N VAL MA 126 -16.99 -63.25 -8.26
CA VAL MA 126 -16.41 -62.89 -9.54
C VAL MA 126 -17.06 -61.60 -10.02
N ILE MA 127 -16.25 -60.62 -10.44
CA ILE MA 127 -16.71 -59.36 -10.99
C ILE MA 127 -16.22 -59.24 -12.42
N ASN MA 128 -17.12 -58.91 -13.33
CA ASN MA 128 -16.83 -58.80 -14.75
C ASN MA 128 -16.94 -57.35 -15.19
N LEU MA 129 -15.81 -56.81 -15.66
CA LEU MA 129 -15.68 -55.42 -16.09
C LEU MA 129 -14.97 -55.32 -17.44
N VAL MA 130 -15.02 -56.37 -18.24
CA VAL MA 130 -14.27 -56.41 -19.50
C VAL MA 130 -15.03 -55.59 -20.55
N GLY MA 131 -14.36 -54.60 -21.13
CA GLY MA 131 -14.97 -53.78 -22.14
C GLY MA 131 -14.04 -52.74 -22.74
N ARG MA 132 -14.08 -52.59 -24.06
CA ARG MA 132 -13.26 -51.61 -24.77
C ARG MA 132 -14.18 -50.65 -25.53
N GLU MA 133 -13.79 -49.37 -25.58
CA GLU MA 133 -14.62 -48.37 -26.23
C GLU MA 133 -14.60 -48.50 -27.74
N TRP MA 134 -13.54 -49.09 -28.31
CA TRP MA 134 -13.38 -49.20 -29.75
C TRP MA 134 -13.01 -50.63 -30.11
N GLU MA 135 -13.46 -51.06 -31.29
CA GLU MA 135 -13.11 -52.38 -31.79
C GLU MA 135 -11.65 -52.40 -32.25
N THR MA 136 -11.08 -53.61 -32.29
CA THR MA 136 -9.71 -53.83 -32.71
C THR MA 136 -9.67 -54.95 -33.74
N LYS MA 137 -8.47 -55.21 -34.28
CA LYS MA 137 -8.33 -56.24 -35.30
C LYS MA 137 -8.47 -57.64 -34.72
N ASN MA 138 -7.99 -57.85 -33.49
CA ASN MA 138 -8.05 -59.17 -32.88
C ASN MA 138 -9.32 -59.38 -32.08
N PHE MA 139 -9.85 -58.33 -31.46
CA PHE MA 139 -11.03 -58.42 -30.61
C PHE MA 139 -12.03 -57.37 -31.06
N ASP MA 140 -13.06 -57.80 -31.78
CA ASP MA 140 -14.14 -56.91 -32.16
C ASP MA 140 -15.14 -56.79 -31.01
N PHE MA 141 -16.25 -56.10 -31.26
CA PHE MA 141 -17.21 -55.81 -30.20
C PHE MA 141 -17.92 -57.07 -29.73
N GLU MA 142 -18.25 -57.97 -30.67
CA GLU MA 142 -18.95 -59.21 -30.31
C GLU MA 142 -18.08 -60.11 -29.43
N ASP MA 143 -16.81 -60.25 -29.77
CA ASP MA 143 -15.95 -61.15 -29.00
C ASP MA 143 -15.57 -60.60 -27.63
N VAL MA 144 -15.79 -59.32 -27.38
CA VAL MA 144 -15.41 -58.73 -26.10
C VAL MA 144 -16.67 -58.57 -25.25
N PHE MA 145 -17.84 -58.51 -25.89
CA PHE MA 145 -19.07 -58.27 -25.15
C PHE MA 145 -20.01 -59.46 -25.07
N VAL MA 146 -19.89 -60.44 -25.95
CA VAL MA 146 -20.75 -61.61 -25.97
C VAL MA 146 -20.01 -62.87 -25.56
N LYS MA 147 -18.90 -63.17 -26.24
CA LYS MA 147 -18.20 -64.44 -26.01
C LYS MA 147 -17.51 -64.46 -24.65
N ILE MA 148 -16.75 -63.42 -24.33
CA ILE MA 148 -15.96 -63.35 -23.10
C ILE MA 148 -16.85 -63.31 -21.84
N PRO MA 149 -17.88 -62.45 -21.73
CA PRO MA 149 -18.71 -62.51 -20.50
C PRO MA 149 -19.46 -63.82 -20.33
N GLN MA 150 -19.97 -64.40 -21.41
CA GLN MA 150 -20.65 -65.68 -21.32
C GLN MA 150 -19.69 -66.80 -20.92
N ALA MA 151 -18.47 -66.77 -21.45
CA ALA MA 151 -17.47 -67.76 -21.08
C ALA MA 151 -17.08 -67.64 -19.61
N ILE MA 152 -16.92 -66.39 -19.13
CA ILE MA 152 -16.59 -66.16 -17.73
C ILE MA 152 -17.71 -66.65 -16.82
N ALA MA 153 -18.96 -66.35 -17.19
CA ALA MA 153 -20.10 -66.78 -16.39
C ALA MA 153 -20.24 -68.30 -16.37
N GLN MA 154 -20.04 -68.95 -17.53
CA GLN MA 154 -20.14 -70.40 -17.60
C GLN MA 154 -19.04 -71.07 -16.78
N VAL MA 155 -17.81 -70.53 -16.85
CA VAL MA 155 -16.70 -71.09 -16.07
C VAL MA 155 -16.95 -70.91 -14.58
N SER MA 156 -17.45 -69.75 -14.17
CA SER MA 156 -17.76 -69.53 -12.76
C SER MA 156 -18.92 -70.41 -12.30
N LYS MA 157 -19.87 -70.70 -13.19
CA LYS MA 157 -20.96 -71.61 -12.83
C LYS MA 157 -20.45 -73.04 -12.65
N GLU MA 158 -19.55 -73.47 -13.53
CA GLU MA 158 -18.99 -74.82 -13.40
C GLU MA 158 -18.04 -74.94 -12.22
N ALA MA 159 -17.45 -73.83 -11.76
CA ALA MA 159 -16.53 -73.85 -10.64
C ALA MA 159 -17.21 -73.61 -9.30
N GLY MA 160 -18.53 -73.48 -9.28
CA GLY MA 160 -19.27 -73.35 -8.04
C GLY MA 160 -19.01 -72.08 -7.25
N VAL MA 161 -18.98 -70.93 -7.92
CA VAL MA 161 -18.83 -69.66 -7.22
C VAL MA 161 -20.16 -69.27 -6.61
N GLU MA 162 -20.15 -68.29 -5.71
CA GLU MA 162 -21.36 -67.86 -5.00
C GLU MA 162 -21.97 -66.60 -5.60
N LYS MA 163 -21.20 -65.54 -5.75
CA LYS MA 163 -21.70 -64.25 -6.23
C LYS MA 163 -21.01 -63.88 -7.52
N PHE MA 164 -21.80 -63.50 -8.52
CA PHE MA 164 -21.31 -63.02 -9.81
C PHE MA 164 -21.90 -61.64 -10.07
N ILE MA 165 -21.05 -60.72 -10.50
CA ILE MA 165 -21.46 -59.38 -10.88
C ILE MA 165 -20.99 -59.12 -12.31
N HIS MA 166 -21.89 -58.63 -13.14
CA HIS MA 166 -21.59 -58.27 -14.52
C HIS MA 166 -21.90 -56.80 -14.73
N ILE MA 167 -20.96 -56.06 -15.30
CA ILE MA 167 -21.15 -54.63 -15.54
C ILE MA 167 -21.61 -54.43 -16.98
N SER MA 168 -22.79 -53.83 -17.16
CA SER MA 168 -23.35 -53.48 -18.45
C SER MA 168 -23.60 -51.98 -18.49
N HIS MA 169 -24.28 -51.52 -19.54
CA HIS MA 169 -24.60 -50.11 -19.71
C HIS MA 169 -26.08 -49.88 -19.48
N LEU MA 170 -26.41 -48.67 -19.02
CA LEU MA 170 -27.81 -48.33 -18.73
C LEU MA 170 -28.65 -48.28 -20.00
N ASN MA 171 -28.12 -47.68 -21.06
CA ASN MA 171 -28.86 -47.49 -22.30
C ASN MA 171 -28.72 -48.66 -23.27
N ALA MA 172 -28.42 -49.85 -22.76
CA ALA MA 172 -28.21 -51.02 -23.60
C ALA MA 172 -29.55 -51.52 -24.12
N ASP MA 173 -29.72 -51.51 -25.45
CA ASP MA 173 -30.94 -52.00 -26.07
C ASP MA 173 -30.56 -52.87 -27.27
N ILE MA 174 -31.44 -53.82 -27.59
CA ILE MA 174 -31.24 -54.65 -28.78
C ILE MA 174 -31.38 -53.82 -30.05
N LYS MA 175 -32.37 -52.94 -30.09
CA LYS MA 175 -32.70 -52.17 -31.28
C LYS MA 175 -31.97 -50.83 -31.33
N SER MA 176 -30.85 -50.70 -30.64
CA SER MA 176 -30.07 -49.47 -30.71
C SER MA 176 -29.37 -49.35 -32.06
N SER MA 177 -29.08 -48.10 -32.43
CA SER MA 177 -28.44 -47.84 -33.72
C SER MA 177 -26.96 -48.19 -33.71
N SER MA 178 -26.31 -48.15 -32.55
CA SER MA 178 -24.88 -48.37 -32.45
C SER MA 178 -24.58 -49.80 -32.02
N LYS MA 179 -23.34 -50.22 -32.27
CA LYS MA 179 -22.90 -51.58 -31.96
C LYS MA 179 -22.65 -51.78 -30.47
N TYR MA 180 -22.28 -50.73 -29.76
CA TYR MA 180 -21.90 -50.82 -28.35
C TYR MA 180 -23.07 -51.30 -27.50
N LEU MA 181 -24.22 -50.61 -27.62
CA LEU MA 181 -25.38 -50.95 -26.80
C LEU MA 181 -26.03 -52.25 -27.24
N ARG MA 182 -25.98 -52.55 -28.54
CA ARG MA 182 -26.46 -53.83 -29.04
C ARG MA 182 -25.68 -54.99 -28.41
N ASN MA 183 -24.35 -54.90 -28.44
CA ASN MA 183 -23.52 -55.97 -27.90
C ASN MA 183 -23.64 -56.03 -26.39
N LYS MA 184 -23.77 -54.88 -25.71
CA LYS MA 184 -24.04 -54.89 -24.28
C LYS MA 184 -25.35 -55.58 -23.94
N ALA MA 185 -26.41 -55.31 -24.69
CA ALA MA 185 -27.70 -55.93 -24.42
C ALA MA 185 -27.67 -57.43 -24.66
N VAL MA 186 -27.06 -57.86 -25.77
CA VAL MA 186 -26.98 -59.29 -26.06
C VAL MA 186 -26.11 -60.00 -25.02
N GLY MA 187 -24.99 -59.39 -24.64
CA GLY MA 187 -24.11 -60.00 -23.66
C GLY MA 187 -24.75 -60.10 -22.28
N GLU MA 188 -25.47 -59.05 -21.85
CA GLU MA 188 -26.10 -59.13 -20.55
C GLU MA 188 -27.28 -60.10 -20.54
N LYS MA 189 -27.97 -60.23 -21.69
CA LYS MA 189 -29.00 -61.26 -21.79
C LYS MA 189 -28.40 -62.66 -21.67
N GLU MA 190 -27.28 -62.90 -22.35
CA GLU MA 190 -26.63 -64.20 -22.28
C GLU MA 190 -26.06 -64.47 -20.89
N VAL MA 191 -25.54 -63.44 -20.23
CA VAL MA 191 -25.02 -63.60 -18.87
C VAL MA 191 -26.14 -63.92 -17.89
N ARG MA 192 -27.28 -63.22 -18.02
CA ARG MA 192 -28.42 -63.50 -17.15
C ARG MA 192 -28.98 -64.89 -17.40
N GLU MA 193 -29.00 -65.34 -18.65
CA GLU MA 193 -29.46 -66.70 -18.95
C GLU MA 193 -28.50 -67.74 -18.41
N THR MA 194 -27.19 -67.49 -18.50
CA THR MA 194 -26.21 -68.49 -18.06
C THR MA 194 -26.13 -68.59 -16.55
N PHE MA 195 -26.16 -67.46 -15.85
CA PHE MA 195 -26.05 -67.43 -14.39
C PHE MA 195 -27.32 -66.86 -13.79
N PRO MA 196 -28.15 -67.67 -13.13
CA PRO MA 196 -29.42 -67.15 -12.60
C PRO MA 196 -29.26 -66.17 -11.44
N GLU MA 197 -28.14 -66.19 -10.73
CA GLU MA 197 -27.89 -65.27 -9.63
C GLU MA 197 -26.96 -64.13 -10.00
N ALA MA 198 -26.82 -63.84 -11.29
CA ALA MA 198 -25.89 -62.82 -11.76
C ALA MA 198 -26.47 -61.43 -11.47
N THR MA 199 -25.74 -60.64 -10.69
CA THR MA 199 -26.12 -59.27 -10.41
C THR MA 199 -25.60 -58.37 -11.53
N ILE MA 200 -26.51 -57.76 -12.28
CA ILE MA 200 -26.17 -56.91 -13.41
C ILE MA 200 -26.22 -55.46 -12.96
N ILE MA 201 -25.13 -54.74 -13.14
CA ILE MA 201 -25.01 -53.35 -12.72
C ILE MA 201 -24.95 -52.47 -13.96
N LYS MA 202 -25.82 -51.46 -14.01
CA LYS MA 202 -25.99 -50.59 -15.17
C LYS MA 202 -25.69 -49.14 -14.81
N PRO MA 203 -24.42 -48.73 -14.87
CA PRO MA 203 -24.13 -47.30 -14.76
C PRO MA 203 -24.63 -46.54 -15.98
N ALA MA 204 -24.97 -45.26 -15.77
CA ALA MA 204 -25.42 -44.43 -16.87
C ALA MA 204 -24.26 -43.86 -17.66
N ASP MA 205 -23.45 -43.02 -17.02
CA ASP MA 205 -22.22 -42.50 -17.60
C ASP MA 205 -21.35 -42.01 -16.46
N ILE MA 206 -20.08 -42.41 -16.46
CA ILE MA 206 -19.21 -42.27 -15.30
C ILE MA 206 -18.16 -41.21 -15.59
N PHE MA 207 -17.99 -40.30 -14.65
CA PHE MA 207 -16.98 -39.24 -14.74
C PHE MA 207 -16.03 -39.34 -13.55
N GLY MA 208 -14.75 -39.11 -13.81
CA GLY MA 208 -13.75 -39.24 -12.78
C GLY MA 208 -12.42 -38.68 -13.24
N ARG MA 209 -11.36 -39.10 -12.55
CA ARG MA 209 -10.03 -38.58 -12.87
C ARG MA 209 -9.48 -39.21 -14.16
N GLU MA 210 -9.74 -40.50 -14.36
CA GLU MA 210 -9.26 -41.23 -15.52
C GLU MA 210 -10.43 -41.73 -16.37
N ASP MA 211 -11.43 -40.87 -16.58
CA ASP MA 211 -12.65 -41.25 -17.27
C ASP MA 211 -12.49 -41.03 -18.77
N ARG MA 212 -13.60 -41.20 -19.50
CA ARG MA 212 -13.63 -40.89 -20.92
C ARG MA 212 -14.91 -40.14 -21.30
N PHE MA 213 -15.52 -39.42 -20.36
CA PHE MA 213 -16.73 -38.65 -20.61
C PHE MA 213 -16.48 -37.16 -20.48
N LEU MA 214 -15.99 -36.69 -19.33
CA LEU MA 214 -15.63 -35.29 -19.18
C LEU MA 214 -14.30 -34.99 -19.84
N ASN MA 215 -13.35 -35.94 -19.78
CA ASN MA 215 -12.08 -35.76 -20.46
C ASN MA 215 -12.25 -35.76 -21.98
N TYR MA 216 -13.28 -36.44 -22.48
CA TYR MA 216 -13.57 -36.40 -23.91
C TYR MA 216 -14.16 -35.04 -24.30
N PHE MA 217 -15.02 -34.48 -23.45
CA PHE MA 217 -15.66 -33.22 -23.78
C PHE MA 217 -14.71 -32.04 -23.67
N ALA MA 218 -13.88 -32.02 -22.62
CA ALA MA 218 -13.04 -30.86 -22.36
C ALA MA 218 -11.89 -30.74 -23.34
N ASN MA 219 -11.48 -31.85 -23.95
CA ASN MA 219 -10.33 -31.87 -24.84
C ASN MA 219 -10.71 -31.66 -26.31
N ILE MA 220 -11.98 -31.36 -26.60
CA ILE MA 220 -12.42 -31.18 -27.98
C ILE MA 220 -12.21 -29.77 -28.50
N ARG MA 221 -11.89 -28.81 -27.62
CA ARG MA 221 -11.68 -27.40 -27.95
C ARG MA 221 -12.86 -26.77 -28.67
N SER MA 230 -20.45 -34.77 -30.21
CA SER MA 230 -19.70 -33.86 -31.05
C SER MA 230 -20.22 -32.44 -30.93
N LEU MA 231 -21.46 -32.24 -31.33
CA LEU MA 231 -22.13 -30.94 -31.31
C LEU MA 231 -23.26 -30.97 -30.30
N GLY MA 232 -23.98 -29.86 -30.22
CA GLY MA 232 -25.12 -29.77 -29.32
C GLY MA 232 -26.36 -30.43 -29.89
N LYS MA 233 -27.17 -30.99 -29.00
CA LYS MA 233 -28.38 -31.70 -29.39
C LYS MA 233 -29.41 -31.53 -28.29
N LYS MA 234 -30.46 -32.34 -28.32
CA LYS MA 234 -31.52 -32.32 -27.32
C LYS MA 234 -31.41 -33.45 -26.30
N THR MA 235 -30.28 -34.15 -26.28
CA THR MA 235 -30.14 -35.32 -25.44
C THR MA 235 -30.01 -34.93 -23.97
N VAL MA 236 -30.55 -35.79 -23.09
CA VAL MA 236 -30.51 -35.59 -21.66
C VAL MA 236 -29.69 -36.71 -21.04
N LYS MA 237 -28.73 -36.35 -20.19
CA LYS MA 237 -27.88 -37.32 -19.51
C LYS MA 237 -27.79 -36.98 -18.03
N GLN MA 238 -27.62 -38.03 -17.21
CA GLN MA 238 -27.47 -37.88 -15.77
C GLN MA 238 -26.22 -38.65 -15.33
N PRO MA 239 -25.06 -38.00 -15.36
CA PRO MA 239 -23.82 -38.68 -14.97
C PRO MA 239 -23.77 -39.01 -13.50
N VAL MA 240 -23.03 -40.07 -13.17
CA VAL MA 240 -22.90 -40.57 -11.81
C VAL MA 240 -21.42 -40.65 -11.46
N TYR MA 241 -21.07 -40.18 -10.25
CA TYR MA 241 -19.69 -40.15 -9.80
C TYR MA 241 -19.12 -41.56 -9.65
N ILE MA 242 -17.83 -41.70 -9.94
CA ILE MA 242 -17.19 -43.01 -9.98
C ILE MA 242 -17.09 -43.60 -8.57
N VAL MA 243 -16.84 -42.76 -7.57
CA VAL MA 243 -16.75 -43.24 -6.19
C VAL MA 243 -18.11 -43.77 -5.73
N ASP MA 244 -19.19 -43.15 -6.19
CA ASP MA 244 -20.52 -43.64 -5.87
C ASP MA 244 -20.79 -45.00 -6.52
N VAL MA 245 -20.33 -45.21 -7.75
CA VAL MA 245 -20.50 -46.50 -8.40
C VAL MA 245 -19.69 -47.57 -7.69
N THR MA 246 -18.45 -47.25 -7.29
CA THR MA 246 -17.62 -48.20 -6.57
C THR MA 246 -18.23 -48.55 -5.21
N LYS MA 247 -18.75 -47.55 -4.50
CA LYS MA 247 -19.41 -47.82 -3.22
C LYS MA 247 -20.69 -48.61 -3.39
N GLY MA 248 -21.42 -48.38 -4.48
CA GLY MA 248 -22.59 -49.20 -4.76
C GLY MA 248 -22.24 -50.65 -5.06
N ILE MA 249 -21.14 -50.86 -5.79
CA ILE MA 249 -20.68 -52.22 -6.07
C ILE MA 249 -20.24 -52.91 -4.77
N ILE MA 250 -19.53 -52.19 -3.90
CA ILE MA 250 -19.09 -52.76 -2.63
C ILE MA 250 -20.28 -53.07 -1.74
N ASN MA 251 -21.28 -52.18 -1.70
CA ASN MA 251 -22.48 -52.43 -0.92
C ASN MA 251 -23.29 -53.59 -1.48
N ALA MA 252 -23.25 -53.80 -2.80
CA ALA MA 252 -23.88 -54.98 -3.38
C ALA MA 252 -23.10 -56.24 -3.05
N ILE MA 253 -21.78 -56.14 -2.89
CA ILE MA 253 -20.97 -57.25 -2.41
C ILE MA 253 -21.39 -57.63 -0.98
N LYS MA 254 -21.58 -56.61 -0.14
CA LYS MA 254 -21.79 -56.85 1.29
C LYS MA 254 -23.13 -57.53 1.57
N ASP MA 255 -24.22 -57.00 1.00
CA ASP MA 255 -25.52 -57.55 1.38
C ASP MA 255 -25.82 -58.84 0.63
N PRO MA 256 -26.58 -59.75 1.24
CA PRO MA 256 -26.99 -60.99 0.55
C PRO MA 256 -28.31 -60.88 -0.19
N ASP MA 257 -29.02 -59.76 -0.09
CA ASP MA 257 -30.32 -59.61 -0.72
C ASP MA 257 -30.23 -59.09 -2.16
N ALA MA 258 -29.04 -58.73 -2.63
CA ALA MA 258 -28.86 -58.15 -3.95
C ALA MA 258 -28.58 -59.19 -5.02
N ARG MA 259 -28.57 -60.47 -4.68
CA ARG MA 259 -28.29 -61.50 -5.67
C ARG MA 259 -29.46 -61.68 -6.62
N GLY MA 260 -29.17 -61.70 -7.92
CA GLY MA 260 -30.17 -61.86 -8.94
C GLY MA 260 -30.90 -60.61 -9.36
N LYS MA 261 -30.55 -59.45 -8.80
CA LYS MA 261 -31.22 -58.21 -9.15
C LYS MA 261 -30.63 -57.62 -10.42
N THR MA 262 -31.15 -56.46 -10.83
CA THR MA 262 -30.65 -55.71 -11.98
C THR MA 262 -30.74 -54.24 -11.61
N PHE MA 263 -29.63 -53.68 -11.10
CA PHE MA 263 -29.62 -52.32 -10.62
C PHE MA 263 -29.44 -51.33 -11.77
N ALA MA 264 -29.60 -50.05 -11.45
CA ALA MA 264 -29.41 -48.97 -12.42
C ALA MA 264 -28.80 -47.80 -11.67
N PHE MA 265 -27.50 -47.58 -11.88
CA PHE MA 265 -26.75 -46.54 -11.15
C PHE MA 265 -26.83 -45.26 -11.95
N VAL MA 266 -27.70 -44.34 -11.51
CA VAL MA 266 -27.90 -43.07 -12.19
C VAL MA 266 -27.60 -41.94 -11.20
N GLY MA 267 -27.22 -40.80 -11.76
CA GLY MA 267 -26.86 -39.65 -10.96
C GLY MA 267 -28.06 -38.96 -10.36
N PRO MA 268 -27.78 -37.96 -9.52
CA PRO MA 268 -28.89 -37.26 -8.84
C PRO MA 268 -29.59 -36.23 -9.69
N ASN MA 269 -28.94 -35.69 -10.72
CA ASN MA 269 -29.50 -34.61 -11.52
C ASN MA 269 -29.35 -34.94 -12.99
N ARG MA 270 -30.41 -34.68 -13.76
CA ARG MA 270 -30.38 -34.85 -15.20
C ARG MA 270 -29.95 -33.56 -15.87
N TYR MA 271 -29.07 -33.67 -16.86
CA TYR MA 271 -28.51 -32.52 -17.54
C TYR MA 271 -28.74 -32.63 -19.04
N LEU MA 272 -29.12 -31.51 -19.66
CA LEU MA 272 -29.09 -31.43 -21.11
C LEU MA 272 -27.64 -31.32 -21.58
N LEU MA 273 -27.40 -31.79 -22.81
CA LEU MA 273 -26.03 -31.90 -23.30
C LEU MA 273 -25.41 -30.53 -23.56
N PHE MA 274 -26.19 -29.57 -24.03
CA PHE MA 274 -25.66 -28.24 -24.34
C PHE MA 274 -25.21 -27.52 -23.07
N ASP MA 275 -26.05 -27.53 -22.04
CA ASP MA 275 -25.66 -26.92 -20.77
C ASP MA 275 -24.51 -27.68 -20.11
N LEU MA 276 -24.46 -29.00 -20.30
CA LEU MA 276 -23.36 -29.79 -19.74
C LEU MA 276 -22.03 -29.41 -20.39
N VAL MA 277 -22.01 -29.30 -21.72
CA VAL MA 277 -20.76 -28.96 -22.38
C VAL MA 277 -20.39 -27.50 -22.15
N GLN MA 278 -21.38 -26.62 -21.96
CA GLN MA 278 -21.08 -25.25 -21.57
C GLN MA 278 -20.46 -25.18 -20.18
N TYR MA 279 -20.99 -25.98 -19.25
CA TYR MA 279 -20.41 -26.05 -17.90
C TYR MA 279 -18.99 -26.63 -17.95
N VAL MA 280 -18.77 -27.64 -18.80
CA VAL MA 280 -17.44 -28.24 -18.93
C VAL MA 280 -16.44 -27.23 -19.47
N PHE MA 281 -16.84 -26.49 -20.51
CA PHE MA 281 -15.94 -25.47 -21.05
C PHE MA 281 -15.75 -24.30 -20.10
N ALA MA 282 -16.74 -24.01 -19.26
CA ALA MA 282 -16.61 -22.90 -18.31
C ALA MA 282 -15.68 -23.27 -17.16
N VAL MA 283 -15.76 -24.51 -16.68
CA VAL MA 283 -14.86 -24.96 -15.62
C VAL MA 283 -13.42 -25.01 -16.11
N ALA MA 284 -13.22 -25.47 -17.34
CA ALA MA 284 -11.88 -25.59 -17.91
C ALA MA 284 -11.30 -24.26 -18.38
N HIS MA 285 -12.06 -23.16 -18.24
CA HIS MA 285 -11.63 -21.81 -18.62
C HIS MA 285 -11.28 -21.71 -20.10
N ARG MA 286 -11.97 -22.50 -20.94
CA ARG MA 286 -11.73 -22.53 -22.36
C ARG MA 286 -12.81 -21.76 -23.11
N PRO MA 287 -12.48 -21.13 -24.25
CA PRO MA 287 -13.50 -20.40 -25.02
C PRO MA 287 -14.45 -21.34 -25.76
N TRP MA 313 -8.59 -38.90 -29.82
CA TRP MA 313 -9.17 -40.19 -30.15
C TRP MA 313 -10.70 -40.10 -30.22
N THR MA 314 -11.26 -40.53 -31.35
CA THR MA 314 -12.71 -40.49 -31.54
C THR MA 314 -13.09 -41.55 -32.57
N THR MA 315 -14.38 -41.85 -32.60
CA THR MA 315 -14.91 -42.84 -33.54
C THR MA 315 -16.39 -42.55 -33.78
N ARG MA 316 -16.97 -43.27 -34.74
CA ARG MA 316 -18.36 -43.06 -35.09
C ARG MA 316 -19.29 -43.60 -34.01
N ASP MA 317 -18.92 -44.70 -33.36
CA ASP MA 317 -19.76 -45.28 -32.31
C ASP MA 317 -19.85 -44.36 -31.10
N LYS MA 318 -18.73 -43.72 -30.73
CA LYS MA 318 -18.78 -42.74 -29.65
C LYS MA 318 -19.62 -41.53 -30.03
N VAL MA 319 -19.59 -41.15 -31.31
CA VAL MA 319 -20.44 -40.06 -31.80
C VAL MA 319 -21.90 -40.43 -31.66
N GLU MA 320 -22.26 -41.66 -32.01
CA GLU MA 320 -23.63 -42.13 -31.82
C GLU MA 320 -24.01 -42.19 -30.35
N ARG MA 321 -23.08 -42.61 -29.49
CA ARG MA 321 -23.39 -42.76 -28.07
C ARG MA 321 -23.59 -41.41 -27.40
N ILE MA 322 -22.83 -40.39 -27.82
CA ILE MA 322 -22.98 -39.06 -27.23
C ILE MA 322 -24.36 -38.48 -27.55
N HIS MA 323 -24.85 -38.71 -28.76
CA HIS MA 323 -26.15 -38.19 -29.18
C HIS MA 323 -27.29 -39.15 -28.88
N THR MA 324 -27.15 -39.99 -27.85
CA THR MA 324 -28.22 -40.87 -27.38
C THR MA 324 -28.61 -40.46 -25.97
N THR MA 325 -29.89 -40.19 -25.77
CA THR MA 325 -30.37 -39.76 -24.46
C THR MA 325 -30.34 -40.90 -23.45
N ASP MA 326 -30.13 -40.56 -22.19
CA ASP MA 326 -30.11 -41.54 -21.12
C ASP MA 326 -31.54 -41.92 -20.75
N ARG MA 327 -31.86 -43.21 -20.89
CA ARG MA 327 -33.21 -43.68 -20.62
C ARG MA 327 -33.49 -43.69 -19.13
N THR MA 328 -34.77 -43.68 -18.78
CA THR MA 328 -35.23 -43.72 -17.40
C THR MA 328 -35.81 -45.10 -17.12
N LEU MA 329 -35.36 -45.71 -16.02
CA LEU MA 329 -35.81 -47.04 -15.61
C LEU MA 329 -36.32 -46.95 -14.18
N PRO MA 330 -37.59 -46.55 -14.00
CA PRO MA 330 -38.12 -46.41 -12.64
C PRO MA 330 -38.42 -47.73 -11.96
N HIS MA 331 -38.54 -48.83 -12.70
CA HIS MA 331 -38.89 -50.12 -12.14
C HIS MA 331 -37.70 -50.87 -11.56
N LEU MA 332 -36.49 -50.32 -11.67
CA LEU MA 332 -35.30 -51.00 -11.18
C LEU MA 332 -34.70 -50.23 -10.01
N PRO MA 333 -34.12 -50.93 -9.03
CA PRO MA 333 -33.50 -50.23 -7.89
C PRO MA 333 -32.24 -49.47 -8.31
N GLY MA 334 -31.94 -48.42 -7.56
CA GLY MA 334 -30.82 -47.56 -7.89
C GLY MA 334 -29.79 -47.45 -6.79
N LEU MA 335 -29.13 -46.29 -6.70
CA LEU MA 335 -28.07 -46.09 -5.71
C LEU MA 335 -28.64 -45.94 -4.30
N GLU MA 336 -29.85 -45.40 -4.16
CA GLU MA 336 -30.41 -45.15 -2.84
C GLU MA 336 -30.84 -46.42 -2.15
N ASP MA 337 -31.11 -47.50 -2.91
CA ASP MA 337 -31.47 -48.77 -2.31
C ASP MA 337 -30.27 -49.50 -1.71
N LEU MA 338 -29.05 -49.07 -2.01
CA LEU MA 338 -27.84 -49.66 -1.44
C LEU MA 338 -27.16 -48.73 -0.44
N GLY MA 339 -27.85 -47.70 0.02
CA GLY MA 339 -27.28 -46.76 0.97
C GLY MA 339 -26.15 -45.92 0.41
N VAL MA 340 -26.28 -45.47 -0.83
CA VAL MA 340 -25.26 -44.65 -1.49
C VAL MA 340 -25.87 -43.31 -1.84
N GLN MA 341 -25.24 -42.23 -1.40
CA GLN MA 341 -25.68 -40.88 -1.73
C GLN MA 341 -24.99 -40.45 -3.02
N ALA MA 342 -25.79 -40.12 -4.04
CA ALA MA 342 -25.26 -39.78 -5.35
C ALA MA 342 -24.67 -38.38 -5.32
N THR MA 343 -23.35 -38.30 -5.50
CA THR MA 343 -22.68 -37.00 -5.49
C THR MA 343 -22.98 -36.24 -6.78
N PRO MA 344 -23.42 -34.99 -6.71
CA PRO MA 344 -23.68 -34.22 -7.92
C PRO MA 344 -22.40 -33.84 -8.65
N LEU MA 345 -22.57 -33.39 -9.89
CA LEU MA 345 -21.43 -33.03 -10.73
C LEU MA 345 -20.76 -31.74 -10.25
N GLU MA 346 -21.50 -30.86 -9.57
CA GLU MA 346 -20.95 -29.57 -9.18
C GLU MA 346 -19.94 -29.68 -8.05
N LEU MA 347 -19.95 -30.77 -7.30
CA LEU MA 347 -18.99 -30.97 -6.21
C LEU MA 347 -17.71 -31.67 -6.66
N LYS MA 348 -17.66 -32.19 -7.87
CA LYS MA 348 -16.50 -32.93 -8.35
C LYS MA 348 -15.98 -32.48 -9.71
N ALA MA 349 -16.67 -31.56 -10.39
CA ALA MA 349 -16.20 -31.09 -11.69
C ALA MA 349 -14.90 -30.32 -11.58
N ILE MA 350 -14.74 -29.54 -10.50
CA ILE MA 350 -13.49 -28.81 -10.27
C ILE MA 350 -12.34 -29.77 -10.07
N GLU MA 351 -12.55 -30.83 -9.27
CA GLU MA 351 -11.51 -31.83 -9.05
C GLU MA 351 -11.16 -32.56 -10.34
N VAL MA 352 -12.17 -32.87 -11.16
CA VAL MA 352 -11.93 -33.58 -12.41
C VAL MA 352 -11.15 -32.71 -13.39
N LEU MA 353 -11.56 -31.45 -13.55
CA LEU MA 353 -11.04 -30.60 -14.61
C LEU MA 353 -10.03 -29.57 -14.15
N ARG MA 354 -9.49 -29.69 -12.93
CA ARG MA 354 -8.41 -28.80 -12.52
C ARG MA 354 -7.12 -29.04 -13.30
N ARG MA 355 -6.95 -30.22 -13.88
CA ARG MA 355 -5.75 -30.50 -14.66
C ARG MA 355 -5.72 -29.69 -15.95
N HIS MA 356 -6.89 -29.44 -16.56
CA HIS MA 356 -6.96 -28.73 -17.84
C HIS MA 356 -6.69 -27.23 -17.69
N ARG MA 357 -6.66 -26.69 -16.48
CA ARG MA 357 -6.43 -25.27 -16.28
C ARG MA 357 -4.96 -24.93 -16.52
N THR MA 358 -4.71 -23.85 -17.24
CA THR MA 358 -3.35 -23.41 -17.54
C THR MA 358 -2.96 -22.22 -16.68
N VAL MA 369 -18.26 -19.79 -11.27
CA VAL MA 369 -18.77 -20.50 -12.44
C VAL MA 369 -20.20 -20.96 -12.17
N GLN MA 370 -21.12 -20.57 -13.06
CA GLN MA 370 -22.51 -20.94 -12.90
C GLN MA 370 -22.71 -22.43 -13.18
N PRO MA 371 -23.54 -23.11 -12.40
CA PRO MA 371 -23.82 -24.52 -12.67
C PRO MA 371 -24.75 -24.69 -13.86
N ALA MA 372 -24.64 -25.85 -14.50
CA ALA MA 372 -25.49 -26.16 -15.63
C ALA MA 372 -26.94 -26.36 -15.19
N LYS MA 373 -27.87 -25.98 -16.05
CA LYS MA 373 -29.28 -26.10 -15.73
C LYS MA 373 -29.73 -27.55 -15.80
N THR MA 374 -30.57 -27.95 -14.85
CA THR MA 374 -31.06 -29.31 -14.74
C THR MA 374 -32.54 -29.36 -15.12
N VAL MA 375 -32.90 -30.36 -15.92
CA VAL MA 375 -34.28 -30.53 -16.35
C VAL MA 375 -35.08 -31.23 -15.26
N LEU NA 1 -50.31 -56.38 35.64
CA LEU NA 1 -51.27 -57.47 35.79
C LEU NA 1 -51.02 -58.23 37.09
N GLY NA 2 -50.02 -57.79 37.84
CA GLY NA 2 -49.72 -58.38 39.13
C GLY NA 2 -48.25 -58.39 39.47
N LEU NA 3 -47.93 -58.28 40.76
CA LEU NA 3 -46.54 -58.37 41.20
C LEU NA 3 -46.06 -59.81 41.11
N ARG NA 4 -44.74 -59.96 41.02
CA ARG NA 4 -44.14 -61.27 40.84
C ARG NA 4 -43.07 -61.56 41.89
N GLU NA 5 -42.36 -60.52 42.32
CA GLU NA 5 -41.32 -60.70 43.32
C GLU NA 5 -41.18 -59.44 44.15
N ILE NA 6 -40.60 -59.59 45.33
CA ILE NA 6 -40.30 -58.49 46.23
C ILE NA 6 -38.83 -58.60 46.59
N ARG NA 7 -38.11 -57.48 46.57
CA ARG NA 7 -36.70 -57.45 46.94
C ARG NA 7 -36.49 -56.43 48.04
N ILE NA 8 -35.96 -56.86 49.17
CA ILE NA 8 -35.67 -55.98 50.30
C ILE NA 8 -34.17 -56.02 50.57
N HIS NA 9 -33.52 -54.88 50.45
CA HIS NA 9 -32.10 -54.74 50.73
C HIS NA 9 -31.89 -54.10 52.09
N LEU NA 10 -30.86 -54.54 52.80
CA LEU NA 10 -30.55 -53.98 54.11
C LEU NA 10 -29.05 -54.08 54.35
N CYS NA 11 -28.62 -53.58 55.50
CA CYS NA 11 -27.25 -53.75 55.97
C CYS NA 11 -27.26 -54.44 57.32
N GLN NA 12 -26.17 -55.15 57.62
CA GLN NA 12 -26.11 -55.91 58.87
C GLN NA 12 -25.87 -55.00 60.08
N ARG NA 13 -24.99 -54.01 59.96
CA ARG NA 13 -24.50 -53.27 61.12
C ARG NA 13 -24.98 -51.83 61.19
N SER NA 14 -25.37 -51.22 60.07
CA SER NA 14 -25.75 -49.81 60.09
C SER NA 14 -27.08 -49.60 60.81
N PRO NA 15 -27.24 -48.49 61.51
CA PRO NA 15 -28.51 -48.24 62.21
C PRO NA 15 -29.66 -47.85 61.29
N GLY NA 16 -29.36 -47.31 60.10
CA GLY NA 16 -30.43 -46.87 59.21
C GLY NA 16 -31.29 -48.01 58.71
N SER NA 17 -30.68 -49.18 58.48
CA SER NA 17 -31.44 -50.37 58.13
C SER NA 17 -31.97 -51.11 59.36
N GLN NA 18 -31.68 -50.60 60.56
CA GLN NA 18 -31.93 -51.34 61.80
C GLN NA 18 -33.42 -51.64 61.98
N GLY NA 19 -34.27 -50.63 61.74
CA GLY NA 19 -35.71 -50.87 61.81
C GLY NA 19 -36.18 -51.89 60.80
N VAL NA 20 -35.56 -51.89 59.60
CA VAL NA 20 -35.84 -52.93 58.62
C VAL NA 20 -35.48 -54.30 59.18
N ARG NA 21 -34.34 -54.38 59.88
CA ARG NA 21 -33.96 -55.61 60.58
C ARG NA 21 -34.99 -55.95 61.64
N ASP NA 22 -35.54 -54.93 62.32
CA ASP NA 22 -36.59 -55.17 63.30
C ASP NA 22 -37.85 -55.75 62.69
N PHE NA 23 -38.05 -55.54 61.38
CA PHE NA 23 -39.13 -56.26 60.71
C PHE NA 23 -38.77 -57.73 60.53
N ILE NA 24 -37.55 -58.00 60.07
CA ILE NA 24 -37.16 -59.36 59.71
C ILE NA 24 -37.10 -60.25 60.96
N GLU NA 25 -36.63 -59.69 62.07
CA GLU NA 25 -36.61 -60.41 63.34
C GLU NA 25 -38.00 -60.64 63.90
N LYS NA 26 -39.03 -59.97 63.39
CA LYS NA 26 -40.35 -60.06 64.00
C LYS NA 26 -41.42 -60.67 63.10
N ARG NA 27 -41.61 -60.13 61.89
CA ARG NA 27 -42.82 -60.40 61.13
C ARG NA 27 -42.57 -61.00 59.75
N TYR NA 28 -41.35 -61.45 59.46
CA TYR NA 28 -41.09 -62.00 58.13
C TYR NA 28 -41.72 -63.39 57.98
N VAL NA 29 -41.62 -64.23 59.03
CA VAL NA 29 -42.00 -65.64 58.93
C VAL NA 29 -43.48 -65.78 58.60
N GLU NA 30 -44.33 -65.04 59.32
CA GLU NA 30 -45.76 -65.04 59.02
C GLU NA 30 -46.03 -64.53 57.62
N LEU NA 31 -45.20 -63.61 57.12
CA LEU NA 31 -45.29 -63.17 55.74
C LEU NA 31 -45.05 -64.33 54.78
N LYS NA 32 -44.04 -65.15 55.06
CA LYS NA 32 -43.84 -66.35 54.25
C LYS NA 32 -44.92 -67.39 54.53
N LYS NA 33 -45.62 -67.27 55.66
CA LYS NA 33 -46.79 -68.10 55.91
C LYS NA 33 -48.05 -67.50 55.28
N ALA NA 34 -47.96 -66.29 54.74
CA ALA NA 34 -49.11 -65.64 54.11
C ALA NA 34 -49.08 -65.73 52.59
N ASN NA 35 -47.93 -65.51 51.98
CA ASN NA 35 -47.77 -65.56 50.52
C ASN NA 35 -46.62 -66.52 50.21
N PRO NA 36 -46.90 -67.82 50.18
CA PRO NA 36 -45.80 -68.79 50.03
C PRO NA 36 -45.17 -68.81 48.66
N ASP NA 37 -45.92 -68.48 47.60
CA ASP NA 37 -45.40 -68.52 46.24
C ASP NA 37 -44.86 -67.18 45.77
N LEU NA 38 -44.80 -66.18 46.66
CA LEU NA 38 -44.28 -64.87 46.31
C LEU NA 38 -42.87 -64.74 46.82
N PRO NA 39 -41.84 -64.75 45.97
CA PRO NA 39 -40.45 -64.69 46.45
C PRO NA 39 -40.11 -63.31 47.00
N ILE NA 40 -39.84 -63.26 48.30
CA ILE NA 40 -39.40 -62.05 48.96
C ILE NA 40 -37.91 -62.18 49.29
N LEU NA 41 -37.07 -61.74 48.36
CA LEU NA 41 -35.63 -61.92 48.49
C LEU NA 41 -35.06 -60.86 49.43
N ILE NA 42 -34.48 -61.33 50.55
CA ILE NA 42 -33.81 -60.47 51.51
C ILE NA 42 -32.34 -60.48 51.18
N ARG NA 43 -31.74 -59.30 51.00
CA ARG NA 43 -30.35 -59.16 50.59
C ARG NA 43 -29.62 -58.26 51.58
N GLU NA 44 -28.67 -58.85 52.31
CA GLU NA 44 -27.84 -58.11 53.24
C GLU NA 44 -26.60 -57.59 52.53
N CYS NA 45 -26.10 -56.44 52.99
CA CYS NA 45 -24.88 -55.87 52.45
C CYS NA 45 -24.16 -55.14 53.58
N SER NA 46 -23.13 -54.38 53.22
CA SER NA 46 -22.24 -53.77 54.21
C SER NA 46 -22.53 -52.29 54.45
N ASP NA 47 -22.75 -51.50 53.39
CA ASP NA 47 -22.93 -50.07 53.58
C ASP NA 47 -23.99 -49.46 52.67
N VAL NA 48 -24.92 -50.26 52.15
CA VAL NA 48 -25.91 -49.71 51.22
C VAL NA 48 -27.07 -49.10 51.99
N GLN NA 49 -27.78 -48.22 51.31
CA GLN NA 49 -28.99 -47.62 51.85
C GLN NA 49 -30.14 -48.63 51.83
N PRO NA 50 -31.06 -48.54 52.77
CA PRO NA 50 -32.25 -49.40 52.73
C PRO NA 50 -33.10 -49.10 51.50
N LYS NA 51 -33.66 -50.16 50.92
CA LYS NA 51 -34.43 -50.02 49.68
C LYS NA 51 -35.42 -51.17 49.58
N LEU NA 52 -36.42 -50.99 48.73
CA LEU NA 52 -37.45 -52.00 48.50
C LEU NA 52 -37.83 -51.97 47.04
N TRP NA 53 -37.43 -52.99 46.29
CA TRP NA 53 -37.72 -53.08 44.87
C TRP NA 53 -38.80 -54.14 44.64
N ALA NA 54 -39.83 -53.77 43.86
CA ALA NA 54 -40.90 -54.68 43.52
C ALA NA 54 -41.00 -54.81 42.01
N ARG NA 55 -41.06 -56.06 41.53
CA ARG NA 55 -41.20 -56.34 40.11
C ARG NA 55 -42.63 -56.73 39.82
N TYR NA 56 -43.20 -56.15 38.77
CA TYR NA 56 -44.57 -56.43 38.34
C TYR NA 56 -44.55 -57.17 37.01
N ALA NA 57 -45.73 -57.37 36.44
CA ALA NA 57 -45.86 -58.07 35.17
C ALA NA 57 -45.25 -57.23 34.05
N PHE NA 58 -44.70 -57.94 33.04
CA PHE NA 58 -44.05 -57.36 31.86
C PHE NA 58 -42.90 -56.43 32.25
N GLY NA 59 -42.14 -56.82 33.28
CA GLY NA 59 -40.91 -56.15 33.63
C GLY NA 59 -41.05 -54.82 34.34
N GLN NA 60 -42.26 -54.43 34.75
CA GLN NA 60 -42.44 -53.17 35.44
C GLN NA 60 -41.90 -53.28 36.87
N GLU NA 61 -41.14 -52.27 37.29
CA GLU NA 61 -40.51 -52.28 38.60
C GLU NA 61 -40.74 -50.94 39.29
N LYS NA 62 -41.04 -51.00 40.60
CA LYS NA 62 -41.15 -49.80 41.41
C LYS NA 62 -40.16 -49.87 42.57
N ASN NA 63 -39.79 -48.69 43.05
CA ASN NA 63 -38.78 -48.52 44.09
C ASN NA 63 -39.39 -47.76 45.25
N VAL NA 64 -39.11 -48.21 46.47
CA VAL NA 64 -39.53 -47.54 47.70
C VAL NA 64 -38.30 -47.37 48.57
N SER NA 65 -38.07 -46.14 49.03
CA SER NA 65 -36.94 -45.84 49.91
C SER NA 65 -37.34 -46.13 51.34
N LEU NA 66 -36.66 -47.09 51.98
CA LEU NA 66 -36.93 -47.46 53.36
C LEU NA 66 -35.90 -46.87 54.33
N ASN NA 67 -35.38 -45.69 54.02
CA ASN NA 67 -34.31 -45.11 54.82
C ASN NA 67 -34.86 -44.58 56.13
N ASN NA 68 -34.23 -45.02 57.24
CA ASN NA 68 -34.57 -44.61 58.60
C ASN NA 68 -36.04 -44.88 58.93
N PHE NA 69 -36.56 -46.01 58.45
CA PHE NA 69 -37.92 -46.42 58.73
C PHE NA 69 -37.96 -47.34 59.93
N SER NA 70 -39.01 -47.19 60.74
CA SER NA 70 -39.22 -48.10 61.86
C SER NA 70 -39.87 -49.39 61.36
N ALA NA 71 -40.14 -50.32 62.28
CA ALA NA 71 -40.72 -51.60 61.91
C ALA NA 71 -42.15 -51.44 61.40
N ASP NA 72 -42.94 -50.57 62.03
CA ASP NA 72 -44.33 -50.42 61.64
C ASP NA 72 -44.47 -49.67 60.31
N GLN NA 73 -43.60 -48.70 60.06
CA GLN NA 73 -43.61 -48.02 58.77
C GLN NA 73 -43.21 -48.96 57.64
N VAL NA 74 -42.23 -49.83 57.90
CA VAL NA 74 -41.84 -50.86 56.94
C VAL NA 74 -43.00 -51.81 56.68
N THR NA 75 -43.71 -52.20 57.75
CA THR NA 75 -44.86 -53.08 57.60
C THR NA 75 -45.97 -52.41 56.78
N ARG NA 76 -46.19 -51.11 57.01
CA ARG NA 76 -47.21 -50.38 56.26
C ARG NA 76 -46.85 -50.29 54.78
N ALA NA 77 -45.59 -49.96 54.47
CA ALA NA 77 -45.16 -49.87 53.09
C ALA NA 77 -45.23 -51.23 52.40
N LEU NA 78 -44.86 -52.30 53.12
CA LEU NA 78 -44.82 -53.61 52.50
C LEU NA 78 -46.22 -54.16 52.30
N GLU NA 79 -47.14 -53.91 53.25
CA GLU NA 79 -48.52 -54.32 53.02
C GLU NA 79 -49.15 -53.49 51.91
N ASN NA 80 -48.73 -52.24 51.74
CA ASN NA 80 -49.21 -51.44 50.61
C ASN NA 80 -48.75 -52.03 49.28
N VAL NA 81 -47.49 -52.44 49.18
CA VAL NA 81 -47.03 -52.94 47.89
C VAL NA 81 -47.62 -54.33 47.59
N LEU NA 82 -47.80 -55.18 48.61
CA LEU NA 82 -48.41 -56.48 48.30
C LEU NA 82 -49.90 -56.35 47.97
N SER NA 83 -50.59 -55.38 48.58
CA SER NA 83 -52.01 -55.20 48.31
C SER NA 83 -52.28 -54.27 47.13
N SER NA 84 -51.24 -53.67 46.54
CA SER NA 84 -51.44 -52.76 45.42
C SER NA 84 -51.84 -53.51 44.16
N LYS NA 85 -50.95 -54.38 43.66
CA LYS NA 85 -51.12 -55.13 42.41
C LYS NA 85 -51.43 -54.21 41.23
N ALA NA 86 -50.68 -53.11 41.13
CA ALA NA 86 -50.85 -52.17 40.04
C ALA NA 86 -50.37 -52.74 38.71
N LEU OA 1 54.87 -6.54 25.79
CA LEU OA 1 55.24 -7.31 24.60
C LEU OA 1 54.44 -6.84 23.39
N LEU OA 2 53.26 -6.26 23.67
CA LEU OA 2 52.31 -5.80 22.66
C LEU OA 2 51.91 -6.95 21.73
N LYS OA 3 51.20 -7.90 22.34
CA LYS OA 3 50.75 -9.11 21.65
C LYS OA 3 49.85 -8.75 20.47
N LYS OA 4 50.16 -9.33 19.31
CA LYS OA 4 49.44 -8.97 18.09
C LYS OA 4 48.01 -9.49 18.11
N THR OA 5 47.83 -10.76 18.45
CA THR OA 5 46.51 -11.38 18.56
C THR OA 5 46.40 -12.07 19.90
N THR OA 6 45.21 -12.04 20.50
CA THR OA 6 44.96 -12.77 21.73
C THR OA 6 44.71 -14.25 21.50
N GLY OA 7 44.60 -14.67 20.24
CA GLY OA 7 44.38 -16.06 19.91
C GLY OA 7 42.92 -16.45 19.79
N LEU OA 8 42.00 -15.57 20.17
CA LEU OA 8 40.57 -15.83 20.10
C LEU OA 8 39.90 -14.74 19.27
N VAL OA 9 38.93 -15.16 18.44
CA VAL OA 9 38.28 -14.23 17.53
C VAL OA 9 37.31 -13.35 18.30
N GLY OA 10 37.26 -12.06 17.94
CA GLY OA 10 36.39 -11.11 18.58
C GLY OA 10 36.92 -10.53 19.88
N LEU OA 11 38.12 -10.91 20.30
CA LEU OA 11 38.72 -10.45 21.54
C LEU OA 11 39.90 -9.56 21.18
N ALA OA 12 39.67 -8.25 21.20
CA ALA OA 12 40.72 -7.30 20.86
C ALA OA 12 41.77 -7.25 21.98
N VAL OA 13 42.99 -6.88 21.59
CA VAL OA 13 44.09 -6.82 22.54
C VAL OA 13 43.94 -5.59 23.42
N CYS OA 14 43.99 -5.80 24.74
CA CYS OA 14 43.91 -4.71 25.69
C CYS OA 14 45.30 -4.12 25.90
N GLU OA 15 45.49 -2.87 25.48
CA GLU OA 15 46.80 -2.24 25.58
C GLU OA 15 47.12 -1.82 27.02
N THR OA 16 46.10 -1.52 27.84
CA THR OA 16 46.29 -1.12 29.22
C THR OA 16 45.39 -1.99 30.10
N PRO OA 17 45.85 -3.19 30.46
CA PRO OA 17 44.99 -4.08 31.26
C PRO OA 17 45.05 -3.83 32.76
N HIS OA 18 46.12 -3.20 33.27
CA HIS OA 18 46.28 -3.05 34.72
C HIS OA 18 45.23 -2.11 35.30
N GLU OA 19 45.10 -0.92 34.72
CA GLU OA 19 44.12 0.05 35.22
C GLU OA 19 42.70 -0.43 34.97
N ARG OA 20 42.47 -1.11 33.85
CA ARG OA 20 41.16 -1.67 33.55
C ARG OA 20 40.75 -2.70 34.60
N LEU OA 21 41.67 -3.61 34.94
CA LEU OA 21 41.37 -4.63 35.94
C LEU OA 21 41.19 -4.03 37.32
N LYS OA 22 42.01 -3.03 37.66
CA LYS OA 22 41.87 -2.37 38.97
C LYS OA 22 40.53 -1.65 39.08
N ILE OA 23 40.12 -0.94 38.03
CA ILE OA 23 38.87 -0.20 38.10
C ILE OA 23 37.68 -1.16 38.08
N LEU OA 24 37.82 -2.31 37.40
CA LEU OA 24 36.75 -3.31 37.41
C LEU OA 24 36.60 -3.94 38.79
N TYR OA 25 37.72 -4.25 39.45
CA TYR OA 25 37.65 -4.84 40.78
C TYR OA 25 37.09 -3.85 41.79
N THR OA 26 37.49 -2.58 41.71
CA THR OA 26 36.94 -1.60 42.63
C THR OA 26 35.45 -1.37 42.37
N LYS OA 27 35.02 -1.38 41.11
CA LYS OA 27 33.60 -1.27 40.80
C LYS OA 27 32.82 -2.45 41.33
N ILE OA 28 33.41 -3.65 41.25
CA ILE OA 28 32.78 -4.85 41.82
C ILE OA 28 32.64 -4.70 43.33
N LEU OA 29 33.66 -4.14 43.99
CA LEU OA 29 33.59 -3.93 45.43
C LEU OA 29 32.50 -2.92 45.81
N ASP OA 30 32.40 -1.82 45.06
CA ASP OA 30 31.35 -0.83 45.37
C ASP OA 30 29.95 -1.37 45.09
N VAL OA 31 29.80 -2.22 44.07
CA VAL OA 31 28.50 -2.84 43.84
C VAL OA 31 28.18 -3.85 44.96
N LEU OA 32 29.17 -4.63 45.37
CA LEU OA 32 28.98 -5.63 46.43
C LEU OA 32 28.80 -5.00 47.80
N GLY OA 33 29.10 -3.71 47.95
CA GLY OA 33 28.91 -3.05 49.23
C GLY OA 33 27.47 -3.05 49.70
N HIS OA 34 26.51 -2.96 48.78
CA HIS OA 34 25.10 -2.89 49.16
C HIS OA 34 24.54 -4.22 49.66
N ILE OA 35 25.21 -5.33 49.39
CA ILE OA 35 24.71 -6.64 49.83
C ILE OA 35 24.83 -6.74 51.34
N PRO OA 36 23.81 -7.23 52.05
CA PRO OA 36 23.95 -7.48 53.49
C PRO OA 36 25.05 -8.47 53.80
N LYS OA 37 25.72 -8.25 54.93
CA LYS OA 37 26.95 -8.98 55.24
C LYS OA 37 26.69 -10.44 55.60
N ASN OA 38 25.48 -10.75 56.08
CA ASN OA 38 25.18 -12.12 56.47
C ASN OA 38 25.00 -13.05 55.27
N ALA OA 39 24.92 -12.51 54.06
CA ALA OA 39 24.90 -13.35 52.87
C ALA OA 39 26.28 -13.91 52.60
N ALA OA 40 26.35 -15.22 52.32
CA ALA OA 40 27.64 -15.85 52.06
C ALA OA 40 28.21 -15.43 50.72
N TYR OA 41 27.34 -15.02 49.78
CA TYR OA 41 27.81 -14.57 48.47
C TYR OA 41 28.69 -13.33 48.60
N ARG OA 42 28.30 -12.40 49.46
CA ARG OA 42 29.09 -11.18 49.68
C ARG OA 42 30.47 -11.52 50.22
N LYS OA 43 30.54 -12.39 51.24
CA LYS OA 43 31.82 -12.74 51.83
C LYS OA 43 32.71 -13.47 50.84
N TYR OA 44 32.17 -14.46 50.13
CA TYR OA 44 32.98 -15.25 49.21
C TYR OA 44 33.46 -14.40 48.02
N THR OA 45 32.56 -13.63 47.42
CA THR OA 45 32.94 -12.85 46.25
C THR OA 45 33.87 -11.70 46.63
N GLU OA 46 33.64 -11.08 47.80
CA GLU OA 46 34.55 -10.05 48.29
C GLU OA 46 35.94 -10.62 48.55
N GLN OA 47 36.00 -11.84 49.11
CA GLN OA 47 37.29 -12.47 49.37
C GLN OA 47 38.05 -12.75 48.08
N ILE OA 48 37.37 -13.35 47.09
CA ILE OA 48 38.09 -13.70 45.87
C ILE OA 48 38.46 -12.45 45.07
N THR OA 49 37.59 -11.43 45.05
CA THR OA 49 37.95 -10.22 44.31
C THR OA 49 39.00 -9.39 45.04
N ASN OA 50 39.10 -9.50 46.37
CA ASN OA 50 40.17 -8.82 47.07
C ASN OA 50 41.50 -9.52 46.86
N GLU OA 51 41.48 -10.85 46.80
CA GLU OA 51 42.69 -11.59 46.44
C GLU OA 51 43.14 -11.25 45.02
N LYS OA 52 42.19 -11.15 44.09
CA LYS OA 52 42.53 -10.79 42.72
C LYS OA 52 43.02 -9.36 42.62
N LEU OA 53 42.46 -8.44 43.41
CA LEU OA 53 42.95 -7.07 43.44
C LEU OA 53 44.37 -7.01 44.01
N SER OA 54 44.64 -7.80 45.05
CA SER OA 54 45.99 -7.82 45.63
C SER OA 54 47.01 -8.38 44.64
N ILE OA 55 46.66 -9.46 43.93
CA ILE OA 55 47.61 -10.05 42.99
C ILE OA 55 47.78 -9.17 41.76
N VAL OA 56 46.76 -8.40 41.37
CA VAL OA 56 46.91 -7.49 40.24
C VAL OA 56 47.57 -6.18 40.65
N LYS OA 57 47.60 -5.87 41.94
CA LYS OA 57 48.26 -4.67 42.42
C LYS OA 57 49.73 -4.90 42.75
N ALA OA 58 50.10 -6.11 43.15
CA ALA OA 58 51.45 -6.39 43.62
C ALA OA 58 52.45 -6.69 42.51
N GLU OA 59 52.02 -6.71 41.25
CA GLU OA 59 52.92 -7.06 40.16
C GLU OA 59 52.77 -6.08 39.00
N PRO OA 60 53.86 -5.54 38.46
CA PRO OA 60 53.75 -4.62 37.32
C PRO OA 60 53.70 -5.34 35.97
N ASP OA 61 54.29 -6.53 35.89
CA ASP OA 61 54.42 -7.23 34.62
C ASP OA 61 53.08 -7.83 34.19
N VAL OA 62 52.95 -8.06 32.89
CA VAL OA 62 51.74 -8.59 32.31
C VAL OA 62 51.84 -10.10 32.07
N LYS OA 63 53.00 -10.59 31.60
CA LYS OA 63 53.15 -12.02 31.33
C LYS OA 63 53.13 -12.84 32.61
N LYS OA 64 53.80 -12.36 33.66
CA LYS OA 64 53.75 -13.04 34.95
C LYS OA 64 52.36 -12.98 35.56
N LEU OA 65 51.65 -11.87 35.37
CA LEU OA 65 50.28 -11.76 35.85
C LEU OA 65 49.37 -12.76 35.15
N GLU OA 66 49.53 -12.92 33.83
CA GLU OA 66 48.77 -13.91 33.09
C GLU OA 66 49.11 -15.33 33.54
N GLU OA 67 50.38 -15.62 33.75
CA GLU OA 67 50.80 -16.97 34.10
C GLU OA 67 50.50 -17.33 35.55
N GLN OA 68 50.32 -16.35 36.44
CA GLN OA 68 50.11 -16.65 37.85
C GLN OA 68 48.71 -16.30 38.34
N LEU OA 69 47.91 -15.61 37.54
CA LEU OA 69 46.50 -15.43 37.87
C LEU OA 69 45.65 -16.66 37.55
N GLN OA 70 46.16 -17.55 36.69
CA GLN OA 70 45.47 -18.76 36.26
C GLN OA 70 44.08 -18.47 35.69
N GLY OA 71 44.00 -17.42 34.86
CA GLY OA 71 42.76 -17.07 34.20
C GLY OA 71 42.92 -16.99 32.70
N GLY OA 72 43.99 -17.58 32.18
CA GLY OA 72 44.28 -17.50 30.77
C GLY OA 72 44.90 -16.16 30.41
N GLN OA 73 44.53 -15.62 29.26
CA GLN OA 73 44.98 -14.29 28.88
C GLN OA 73 44.32 -13.25 29.79
N ILE OA 74 44.96 -12.07 29.88
CA ILE OA 74 44.46 -11.02 30.76
C ILE OA 74 43.14 -10.45 30.24
N GLU OA 75 42.90 -10.55 28.93
CA GLU OA 75 41.61 -10.14 28.38
C GLU OA 75 40.49 -11.06 28.85
N GLU OA 76 40.78 -12.35 29.02
CA GLU OA 76 39.80 -13.27 29.60
C GLU OA 76 39.50 -12.91 31.05
N VAL OA 77 40.53 -12.45 31.78
CA VAL OA 77 40.32 -11.99 33.15
C VAL OA 77 39.42 -10.75 33.18
N ILE OA 78 39.64 -9.84 32.22
CA ILE OA 78 38.78 -8.66 32.12
C ILE OA 78 37.35 -9.05 31.81
N LEU OA 79 37.16 -9.99 30.87
CA LEU OA 79 35.83 -10.45 30.50
C LEU OA 79 35.11 -11.13 31.67
N GLN OA 80 35.82 -11.97 32.42
CA GLN OA 80 35.17 -12.64 33.54
C GLN OA 80 34.93 -11.66 34.69
N ALA OA 81 35.76 -10.63 34.83
CA ALA OA 81 35.47 -9.59 35.82
C ALA OA 81 34.21 -8.81 35.45
N GLU OA 82 34.05 -8.49 34.16
CA GLU OA 82 32.82 -7.83 33.72
C GLU OA 82 31.59 -8.70 33.93
N ASN OA 83 31.72 -10.01 33.64
CA ASN OA 83 30.61 -10.92 33.86
C ASN OA 83 30.27 -11.05 35.34
N GLU OA 84 31.30 -11.04 36.20
CA GLU OA 84 31.04 -11.08 37.63
C GLU OA 84 30.40 -9.79 38.13
N LEU OA 85 30.75 -8.65 37.53
CA LEU OA 85 30.09 -7.39 37.88
C LEU OA 85 28.61 -7.43 37.49
N SER OA 86 28.32 -7.98 36.30
CA SER OA 86 26.92 -8.15 35.89
C SER OA 86 26.18 -9.10 36.82
N LEU OA 87 26.85 -10.17 37.26
CA LEU OA 87 26.26 -11.07 38.24
C LEU OA 87 25.97 -10.35 39.56
N ALA OA 88 26.90 -9.50 40.00
CA ALA OA 88 26.69 -8.77 41.25
C ALA OA 88 25.50 -7.83 41.15
N ARG OA 89 25.34 -7.17 40.01
CA ARG OA 89 24.15 -6.34 39.79
C ARG OA 89 22.87 -7.17 39.81
N LYS OA 90 22.90 -8.34 39.16
CA LYS OA 90 21.71 -9.19 39.12
C LYS OA 90 21.36 -9.75 40.50
N MET OA 91 22.37 -10.06 41.31
CA MET OA 91 22.09 -10.55 42.66
C MET OA 91 21.67 -9.43 43.59
N ILE OA 92 22.10 -8.20 43.32
CA ILE OA 92 21.53 -7.05 44.03
C ILE OA 92 20.05 -6.94 43.72
N GLN OA 93 19.68 -7.09 42.44
CA GLN OA 93 18.27 -6.99 42.07
C GLN OA 93 17.45 -8.17 42.54
N TRP OA 94 18.05 -9.36 42.68
CA TRP OA 94 17.31 -10.60 42.88
C TRP OA 94 17.20 -11.03 44.34
N LYS OA 95 18.20 -10.73 45.17
CA LYS OA 95 18.28 -11.09 46.60
C LYS OA 95 18.09 -12.58 46.84
N PRO OA 96 19.08 -13.42 46.54
CA PRO OA 96 18.93 -14.87 46.71
C PRO OA 96 19.36 -15.42 48.05
N TRP OA 97 19.74 -14.59 49.01
CA TRP OA 97 20.13 -15.10 50.33
C TRP OA 97 18.95 -15.37 51.24
N GLU OA 98 17.73 -15.13 50.76
CA GLU OA 98 16.52 -15.42 51.52
C GLU OA 98 16.35 -16.93 51.66
N PRO OA 99 15.56 -17.39 52.66
CA PRO OA 99 15.30 -18.83 52.79
C PRO OA 99 14.55 -19.44 51.61
N LEU OA 100 14.35 -20.76 51.66
CA LEU OA 100 13.78 -21.49 50.54
C LEU OA 100 12.33 -21.07 50.29
N VAL OA 101 12.01 -20.86 49.01
CA VAL OA 101 10.69 -20.34 48.65
C VAL OA 101 9.61 -21.39 48.87
N GLU OA 102 9.90 -22.66 48.58
CA GLU OA 102 8.92 -23.72 48.71
C GLU OA 102 9.63 -25.05 48.90
N GLU OA 103 9.23 -25.80 49.92
CA GLU OA 103 9.77 -27.13 50.12
C GLU OA 103 9.20 -28.09 49.06
N PRO OA 104 10.01 -29.01 48.54
CA PRO OA 104 9.50 -29.98 47.57
C PRO OA 104 8.67 -31.05 48.26
N PRO OA 105 7.87 -31.79 47.50
CA PRO OA 105 7.18 -32.96 48.09
C PRO OA 105 8.16 -34.04 48.48
N ALA OA 106 7.68 -34.97 49.32
CA ALA OA 106 8.54 -36.01 49.87
C ALA OA 106 9.02 -36.97 48.78
N SER OA 107 8.15 -37.31 47.83
CA SER OA 107 8.48 -38.25 46.77
C SER OA 107 8.92 -37.55 45.49
N GLN OA 108 9.59 -36.41 45.60
CA GLN OA 108 9.98 -35.65 44.42
C GLN OA 108 11.35 -36.06 43.89
N TRP OA 109 12.32 -36.24 44.77
CA TRP OA 109 13.69 -36.61 44.38
C TRP OA 109 14.04 -38.01 44.84
N LYS OA 110 13.08 -38.93 44.77
CA LYS OA 110 13.27 -40.31 45.19
C LYS OA 110 13.50 -41.16 43.94
N TRP OA 111 14.75 -41.58 43.74
CA TRP OA 111 15.12 -42.45 42.63
C TRP OA 111 15.93 -43.62 43.18
N PRO OA 112 15.59 -44.87 42.83
CA PRO OA 112 14.52 -45.30 41.92
C PRO OA 112 13.14 -45.26 42.56
N ILE OA 113 12.11 -45.16 41.72
CA ILE OA 113 10.74 -45.04 42.21
C ILE OA 113 10.17 -46.41 42.58
N THR PA 1 -3.93 -25.44 46.20
CA THR PA 1 -4.77 -25.27 45.02
C THR PA 1 -4.34 -24.04 44.22
N SER PA 2 -3.47 -23.22 44.82
CA SER PA 2 -2.96 -22.03 44.14
C SER PA 2 -1.87 -22.44 43.15
N VAL PA 3 -2.02 -21.99 41.91
CA VAL PA 3 -1.12 -22.39 40.83
C VAL PA 3 -0.61 -21.14 40.11
N LYS PA 4 0.44 -21.32 39.32
CA LYS PA 4 1.01 -20.26 38.52
C LYS PA 4 0.33 -20.22 37.16
N PRO PA 5 -0.25 -19.10 36.75
CA PRO PA 5 -0.91 -19.06 35.44
C PRO PA 5 0.08 -19.03 34.29
N ILE PA 6 -0.42 -19.29 33.10
CA ILE PA 6 0.41 -19.30 31.90
C ILE PA 6 0.34 -17.95 31.21
N PHE PA 7 -0.84 -17.60 30.69
CA PHE PA 7 -1.05 -16.30 30.06
C PHE PA 7 -2.31 -15.64 30.64
N SER PA 8 -3.32 -16.44 30.94
CA SER PA 8 -4.61 -15.94 31.39
C SER PA 8 -4.74 -16.08 32.90
N ARG PA 9 -5.12 -14.99 33.56
CA ARG PA 9 -5.31 -15.01 35.00
C ARG PA 9 -6.61 -15.70 35.41
N ASP PA 10 -7.66 -15.57 34.59
CA ASP PA 10 -8.95 -16.13 34.91
C ASP PA 10 -9.56 -16.72 33.65
N MET PA 11 -10.85 -17.06 33.73
CA MET PA 11 -11.53 -17.67 32.60
C MET PA 11 -11.86 -16.67 31.50
N ASN PA 12 -12.06 -15.39 31.88
CA ASN PA 12 -12.48 -14.39 30.91
C ASN PA 12 -11.38 -14.08 29.90
N GLU PA 13 -10.13 -14.01 30.36
CA GLU PA 13 -9.01 -13.76 29.45
C GLU PA 13 -8.81 -14.93 28.49
N ALA PA 14 -9.00 -16.16 28.98
CA ALA PA 14 -8.94 -17.34 28.13
C ALA PA 14 -10.06 -17.34 27.10
N LYS PA 15 -11.25 -16.90 27.50
CA LYS PA 15 -12.36 -16.77 26.56
C LYS PA 15 -12.06 -15.73 25.48
N ARG PA 16 -11.45 -14.62 25.88
CA ARG PA 16 -11.06 -13.59 24.92
C ARG PA 16 -10.02 -14.10 23.94
N ARG PA 17 -9.04 -14.87 24.43
CA ARG PA 17 -8.04 -15.45 23.54
C ARG PA 17 -8.65 -16.50 22.62
N VAL PA 18 -9.64 -17.26 23.11
CA VAL PA 18 -10.39 -18.19 22.25
C VAL PA 18 -11.09 -17.42 21.13
N ARG PA 19 -11.71 -16.30 21.49
CA ARG PA 19 -12.39 -15.46 20.52
C ARG PA 19 -11.43 -14.93 19.46
N GLU PA 20 -10.25 -14.45 19.89
CA GLU PA 20 -9.27 -13.92 18.95
C GLU PA 20 -8.72 -15.01 18.03
N LEU PA 21 -8.46 -16.20 18.58
CA LEU PA 21 -7.97 -17.31 17.77
C LEU PA 21 -9.03 -17.74 16.74
N TYR PA 22 -10.29 -17.78 17.14
CA TYR PA 22 -11.36 -18.12 16.20
C TYR PA 22 -11.51 -17.06 15.13
N ARG PA 23 -11.35 -15.78 15.50
CA ARG PA 23 -11.40 -14.71 14.50
C ARG PA 23 -10.29 -14.85 13.48
N ALA PA 24 -9.06 -15.13 13.94
CA ALA PA 24 -7.95 -15.29 13.01
C ALA PA 24 -8.13 -16.51 12.11
N TRP PA 25 -8.64 -17.61 12.67
CA TRP PA 25 -8.90 -18.81 11.85
C TRP PA 25 -9.97 -18.54 10.81
N TYR PA 26 -11.02 -17.81 11.18
CA TYR PA 26 -12.08 -17.47 10.24
C TYR PA 26 -11.59 -16.52 9.16
N ARG PA 27 -10.65 -15.63 9.49
CA ARG PA 27 -10.02 -14.82 8.46
C ARG PA 27 -9.21 -15.68 7.50
N GLU PA 28 -8.46 -16.66 8.04
CA GLU PA 28 -7.53 -17.43 7.22
C GLU PA 28 -8.19 -18.44 6.31
N VAL PA 29 -9.35 -19.02 6.73
CA VAL PA 29 -9.94 -20.17 6.02
C VAL PA 29 -10.12 -19.98 4.52
N PRO PA 30 -10.64 -18.85 4.00
CA PRO PA 30 -10.69 -18.70 2.53
C PRO PA 30 -9.31 -18.67 1.87
N ASN PA 31 -8.33 -18.04 2.51
CA ASN PA 31 -6.99 -17.98 1.93
C ASN PA 31 -6.32 -19.34 1.95
N THR PA 32 -6.55 -20.13 3.01
CA THR PA 32 -6.05 -21.49 3.07
C THR PA 32 -6.68 -22.36 1.99
N VAL PA 33 -7.99 -22.21 1.78
CA VAL PA 33 -8.69 -22.98 0.75
C VAL PA 33 -8.15 -22.61 -0.63
N HIS PA 34 -7.95 -21.32 -0.90
CA HIS PA 34 -7.47 -20.91 -2.22
C HIS PA 34 -6.01 -21.28 -2.45
N LEU PA 35 -5.18 -21.23 -1.40
CA LEU PA 35 -3.73 -21.41 -1.58
C LEU PA 35 -3.38 -22.84 -1.95
N PHE PA 36 -4.04 -23.82 -1.35
CA PHE PA 36 -3.72 -25.22 -1.55
C PHE PA 36 -4.55 -25.88 -2.64
N GLN PA 37 -5.25 -25.08 -3.46
CA GLN PA 37 -6.26 -25.49 -4.45
C GLN PA 37 -7.13 -26.64 -3.93
N LEU PA 38 -7.74 -26.39 -2.78
CA LEU PA 38 -8.51 -27.39 -2.06
C LEU PA 38 -9.81 -27.71 -2.80
N ASP PA 39 -10.33 -28.91 -2.54
CA ASP PA 39 -11.58 -29.37 -3.13
C ASP PA 39 -12.80 -28.98 -2.33
N ILE PA 40 -12.62 -28.45 -1.13
CA ILE PA 40 -13.74 -28.09 -0.27
C ILE PA 40 -14.17 -26.66 -0.54
N SER PA 41 -15.36 -26.33 -0.09
CA SER PA 41 -15.82 -24.95 -0.13
C SER PA 41 -15.30 -24.20 1.09
N VAL PA 42 -15.56 -22.89 1.12
CA VAL PA 42 -15.17 -22.08 2.27
C VAL PA 42 -16.04 -22.42 3.48
N LYS PA 43 -17.34 -22.62 3.25
CA LYS PA 43 -18.25 -22.88 4.36
C LYS PA 43 -18.03 -24.26 4.96
N GLN PA 44 -17.59 -25.23 4.15
CA GLN PA 44 -17.25 -26.55 4.70
C GLN PA 44 -16.03 -26.46 5.62
N GLY PA 45 -15.02 -25.67 5.24
CA GLY PA 45 -13.87 -25.48 6.10
C GLY PA 45 -14.21 -24.72 7.37
N ARG PA 46 -15.08 -23.71 7.26
CA ARG PA 46 -15.51 -23.00 8.46
C ARG PA 46 -16.37 -23.89 9.36
N ASP PA 47 -17.16 -24.79 8.77
CA ASP PA 47 -17.91 -25.77 9.56
C ASP PA 47 -16.97 -26.72 10.27
N LYS PA 48 -15.88 -27.14 9.62
CA LYS PA 48 -14.89 -27.98 10.28
C LYS PA 48 -14.22 -27.25 11.44
N VAL PA 49 -13.90 -25.96 11.23
CA VAL PA 49 -13.30 -25.15 12.29
C VAL PA 49 -14.25 -25.04 13.48
N ARG PA 50 -15.52 -24.77 13.21
CA ARG PA 50 -16.53 -24.72 14.27
C ARG PA 50 -16.69 -26.07 14.97
N GLU PA 51 -16.61 -27.16 14.21
CA GLU PA 51 -16.80 -28.49 14.80
C GLU PA 51 -15.65 -28.84 15.73
N MET PA 52 -14.41 -28.50 15.35
CA MET PA 52 -13.30 -28.65 16.31
C MET PA 52 -13.46 -27.74 17.51
N PHE PA 53 -13.88 -26.49 17.29
CA PHE PA 53 -14.00 -25.53 18.39
C PHE PA 53 -15.07 -25.92 19.39
N LYS PA 54 -16.14 -26.59 18.93
CA LYS PA 54 -17.19 -27.04 19.82
C LYS PA 54 -16.95 -28.45 20.35
N LYS PA 55 -16.17 -29.28 19.64
CA LYS PA 55 -15.72 -30.54 20.21
C LYS PA 55 -14.82 -30.30 21.41
N ASN PA 56 -13.91 -29.32 21.30
CA ASN PA 56 -13.02 -28.98 22.39
C ASN PA 56 -13.62 -27.79 23.14
N ALA PA 57 -14.73 -28.05 23.82
CA ALA PA 57 -15.45 -27.00 24.53
C ALA PA 57 -15.98 -27.41 25.89
N HIS PA 58 -15.68 -28.61 26.38
CA HIS PA 58 -16.21 -29.09 27.65
C HIS PA 58 -15.20 -29.03 28.78
N VAL PA 59 -14.15 -28.21 28.65
CA VAL PA 59 -13.14 -28.06 29.70
C VAL PA 59 -13.15 -26.63 30.20
N THR PA 60 -13.11 -26.48 31.53
CA THR PA 60 -13.23 -25.19 32.17
C THR PA 60 -11.97 -24.75 32.93
N ASP PA 61 -10.91 -25.55 32.91
CA ASP PA 61 -9.66 -25.15 33.55
C ASP PA 61 -9.00 -24.06 32.70
N PRO PA 62 -8.71 -22.88 33.26
CA PRO PA 62 -8.09 -21.82 32.46
C PRO PA 62 -6.72 -22.19 31.88
N ARG PA 63 -5.92 -22.98 32.60
CA ARG PA 63 -4.62 -23.37 32.07
C ARG PA 63 -4.77 -24.36 30.92
N VAL PA 64 -5.77 -25.24 30.99
CA VAL PA 64 -5.97 -26.23 29.93
C VAL PA 64 -6.39 -25.53 28.64
N VAL PA 65 -7.37 -24.65 28.71
CA VAL PA 65 -7.81 -23.92 27.53
C VAL PA 65 -6.76 -22.92 27.08
N ASP PA 66 -5.90 -22.44 27.99
CA ASP PA 66 -4.78 -21.59 27.58
C ASP PA 66 -3.77 -22.38 26.75
N LEU PA 67 -3.45 -23.61 27.19
CA LEU PA 67 -2.56 -24.46 26.41
C LEU PA 67 -3.17 -24.81 25.06
N LEU PA 68 -4.49 -25.05 25.04
CA LEU PA 68 -5.16 -25.33 23.77
C LEU PA 68 -5.18 -24.11 22.86
N VAL PA 69 -5.29 -22.90 23.43
CA VAL PA 69 -5.18 -21.68 22.65
C VAL PA 69 -3.79 -21.54 22.04
N ILE PA 70 -2.76 -21.87 22.82
CA ILE PA 70 -1.38 -21.80 22.33
C ILE PA 70 -1.16 -22.81 21.20
N LYS PA 71 -1.69 -24.04 21.36
CA LYS PA 71 -1.53 -25.05 20.32
C LYS PA 71 -2.31 -24.68 19.06
N GLY PA 72 -3.52 -24.13 19.21
CA GLY PA 72 -4.26 -23.64 18.07
C GLY PA 72 -3.59 -22.48 17.38
N LYS PA 73 -2.89 -21.63 18.13
CA LYS PA 73 -2.14 -20.54 17.53
C LYS PA 73 -0.94 -21.06 16.76
N MET PA 74 -0.30 -22.13 17.26
CA MET PA 74 0.75 -22.77 16.47
C MET PA 74 0.21 -23.36 15.18
N GLU PA 75 -0.97 -23.98 15.25
CA GLU PA 75 -1.62 -24.49 14.04
C GLU PA 75 -1.92 -23.36 13.06
N LEU PA 76 -2.43 -22.24 13.57
CA LEU PA 76 -2.72 -21.08 12.72
C LEU PA 76 -1.47 -20.52 12.09
N GLU PA 77 -0.38 -20.42 12.86
CA GLU PA 77 0.87 -19.91 12.33
C GLU PA 77 1.47 -20.85 11.30
N GLU PA 78 1.34 -22.17 11.50
CA GLU PA 78 1.80 -23.12 10.50
C GLU PA 78 0.98 -23.03 9.22
N THR PA 79 -0.29 -22.69 9.33
CA THR PA 79 -1.08 -22.45 8.12
C THR PA 79 -0.88 -21.05 7.54
N ILE PA 80 -0.30 -20.12 8.29
CA ILE PA 80 -0.02 -18.78 7.76
C ILE PA 80 0.99 -18.87 6.62
N ASN PA 81 2.11 -19.54 6.86
CA ASN PA 81 3.12 -19.77 5.85
C ASN PA 81 2.84 -21.09 5.14
N VAL PA 82 3.58 -21.33 4.07
CA VAL PA 82 3.49 -22.61 3.34
C VAL PA 82 4.48 -23.55 4.02
N TRP PA 83 4.04 -24.13 5.14
CA TRP PA 83 4.79 -25.15 5.86
C TRP PA 83 4.15 -26.52 5.77
N LYS PA 84 2.82 -26.57 5.77
CA LYS PA 84 2.12 -27.82 5.54
C LYS PA 84 1.90 -28.05 4.05
N GLN PA 85 1.70 -29.32 3.69
CA GLN PA 85 1.34 -29.67 2.34
C GLN PA 85 -0.18 -29.74 2.23
N ARG PA 86 -0.68 -30.28 1.11
CA ARG PA 86 -2.12 -30.51 1.00
C ARG PA 86 -2.58 -31.62 1.93
N THR PA 87 -1.70 -32.60 2.19
CA THR PA 87 -2.04 -33.73 3.05
C THR PA 87 -2.33 -33.29 4.49
N HIS PA 88 -1.49 -32.41 5.04
CA HIS PA 88 -1.64 -32.02 6.44
C HIS PA 88 -2.90 -31.18 6.64
N VAL PA 89 -3.29 -30.40 5.63
CA VAL PA 89 -4.56 -29.68 5.70
C VAL PA 89 -5.73 -30.64 5.56
N MET PA 90 -5.65 -31.57 4.60
CA MET PA 90 -6.76 -32.48 4.34
C MET PA 90 -6.90 -33.58 5.38
N ARG PA 91 -5.94 -33.72 6.30
CA ARG PA 91 -6.02 -34.75 7.33
C ARG PA 91 -7.21 -34.56 8.25
N PHE PA 92 -7.68 -33.32 8.42
CA PHE PA 92 -8.81 -33.07 9.31
C PHE PA 92 -10.11 -33.66 8.76
N PHE PA 93 -10.23 -33.76 7.44
CA PHE PA 93 -11.41 -34.34 6.80
C PHE PA 93 -11.15 -35.83 6.61
N HIS PA 94 -11.72 -36.64 7.50
CA HIS PA 94 -11.55 -38.09 7.45
C HIS PA 94 -12.41 -38.63 6.31
N GLU PA 95 -11.85 -38.56 5.10
CA GLU PA 95 -12.58 -38.90 3.89
C GLU PA 95 -12.35 -40.35 3.47
N THR PA 96 -11.10 -40.80 3.45
CA THR PA 96 -10.79 -42.18 3.11
C THR PA 96 -11.15 -43.15 4.22
N GLU PA 97 -11.42 -42.67 5.43
CA GLU PA 97 -11.78 -43.54 6.53
C GLU PA 97 -13.18 -44.10 6.32
N ALA PA 98 -13.31 -45.41 6.49
CA ALA PA 98 -14.63 -46.03 6.45
C ALA PA 98 -15.40 -45.65 7.71
N PRO PA 99 -16.69 -45.34 7.59
CA PRO PA 99 -17.47 -44.96 8.78
C PRO PA 99 -17.69 -46.14 9.71
N ARG PA 100 -17.22 -46.01 10.94
CA ARG PA 100 -17.38 -47.06 11.92
C ARG PA 100 -18.85 -47.18 12.34
N PRO PA 101 -19.29 -48.40 12.70
CA PRO PA 101 -20.63 -48.54 13.27
C PRO PA 101 -20.77 -47.81 14.59
N LYS PA 102 -21.94 -47.21 14.81
CA LYS PA 102 -22.23 -46.45 16.02
C LYS PA 102 -23.28 -47.10 16.91
N ASP PA 103 -24.35 -47.63 16.32
CA ASP PA 103 -25.39 -48.27 17.12
C ASP PA 103 -24.91 -49.63 17.63
N PHE PA 104 -25.66 -50.19 18.57
CA PHE PA 104 -25.25 -51.44 19.21
C PHE PA 104 -25.36 -52.63 18.27
N LEU PA 105 -26.35 -52.63 17.38
CA LEU PA 105 -26.61 -53.80 16.55
C LEU PA 105 -25.49 -54.00 15.52
N SER PA 106 -25.08 -52.92 14.85
CA SER PA 106 -24.01 -53.04 13.86
C SER PA 106 -22.67 -53.33 14.52
N LYS PA 107 -22.44 -52.74 15.70
CA LYS PA 107 -21.22 -53.04 16.46
C LYS PA 107 -21.20 -54.50 16.92
N PHE PA 108 -22.37 -55.05 17.24
CA PHE PA 108 -22.47 -56.47 17.57
C PHE PA 108 -22.19 -57.33 16.35
N TYR PA 109 -22.64 -56.88 15.18
CA TYR PA 109 -22.43 -57.65 13.95
C TYR PA 109 -20.96 -57.65 13.53
N VAL PA 110 -20.28 -56.50 13.66
CA VAL PA 110 -18.94 -56.40 13.09
C VAL PA 110 -17.85 -57.01 13.97
N GLY PA 111 -18.06 -57.13 15.27
CA GLY PA 111 -17.03 -57.67 16.14
C GLY PA 111 -17.35 -57.48 17.60
N HIS PA 112 -16.29 -57.51 18.41
CA HIS PA 112 -16.40 -57.44 19.86
C HIS PA 112 -16.06 -56.07 20.42
N ASP PA 113 -15.83 -55.08 19.56
CA ASP PA 113 -15.47 -53.74 20.02
C ASP PA 113 -16.68 -53.04 20.61
N PRO PA 114 -16.62 -52.58 21.87
CA PRO PA 114 -17.75 -51.88 22.50
C PRO PA 114 -17.93 -50.46 21.98
N SER QA 4 52.61 -52.39 -12.85
CA SER QA 4 52.77 -52.98 -14.17
C SER QA 4 52.85 -51.89 -15.24
N ALA QA 5 52.93 -50.65 -14.80
CA ALA QA 5 53.00 -49.52 -15.72
C ALA QA 5 54.39 -49.41 -16.34
N THR QA 6 54.42 -48.89 -17.56
CA THR QA 6 55.66 -48.82 -18.32
C THR QA 6 56.52 -47.64 -17.86
N ARG QA 7 57.81 -47.70 -18.20
CA ARG QA 7 58.79 -46.77 -17.63
C ARG QA 7 58.58 -45.34 -18.10
N LEU QA 8 58.14 -45.14 -19.35
CA LEU QA 8 57.88 -43.78 -19.81
C LEU QA 8 56.62 -43.21 -19.18
N ILE QA 9 55.60 -44.06 -18.98
CA ILE QA 9 54.40 -43.64 -18.26
C ILE QA 9 54.75 -43.33 -16.81
N GLN QA 10 55.62 -44.14 -16.18
CA GLN QA 10 56.08 -43.85 -14.83
C GLN QA 10 56.84 -42.53 -14.76
N GLY QA 11 57.69 -42.26 -15.76
CA GLY QA 11 58.42 -41.01 -15.77
C GLY QA 11 57.52 -39.79 -15.93
N LEU QA 12 56.56 -39.87 -16.86
CA LEU QA 12 55.60 -38.79 -17.03
C LEU QA 12 54.74 -38.59 -15.79
N ARG QA 13 54.34 -39.69 -15.15
CA ARG QA 13 53.54 -39.64 -13.93
C ARG QA 13 54.31 -39.00 -12.79
N ASN QA 14 55.59 -39.37 -12.64
CA ASN QA 14 56.40 -38.80 -11.56
C ASN QA 14 56.72 -37.34 -11.83
N TRP QA 15 56.90 -36.95 -13.09
CA TRP QA 15 57.10 -35.55 -13.41
C TRP QA 15 55.84 -34.72 -13.15
N ALA QA 16 54.68 -35.27 -13.51
CA ALA QA 16 53.45 -34.52 -13.36
C ALA QA 16 53.03 -34.41 -11.89
N SER QA 17 53.22 -35.48 -11.12
CA SER QA 17 52.87 -35.43 -9.71
C SER QA 17 53.89 -34.62 -8.92
N GLY QA 18 55.17 -34.77 -9.24
CA GLY QA 18 56.24 -34.18 -8.45
C GLY QA 18 56.71 -35.03 -7.30
N ARG QA 19 56.07 -36.16 -7.04
CA ARG QA 19 56.46 -37.09 -5.99
C ARG QA 19 56.65 -38.47 -6.60
N ASP QA 20 57.46 -39.29 -5.94
CA ASP QA 20 57.65 -40.67 -6.37
C ASP QA 20 56.41 -41.47 -6.01
N LEU QA 21 55.71 -41.97 -7.04
CA LEU QA 21 54.44 -42.64 -6.82
C LEU QA 21 54.55 -44.16 -6.77
N GLN QA 22 55.61 -44.73 -7.34
CA GLN QA 22 55.75 -46.18 -7.34
C GLN QA 22 56.20 -46.72 -5.98
N ALA QA 23 56.95 -45.92 -5.21
CA ALA QA 23 57.38 -46.38 -3.89
C ALA QA 23 56.22 -46.46 -2.91
N LYS QA 24 55.18 -45.65 -3.12
CA LYS QA 24 53.97 -45.68 -2.30
C LYS QA 24 52.78 -45.82 -3.24
N LEU QA 25 52.46 -47.06 -3.60
CA LEU QA 25 51.36 -47.34 -4.51
C LEU QA 25 50.06 -47.54 -3.72
N GLN QA 26 48.98 -46.97 -4.25
CA GLN QA 26 47.69 -47.08 -3.59
C GLN QA 26 46.95 -48.35 -3.96
N LEU QA 27 47.45 -49.13 -4.92
CA LEU QA 27 46.86 -50.41 -5.27
C LEU QA 27 47.58 -51.51 -4.50
N ARG QA 28 46.80 -52.35 -3.81
CA ARG QA 28 47.38 -53.40 -3.00
C ARG QA 28 47.93 -54.52 -3.87
N TYR QA 29 49.00 -55.14 -3.39
CA TYR QA 29 49.71 -56.18 -4.13
C TYR QA 29 50.07 -57.27 -3.14
N GLN QA 30 51.03 -58.13 -3.53
CA GLN QA 30 51.38 -59.33 -2.76
C GLN QA 30 52.03 -59.05 -1.41
N GLU QA 31 52.20 -57.78 -1.01
CA GLU QA 31 52.73 -57.46 0.31
C GLU QA 31 51.68 -57.58 1.41
N ILE QA 32 50.40 -57.76 1.06
CA ILE QA 32 49.33 -57.87 2.04
C ILE QA 32 49.38 -59.23 2.72
N SER QA 33 48.70 -59.35 3.86
CA SER QA 33 48.60 -60.63 4.54
C SER QA 33 47.70 -61.60 3.76
N LYS QA 34 47.98 -62.89 3.91
CA LYS QA 34 47.22 -63.90 3.19
C LYS QA 34 45.81 -64.03 3.76
N ARG QA 35 44.91 -64.56 2.94
CA ARG QA 35 43.51 -64.70 3.33
C ARG QA 35 43.25 -65.92 4.19
N THR QA 36 44.25 -66.79 4.37
CA THR QA 36 44.14 -67.95 5.25
C THR QA 36 45.22 -67.87 6.32
N GLN QA 37 44.87 -68.25 7.54
CA GLN QA 37 45.75 -68.09 8.68
C GLN QA 37 45.81 -69.40 9.48
N PRO QA 38 46.89 -69.62 10.22
CA PRO QA 38 46.91 -70.73 11.17
C PRO QA 38 45.90 -70.50 12.28
N PRO QA 39 45.34 -71.56 12.86
CA PRO QA 39 44.35 -71.39 13.92
C PRO QA 39 44.99 -70.84 15.18
N PRO QA 40 44.34 -69.87 15.84
CA PRO QA 40 44.92 -69.25 17.03
C PRO QA 40 44.46 -69.92 18.31
N LYS QA 41 45.22 -69.65 19.37
CA LYS QA 41 44.89 -70.09 20.72
C LYS QA 41 44.87 -68.86 21.62
N LEU QA 42 43.68 -68.41 21.97
CA LEU QA 42 43.52 -67.17 22.73
C LEU QA 42 43.93 -67.39 24.19
N PRO QA 43 44.50 -66.36 24.82
CA PRO QA 43 44.80 -66.44 26.25
C PRO QA 43 43.54 -66.27 27.10
N VAL QA 44 43.71 -66.46 28.40
CA VAL QA 44 42.59 -66.41 29.33
C VAL QA 44 42.64 -65.09 30.09
N GLY QA 45 41.56 -64.77 30.78
CA GLY QA 45 41.48 -63.56 31.57
C GLY QA 45 42.25 -63.67 32.86
N PRO QA 46 42.29 -62.57 33.60
CA PRO QA 46 43.05 -62.56 34.86
C PRO QA 46 42.37 -63.33 35.99
N SER QA 47 41.08 -63.64 35.86
CA SER QA 47 40.36 -64.36 36.90
C SER QA 47 40.11 -65.82 36.52
N HIS QA 48 40.84 -66.34 35.54
CA HIS QA 48 40.77 -67.77 35.21
C HIS QA 48 41.70 -68.54 36.17
N ARG QA 49 41.21 -68.67 37.40
CA ARG QA 49 41.99 -69.27 38.47
C ARG QA 49 41.13 -70.26 39.24
N LEU QA 50 41.80 -71.18 39.93
CA LEU QA 50 41.13 -72.21 40.72
C LEU QA 50 41.24 -71.97 42.21
N SER QA 51 41.87 -70.88 42.64
CA SER QA 51 42.04 -70.58 44.06
C SER QA 51 41.92 -69.09 44.29
N ASN QA 52 41.24 -68.72 45.38
CA ASN QA 52 40.99 -67.32 45.77
C ASN QA 52 40.27 -66.56 44.65
N ASN QA 53 39.32 -67.22 44.01
CA ASN QA 53 38.57 -66.65 42.91
C ASN QA 53 37.09 -66.45 43.26
N TYR QA 54 36.82 -66.11 44.53
CA TYR QA 54 35.45 -65.89 44.96
C TYR QA 54 34.92 -64.58 44.36
N TYR QA 55 33.63 -64.59 44.01
CA TYR QA 55 33.05 -63.44 43.33
C TYR QA 55 32.89 -62.24 44.24
N CYS QA 56 32.85 -62.44 45.55
CA CYS QA 56 32.72 -61.31 46.49
C CYS QA 56 33.99 -60.46 46.53
N ALA QA 57 35.13 -61.00 46.10
CA ALA QA 57 36.37 -60.24 46.07
C ALA QA 57 36.50 -59.40 44.80
N ARG QA 58 35.68 -59.64 43.78
CA ARG QA 58 35.71 -58.86 42.55
C ARG QA 58 34.31 -58.48 42.10
N ASP QA 59 33.40 -58.26 43.03
CA ASP QA 59 32.01 -57.91 42.72
C ASP QA 59 31.97 -56.45 42.32
N GLY QA 60 32.08 -56.20 41.01
CA GLY QA 60 32.10 -54.82 40.54
C GLY QA 60 30.74 -54.16 40.60
N ARG QA 61 29.68 -54.90 40.29
CA ARG QA 61 28.34 -54.31 40.24
C ARG QA 61 27.80 -53.99 41.63
N ARG QA 62 28.14 -54.80 42.63
CA ARG QA 62 27.59 -54.64 43.96
C ARG QA 62 28.36 -53.65 44.82
N GLU QA 63 29.43 -53.05 44.30
CA GLU QA 63 30.17 -52.03 45.03
C GLU QA 63 29.58 -50.63 44.85
N ALA QA 64 28.52 -50.50 44.05
CA ALA QA 64 27.86 -49.22 43.90
C ALA QA 64 27.12 -48.83 45.18
N MET QA 65 27.00 -47.53 45.40
CA MET QA 65 26.39 -46.97 46.58
C MET QA 65 25.36 -45.94 46.12
N PRO QA 66 24.34 -45.64 46.93
CA PRO QA 66 23.50 -44.49 46.63
C PRO QA 66 24.30 -43.22 46.71
N PRO QA 67 23.93 -42.20 45.91
CA PRO QA 67 24.67 -40.93 45.94
C PRO QA 67 24.57 -40.27 47.31
N SER QA 68 25.70 -39.71 47.76
CA SER QA 68 25.76 -39.10 49.08
C SER QA 68 25.06 -37.76 49.05
N ILE QA 69 24.04 -37.61 49.91
CA ILE QA 69 23.30 -36.37 50.00
C ILE QA 69 24.15 -35.33 50.72
N VAL QA 70 24.71 -34.39 49.96
CA VAL QA 70 25.55 -33.36 50.54
C VAL QA 70 24.72 -32.40 51.40
N MET QA 71 23.58 -31.96 50.87
CA MET QA 71 22.67 -31.10 51.61
C MET QA 71 21.25 -31.57 51.33
N SER QA 72 20.42 -31.56 52.37
CA SER QA 72 19.03 -31.94 52.25
C SER QA 72 18.15 -30.89 52.90
N SER QA 73 16.94 -30.72 52.36
CA SER QA 73 15.99 -29.74 52.85
C SER QA 73 14.89 -30.37 53.69
N GLN QA 74 15.02 -31.66 54.03
CA GLN QA 74 14.05 -32.43 54.81
C GLN QA 74 12.63 -32.39 54.21
N SER QA 91 33.78 -22.32 59.27
CA SER QA 91 33.22 -20.97 59.38
C SER QA 91 33.65 -20.10 58.19
N GLU QA 92 34.74 -19.36 58.37
CA GLU QA 92 35.26 -18.49 57.33
C GLU QA 92 36.16 -19.24 56.36
N LYS QA 93 35.63 -20.30 55.76
CA LYS QA 93 36.39 -21.09 54.82
C LYS QA 93 36.56 -20.36 53.49
N LYS QA 94 37.60 -20.73 52.77
CA LYS QA 94 37.88 -20.10 51.48
C LYS QA 94 36.86 -20.53 50.44
N ALA QA 95 36.65 -19.67 49.45
CA ALA QA 95 35.76 -20.01 48.34
C ALA QA 95 36.43 -21.07 47.46
N VAL QA 96 35.68 -22.13 47.16
CA VAL QA 96 36.25 -23.33 46.57
C VAL QA 96 35.71 -23.51 45.15
N SER QA 97 36.62 -23.72 44.22
CA SER QA 97 36.28 -24.04 42.84
C SER QA 97 35.92 -25.52 42.71
N PRO QA 98 35.15 -25.90 41.69
CA PRO QA 98 34.89 -27.34 41.47
C PRO QA 98 36.14 -28.17 41.21
N ALA QA 99 37.20 -27.55 40.68
CA ALA QA 99 38.48 -28.20 40.46
C ALA QA 99 39.53 -27.11 40.38
N PRO QA 100 40.81 -27.44 40.61
CA PRO QA 100 41.86 -26.49 40.33
C PRO QA 100 41.81 -26.03 38.89
N PRO QA 101 42.18 -24.78 38.62
CA PRO QA 101 42.11 -24.27 37.24
C PRO QA 101 43.05 -25.01 36.31
N ILE QA 102 42.64 -25.10 35.05
CA ILE QA 102 43.39 -25.90 34.08
C ILE QA 102 44.70 -25.21 33.76
N LYS QA 103 45.74 -26.01 33.53
CA LYS QA 103 47.04 -25.48 33.17
C LYS QA 103 47.03 -24.98 31.73
N ARG QA 104 47.86 -23.99 31.46
CA ARG QA 104 47.98 -23.48 30.10
C ARG QA 104 48.65 -24.53 29.22
N TRP QA 105 48.07 -24.77 28.04
CA TRP QA 105 48.62 -25.76 27.13
C TRP QA 105 49.94 -25.28 26.56
N GLU QA 106 50.87 -26.22 26.38
CA GLU QA 106 52.18 -25.91 25.83
C GLU QA 106 52.17 -26.10 24.33
N LEU QA 107 53.05 -25.35 23.65
CA LEU QA 107 53.15 -25.46 22.20
C LEU QA 107 53.78 -26.79 21.80
N SER QA 108 53.39 -27.29 20.64
CA SER QA 108 53.91 -28.55 20.15
C SER QA 108 55.33 -28.35 19.64
N GLN QA 109 56.30 -29.02 20.26
CA GLN QA 109 57.69 -28.91 19.84
C GLN QA 109 57.97 -29.69 18.57
N ASP QA 110 57.10 -30.63 18.20
CA ASP QA 110 57.30 -31.39 16.97
C ASP QA 110 57.08 -30.51 15.74
N GLU QA 111 55.99 -29.74 15.73
CA GLU QA 111 55.70 -28.83 14.63
C GLU QA 111 54.79 -27.71 15.13
N PRO QA 112 55.37 -26.61 15.64
CA PRO QA 112 54.55 -25.51 16.14
C PRO QA 112 53.84 -24.71 15.06
N TYR QA 113 54.22 -24.91 13.79
CA TYR QA 113 53.59 -24.24 12.63
C TYR QA 113 53.68 -22.72 12.75
N LEU QA 114 54.87 -22.23 13.08
CA LEU QA 114 55.09 -20.80 13.21
C LEU QA 114 56.10 -20.30 12.19
N MET RA 1 64.11 -49.58 -27.93
CA MET RA 1 62.66 -49.39 -28.02
C MET RA 1 61.99 -50.01 -26.79
N GLU RA 2 60.76 -49.60 -26.52
CA GLU RA 2 60.04 -50.19 -25.39
C GLU RA 2 58.66 -50.67 -25.83
N LEU RA 3 58.05 -50.00 -26.81
CA LEU RA 3 56.66 -50.27 -27.15
C LEU RA 3 56.48 -51.64 -27.79
N LEU RA 4 57.56 -52.25 -28.27
CA LEU RA 4 57.51 -53.61 -28.82
C LEU RA 4 57.06 -54.61 -27.76
N GLN RA 5 57.49 -54.43 -26.51
CA GLN RA 5 57.07 -55.34 -25.45
C GLN RA 5 55.58 -55.26 -25.18
N VAL RA 6 55.02 -54.04 -25.18
CA VAL RA 6 53.58 -53.88 -24.99
C VAL RA 6 52.81 -54.48 -26.16
N LEU RA 7 53.33 -54.30 -27.38
CA LEU RA 7 52.68 -54.88 -28.55
C LEU RA 7 52.71 -56.40 -28.50
N LYS RA 8 53.83 -56.99 -28.06
CA LYS RA 8 53.90 -58.44 -27.92
C LYS RA 8 52.97 -58.94 -26.82
N ARG RA 9 52.84 -58.18 -25.73
CA ARG RA 9 51.90 -58.57 -24.68
C ARG RA 9 50.47 -58.55 -25.17
N GLY RA 10 50.11 -57.53 -25.97
CA GLY RA 10 48.79 -57.52 -26.58
C GLY RA 10 48.57 -58.66 -27.56
N LEU RA 11 49.61 -59.00 -28.33
CA LEU RA 11 49.51 -60.11 -29.27
C LEU RA 11 49.35 -61.45 -28.56
N GLN RA 12 50.07 -61.65 -27.44
CA GLN RA 12 49.86 -62.87 -26.65
C GLN RA 12 48.51 -62.87 -25.97
N GLN RA 13 47.97 -61.69 -25.61
CA GLN RA 13 46.60 -61.63 -25.12
C GLN RA 13 45.62 -62.08 -26.19
N VAL RA 14 45.85 -61.67 -27.44
CA VAL RA 14 44.98 -62.06 -28.54
C VAL RA 14 45.09 -63.57 -28.80
N SER RA 15 46.32 -64.09 -28.82
CA SER RA 15 46.54 -65.47 -29.20
C SER RA 15 46.35 -66.47 -28.06
N GLY RA 16 46.25 -66.01 -26.81
CA GLY RA 16 46.08 -66.92 -25.69
C GLY RA 16 44.69 -67.46 -25.52
N HIS RA 17 43.69 -66.80 -26.10
CA HIS RA 17 42.30 -67.23 -25.99
C HIS RA 17 41.88 -68.15 -27.14
N GLY RA 18 42.82 -68.88 -27.71
CA GLY RA 18 42.53 -69.75 -28.85
C GLY RA 18 42.19 -69.01 -30.12
N GLY RA 19 42.81 -67.87 -30.35
CA GLY RA 19 42.68 -67.14 -31.59
C GLY RA 19 41.80 -65.91 -31.45
N LEU RA 20 41.66 -65.21 -32.59
CA LEU RA 20 40.87 -63.99 -32.65
C LEU RA 20 39.41 -64.24 -32.35
N ARG RA 21 38.87 -65.40 -32.75
CA ARG RA 21 37.48 -65.71 -32.49
C ARG RA 21 37.21 -65.81 -30.99
N GLY RA 22 38.04 -66.54 -30.27
CA GLY RA 22 37.93 -66.59 -28.82
C GLY RA 22 38.22 -65.25 -28.16
N TYR RA 23 39.12 -64.46 -28.75
CA TYR RA 23 39.41 -63.13 -28.23
C TYR RA 23 38.18 -62.23 -28.27
N LEU RA 24 37.53 -62.15 -29.43
CA LEU RA 24 36.31 -61.35 -29.53
C LEU RA 24 35.16 -61.97 -28.73
N ARG RA 25 35.13 -63.29 -28.58
CA ARG RA 25 34.10 -63.92 -27.76
C ARG RA 25 34.21 -63.48 -26.31
N VAL RA 26 35.41 -63.59 -25.72
CA VAL RA 26 35.56 -63.21 -24.33
C VAL RA 26 35.51 -61.69 -24.17
N LEU RA 27 35.84 -60.92 -25.22
CA LEU RA 27 35.72 -59.48 -25.15
C LEU RA 27 34.26 -59.05 -25.11
N PHE RA 28 33.43 -59.63 -25.98
CA PHE RA 28 32.02 -59.27 -26.02
C PHE RA 28 31.21 -59.91 -24.89
N ARG RA 29 31.74 -60.95 -24.24
CA ARG RA 29 30.98 -61.60 -23.17
C ARG RA 29 31.46 -61.25 -21.77
N ALA RA 30 32.67 -60.70 -21.62
CA ALA RA 30 33.20 -60.40 -20.29
C ALA RA 30 33.85 -59.02 -20.18
N ASN RA 31 34.13 -58.34 -21.28
CA ASN RA 31 34.71 -56.99 -21.31
C ASN RA 31 36.08 -56.92 -20.64
N ASP RA 32 36.81 -58.03 -20.63
CA ASP RA 32 38.18 -58.08 -20.14
C ASP RA 32 38.87 -59.26 -20.79
N VAL RA 33 40.02 -58.99 -21.41
CA VAL RA 33 40.68 -59.95 -22.28
C VAL RA 33 42.05 -60.39 -21.75
N ARG RA 34 42.35 -60.09 -20.49
CA ARG RA 34 43.64 -60.50 -19.95
C ARG RA 34 43.68 -61.99 -19.69
N VAL RA 35 44.88 -62.56 -19.75
CA VAL RA 35 45.08 -63.99 -19.63
C VAL RA 35 45.53 -64.30 -18.21
N GLY RA 36 45.36 -65.57 -17.82
CA GLY RA 36 45.76 -66.01 -16.50
C GLY RA 36 45.82 -67.52 -16.43
N THR RA 37 46.27 -68.02 -15.29
CA THR RA 37 46.40 -69.45 -15.09
C THR RA 37 45.05 -70.05 -14.73
N LEU RA 38 44.66 -71.09 -15.48
CA LEU RA 38 43.39 -71.77 -15.27
C LEU RA 38 43.43 -72.54 -13.96
N VAL RA 39 42.76 -72.01 -12.93
CA VAL RA 39 42.66 -72.73 -11.67
C VAL RA 39 41.82 -73.99 -11.85
N GLY RA 40 40.65 -73.86 -12.48
CA GLY RA 40 39.85 -75.05 -12.66
C GLY RA 40 38.49 -74.76 -13.27
N GLU RA 41 37.58 -75.71 -13.09
CA GLU RA 41 36.22 -75.59 -13.59
C GLU RA 41 35.30 -76.48 -12.77
N ASP RA 42 34.02 -76.12 -12.73
CA ASP RA 42 33.02 -76.89 -12.01
C ASP RA 42 32.25 -77.77 -12.98
N LYS RA 43 31.18 -78.42 -12.47
CA LYS RA 43 30.39 -79.31 -13.31
C LYS RA 43 29.55 -78.54 -14.32
N TYR RA 44 29.09 -77.35 -13.98
CA TYR RA 44 28.21 -76.58 -14.85
C TYR RA 44 28.96 -75.94 -16.03
N GLY RA 45 30.27 -75.75 -15.90
CA GLY RA 45 31.07 -75.20 -16.99
C GLY RA 45 31.73 -73.87 -16.70
N ASN RA 46 31.61 -73.32 -15.50
CA ASN RA 46 32.27 -72.05 -15.17
C ASN RA 46 33.76 -72.29 -14.96
N LYS RA 47 34.58 -71.59 -15.75
CA LYS RA 47 36.03 -71.68 -15.62
C LYS RA 47 36.54 -70.61 -14.68
N TYR RA 48 37.56 -70.96 -13.89
CA TYR RA 48 38.08 -70.08 -12.84
C TYR RA 48 39.57 -69.90 -13.04
N TYR RA 49 40.01 -68.64 -13.08
CA TYR RA 49 41.36 -68.23 -13.42
C TYR RA 49 41.97 -67.38 -12.31
N GLU RA 50 43.30 -67.47 -12.19
CA GLU RA 50 44.09 -66.74 -11.20
C GLU RA 50 45.24 -66.03 -11.90
N ASP RA 51 45.52 -64.80 -11.48
CA ASP RA 51 46.66 -64.04 -12.00
C ASP RA 51 47.18 -63.17 -10.86
N ASN RA 52 48.19 -63.68 -10.14
CA ASN RA 52 48.65 -63.03 -8.93
C ASN RA 52 49.45 -61.77 -9.17
N LYS RA 53 49.84 -61.49 -10.42
CA LYS RA 53 50.59 -60.26 -10.68
C LYS RA 53 49.69 -59.03 -10.65
N GLN RA 54 48.40 -59.20 -10.93
CA GLN RA 54 47.46 -58.09 -10.87
C GLN RA 54 47.22 -57.66 -9.42
N PHE RA 55 46.67 -56.46 -9.26
CA PHE RA 55 46.43 -55.94 -7.93
C PHE RA 55 45.24 -56.65 -7.28
N PHE RA 56 45.10 -56.44 -5.97
CA PHE RA 56 44.14 -57.19 -5.18
C PHE RA 56 42.72 -56.80 -5.56
N GLY RA 57 41.89 -57.82 -5.80
CA GLY RA 57 40.54 -57.61 -6.28
C GLY RA 57 40.35 -58.13 -7.69
N ARG RA 58 41.36 -57.95 -8.53
CA ARG RA 58 41.34 -58.41 -9.91
C ARG RA 58 42.17 -59.65 -10.16
N HIS RA 59 42.78 -60.23 -9.12
CA HIS RA 59 43.69 -61.34 -9.35
C HIS RA 59 42.96 -62.65 -9.64
N ARG RA 60 41.78 -62.84 -9.07
CA ARG RA 60 40.98 -64.03 -9.31
C ARG RA 60 39.72 -63.65 -10.06
N TRP RA 61 39.36 -64.43 -11.08
CA TRP RA 61 38.13 -64.15 -11.82
C TRP RA 61 37.56 -65.44 -12.41
N VAL RA 62 36.39 -65.32 -13.02
CA VAL RA 62 35.61 -66.46 -13.49
C VAL RA 62 35.02 -66.09 -14.85
N ILE RA 63 35.00 -67.05 -15.76
CA ILE RA 63 34.23 -66.95 -17.00
C ILE RA 63 33.08 -67.94 -16.90
N TYR RA 64 31.85 -67.43 -17.01
CA TYR RA 64 30.67 -68.23 -16.76
C TYR RA 64 30.37 -69.16 -17.93
N THR RA 65 29.54 -70.16 -17.67
CA THR RA 65 29.15 -71.12 -18.69
C THR RA 65 28.11 -70.51 -19.63
N THR RA 66 27.88 -71.19 -20.75
CA THR RA 66 26.87 -70.79 -21.71
C THR RA 66 25.52 -71.47 -21.48
N GLU RA 67 25.45 -72.39 -20.51
CA GLU RA 67 24.20 -73.08 -20.20
C GLU RA 67 24.29 -73.63 -18.79
N MET RA 68 23.37 -73.20 -17.92
CA MET RA 68 23.32 -73.69 -16.55
C MET RA 68 21.86 -73.88 -16.17
N ASN RA 69 21.51 -75.13 -15.84
CA ASN RA 69 20.14 -75.54 -15.50
C ASN RA 69 19.16 -75.21 -16.63
N GLY RA 70 19.59 -75.40 -17.87
CA GLY RA 70 18.73 -75.24 -19.02
C GLY RA 70 18.49 -73.81 -19.48
N LYS RA 71 19.12 -72.83 -18.85
CA LYS RA 71 18.92 -71.43 -19.22
C LYS RA 71 19.99 -71.01 -20.21
N ASN RA 72 19.57 -70.45 -21.34
CA ASN RA 72 20.50 -69.94 -22.33
C ASN RA 72 21.12 -68.65 -21.84
N THR RA 73 22.30 -68.75 -21.22
CA THR RA 73 22.95 -67.65 -20.53
C THR RA 73 24.19 -67.17 -21.28
N PHE RA 74 24.08 -67.07 -22.60
CA PHE RA 74 25.20 -66.60 -23.41
C PHE RA 74 25.56 -65.15 -23.08
N TRP RA 75 24.56 -64.31 -22.83
CA TRP RA 75 24.77 -62.93 -22.44
C TRP RA 75 24.36 -62.64 -21.01
N ASP RA 76 23.39 -63.35 -20.47
CA ASP RA 76 22.85 -63.08 -19.13
C ASP RA 76 23.67 -63.82 -18.09
N VAL RA 77 24.65 -63.14 -17.52
CA VAL RA 77 25.43 -63.68 -16.42
C VAL RA 77 24.83 -63.19 -15.11
N ASP RA 78 25.01 -63.96 -14.05
CA ASP RA 78 24.45 -63.65 -12.76
C ASP RA 78 25.52 -63.77 -11.68
N GLY RA 79 25.41 -62.94 -10.65
CA GLY RA 79 26.34 -63.02 -9.53
C GLY RA 79 26.13 -64.25 -8.66
N SER RA 80 24.94 -64.82 -8.66
CA SER RA 80 24.63 -66.03 -7.91
C SER RA 80 24.78 -67.29 -8.75
N MET RA 81 25.63 -67.25 -9.78
CA MET RA 81 25.85 -68.39 -10.66
C MET RA 81 27.07 -69.21 -10.23
N VAL RA 82 27.51 -69.06 -8.99
CA VAL RA 82 28.74 -69.66 -8.50
C VAL RA 82 28.39 -70.70 -7.46
N PRO RA 83 28.86 -71.94 -7.59
CA PRO RA 83 28.67 -72.94 -6.54
C PRO RA 83 29.41 -72.55 -5.28
N PRO RA 84 28.97 -73.03 -4.10
CA PRO RA 84 29.58 -72.59 -2.83
C PRO RA 84 31.06 -72.91 -2.70
N GLU RA 85 31.51 -74.06 -3.22
CA GLU RA 85 32.92 -74.42 -3.12
C GLU RA 85 33.79 -73.44 -3.92
N TRP RA 86 33.25 -72.88 -4.99
CA TRP RA 86 33.93 -71.81 -5.70
C TRP RA 86 33.54 -70.42 -5.18
N HIS RA 87 32.41 -70.31 -4.48
CA HIS RA 87 32.06 -69.06 -3.83
C HIS RA 87 33.00 -68.74 -2.69
N ARG RA 88 33.63 -69.77 -2.09
CA ARG RA 88 34.69 -69.53 -1.13
C ARG RA 88 35.90 -68.88 -1.80
N TRP RA 89 36.36 -69.46 -2.91
CA TRP RA 89 37.61 -69.00 -3.53
C TRP RA 89 37.43 -67.67 -4.23
N LEU RA 90 36.25 -67.41 -4.81
CA LEU RA 90 36.05 -66.20 -5.59
C LEU RA 90 36.04 -64.96 -4.71
N HIS RA 91 35.33 -65.01 -3.60
CA HIS RA 91 35.21 -63.87 -2.69
C HIS RA 91 36.31 -63.84 -1.65
N CYS RA 92 37.40 -64.59 -1.88
CA CYS RA 92 38.60 -64.58 -1.04
C CYS RA 92 38.32 -64.99 0.40
N MET RA 93 37.46 -66.00 0.58
CA MET RA 93 37.34 -66.65 1.88
C MET RA 93 38.64 -67.35 2.25
N THR RA 94 39.25 -68.05 1.30
CA THR RA 94 40.44 -68.84 1.55
C THR RA 94 41.28 -68.90 0.30
N ASP RA 95 42.53 -69.32 0.46
CA ASP RA 95 43.48 -69.41 -0.64
C ASP RA 95 43.43 -70.75 -1.36
N ASP RA 96 42.67 -71.72 -0.86
CA ASP RA 96 42.68 -73.06 -1.43
C ASP RA 96 41.45 -73.28 -2.30
N PRO RA 97 41.62 -73.49 -3.60
CA PRO RA 97 40.48 -73.85 -4.46
C PRO RA 97 39.96 -75.23 -4.10
N PRO RA 98 38.71 -75.55 -4.43
CA PRO RA 98 38.17 -76.87 -4.09
C PRO RA 98 38.79 -78.03 -4.89
N THR RA 99 39.65 -77.74 -5.88
CA THR RA 99 40.36 -78.81 -6.56
C THR RA 99 41.39 -79.48 -5.65
N VAL RA 100 41.89 -78.77 -4.64
CA VAL RA 100 42.85 -79.33 -3.71
C VAL RA 100 42.30 -79.45 -2.29
N LYS RA 101 41.24 -78.71 -1.94
CA LYS RA 101 40.59 -78.81 -0.64
C LYS RA 101 39.09 -78.98 -0.87
N PRO RA 102 38.66 -80.20 -1.18
CA PRO RA 102 37.23 -80.41 -1.49
C PRO RA 102 36.38 -80.28 -0.23
N PRO RA 103 35.13 -79.88 -0.36
CA PRO RA 103 34.25 -79.80 0.81
C PRO RA 103 33.87 -81.18 1.32
N THR RA 104 33.49 -81.23 2.59
CA THR RA 104 33.08 -82.48 3.21
C THR RA 104 31.75 -82.94 2.63
N ALA RA 105 31.69 -84.22 2.23
CA ALA RA 105 30.49 -84.77 1.63
C ALA RA 105 29.46 -85.07 2.71
N ARG RA 106 28.23 -84.62 2.50
CA ARG RA 106 27.13 -84.86 3.42
C ARG RA 106 25.96 -85.46 2.65
N LYS RA 107 25.08 -86.13 3.40
CA LYS RA 107 23.92 -86.78 2.79
C LYS RA 107 22.81 -85.80 2.41
N PHE RA 108 22.86 -84.57 2.91
CA PHE RA 108 21.79 -83.61 2.68
C PHE RA 108 22.20 -82.42 1.83
N ILE RA 109 23.50 -82.27 1.55
CA ILE RA 109 23.99 -81.13 0.77
C ILE RA 109 23.53 -81.27 -0.67
N TRP RA 110 23.03 -80.18 -1.25
CA TRP RA 110 22.48 -80.18 -2.60
C TRP RA 110 23.52 -80.59 -3.63
N THR RA 111 23.10 -81.45 -4.56
CA THR RA 111 23.94 -81.86 -5.67
C THR RA 111 23.75 -80.98 -6.90
N ASN RA 112 22.83 -80.01 -6.85
CA ASN RA 112 22.57 -79.12 -7.98
C ASN RA 112 22.36 -77.72 -7.42
N HIS RA 113 23.30 -76.82 -7.70
CA HIS RA 113 23.18 -75.45 -7.23
C HIS RA 113 22.13 -74.71 -8.04
N LYS RA 114 21.22 -74.02 -7.35
CA LYS RA 114 20.18 -73.24 -7.98
C LYS RA 114 20.43 -71.77 -7.71
N PHE RA 115 20.39 -70.96 -8.77
CA PHE RA 115 20.68 -69.53 -8.66
C PHE RA 115 19.43 -68.80 -8.17
N ASN RA 116 19.45 -67.47 -8.26
CA ASN RA 116 18.31 -66.66 -7.83
C ASN RA 116 17.16 -66.85 -8.81
N LEU RA 117 16.12 -67.56 -8.36
CA LEU RA 117 14.96 -67.86 -9.18
C LEU RA 117 13.83 -66.86 -8.98
N SER RA 118 14.13 -65.66 -8.48
CA SER RA 118 13.11 -64.64 -8.29
C SER RA 118 12.64 -64.10 -9.64
N GLY RA 119 11.32 -64.02 -9.82
CA GLY RA 119 10.74 -63.64 -11.08
C GLY RA 119 10.37 -64.80 -11.98
N THR RA 120 10.93 -65.98 -11.74
CA THR RA 120 10.60 -67.21 -12.44
C THR RA 120 9.39 -67.87 -11.80
N PRO RA 121 8.70 -68.75 -12.53
CA PRO RA 121 7.59 -69.51 -11.90
C PRO RA 121 8.02 -70.41 -10.76
N GLN RA 122 9.30 -70.76 -10.65
CA GLN RA 122 9.78 -71.61 -9.57
C GLN RA 122 10.29 -70.82 -8.37
N GLN RA 123 9.74 -69.64 -8.13
CA GLN RA 123 10.19 -68.79 -7.03
C GLN RA 123 9.61 -69.28 -5.70
N TYR RA 124 9.97 -68.59 -4.63
CA TYR RA 124 9.57 -68.97 -3.28
C TYR RA 124 8.28 -68.24 -2.89
N VAL RA 125 7.37 -68.96 -2.26
CA VAL RA 125 6.11 -68.41 -1.78
C VAL RA 125 6.02 -68.67 -0.28
N PRO RA 126 5.87 -67.64 0.55
CA PRO RA 126 5.76 -67.86 1.99
C PRO RA 126 4.39 -68.41 2.36
N TYR RA 127 4.36 -69.18 3.46
CA TYR RA 127 3.13 -69.72 3.98
C TYR RA 127 3.34 -70.08 5.45
N SER RA 128 2.22 -70.25 6.16
CA SER RA 128 2.28 -70.67 7.55
C SER RA 128 2.58 -72.16 7.62
N THR RA 129 3.50 -72.53 8.51
CA THR RA 129 3.90 -73.92 8.68
C THR RA 129 3.24 -74.59 9.87
N THR RA 130 2.28 -73.92 10.52
CA THR RA 130 1.56 -74.47 11.65
C THR RA 130 0.17 -74.93 11.21
N ARG RA 131 -0.34 -75.95 11.90
CA ARG RA 131 -1.66 -76.49 11.61
C ARG RA 131 -2.74 -75.59 12.21
N LYS RA 132 -4.00 -76.02 12.06
CA LYS RA 132 -5.12 -75.25 12.57
C LYS RA 132 -5.12 -75.26 14.10
N LYS RA 133 -5.36 -74.09 14.69
CA LYS RA 133 -5.30 -73.96 16.14
C LYS RA 133 -6.59 -74.42 16.80
N ILE RA 134 -7.71 -73.77 16.48
CA ILE RA 134 -9.00 -74.02 17.11
C ILE RA 134 -9.81 -74.94 16.22
N GLN RA 135 -10.27 -76.05 16.77
CA GLN RA 135 -11.13 -76.98 16.05
C GLN RA 135 -12.55 -76.45 16.01
N GLU RA 136 -13.38 -77.09 15.17
CA GLU RA 136 -14.77 -76.69 15.01
C GLU RA 136 -15.69 -77.87 15.29
N TRP RA 137 -16.86 -77.56 15.84
CA TRP RA 137 -17.85 -78.59 16.17
C TRP RA 137 -18.59 -79.02 14.92
N VAL RA 138 -18.51 -80.30 14.58
CA VAL RA 138 -19.18 -80.84 13.40
C VAL RA 138 -20.63 -81.13 13.74
N PRO RA 139 -21.59 -80.56 13.00
CA PRO RA 139 -23.00 -80.87 13.26
C PRO RA 139 -23.31 -82.30 12.88
N PRO RA 140 -24.31 -82.92 13.51
CA PRO RA 140 -24.65 -84.31 13.19
C PRO RA 140 -25.27 -84.44 11.81
N SER RA 141 -25.18 -85.65 11.27
CA SER RA 141 -25.66 -85.96 9.93
C SER RA 141 -27.08 -86.50 9.90
N THR RA 142 -27.75 -86.61 11.05
CA THR RA 142 -29.10 -87.14 11.10
C THR RA 142 -30.03 -86.10 11.73
N PRO RA 143 -31.29 -86.04 11.28
CA PRO RA 143 -32.23 -85.07 11.85
C PRO RA 143 -32.64 -85.44 13.27
N TYR RA 144 -33.16 -84.44 13.98
CA TYR RA 144 -33.55 -84.57 15.37
C TYR RA 144 -34.91 -85.22 15.55
N LYS RA 145 -35.62 -85.53 14.47
CA LYS RA 145 -36.94 -86.14 14.56
C LYS RA 145 -36.87 -87.57 15.10
N PRO SA 74 -23.32 5.13 5.42
CA PRO SA 74 -22.86 5.74 6.67
C PRO SA 74 -23.18 7.23 6.75
N LEU SA 75 -24.22 7.66 6.02
CA LEU SA 75 -24.61 9.06 6.02
C LEU SA 75 -25.67 9.35 7.07
N THR SA 76 -26.82 8.69 6.95
CA THR SA 76 -27.90 8.80 7.91
C THR SA 76 -28.09 7.46 8.63
N LEU SA 77 -28.70 7.52 9.81
CA LEU SA 77 -28.87 6.32 10.64
C LEU SA 77 -29.77 5.28 9.98
N GLU SA 78 -30.73 5.73 9.16
CA GLU SA 78 -31.65 4.81 8.49
C GLU SA 78 -30.93 3.93 7.48
N GLY SA 79 -30.05 4.54 6.66
CA GLY SA 79 -29.33 3.76 5.66
C GLY SA 79 -28.35 2.77 6.25
N ILE SA 80 -27.64 3.17 7.31
CA ILE SA 80 -26.65 2.27 7.89
C ILE SA 80 -27.34 1.13 8.62
N LYS SA 81 -28.47 1.42 9.29
CA LYS SA 81 -29.19 0.30 9.92
C LYS SA 81 -29.87 -0.58 8.87
N ASP SA 82 -30.23 -0.01 7.71
CA ASP SA 82 -30.75 -0.82 6.62
C ASP SA 82 -29.69 -1.78 6.08
N ARG SA 83 -28.46 -1.30 5.90
CA ARG SA 83 -27.40 -2.17 5.41
C ARG SA 83 -26.98 -3.18 6.48
N VAL SA 84 -27.09 -2.81 7.76
CA VAL SA 84 -26.84 -3.74 8.85
C VAL SA 84 -27.86 -4.88 8.80
N LEU SA 85 -29.14 -4.52 8.61
CA LEU SA 85 -30.18 -5.54 8.48
C LEU SA 85 -29.97 -6.39 7.24
N TYR SA 86 -29.52 -5.79 6.13
CA TYR SA 86 -29.31 -6.54 4.90
C TYR SA 86 -28.20 -7.58 5.07
N VAL SA 87 -27.06 -7.17 5.64
CA VAL SA 87 -25.99 -8.12 5.88
C VAL SA 87 -26.32 -9.06 7.03
N LEU SA 88 -27.32 -8.71 7.86
CA LEU SA 88 -27.72 -9.59 8.94
C LEU SA 88 -28.62 -10.72 8.45
N LYS SA 89 -29.52 -10.45 7.51
CA LYS SA 89 -30.25 -11.56 6.88
C LYS SA 89 -29.54 -12.13 5.67
N LEU SA 90 -28.35 -11.62 5.31
CA LEU SA 90 -27.47 -12.40 4.44
C LEU SA 90 -26.93 -13.62 5.16
N TYR SA 91 -26.80 -13.54 6.48
CA TYR SA 91 -26.49 -14.70 7.30
C TYR SA 91 -27.63 -15.72 7.19
N ASP SA 92 -27.27 -16.98 6.98
CA ASP SA 92 -28.26 -18.00 6.65
C ASP SA 92 -28.69 -18.89 7.82
N LYS SA 93 -27.98 -18.86 8.94
CA LYS SA 93 -28.46 -19.58 10.12
C LYS SA 93 -29.44 -18.77 10.96
N ILE SA 94 -29.72 -17.52 10.58
CA ILE SA 94 -30.66 -16.69 11.31
C ILE SA 94 -32.04 -16.85 10.67
N ASP SA 95 -33.09 -16.67 11.47
CA ASP SA 95 -34.46 -16.79 10.97
C ASP SA 95 -35.06 -15.42 10.77
N PRO SA 96 -35.32 -15.00 9.53
CA PRO SA 96 -35.91 -13.66 9.30
C PRO SA 96 -37.33 -13.52 9.83
N GLU SA 97 -38.07 -14.62 10.00
CA GLU SA 97 -39.42 -14.54 10.55
C GLU SA 97 -39.40 -14.16 12.02
N LYS SA 98 -38.49 -14.75 12.79
CA LYS SA 98 -38.35 -14.42 14.20
C LYS SA 98 -37.48 -13.19 14.43
N LEU SA 99 -36.85 -12.67 13.39
CA LEU SA 99 -35.94 -11.55 13.52
C LEU SA 99 -36.71 -10.23 13.71
N SER SA 100 -36.26 -9.44 14.67
CA SER SA 100 -36.83 -8.11 14.89
C SER SA 100 -35.73 -7.06 14.90
N VAL SA 101 -36.07 -5.83 15.27
CA VAL SA 101 -35.09 -4.75 15.31
C VAL SA 101 -34.47 -4.60 16.70
N ASN SA 102 -35.04 -5.24 17.72
CA ASN SA 102 -34.53 -5.14 19.09
C ASN SA 102 -34.22 -6.52 19.66
N SER SA 103 -34.09 -7.54 18.82
CA SER SA 103 -33.89 -8.90 19.29
C SER SA 103 -32.48 -9.08 19.86
N HIS SA 104 -32.32 -10.16 20.61
CA HIS SA 104 -31.07 -10.49 21.30
C HIS SA 104 -30.40 -11.67 20.61
N PHE SA 105 -29.08 -11.57 20.42
CA PHE SA 105 -28.36 -12.65 19.75
C PHE SA 105 -28.18 -13.86 20.65
N MET SA 106 -28.27 -13.70 21.96
CA MET SA 106 -28.01 -14.81 22.87
C MET SA 106 -29.29 -15.61 23.15
N LYS SA 107 -30.32 -14.94 23.66
CA LYS SA 107 -31.52 -15.62 24.12
C LYS SA 107 -32.68 -15.59 23.13
N ASP SA 108 -32.99 -14.43 22.55
CA ASP SA 108 -34.12 -14.34 21.62
C ASP SA 108 -33.82 -15.07 20.32
N LEU SA 109 -32.64 -14.85 19.74
CA LEU SA 109 -32.29 -15.54 18.51
C LEU SA 109 -31.76 -16.94 18.76
N GLY SA 110 -31.27 -17.22 19.97
CA GLY SA 110 -30.74 -18.54 20.28
C GLY SA 110 -29.51 -18.92 19.49
N LEU SA 111 -28.56 -18.00 19.36
CA LEU SA 111 -27.36 -18.22 18.57
C LEU SA 111 -26.16 -18.43 19.49
N ASP SA 112 -25.24 -19.27 19.01
CA ASP SA 112 -24.02 -19.56 19.73
C ASP SA 112 -23.11 -18.33 19.68
N SER SA 113 -22.17 -18.25 20.64
CA SER SA 113 -21.30 -17.08 20.75
C SER SA 113 -20.44 -16.90 19.50
N LEU SA 114 -19.99 -18.00 18.89
CA LEU SA 114 -19.19 -17.89 17.67
C LEU SA 114 -20.01 -17.32 16.51
N ASP SA 115 -21.32 -17.58 16.49
CA ASP SA 115 -22.17 -16.97 15.47
C ASP SA 115 -22.23 -15.45 15.63
N GLN SA 116 -22.30 -14.97 16.88
CA GLN SA 116 -22.19 -13.54 17.13
C GLN SA 116 -20.82 -13.01 16.74
N VAL SA 117 -19.78 -13.83 16.91
CA VAL SA 117 -18.43 -13.42 16.50
C VAL SA 117 -18.36 -13.21 14.99
N GLU SA 118 -18.93 -14.14 14.21
CA GLU SA 118 -18.89 -13.93 12.77
C GLU SA 118 -19.86 -12.86 12.30
N ILE SA 119 -20.91 -12.57 13.08
CA ILE SA 119 -21.73 -11.39 12.78
C ILE SA 119 -20.93 -10.11 12.94
N ILE SA 120 -20.15 -10.03 14.04
CA ILE SA 120 -19.26 -8.88 14.27
C ILE SA 120 -18.22 -8.79 13.15
N MET SA 121 -17.68 -9.93 12.73
CA MET SA 121 -16.68 -9.92 11.66
C MET SA 121 -17.29 -9.61 10.29
N ALA SA 122 -18.56 -9.95 10.07
CA ALA SA 122 -19.24 -9.54 8.85
C ALA SA 122 -19.43 -8.03 8.83
N MET SA 123 -19.78 -7.45 9.98
CA MET SA 123 -19.79 -5.99 10.10
C MET SA 123 -18.41 -5.40 9.81
N GLU SA 124 -17.36 -6.05 10.33
CA GLU SA 124 -15.98 -5.60 10.13
C GLU SA 124 -15.61 -5.63 8.65
N ASP SA 125 -15.94 -6.72 7.96
CA ASP SA 125 -15.55 -6.89 6.56
C ASP SA 125 -16.33 -5.95 5.66
N GLU SA 126 -17.64 -5.80 5.89
CA GLU SA 126 -18.42 -4.98 4.98
C GLU SA 126 -18.24 -3.48 5.26
N PHE SA 127 -17.90 -3.11 6.49
CA PHE SA 127 -17.71 -1.69 6.79
C PHE SA 127 -16.26 -1.25 6.60
N GLY SA 128 -15.32 -2.00 7.16
CA GLY SA 128 -13.91 -1.74 6.90
C GLY SA 128 -13.12 -1.01 7.96
N PHE SA 129 -13.21 -1.46 9.21
CA PHE SA 129 -12.34 -0.97 10.27
C PHE SA 129 -12.16 -2.08 11.30
N GLU SA 130 -11.37 -1.79 12.34
CA GLU SA 130 -11.01 -2.76 13.35
C GLU SA 130 -11.94 -2.61 14.56
N ILE SA 131 -12.85 -3.56 14.72
CA ILE SA 131 -13.70 -3.64 15.90
C ILE SA 131 -12.91 -4.38 16.98
N PRO SA 132 -12.59 -3.74 18.11
CA PRO SA 132 -11.73 -4.38 19.10
C PRO SA 132 -12.46 -5.48 19.86
N ASP SA 133 -11.69 -6.17 20.71
CA ASP SA 133 -12.20 -7.33 21.44
C ASP SA 133 -12.77 -6.99 22.80
N ILE SA 134 -12.42 -5.83 23.37
CA ILE SA 134 -12.91 -5.47 24.69
C ILE SA 134 -14.30 -4.84 24.66
N ASP SA 135 -14.78 -4.45 23.48
CA ASP SA 135 -16.09 -3.82 23.35
C ASP SA 135 -17.04 -4.61 22.46
N ALA SA 136 -16.58 -5.70 21.85
CA ALA SA 136 -17.46 -6.60 21.11
C ALA SA 136 -18.05 -7.68 21.99
N GLU SA 137 -17.66 -7.74 23.26
CA GLU SA 137 -18.21 -8.71 24.19
C GLU SA 137 -19.67 -8.40 24.53
N LYS SA 138 -20.05 -7.13 24.55
CA LYS SA 138 -21.36 -6.71 25.01
C LYS SA 138 -22.30 -6.28 23.89
N LEU SA 139 -21.90 -6.46 22.63
CA LEU SA 139 -22.68 -5.97 21.49
C LEU SA 139 -23.66 -7.04 21.02
N MET SA 140 -24.64 -7.31 21.88
CA MET SA 140 -25.59 -8.40 21.69
C MET SA 140 -26.90 -8.00 21.01
N CYS SA 141 -27.05 -6.75 20.58
CA CYS SA 141 -28.29 -6.36 19.92
C CYS SA 141 -27.99 -5.38 18.79
N PRO SA 142 -28.80 -5.40 17.73
CA PRO SA 142 -28.57 -4.46 16.61
C PRO SA 142 -28.66 -3.00 16.99
N GLN SA 143 -29.48 -2.65 17.99
CA GLN SA 143 -29.55 -1.27 18.45
C GLN SA 143 -28.21 -0.83 19.04
N GLU SA 144 -27.60 -1.67 19.88
CA GLU SA 144 -26.26 -1.37 20.38
C GLU SA 144 -25.21 -1.49 19.30
N ILE SA 145 -25.46 -2.30 18.26
CA ILE SA 145 -24.55 -2.38 17.12
C ILE SA 145 -24.47 -1.02 16.43
N VAL SA 146 -25.63 -0.45 16.08
CA VAL SA 146 -25.65 0.82 15.36
C VAL SA 146 -25.23 1.96 16.28
N ASP SA 147 -25.53 1.86 17.59
CA ASP SA 147 -25.04 2.85 18.54
C ASP SA 147 -23.52 2.86 18.61
N TYR SA 148 -22.91 1.67 18.63
CA TYR SA 148 -21.46 1.59 18.76
C TYR SA 148 -20.76 2.04 17.49
N ILE SA 149 -21.32 1.76 16.30
CA ILE SA 149 -20.61 2.23 15.12
C ILE SA 149 -20.91 3.70 14.87
N ALA SA 150 -22.04 4.20 15.39
CA ALA SA 150 -22.36 5.60 15.21
C ALA SA 150 -21.58 6.52 16.14
N ASP SA 151 -21.36 6.13 17.40
CA ASP SA 151 -20.56 7.00 18.26
C ASP SA 151 -19.07 6.91 17.95
N LYS SA 152 -18.59 5.78 17.44
CA LYS SA 152 -17.21 5.66 17.00
C LYS SA 152 -16.97 6.37 15.67
N LYS SA 153 -18.02 6.65 14.92
CA LYS SA 153 -17.94 7.49 13.73
C LYS SA 153 -18.48 8.88 14.06
N ASP SA 154 -18.62 9.71 13.04
CA ASP SA 154 -19.12 11.07 13.28
C ASP SA 154 -20.65 11.08 13.36
N VAL SA 155 -21.32 10.64 12.29
CA VAL SA 155 -22.78 10.64 12.07
C VAL SA 155 -23.51 11.85 12.66
#